data_7KJK
#
_entry.id   7KJK
#
_cell.length_a   1.00
_cell.length_b   1.00
_cell.length_c   1.00
_cell.angle_alpha   90.00
_cell.angle_beta   90.00
_cell.angle_gamma   90.00
#
_symmetry.space_group_name_H-M   'P 1'
#
loop_
_entity.id
_entity.type
_entity.pdbx_description
1 polymer 'Tail terminator protein'
2 polymer 'Collar spike protein'
3 polymer 'Head completion protein'
4 polymer 'Tail tube protein'
5 polymer 'Tail sheath protein'
#
loop_
_entity_poly.entity_id
_entity_poly.type
_entity_poly.pdbx_seq_one_letter_code
_entity_poly.pdbx_strand_id
1 'polypeptide(L)'
;MSQSIINVARYIRDLLDYDENLIQFDRKNTQQSDTVTGYIVVNGSGVQNVLSHGSSYDGDAEIMEYSKSESRLITLEFYG
SDAYENAELFSLLNQSQKAKEVSRGLGLTIYNVSQATDVKQLLGYQYGNRVHVDFNIQYCPSVYVETLRVDASEFEILVD
D
;
A5,B5,C5,D5,E5,F5
2 'polypeptide(L)'
;MSIQVTGIIEGPLGTPSPGITIRVVSKISYRNTYRLSTEDYVTTTGGAYDFQLNEGFHKILIRYRGASSFTKLGDVSVSD
QTPSPITLINLLESSSPKALVVKLQELADEASESAQSASDDADQVTLDKQQVTLLAQQVSDDADQVALDRSATAQSEVNA
AQSATTAQQSADDAAAIVPNLQSQIDDKIDKTQSIIPDVDALFSLGRHEINPTNNNIPGLSGTRSLLHIQNNLGGFQLAA
RTVGSEIHVRSADTNSGNIGPWERLYTTGYRPSSYDLVVKDKAEALSVSHQEGLIIGIESCNGARFVSVLPSDSGGLYLG
SLPNGNKLRHIPLDGFSLKTIRTSDFEINSGSDVSQFLIDASTAGYGQVYIDNDCEVTQLCDITGVKYLESLNGAEMLID
DLNGRVKCDTDGFEVKGIVFKKSGDYSNTTFEAYLLETNGEKSLASRCQFVGQWAGYKLQGNDSSADLCFFSDGTFMLRV
GEGVSSCNINRCFFTRGTRRFTEGEQQGDGIKLTAQSSTQGYNENIIISDCIFYDTYRDCIDGYVGANRLIVKGSIMLNW
GAHALDFKSRVDDNSESPDGGPLTRNVLVDGCMIWKDVVRPDFDLTLAAVVMSVIPGALPVPTSEADVRQNGLRGMELKN
TLIAYKGNGSLISAASTWRTVIDGCTLTDLGQIGQIIYAPNSWHLKLINSTVNIDPSNINNVKFSSAMNNAEVNDNTFNR
LLISTDGMIRTSIKRNKFNGEGVLSRGLNIASEEVSAVSNEFENFTSFGAQIFNSASKCRFDFNEIRNCPAPLGIENPSV
NTYHSVRGNISMGSGAFTGLNRITDNGGVANGNDHVPYS
;
A3,B3,C3,D3,E3,F3,G3,H3,I3,J3,K3,L3,M3,N3,O3,P3,Q3,R3
3 'polypeptide(L)'
;MLPNMRSALKMFEQSVLLKSVETIRVDFVDDIIITATPIRAVVQVADKKKLNLDSLDWSKQYIWVHSGSKMEIGQFIEWH
GKDFKLVAAGDDYSDYGYNAWYGEETLKPVLVSS
;
A4,B4,C4,D4,E4,F4
4 'polypeptide(L)'
;MSVIVYRNNQSTLTLNGYTFQHLYQGAALVLTPVNAKTARTNSINGGVSISGRVDGGVHTLAIMVQKHSPDDKFLNDAKN
SQEPVVFDGSMKRAYTESGTLKKATTTLETGSITTQPTKTDNNQDPDDSRTYVIEFRNSVETF
;
A7,B7,C7,D7,E7,F7
5 'polypeptide(L)'
;MASISEVIRVSLQQEGRAIAPDNMNAVGIITGNQGVLSTADRYRIYRTAAAVASDFGASSQESAFANTFFDTTPNPISAG
GVLVIGYWRSASETVAATSATLVSEQTSESVLIPLLNAINDGSFTITVDGGTEQEVTALDFTGVSELSEVATILNSAITG
ATVSEDNGYFKVTSSTTGATSLLSYLGVATSGTDISAVLGMNSESGAVLTQGTDQVVLPAETKLEGITAIKSEVNIKGAM
FIDQILDADIPGIASFAGANNMLVYEVFDTGYLSKNVSNPVWAVKLAGQSNFRCLLSKSGNRKFAATYMARMHTVLFSGQ
NTAITMQLKELSVTAEEYTDTEIANAKTVGLDLLTTIKNEQALLTSGANDFCDNVYNLEAFRDEIQTNNYNLLKTTSTKI
PQTDPGMDTIEDDTEKTCEKYVRNGVFAPGTWTRSDFFGDRQQFVDAIAQKGYYVLIGDLADQTTAERQSRVSPVIQIAV
KNAGAVHEEDIIISVNL
;
A6,B6,C6,D6,E6,F6
#
# COMPACT_ATOMS: atom_id res chain seq x y z
N SER A 2 7.15 19.78 28.40
CA SER A 2 7.21 20.72 29.50
C SER A 2 6.85 20.06 30.81
N GLN A 3 5.56 20.09 31.15
CA GLN A 3 5.06 19.48 32.36
C GLN A 3 4.26 18.22 32.11
N SER A 4 3.94 17.91 30.86
CA SER A 4 3.01 16.82 30.58
C SER A 4 3.58 15.49 31.05
N ILE A 5 4.82 15.18 30.70
CA ILE A 5 5.39 13.90 31.08
C ILE A 5 5.49 13.78 32.59
N ILE A 6 5.89 14.86 33.24
CA ILE A 6 5.95 14.83 34.69
C ILE A 6 4.55 14.61 35.26
N ASN A 7 3.54 15.17 34.60
CA ASN A 7 2.17 14.98 35.07
C ASN A 7 1.73 13.53 34.96
N VAL A 8 2.02 12.89 33.82
CA VAL A 8 1.62 11.49 33.72
C VAL A 8 2.42 10.66 34.69
N ALA A 9 3.66 11.08 34.96
CA ALA A 9 4.42 10.43 36.02
C ALA A 9 3.72 10.60 37.37
N ARG A 10 3.15 11.77 37.63
CA ARG A 10 2.39 11.98 38.85
C ARG A 10 1.21 11.02 38.93
N TYR A 11 0.49 10.92 37.82
CA TYR A 11 -0.70 10.10 37.77
C TYR A 11 -0.36 8.65 38.04
N ILE A 12 0.72 8.17 37.44
CA ILE A 12 1.15 6.80 37.72
C ILE A 12 1.79 6.69 39.09
N ARG A 13 2.26 7.80 39.65
CA ARG A 13 2.81 7.78 41.00
C ARG A 13 1.74 7.43 42.02
N ASP A 14 0.57 8.04 41.88
CA ASP A 14 -0.43 7.80 42.92
C ASP A 14 -1.71 7.25 42.33
N LEU A 15 -1.58 6.45 41.28
CA LEU A 15 -2.52 5.40 40.96
C LEU A 15 -2.07 4.04 41.47
N LEU A 16 -0.80 3.72 41.29
CA LEU A 16 -0.28 2.49 41.82
C LEU A 16 0.15 2.63 43.27
N ASP A 17 -0.04 3.79 43.88
CA ASP A 17 0.47 4.06 45.22
C ASP A 17 1.94 3.72 45.26
N TYR A 18 2.68 4.22 44.28
CA TYR A 18 3.99 3.72 44.01
C TYR A 18 5.01 4.82 44.34
N ASP A 19 6.28 4.43 44.49
CA ASP A 19 7.26 5.29 45.14
C ASP A 19 7.73 6.43 44.25
N GLU A 20 8.17 7.53 44.87
CA GLU A 20 8.93 8.56 44.16
C GLU A 20 10.11 7.95 43.45
N ASN A 21 11.09 7.51 44.23
CA ASN A 21 12.43 7.31 43.73
C ASN A 21 12.47 6.15 42.76
N LEU A 22 11.36 5.41 42.67
CA LEU A 22 11.30 4.25 41.81
C LEU A 22 10.62 4.54 40.48
N ILE A 23 10.12 5.76 40.27
CA ILE A 23 9.68 6.20 38.96
C ILE A 23 10.71 7.16 38.40
N GLN A 24 11.46 6.71 37.41
CA GLN A 24 12.32 7.59 36.65
C GLN A 24 11.67 7.87 35.31
N PHE A 25 12.12 8.93 34.65
CA PHE A 25 11.29 9.47 33.58
C PHE A 25 11.37 8.64 32.31
N ASP A 26 12.53 8.67 31.66
CA ASP A 26 12.61 8.28 30.27
C ASP A 26 14.06 8.06 29.89
N ARG A 27 14.34 8.20 28.60
CA ARG A 27 15.68 8.10 28.08
C ARG A 27 16.49 9.32 28.54
N LYS A 28 16.56 9.51 29.85
CA LYS A 28 17.48 10.42 30.51
C LYS A 28 18.70 9.61 30.93
N ASN A 29 19.53 10.15 31.79
CA ASN A 29 20.59 9.39 32.43
C ASN A 29 20.17 9.04 33.84
N THR A 30 19.98 7.75 34.08
CA THR A 30 19.65 7.26 35.40
C THR A 30 19.99 5.79 35.45
N GLN A 31 20.74 5.38 36.47
CA GLN A 31 21.18 4.01 36.58
C GLN A 31 20.08 3.10 37.13
N GLN A 32 19.89 1.95 36.49
CA GLN A 32 18.92 0.95 36.94
C GLN A 32 19.68 -0.10 37.73
N SER A 33 20.03 0.22 38.96
CA SER A 33 20.69 -0.74 39.81
C SER A 33 19.67 -1.66 40.45
N ASP A 34 20.11 -2.89 40.76
CA ASP A 34 19.26 -3.87 41.43
C ASP A 34 18.00 -4.16 40.61
N THR A 35 18.23 -4.84 39.49
CA THR A 35 17.20 -5.18 38.51
C THR A 35 15.84 -5.50 39.13
N VAL A 36 15.84 -6.22 40.26
CA VAL A 36 14.56 -6.59 40.85
C VAL A 36 13.78 -5.39 41.35
N THR A 37 14.42 -4.27 41.63
CA THR A 37 13.68 -3.09 42.07
C THR A 37 12.84 -2.60 40.91
N GLY A 38 11.57 -3.00 40.91
CA GLY A 38 10.75 -2.76 39.76
C GLY A 38 10.53 -1.29 39.51
N TYR A 39 11.17 -0.77 38.48
CA TYR A 39 11.03 0.63 38.13
C TYR A 39 9.84 0.82 37.21
N ILE A 40 9.45 2.07 37.04
CA ILE A 40 8.53 2.46 35.99
C ILE A 40 9.07 3.71 35.33
N VAL A 41 9.13 3.73 34.01
CA VAL A 41 9.60 4.88 33.28
C VAL A 41 8.56 5.30 32.25
N VAL A 42 8.29 6.60 32.20
CA VAL A 42 7.32 7.17 31.28
C VAL A 42 8.09 7.53 30.01
N ASN A 43 8.22 6.57 29.11
CA ASN A 43 8.91 6.84 27.86
C ASN A 43 8.07 7.82 27.04
N GLY A 44 8.62 9.01 26.82
CA GLY A 44 8.01 10.01 25.98
C GLY A 44 8.63 10.16 24.62
N SER A 45 9.48 9.22 24.21
CA SER A 45 10.16 9.33 22.92
C SER A 45 9.19 9.37 21.76
N GLY A 46 7.97 8.89 21.95
CA GLY A 46 7.00 8.94 20.88
C GLY A 46 6.76 10.37 20.44
N VAL A 47 6.63 10.56 19.13
CA VAL A 47 6.36 11.88 18.58
C VAL A 47 5.03 12.39 19.10
N GLN A 48 5.05 13.59 19.69
CA GLN A 48 3.79 14.25 20.03
C GLN A 48 3.40 15.12 18.85
N ASN A 49 2.17 14.93 18.40
CA ASN A 49 1.61 15.66 17.28
C ASN A 49 0.49 16.57 17.74
N VAL A 50 0.46 17.76 17.19
CA VAL A 50 -0.53 18.74 17.60
C VAL A 50 -1.86 18.43 16.94
N LEU A 51 -2.90 19.04 17.45
CA LEU A 51 -4.22 18.90 16.86
C LEU A 51 -4.83 20.24 16.50
N SER A 52 -4.65 21.25 17.34
CA SER A 52 -5.26 22.54 17.09
C SER A 52 -4.48 23.59 17.85
N HIS A 53 -4.66 24.84 17.44
CA HIS A 53 -3.99 25.97 18.07
C HIS A 53 -5.05 27.00 18.42
N GLY A 54 -5.60 26.89 19.60
CA GLY A 54 -6.60 27.84 20.02
C GLY A 54 -6.02 29.21 20.27
N SER A 55 -6.92 30.17 20.42
CA SER A 55 -6.54 31.54 20.73
C SER A 55 -7.74 32.21 21.35
N SER A 56 -7.72 32.39 22.66
CA SER A 56 -8.82 33.03 23.36
C SER A 56 -8.38 34.39 23.85
N TYR A 57 -9.34 35.21 24.22
CA TYR A 57 -9.03 36.56 24.63
C TYR A 57 -9.92 36.96 25.80
N ASP A 58 -9.35 37.63 26.77
CA ASP A 58 -10.06 38.02 27.98
C ASP A 58 -10.19 39.53 28.03
N GLY A 59 -11.31 39.99 28.57
CA GLY A 59 -11.66 41.39 28.46
C GLY A 59 -11.25 42.30 29.60
N ASP A 60 -11.65 41.97 30.84
CA ASP A 60 -11.45 42.92 31.92
C ASP A 60 -10.01 42.90 32.44
N ALA A 61 -9.61 41.78 33.05
CA ALA A 61 -8.20 41.56 33.38
C ALA A 61 -7.50 41.20 32.07
N GLU A 62 -7.38 42.21 31.23
CA GLU A 62 -7.27 42.02 29.79
C GLU A 62 -5.92 41.45 29.41
N ILE A 63 -5.88 40.16 29.09
CA ILE A 63 -4.76 39.49 28.47
C ILE A 63 -5.36 38.41 27.58
N MET A 64 -4.54 37.72 26.80
CA MET A 64 -5.10 36.66 25.98
C MET A 64 -4.30 35.37 26.16
N GLU A 65 -4.75 34.33 25.47
CA GLU A 65 -4.47 32.96 25.87
C GLU A 65 -4.25 32.12 24.62
N TYR A 66 -2.99 31.82 24.33
CA TYR A 66 -2.65 30.99 23.19
C TYR A 66 -2.50 29.54 23.66
N SER A 67 -3.31 28.66 23.12
CA SER A 67 -3.32 27.27 23.53
C SER A 67 -2.93 26.38 22.37
N LYS A 68 -2.52 25.17 22.69
CA LYS A 68 -2.12 24.23 21.65
C LYS A 68 -2.44 22.83 22.15
N SER A 69 -3.56 22.27 21.70
CA SER A 69 -3.91 20.91 22.04
C SER A 69 -3.05 19.95 21.24
N GLU A 70 -2.60 18.87 21.87
CA GLU A 70 -1.77 17.89 21.20
C GLU A 70 -1.86 16.57 21.92
N SER A 71 -1.23 15.55 21.33
CA SER A 71 -1.25 14.23 21.94
C SER A 71 0.05 13.51 21.63
N ARG A 72 0.42 12.60 22.53
CA ARG A 72 1.64 11.83 22.39
C ARG A 72 1.41 10.41 22.84
N LEU A 73 1.95 9.46 22.10
CA LEU A 73 1.91 8.05 22.49
C LEU A 73 3.02 7.79 23.49
N ILE A 74 2.76 8.18 24.73
CA ILE A 74 3.70 7.89 25.79
C ILE A 74 3.55 6.42 26.18
N THR A 75 4.65 5.71 26.25
CA THR A 75 4.64 4.33 26.66
C THR A 75 5.13 4.24 28.09
N LEU A 76 4.79 3.15 28.76
CA LEU A 76 5.24 2.91 30.12
C LEU A 76 6.05 1.64 30.12
N GLU A 77 7.26 1.70 30.65
CA GLU A 77 8.10 0.53 30.77
C GLU A 77 8.22 0.20 32.23
N PHE A 78 7.72 -0.98 32.60
CA PHE A 78 7.88 -1.51 33.95
C PHE A 78 9.06 -2.47 33.97
N TYR A 79 9.87 -2.37 35.00
CA TYR A 79 11.02 -3.25 35.18
C TYR A 79 10.81 -4.08 36.44
N GLY A 80 11.83 -4.84 36.79
CA GLY A 80 11.87 -5.52 38.07
C GLY A 80 11.16 -6.84 38.08
N SER A 81 11.45 -7.62 39.12
CA SER A 81 10.86 -8.96 39.22
C SER A 81 9.36 -8.88 39.19
N ASP A 82 8.79 -7.84 39.80
CA ASP A 82 7.36 -7.62 39.70
C ASP A 82 7.02 -6.67 38.57
N ALA A 83 7.63 -6.88 37.40
CA ALA A 83 7.22 -6.05 36.27
C ALA A 83 5.83 -6.44 35.82
N TYR A 84 5.61 -7.72 35.60
CA TYR A 84 4.36 -8.20 35.05
C TYR A 84 3.19 -7.64 35.83
N GLU A 85 3.21 -7.84 37.15
CA GLU A 85 2.12 -7.35 37.98
C GLU A 85 1.95 -5.85 37.81
N ASN A 86 3.03 -5.09 38.00
CA ASN A 86 2.91 -3.64 37.91
C ASN A 86 2.54 -3.21 36.50
N ALA A 87 2.71 -4.10 35.53
CA ALA A 87 2.09 -3.87 34.24
C ALA A 87 0.58 -4.09 34.33
N GLU A 88 0.19 -5.33 34.56
CA GLU A 88 -1.23 -5.68 34.51
C GLU A 88 -2.02 -4.84 35.51
N LEU A 89 -1.57 -4.79 36.75
CA LEU A 89 -2.32 -4.08 37.77
C LEU A 89 -2.46 -2.61 37.40
N PHE A 90 -1.50 -2.06 36.65
CA PHE A 90 -1.71 -0.74 36.08
C PHE A 90 -2.62 -0.83 34.86
N SER A 91 -2.28 -1.68 33.91
CA SER A 91 -3.02 -1.79 32.66
C SER A 91 -4.50 -2.02 32.89
N LEU A 92 -4.90 -2.24 34.12
CA LEU A 92 -6.27 -2.52 34.46
C LEU A 92 -6.85 -1.53 35.44
N LEU A 93 -6.06 -0.93 36.32
CA LEU A 93 -6.60 0.14 37.14
C LEU A 93 -6.65 1.47 36.43
N ASN A 94 -6.13 1.55 35.21
CA ASN A 94 -6.05 2.83 34.52
C ASN A 94 -7.42 3.44 34.33
N GLN A 95 -8.48 2.63 34.36
CA GLN A 95 -9.81 3.09 34.01
C GLN A 95 -10.79 2.80 35.14
N SER A 96 -10.35 3.00 36.37
CA SER A 96 -11.13 2.77 37.57
C SER A 96 -11.65 4.08 38.16
N GLN A 97 -12.21 3.97 39.36
CA GLN A 97 -12.33 5.15 40.21
C GLN A 97 -10.98 5.76 40.56
N LYS A 98 -10.04 4.95 41.04
CA LYS A 98 -8.87 5.55 41.67
C LYS A 98 -8.16 6.48 40.70
N ALA A 99 -7.90 5.99 39.48
CA ALA A 99 -7.25 6.82 38.48
C ALA A 99 -8.09 8.02 38.13
N LYS A 100 -9.33 7.78 37.77
CA LYS A 100 -10.13 8.81 37.16
C LYS A 100 -10.50 9.87 38.18
N GLU A 101 -10.26 9.56 39.45
CA GLU A 101 -10.51 10.41 40.60
C GLU A 101 -9.27 11.11 41.09
N VAL A 102 -8.08 10.57 40.80
CA VAL A 102 -6.86 11.19 41.26
C VAL A 102 -6.27 12.13 40.22
N SER A 103 -6.56 11.91 38.95
CA SER A 103 -6.10 12.80 37.89
C SER A 103 -7.00 14.02 37.78
N ARG A 104 -7.23 14.69 38.90
CA ARG A 104 -8.11 15.85 38.97
C ARG A 104 -7.55 17.05 38.23
N GLY A 105 -6.45 17.60 38.73
CA GLY A 105 -5.88 18.81 38.17
C GLY A 105 -4.78 18.60 37.17
N LEU A 106 -4.37 17.35 36.96
CA LEU A 106 -3.35 17.07 35.96
C LEU A 106 -3.95 17.38 34.60
N GLY A 107 -3.57 18.51 34.02
CA GLY A 107 -4.25 19.01 32.85
C GLY A 107 -3.94 18.12 31.68
N LEU A 108 -4.48 16.91 31.74
CA LEU A 108 -4.01 15.83 30.89
C LEU A 108 -5.05 14.72 30.87
N THR A 109 -5.69 14.51 29.73
CA THR A 109 -6.60 13.39 29.58
C THR A 109 -5.82 12.09 29.70
N ILE A 110 -6.54 10.98 29.76
CA ILE A 110 -5.88 9.68 29.88
C ILE A 110 -6.70 8.66 29.11
N TYR A 111 -6.14 8.13 28.03
CA TYR A 111 -6.86 7.20 27.21
C TYR A 111 -6.59 5.77 27.66
N ASN A 112 -7.31 4.83 27.06
CA ASN A 112 -7.20 3.45 27.47
C ASN A 112 -5.84 2.89 27.08
N VAL A 113 -5.38 1.88 27.83
CA VAL A 113 -4.13 1.23 27.46
C VAL A 113 -4.37 0.48 26.16
N SER A 114 -3.50 0.73 25.18
CA SER A 114 -3.77 0.23 23.83
C SER A 114 -3.24 -1.18 23.65
N GLN A 115 -1.99 -1.42 24.01
CA GLN A 115 -1.38 -2.71 23.81
C GLN A 115 -0.28 -2.87 24.84
N ALA A 116 0.16 -4.10 25.02
CA ALA A 116 1.24 -4.41 25.92
C ALA A 116 2.26 -5.29 25.22
N THR A 117 3.42 -5.42 25.82
CA THR A 117 4.49 -6.25 25.30
C THR A 117 5.44 -6.57 26.44
N ASP A 118 5.93 -7.80 26.47
CA ASP A 118 6.96 -8.17 27.44
C ASP A 118 8.34 -8.18 26.80
N VAL A 119 8.61 -7.21 25.93
CA VAL A 119 9.94 -7.07 25.37
C VAL A 119 10.93 -6.76 26.48
N LYS A 120 11.82 -7.71 26.74
CA LYS A 120 12.80 -7.54 27.79
C LYS A 120 13.98 -6.75 27.25
N GLN A 121 15.03 -6.63 28.05
CA GLN A 121 16.22 -5.91 27.63
C GLN A 121 17.44 -6.81 27.72
N LEU A 122 18.30 -6.74 26.71
CA LEU A 122 19.51 -7.54 26.66
C LEU A 122 20.50 -7.07 27.71
N LEU A 123 20.33 -7.52 28.94
CA LEU A 123 21.24 -7.10 29.99
C LEU A 123 22.50 -7.95 29.99
N GLY A 124 23.17 -8.06 28.84
CA GLY A 124 24.48 -8.67 28.80
C GLY A 124 24.55 -10.11 29.23
N TYR A 125 24.05 -11.03 28.40
CA TYR A 125 24.02 -12.46 28.73
C TYR A 125 23.02 -12.75 29.82
N GLN A 126 22.01 -11.90 29.95
CA GLN A 126 20.93 -12.14 30.89
C GLN A 126 19.74 -11.29 30.48
N TYR A 127 18.57 -11.70 30.92
CA TYR A 127 17.32 -11.07 30.54
C TYR A 127 16.63 -10.52 31.77
N GLY A 128 16.45 -9.20 31.80
CA GLY A 128 15.77 -8.54 32.89
C GLY A 128 14.34 -8.22 32.48
N ASN A 129 13.41 -8.43 33.41
CA ASN A 129 12.01 -8.24 33.08
C ASN A 129 11.76 -6.79 32.69
N ARG A 130 11.05 -6.62 31.57
CA ARG A 130 10.76 -5.29 31.06
C ARG A 130 9.50 -5.38 30.21
N VAL A 131 8.48 -4.61 30.54
CA VAL A 131 7.21 -4.66 29.83
C VAL A 131 6.81 -3.25 29.43
N HIS A 132 6.39 -3.11 28.18
CA HIS A 132 5.87 -1.85 27.67
C HIS A 132 4.36 -1.91 27.58
N VAL A 133 3.70 -0.83 27.97
CA VAL A 133 2.28 -0.68 27.73
C VAL A 133 2.08 0.66 27.04
N ASP A 134 1.18 0.69 26.07
CA ASP A 134 0.96 1.86 25.25
C ASP A 134 -0.37 2.50 25.59
N PHE A 135 -0.41 3.82 25.54
CA PHE A 135 -1.66 4.56 25.62
C PHE A 135 -1.42 5.99 25.16
N ASN A 136 -2.21 6.43 24.21
CA ASN A 136 -2.16 7.81 23.77
C ASN A 136 -2.57 8.72 24.92
N ILE A 137 -1.84 9.81 25.08
CA ILE A 137 -2.17 10.76 26.13
C ILE A 137 -2.42 12.07 25.41
N GLN A 138 -3.39 12.84 25.87
CA GLN A 138 -3.73 14.07 25.17
C GLN A 138 -3.83 15.21 26.16
N TYR A 139 -3.16 16.31 25.83
CA TYR A 139 -3.09 17.44 26.74
C TYR A 139 -3.06 18.71 25.92
N CYS A 140 -2.86 19.84 26.57
CA CYS A 140 -2.86 21.08 25.85
C CYS A 140 -2.09 22.15 26.59
N PRO A 141 -0.85 22.40 26.22
CA PRO A 141 -0.10 23.50 26.83
C PRO A 141 -0.70 24.83 26.44
N SER A 142 -0.37 25.83 27.24
CA SER A 142 -0.94 27.15 27.06
C SER A 142 0.06 28.19 27.49
N VAL A 143 -0.13 29.41 26.99
CA VAL A 143 0.63 30.56 27.44
C VAL A 143 -0.29 31.75 27.42
N TYR A 144 0.02 32.74 28.23
CA TYR A 144 -0.78 33.95 28.32
C TYR A 144 0.09 35.14 27.96
N VAL A 145 -0.48 36.06 27.20
CA VAL A 145 0.25 37.20 26.67
C VAL A 145 -0.54 38.46 26.97
N GLU A 146 0.17 39.52 27.37
CA GLU A 146 -0.47 40.80 27.68
C GLU A 146 -0.56 41.59 26.39
N THR A 147 -1.62 41.35 25.62
CA THR A 147 -2.00 42.23 24.54
C THR A 147 -2.93 43.31 25.10
N LEU A 148 -3.60 44.05 24.24
CA LEU A 148 -4.52 45.04 24.73
C LEU A 148 -5.67 45.23 23.75
N ARG A 149 -6.84 45.57 24.28
CA ARG A 149 -8.05 45.59 23.49
C ARG A 149 -8.18 46.90 22.72
N VAL A 150 -9.26 47.03 21.97
CA VAL A 150 -9.58 48.25 21.24
C VAL A 150 -10.87 48.81 21.82
N ASP A 151 -10.82 50.07 22.25
CA ASP A 151 -11.96 50.68 22.90
C ASP A 151 -12.89 51.37 21.93
N ALA A 152 -12.39 51.81 20.79
CA ALA A 152 -13.22 52.49 19.80
C ALA A 152 -12.52 52.33 18.46
N SER A 153 -13.05 53.02 17.44
CA SER A 153 -12.41 53.03 16.14
C SER A 153 -12.90 54.24 15.37
N GLU A 154 -12.04 55.26 15.26
CA GLU A 154 -12.37 56.42 14.45
C GLU A 154 -12.09 56.11 12.99
N PHE A 155 -12.88 56.73 12.11
CA PHE A 155 -12.70 56.45 10.68
C PHE A 155 -13.55 57.37 9.84
N GLU A 156 -13.25 57.35 8.54
CA GLU A 156 -13.83 58.26 7.57
C GLU A 156 -14.22 57.49 6.32
N ILE A 157 -15.24 58.01 5.63
CA ILE A 157 -15.83 57.35 4.48
C ILE A 157 -15.76 58.31 3.30
N LEU A 158 -15.97 57.77 2.11
CA LEU A 158 -16.02 58.62 0.93
C LEU A 158 -16.86 57.96 -0.15
N VAL A 159 -17.33 58.77 -1.09
CA VAL A 159 -18.38 58.37 -2.02
C VAL A 159 -18.20 59.18 -3.30
N ASP A 160 -18.66 58.62 -4.41
CA ASP A 160 -18.68 59.35 -5.68
C ASP A 160 -19.97 60.16 -5.85
N SER B 2 0.99 -11.93 33.12
CA SER B 2 0.78 -12.33 34.51
C SER B 2 0.74 -13.84 34.63
N GLN B 3 -0.46 -14.40 34.51
CA GLN B 3 -0.65 -15.83 34.58
C GLN B 3 -0.98 -16.46 33.25
N SER B 4 -1.26 -15.65 32.22
CA SER B 4 -1.77 -16.21 30.98
C SER B 4 -0.76 -17.15 30.34
N ILE B 5 0.49 -16.72 30.22
CA ILE B 5 1.48 -17.56 29.55
C ILE B 5 1.70 -18.83 30.34
N ILE B 6 1.75 -18.73 31.66
CA ILE B 6 1.90 -19.94 32.46
C ILE B 6 0.68 -20.84 32.26
N ASN B 7 -0.49 -20.24 32.07
CA ASN B 7 -1.69 -21.06 31.84
C ASN B 7 -1.60 -21.80 30.52
N VAL B 8 -1.18 -21.13 29.45
CA VAL B 8 -1.09 -21.86 28.20
C VAL B 8 0.01 -22.90 28.28
N ALA B 9 1.03 -22.62 29.08
CA ALA B 9 2.02 -23.65 29.36
C ALA B 9 1.39 -24.83 30.07
N ARG B 10 0.47 -24.58 30.99
CA ARG B 10 -0.25 -25.67 31.66
C ARG B 10 -1.03 -26.50 30.65
N TYR B 11 -1.73 -25.80 29.76
CA TYR B 11 -2.57 -26.47 28.79
C TYR B 11 -1.75 -27.36 27.89
N ILE B 12 -0.60 -26.86 27.44
CA ILE B 12 0.29 -27.68 26.63
C ILE B 12 1.00 -28.72 27.47
N ARG B 13 1.09 -28.51 28.78
CA ARG B 13 1.68 -29.50 29.66
C ARG B 13 0.86 -30.76 29.69
N ASP B 14 -0.45 -30.62 29.79
CA ASP B 14 -1.25 -31.83 29.95
C ASP B 14 -2.31 -31.93 28.85
N LEU B 15 -1.96 -31.44 27.67
CA LEU B 15 -2.51 -31.93 26.41
C LEU B 15 -1.59 -32.95 25.75
N LEU B 16 -0.30 -32.66 25.72
CA LEU B 16 0.63 -33.62 25.17
C LEU B 16 1.08 -34.65 26.21
N ASP B 17 0.52 -34.59 27.42
CA ASP B 17 0.99 -35.43 28.50
C ASP B 17 2.49 -35.31 28.64
N TYR B 18 2.96 -34.07 28.67
CA TYR B 18 4.35 -33.80 28.45
C TYR B 18 4.95 -33.26 29.76
N ASP B 19 6.28 -33.29 29.86
CA ASP B 19 6.93 -33.15 31.15
C ASP B 19 6.95 -31.72 31.67
N GLU B 20 7.03 -31.57 33.00
CA GLU B 20 7.34 -30.27 33.60
C GLU B 20 8.62 -29.71 33.02
N ASN B 21 9.73 -30.37 33.36
CA ASN B 21 11.04 -29.74 33.26
C ASN B 21 11.41 -29.53 31.80
N LEU B 22 10.61 -30.10 30.90
CA LEU B 22 10.90 -29.99 29.48
C LEU B 22 10.09 -28.90 28.80
N ILE B 23 9.20 -28.23 29.51
CA ILE B 23 8.56 -27.02 29.00
C ILE B 23 9.18 -25.83 29.71
N GLN B 24 9.98 -25.06 28.99
CA GLN B 24 10.46 -23.77 29.47
C GLN B 24 9.67 -22.68 28.78
N PHE B 25 9.69 -21.49 29.35
CA PHE B 25 8.67 -20.52 28.96
C PHE B 25 8.95 -19.88 27.63
N ASP B 26 10.00 -19.06 27.58
CA ASP B 26 10.14 -18.09 26.50
C ASP B 26 11.55 -17.54 26.48
N ARG B 27 11.70 -16.35 25.94
CA ARG B 27 12.96 -15.65 25.91
C ARG B 27 13.33 -15.22 27.33
N LYS B 28 13.40 -16.19 28.23
CA LYS B 28 13.99 -16.04 29.56
C LYS B 28 15.43 -16.52 29.45
N ASN B 29 16.07 -16.76 30.58
CA ASN B 29 17.37 -17.44 30.60
C ASN B 29 17.17 -18.87 31.01
N THR B 30 17.44 -19.77 30.09
CA THR B 30 17.37 -21.21 30.37
C THR B 30 18.20 -21.92 29.31
N GLN B 31 19.09 -22.79 29.76
CA GLN B 31 19.98 -23.48 28.85
C GLN B 31 19.28 -24.66 28.18
N GLN B 32 19.46 -24.77 26.86
CA GLN B 32 18.91 -25.88 26.08
C GLN B 32 20.04 -26.89 25.88
N SER B 33 20.31 -27.66 26.91
CA SER B 33 21.31 -28.70 26.80
C SER B 33 20.70 -29.95 26.18
N ASP B 34 21.54 -30.72 25.50
CA ASP B 34 21.12 -31.98 24.89
C ASP B 34 19.99 -31.75 23.87
N THR B 35 20.38 -31.13 22.77
CA THR B 35 19.46 -30.73 21.70
C THR B 35 18.35 -31.73 21.45
N VAL B 36 18.65 -33.03 21.51
CA VAL B 36 17.61 -34.01 21.23
C VAL B 36 16.48 -33.99 22.26
N THR B 37 16.72 -33.48 23.46
CA THR B 37 15.66 -33.42 24.46
C THR B 37 14.63 -32.42 23.97
N GLY B 38 13.57 -32.91 23.34
CA GLY B 38 12.65 -32.03 22.67
C GLY B 38 11.94 -31.11 23.63
N TYR B 39 12.31 -29.85 23.62
CA TYR B 39 11.69 -28.87 24.50
C TYR B 39 10.46 -28.30 23.83
N ILE B 40 9.64 -27.61 24.62
CA ILE B 40 8.60 -26.75 24.10
C ILE B 40 8.64 -25.44 24.86
N VAL B 41 8.62 -24.33 24.14
CA VAL B 41 8.63 -23.02 24.75
C VAL B 41 7.45 -22.21 24.24
N VAL B 42 6.75 -21.56 25.17
CA VAL B 42 5.60 -20.73 24.86
C VAL B 42 6.14 -19.32 24.63
N ASN B 43 6.53 -19.04 23.40
CA ASN B 43 7.01 -17.70 23.08
C ASN B 43 5.86 -16.72 23.18
N GLY B 44 5.95 -15.80 24.13
CA GLY B 44 4.99 -14.74 24.30
C GLY B 44 5.45 -13.39 23.80
N SER B 45 6.54 -13.34 23.04
CA SER B 45 7.07 -12.07 22.58
C SER B 45 6.09 -11.31 21.72
N GLY B 46 5.12 -12.00 21.13
CA GLY B 46 4.13 -11.32 20.33
C GLY B 46 3.39 -10.27 21.15
N VAL B 47 3.13 -9.13 20.52
CA VAL B 47 2.40 -8.06 21.18
C VAL B 47 1.01 -8.53 21.55
N GLN B 48 0.65 -8.41 22.82
CA GLN B 48 -0.73 -8.63 23.23
C GLN B 48 -1.47 -7.31 23.15
N ASN B 49 -2.58 -7.32 22.43
CA ASN B 49 -3.41 -6.15 22.23
C ASN B 49 -4.75 -6.33 22.92
N VAL B 50 -5.21 -5.27 23.55
CA VAL B 50 -6.46 -5.34 24.30
C VAL B 50 -7.63 -5.26 23.34
N LEU B 51 -8.79 -5.61 23.85
CA LEU B 51 -10.01 -5.51 23.08
C LEU B 51 -11.05 -4.67 23.77
N SER B 52 -11.19 -4.80 25.09
CA SER B 52 -12.21 -4.08 25.82
C SER B 52 -11.79 -3.98 27.26
N HIS B 53 -12.42 -3.05 27.96
CA HIS B 53 -12.14 -2.82 29.38
C HIS B 53 -13.46 -2.82 30.13
N GLY B 54 -13.88 -3.99 30.56
CA GLY B 54 -15.11 -4.08 31.29
C GLY B 54 -15.02 -3.45 32.66
N SER B 55 -16.18 -3.28 33.27
CA SER B 55 -16.28 -2.76 34.62
C SER B 55 -17.61 -3.20 35.19
N SER B 56 -17.58 -4.18 36.08
CA SER B 56 -18.79 -4.69 36.69
C SER B 56 -18.80 -4.29 38.15
N TYR B 57 -19.97 -4.40 38.77
CA TYR B 57 -20.11 -3.97 40.14
C TYR B 57 -21.02 -4.94 40.87
N ASP B 58 -20.65 -5.27 42.10
CA ASP B 58 -21.39 -6.23 42.91
C ASP B 58 -22.02 -5.53 44.10
N GLY B 59 -23.20 -5.99 44.48
CA GLY B 59 -24.01 -5.27 45.44
C GLY B 59 -23.87 -5.65 46.89
N ASP B 60 -24.07 -6.93 47.22
CA ASP B 60 -24.15 -7.29 48.63
C ASP B 60 -22.76 -7.40 49.26
N ALA B 61 -21.97 -8.38 48.83
CA ALA B 61 -20.56 -8.42 49.21
C ALA B 61 -19.85 -7.37 48.36
N GLU B 62 -20.13 -6.13 48.72
CA GLU B 62 -20.04 -5.02 47.78
C GLU B 62 -18.59 -4.67 47.47
N ILE B 63 -18.14 -5.06 46.28
CA ILE B 63 -16.88 -4.63 45.68
C ILE B 63 -17.13 -4.59 44.18
N MET B 64 -16.18 -4.11 43.40
CA MET B 64 -16.38 -4.12 41.96
C MET B 64 -15.19 -4.74 41.26
N GLU B 65 -15.29 -4.81 39.94
CA GLU B 65 -14.54 -5.78 39.15
C GLU B 65 -14.12 -5.12 37.84
N TYR B 66 -12.85 -4.75 37.75
CA TYR B 66 -12.30 -4.16 36.54
C TYR B 66 -11.64 -5.25 35.73
N SER B 67 -12.14 -5.44 34.51
CA SER B 67 -11.65 -6.51 33.65
C SER B 67 -11.04 -5.91 32.39
N LYS B 68 -10.22 -6.70 31.72
CA LYS B 68 -9.58 -6.23 30.50
C LYS B 68 -9.39 -7.44 29.58
N SER B 69 -10.28 -7.61 28.62
CA SER B 69 -10.13 -8.68 27.65
C SER B 69 -9.03 -8.31 26.67
N GLU B 70 -8.22 -9.28 26.28
CA GLU B 70 -7.14 -9.02 25.34
C GLU B 70 -6.73 -10.33 24.68
N SER B 71 -5.83 -10.23 23.71
CA SER B 71 -5.35 -11.41 23.00
C SER B 71 -3.92 -11.21 22.58
N ARG B 72 -3.22 -12.33 22.47
CA ARG B 72 -1.81 -12.32 22.09
C ARG B 72 -1.52 -13.49 21.18
N LEU B 73 -0.72 -13.24 20.14
CA LEU B 73 -0.26 -14.29 19.24
C LEU B 73 0.92 -14.99 19.89
N ILE B 74 0.62 -15.87 20.82
CA ILE B 74 1.66 -16.69 21.42
C ILE B 74 2.03 -17.79 20.45
N THR B 75 3.32 -17.95 20.21
CA THR B 75 3.80 -19.01 19.34
C THR B 75 4.37 -20.12 20.21
N LEU B 76 4.46 -21.31 19.64
CA LEU B 76 5.04 -22.45 20.33
C LEU B 76 6.23 -22.93 19.53
N GLU B 77 7.37 -23.03 20.19
CA GLU B 77 8.56 -23.53 19.53
C GLU B 77 8.87 -24.89 20.13
N PHE B 78 8.83 -25.92 19.28
CA PHE B 78 9.23 -27.26 19.67
C PHE B 78 10.66 -27.50 19.21
N TYR B 79 11.45 -28.11 20.08
CA TYR B 79 12.83 -28.44 19.79
C TYR B 79 12.99 -29.95 19.78
N GLY B 80 14.22 -30.40 19.64
CA GLY B 80 14.57 -31.79 19.84
C GLY B 80 14.34 -32.64 18.60
N SER B 81 14.94 -33.83 18.66
CA SER B 81 14.85 -34.74 17.53
C SER B 81 13.40 -35.04 17.18
N ASP B 82 12.56 -35.14 18.19
CA ASP B 82 11.12 -35.27 17.95
C ASP B 82 10.43 -33.93 17.99
N ALA B 83 11.00 -32.93 17.31
CA ALA B 83 10.28 -31.68 17.23
C ALA B 83 9.08 -31.82 16.32
N TYR B 84 9.30 -32.35 15.12
CA TYR B 84 8.25 -32.43 14.13
C TYR B 84 7.01 -33.08 14.70
N GLU B 85 7.16 -34.25 15.30
CA GLU B 85 6.02 -34.93 15.87
C GLU B 85 5.35 -34.06 16.93
N ASN B 86 6.11 -33.58 17.90
CA ASN B 86 5.50 -32.79 18.96
C ASN B 86 4.93 -31.50 18.40
N ALA B 87 5.34 -31.11 17.20
CA ALA B 87 4.60 -30.07 16.51
C ALA B 87 3.28 -30.60 16.00
N GLU B 88 3.34 -31.54 15.06
CA GLU B 88 2.12 -32.00 14.40
C GLU B 88 1.15 -32.57 15.41
N LEU B 89 1.63 -33.48 16.27
CA LEU B 89 0.73 -34.12 17.21
C LEU B 89 0.08 -33.09 18.12
N PHE B 90 0.76 -31.97 18.37
CA PHE B 90 0.07 -30.88 19.03
C PHE B 90 -0.82 -30.13 18.06
N SER B 91 -0.25 -29.70 16.93
CA SER B 91 -0.99 -28.90 15.97
C SER B 91 -2.28 -29.55 15.55
N LEU B 92 -2.51 -30.78 15.95
CA LEU B 92 -3.69 -31.52 15.59
C LEU B 92 -4.52 -31.96 16.77
N LEU B 93 -3.93 -32.19 17.93
CA LEU B 93 -4.76 -32.44 19.10
C LEU B 93 -5.30 -31.19 19.74
N ASN B 94 -4.89 -30.02 19.25
CA ASN B 94 -5.30 -28.77 19.87
C ASN B 94 -6.81 -28.62 19.91
N GLN B 95 -7.52 -29.31 19.03
CA GLN B 95 -8.95 -29.10 18.86
C GLN B 95 -9.71 -30.40 19.01
N SER B 96 -9.29 -31.21 19.98
CA SER B 96 -9.87 -32.51 20.27
C SER B 96 -10.78 -32.44 21.49
N GLN B 97 -11.21 -33.62 21.95
CA GLN B 97 -11.67 -33.75 23.33
C GLN B 97 -10.59 -33.40 24.34
N LYS B 98 -9.40 -33.99 24.22
CA LYS B 98 -8.48 -33.93 25.33
C LYS B 98 -8.17 -32.49 25.69
N ALA B 99 -7.84 -31.67 24.69
CA ALA B 99 -7.56 -30.27 24.95
C ALA B 99 -8.78 -29.56 25.49
N LYS B 100 -9.88 -29.68 24.78
CA LYS B 100 -11.02 -28.83 25.05
C LYS B 100 -11.67 -29.21 26.36
N GLU B 101 -11.27 -30.36 26.89
CA GLU B 101 -11.73 -30.93 28.14
C GLU B 101 -10.77 -30.68 29.29
N VAL B 102 -9.49 -30.46 28.99
CA VAL B 102 -8.53 -30.23 30.06
C VAL B 102 -8.35 -28.74 30.35
N SER B 103 -8.63 -27.88 29.39
CA SER B 103 -8.55 -26.44 29.62
C SER B 103 -9.82 -25.93 30.28
N ARG B 104 -10.20 -26.57 31.39
CA ARG B 104 -11.42 -26.24 32.12
C ARG B 104 -11.33 -24.87 32.78
N GLY B 105 -10.47 -24.74 33.78
CA GLY B 105 -10.38 -23.53 34.56
C GLY B 105 -9.33 -22.55 34.11
N LEU B 106 -8.53 -22.92 33.11
CA LEU B 106 -7.53 -22.01 32.58
C LEU B 106 -8.27 -20.87 31.92
N GLY B 107 -8.33 -19.72 32.59
CA GLY B 107 -9.21 -18.65 32.14
C GLY B 107 -8.67 -18.07 30.86
N LEU B 108 -8.76 -18.87 29.80
CA LEU B 108 -8.00 -18.61 28.60
C LEU B 108 -8.59 -19.42 27.45
N THR B 109 -9.20 -18.73 26.47
CA THR B 109 -9.68 -19.39 25.28
C THR B 109 -8.50 -19.98 24.53
N ILE B 110 -8.78 -20.77 23.50
CA ILE B 110 -7.72 -21.39 22.71
C ILE B 110 -8.18 -21.46 21.27
N TYR B 111 -7.53 -20.70 20.40
CA TYR B 111 -7.94 -20.68 19.00
C TYR B 111 -7.18 -21.73 18.21
N ASN B 112 -7.56 -21.87 16.95
CA ASN B 112 -6.97 -22.90 16.11
C ASN B 112 -5.53 -22.55 15.80
N VAL B 113 -4.72 -23.58 15.54
CA VAL B 113 -3.34 -23.32 15.14
C VAL B 113 -3.37 -22.68 13.75
N SER B 114 -2.71 -21.55 13.62
CA SER B 114 -2.85 -20.75 12.41
C SER B 114 -1.89 -21.19 11.32
N GLN B 115 -0.62 -21.33 11.66
CA GLN B 115 0.39 -21.68 10.68
C GLN B 115 1.54 -22.36 11.41
N ALA B 116 2.37 -23.04 10.64
CA ALA B 116 3.55 -23.69 11.19
C ALA B 116 4.76 -23.32 10.35
N THR B 117 5.93 -23.62 10.89
CA THR B 117 7.19 -23.35 10.21
C THR B 117 8.24 -24.24 10.83
N ASP B 118 9.14 -24.78 10.01
CA ASP B 118 10.27 -25.53 10.54
C ASP B 118 11.53 -24.69 10.51
N VAL B 119 11.41 -23.41 10.85
CA VAL B 119 12.58 -22.55 10.98
C VAL B 119 13.47 -23.08 12.11
N LYS B 120 14.63 -23.57 11.73
CA LYS B 120 15.55 -24.13 12.70
C LYS B 120 16.36 -23.00 13.31
N GLN B 121 17.35 -23.35 14.13
CA GLN B 121 18.21 -22.36 14.76
C GLN B 121 19.66 -22.61 14.40
N LEU B 122 20.39 -21.54 14.11
CA LEU B 122 21.79 -21.63 13.75
C LEU B 122 22.62 -22.01 14.97
N LEU B 123 22.68 -23.31 15.27
CA LEU B 123 23.46 -23.74 16.41
C LEU B 123 24.93 -23.88 16.06
N GLY B 124 25.52 -22.84 15.50
CA GLY B 124 26.97 -22.80 15.33
C GLY B 124 27.54 -23.88 14.46
N TYR B 125 27.34 -23.79 13.13
CA TYR B 125 27.81 -24.80 12.19
C TYR B 125 27.04 -26.09 12.32
N GLN B 126 25.80 -25.99 12.80
CA GLN B 126 24.93 -27.14 12.88
C GLN B 126 23.51 -26.65 13.01
N TYR B 127 22.56 -27.50 12.64
CA TYR B 127 21.15 -27.15 12.60
C TYR B 127 20.38 -28.04 13.56
N GLY B 128 19.77 -27.44 14.56
CA GLY B 128 18.97 -28.16 15.52
C GLY B 128 17.50 -27.98 15.19
N ASN B 129 16.74 -29.07 15.31
CA ASN B 129 15.34 -29.03 14.92
C ASN B 129 14.59 -28.03 15.77
N ARG B 130 13.81 -27.18 15.11
CA ARG B 130 13.05 -26.14 15.79
C ARG B 130 11.86 -25.79 14.92
N VAL B 131 10.66 -25.90 15.47
CA VAL B 131 9.45 -25.63 14.70
C VAL B 131 8.57 -24.67 15.48
N HIS B 132 8.05 -23.67 14.79
CA HIS B 132 7.11 -22.72 15.36
C HIS B 132 5.71 -23.04 14.88
N VAL B 133 4.75 -22.97 15.77
CA VAL B 133 3.34 -23.02 15.41
C VAL B 133 2.66 -21.81 16.03
N ASP B 134 1.76 -21.20 15.28
CA ASP B 134 1.11 -19.97 15.69
C ASP B 134 -0.34 -20.23 16.04
N PHE B 135 -0.83 -19.53 17.05
CA PHE B 135 -2.25 -19.51 17.35
C PHE B 135 -2.53 -18.34 18.28
N ASN B 136 -3.48 -17.51 17.89
CA ASN B 136 -3.92 -16.42 18.76
C ASN B 136 -4.56 -17.00 20.00
N ILE B 137 -4.24 -16.41 21.14
CA ILE B 137 -4.81 -16.86 22.40
C ILE B 137 -5.53 -15.65 22.96
N GLN B 138 -6.67 -15.87 23.57
CA GLN B 138 -7.45 -14.73 24.07
C GLN B 138 -7.88 -14.98 25.49
N TYR B 139 -7.65 -14.00 26.36
CA TYR B 139 -7.92 -14.16 27.77
C TYR B 139 -8.36 -12.81 28.31
N CYS B 140 -8.53 -12.72 29.62
CA CYS B 140 -8.99 -11.47 30.19
C CYS B 140 -8.58 -11.37 31.65
N PRO B 141 -7.52 -10.64 31.95
CA PRO B 141 -7.16 -10.41 33.34
C PRO B 141 -8.20 -9.55 34.02
N SER B 142 -8.19 -9.61 35.35
CA SER B 142 -9.19 -8.93 36.14
C SER B 142 -8.58 -8.50 37.45
N VAL B 143 -9.20 -7.51 38.08
CA VAL B 143 -8.84 -7.12 39.43
C VAL B 143 -10.12 -6.69 40.13
N TYR B 144 -10.12 -6.79 41.45
CA TYR B 144 -11.28 -6.43 42.24
C TYR B 144 -10.89 -5.31 43.19
N VAL B 145 -11.78 -4.35 43.34
CA VAL B 145 -11.51 -3.15 44.14
C VAL B 145 -12.66 -2.94 45.10
N GLU B 146 -12.33 -2.56 46.33
CA GLU B 146 -13.34 -2.30 47.35
C GLU B 146 -13.78 -0.86 47.22
N THR B 147 -14.73 -0.60 46.34
CA THR B 147 -15.44 0.67 46.34
C THR B 147 -16.65 0.53 47.25
N LEU B 148 -17.58 1.46 47.18
CA LEU B 148 -18.77 1.35 48.01
C LEU B 148 -19.96 2.00 47.32
N ARG B 149 -21.14 1.46 47.59
CA ARG B 149 -22.33 1.84 46.85
C ARG B 149 -22.92 3.12 47.42
N VAL B 150 -24.03 3.55 46.82
CA VAL B 150 -24.79 4.70 47.29
C VAL B 150 -26.15 4.21 47.75
N ASP B 151 -26.52 4.52 48.99
CA ASP B 151 -27.76 4.02 49.55
C ASP B 151 -28.93 4.96 49.30
N ALA B 152 -28.66 6.24 49.14
CA ALA B 152 -29.72 7.21 48.90
C ALA B 152 -29.09 8.41 48.20
N SER B 153 -29.88 9.47 48.04
CA SER B 153 -29.35 10.70 47.47
C SER B 153 -30.26 11.85 47.88
N GLU B 154 -29.81 12.66 48.82
CA GLU B 154 -30.56 13.85 49.21
C GLU B 154 -30.28 14.97 48.22
N PHE B 155 -31.27 15.83 48.01
CA PHE B 155 -31.08 16.89 47.03
C PHE B 155 -32.24 17.87 47.07
N GLU B 156 -32.03 19.00 46.40
CA GLU B 156 -32.93 20.13 46.43
C GLU B 156 -33.11 20.68 45.02
N ILE B 157 -34.27 21.28 44.78
CA ILE B 157 -34.67 21.74 43.47
C ILE B 157 -34.99 23.23 43.58
N LEU B 158 -35.08 23.89 42.43
CA LEU B 158 -35.47 25.29 42.43
C LEU B 158 -36.09 25.64 41.08
N VAL B 159 -36.87 26.73 41.08
CA VAL B 159 -37.75 27.04 39.97
C VAL B 159 -37.94 28.55 39.94
N ASP B 160 -38.24 29.07 38.75
CA ASP B 160 -38.58 30.49 38.62
C ASP B 160 -40.07 30.74 38.83
N SER C 2 6.25 -33.57 9.27
CA SER C 2 6.23 -34.97 9.65
C SER C 2 6.70 -35.85 8.51
N GLN C 3 5.76 -36.28 7.69
CA GLN C 3 6.06 -37.12 6.55
C GLN C 3 5.93 -36.39 5.22
N SER C 4 5.36 -35.18 5.22
CA SER C 4 5.03 -34.53 3.97
C SER C 4 6.28 -34.26 3.13
N ILE C 5 7.32 -33.68 3.74
CA ILE C 5 8.51 -33.35 2.97
C ILE C 5 9.17 -34.60 2.45
N ILE C 6 9.22 -35.64 3.27
CA ILE C 6 9.78 -36.90 2.80
C ILE C 6 8.95 -37.44 1.66
N ASN C 7 7.63 -37.23 1.70
CA ASN C 7 6.77 -37.70 0.62
C ASN C 7 7.07 -36.97 -0.68
N VAL C 8 7.20 -35.64 -0.62
CA VAL C 8 7.49 -34.94 -1.86
C VAL C 8 8.88 -35.32 -2.35
N ALA C 9 9.78 -35.62 -1.42
CA ALA C 9 11.06 -36.17 -1.81
C ALA C 9 10.90 -37.50 -2.52
N ARG C 10 9.97 -38.33 -2.07
CA ARG C 10 9.69 -39.59 -2.74
C ARG C 10 9.21 -39.34 -4.17
N TYR C 11 8.28 -38.39 -4.29
CA TYR C 11 7.67 -38.09 -5.58
C TYR C 11 8.72 -37.61 -6.56
N ILE C 12 9.63 -36.74 -6.11
CA ILE C 12 10.71 -36.31 -6.97
C ILE C 12 11.76 -37.38 -7.14
N ARG C 13 11.81 -38.35 -6.22
CA ARG C 13 12.74 -39.46 -6.37
C ARG C 13 12.38 -40.30 -7.57
N ASP C 14 11.11 -40.59 -7.75
CA ASP C 14 10.77 -41.50 -8.83
C ASP C 14 9.78 -40.86 -9.80
N LEU C 15 9.91 -39.55 -9.97
CA LEU C 15 9.52 -38.87 -11.20
C LEU C 15 10.69 -38.64 -12.12
N LEU C 16 11.82 -38.20 -11.57
CA LEU C 16 13.00 -38.04 -12.37
C LEU C 16 13.79 -39.32 -12.50
N ASP C 17 13.29 -40.43 -11.94
CA ASP C 17 14.06 -41.66 -11.88
C ASP C 17 15.43 -41.39 -11.31
N TYR C 18 15.45 -40.69 -10.19
CA TYR C 18 16.66 -40.08 -9.72
C TYR C 18 17.08 -40.77 -8.42
N ASP C 19 18.34 -40.58 -8.03
CA ASP C 19 18.96 -41.46 -7.04
C ASP C 19 18.49 -41.15 -5.62
N GLU C 20 18.57 -42.17 -4.75
CA GLU C 20 18.45 -41.95 -3.30
C GLU C 20 19.44 -40.92 -2.84
N ASN C 21 20.71 -41.29 -2.87
CA ASN C 21 21.73 -40.61 -2.08
C ASN C 21 21.95 -39.21 -2.62
N LEU C 22 21.38 -38.91 -3.77
CA LEU C 22 21.57 -37.62 -4.40
C LEU C 22 20.41 -36.66 -4.13
N ILE C 23 19.37 -37.10 -3.44
CA ILE C 23 18.35 -36.20 -2.93
C ILE C 23 18.54 -36.04 -1.44
N GLN C 24 19.02 -34.89 -1.01
CA GLN C 24 19.03 -34.55 0.39
C GLN C 24 17.91 -33.57 0.68
N PHE C 25 17.55 -33.43 1.95
CA PHE C 25 16.25 -32.84 2.23
C PHE C 25 16.25 -31.33 2.07
N ASP C 26 16.95 -30.65 2.98
CA ASP C 26 16.72 -29.24 3.18
C ASP C 26 17.86 -28.65 3.98
N ARG C 27 17.57 -27.55 4.67
CA ARG C 27 18.54 -26.91 5.54
C ARG C 27 18.78 -27.79 6.76
N LYS C 28 19.20 -29.03 6.51
CA LYS C 28 19.75 -29.93 7.51
C LYS C 28 21.27 -29.79 7.47
N ASN C 29 21.99 -30.72 8.07
CA ASN C 29 23.43 -30.80 7.89
C ASN C 29 23.74 -31.92 6.92
N THR C 30 24.27 -31.55 5.77
CA THR C 30 24.70 -32.52 4.77
C THR C 30 25.68 -31.83 3.85
N GLN C 31 26.83 -32.46 3.64
CA GLN C 31 27.88 -31.86 2.82
C GLN C 31 27.60 -32.04 1.34
N GLN C 32 27.76 -30.97 0.57
CA GLN C 32 27.60 -30.99 -0.87
C GLN C 32 28.99 -31.11 -1.49
N SER C 33 29.54 -32.30 -1.45
CA SER C 33 30.84 -32.52 -2.07
C SER C 33 30.66 -32.77 -3.57
N ASP C 34 31.69 -32.42 -4.33
CA ASP C 34 31.70 -32.64 -5.77
C ASP C 34 30.53 -31.91 -6.45
N THR C 35 30.65 -30.58 -6.46
CA THR C 35 29.62 -29.68 -6.98
C THR C 35 28.89 -30.22 -8.20
N VAL C 36 29.62 -30.87 -9.12
CA VAL C 36 28.96 -31.35 -10.32
C VAL C 36 27.94 -32.44 -10.05
N THR C 37 28.03 -33.13 -8.92
CA THR C 37 27.04 -34.15 -8.60
C THR C 37 25.71 -33.46 -8.35
N GLY C 38 24.87 -33.40 -9.37
CA GLY C 38 23.68 -32.60 -9.28
C GLY C 38 22.74 -33.09 -8.22
N TYR C 39 22.66 -32.35 -7.12
CA TYR C 39 21.77 -32.72 -6.04
C TYR C 39 20.39 -32.13 -6.28
N ILE C 40 19.42 -32.61 -5.52
CA ILE C 40 18.13 -31.96 -5.40
C ILE C 40 17.75 -31.92 -3.94
N VAL C 41 17.33 -30.76 -3.46
CA VAL C 41 16.91 -30.60 -2.08
C VAL C 41 15.52 -30.01 -2.04
N VAL C 42 14.68 -30.60 -1.19
CA VAL C 42 13.30 -30.17 -1.01
C VAL C 42 13.32 -29.15 0.11
N ASN C 43 13.56 -27.89 -0.24
CA ASN C 43 13.54 -26.85 0.78
C ASN C 43 12.13 -26.67 1.30
N GLY C 44 11.94 -26.99 2.58
CA GLY C 44 10.67 -26.78 3.26
C GLY C 44 10.63 -25.59 4.17
N SER C 45 11.62 -24.70 4.09
CA SER C 45 11.67 -23.55 4.99
C SER C 45 10.47 -22.65 4.85
N GLY C 46 9.77 -22.72 3.71
CA GLY C 46 8.58 -21.90 3.56
C GLY C 46 7.56 -22.21 4.64
N VAL C 47 6.91 -21.17 5.13
CA VAL C 47 5.89 -21.34 6.15
C VAL C 47 4.75 -22.18 5.60
N GLN C 48 4.40 -23.25 6.30
CA GLN C 48 3.19 -24.00 5.97
C GLN C 48 2.05 -23.41 6.78
N ASN C 49 0.99 -23.05 6.09
CA ASN C 49 -0.19 -22.46 6.68
C ASN C 49 -1.37 -23.42 6.56
N VAL C 50 -2.15 -23.50 7.63
CA VAL C 50 -3.27 -24.43 7.65
C VAL C 50 -4.43 -23.83 6.87
N LEU C 51 -5.39 -24.68 6.56
CA LEU C 51 -6.59 -24.24 5.89
C LEU C 51 -7.84 -24.62 6.66
N SER C 52 -7.87 -25.81 7.24
CA SER C 52 -9.06 -26.26 7.94
C SER C 52 -8.66 -27.34 8.93
N HIS C 53 -9.53 -27.57 9.90
CA HIS C 53 -9.31 -28.59 10.92
C HIS C 53 -10.53 -29.48 10.97
N GLY C 54 -10.51 -30.54 10.18
CA GLY C 54 -11.61 -31.46 10.18
C GLY C 54 -11.70 -32.25 11.46
N SER C 55 -12.83 -32.93 11.62
CA SER C 55 -13.05 -33.81 12.75
C SER C 55 -14.13 -34.79 12.35
N SER C 56 -13.75 -36.02 12.07
CA SER C 56 -14.69 -37.04 11.68
C SER C 56 -14.79 -38.07 12.80
N TYR C 57 -15.84 -38.88 12.73
CA TYR C 57 -16.08 -39.84 13.80
C TYR C 57 -16.57 -41.14 13.19
N ASP C 58 -16.08 -42.25 13.70
CA ASP C 58 -16.42 -43.56 13.19
C ASP C 58 -17.21 -44.34 14.23
N GLY C 59 -18.16 -45.14 13.76
CA GLY C 59 -19.13 -45.74 14.64
C GLY C 59 -18.83 -47.12 15.17
N ASP C 60 -18.56 -48.09 14.30
CA ASP C 60 -18.47 -49.47 14.76
C ASP C 60 -17.11 -49.76 15.40
N ALA C 61 -16.05 -49.73 14.59
CA ALA C 61 -14.69 -49.77 15.12
C ALA C 61 -14.41 -48.37 15.70
N GLU C 62 -15.08 -48.10 16.80
CA GLU C 62 -15.40 -46.73 17.19
C GLU C 62 -14.17 -45.99 17.67
N ILE C 63 -13.66 -45.10 16.83
CA ILE C 63 -12.63 -44.12 17.17
C ILE C 63 -12.93 -42.90 16.32
N MET C 64 -12.21 -41.81 16.53
CA MET C 64 -12.45 -40.64 15.68
C MET C 64 -11.14 -40.12 15.11
N GLU C 65 -11.26 -39.08 14.31
CA GLU C 65 -10.25 -38.76 13.30
C GLU C 65 -10.11 -37.24 13.22
N TYR C 66 -9.05 -36.71 13.80
CA TYR C 66 -8.78 -35.28 13.76
C TYR C 66 -7.82 -35.01 12.62
N SER C 67 -8.26 -34.21 11.66
CA SER C 67 -7.47 -33.92 10.48
C SER C 67 -7.13 -32.44 10.42
N LYS C 68 -6.12 -32.11 9.64
CA LYS C 68 -5.71 -30.72 9.51
C LYS C 68 -5.15 -30.53 8.11
N SER C 69 -5.95 -30.00 7.20
CA SER C 69 -5.49 -29.69 5.87
C SER C 69 -4.61 -28.45 5.91
N GLU C 70 -3.53 -28.45 5.15
CA GLU C 70 -2.63 -27.31 5.13
C GLU C 70 -1.83 -27.34 3.83
N SER C 71 -1.05 -26.29 3.62
CA SER C 71 -0.22 -26.20 2.43
C SER C 71 1.05 -25.44 2.74
N ARG C 72 2.10 -25.77 1.97
CA ARG C 72 3.39 -25.16 2.14
C ARG C 72 4.03 -24.91 0.79
N LEU C 73 4.67 -23.75 0.64
CA LEU C 73 5.42 -23.44 -0.57
C LEU C 73 6.80 -24.09 -0.45
N ILE C 74 6.84 -25.38 -0.72
CA ILE C 74 8.11 -26.07 -0.75
C ILE C 74 8.80 -25.75 -2.06
N THR C 75 10.06 -25.35 -1.98
CA THR C 75 10.85 -25.07 -3.16
C THR C 75 11.79 -26.24 -3.42
N LEU C 76 12.26 -26.34 -4.65
CA LEU C 76 13.20 -27.38 -5.02
C LEU C 76 14.46 -26.70 -5.52
N GLU C 77 15.59 -27.06 -4.94
CA GLU C 77 16.86 -26.52 -5.37
C GLU C 77 17.63 -27.64 -6.04
N PHE C 78 17.92 -27.47 -7.33
CA PHE C 78 18.75 -28.38 -8.08
C PHE C 78 20.16 -27.83 -8.12
N TYR C 79 21.15 -28.69 -7.92
CA TYR C 79 22.55 -28.32 -7.98
C TYR C 79 23.20 -29.06 -9.15
N GLY C 80 24.52 -28.90 -9.24
CA GLY C 80 25.31 -29.71 -10.15
C GLY C 80 25.36 -29.16 -11.56
N SER C 81 26.32 -29.68 -12.32
CA SER C 81 26.51 -29.21 -13.68
C SER C 81 25.23 -29.38 -14.48
N ASP C 82 24.51 -30.45 -14.24
CA ASP C 82 23.20 -30.63 -14.86
C ASP C 82 22.09 -30.11 -13.95
N ALA C 83 22.27 -28.93 -13.39
CA ALA C 83 21.16 -28.37 -12.63
C ALA C 83 20.04 -27.94 -13.56
N TYR C 84 20.41 -27.16 -14.59
CA TYR C 84 19.41 -26.59 -15.47
C TYR C 84 18.48 -27.66 -15.99
N GLU C 85 19.05 -28.73 -16.56
CA GLU C 85 18.21 -29.79 -17.09
C GLU C 85 17.32 -30.37 -16.00
N ASN C 86 17.90 -30.79 -14.88
CA ASN C 86 17.10 -31.39 -13.83
C ASN C 86 16.10 -30.39 -13.27
N ALA C 87 16.32 -29.10 -13.51
CA ALA C 87 15.26 -28.16 -13.27
C ALA C 87 14.18 -28.28 -14.33
N GLU C 88 14.52 -27.95 -15.56
CA GLU C 88 13.52 -27.90 -16.62
C GLU C 88 12.82 -29.24 -16.77
N LEU C 89 13.61 -30.32 -16.89
CA LEU C 89 13.00 -31.62 -17.12
C LEU C 89 12.08 -32.00 -15.98
N PHE C 90 12.35 -31.48 -14.78
CA PHE C 90 11.35 -31.63 -13.72
C PHE C 90 10.23 -30.63 -13.90
N SER C 91 10.59 -29.35 -14.03
CA SER C 91 9.59 -28.29 -14.12
C SER C 91 8.57 -28.54 -15.21
N LEU C 92 8.79 -29.55 -16.03
CA LEU C 92 7.93 -29.88 -17.13
C LEU C 92 7.32 -31.26 -17.05
N LEU C 93 7.99 -32.22 -16.43
CA LEU C 93 7.34 -33.50 -16.22
C LEU C 93 6.42 -33.51 -15.01
N ASN C 94 6.40 -32.42 -14.25
CA ASN C 94 5.61 -32.40 -13.03
C ASN C 94 4.14 -32.67 -13.29
N GLN C 95 3.68 -32.43 -14.51
CA GLN C 95 2.27 -32.48 -14.82
C GLN C 95 1.99 -33.43 -15.97
N SER C 96 2.68 -34.56 -15.97
CA SER C 96 2.58 -35.59 -16.99
C SER C 96 1.75 -36.77 -16.50
N GLN C 97 1.76 -37.84 -17.30
CA GLN C 97 1.42 -39.15 -16.76
C GLN C 97 2.34 -39.59 -15.65
N LYS C 98 3.66 -39.54 -15.88
CA LYS C 98 4.54 -40.25 -14.96
C LYS C 98 4.34 -39.75 -13.54
N ALA C 99 4.36 -38.43 -13.36
CA ALA C 99 4.16 -37.87 -12.03
C ALA C 99 2.78 -38.22 -11.49
N LYS C 100 1.76 -37.92 -12.28
CA LYS C 100 0.42 -37.95 -11.76
C LYS C 100 -0.02 -39.38 -11.52
N GLU C 101 0.76 -40.33 -12.03
CA GLU C 101 0.56 -41.76 -11.92
C GLU C 101 1.41 -42.38 -10.83
N VAL C 102 2.53 -41.75 -10.47
CA VAL C 102 3.38 -42.33 -9.45
C VAL C 102 3.06 -41.78 -8.06
N SER C 103 2.47 -40.59 -7.97
CA SER C 103 2.08 -40.03 -6.70
C SER C 103 0.74 -40.60 -6.26
N ARG C 104 0.63 -41.92 -6.26
CA ARG C 104 -0.61 -42.62 -5.92
C ARG C 104 -0.97 -42.48 -4.46
N GLY C 105 -0.17 -43.06 -3.57
CA GLY C 105 -0.46 -43.07 -2.16
C GLY C 105 0.17 -41.97 -1.36
N LEU C 106 1.01 -41.16 -1.98
CA LEU C 106 1.63 -40.04 -1.28
C LEU C 106 0.52 -39.06 -0.94
N GLY C 107 0.10 -39.05 0.31
CA GLY C 107 -1.10 -38.33 0.68
C GLY C 107 -0.84 -36.84 0.58
N LEU C 108 -0.68 -36.38 -0.66
CA LEU C 108 -0.09 -35.08 -0.91
C LEU C 108 -0.42 -34.67 -2.33
N THR C 109 -1.24 -33.63 -2.49
CA THR C 109 -1.51 -33.07 -3.80
C THR C 109 -0.23 -32.49 -4.37
N ILE C 110 -0.26 -32.09 -5.63
CA ILE C 110 0.92 -31.53 -6.27
C ILE C 110 0.47 -30.45 -7.24
N TYR C 111 0.79 -29.21 -6.95
CA TYR C 111 0.36 -28.12 -7.80
C TYR C 111 1.40 -27.83 -8.87
N ASN C 112 1.06 -26.93 -9.78
CA ASN C 112 1.93 -26.62 -10.89
C ASN C 112 3.16 -25.88 -10.40
N VAL C 113 4.26 -26.02 -11.14
CA VAL C 113 5.45 -25.25 -10.80
C VAL C 113 5.17 -23.79 -11.06
N SER C 114 5.40 -22.95 -10.05
CA SER C 114 4.95 -21.57 -10.13
C SER C 114 5.98 -20.68 -10.82
N GLN C 115 7.23 -20.77 -10.41
CA GLN C 115 8.27 -19.92 -10.94
C GLN C 115 9.59 -20.63 -10.77
N ALA C 116 10.59 -20.16 -11.51
CA ALA C 116 11.93 -20.69 -11.41
C ALA C 116 12.92 -19.55 -11.26
N THR C 117 14.14 -19.90 -10.89
CA THR C 117 15.21 -18.94 -10.71
C THR C 117 16.52 -19.68 -10.80
N ASP C 118 17.52 -19.09 -11.43
CA ASP C 118 18.86 -19.66 -11.44
C ASP C 118 19.76 -18.95 -10.46
N VAL C 119 19.23 -18.61 -9.28
CA VAL C 119 20.04 -18.04 -8.22
C VAL C 119 21.09 -19.06 -7.79
N LYS C 120 22.34 -18.75 -8.07
CA LYS C 120 23.42 -19.65 -7.74
C LYS C 120 23.82 -19.42 -6.30
N GLN C 121 24.90 -20.06 -5.85
CA GLN C 121 25.37 -19.90 -4.50
C GLN C 121 26.82 -19.43 -4.50
N LEU C 122 27.13 -18.47 -3.62
CA LEU C 122 28.48 -17.93 -3.51
C LEU C 122 29.42 -18.97 -2.94
N LEU C 123 29.93 -19.86 -3.78
CA LEU C 123 30.84 -20.88 -3.28
C LEU C 123 32.26 -20.35 -3.20
N GLY C 124 32.45 -19.22 -2.53
CA GLY C 124 33.78 -18.76 -2.20
C GLY C 124 34.67 -18.45 -3.38
N TYR C 125 34.40 -17.35 -4.08
CA TYR C 125 35.17 -16.97 -5.28
C TYR C 125 34.87 -17.90 -6.44
N GLN C 126 33.70 -18.51 -6.42
CA GLN C 126 33.26 -19.34 -7.53
C GLN C 126 31.76 -19.50 -7.45
N TYR C 127 31.15 -19.82 -8.57
CA TYR C 127 29.70 -19.92 -8.69
C TYR C 127 29.31 -21.33 -9.09
N GLY C 128 28.57 -21.99 -8.21
CA GLY C 128 28.08 -23.34 -8.47
C GLY C 128 26.63 -23.27 -8.91
N ASN C 129 26.30 -24.08 -9.89
CA ASN C 129 24.97 -24.04 -10.45
C ASN C 129 23.93 -24.39 -9.40
N ARG C 130 22.90 -23.58 -9.30
CA ARG C 130 21.85 -23.77 -8.30
C ARG C 130 20.58 -23.12 -8.82
N VAL C 131 19.51 -23.88 -8.92
CA VAL C 131 18.25 -23.37 -9.45
C VAL C 131 17.12 -23.71 -8.50
N HIS C 132 16.28 -22.74 -8.23
CA HIS C 132 15.09 -22.94 -7.42
C HIS C 132 13.86 -22.98 -8.31
N VAL C 133 12.96 -23.90 -8.00
CA VAL C 133 11.65 -23.92 -8.62
C VAL C 133 10.62 -23.97 -7.51
N ASP C 134 9.54 -23.22 -7.68
CA ASP C 134 8.53 -23.07 -6.66
C ASP C 134 7.27 -23.81 -7.06
N PHE C 135 6.60 -24.40 -6.07
CA PHE C 135 5.27 -24.94 -6.26
C PHE C 135 4.63 -25.19 -4.91
N ASN C 136 3.44 -24.64 -4.71
CA ASN C 136 2.69 -24.89 -3.50
C ASN C 136 2.33 -26.37 -3.44
N ILE C 137 2.47 -26.95 -2.26
CA ILE C 137 2.13 -28.34 -2.08
C ILE C 137 1.05 -28.35 -1.01
N GLN C 138 0.06 -29.22 -1.15
CA GLN C 138 -1.03 -29.22 -0.18
C GLN C 138 -1.30 -30.63 0.29
N TYR C 139 -1.39 -30.79 1.61
CA TYR C 139 -1.55 -32.11 2.19
C TYR C 139 -2.40 -31.97 3.43
N CYS C 140 -2.55 -33.06 4.16
CA CYS C 140 -3.38 -33.00 5.35
C CYS C 140 -3.00 -34.08 6.34
N PRO C 141 -2.23 -33.73 7.37
CA PRO C 141 -1.93 -34.69 8.42
C PRO C 141 -3.17 -35.05 9.20
N SER C 142 -3.10 -36.18 9.88
CA SER C 142 -4.25 -36.70 10.58
C SER C 142 -3.77 -37.47 11.81
N VAL C 143 -4.68 -37.61 12.78
CA VAL C 143 -4.43 -38.47 13.92
C VAL C 143 -5.75 -39.11 14.29
N TYR C 144 -5.68 -40.25 14.95
CA TYR C 144 -6.86 -40.98 15.36
C TYR C 144 -6.85 -41.13 16.87
N VAL C 145 -8.01 -40.94 17.48
CA VAL C 145 -8.13 -40.95 18.93
C VAL C 145 -9.26 -41.88 19.33
N GLU C 146 -9.03 -42.65 20.39
CA GLU C 146 -10.05 -43.58 20.88
C GLU C 146 -10.94 -42.84 21.85
N THR C 147 -11.96 -42.17 21.31
CA THR C 147 -13.05 -41.67 22.11
C THR C 147 -14.11 -42.76 22.20
N LEU C 148 -15.31 -42.42 22.65
CA LEU C 148 -16.36 -43.42 22.70
C LEU C 148 -17.72 -42.76 22.51
N ARG C 149 -18.64 -43.51 21.92
CA ARG C 149 -19.91 -42.96 21.49
C ARG C 149 -20.89 -42.91 22.65
N VAL C 150 -22.09 -42.43 22.37
CA VAL C 150 -23.18 -42.40 23.35
C VAL C 150 -24.28 -43.31 22.84
N ASP C 151 -24.69 -44.26 23.68
CA ASP C 151 -25.68 -45.25 23.25
C ASP C 151 -27.10 -44.82 23.55
N ALA C 152 -27.28 -43.97 24.55
CA ALA C 152 -28.62 -43.50 24.91
C ALA C 152 -28.45 -42.17 25.64
N SER C 153 -29.56 -41.67 26.18
CA SER C 153 -29.49 -40.46 26.98
C SER C 153 -30.73 -40.41 27.87
N GLU C 154 -30.56 -40.68 29.16
CA GLU C 154 -31.64 -40.56 30.11
C GLU C 154 -31.78 -39.11 30.53
N PHE C 155 -33.01 -38.70 30.82
CA PHE C 155 -33.23 -37.31 31.19
C PHE C 155 -34.65 -37.09 31.66
N GLU C 156 -34.86 -35.91 32.24
CA GLU C 156 -36.09 -35.54 32.92
C GLU C 156 -36.49 -34.13 32.53
N ILE C 157 -37.79 -33.87 32.56
CA ILE C 157 -38.37 -32.62 32.11
C ILE C 157 -39.17 -32.02 33.26
N LEU C 158 -39.51 -30.74 33.13
CA LEU C 158 -40.35 -30.12 34.12
C LEU C 158 -41.09 -28.95 33.50
N VAL C 159 -42.19 -28.57 34.15
CA VAL C 159 -43.17 -27.66 33.56
C VAL C 159 -43.86 -26.90 34.68
N ASP C 160 -44.35 -25.71 34.37
CA ASP C 160 -45.15 -24.95 35.32
C ASP C 160 -46.63 -25.32 35.25
N SER D 2 17.82 -23.46 -19.53
CA SER D 2 18.32 -24.50 -20.41
C SER D 2 19.03 -23.91 -21.61
N GLN D 3 18.27 -23.66 -22.67
CA GLN D 3 18.83 -23.07 -23.88
C GLN D 3 18.40 -21.63 -24.10
N SER D 4 17.45 -21.13 -23.31
CA SER D 4 16.87 -19.83 -23.59
C SER D 4 17.91 -18.73 -23.50
N ILE D 5 18.69 -18.70 -22.41
CA ILE D 5 19.67 -17.63 -22.26
C ILE D 5 20.71 -17.70 -23.35
N ILE D 6 21.16 -18.91 -23.68
CA ILE D 6 22.11 -19.04 -24.78
C ILE D 6 21.49 -18.55 -26.07
N ASN D 7 20.18 -18.77 -26.25
CA ASN D 7 19.52 -18.31 -27.45
C ASN D 7 19.48 -16.79 -27.52
N VAL D 8 19.15 -16.12 -26.43
CA VAL D 8 19.13 -14.67 -26.49
C VAL D 8 20.55 -14.16 -26.67
N ALA D 9 21.52 -14.88 -26.14
CA ALA D 9 22.91 -14.56 -26.43
C ALA D 9 23.20 -14.69 -27.91
N ARG D 10 22.64 -15.71 -28.57
CA ARG D 10 22.81 -15.85 -30.01
C ARG D 10 22.22 -14.64 -30.73
N TYR D 11 21.00 -14.26 -30.33
CA TYR D 11 20.30 -13.18 -30.98
C TYR D 11 21.08 -11.88 -30.86
N ILE D 12 21.64 -11.62 -29.68
CA ILE D 12 22.47 -10.43 -29.52
C ILE D 12 23.83 -10.62 -30.18
N ARG D 13 24.24 -11.86 -30.40
CA ARG D 13 25.50 -12.11 -31.10
C ARG D 13 25.42 -11.62 -32.52
N ASP D 14 24.34 -11.91 -33.21
CA ASP D 14 24.31 -11.56 -34.62
C ASP D 14 23.12 -10.65 -34.92
N LEU D 15 22.77 -9.80 -33.96
CA LEU D 15 22.12 -8.51 -34.23
C LEU D 15 23.12 -7.38 -34.24
N LEU D 16 24.03 -7.36 -33.28
CA LEU D 16 25.06 -6.34 -33.26
C LEU D 16 26.24 -6.73 -34.12
N ASP D 17 26.19 -7.87 -34.81
CA ASP D 17 27.34 -8.38 -35.54
C ASP D 17 28.54 -8.41 -34.62
N TYR D 18 28.35 -8.98 -33.45
CA TYR D 18 29.28 -8.79 -32.37
C TYR D 18 29.96 -10.13 -32.07
N ASP D 19 31.09 -10.07 -31.36
CA ASP D 19 32.00 -11.21 -31.31
C ASP D 19 31.50 -12.33 -30.41
N GLU D 20 31.95 -13.55 -30.70
CA GLU D 20 31.81 -14.66 -29.75
C GLU D 20 32.39 -14.29 -28.40
N ASN D 21 33.70 -14.18 -28.36
CA ASN D 21 34.43 -14.25 -27.11
C ASN D 21 34.14 -13.04 -26.26
N LEU D 22 33.46 -12.06 -26.82
CA LEU D 22 33.16 -10.83 -26.11
C LEU D 22 31.76 -10.82 -25.53
N ILE D 23 30.95 -11.86 -25.78
CA ILE D 23 29.69 -12.04 -25.07
C ILE D 23 29.87 -13.15 -24.06
N GLN D 24 29.92 -12.80 -22.79
CA GLN D 24 29.86 -13.79 -21.73
C GLN D 24 28.47 -13.77 -21.12
N PHE D 25 28.12 -14.83 -20.41
CA PHE D 25 26.71 -15.04 -20.15
C PHE D 25 26.18 -14.14 -19.05
N ASP D 26 26.62 -14.38 -17.82
CA ASP D 26 25.91 -13.87 -16.66
C ASP D 26 26.79 -13.97 -15.43
N ARG D 27 26.16 -14.04 -14.27
CA ARG D 27 26.86 -14.23 -13.02
C ARG D 27 27.43 -15.64 -12.96
N LYS D 28 28.25 -15.98 -13.95
CA LYS D 28 29.12 -17.15 -13.95
C LYS D 28 30.48 -16.69 -13.44
N ASN D 29 31.51 -17.52 -13.63
CA ASN D 29 32.88 -17.09 -13.39
C ASN D 29 33.54 -16.80 -14.73
N THR D 30 33.87 -15.53 -14.94
CA THR D 30 34.58 -15.11 -16.12
C THR D 30 35.22 -13.78 -15.84
N GLN D 31 36.52 -13.67 -16.12
CA GLN D 31 37.26 -12.46 -15.83
C GLN D 31 37.02 -11.38 -16.88
N GLN D 32 36.76 -10.16 -16.42
CA GLN D 32 36.58 -9.00 -17.29
C GLN D 32 37.90 -8.25 -17.34
N SER D 33 38.84 -8.78 -18.11
CA SER D 33 40.11 -8.08 -18.27
C SER D 33 39.99 -7.01 -19.35
N ASP D 34 40.80 -5.98 -19.22
CA ASP D 34 40.84 -4.89 -20.19
C ASP D 34 39.48 -4.22 -20.32
N THR D 35 39.11 -3.50 -19.26
CA THR D 35 37.82 -2.83 -19.13
C THR D 35 37.30 -2.26 -20.44
N VAL D 36 38.17 -1.67 -21.26
CA VAL D 36 37.69 -1.06 -22.49
C VAL D 36 37.12 -2.08 -23.47
N THR D 37 37.49 -3.36 -23.35
CA THR D 37 36.93 -4.36 -24.25
C THR D 37 35.46 -4.50 -23.93
N GLY D 38 34.62 -3.82 -24.69
CA GLY D 38 33.22 -3.74 -24.34
C GLY D 38 32.55 -5.08 -24.39
N TYR D 39 32.24 -5.63 -23.23
CA TYR D 39 31.57 -6.91 -23.16
C TYR D 39 30.07 -6.71 -23.21
N ILE D 40 29.36 -7.81 -23.43
CA ILE D 40 27.92 -7.86 -23.21
C ILE D 40 27.60 -9.13 -22.46
N VAL D 41 26.81 -9.01 -21.40
CA VAL D 41 26.40 -10.18 -20.62
C VAL D 41 24.89 -10.21 -20.51
N VAL D 42 24.35 -11.40 -20.75
CA VAL D 42 22.90 -11.63 -20.69
C VAL D 42 22.60 -12.04 -19.25
N ASN D 43 22.37 -11.05 -18.39
CA ASN D 43 22.02 -11.35 -17.02
C ASN D 43 20.65 -12.01 -16.98
N GLY D 44 20.63 -13.26 -16.56
CA GLY D 44 19.40 -14.00 -16.38
C GLY D 44 18.96 -14.16 -14.94
N SER D 45 19.56 -13.41 -14.01
CA SER D 45 19.24 -13.55 -12.61
C SER D 45 17.79 -13.24 -12.32
N GLY D 46 17.13 -12.49 -13.19
CA GLY D 46 15.72 -12.21 -12.97
C GLY D 46 14.92 -13.48 -12.89
N VAL D 47 13.94 -13.49 -11.98
CA VAL D 47 13.08 -14.65 -11.83
C VAL D 47 12.29 -14.88 -13.10
N GLN D 48 12.38 -16.09 -13.64
CA GLN D 48 11.50 -16.47 -14.74
C GLN D 48 10.24 -17.09 -14.14
N ASN D 49 9.10 -16.57 -14.55
CA ASN D 49 7.81 -17.02 -14.08
C ASN D 49 7.04 -17.68 -15.23
N VAL D 50 6.37 -18.77 -14.91
CA VAL D 50 5.65 -19.51 -15.93
C VAL D 50 4.34 -18.82 -16.22
N LEU D 51 3.73 -19.21 -17.32
CA LEU D 51 2.43 -18.70 -17.68
C LEU D 51 1.41 -19.80 -17.89
N SER D 52 1.82 -20.90 -18.50
CA SER D 52 0.89 -21.98 -18.79
C SER D 52 1.68 -23.27 -18.97
N HIS D 53 0.97 -24.38 -18.86
CA HIS D 53 1.57 -25.69 -19.01
C HIS D 53 0.76 -26.48 -20.02
N GLY D 54 1.12 -26.36 -21.28
CA GLY D 54 0.40 -27.08 -22.31
C GLY D 54 0.64 -28.56 -22.23
N SER D 55 -0.17 -29.29 -22.99
CA SER D 55 -0.04 -30.73 -23.10
C SER D 55 -0.71 -31.15 -24.38
N SER D 56 0.08 -31.46 -25.39
CA SER D 56 -0.45 -31.88 -26.68
C SER D 56 -0.16 -33.36 -26.88
N TYR D 57 -0.86 -33.95 -27.84
CA TYR D 57 -0.69 -35.38 -28.06
C TYR D 57 -0.73 -35.65 -29.55
N ASP D 58 0.14 -36.55 -30.00
CA ASP D 58 0.27 -36.86 -31.41
C ASP D 58 -0.17 -38.30 -31.64
N GLY D 59 -0.78 -38.53 -32.80
CA GLY D 59 -1.45 -39.79 -33.05
C GLY D 59 -0.67 -40.87 -33.75
N ASP D 60 -0.10 -40.59 -34.91
CA ASP D 60 0.48 -41.67 -35.71
C ASP D 60 1.87 -42.04 -35.21
N ALA D 61 2.83 -41.12 -35.33
CA ALA D 61 4.13 -41.29 -34.69
C ALA D 61 3.92 -40.98 -33.21
N GLU D 62 3.23 -41.90 -32.56
CA GLU D 62 2.46 -41.58 -31.36
C GLU D 62 3.36 -41.34 -30.17
N ILE D 63 3.51 -40.06 -29.81
CA ILE D 63 4.12 -39.62 -28.56
C ILE D 63 3.40 -38.35 -28.17
N MET D 64 3.68 -37.80 -27.00
CA MET D 64 3.02 -36.55 -26.64
C MET D 64 4.05 -35.53 -26.18
N GLU D 65 3.54 -34.34 -25.85
CA GLU D 65 4.35 -33.12 -25.88
C GLU D 65 3.94 -32.24 -24.70
N TYR D 66 4.76 -32.22 -23.67
CA TYR D 66 4.52 -31.38 -22.50
C TYR D 66 5.29 -30.08 -22.67
N SER D 67 4.55 -28.97 -22.69
CA SER D 67 5.16 -27.67 -22.92
C SER D 67 4.95 -26.80 -21.70
N LYS D 68 5.76 -25.75 -21.59
CA LYS D 68 5.64 -24.84 -20.47
C LYS D 68 6.06 -23.45 -20.95
N SER D 69 5.09 -22.61 -21.26
CA SER D 69 5.39 -21.24 -21.65
C SER D 69 5.77 -20.45 -20.42
N GLU D 70 6.75 -19.57 -20.54
CA GLU D 70 7.20 -18.76 -19.41
C GLU D 70 7.92 -17.54 -19.93
N SER D 71 8.27 -16.65 -19.02
CA SER D 71 8.96 -15.43 -19.39
C SER D 71 9.91 -15.02 -18.27
N ARG D 72 10.96 -14.32 -18.67
CA ARG D 72 11.98 -13.86 -17.73
C ARG D 72 12.45 -12.47 -18.12
N LEU D 73 12.63 -11.61 -17.13
CA LEU D 73 13.18 -10.27 -17.35
C LEU D 73 14.71 -10.40 -17.41
N ILE D 74 15.18 -10.84 -18.56
CA ILE D 74 16.62 -10.89 -18.77
C ILE D 74 17.11 -9.48 -19.06
N THR D 75 18.16 -9.06 -18.35
CA THR D 75 18.75 -7.77 -18.58
C THR D 75 20.03 -7.95 -19.37
N LEU D 76 20.47 -6.88 -20.02
CA LEU D 76 21.71 -6.90 -20.78
C LEU D 76 22.64 -5.86 -20.17
N GLU D 77 23.84 -6.28 -19.82
CA GLU D 77 24.83 -5.36 -19.29
C GLU D 77 25.92 -5.21 -20.33
N PHE D 78 26.08 -3.99 -20.83
CA PHE D 78 27.17 -3.65 -21.73
C PHE D 78 28.29 -3.02 -20.94
N TYR D 79 29.51 -3.42 -21.24
CA TYR D 79 30.69 -2.86 -20.60
C TYR D 79 31.53 -2.14 -21.63
N GLY D 80 32.71 -1.69 -21.21
CA GLY D 80 33.70 -1.18 -22.11
C GLY D 80 33.51 0.29 -22.47
N SER D 81 34.57 0.86 -23.04
CA SER D 81 34.54 2.27 -23.38
C SER D 81 33.37 2.57 -24.31
N ASP D 82 33.08 1.65 -25.22
CA ASP D 82 31.91 1.78 -26.06
C ASP D 82 30.72 1.06 -25.46
N ALA D 83 30.48 1.23 -24.17
CA ALA D 83 29.27 0.65 -23.61
C ALA D 83 28.05 1.40 -24.10
N TYR D 84 28.08 2.72 -23.96
CA TYR D 84 26.93 3.54 -24.30
C TYR D 84 26.41 3.21 -25.69
N GLU D 85 27.30 3.26 -26.67
CA GLU D 85 26.89 2.96 -28.04
C GLU D 85 26.28 1.57 -28.13
N ASN D 86 27.01 0.55 -27.66
CA ASN D 86 26.50 -0.80 -27.76
C ASN D 86 25.24 -0.98 -26.95
N ALA D 87 24.98 -0.06 -26.02
CA ALA D 87 23.65 -0.02 -25.43
C ALA D 87 22.65 0.55 -26.42
N GLU D 88 22.82 1.83 -26.76
CA GLU D 88 21.83 2.51 -27.59
C GLU D 88 21.66 1.79 -28.91
N LEU D 89 22.76 1.50 -29.60
CA LEU D 89 22.65 0.89 -30.92
C LEU D 89 21.95 -0.45 -30.83
N PHE D 90 22.06 -1.13 -29.69
CA PHE D 90 21.21 -2.29 -29.48
C PHE D 90 19.80 -1.88 -29.10
N SER D 91 19.69 -1.03 -28.09
CA SER D 91 18.38 -0.63 -27.58
C SER D 91 17.48 -0.08 -28.66
N LEU D 92 18.02 0.12 -29.86
CA LEU D 92 17.29 0.68 -30.96
C LEU D 92 17.22 -0.24 -32.16
N LEU D 93 18.20 -1.10 -32.38
CA LEU D 93 18.05 -2.08 -33.45
C LEU D 93 17.23 -3.28 -33.02
N ASN D 94 16.83 -3.35 -31.76
CA ASN D 94 16.13 -4.53 -31.28
C ASN D 94 14.86 -4.78 -32.04
N GLN D 95 14.30 -3.75 -32.66
CA GLN D 95 12.98 -3.84 -33.26
C GLN D 95 13.03 -3.43 -34.73
N SER D 96 14.08 -3.86 -35.42
CA SER D 96 14.31 -3.56 -36.82
C SER D 96 13.96 -4.76 -37.70
N GLN D 97 14.33 -4.65 -38.98
CA GLN D 97 14.48 -5.84 -39.80
C GLN D 97 15.54 -6.79 -39.26
N LYS D 98 16.75 -6.29 -38.99
CA LYS D 98 17.84 -7.22 -38.78
C LYS D 98 17.53 -8.17 -37.65
N ALA D 99 17.08 -7.65 -36.51
CA ALA D 99 16.74 -8.50 -35.40
C ALA D 99 15.59 -9.42 -35.74
N LYS D 100 14.51 -8.85 -36.23
CA LYS D 100 13.28 -9.59 -36.34
C LYS D 100 13.38 -10.63 -37.44
N GLU D 101 14.42 -10.52 -38.25
CA GLU D 101 14.74 -11.40 -39.35
C GLU D 101 15.80 -12.43 -39.01
N VAL D 102 16.63 -12.16 -38.00
CA VAL D 102 17.67 -13.10 -37.63
C VAL D 102 17.21 -14.04 -36.53
N SER D 103 16.24 -13.63 -35.71
CA SER D 103 15.71 -14.49 -34.66
C SER D 103 14.68 -15.44 -35.23
N ARG D 104 15.04 -16.14 -36.31
CA ARG D 104 14.15 -17.06 -37.01
C ARG D 104 13.79 -18.28 -36.16
N GLY D 105 14.78 -19.13 -35.90
CA GLY D 105 14.55 -20.38 -35.20
C GLY D 105 14.78 -20.33 -33.72
N LEU D 106 15.26 -19.22 -33.20
CA LEU D 106 15.47 -19.08 -31.77
C LEU D 106 14.10 -19.10 -31.12
N GLY D 107 13.74 -20.23 -30.52
CA GLY D 107 12.37 -20.42 -30.08
C GLY D 107 12.09 -19.52 -28.92
N LEU D 108 12.04 -18.23 -29.20
CA LEU D 108 12.12 -17.21 -28.17
C LEU D 108 11.63 -15.89 -28.72
N THR D 109 10.48 -15.41 -28.23
CA THR D 109 10.00 -14.10 -28.60
C THR D 109 10.97 -13.05 -28.11
N ILE D 110 10.77 -11.80 -28.51
CA ILE D 110 11.64 -10.72 -28.10
C ILE D 110 10.82 -9.46 -27.94
N TYR D 111 10.69 -8.99 -26.71
CA TYR D 111 9.87 -7.82 -26.46
C TYR D 111 10.71 -6.55 -26.53
N ASN D 112 10.05 -5.41 -26.44
CA ASN D 112 10.73 -4.14 -26.59
C ASN D 112 11.63 -3.89 -25.39
N VAL D 113 12.69 -3.12 -25.60
CA VAL D 113 13.54 -2.73 -24.49
C VAL D 113 12.74 -1.83 -23.56
N SER D 114 12.71 -2.17 -22.28
CA SER D 114 11.79 -1.51 -21.37
C SER D 114 12.42 -0.25 -20.79
N GLN D 115 13.64 -0.36 -20.27
CA GLN D 115 14.29 0.76 -19.63
C GLN D 115 15.78 0.55 -19.72
N ALA D 116 16.52 1.62 -19.49
CA ALA D 116 17.97 1.55 -19.48
C ALA D 116 18.50 2.23 -18.23
N THR D 117 19.78 2.02 -17.97
CA THR D 117 20.44 2.61 -16.81
C THR D 117 21.93 2.58 -17.08
N ASP D 118 22.63 3.64 -16.69
CA ASP D 118 24.08 3.64 -16.78
C ASP D 118 24.70 3.39 -15.42
N VAL D 119 24.12 2.48 -14.65
CA VAL D 119 24.71 2.08 -13.39
C VAL D 119 26.07 1.43 -13.64
N LYS D 120 27.11 2.09 -13.21
CA LYS D 120 28.46 1.61 -13.43
C LYS D 120 28.79 0.61 -12.33
N GLN D 121 30.04 0.15 -12.29
CA GLN D 121 30.48 -0.79 -11.28
C GLN D 121 31.66 -0.22 -10.51
N LEU D 122 31.64 -0.39 -9.19
CA LEU D 122 32.71 0.10 -8.33
C LEU D 122 33.98 -0.70 -8.55
N LEU D 123 34.74 -0.36 -9.58
CA LEU D 123 35.97 -1.08 -9.84
C LEU D 123 37.11 -0.56 -8.99
N GLY D 124 36.91 -0.50 -7.68
CA GLY D 124 38.01 -0.24 -6.77
C GLY D 124 38.69 1.10 -6.95
N TYR D 125 38.03 2.19 -6.56
CA TYR D 125 38.57 3.54 -6.71
C TYR D 125 38.58 3.95 -8.18
N GLN D 126 37.71 3.36 -8.97
CA GLN D 126 37.57 3.76 -10.36
C GLN D 126 36.21 3.27 -10.85
N TYR D 127 35.72 3.91 -11.90
CA TYR D 127 34.41 3.64 -12.43
C TYR D 127 34.52 3.15 -13.87
N GLY D 128 34.08 1.92 -14.10
CA GLY D 128 34.10 1.33 -15.43
C GLY D 128 32.71 1.40 -16.03
N ASN D 129 32.64 1.73 -17.31
CA ASN D 129 31.37 1.92 -17.96
C ASN D 129 30.56 0.64 -17.92
N ARG D 130 29.31 0.75 -17.52
CA ARG D 130 28.43 -0.41 -17.41
C ARG D 130 27.00 0.07 -17.53
N VAL D 131 26.26 -0.48 -18.48
CA VAL D 131 24.89 -0.04 -18.73
C VAL D 131 23.98 -1.26 -18.78
N HIS D 132 22.86 -1.18 -18.09
CA HIS D 132 21.84 -2.21 -18.11
C HIS D 132 20.69 -1.77 -19.00
N VAL D 133 20.17 -2.69 -19.79
CA VAL D 133 18.93 -2.48 -20.51
C VAL D 133 18.02 -3.65 -20.22
N ASP D 134 16.74 -3.36 -20.02
CA ASP D 134 15.77 -4.36 -19.61
C ASP D 134 14.84 -4.69 -20.77
N PHE D 135 14.45 -5.95 -20.85
CA PHE D 135 13.39 -6.37 -21.75
C PHE D 135 12.93 -7.76 -21.36
N ASN D 136 11.63 -7.90 -21.15
CA ASN D 136 11.05 -9.21 -20.89
C ASN D 136 11.24 -10.09 -22.09
N ILE D 137 11.59 -11.34 -21.86
CA ILE D 137 11.78 -12.29 -22.94
C ILE D 137 10.81 -13.42 -22.64
N GLN D 138 10.19 -13.96 -23.66
CA GLN D 138 9.20 -15.00 -23.43
C GLN D 138 9.44 -16.18 -24.35
N TYR D 139 9.47 -17.37 -23.76
CA TYR D 139 9.80 -18.57 -24.51
C TYR D 139 8.99 -19.72 -23.94
N CYS D 140 9.27 -20.92 -24.42
CA CYS D 140 8.49 -22.05 -23.94
C CYS D 140 9.28 -23.34 -24.12
N PRO D 141 9.90 -23.84 -23.06
CA PRO D 141 10.56 -25.14 -23.15
C PRO D 141 9.53 -26.25 -23.33
N SER D 142 10.02 -27.37 -23.81
CA SER D 142 9.16 -28.49 -24.14
C SER D 142 9.90 -29.79 -23.92
N VAL D 143 9.14 -30.86 -23.75
CA VAL D 143 9.71 -32.20 -23.70
C VAL D 143 8.70 -33.13 -24.35
N TYR D 144 9.20 -34.24 -24.87
CA TYR D 144 8.36 -35.21 -25.53
C TYR D 144 8.47 -36.54 -24.80
N VAL D 145 7.35 -37.22 -24.63
CA VAL D 145 7.27 -38.44 -23.85
C VAL D 145 6.57 -39.49 -24.68
N GLU D 146 7.07 -40.72 -24.62
CA GLU D 146 6.48 -41.84 -25.36
C GLU D 146 5.40 -42.45 -24.48
N THR D 147 4.20 -41.88 -24.54
CA THR D 147 3.03 -42.54 -24.00
C THR D 147 2.42 -43.41 -25.10
N LEU D 148 1.20 -43.87 -24.91
CA LEU D 148 0.57 -44.66 -25.95
C LEU D 148 -0.94 -44.47 -25.92
N ARG D 149 -1.56 -44.57 -27.09
CA ARG D 149 -2.96 -44.20 -27.25
C ARG D 149 -3.85 -45.37 -26.83
N VAL D 150 -5.16 -45.15 -26.94
CA VAL D 150 -6.15 -46.18 -26.68
C VAL D 150 -6.89 -46.46 -27.97
N ASP D 151 -6.90 -47.73 -28.37
CA ASP D 151 -7.48 -48.12 -29.64
C ASP D 151 -8.96 -48.46 -29.53
N ALA D 152 -9.41 -48.89 -28.37
CA ALA D 152 -10.80 -49.24 -28.16
C ALA D 152 -11.10 -49.12 -26.68
N SER D 153 -12.28 -49.56 -26.29
CA SER D 153 -12.64 -49.58 -24.88
C SER D 153 -13.78 -50.56 -24.68
N GLU D 154 -13.48 -51.74 -24.13
CA GLU D 154 -14.51 -52.70 -23.80
C GLU D 154 -15.14 -52.33 -22.47
N PHE D 155 -16.43 -52.64 -22.33
CA PHE D 155 -17.11 -52.26 -21.09
C PHE D 155 -18.50 -52.86 -21.04
N GLU D 156 -19.09 -52.78 -19.86
CA GLU D 156 -20.35 -53.42 -19.53
C GLU D 156 -21.24 -52.47 -18.75
N ILE D 157 -22.54 -52.65 -18.89
CA ILE D 157 -23.54 -51.75 -18.33
C ILE D 157 -24.46 -52.57 -17.45
N LEU D 158 -25.23 -51.88 -16.61
CA LEU D 158 -26.21 -52.58 -15.79
C LEU D 158 -27.34 -51.63 -15.43
N VAL D 159 -28.48 -52.20 -15.07
CA VAL D 159 -29.73 -51.46 -14.97
C VAL D 159 -30.61 -52.16 -13.94
N ASP D 160 -31.50 -51.38 -13.32
CA ASP D 160 -32.49 -51.97 -12.42
C ASP D 160 -33.75 -52.42 -13.16
N SER E 2 24.12 8.33 -24.40
CA SER E 2 24.89 8.67 -25.59
C SER E 2 25.30 10.13 -25.58
N GLN E 3 24.46 10.97 -26.15
CA GLN E 3 24.70 12.40 -26.20
C GLN E 3 23.79 13.19 -25.27
N SER E 4 22.78 12.57 -24.71
CA SER E 4 21.77 13.32 -23.96
C SER E 4 22.37 14.02 -22.77
N ILE E 5 23.15 13.31 -21.95
CA ILE E 5 23.70 13.92 -20.76
C ILE E 5 24.65 15.04 -21.13
N ILE E 6 25.47 14.82 -22.15
CA ILE E 6 26.35 15.89 -22.60
C ILE E 6 25.53 17.09 -23.08
N ASN E 7 24.38 16.82 -23.68
CA ASN E 7 23.53 17.92 -24.14
C ASN E 7 22.98 18.71 -22.99
N VAL E 8 22.49 18.05 -21.94
CA VAL E 8 21.97 18.82 -20.82
C VAL E 8 23.11 19.55 -20.15
N ALA E 9 24.30 18.96 -20.17
CA ALA E 9 25.48 19.68 -19.71
C ALA E 9 25.71 20.93 -20.55
N ARG E 10 25.51 20.85 -21.85
CA ARG E 10 25.63 22.02 -22.71
C ARG E 10 24.64 23.09 -22.30
N TYR E 11 23.39 22.66 -22.08
CA TYR E 11 22.32 23.59 -21.76
C TYR E 11 22.62 24.30 -20.46
N ILE E 12 23.10 23.57 -19.45
CA ILE E 12 23.48 24.22 -18.20
C ILE E 12 24.79 24.97 -18.35
N ARG E 13 25.59 24.64 -19.35
CA ARG E 13 26.81 25.39 -19.61
C ARG E 13 26.51 26.82 -20.00
N ASP E 14 25.55 27.00 -20.89
CA ASP E 14 25.32 28.35 -21.38
C ASP E 14 23.89 28.79 -21.14
N LEU E 15 23.32 28.32 -20.03
CA LEU E 15 22.26 29.03 -19.32
C LEU E 15 22.80 29.83 -18.15
N LEU E 16 23.69 29.24 -17.37
CA LEU E 16 24.31 29.97 -16.29
C LEU E 16 25.51 30.77 -16.75
N ASP E 17 25.82 30.76 -18.05
CA ASP E 17 27.03 31.39 -18.54
C ASP E 17 28.22 30.87 -17.76
N TYR E 18 28.29 29.56 -17.63
CA TYR E 18 29.15 28.97 -16.64
C TYR E 18 30.27 28.20 -17.36
N ASP E 19 31.34 27.88 -16.65
CA ASP E 19 32.59 27.50 -17.28
C ASP E 19 32.56 26.06 -17.82
N GLU E 20 33.38 25.81 -18.84
CA GLU E 20 33.68 24.43 -19.24
C GLU E 20 34.17 23.62 -18.07
N ASN E 21 35.37 23.94 -17.60
CA ASN E 21 36.14 23.02 -16.80
C ASN E 21 35.49 22.84 -15.45
N LEU E 22 34.48 23.64 -15.15
CA LEU E 22 33.81 23.58 -13.86
C LEU E 22 32.53 22.79 -13.91
N ILE E 23 32.12 22.30 -15.08
CA ILE E 23 31.03 21.32 -15.17
C ILE E 23 31.64 19.97 -15.47
N GLN E 24 31.62 19.09 -14.48
CA GLN E 24 31.96 17.69 -14.71
C GLN E 24 30.68 16.89 -14.73
N PHE E 25 30.75 15.68 -15.28
CA PHE E 25 29.52 15.03 -15.69
C PHE E 25 28.76 14.44 -14.50
N ASP E 26 29.33 13.39 -13.92
CA ASP E 26 28.54 12.51 -13.07
C ASP E 26 29.47 11.63 -12.26
N ARG E 27 28.96 10.47 -11.85
CA ARG E 27 29.74 9.48 -11.13
C ARG E 27 30.76 8.87 -12.08
N LYS E 28 31.60 9.72 -12.66
CA LYS E 28 32.81 9.33 -13.37
C LYS E 28 33.97 9.45 -12.38
N ASN E 29 35.20 9.43 -12.86
CA ASN E 29 36.35 9.76 -12.04
C ASN E 29 36.80 11.17 -12.35
N THR E 30 36.66 12.05 -11.37
CA THR E 30 37.12 13.42 -11.49
C THR E 30 37.29 13.98 -10.10
N GLN E 31 38.45 14.57 -9.83
CA GLN E 31 38.74 15.08 -8.51
C GLN E 31 38.09 16.45 -8.28
N GLN E 32 37.46 16.61 -7.12
CA GLN E 32 36.84 17.87 -6.73
C GLN E 32 37.81 18.59 -5.79
N SER E 33 38.84 19.18 -6.38
CA SER E 33 39.78 19.94 -5.59
C SER E 33 39.25 21.34 -5.35
N ASP E 34 39.66 21.94 -4.23
CA ASP E 34 39.27 23.30 -3.89
C ASP E 34 37.75 23.44 -3.78
N THR E 35 37.21 22.82 -2.73
CA THR E 35 35.78 22.74 -2.46
C THR E 35 35.03 24.01 -2.84
N VAL E 36 35.60 25.18 -2.60
CA VAL E 36 34.89 26.41 -2.90
C VAL E 36 34.65 26.60 -4.39
N THR E 37 35.44 25.95 -5.26
CA THR E 37 35.21 26.08 -6.70
C THR E 37 33.90 25.40 -7.02
N GLY E 38 32.84 26.19 -7.11
CA GLY E 38 31.52 25.62 -7.21
C GLY E 38 31.34 24.84 -8.49
N TYR E 39 31.31 23.53 -8.38
CA TYR E 39 31.13 22.67 -9.54
C TYR E 39 29.65 22.48 -9.81
N ILE E 40 29.35 21.96 -10.99
CA ILE E 40 28.03 21.43 -11.30
C ILE E 40 28.20 20.10 -11.99
N VAL E 41 27.48 19.09 -11.53
CA VAL E 41 27.54 17.77 -12.14
C VAL E 41 26.14 17.32 -12.51
N VAL E 42 26.02 16.80 -13.72
CA VAL E 42 24.75 16.31 -14.26
C VAL E 42 24.68 14.83 -13.89
N ASN E 43 24.17 14.55 -12.69
CA ASN E 43 24.02 13.17 -12.28
C ASN E 43 22.96 12.50 -13.14
N GLY E 44 23.39 11.52 -13.93
CA GLY E 44 22.50 10.72 -14.74
C GLY E 44 22.22 9.34 -14.19
N SER E 45 22.57 9.07 -12.94
CA SER E 45 22.39 7.74 -12.38
C SER E 45 20.93 7.33 -12.35
N GLY E 46 20.01 8.28 -12.41
CA GLY E 46 18.61 7.92 -12.44
C GLY E 46 18.30 7.04 -13.62
N VAL E 47 17.43 6.05 -13.39
CA VAL E 47 17.03 5.15 -14.46
C VAL E 47 16.31 5.93 -15.55
N GLN E 48 16.78 5.79 -16.78
CA GLN E 48 16.03 6.32 -17.91
C GLN E 48 15.10 5.24 -18.42
N ASN E 49 13.83 5.58 -18.52
CA ASN E 49 12.80 4.67 -18.97
C ASN E 49 12.24 5.13 -20.30
N VAL E 50 12.01 4.17 -21.19
CA VAL E 50 11.53 4.50 -22.51
C VAL E 50 10.04 4.78 -22.48
N LEU E 51 9.56 5.38 -23.54
CA LEU E 51 8.14 5.63 -23.68
C LEU E 51 7.56 5.03 -24.94
N SER E 52 8.29 5.10 -26.05
CA SER E 52 7.78 4.59 -27.30
C SER E 52 8.94 4.29 -28.21
N HIS E 53 8.67 3.48 -29.23
CA HIS E 53 9.68 3.10 -30.20
C HIS E 53 9.13 3.38 -31.59
N GLY E 54 9.37 4.58 -32.08
CA GLY E 54 8.89 4.91 -33.39
C GLY E 54 9.64 4.17 -34.48
N SER E 55 9.09 4.26 -35.68
CA SER E 55 9.70 3.67 -36.86
C SER E 55 9.15 4.39 -38.06
N SER E 56 9.94 5.26 -38.66
CA SER E 56 9.52 6.01 -39.83
C SER E 56 10.30 5.52 -41.04
N TYR E 57 9.80 5.87 -42.22
CA TYR E 57 10.42 5.39 -43.43
C TYR E 57 10.42 6.49 -44.46
N ASP E 58 11.51 6.63 -45.19
CA ASP E 58 11.68 7.68 -46.18
C ASP E 58 11.75 7.07 -47.57
N GLY E 59 11.20 7.79 -48.54
CA GLY E 59 10.98 7.21 -49.85
C GLY E 59 12.06 7.44 -50.89
N ASP E 60 12.43 8.69 -51.15
CA ASP E 60 13.31 8.96 -52.29
C ASP E 60 14.77 8.67 -51.94
N ALA E 61 15.34 9.46 -51.03
CA ALA E 61 16.65 9.13 -50.46
C ALA E 61 16.42 7.98 -49.47
N GLU E 62 16.13 6.83 -50.04
CA GLU E 62 15.35 5.80 -49.34
C GLU E 62 16.18 5.13 -48.25
N ILE E 63 15.90 5.50 -47.00
CA ILE E 63 16.38 4.81 -45.82
C ILE E 63 15.28 4.94 -44.78
N MET E 64 15.41 4.29 -43.63
CA MET E 64 14.39 4.46 -42.61
C MET E 64 15.03 4.82 -41.28
N GLU E 65 14.16 5.00 -40.28
CA GLU E 65 14.49 5.82 -39.12
C GLU E 65 13.86 5.18 -37.89
N TYR E 66 14.68 4.51 -37.09
CA TYR E 66 14.23 3.88 -35.86
C TYR E 66 14.48 4.84 -34.71
N SER E 67 13.43 5.25 -34.03
CA SER E 67 13.53 6.21 -32.95
C SER E 67 13.09 5.58 -31.64
N LYS E 68 13.50 6.19 -30.54
CA LYS E 68 13.12 5.67 -29.23
C LYS E 68 13.02 6.85 -28.28
N SER E 69 11.81 7.31 -28.03
CA SER E 69 11.59 8.39 -27.07
C SER E 69 11.73 7.83 -25.67
N GLU E 70 12.35 8.59 -24.77
CA GLU E 70 12.54 8.14 -23.41
C GLU E 70 12.77 9.35 -22.52
N SER E 71 12.84 9.10 -21.21
CA SER E 71 13.05 10.17 -20.26
C SER E 71 13.85 9.66 -19.08
N ARG E 72 14.59 10.58 -18.46
CA ARG E 72 15.42 10.25 -17.31
C ARG E 72 15.37 11.37 -16.30
N LEU E 73 15.28 11.00 -15.03
CA LEU E 73 15.35 11.98 -13.94
C LEU E 73 16.80 12.30 -13.67
N ILE E 74 17.35 13.16 -14.50
CA ILE E 74 18.71 13.64 -14.29
C ILE E 74 18.67 14.69 -13.19
N THR E 75 19.54 14.54 -12.20
CA THR E 75 19.63 15.50 -11.13
C THR E 75 20.85 16.37 -11.36
N LEU E 76 20.87 17.55 -10.75
CA LEU E 76 21.99 18.45 -10.84
C LEU E 76 22.54 18.67 -9.45
N GLU E 77 23.83 18.44 -9.27
CA GLU E 77 24.46 18.68 -7.99
C GLU E 77 25.39 19.87 -8.14
N PHE E 78 25.09 20.93 -7.41
CA PHE E 78 25.95 22.10 -7.34
C PHE E 78 26.82 22.00 -6.10
N TYR E 79 28.08 22.33 -6.26
CA TYR E 79 29.04 22.33 -5.17
C TYR E 79 29.52 23.76 -4.93
N GLY E 80 30.49 23.88 -4.02
CA GLY E 80 31.20 25.13 -3.84
C GLY E 80 30.50 26.10 -2.92
N SER E 81 31.26 27.10 -2.49
CA SER E 81 30.74 28.09 -1.55
C SER E 81 29.50 28.75 -2.14
N ASP E 82 29.49 28.99 -3.43
CA ASP E 82 28.30 29.50 -4.09
C ASP E 82 27.47 28.36 -4.66
N ALA E 83 27.25 27.31 -3.88
CA ALA E 83 26.34 26.28 -4.37
C ALA E 83 24.91 26.79 -4.35
N TYR E 84 24.50 27.33 -3.22
CA TYR E 84 23.11 27.75 -3.06
C TYR E 84 22.68 28.64 -4.20
N GLU E 85 23.44 29.70 -4.46
CA GLU E 85 23.08 30.60 -5.55
C GLU E 85 23.00 29.84 -6.87
N ASN E 86 24.05 29.11 -7.23
CA ASN E 86 24.03 28.41 -8.51
C ASN E 86 22.95 27.35 -8.53
N ALA E 87 22.45 26.97 -7.37
CA ALA E 87 21.21 26.20 -7.36
C ALA E 87 20.03 27.09 -7.70
N GLU E 88 19.73 28.04 -6.84
CA GLU E 88 18.53 28.84 -7.00
C GLU E 88 18.55 29.57 -8.33
N LEU E 89 19.64 30.25 -8.65
CA LEU E 89 19.68 31.03 -9.88
C LEU E 89 19.49 30.13 -11.09
N PHE E 90 19.88 28.86 -10.98
CA PHE E 90 19.50 27.92 -12.02
C PHE E 90 18.06 27.49 -11.85
N SER E 91 17.70 27.03 -10.66
CA SER E 91 16.37 26.51 -10.41
C SER E 91 15.28 27.49 -10.79
N LEU E 92 15.65 28.70 -11.15
CA LEU E 92 14.72 29.74 -11.48
C LEU E 92 14.91 30.28 -12.88
N LEU E 93 16.12 30.26 -13.44
CA LEU E 93 16.26 30.64 -14.83
C LEU E 93 15.92 29.50 -15.77
N ASN E 94 15.65 28.31 -15.26
CA ASN E 94 15.42 27.17 -16.12
C ASN E 94 14.27 27.39 -17.07
N GLN E 95 13.36 28.30 -16.73
CA GLN E 95 12.13 28.46 -17.48
C GLN E 95 11.96 29.90 -17.93
N SER E 96 13.04 30.51 -18.37
CA SER E 96 13.10 31.88 -18.83
C SER E 96 13.13 31.95 -20.36
N GLN E 97 13.37 33.15 -20.86
CA GLN E 97 13.89 33.29 -22.22
C GLN E 97 15.23 32.61 -22.41
N LYS E 98 16.20 32.91 -21.54
CA LYS E 98 17.56 32.52 -21.87
C LYS E 98 17.66 31.03 -22.11
N ALA E 99 17.11 30.24 -21.19
CA ALA E 99 17.15 28.80 -21.36
C ALA E 99 16.37 28.37 -22.59
N LYS E 100 15.13 28.81 -22.68
CA LYS E 100 14.23 28.26 -23.66
C LYS E 100 14.62 28.69 -25.05
N GLU E 101 15.53 29.66 -25.12
CA GLU E 101 16.07 30.24 -26.34
C GLU E 101 17.43 29.67 -26.69
N VAL E 102 18.17 29.14 -25.71
CA VAL E 102 19.49 28.61 -26.00
C VAL E 102 19.44 27.12 -26.27
N SER E 103 18.43 26.41 -25.75
CA SER E 103 18.29 24.99 -26.01
C SER E 103 17.60 24.76 -27.36
N ARG E 104 18.13 25.39 -28.41
CA ARG E 104 17.58 25.33 -29.75
C ARG E 104 17.71 23.93 -30.35
N GLY E 105 18.94 23.52 -30.63
CA GLY E 105 19.18 22.26 -31.31
C GLY E 105 19.47 21.10 -30.41
N LEU E 106 19.57 21.33 -29.11
CA LEU E 106 19.77 20.24 -28.17
C LEU E 106 18.54 19.37 -28.19
N GLY E 107 18.62 18.22 -28.87
CA GLY E 107 17.43 17.45 -29.15
C GLY E 107 16.91 16.86 -27.86
N LEU E 108 16.40 17.72 -27.00
CA LEU E 108 16.19 17.37 -25.60
C LEU E 108 15.24 18.38 -24.98
N THR E 109 14.03 17.94 -24.64
CA THR E 109 13.10 18.80 -23.92
C THR E 109 13.67 19.12 -22.56
N ILE E 110 13.03 20.03 -21.84
CA ILE E 110 13.51 20.42 -20.52
C ILE E 110 12.30 20.71 -19.64
N TYR E 111 12.09 19.89 -18.63
CA TYR E 111 10.92 20.07 -17.78
C TYR E 111 11.28 20.95 -16.59
N ASN E 112 10.27 21.28 -15.81
CA ASN E 112 10.46 22.19 -14.69
C ASN E 112 11.28 21.52 -13.60
N VAL E 113 11.99 22.33 -12.82
CA VAL E 113 12.72 21.77 -11.69
C VAL E 113 11.70 21.27 -10.68
N SER E 114 11.86 20.01 -10.26
CA SER E 114 10.82 19.37 -9.48
C SER E 114 11.00 19.64 -7.99
N GLN E 115 12.20 19.42 -7.48
CA GLN E 115 12.45 19.59 -6.07
C GLN E 115 13.92 19.90 -5.89
N ALA E 116 14.27 20.41 -4.71
CA ALA E 116 15.65 20.70 -4.38
C ALA E 116 15.97 20.10 -3.03
N THR E 117 17.25 20.07 -2.72
CA THR E 117 17.74 19.54 -1.45
C THR E 117 19.13 20.09 -1.22
N ASP E 118 19.44 20.44 0.02
CA ASP E 118 20.80 20.85 0.36
C ASP E 118 21.54 19.72 1.06
N VAL E 119 21.34 18.50 0.60
CA VAL E 119 22.10 17.37 1.11
C VAL E 119 23.57 17.58 0.81
N LYS E 120 24.36 17.78 1.85
CA LYS E 120 25.77 18.03 1.70
C LYS E 120 26.49 16.69 1.59
N GLN E 121 27.81 16.71 1.57
CA GLN E 121 28.59 15.49 1.49
C GLN E 121 29.55 15.41 2.67
N LEU E 122 29.66 14.21 3.25
CA LEU E 122 30.54 13.97 4.39
C LEU E 122 31.99 14.05 3.95
N LEU E 123 32.53 15.26 3.88
CA LEU E 123 33.92 15.39 3.47
C LEU E 123 34.85 15.20 4.66
N GLY E 124 34.70 14.08 5.36
CA GLY E 124 35.69 13.69 6.35
C GLY E 124 35.86 14.66 7.51
N TYR E 125 34.89 14.73 8.42
CA TYR E 125 34.93 15.65 9.55
C TYR E 125 34.72 17.08 9.10
N GLN E 126 34.07 17.26 7.96
CA GLN E 126 33.72 18.58 7.48
C GLN E 126 32.60 18.45 6.47
N TYR E 127 31.87 19.53 6.28
CA TYR E 127 30.69 19.55 5.43
C TYR E 127 30.90 20.54 4.29
N GLY E 128 30.89 20.03 3.07
CA GLY E 128 31.05 20.85 1.89
C GLY E 128 29.69 21.07 1.26
N ASN E 129 29.46 22.30 0.80
CA ASN E 129 28.15 22.64 0.27
C ASN E 129 27.85 21.79 -0.95
N ARG E 130 26.65 21.23 -0.98
CA ARG E 130 26.23 20.35 -2.07
C ARG E 130 24.71 20.38 -2.13
N VAL E 131 24.16 20.74 -3.28
CA VAL E 131 22.72 20.85 -3.43
C VAL E 131 22.29 20.09 -4.67
N HIS E 132 21.23 19.29 -4.52
CA HIS E 132 20.63 18.56 -5.63
C HIS E 132 19.35 19.26 -6.06
N VAL E 133 19.16 19.36 -7.36
CA VAL E 133 17.89 19.78 -7.91
C VAL E 133 17.44 18.75 -8.93
N ASP E 134 16.16 18.44 -8.92
CA ASP E 134 15.62 17.39 -9.76
C ASP E 134 14.79 17.98 -10.89
N PHE E 135 14.87 17.33 -12.04
CA PHE E 135 13.96 17.65 -13.15
C PHE E 135 14.03 16.52 -14.17
N ASN E 136 12.86 15.98 -14.51
CA ASN E 136 12.79 14.98 -15.56
C ASN E 136 13.21 15.60 -16.88
N ILE E 137 13.99 14.87 -17.64
CA ILE E 137 14.43 15.35 -18.93
C ILE E 137 13.93 14.32 -19.93
N GLN E 138 13.49 14.76 -21.09
CA GLN E 138 12.92 13.83 -22.05
C GLN E 138 13.52 14.06 -23.42
N TYR E 139 13.97 13.00 -24.05
CA TYR E 139 14.66 13.11 -25.32
C TYR E 139 14.33 11.88 -26.15
N CYS E 140 14.97 11.75 -27.29
CA CYS E 140 14.67 10.61 -28.14
C CYS E 140 15.83 10.30 -29.06
N PRO E 141 16.64 9.31 -28.72
CA PRO E 141 17.70 8.89 -29.63
C PRO E 141 17.11 8.26 -30.88
N SER E 142 17.93 8.22 -31.91
CA SER E 142 17.49 7.74 -33.21
C SER E 142 18.66 7.09 -33.92
N VAL E 143 18.32 6.24 -34.89
CA VAL E 143 19.31 5.67 -35.79
C VAL E 143 18.65 5.53 -37.15
N TYR E 144 19.48 5.52 -38.18
CA TYR E 144 18.99 5.40 -39.54
C TYR E 144 19.59 4.16 -40.17
N VAL E 145 18.78 3.43 -40.92
CA VAL E 145 19.17 2.15 -41.49
C VAL E 145 18.82 2.16 -42.97
N GLU E 146 19.73 1.63 -43.78
CA GLU E 146 19.51 1.56 -45.22
C GLU E 146 18.76 0.27 -45.53
N THR E 147 17.44 0.33 -45.42
CA THR E 147 16.59 -0.72 -45.96
C THR E 147 16.26 -0.36 -47.40
N LEU E 148 15.29 -1.02 -48.00
CA LEU E 148 14.91 -0.69 -49.37
C LEU E 148 13.43 -0.96 -49.59
N ARG E 149 12.84 -0.16 -50.46
CA ARG E 149 11.39 -0.17 -50.63
C ARG E 149 10.98 -1.30 -51.56
N VAL E 150 9.66 -1.40 -51.79
CA VAL E 150 9.10 -2.36 -52.73
C VAL E 150 8.45 -1.58 -53.86
N ASP E 151 8.86 -1.88 -55.09
CA ASP E 151 8.37 -1.13 -56.24
C ASP E 151 7.11 -1.72 -56.84
N ALA E 152 6.90 -3.02 -56.67
CA ALA E 152 5.73 -3.68 -57.21
C ALA E 152 5.47 -4.94 -56.39
N SER E 153 4.53 -5.75 -56.84
CA SER E 153 4.29 -7.03 -56.18
C SER E 153 3.56 -7.94 -57.17
N GLU E 154 4.28 -8.91 -57.72
CA GLU E 154 3.66 -9.90 -58.58
C GLU E 154 3.01 -10.97 -57.73
N PHE E 155 1.92 -11.54 -58.25
CA PHE E 155 1.21 -12.54 -57.46
C PHE E 155 0.11 -13.20 -58.28
N GLU E 156 -0.41 -14.28 -57.73
CA GLU E 156 -1.35 -15.16 -58.39
C GLU E 156 -2.46 -15.54 -57.44
N ILE E 157 -3.64 -15.81 -58.01
CA ILE E 157 -4.85 -16.07 -57.24
C ILE E 157 -5.39 -17.42 -57.66
N LEU E 158 -6.30 -17.96 -56.87
CA LEU E 158 -6.94 -19.21 -57.23
C LEU E 158 -8.32 -19.29 -56.58
N VAL E 159 -9.17 -20.14 -57.14
CA VAL E 159 -10.60 -20.15 -56.83
C VAL E 159 -11.12 -21.55 -57.05
N ASP E 160 -12.19 -21.90 -56.33
CA ASP E 160 -12.87 -23.16 -56.57
C ASP E 160 -13.94 -23.06 -57.66
N SER F 2 18.75 29.99 -0.47
CA SER F 2 19.31 31.32 -0.65
C SER F 2 19.18 32.13 0.62
N GLN F 3 18.07 32.85 0.73
CA GLN F 3 17.80 33.67 1.89
C GLN F 3 16.70 33.11 2.78
N SER F 4 15.99 32.08 2.32
CA SER F 4 14.81 31.62 3.05
C SER F 4 15.16 31.12 4.43
N ILE F 5 16.17 30.25 4.53
CA ILE F 5 16.52 29.69 5.83
C ILE F 5 16.99 30.79 6.77
N ILE F 6 17.80 31.71 6.25
CA ILE F 6 18.23 32.82 7.08
C ILE F 6 17.03 33.64 7.53
N ASN F 7 16.02 33.76 6.66
CA ASN F 7 14.82 34.50 7.04
C ASN F 7 14.06 33.81 8.16
N VAL F 8 13.88 32.50 8.07
CA VAL F 8 13.17 31.84 9.15
C VAL F 8 14.00 31.90 10.42
N ALA F 9 15.31 31.90 10.28
CA ALA F 9 16.18 32.14 11.42
C ALA F 9 15.92 33.53 12.00
N ARG F 10 15.71 34.52 11.16
CA ARG F 10 15.39 35.86 11.65
C ARG F 10 14.09 35.83 12.44
N TYR F 11 13.09 35.16 11.87
CA TYR F 11 11.77 35.13 12.49
C TYR F 11 11.84 34.48 13.85
N ILE F 12 12.59 33.38 13.96
CA ILE F 12 12.77 32.75 15.26
C ILE F 12 13.71 33.55 16.14
N ARG F 13 14.54 34.40 15.55
CA ARG F 13 15.41 35.25 16.34
C ARG F 13 14.61 36.25 17.15
N ASP F 14 13.62 36.85 16.53
CA ASP F 14 12.91 37.90 17.26
C ASP F 14 11.43 37.60 17.35
N LEU F 15 11.10 36.32 17.43
CA LEU F 15 9.89 35.85 18.09
C LEU F 15 10.15 35.41 19.52
N LEU F 16 11.22 34.66 19.73
CA LEU F 16 11.58 34.26 21.08
C LEU F 16 12.41 35.32 21.78
N ASP F 17 12.64 36.47 21.14
CA ASP F 17 13.54 37.48 21.68
C ASP F 17 14.86 36.82 22.05
N TYR F 18 15.39 36.07 21.11
CA TYR F 18 16.45 35.13 21.43
C TYR F 18 17.73 35.60 20.73
N ASP F 19 18.87 35.08 21.18
CA ASP F 19 20.16 35.69 20.86
C ASP F 19 20.61 35.41 19.44
N GLU F 20 21.44 36.31 18.89
CA GLU F 20 22.19 36.01 17.67
C GLU F 20 22.97 34.73 17.82
N ASN F 21 24.00 34.79 18.66
CA ASN F 21 25.08 33.82 18.59
C ASN F 21 24.58 32.45 19.02
N LEU F 22 23.36 32.39 19.54
CA LEU F 22 22.82 31.14 20.02
C LEU F 22 21.89 30.48 19.02
N ILE F 23 21.63 31.12 17.87
CA ILE F 23 20.96 30.46 16.76
C ILE F 23 21.99 30.15 15.69
N GLN F 24 22.33 28.88 15.54
CA GLN F 24 23.13 28.44 14.41
C GLN F 24 22.22 27.76 13.42
N PHE F 25 22.69 27.62 12.19
CA PHE F 25 21.75 27.35 11.11
C PHE F 25 21.30 25.90 11.09
N ASP F 26 22.21 25.00 10.75
CA ASP F 26 21.82 23.67 10.31
C ASP F 26 23.03 22.76 10.33
N ARG F 27 22.98 21.72 9.51
CA ARG F 27 24.08 20.80 9.34
C ARG F 27 25.23 21.50 8.62
N LYS F 28 25.69 22.60 9.19
CA LYS F 28 26.94 23.27 8.83
C LYS F 28 28.01 22.76 9.79
N ASN F 29 29.15 23.43 9.85
CA ASN F 29 30.14 23.17 10.87
C ASN F 29 30.04 24.25 11.94
N THR F 30 29.64 23.85 13.13
CA THR F 30 29.58 24.75 14.26
C THR F 30 29.59 23.91 15.52
N GLN F 31 30.48 24.24 16.45
CA GLN F 31 30.61 23.48 17.68
C GLN F 31 29.54 23.84 18.69
N GLN F 32 28.93 22.80 19.28
CA GLN F 32 27.92 22.99 20.32
C GLN F 32 28.61 22.79 21.67
N SER F 33 29.34 23.82 22.09
CA SER F 33 29.98 23.76 23.39
C SER F 33 28.99 24.14 24.48
N ASP F 34 29.21 23.61 25.68
CA ASP F 34 28.38 23.93 26.83
C ASP F 34 26.91 23.57 26.58
N THR F 35 26.67 22.26 26.54
CA THR F 35 25.36 21.68 26.22
C THR F 35 24.20 22.48 26.80
N VAL F 36 24.33 22.98 28.02
CA VAL F 36 23.22 23.71 28.61
C VAL F 36 22.88 24.98 27.87
N THR F 37 23.80 25.56 27.10
CA THR F 37 23.49 26.77 26.34
C THR F 37 22.50 26.39 25.28
N GLY F 38 21.22 26.63 25.55
CA GLY F 38 20.19 26.13 24.68
C GLY F 38 20.25 26.76 23.31
N TYR F 39 20.69 26.00 22.33
CA TYR F 39 20.78 26.49 20.97
C TYR F 39 19.46 26.27 20.26
N ILE F 40 19.31 26.92 19.11
CA ILE F 40 18.25 26.61 18.17
C ILE F 40 18.87 26.55 16.78
N VAL F 41 18.56 25.49 16.04
CA VAL F 41 19.06 25.34 14.69
C VAL F 41 17.90 25.11 13.74
N VAL F 42 17.92 25.82 12.62
CA VAL F 42 16.90 25.74 11.59
C VAL F 42 17.36 24.66 10.62
N ASN F 43 17.03 23.41 10.92
CA ASN F 43 17.39 22.33 10.02
C ASN F 43 16.61 22.48 8.73
N GLY F 44 17.32 22.73 7.64
CA GLY F 44 16.75 22.80 6.31
C GLY F 44 16.99 21.58 5.45
N SER F 45 17.47 20.48 6.04
CA SER F 45 17.78 19.30 5.25
C SER F 45 16.57 18.73 4.54
N GLY F 46 15.38 19.06 5.01
CA GLY F 46 14.19 18.58 4.32
C GLY F 46 14.16 19.04 2.88
N VAL F 47 13.72 18.16 2.00
CA VAL F 47 13.61 18.50 0.59
C VAL F 47 12.63 19.63 0.40
N GLN F 48 13.06 20.70 -0.26
CA GLN F 48 12.14 21.74 -0.68
C GLN F 48 11.63 21.40 -2.06
N ASN F 49 10.32 21.37 -2.20
CA ASN F 49 9.66 21.06 -3.45
C ASN F 49 8.93 22.28 -3.97
N VAL F 50 9.01 22.47 -5.29
CA VAL F 50 8.42 23.63 -5.90
C VAL F 50 6.93 23.41 -6.06
N LEU F 51 6.22 24.48 -6.32
CA LEU F 51 4.79 24.41 -6.58
C LEU F 51 4.43 25.02 -7.91
N SER F 52 5.04 26.14 -8.27
CA SER F 52 4.70 26.82 -9.51
C SER F 52 5.86 27.68 -9.93
N HIS F 53 5.85 28.05 -11.21
CA HIS F 53 6.90 28.90 -11.77
C HIS F 53 6.23 30.07 -12.48
N GLY F 54 6.01 31.13 -11.74
CA GLY F 54 5.40 32.29 -12.33
C GLY F 54 6.31 32.99 -13.31
N SER F 55 5.72 33.91 -14.06
CA SER F 55 6.47 34.72 -15.01
C SER F 55 5.65 35.98 -15.27
N SER F 56 6.06 37.09 -14.68
CA SER F 56 5.36 38.34 -14.87
C SER F 56 6.22 39.27 -15.70
N TYR F 57 5.59 40.32 -16.22
CA TYR F 57 6.29 41.23 -17.10
C TYR F 57 5.85 42.65 -16.81
N ASP F 58 6.81 43.57 -16.80
CA ASP F 58 6.55 44.96 -16.47
C ASP F 58 6.79 45.82 -17.70
N GLY F 59 5.98 46.86 -17.83
CA GLY F 59 5.94 47.62 -19.07
C GLY F 59 6.82 48.84 -19.17
N ASP F 60 6.71 49.77 -18.23
CA ASP F 60 7.40 51.05 -18.41
C ASP F 60 8.88 50.94 -18.05
N ALA F 61 9.17 50.72 -16.76
CA ALA F 61 10.53 50.37 -16.35
C ALA F 61 10.76 48.92 -16.75
N GLU F 62 10.87 48.73 -18.06
CA GLU F 62 10.53 47.47 -18.69
C GLU F 62 11.59 46.40 -18.38
N ILE F 63 11.24 45.48 -17.49
CA ILE F 63 11.98 44.25 -17.23
C ILE F 63 10.94 43.21 -16.86
N MET F 64 11.33 41.96 -16.69
CA MET F 64 10.36 40.97 -16.29
C MET F 64 10.87 40.18 -15.08
N GLU F 65 10.04 39.25 -14.62
CA GLU F 65 10.10 38.77 -13.25
C GLU F 65 9.79 37.28 -13.24
N TYR F 66 10.82 36.46 -13.10
CA TYR F 66 10.65 35.02 -13.03
C TYR F 66 10.60 34.61 -11.58
N SER F 67 9.49 34.01 -11.17
CA SER F 67 9.29 33.63 -9.79
C SER F 67 9.15 32.12 -9.68
N LYS F 68 9.35 31.61 -8.48
CA LYS F 68 9.24 30.17 -8.26
C LYS F 68 8.75 29.96 -6.84
N SER F 69 7.47 29.71 -6.67
CA SER F 69 6.93 29.40 -5.35
C SER F 69 7.31 27.99 -4.98
N GLU F 70 7.65 27.77 -3.72
CA GLU F 70 8.04 26.45 -3.25
C GLU F 70 7.85 26.38 -1.75
N SER F 71 8.06 25.18 -1.20
CA SER F 71 7.91 24.98 0.22
C SER F 71 8.88 23.91 0.69
N ARG F 72 9.27 24.04 1.95
CA ARG F 72 10.21 23.11 2.57
C ARG F 72 9.80 22.82 4.00
N LEU F 73 9.90 21.55 4.39
CA LEU F 73 9.65 21.15 5.78
C LEU F 73 10.91 21.43 6.59
N ILE F 74 11.09 22.68 6.95
CA ILE F 74 12.18 23.04 7.82
C ILE F 74 11.82 22.66 9.24
N THR F 75 12.72 21.96 9.90
CA THR F 75 12.51 21.58 11.29
C THR F 75 13.34 22.50 12.18
N LEU F 76 12.96 22.57 13.44
CA LEU F 76 13.69 23.37 14.41
C LEU F 76 14.17 22.44 15.51
N GLU F 77 15.46 22.47 15.77
CA GLU F 77 16.02 21.67 16.84
C GLU F 77 16.46 22.60 17.95
N PHE F 78 15.83 22.47 19.11
CA PHE F 78 16.22 23.20 20.31
C PHE F 78 17.11 22.31 21.16
N TYR F 79 18.18 22.89 21.68
CA TYR F 79 19.11 22.20 22.55
C TYR F 79 19.07 22.83 23.93
N GLY F 80 19.95 22.37 24.80
CA GLY F 80 20.19 23.00 26.07
C GLY F 80 19.22 22.57 27.15
N SER F 81 19.60 22.90 28.39
CA SER F 81 18.78 22.51 29.53
C SER F 81 17.38 23.03 29.39
N ASP F 82 17.24 24.25 28.86
CA ASP F 82 15.92 24.78 28.56
C ASP F 82 15.52 24.49 27.13
N ALA F 83 15.72 23.25 26.68
CA ALA F 83 15.22 22.93 25.35
C ALA F 83 13.71 22.86 25.36
N TYR F 84 13.16 22.10 26.30
CA TYR F 84 11.73 21.86 26.34
C TYR F 84 10.96 23.17 26.28
N GLU F 85 11.30 24.10 27.17
CA GLU F 85 10.61 25.37 27.18
C GLU F 85 10.74 26.07 25.83
N ASN F 86 11.97 26.24 25.36
CA ASN F 86 12.15 26.95 24.09
C ASN F 86 11.52 26.18 22.95
N ALA F 87 11.22 24.91 23.15
CA ALA F 87 10.34 24.23 22.21
C ALA F 87 8.91 24.70 22.39
N GLU F 88 8.32 24.39 23.54
CA GLU F 88 6.91 24.67 23.75
C GLU F 88 6.63 26.15 23.58
N LEU F 89 7.40 27.00 24.25
CA LEU F 89 7.11 28.44 24.19
C LEU F 89 7.22 28.94 22.75
N PHE F 90 8.03 28.29 21.93
CA PHE F 90 7.97 28.60 20.50
C PHE F 90 6.78 27.91 19.87
N SER F 91 6.65 26.60 20.06
CA SER F 91 5.60 25.83 19.43
C SER F 91 4.22 26.41 19.69
N LEU F 92 4.13 27.40 20.55
CA LEU F 92 2.87 28.00 20.92
C LEU F 92 2.80 29.48 20.62
N LEU F 93 3.93 30.20 20.63
CA LEU F 93 3.87 31.58 20.18
C LEU F 93 3.93 31.72 18.68
N ASN F 94 4.11 30.62 17.96
CA ASN F 94 4.26 30.70 16.52
C ASN F 94 3.07 31.35 15.85
N GLN F 95 1.92 31.32 16.50
CA GLN F 95 0.68 31.74 15.88
C GLN F 95 0.00 32.82 16.71
N SER F 96 0.79 33.74 17.24
CA SER F 96 0.33 34.83 18.08
C SER F 96 0.29 36.13 17.30
N GLN F 97 0.06 37.23 18.03
CA GLN F 97 0.45 38.54 17.53
C GLN F 97 1.93 38.66 17.27
N LYS F 98 2.77 38.30 18.23
CA LYS F 98 4.17 38.69 18.13
C LYS F 98 4.78 38.15 16.85
N ALA F 99 4.58 36.86 16.59
CA ALA F 99 5.11 36.27 15.37
C ALA F 99 4.50 36.91 14.14
N LYS F 100 3.18 36.93 14.10
CA LYS F 100 2.49 37.25 12.87
C LYS F 100 2.65 38.72 12.55
N GLU F 101 3.15 39.49 13.52
CA GLU F 101 3.41 40.91 13.45
C GLU F 101 4.87 41.22 13.18
N VAL F 102 5.78 40.30 13.51
CA VAL F 102 7.19 40.56 13.29
C VAL F 102 7.66 40.01 11.96
N SER F 103 7.00 39.00 11.42
CA SER F 103 7.35 38.47 10.12
C SER F 103 6.75 39.32 9.00
N ARG F 104 6.98 40.63 9.07
CA ARG F 104 6.43 41.58 8.11
C ARG F 104 7.02 41.41 6.73
N GLY F 105 8.31 41.71 6.58
CA GLY F 105 8.97 41.68 5.29
C GLY F 105 9.67 40.42 4.95
N LEU F 106 9.73 39.47 5.87
CA LEU F 106 10.35 38.18 5.60
C LEU F 106 9.50 37.48 4.56
N GLY F 107 9.95 37.48 3.32
CA GLY F 107 9.10 37.05 2.22
C GLY F 107 8.87 35.57 2.32
N LEU F 108 8.12 35.17 3.34
CA LEU F 108 8.10 33.79 3.78
C LEU F 108 6.87 33.57 4.65
N THR F 109 5.91 32.79 4.17
CA THR F 109 4.76 32.41 4.99
C THR F 109 5.25 31.58 6.16
N ILE F 110 4.35 31.30 7.09
CA ILE F 110 4.70 30.50 8.26
C ILE F 110 3.51 29.66 8.64
N TYR F 111 3.63 28.35 8.50
CA TYR F 111 2.52 27.47 8.79
C TYR F 111 2.58 27.01 10.24
N ASN F 112 1.54 26.30 10.65
CA ASN F 112 1.44 25.87 12.04
C ASN F 112 2.49 24.81 12.34
N VAL F 113 2.89 24.73 13.61
CA VAL F 113 3.81 23.67 13.99
C VAL F 113 3.08 22.34 13.88
N SER F 114 3.68 21.40 13.16
CA SER F 114 2.97 20.18 12.81
C SER F 114 3.09 19.13 13.89
N GLN F 115 4.31 18.86 14.33
CA GLN F 115 4.55 17.83 15.32
C GLN F 115 5.82 18.18 16.07
N ALA F 116 6.00 17.53 17.22
CA ALA F 116 7.20 17.71 18.01
C ALA F 116 7.76 16.35 18.39
N THR F 117 8.99 16.36 18.88
CA THR F 117 9.66 15.15 19.30
C THR F 117 10.78 15.55 20.25
N ASP F 118 11.00 14.77 21.29
CA ASP F 118 12.13 15.00 22.18
C ASP F 118 13.25 14.01 21.88
N VAL F 119 13.48 13.73 20.60
CA VAL F 119 14.61 12.90 20.22
C VAL F 119 15.90 13.58 20.62
N LYS F 120 16.60 13.00 21.57
CA LYS F 120 17.82 13.57 22.07
C LYS F 120 18.97 13.15 21.15
N GLN F 121 20.20 13.47 21.53
CA GLN F 121 21.35 13.10 20.74
C GLN F 121 22.33 12.28 21.59
N LEU F 122 22.87 11.22 21.00
CA LEU F 122 23.81 10.35 21.68
C LEU F 122 25.12 11.08 21.91
N LEU F 123 25.21 11.87 22.96
CA LEU F 123 26.44 12.59 23.23
C LEU F 123 27.43 11.72 23.98
N GLY F 124 27.71 10.53 23.45
CA GLY F 124 28.80 9.73 23.98
C GLY F 124 28.66 9.31 25.42
N TYR F 125 27.77 8.36 25.71
CA TYR F 125 27.51 7.90 27.07
C TYR F 125 26.80 8.96 27.89
N GLN F 126 26.08 9.84 27.21
CA GLN F 126 25.28 10.83 27.91
C GLN F 126 24.24 11.35 26.93
N TYR F 127 23.16 11.90 27.48
CA TYR F 127 22.03 12.35 26.68
C TYR F 127 21.83 13.84 26.89
N GLY F 128 21.96 14.60 25.81
CA GLY F 128 21.77 16.04 25.85
C GLY F 128 20.40 16.37 25.30
N ASN F 129 19.73 17.32 25.94
CA ASN F 129 18.37 17.64 25.56
C ASN F 129 18.34 18.16 24.13
N ARG F 130 17.42 17.61 23.34
CA ARG F 130 17.29 18.00 21.94
C ARG F 130 15.87 17.71 21.51
N VAL F 131 15.18 18.73 21.00
CA VAL F 131 13.79 18.58 20.60
C VAL F 131 13.61 19.12 19.20
N HIS F 132 12.91 18.37 18.37
CA HIS F 132 12.57 18.79 17.02
C HIS F 132 11.11 19.21 16.97
N VAL F 133 10.84 20.30 16.27
CA VAL F 133 9.48 20.68 15.95
C VAL F 133 9.40 20.90 14.45
N ASP F 134 8.31 20.45 13.85
CA ASP F 134 8.14 20.49 12.42
C ASP F 134 7.13 21.54 12.03
N PHE F 135 7.38 22.20 10.90
CA PHE F 135 6.38 23.07 10.29
C PHE F 135 6.80 23.35 8.87
N ASN F 136 5.89 23.11 7.93
CA ASN F 136 6.14 23.46 6.54
C ASN F 136 6.26 24.97 6.40
N ILE F 137 7.22 25.40 5.63
CA ILE F 137 7.42 26.82 5.41
C ILE F 137 7.27 27.01 3.91
N GLN F 138 6.66 28.10 3.49
CA GLN F 138 6.42 28.30 2.07
C GLN F 138 6.85 29.70 1.66
N TYR F 139 7.63 29.78 0.60
CA TYR F 139 8.19 31.04 0.16
C TYR F 139 8.28 31.03 -1.35
N CYS F 140 8.89 32.06 -1.91
CA CYS F 140 8.98 32.12 -3.35
C CYS F 140 10.14 32.99 -3.79
N PRO F 141 11.26 32.38 -4.15
CA PRO F 141 12.36 33.17 -4.70
C PRO F 141 11.99 33.75 -6.05
N SER F 142 12.74 34.78 -6.43
CA SER F 142 12.44 35.51 -7.64
C SER F 142 13.74 36.04 -8.23
N VAL F 143 13.69 36.33 -9.53
CA VAL F 143 14.78 37.01 -10.19
C VAL F 143 14.17 37.92 -11.24
N TYR F 144 14.90 38.96 -11.59
CA TYR F 144 14.45 39.93 -12.58
C TYR F 144 15.42 39.95 -13.73
N VAL F 145 14.88 40.02 -14.94
CA VAL F 145 15.68 39.94 -16.15
C VAL F 145 15.31 41.09 -17.06
N GLU F 146 16.31 41.70 -17.69
CA GLU F 146 16.08 42.81 -18.60
C GLU F 146 15.81 42.24 -19.99
N THR F 147 14.57 41.89 -20.25
CA THR F 147 14.13 41.62 -21.60
C THR F 147 13.64 42.93 -22.20
N LEU F 148 12.93 42.86 -23.33
CA LEU F 148 12.41 44.08 -23.92
C LEU F 148 11.13 43.80 -24.66
N ARG F 149 10.25 44.79 -24.69
CA ARG F 149 8.90 44.60 -25.19
C ARG F 149 8.87 44.71 -26.71
N VAL F 150 7.68 44.56 -27.27
CA VAL F 150 7.46 44.73 -28.70
C VAL F 150 6.53 45.92 -28.89
N ASP F 151 6.96 46.88 -29.71
CA ASP F 151 6.21 48.11 -29.88
C ASP F 151 5.22 48.02 -31.03
N ALA F 152 5.49 47.18 -32.01
CA ALA F 152 4.60 47.02 -33.16
C ALA F 152 4.84 45.65 -33.75
N SER F 153 4.24 45.39 -34.90
CA SER F 153 4.48 44.15 -35.61
C SER F 153 4.09 44.33 -37.07
N GLU F 154 5.08 44.46 -37.94
CA GLU F 154 4.82 44.54 -39.37
C GLU F 154 4.61 43.14 -39.92
N PHE F 155 3.78 43.03 -40.94
CA PHE F 155 3.51 41.70 -41.49
C PHE F 155 2.68 41.80 -42.77
N GLU F 156 2.60 40.68 -43.45
CA GLU F 156 2.00 40.58 -44.77
C GLU F 156 1.13 39.34 -44.86
N ILE F 157 0.11 39.41 -45.70
CA ILE F 157 -0.91 38.38 -45.81
C ILE F 157 -0.94 37.91 -47.25
N LEU F 158 -1.58 36.77 -47.49
CA LEU F 158 -1.76 36.30 -48.85
C LEU F 158 -2.98 35.40 -48.94
N VAL F 159 -3.49 35.26 -50.15
CA VAL F 159 -4.81 34.67 -50.37
C VAL F 159 -4.82 34.02 -51.74
N ASP F 160 -5.67 33.02 -51.91
CA ASP F 160 -5.87 32.42 -53.22
C ASP F 160 -6.94 33.13 -54.03
N MET G 1 14.99 -37.33 67.26
CA MET G 1 16.38 -37.23 67.71
C MET G 1 17.33 -37.22 66.52
N SER G 2 18.61 -36.95 66.80
CA SER G 2 19.62 -36.94 65.76
C SER G 2 19.80 -38.35 65.22
N ILE G 3 19.30 -38.61 64.02
CA ILE G 3 19.28 -39.97 63.49
C ILE G 3 20.70 -40.42 63.21
N GLN G 4 20.89 -41.72 63.10
CA GLN G 4 22.18 -42.31 62.82
C GLN G 4 22.07 -43.16 61.58
N VAL G 5 23.11 -43.15 60.76
CA VAL G 5 23.08 -43.87 59.50
C VAL G 5 24.15 -44.95 59.54
N THR G 6 23.76 -46.16 59.15
CA THR G 6 24.72 -47.26 59.09
C THR G 6 24.64 -47.86 57.70
N GLY G 7 25.79 -48.19 57.14
CA GLY G 7 25.77 -48.96 55.91
C GLY G 7 27.14 -49.52 55.66
N ILE G 8 27.22 -50.35 54.64
CA ILE G 8 28.48 -50.89 54.17
C ILE G 8 28.63 -50.44 52.72
N ILE G 9 29.58 -49.55 52.46
CA ILE G 9 29.78 -49.08 51.10
C ILE G 9 30.40 -50.18 50.28
N GLU G 10 29.80 -50.46 49.13
CA GLU G 10 30.19 -51.59 48.30
C GLU G 10 30.50 -51.10 46.90
N GLY G 11 31.70 -51.40 46.42
CA GLY G 11 32.00 -51.21 45.02
C GLY G 11 31.20 -52.20 44.21
N PRO G 12 30.99 -51.90 42.92
CA PRO G 12 30.15 -52.77 42.09
C PRO G 12 30.64 -54.21 41.98
N LEU G 13 31.80 -54.53 42.56
CA LEU G 13 32.40 -55.85 42.41
C LEU G 13 32.45 -56.62 43.71
N GLY G 14 31.52 -56.36 44.62
CA GLY G 14 31.48 -57.14 45.84
C GLY G 14 32.66 -56.94 46.76
N THR G 15 33.50 -55.95 46.48
CA THR G 15 34.66 -55.66 47.31
C THR G 15 34.44 -54.34 48.03
N PRO G 16 34.25 -54.34 49.35
CA PRO G 16 34.06 -53.08 50.06
C PRO G 16 35.28 -52.19 49.91
N SER G 17 35.13 -50.96 50.37
CA SER G 17 36.21 -49.98 50.25
C SER G 17 36.42 -49.25 51.57
N PRO G 18 37.57 -49.39 52.19
CA PRO G 18 37.76 -48.80 53.53
C PRO G 18 38.03 -47.31 53.49
N GLY G 19 38.82 -46.86 52.52
CA GLY G 19 39.29 -45.50 52.56
C GLY G 19 38.43 -44.53 51.80
N ILE G 20 37.18 -44.37 52.23
CA ILE G 20 36.25 -43.42 51.61
C ILE G 20 36.18 -42.20 52.52
N THR G 21 36.32 -41.03 51.93
CA THR G 21 36.20 -39.78 52.68
C THR G 21 34.87 -39.14 52.30
N ILE G 22 33.94 -39.12 53.25
CA ILE G 22 32.61 -38.58 53.04
C ILE G 22 32.54 -37.22 53.68
N ARG G 23 32.05 -36.24 52.93
CA ARG G 23 32.02 -34.85 53.37
C ARG G 23 30.59 -34.38 53.41
N VAL G 24 30.08 -34.09 54.61
CA VAL G 24 28.74 -33.58 54.78
C VAL G 24 28.86 -32.10 55.08
N VAL G 25 28.14 -31.28 54.32
CA VAL G 25 28.12 -29.85 54.58
C VAL G 25 26.70 -29.35 54.58
N SER G 26 26.36 -28.57 55.59
CA SER G 26 25.02 -28.01 55.75
C SER G 26 25.00 -26.58 55.25
N LYS G 27 23.88 -26.23 54.62
CA LYS G 27 23.71 -24.90 54.04
C LYS G 27 22.41 -24.26 54.47
N ILE G 28 21.97 -24.54 55.69
CA ILE G 28 20.85 -23.85 56.29
C ILE G 28 21.21 -23.46 57.71
N SER G 29 20.89 -22.23 58.08
CA SER G 29 20.94 -21.83 59.47
C SER G 29 19.84 -22.59 60.21
N TYR G 30 20.22 -23.61 60.95
CA TYR G 30 19.27 -24.48 61.61
C TYR G 30 19.76 -24.73 63.03
N ARG G 31 18.87 -25.19 63.89
CA ARG G 31 19.20 -25.31 65.30
C ARG G 31 20.50 -26.08 65.50
N ASN G 32 21.47 -25.40 66.12
CA ASN G 32 22.76 -26.00 66.44
C ASN G 32 23.48 -26.48 65.18
N THR G 33 23.41 -25.69 64.11
CA THR G 33 24.16 -25.99 62.89
C THR G 33 24.10 -24.77 61.99
N TYR G 34 25.21 -24.46 61.33
CA TYR G 34 25.27 -23.22 60.58
C TYR G 34 25.37 -23.47 59.10
N ARG G 35 25.13 -22.40 58.35
CA ARG G 35 25.29 -22.43 56.91
C ARG G 35 26.73 -22.75 56.55
N LEU G 36 26.89 -23.52 55.48
CA LEU G 36 28.21 -23.86 54.96
C LEU G 36 29.09 -24.50 56.01
N SER G 37 28.51 -25.27 56.92
CA SER G 37 29.30 -25.91 57.97
C SER G 37 29.69 -27.30 57.48
N THR G 38 30.97 -27.58 57.50
CA THR G 38 31.52 -28.78 56.88
C THR G 38 31.92 -29.81 57.92
N GLU G 39 32.01 -31.05 57.48
CA GLU G 39 32.55 -32.11 58.32
C GLU G 39 32.89 -33.33 57.49
N ASP G 40 33.88 -34.08 57.97
CA ASP G 40 34.43 -35.23 57.27
C ASP G 40 34.23 -36.48 58.09
N TYR G 41 34.17 -37.62 57.40
CA TYR G 41 34.12 -38.91 58.07
C TYR G 41 34.82 -39.92 57.18
N VAL G 42 35.57 -40.82 57.79
CA VAL G 42 36.30 -41.86 57.08
C VAL G 42 35.73 -43.19 57.50
N THR G 43 35.35 -44.01 56.52
CA THR G 43 34.81 -45.32 56.80
C THR G 43 35.88 -46.22 57.41
N THR G 44 35.47 -47.07 58.33
CA THR G 44 36.39 -48.00 58.95
C THR G 44 36.53 -49.24 58.08
N THR G 45 37.30 -50.21 58.57
CA THR G 45 37.53 -51.44 57.82
C THR G 45 36.21 -52.10 57.46
N GLY G 46 36.25 -52.93 56.44
CA GLY G 46 35.04 -53.52 55.94
C GLY G 46 34.17 -52.59 55.15
N GLY G 47 34.59 -51.34 54.96
CA GLY G 47 33.84 -50.40 54.15
C GLY G 47 32.50 -50.07 54.74
N ALA G 48 32.46 -49.84 56.04
CA ALA G 48 31.22 -49.54 56.76
C ALA G 48 31.26 -48.12 57.28
N TYR G 49 30.19 -47.38 57.00
CA TYR G 49 30.04 -46.01 57.46
C TYR G 49 28.97 -45.95 58.53
N ASP G 50 29.23 -45.17 59.57
CA ASP G 50 28.27 -44.93 60.64
C ASP G 50 28.54 -43.58 61.29
N PHE G 51 27.52 -42.72 61.26
CA PHE G 51 27.62 -41.42 61.91
C PHE G 51 26.23 -40.89 62.18
N GLN G 52 26.16 -39.90 63.06
CA GLN G 52 24.92 -39.19 63.36
C GLN G 52 24.99 -37.81 62.74
N LEU G 53 24.02 -37.46 61.91
CA LEU G 53 23.94 -36.14 61.32
C LEU G 53 22.80 -35.37 61.97
N ASN G 54 23.12 -34.20 62.49
CA ASN G 54 22.09 -33.36 63.11
C ASN G 54 21.07 -32.95 62.05
N GLU G 55 19.82 -32.76 62.48
CA GLU G 55 18.76 -32.45 61.54
C GLU G 55 19.08 -31.20 60.74
N GLY G 56 18.52 -31.13 59.53
CA GLY G 56 18.71 -29.95 58.71
C GLY G 56 18.79 -30.34 57.25
N PHE G 57 19.45 -29.50 56.48
CA PHE G 57 19.61 -29.67 55.05
C PHE G 57 21.09 -29.84 54.72
N HIS G 58 21.49 -31.07 54.41
CA HIS G 58 22.88 -31.45 54.35
C HIS G 58 23.18 -32.06 52.99
N LYS G 59 24.06 -31.44 52.23
CA LYS G 59 24.51 -32.03 50.98
C LYS G 59 25.75 -32.87 51.26
N ILE G 60 25.85 -33.99 50.55
CA ILE G 60 26.82 -35.03 50.87
C ILE G 60 27.71 -35.23 49.66
N LEU G 61 29.01 -35.33 49.90
CA LEU G 61 30.00 -35.46 48.85
C LEU G 61 30.88 -36.68 49.11
N ILE G 62 31.34 -37.29 48.04
CA ILE G 62 32.20 -38.47 48.09
C ILE G 62 33.59 -38.11 47.61
N ARG G 63 34.60 -38.69 48.24
CA ARG G 63 35.91 -38.83 47.61
C ARG G 63 36.36 -40.25 47.84
N TYR G 64 36.63 -40.95 46.74
CA TYR G 64 37.10 -42.33 46.80
C TYR G 64 38.59 -42.33 47.16
N ARG G 65 39.25 -43.47 46.98
CA ARG G 65 40.64 -43.65 47.40
C ARG G 65 41.51 -42.45 47.06
N GLY G 66 41.58 -42.09 45.78
CA GLY G 66 42.28 -40.89 45.40
C GLY G 66 41.50 -40.17 44.34
N ALA G 67 41.11 -38.93 44.59
CA ALA G 67 40.29 -38.21 43.65
C ALA G 67 40.64 -36.73 43.72
N SER G 68 40.77 -36.11 42.55
CA SER G 68 41.01 -34.67 42.52
C SER G 68 39.87 -33.91 43.18
N SER G 69 38.68 -34.01 42.61
CA SER G 69 37.54 -33.27 43.10
C SER G 69 36.63 -34.18 43.93
N PHE G 70 35.48 -33.64 44.31
CA PHE G 70 34.50 -34.33 45.13
C PHE G 70 33.28 -34.64 44.28
N THR G 71 32.81 -35.87 44.34
CA THR G 71 31.62 -36.25 43.61
C THR G 71 30.40 -35.95 44.47
N LYS G 72 29.41 -35.30 43.87
CA LYS G 72 28.21 -34.87 44.58
C LYS G 72 27.15 -35.93 44.41
N LEU G 73 26.74 -36.54 45.53
CA LEU G 73 25.73 -37.58 45.44
C LEU G 73 24.33 -37.02 45.64
N GLY G 74 24.18 -35.94 46.39
CA GLY G 74 22.86 -35.39 46.61
C GLY G 74 22.84 -34.53 47.86
N ASP G 75 21.62 -34.22 48.29
CA ASP G 75 21.41 -33.35 49.43
C ASP G 75 20.22 -33.84 50.27
N VAL G 76 20.54 -34.55 51.34
CA VAL G 76 19.50 -35.07 52.20
C VAL G 76 18.92 -33.95 53.05
N SER G 77 17.75 -34.21 53.60
CA SER G 77 17.13 -33.33 54.58
C SER G 77 16.52 -34.19 55.68
N VAL G 78 16.96 -34.00 56.91
CA VAL G 78 16.51 -34.81 58.03
C VAL G 78 15.76 -33.93 59.01
N SER G 79 14.63 -34.42 59.49
CA SER G 79 13.76 -33.68 60.39
C SER G 79 13.68 -34.40 61.74
N ASP G 80 12.78 -33.90 62.59
CA ASP G 80 12.62 -34.44 63.93
C ASP G 80 12.33 -35.92 63.91
N GLN G 81 11.35 -36.33 63.13
CA GLN G 81 11.06 -37.74 62.96
C GLN G 81 11.47 -38.16 61.56
N THR G 82 12.29 -39.19 61.48
CA THR G 82 12.89 -39.73 60.28
C THR G 82 13.53 -41.03 60.72
N PRO G 83 13.41 -42.11 59.97
CA PRO G 83 13.81 -43.43 60.48
C PRO G 83 15.22 -43.42 61.03
N SER G 84 15.37 -43.86 62.28
CA SER G 84 16.68 -43.82 62.89
C SER G 84 17.61 -44.82 62.19
N PRO G 85 17.42 -46.13 62.30
CA PRO G 85 18.38 -47.01 61.65
C PRO G 85 18.12 -47.03 60.15
N ILE G 86 18.96 -46.34 59.40
CA ILE G 86 18.76 -46.19 57.96
C ILE G 86 20.12 -46.16 57.28
N THR G 87 20.19 -46.77 56.10
CA THR G 87 21.34 -46.58 55.24
C THR G 87 21.31 -45.17 54.66
N LEU G 88 22.39 -44.77 54.00
CA LEU G 88 22.36 -43.42 53.46
C LEU G 88 21.55 -43.36 52.18
N ILE G 89 21.54 -44.44 51.40
CA ILE G 89 20.84 -44.42 50.11
C ILE G 89 19.36 -44.13 50.34
N ASN G 90 18.75 -44.85 51.28
CA ASN G 90 17.36 -44.58 51.59
C ASN G 90 17.18 -43.24 52.29
N LEU G 91 18.27 -42.62 52.76
CA LEU G 91 18.17 -41.24 53.22
C LEU G 91 18.08 -40.28 52.04
N LEU G 92 18.92 -40.47 51.03
CA LEU G 92 18.93 -39.52 49.93
C LEU G 92 17.73 -39.69 49.02
N GLU G 93 17.33 -40.94 48.74
CA GLU G 93 16.17 -41.14 47.89
C GLU G 93 14.91 -40.63 48.56
N SER G 94 14.83 -40.74 49.88
CA SER G 94 13.64 -40.31 50.60
C SER G 94 13.76 -38.89 51.14
N SER G 95 14.86 -38.20 50.88
CA SER G 95 14.99 -36.83 51.40
C SER G 95 15.84 -36.03 50.43
N SER G 96 15.17 -35.34 49.53
CA SER G 96 15.79 -34.40 48.62
C SER G 96 14.68 -33.56 48.04
N PRO G 97 14.93 -32.30 47.72
CA PRO G 97 13.86 -31.41 47.25
C PRO G 97 12.91 -32.06 46.24
N LYS G 98 13.42 -32.56 45.13
CA LYS G 98 12.54 -33.21 44.16
C LYS G 98 11.81 -34.39 44.81
N ALA G 99 12.56 -35.27 45.47
CA ALA G 99 11.93 -36.42 46.10
C ALA G 99 11.00 -36.00 47.22
N LEU G 100 11.38 -34.98 47.99
CA LEU G 100 10.52 -34.52 49.07
C LEU G 100 9.19 -34.04 48.55
N VAL G 101 9.21 -33.16 47.55
CA VAL G 101 7.96 -32.62 47.05
C VAL G 101 7.14 -33.70 46.38
N VAL G 102 7.79 -34.63 45.68
CA VAL G 102 6.99 -35.64 45.00
C VAL G 102 6.38 -36.59 46.01
N LYS G 103 7.09 -36.88 47.10
CA LYS G 103 6.51 -37.68 48.16
C LYS G 103 5.34 -36.95 48.80
N LEU G 104 5.46 -35.64 48.96
CA LEU G 104 4.35 -34.88 49.51
C LEU G 104 3.13 -34.95 48.60
N GLN G 105 3.34 -34.83 47.29
CA GLN G 105 2.23 -34.97 46.35
C GLN G 105 1.60 -36.36 46.45
N GLU G 106 2.44 -37.40 46.48
CA GLU G 106 1.94 -38.76 46.63
C GLU G 106 1.09 -38.88 47.89
N LEU G 107 1.57 -38.33 48.98
CA LEU G 107 0.85 -38.44 50.23
C LEU G 107 -0.46 -37.69 50.17
N ALA G 108 -0.45 -36.51 49.56
CA ALA G 108 -1.69 -35.74 49.46
C ALA G 108 -2.73 -36.51 48.69
N ASP G 109 -2.35 -37.12 47.58
CA ASP G 109 -3.31 -37.89 46.81
C ASP G 109 -3.80 -39.10 47.59
N GLU G 110 -2.89 -39.80 48.29
CA GLU G 110 -3.31 -40.95 49.07
C GLU G 110 -4.33 -40.54 50.13
N ALA G 111 -4.04 -39.48 50.86
CA ALA G 111 -4.95 -39.03 51.89
C ALA G 111 -6.27 -38.60 51.29
N SER G 112 -6.23 -37.94 50.12
CA SER G 112 -7.47 -37.51 49.49
C SER G 112 -8.34 -38.70 49.11
N GLU G 113 -7.73 -39.74 48.54
CA GLU G 113 -8.52 -40.91 48.20
C GLU G 113 -9.06 -41.58 49.44
N SER G 114 -8.25 -41.65 50.51
CA SER G 114 -8.75 -42.23 51.75
C SER G 114 -9.95 -41.47 52.25
N ALA G 115 -9.88 -40.14 52.20
CA ALA G 115 -10.99 -39.32 52.68
C ALA G 115 -12.24 -39.56 51.84
N GLN G 116 -12.07 -39.63 50.52
CA GLN G 116 -13.23 -39.87 49.67
C GLN G 116 -13.85 -41.23 49.94
N SER G 117 -13.01 -42.26 50.11
CA SER G 117 -13.54 -43.58 50.40
C SER G 117 -14.26 -43.59 51.73
N ALA G 118 -13.70 -42.92 52.74
CA ALA G 118 -14.35 -42.87 54.04
C ALA G 118 -15.69 -42.15 53.95
N SER G 119 -15.73 -41.03 53.22
CA SER G 119 -16.98 -40.29 53.09
C SER G 119 -18.03 -41.13 52.36
N ASP G 120 -17.63 -41.81 51.29
CA ASP G 120 -18.59 -42.63 50.56
C ASP G 120 -19.10 -43.79 51.42
N ASP G 121 -18.22 -44.41 52.20
CA ASP G 121 -18.67 -45.48 53.08
C ASP G 121 -19.61 -44.95 54.15
N ALA G 122 -19.33 -43.76 54.68
CA ALA G 122 -20.23 -43.15 55.66
C ALA G 122 -21.58 -42.88 55.04
N ASP G 123 -21.59 -42.37 53.81
CA ASP G 123 -22.86 -42.17 53.12
C ASP G 123 -23.60 -43.48 52.95
N GLN G 124 -22.88 -44.54 52.57
CA GLN G 124 -23.52 -45.83 52.36
C GLN G 124 -24.13 -46.36 53.65
N VAL G 125 -23.43 -46.17 54.77
CA VAL G 125 -23.98 -46.62 56.04
C VAL G 125 -25.06 -45.66 56.51
N THR G 126 -25.17 -44.49 55.88
CA THR G 126 -26.19 -43.53 56.25
C THR G 126 -27.05 -43.16 55.05
N MET H 1 19.12 -3.43 78.52
CA MET H 1 18.34 -3.52 77.30
C MET H 1 19.06 -4.38 76.26
N SER H 2 20.40 -4.37 76.33
CA SER H 2 21.20 -5.15 75.40
C SER H 2 20.88 -6.62 75.55
N ILE H 3 21.00 -7.35 74.44
CA ILE H 3 20.50 -8.73 74.34
C ILE H 3 21.69 -9.67 74.24
N GLN H 4 21.74 -10.66 75.13
CA GLN H 4 22.84 -11.59 75.14
C GLN H 4 22.44 -12.87 74.43
N VAL H 5 23.42 -13.57 73.87
CA VAL H 5 23.17 -14.81 73.15
C VAL H 5 24.11 -15.89 73.67
N THR H 6 23.56 -17.05 73.97
CA THR H 6 24.33 -18.15 74.52
C THR H 6 23.84 -19.44 73.89
N GLY H 7 24.77 -20.21 73.34
CA GLY H 7 24.40 -21.46 72.71
C GLY H 7 25.60 -22.32 72.45
N ILE H 8 25.37 -23.42 71.76
CA ILE H 8 26.40 -24.39 71.42
C ILE H 8 26.39 -24.57 69.92
N ILE H 9 27.57 -24.50 69.30
CA ILE H 9 27.68 -24.57 67.84
C ILE H 9 28.02 -26.00 67.47
N GLU H 10 27.00 -26.81 67.28
CA GLU H 10 27.17 -28.20 66.92
C GLU H 10 27.52 -28.29 65.45
N GLY H 11 28.54 -29.07 65.13
CA GLY H 11 28.86 -29.34 63.76
C GLY H 11 27.78 -30.18 63.13
N PRO H 12 27.73 -30.22 61.80
CA PRO H 12 26.65 -30.96 61.12
C PRO H 12 26.58 -32.42 61.49
N LEU H 13 27.64 -33.01 62.01
CA LEU H 13 27.62 -34.42 62.41
C LEU H 13 27.43 -34.58 63.91
N GLY H 14 26.75 -33.64 64.56
CA GLY H 14 26.56 -33.75 65.99
C GLY H 14 27.83 -33.61 66.79
N THR H 15 28.89 -33.04 66.22
CA THR H 15 30.16 -32.88 66.91
C THR H 15 30.48 -31.41 67.06
N PRO H 16 30.72 -30.92 68.26
CA PRO H 16 30.97 -29.50 68.42
C PRO H 16 32.35 -29.14 67.90
N SER H 17 32.67 -27.85 67.91
CA SER H 17 33.93 -27.38 67.35
C SER H 17 34.36 -26.07 68.00
N PRO H 18 35.43 -26.06 68.76
CA PRO H 18 35.86 -24.85 69.47
C PRO H 18 36.88 -24.02 68.68
N GLY H 19 36.52 -23.60 67.48
CA GLY H 19 37.42 -22.74 66.75
C GLY H 19 36.78 -21.64 65.91
N ILE H 20 35.47 -21.60 65.87
CA ILE H 20 34.76 -20.68 65.00
C ILE H 20 34.83 -19.28 65.58
N THR H 21 34.94 -18.28 64.71
CA THR H 21 34.80 -16.90 65.13
C THR H 21 33.66 -16.28 64.35
N ILE H 22 32.76 -15.63 65.09
CA ILE H 22 31.55 -15.04 64.57
C ILE H 22 31.76 -13.55 64.53
N ARG H 23 31.62 -12.94 63.36
CA ARG H 23 31.76 -11.49 63.30
C ARG H 23 30.43 -10.89 62.90
N VAL H 24 30.13 -9.73 63.44
CA VAL H 24 28.94 -8.98 63.07
C VAL H 24 29.36 -7.59 62.65
N VAL H 25 28.74 -7.09 61.59
CA VAL H 25 28.98 -5.73 61.11
C VAL H 25 27.65 -5.01 61.07
N SER H 26 27.61 -3.82 61.63
CA SER H 26 26.34 -3.10 61.73
C SER H 26 25.86 -2.70 60.34
N LYS H 27 24.61 -3.04 60.06
CA LYS H 27 23.93 -2.61 58.84
C LYS H 27 23.84 -1.10 58.71
N ILE H 28 23.10 -0.49 59.62
CA ILE H 28 22.84 0.93 59.59
C ILE H 28 23.51 1.54 60.81
N SER H 29 23.66 2.85 60.80
CA SER H 29 24.16 3.56 61.98
C SER H 29 22.99 3.72 62.93
N TYR H 30 22.92 2.85 63.92
CA TYR H 30 21.89 2.89 64.94
C TYR H 30 22.41 3.67 66.14
N ARG H 31 21.65 3.66 67.23
CA ARG H 31 22.10 4.38 68.41
C ARG H 31 23.39 3.76 68.94
N ASN H 32 24.36 4.63 69.24
CA ASN H 32 25.64 4.24 69.83
C ASN H 32 26.52 3.40 68.90
N THR H 33 26.03 3.00 67.74
CA THR H 33 26.84 2.20 66.84
C THR H 33 26.68 2.71 65.42
N TYR H 34 27.74 2.57 64.64
CA TYR H 34 27.78 3.21 63.34
C TYR H 34 27.85 2.16 62.23
N ARG H 35 27.66 2.64 61.01
CA ARG H 35 27.65 1.75 59.85
C ARG H 35 28.99 1.06 59.71
N LEU H 36 28.95 -0.21 59.28
CA LEU H 36 30.15 -1.02 59.06
C LEU H 36 31.03 -1.11 60.31
N SER H 37 30.43 -0.93 61.48
CA SER H 37 31.18 -1.08 62.73
C SER H 37 31.32 -2.56 63.01
N THR H 38 32.38 -3.14 62.48
CA THR H 38 32.60 -4.55 62.65
C THR H 38 32.93 -4.91 64.09
N GLU H 39 32.85 -6.21 64.38
CA GLU H 39 33.42 -6.74 65.60
C GLU H 39 33.36 -8.25 65.51
N ASP H 40 34.40 -8.94 65.98
CA ASP H 40 34.45 -10.39 65.92
C ASP H 40 34.55 -10.99 67.33
N TYR H 41 33.99 -12.19 67.49
CA TYR H 41 34.01 -12.90 68.76
C TYR H 41 34.40 -14.36 68.54
N VAL H 42 35.38 -14.82 69.30
CA VAL H 42 35.91 -16.17 69.15
C VAL H 42 35.08 -17.13 69.98
N THR H 43 34.80 -18.31 69.43
CA THR H 43 34.03 -19.26 70.21
C THR H 43 34.87 -19.80 71.36
N THR H 44 34.18 -20.48 72.29
CA THR H 44 34.83 -21.03 73.47
C THR H 44 34.92 -22.55 73.37
N THR H 45 35.42 -23.16 74.42
CA THR H 45 35.58 -24.60 74.44
C THR H 45 34.23 -25.30 74.42
N GLY H 46 34.22 -26.52 73.90
CA GLY H 46 32.97 -27.23 73.77
C GLY H 46 32.07 -26.73 72.68
N GLY H 47 32.53 -25.81 71.85
CA GLY H 47 31.70 -25.27 70.79
C GLY H 47 30.61 -24.34 71.27
N ALA H 48 30.75 -23.77 72.45
CA ALA H 48 29.74 -22.90 73.01
C ALA H 48 30.19 -21.45 72.93
N TYR H 49 29.20 -20.56 72.88
CA TYR H 49 29.41 -19.13 72.88
C TYR H 49 28.46 -18.51 73.88
N ASP H 50 28.89 -17.40 74.46
CA ASP H 50 28.04 -16.64 75.38
C ASP H 50 28.51 -15.20 75.31
N PHE H 51 27.83 -14.38 74.51
CA PHE H 51 28.28 -13.02 74.32
C PHE H 51 27.11 -12.05 74.20
N GLN H 52 27.39 -10.82 74.62
CA GLN H 52 26.44 -9.72 74.54
C GLN H 52 26.19 -9.35 73.08
N LEU H 53 25.17 -8.54 72.84
CA LEU H 53 24.95 -7.96 71.52
C LEU H 53 24.02 -6.78 71.66
N ASN H 54 24.41 -5.66 71.07
CA ASN H 54 23.58 -4.48 71.08
C ASN H 54 22.41 -4.65 70.12
N GLU H 55 21.37 -3.89 70.38
CA GLU H 55 20.26 -3.81 69.45
C GLU H 55 20.66 -2.97 68.26
N GLY H 56 20.02 -3.25 67.12
CA GLY H 56 20.35 -2.59 65.89
C GLY H 56 20.12 -3.52 64.71
N PHE H 57 20.90 -3.38 63.66
CA PHE H 57 20.82 -4.27 62.51
C PHE H 57 22.22 -4.63 62.07
N HIS H 58 22.47 -5.92 61.90
CA HIS H 58 23.84 -6.37 61.69
C HIS H 58 23.88 -7.58 60.78
N LYS H 59 24.75 -7.55 59.78
CA LYS H 59 25.20 -8.78 59.16
C LYS H 59 25.93 -9.63 60.18
N ILE H 60 25.61 -10.91 60.20
CA ILE H 60 26.35 -11.91 60.95
C ILE H 60 27.04 -12.81 59.94
N LEU H 61 28.35 -12.91 60.05
CA LEU H 61 29.18 -13.80 59.25
C LEU H 61 29.93 -14.70 60.22
N ILE H 62 30.34 -15.88 59.78
CA ILE H 62 31.15 -16.74 60.64
C ILE H 62 32.30 -17.31 59.83
N ARG H 63 33.32 -17.78 60.55
CA ARG H 63 34.39 -18.51 59.90
C ARG H 63 34.80 -19.67 60.80
N TYR H 64 35.04 -20.82 60.20
CA TYR H 64 35.44 -22.00 60.92
C TYR H 64 36.96 -22.05 61.02
N ARG H 65 37.43 -22.88 61.94
CA ARG H 65 38.86 -22.86 62.26
C ARG H 65 39.69 -23.13 61.03
N GLY H 66 39.29 -24.08 60.21
CA GLY H 66 40.02 -24.34 58.99
C GLY H 66 39.65 -23.44 57.83
N ALA H 67 38.70 -22.54 58.00
CA ALA H 67 38.22 -21.75 56.90
C ALA H 67 39.22 -20.66 56.52
N SER H 68 39.00 -20.06 55.36
CA SER H 68 39.82 -18.97 54.86
C SER H 68 39.08 -17.65 54.86
N SER H 69 37.92 -17.60 54.23
CA SER H 69 37.06 -16.42 54.21
C SER H 69 35.94 -16.62 55.21
N PHE H 70 34.90 -15.80 55.09
CA PHE H 70 33.73 -15.91 55.93
C PHE H 70 32.59 -16.45 55.11
N THR H 71 31.67 -17.09 55.78
CA THR H 71 30.47 -17.55 55.15
C THR H 71 29.35 -16.60 55.50
N LYS H 72 28.54 -16.30 54.51
CA LYS H 72 27.42 -15.38 54.68
C LYS H 72 26.38 -16.07 55.54
N LEU H 73 26.44 -15.85 56.85
CA LEU H 73 25.47 -16.49 57.73
C LEU H 73 24.11 -15.81 57.63
N GLY H 74 24.09 -14.49 57.53
CA GLY H 74 22.82 -13.80 57.34
C GLY H 74 22.81 -12.38 57.86
N ASP H 75 21.62 -11.81 58.02
CA ASP H 75 21.48 -10.48 58.60
C ASP H 75 20.32 -10.49 59.59
N VAL H 76 20.49 -9.77 60.70
CA VAL H 76 19.51 -9.79 61.78
C VAL H 76 19.16 -8.37 62.18
N SER H 77 17.89 -8.18 62.54
CA SER H 77 17.35 -6.89 62.94
C SER H 77 16.90 -7.04 64.38
N VAL H 78 17.82 -6.83 65.30
CA VAL H 78 17.55 -7.04 66.72
C VAL H 78 17.13 -5.72 67.33
N SER H 79 16.27 -5.80 68.34
CA SER H 79 15.77 -4.60 69.00
C SER H 79 15.21 -5.02 70.34
N ASP H 80 14.63 -4.06 71.06
CA ASP H 80 13.93 -4.38 72.28
C ASP H 80 12.70 -5.23 71.95
N GLN H 81 12.02 -5.69 72.98
CA GLN H 81 10.90 -6.62 72.82
C GLN H 81 11.35 -7.90 72.12
N THR H 82 12.59 -8.32 72.37
CA THR H 82 13.10 -9.62 71.97
C THR H 82 13.68 -10.30 73.19
N PRO H 83 13.51 -11.61 73.31
CA PRO H 83 13.88 -12.30 74.55
C PRO H 83 15.38 -12.28 74.75
N SER H 84 15.80 -11.87 75.95
CA SER H 84 17.24 -11.70 76.19
C SER H 84 17.97 -13.02 76.34
N PRO H 85 17.41 -14.06 76.94
CA PRO H 85 18.20 -15.31 76.88
C PRO H 85 17.94 -16.10 75.61
N ILE H 86 18.41 -15.59 74.47
CA ILE H 86 18.13 -16.21 73.17
C ILE H 86 19.43 -16.72 72.56
N THR H 87 19.37 -17.93 72.00
CA THR H 87 20.49 -18.48 71.26
C THR H 87 20.62 -17.80 69.91
N LEU H 88 21.79 -17.94 69.31
CA LEU H 88 22.05 -17.26 68.05
C LEU H 88 21.16 -17.79 66.94
N ILE H 89 20.96 -19.11 66.91
CA ILE H 89 20.19 -19.72 65.84
C ILE H 89 18.79 -19.13 65.80
N ASN H 90 18.12 -19.10 66.95
CA ASN H 90 16.75 -18.63 66.99
C ASN H 90 16.64 -17.16 66.62
N LEU H 91 17.64 -16.36 66.96
CA LEU H 91 17.66 -14.97 66.54
C LEU H 91 17.75 -14.85 65.02
N LEU H 92 18.72 -15.56 64.41
CA LEU H 92 18.77 -15.59 62.95
C LEU H 92 17.45 -16.01 62.35
N GLU H 93 16.88 -17.11 62.82
CA GLU H 93 15.67 -17.65 62.22
C GLU H 93 14.52 -16.68 62.36
N SER H 94 14.36 -16.07 63.54
CA SER H 94 13.32 -15.09 63.74
C SER H 94 13.54 -13.84 62.92
N SER H 95 14.74 -13.61 62.42
CA SER H 95 15.02 -12.44 61.60
C SER H 95 15.69 -12.84 60.30
N SER H 96 15.09 -13.80 59.59
CA SER H 96 15.54 -14.19 58.26
C SER H 96 14.39 -14.92 57.58
N PRO H 97 14.36 -14.96 56.25
CA PRO H 97 13.35 -15.81 55.59
C PRO H 97 13.52 -17.25 56.04
N LYS H 98 12.39 -17.91 56.30
CA LYS H 98 12.45 -19.33 56.61
C LYS H 98 12.93 -20.09 55.38
N ALA H 99 13.83 -21.06 55.60
CA ALA H 99 14.34 -21.83 54.48
C ALA H 99 13.20 -22.56 53.79
N LEU H 100 13.29 -22.63 52.45
CA LEU H 100 12.25 -23.30 51.70
C LEU H 100 12.07 -24.74 52.16
N VAL H 101 13.18 -25.46 52.31
CA VAL H 101 13.05 -26.89 52.41
C VAL H 101 12.62 -27.30 53.81
N VAL H 102 13.05 -26.55 54.83
CA VAL H 102 12.56 -26.89 56.16
C VAL H 102 11.06 -26.76 56.20
N LYS H 103 10.52 -25.74 55.53
CA LYS H 103 9.09 -25.61 55.41
C LYS H 103 8.50 -26.78 54.66
N LEU H 104 9.14 -27.20 53.57
CA LEU H 104 8.62 -28.31 52.81
C LEU H 104 8.56 -29.58 53.64
N GLN H 105 9.62 -29.84 54.41
CA GLN H 105 9.67 -31.02 55.25
C GLN H 105 8.61 -30.98 56.33
N GLU H 106 8.42 -29.81 56.94
CA GLU H 106 7.39 -29.69 57.96
C GLU H 106 6.02 -29.97 57.36
N LEU H 107 5.76 -29.46 56.15
CA LEU H 107 4.51 -29.73 55.48
C LEU H 107 4.34 -31.21 55.22
N ALA H 108 5.39 -31.86 54.74
CA ALA H 108 5.31 -33.29 54.50
C ALA H 108 5.03 -34.03 55.78
N ASP H 109 5.57 -33.55 56.90
CA ASP H 109 5.39 -34.22 58.18
C ASP H 109 3.95 -34.12 58.65
N GLU H 110 3.40 -32.92 58.66
CA GLU H 110 2.01 -32.78 59.07
C GLU H 110 1.09 -33.50 58.10
N ALA H 111 1.47 -33.55 56.83
CA ALA H 111 0.72 -34.32 55.87
C ALA H 111 0.75 -35.81 56.21
N SER H 112 1.92 -36.33 56.58
CA SER H 112 2.02 -37.73 56.95
C SER H 112 1.14 -38.04 58.15
N GLU H 113 1.18 -37.18 59.16
CA GLU H 113 0.36 -37.43 60.34
C GLU H 113 -1.12 -37.42 59.98
N SER H 114 -1.55 -36.44 59.16
CA SER H 114 -2.94 -36.39 58.76
C SER H 114 -3.33 -37.64 57.97
N ALA H 115 -2.47 -38.06 57.05
CA ALA H 115 -2.79 -39.24 56.24
C ALA H 115 -2.88 -40.48 57.10
N GLN H 116 -1.99 -40.63 58.06
CA GLN H 116 -2.06 -41.77 58.97
C GLN H 116 -3.35 -41.74 59.76
N SER H 117 -3.77 -40.56 60.21
CA SER H 117 -5.03 -40.45 60.91
C SER H 117 -6.19 -40.90 60.02
N ALA H 118 -6.21 -40.44 58.78
CA ALA H 118 -7.28 -40.81 57.86
C ALA H 118 -7.30 -42.32 57.63
N SER H 119 -6.12 -42.90 57.40
CA SER H 119 -6.05 -44.33 57.10
C SER H 119 -6.48 -45.16 58.29
N ASP H 120 -6.02 -44.82 59.49
CA ASP H 120 -6.42 -45.58 60.66
C ASP H 120 -7.91 -45.41 60.92
N ASP H 121 -8.45 -44.23 60.62
CA ASP H 121 -9.89 -44.04 60.77
C ASP H 121 -10.66 -44.92 59.80
N ALA H 122 -10.19 -45.02 58.56
CA ALA H 122 -10.82 -45.91 57.60
C ALA H 122 -10.75 -47.35 58.07
N ASP H 123 -9.61 -47.75 58.61
CA ASP H 123 -9.49 -49.10 59.17
C ASP H 123 -10.47 -49.31 60.31
N GLN H 124 -10.59 -48.33 61.21
CA GLN H 124 -11.46 -48.48 62.37
C GLN H 124 -12.92 -48.59 61.95
N VAL H 125 -13.36 -47.78 61.00
CA VAL H 125 -14.74 -47.85 60.54
C VAL H 125 -15.00 -49.09 59.71
N THR H 126 -13.94 -49.79 59.31
CA THR H 126 -14.06 -50.99 58.50
C THR H 126 -13.56 -52.20 59.28
N MET I 1 -3.87 -18.10 65.59
CA MET I 1 -4.70 -16.92 65.72
C MET I 1 -4.13 -15.74 64.94
N SER I 2 -4.95 -14.73 64.68
CA SER I 2 -4.51 -13.55 63.96
C SER I 2 -3.38 -12.86 64.72
N ILE I 3 -2.45 -12.26 63.98
CA ILE I 3 -1.20 -11.83 64.60
C ILE I 3 -1.32 -10.36 64.93
N GLN I 4 -0.34 -9.86 65.69
CA GLN I 4 -0.32 -8.45 66.08
C GLN I 4 1.13 -7.99 66.03
N VAL I 5 1.41 -7.03 65.16
CA VAL I 5 2.77 -6.54 64.97
C VAL I 5 2.90 -5.16 65.59
N THR I 6 3.99 -4.95 66.31
CA THR I 6 4.19 -3.68 66.98
C THR I 6 5.68 -3.43 67.14
N GLY I 7 6.02 -2.17 67.33
CA GLY I 7 7.39 -1.78 67.53
C GLY I 7 7.56 -0.30 67.34
N ILE I 8 8.81 0.10 67.14
CA ILE I 8 9.14 1.51 66.94
C ILE I 8 9.73 1.61 65.55
N ILE I 9 9.10 2.42 64.69
CA ILE I 9 9.60 2.59 63.33
C ILE I 9 11.02 3.11 63.40
N GLU I 10 11.96 2.32 62.90
CA GLU I 10 13.35 2.60 63.17
C GLU I 10 14.21 2.00 62.07
N GLY I 11 15.43 2.51 61.96
CA GLY I 11 16.37 2.03 60.98
C GLY I 11 15.91 2.31 59.57
N PRO I 12 15.96 1.28 58.72
CA PRO I 12 15.65 1.50 57.31
C PRO I 12 14.25 2.00 57.08
N LEU I 13 13.33 1.75 58.02
CA LEU I 13 11.99 2.28 57.88
C LEU I 13 11.96 3.79 58.05
N GLY I 14 12.91 4.35 58.78
CA GLY I 14 13.06 5.78 58.84
C GLY I 14 13.10 6.28 60.26
N THR I 15 13.10 7.59 60.39
CA THR I 15 13.12 8.21 61.71
C THR I 15 11.79 7.98 62.42
N PRO I 16 11.80 7.91 63.74
CA PRO I 16 10.54 7.71 64.47
C PRO I 16 9.68 8.96 64.48
N SER I 17 9.12 9.29 63.34
CA SER I 17 8.26 10.46 63.29
C SER I 17 6.94 10.18 64.01
N PRO I 18 6.40 11.13 64.74
CA PRO I 18 5.19 10.86 65.51
C PRO I 18 3.94 10.96 64.67
N GLY I 19 4.09 10.92 63.36
CA GLY I 19 2.93 11.01 62.50
C GLY I 19 2.96 10.05 61.34
N ILE I 20 4.05 9.29 61.23
CA ILE I 20 4.21 8.32 60.15
C ILE I 20 2.96 7.47 59.98
N THR I 21 2.66 7.13 58.73
CA THR I 21 1.52 6.29 58.40
C THR I 21 1.96 5.13 57.50
N ILE I 22 1.29 4.01 57.70
CA ILE I 22 1.53 2.78 56.99
C ILE I 22 0.24 2.41 56.27
N ARG I 23 0.35 1.50 55.32
CA ARG I 23 -0.82 1.07 54.57
C ARG I 23 -0.61 -0.36 54.12
N VAL I 24 -1.53 -1.24 54.47
CA VAL I 24 -1.45 -2.64 54.04
C VAL I 24 -2.56 -2.89 53.05
N VAL I 25 -2.21 -3.44 51.90
CA VAL I 25 -3.18 -3.91 50.92
C VAL I 25 -3.12 -5.42 50.90
N SER I 26 -4.23 -6.05 51.23
CA SER I 26 -4.31 -7.50 51.31
C SER I 26 -4.89 -8.05 50.04
N LYS I 27 -4.25 -9.09 49.51
CA LYS I 27 -4.71 -9.76 48.30
C LYS I 27 -5.48 -10.99 48.73
N ILE I 28 -6.80 -10.86 48.82
CA ILE I 28 -7.65 -11.95 49.26
C ILE I 28 -8.27 -12.60 48.02
N SER I 29 -7.86 -13.83 47.73
CA SER I 29 -8.28 -14.47 46.48
C SER I 29 -9.78 -14.71 46.57
N TYR I 30 -10.55 -13.82 45.94
CA TYR I 30 -11.99 -13.75 46.24
C TYR I 30 -12.79 -14.79 45.46
N ARG I 31 -12.95 -14.60 44.15
CA ARG I 31 -13.64 -15.58 43.34
C ARG I 31 -12.79 -16.08 42.18
N ASN I 32 -12.34 -15.18 41.32
CA ASN I 32 -11.64 -15.56 40.09
C ASN I 32 -10.14 -15.39 40.24
N THR I 33 -9.69 -14.19 40.59
CA THR I 33 -8.28 -14.01 40.94
C THR I 33 -8.11 -13.58 42.38
N TYR I 34 -8.60 -12.41 42.76
CA TYR I 34 -8.36 -11.88 44.10
C TYR I 34 -9.03 -10.52 44.22
N ARG I 35 -8.96 -9.99 45.42
CA ARG I 35 -9.54 -8.70 45.79
C ARG I 35 -8.49 -7.94 46.57
N LEU I 36 -8.41 -6.64 46.33
CA LEU I 36 -7.49 -5.77 47.04
C LEU I 36 -8.23 -5.04 48.15
N SER I 37 -7.84 -5.29 49.38
CA SER I 37 -8.45 -4.62 50.53
C SER I 37 -7.39 -3.74 51.16
N THR I 38 -7.58 -2.43 51.08
CA THR I 38 -6.63 -1.50 51.66
C THR I 38 -6.99 -1.18 53.09
N GLU I 39 -5.98 -0.79 53.86
CA GLU I 39 -6.21 -0.28 55.21
C GLU I 39 -5.00 0.53 55.63
N ASP I 40 -5.24 1.77 56.08
CA ASP I 40 -4.18 2.67 56.48
C ASP I 40 -4.14 2.80 57.99
N TYR I 41 -2.95 2.66 58.57
CA TYR I 41 -2.75 2.79 60.00
C TYR I 41 -1.79 3.95 60.26
N VAL I 42 -1.96 4.60 61.40
CA VAL I 42 -1.11 5.74 61.73
C VAL I 42 -0.35 5.34 62.98
N THR I 43 0.56 6.19 63.44
CA THR I 43 1.41 5.85 64.57
C THR I 43 1.30 6.88 65.68
N THR I 44 1.37 6.40 66.90
CA THR I 44 1.38 7.27 68.06
C THR I 44 2.78 7.85 68.25
N THR I 45 2.94 8.63 69.32
CA THR I 45 4.16 9.41 69.50
C THR I 45 5.37 8.50 69.64
N GLY I 46 6.54 9.10 69.42
CA GLY I 46 7.76 8.33 69.43
C GLY I 46 7.93 7.42 68.24
N GLY I 47 7.07 7.56 67.23
CA GLY I 47 7.12 6.67 66.08
C GLY I 47 6.75 5.23 66.39
N ALA I 48 5.70 5.03 67.18
CA ALA I 48 5.32 3.70 67.64
C ALA I 48 4.14 3.19 66.84
N TYR I 49 4.24 1.95 66.37
CA TYR I 49 3.15 1.29 65.67
C TYR I 49 2.75 0.05 66.44
N ASP I 50 1.46 -0.25 66.39
CA ASP I 50 0.87 -1.36 67.13
C ASP I 50 -0.43 -1.70 66.44
N PHE I 51 -0.51 -2.87 65.81
CA PHE I 51 -1.74 -3.18 65.12
C PHE I 51 -1.82 -4.67 64.81
N GLN I 52 -3.02 -5.21 64.92
CA GLN I 52 -3.25 -6.59 64.52
C GLN I 52 -3.27 -6.70 63.00
N LEU I 53 -3.11 -7.93 62.54
CA LEU I 53 -3.01 -8.24 61.13
C LEU I 53 -3.62 -9.60 60.90
N ASN I 54 -4.47 -9.68 59.87
CA ASN I 54 -5.06 -10.92 59.44
C ASN I 54 -4.03 -11.76 58.71
N GLU I 55 -4.42 -12.96 58.32
CA GLU I 55 -3.51 -13.89 57.67
C GLU I 55 -3.67 -13.83 56.18
N GLY I 56 -2.57 -14.04 55.47
CA GLY I 56 -2.59 -14.02 54.02
C GLY I 56 -1.54 -13.13 53.42
N PHE I 57 -1.76 -12.72 52.17
CA PHE I 57 -0.77 -11.93 51.44
C PHE I 57 -1.03 -10.46 51.68
N HIS I 58 -0.07 -9.79 52.30
CA HIS I 58 -0.21 -8.37 52.60
C HIS I 58 0.98 -7.62 52.02
N LYS I 59 0.70 -6.52 51.34
CA LYS I 59 1.75 -5.62 50.86
C LYS I 59 1.73 -4.39 51.74
N ILE I 60 2.87 -4.09 52.37
CA ILE I 60 3.00 -3.00 53.32
C ILE I 60 3.71 -1.84 52.64
N LEU I 61 3.14 -0.63 52.81
CA LEU I 61 3.67 0.62 52.31
C LEU I 61 3.86 1.57 53.48
N ILE I 62 4.80 2.49 53.34
CA ILE I 62 5.09 3.46 54.38
C ILE I 62 5.17 4.84 53.75
N ARG I 63 4.80 5.87 54.52
CA ARG I 63 4.98 7.25 54.11
C ARG I 63 4.74 8.14 55.33
N TYR I 64 5.14 9.41 55.23
CA TYR I 64 4.87 10.36 56.30
C TYR I 64 3.68 11.21 55.93
N ARG I 65 2.94 11.65 56.93
CA ARG I 65 1.81 12.52 56.62
C ARG I 65 2.32 13.80 55.99
N GLY I 66 1.61 14.26 54.97
CA GLY I 66 2.06 15.40 54.20
C GLY I 66 3.21 15.10 53.26
N ALA I 67 3.59 13.84 53.09
CA ALA I 67 4.61 13.52 52.12
C ALA I 67 3.99 13.38 50.73
N SER I 68 4.83 13.06 49.76
CA SER I 68 4.37 13.09 48.38
C SER I 68 3.89 11.73 47.90
N SER I 69 4.48 10.63 48.34
CA SER I 69 3.86 9.33 48.11
C SER I 69 4.41 8.32 49.10
N PHE I 70 4.00 7.07 48.92
CA PHE I 70 4.39 5.99 49.80
C PHE I 70 5.83 5.58 49.53
N THR I 71 6.29 4.59 50.28
CA THR I 71 7.53 3.88 50.01
C THR I 71 7.25 2.40 50.14
N LYS I 72 7.75 1.62 49.19
CA LYS I 72 7.44 0.20 49.13
C LYS I 72 8.22 -0.53 50.22
N LEU I 73 7.57 -0.80 51.34
CA LEU I 73 8.19 -1.69 52.32
C LEU I 73 8.25 -3.11 51.79
N GLY I 74 7.17 -3.58 51.19
CA GLY I 74 7.23 -4.82 50.42
C GLY I 74 6.14 -5.79 50.80
N ASP I 75 6.22 -6.97 50.19
CA ASP I 75 5.21 -7.99 50.42
C ASP I 75 5.49 -8.75 51.70
N VAL I 76 4.52 -9.57 52.10
CA VAL I 76 4.68 -10.50 53.20
C VAL I 76 3.55 -11.50 53.11
N SER I 77 3.78 -12.71 53.61
CA SER I 77 2.77 -13.76 53.62
C SER I 77 2.63 -14.23 55.06
N VAL I 78 1.71 -13.62 55.79
CA VAL I 78 1.48 -14.04 57.16
C VAL I 78 0.76 -15.38 57.15
N SER I 79 1.36 -16.38 57.77
CA SER I 79 0.82 -17.72 57.79
C SER I 79 0.48 -18.09 59.22
N ASP I 80 0.01 -19.33 59.39
CA ASP I 80 -0.37 -19.80 60.72
C ASP I 80 0.83 -20.20 61.56
N GLN I 81 2.03 -19.80 61.15
CA GLN I 81 3.23 -20.16 61.87
C GLN I 81 4.13 -18.98 62.19
N THR I 82 3.81 -17.78 61.73
CA THR I 82 4.64 -16.63 62.06
C THR I 82 4.42 -16.21 63.51
N PRO I 83 5.45 -15.70 64.17
CA PRO I 83 5.30 -15.32 65.58
C PRO I 83 4.29 -14.19 65.73
N SER I 84 3.57 -14.20 66.85
CA SER I 84 2.56 -13.17 67.04
C SER I 84 3.18 -11.84 67.47
N PRO I 85 3.85 -11.75 68.62
CA PRO I 85 4.36 -10.41 68.98
C PRO I 85 5.68 -10.11 68.29
N ILE I 86 5.60 -9.62 67.06
CA ILE I 86 6.77 -9.39 66.22
C ILE I 86 6.75 -7.97 65.68
N THR I 87 7.92 -7.36 65.58
CA THR I 87 8.03 -6.02 65.02
C THR I 87 7.82 -6.06 63.51
N LEU I 88 7.53 -4.90 62.94
CA LEU I 88 7.26 -4.84 61.50
C LEU I 88 8.53 -5.05 60.69
N ILE I 89 9.64 -4.43 61.10
CA ILE I 89 10.89 -4.61 60.39
C ILE I 89 11.27 -6.08 60.35
N ASN I 90 11.01 -6.80 61.45
CA ASN I 90 11.32 -8.22 61.45
C ASN I 90 10.44 -8.97 60.46
N LEU I 91 9.14 -8.67 60.45
CA LEU I 91 8.22 -9.41 59.58
C LEU I 91 8.53 -9.14 58.11
N LEU I 92 8.87 -7.90 57.78
CA LEU I 92 9.18 -7.58 56.38
C LEU I 92 10.25 -8.48 55.84
N GLU I 93 11.12 -9.00 56.71
CA GLU I 93 12.15 -9.91 56.27
C GLU I 93 11.60 -11.26 55.86
N SER I 94 10.42 -11.65 56.33
CA SER I 94 9.83 -12.92 55.97
C SER I 94 8.81 -12.73 54.83
N SER I 95 9.33 -12.33 53.68
CA SER I 95 8.51 -12.03 52.51
C SER I 95 7.93 -13.30 51.94
N SER I 96 6.99 -13.12 51.02
CA SER I 96 6.26 -14.24 50.45
C SER I 96 7.10 -14.97 49.42
N PRO I 97 7.39 -16.24 49.59
CA PRO I 97 8.00 -17.03 48.51
C PRO I 97 6.95 -17.70 47.66
N LYS I 98 7.36 -18.52 46.70
CA LYS I 98 6.43 -19.28 45.88
C LYS I 98 6.24 -20.70 46.39
N ALA I 99 6.31 -20.90 47.70
CA ALA I 99 5.92 -22.16 48.30
C ALA I 99 4.42 -22.28 48.46
N LEU I 100 3.67 -21.26 48.05
CA LEU I 100 2.23 -21.23 48.30
C LEU I 100 1.54 -22.46 47.73
N VAL I 101 2.03 -22.96 46.60
CA VAL I 101 1.42 -24.14 46.00
C VAL I 101 1.65 -25.36 46.89
N VAL I 102 2.82 -25.44 47.52
CA VAL I 102 3.08 -26.57 48.41
C VAL I 102 2.24 -26.44 49.67
N LYS I 103 2.07 -25.21 50.17
CA LYS I 103 1.18 -24.98 51.30
C LYS I 103 -0.25 -25.37 50.95
N LEU I 104 -0.66 -25.19 49.69
CA LEU I 104 -1.98 -25.63 49.28
C LEU I 104 -2.19 -27.09 49.62
N GLN I 105 -1.12 -27.88 49.64
CA GLN I 105 -1.19 -29.27 50.03
C GLN I 105 -1.33 -29.43 51.53
N GLU I 106 -1.44 -28.35 52.29
CA GLU I 106 -1.89 -28.49 53.67
C GLU I 106 -3.33 -28.95 53.75
N LEU I 107 -4.01 -29.14 52.62
CA LEU I 107 -5.39 -29.59 52.65
C LEU I 107 -5.49 -31.03 53.12
N ALA I 108 -4.37 -31.74 53.22
CA ALA I 108 -4.40 -33.11 53.72
C ALA I 108 -4.94 -33.15 55.14
N ASP I 109 -4.54 -32.17 55.97
CA ASP I 109 -5.08 -32.10 57.32
C ASP I 109 -6.58 -31.88 57.30
N GLU I 110 -7.06 -31.00 56.42
CA GLU I 110 -8.50 -30.79 56.30
C GLU I 110 -9.19 -32.06 55.85
N ALA I 111 -8.59 -32.77 54.90
CA ALA I 111 -9.13 -34.04 54.44
C ALA I 111 -9.24 -35.01 55.61
N SER I 112 -8.22 -35.05 56.45
CA SER I 112 -8.22 -35.99 57.56
C SER I 112 -9.29 -35.61 58.58
N GLU I 113 -9.44 -34.32 58.87
CA GLU I 113 -10.46 -33.95 59.83
C GLU I 113 -11.85 -34.22 59.28
N SER I 114 -12.03 -34.07 57.96
CA SER I 114 -13.28 -34.47 57.35
C SER I 114 -13.50 -35.97 57.48
N ALA I 115 -12.44 -36.75 57.29
CA ALA I 115 -12.55 -38.19 57.42
C ALA I 115 -12.94 -38.59 58.83
N GLN I 116 -12.32 -37.96 59.83
CA GLN I 116 -12.63 -38.27 61.22
C GLN I 116 -14.05 -37.83 61.56
N SER I 117 -14.50 -36.69 61.02
CA SER I 117 -15.87 -36.28 61.24
C SER I 117 -16.85 -37.27 60.63
N ALA I 118 -16.55 -37.75 59.43
CA ALA I 118 -17.41 -38.75 58.81
C ALA I 118 -17.44 -40.02 59.66
N SER I 119 -16.29 -40.43 60.18
CA SER I 119 -16.22 -41.65 60.99
C SER I 119 -17.03 -41.50 62.27
N ASP I 120 -16.79 -40.45 63.03
CA ASP I 120 -17.48 -40.24 64.30
C ASP I 120 -18.88 -39.68 64.12
N ASP I 121 -19.31 -39.48 62.88
CA ASP I 121 -20.73 -39.33 62.59
C ASP I 121 -21.36 -40.68 62.32
N ALA I 122 -20.70 -41.50 61.48
CA ALA I 122 -21.28 -42.76 61.07
C ALA I 122 -21.47 -43.71 62.24
N ASP I 123 -20.47 -43.77 63.13
CA ASP I 123 -20.44 -44.88 64.09
C ASP I 123 -21.59 -44.87 65.10
N GLN I 124 -22.18 -43.71 65.40
CA GLN I 124 -23.13 -43.61 66.52
C GLN I 124 -24.37 -44.47 66.34
N VAL I 125 -24.72 -44.87 65.12
CA VAL I 125 -26.02 -45.48 64.87
C VAL I 125 -26.17 -46.78 65.66
N THR I 126 -25.14 -47.62 65.61
CA THR I 126 -25.11 -48.88 66.35
C THR I 126 -26.38 -49.71 66.17
N MET J 1 29.33 -71.62 11.87
CA MET J 1 30.59 -71.56 12.62
C MET J 1 31.40 -70.35 12.22
N SER J 2 32.46 -70.09 12.97
CA SER J 2 33.37 -69.00 12.64
C SER J 2 34.05 -69.30 11.32
N ILE J 3 33.73 -68.52 10.29
CA ILE J 3 34.17 -68.84 8.94
C ILE J 3 35.65 -68.54 8.77
N GLN J 4 36.23 -69.02 7.69
CA GLN J 4 37.63 -68.81 7.38
C GLN J 4 37.75 -68.18 6.01
N VAL J 5 38.81 -67.41 5.81
CA VAL J 5 39.04 -66.72 4.56
C VAL J 5 40.39 -67.12 4.01
N THR J 6 40.43 -67.43 2.72
CA THR J 6 41.69 -67.77 2.08
C THR J 6 41.73 -67.05 0.74
N GLY J 7 42.84 -66.39 0.46
CA GLY J 7 43.07 -65.83 -0.85
C GLY J 7 44.54 -65.55 -0.99
N ILE J 8 44.91 -65.06 -2.17
CA ILE J 8 46.27 -64.66 -2.46
C ILE J 8 46.24 -63.19 -2.85
N ILE J 9 46.86 -62.34 -2.03
CA ILE J 9 46.84 -60.91 -2.30
C ILE J 9 47.76 -60.64 -3.48
N GLU J 10 47.23 -59.96 -4.48
CA GLU J 10 47.94 -59.75 -5.72
C GLU J 10 47.98 -58.27 -6.05
N GLY J 11 49.18 -57.74 -6.24
CA GLY J 11 49.33 -56.42 -6.79
C GLY J 11 48.89 -56.45 -8.25
N PRO J 12 48.58 -55.30 -8.81
CA PRO J 12 48.01 -55.26 -10.16
C PRO J 12 48.93 -55.80 -11.23
N LEU J 13 50.12 -56.28 -10.85
CA LEU J 13 51.14 -56.67 -11.81
C LEU J 13 51.55 -58.12 -11.66
N GLY J 14 50.65 -58.98 -11.19
CA GLY J 14 50.98 -60.38 -11.09
C GLY J 14 52.08 -60.73 -10.13
N THR J 15 52.48 -59.79 -9.27
CA THR J 15 53.52 -60.04 -8.29
C THR J 15 52.90 -60.00 -6.91
N PRO J 16 52.73 -61.14 -6.24
CA PRO J 16 52.16 -61.13 -4.89
C PRO J 16 53.02 -60.30 -3.95
N SER J 17 52.47 -60.02 -2.78
CA SER J 17 53.13 -59.18 -1.79
C SER J 17 53.14 -59.90 -0.44
N PRO J 18 54.30 -60.23 0.10
CA PRO J 18 54.30 -60.99 1.35
C PRO J 18 54.05 -60.14 2.58
N GLY J 19 54.61 -58.93 2.63
CA GLY J 19 54.56 -58.18 3.86
C GLY J 19 53.37 -57.26 3.98
N ILE J 20 52.18 -57.83 3.96
CA ILE J 20 50.94 -57.07 4.09
C ILE J 20 50.46 -57.21 5.53
N THR J 21 50.13 -56.09 6.15
CA THR J 21 49.64 -56.08 7.52
C THR J 21 48.16 -55.71 7.49
N ILE J 22 47.30 -56.68 7.78
CA ILE J 22 45.87 -56.48 7.75
C ILE J 22 45.37 -56.40 9.17
N ARG J 23 44.58 -55.37 9.47
CA ARG J 23 44.01 -55.18 10.79
C ARG J 23 42.50 -55.33 10.72
N VAL J 24 41.97 -56.26 11.49
CA VAL J 24 40.54 -56.42 11.64
C VAL J 24 40.17 -55.87 13.00
N VAL J 25 39.21 -54.96 13.04
CA VAL J 25 38.76 -54.40 14.31
C VAL J 25 37.24 -54.41 14.35
N SER J 26 36.71 -54.81 15.50
CA SER J 26 35.29 -55.04 15.68
C SER J 26 34.68 -53.91 16.49
N LYS J 27 33.46 -53.53 16.11
CA LYS J 27 32.81 -52.40 16.77
C LYS J 27 31.38 -52.72 17.17
N ILE J 28 31.09 -53.98 17.47
CA ILE J 28 29.80 -54.38 18.02
C ILE J 28 30.04 -55.30 19.20
N SER J 29 29.32 -55.05 20.28
CA SER J 29 29.29 -55.99 21.39
C SER J 29 28.58 -57.25 20.89
N TYR J 30 29.35 -58.27 20.56
CA TYR J 30 28.82 -59.48 19.95
C TYR J 30 29.42 -60.66 20.68
N ARG J 31 28.77 -61.83 20.56
CA ARG J 31 29.18 -62.95 21.38
C ARG J 31 30.66 -63.24 21.21
N ASN J 32 31.36 -63.24 22.34
CA ASN J 32 32.79 -63.53 22.41
C ASN J 32 33.59 -62.57 21.54
N THR J 33 33.22 -61.29 21.54
CA THR J 33 33.97 -60.28 20.81
C THR J 33 33.50 -58.91 21.28
N TYR J 34 34.43 -58.00 21.50
CA TYR J 34 34.08 -56.73 22.10
C TYR J 34 34.18 -55.59 21.11
N ARG J 35 33.53 -54.50 21.47
CA ARG J 35 33.61 -53.28 20.70
C ARG J 35 35.05 -52.79 20.63
N LEU J 36 35.42 -52.26 19.47
CA LEU J 36 36.76 -51.71 19.25
C LEU J 36 37.85 -52.71 19.57
N SER J 37 37.62 -53.99 19.28
CA SER J 37 38.62 -55.01 19.56
C SER J 37 39.46 -55.21 18.31
N THR J 38 40.77 -55.08 18.46
CA THR J 38 41.70 -55.04 17.34
C THR J 38 42.44 -56.36 17.20
N GLU J 39 42.93 -56.61 15.99
CA GLU J 39 43.83 -57.73 15.79
C GLU J 39 44.48 -57.63 14.41
N ASP J 40 45.67 -58.21 14.31
CA ASP J 40 46.52 -58.08 13.13
C ASP J 40 46.82 -59.44 12.54
N TYR J 41 47.12 -59.44 11.24
CA TYR J 41 47.56 -60.64 10.55
C TYR J 41 48.54 -60.21 9.48
N VAL J 42 49.69 -60.89 9.42
CA VAL J 42 50.68 -60.67 8.39
C VAL J 42 50.63 -61.86 7.45
N THR J 43 50.47 -61.58 6.16
CA THR J 43 50.41 -62.64 5.17
C THR J 43 51.74 -63.35 5.04
N THR J 44 51.70 -64.65 4.80
CA THR J 44 52.91 -65.42 4.65
C THR J 44 53.45 -65.28 3.23
N THR J 45 54.51 -66.03 2.94
CA THR J 45 55.12 -66.00 1.63
C THR J 45 54.08 -66.33 0.57
N GLY J 46 54.29 -65.80 -0.63
CA GLY J 46 53.32 -65.96 -1.68
C GLY J 46 52.14 -65.03 -1.57
N GLY J 47 52.10 -64.18 -0.54
CA GLY J 47 51.03 -63.21 -0.41
C GLY J 47 49.68 -63.85 -0.26
N ALA J 48 49.59 -64.86 0.59
CA ALA J 48 48.35 -65.58 0.84
C ALA J 48 47.88 -65.32 2.26
N TYR J 49 46.62 -64.92 2.39
CA TYR J 49 46.02 -64.64 3.69
C TYR J 49 45.05 -65.75 4.02
N ASP J 50 45.22 -66.37 5.17
CA ASP J 50 44.28 -67.38 5.68
C ASP J 50 44.19 -67.21 7.18
N PHE J 51 43.18 -66.48 7.62
CA PHE J 51 42.90 -66.30 9.03
C PHE J 51 41.47 -66.71 9.33
N GLN J 52 41.29 -67.57 10.33
CA GLN J 52 39.97 -67.79 10.88
C GLN J 52 39.52 -66.53 11.57
N LEU J 53 38.42 -65.93 11.12
CA LEU J 53 37.91 -64.71 11.73
C LEU J 53 36.64 -65.04 12.47
N ASN J 54 36.52 -64.53 13.70
CA ASN J 54 35.25 -64.62 14.39
C ASN J 54 34.23 -63.77 13.63
N GLU J 55 32.97 -63.88 14.00
CA GLU J 55 31.88 -63.26 13.29
C GLU J 55 31.29 -62.11 14.10
N GLY J 56 30.46 -61.34 13.42
CA GLY J 56 29.98 -60.08 13.95
C GLY J 56 30.11 -58.99 12.91
N PHE J 57 30.54 -57.80 13.33
CA PHE J 57 30.70 -56.66 12.44
C PHE J 57 32.14 -56.17 12.54
N HIS J 58 32.95 -56.48 11.54
CA HIS J 58 34.39 -56.29 11.61
C HIS J 58 34.80 -55.39 10.45
N LYS J 59 35.38 -54.23 10.75
CA LYS J 59 35.90 -53.40 9.67
C LYS J 59 37.36 -53.76 9.45
N ILE J 60 37.77 -53.76 8.19
CA ILE J 60 39.06 -54.27 7.77
C ILE J 60 39.89 -53.11 7.23
N LEU J 61 41.06 -52.91 7.81
CA LEU J 61 42.04 -51.96 7.33
C LEU J 61 43.22 -52.74 6.77
N ILE J 62 43.89 -52.19 5.77
CA ILE J 62 45.04 -52.85 5.18
C ILE J 62 46.20 -51.87 5.16
N ARG J 63 47.40 -52.41 5.29
CA ARG J 63 48.62 -51.61 5.18
C ARG J 63 49.61 -52.38 4.32
N TYR J 64 50.13 -51.72 3.30
CA TYR J 64 51.13 -52.33 2.42
C TYR J 64 52.50 -52.25 3.08
N ARG J 65 53.55 -52.53 2.30
CA ARG J 65 54.90 -52.66 2.83
C ARG J 65 55.26 -51.57 3.84
N GLY J 66 55.23 -50.33 3.40
CA GLY J 66 55.45 -49.23 4.31
C GLY J 66 54.43 -48.14 4.10
N ALA J 67 53.64 -47.85 5.11
CA ALA J 67 52.59 -46.85 4.96
C ALA J 67 52.39 -46.11 6.28
N SER J 68 52.24 -44.80 6.18
CA SER J 68 51.95 -44.01 7.38
C SER J 68 50.61 -44.42 7.98
N SER J 69 49.53 -44.19 7.24
CA SER J 69 48.19 -44.49 7.72
C SER J 69 47.72 -45.82 7.18
N PHE J 70 46.46 -46.15 7.44
CA PHE J 70 45.89 -47.44 7.06
C PHE J 70 44.76 -47.19 6.08
N THR J 71 44.75 -47.92 4.99
CA THR J 71 43.70 -47.75 4.01
C THR J 71 42.47 -48.54 4.47
N LYS J 72 41.33 -47.88 4.50
CA LYS J 72 40.08 -48.51 4.87
C LYS J 72 39.47 -49.16 3.64
N LEU J 73 39.29 -50.47 3.68
CA LEU J 73 38.79 -51.18 2.53
C LEU J 73 37.37 -51.72 2.71
N GLY J 74 36.76 -51.50 3.85
CA GLY J 74 35.38 -51.89 4.03
C GLY J 74 35.14 -52.42 5.42
N ASP J 75 33.90 -52.87 5.62
CA ASP J 75 33.46 -53.37 6.93
C ASP J 75 32.53 -54.57 6.73
N VAL J 76 33.11 -55.75 6.88
CA VAL J 76 32.36 -56.95 6.61
C VAL J 76 31.48 -57.28 7.81
N SER J 77 30.46 -58.10 7.56
CA SER J 77 29.60 -58.60 8.62
C SER J 77 29.38 -60.08 8.38
N VAL J 78 29.76 -60.91 9.34
CA VAL J 78 29.67 -62.35 9.20
C VAL J 78 28.69 -62.89 10.22
N SER J 79 27.80 -63.77 9.77
CA SER J 79 26.76 -64.35 10.61
C SER J 79 26.94 -65.86 10.69
N ASP J 80 25.97 -66.51 11.33
CA ASP J 80 26.08 -67.94 11.61
C ASP J 80 26.29 -68.73 10.33
N GLN J 81 25.47 -68.47 9.32
CA GLN J 81 25.66 -69.08 8.01
C GLN J 81 26.21 -68.04 7.06
N THR J 82 27.34 -68.34 6.46
CA THR J 82 28.09 -67.49 5.56
C THR J 82 29.15 -68.41 4.95
N PRO J 83 29.37 -68.38 3.64
CA PRO J 83 30.19 -69.42 3.02
C PRO J 83 31.55 -69.57 3.69
N SER J 84 31.89 -70.81 4.03
CA SER J 84 33.14 -71.02 4.75
C SER J 84 34.32 -70.72 3.84
N PRO J 85 34.58 -71.48 2.78
CA PRO J 85 35.75 -71.16 1.98
C PRO J 85 35.45 -69.97 1.09
N ILE J 86 35.96 -68.79 1.47
CA ILE J 86 35.67 -67.56 0.76
C ILE J 86 36.92 -66.68 0.78
N THR J 87 37.14 -65.97 -0.32
CA THR J 87 38.12 -64.91 -0.33
C THR J 87 37.58 -63.71 0.45
N LEU J 88 38.48 -62.77 0.75
CA LEU J 88 38.04 -61.60 1.50
C LEU J 88 37.25 -60.63 0.63
N ILE J 89 37.56 -60.57 -0.66
CA ILE J 89 36.84 -59.66 -1.55
C ILE J 89 35.37 -60.03 -1.62
N ASN J 90 35.09 -61.30 -1.87
CA ASN J 90 33.68 -61.72 -1.88
C ASN J 90 33.07 -61.65 -0.50
N LEU J 91 33.87 -61.55 0.55
CA LEU J 91 33.30 -61.31 1.86
C LEU J 91 32.84 -59.87 1.98
N LEU J 92 33.66 -58.92 1.52
CA LEU J 92 33.28 -57.52 1.69
C LEU J 92 32.21 -57.09 0.70
N GLU J 93 32.29 -57.56 -0.54
CA GLU J 93 31.24 -57.24 -1.50
C GLU J 93 29.90 -57.79 -1.05
N SER J 94 29.89 -59.00 -0.48
CA SER J 94 28.66 -59.63 -0.07
C SER J 94 28.28 -59.33 1.37
N SER J 95 29.07 -58.53 2.08
CA SER J 95 28.73 -58.25 3.48
C SER J 95 29.21 -56.84 3.81
N SER J 96 28.30 -55.88 3.66
CA SER J 96 28.53 -54.51 4.04
C SER J 96 27.18 -53.83 4.09
N PRO J 97 26.99 -52.86 4.96
CA PRO J 97 25.65 -52.28 5.15
C PRO J 97 24.93 -51.96 3.85
N LYS J 98 25.54 -51.16 2.97
CA LYS J 98 24.88 -50.88 1.69
C LYS J 98 24.61 -52.17 0.92
N ALA J 99 25.64 -53.00 0.78
CA ALA J 99 25.47 -54.25 0.05
C ALA J 99 24.51 -55.19 0.77
N LEU J 100 24.56 -55.23 2.10
CA LEU J 100 23.65 -56.09 2.83
C LEU J 100 22.21 -55.70 2.59
N VAL J 101 21.89 -54.42 2.73
CA VAL J 101 20.53 -53.97 2.50
C VAL J 101 20.12 -54.24 1.07
N VAL J 102 21.01 -54.00 0.11
CA VAL J 102 20.57 -54.09 -1.27
C VAL J 102 20.36 -55.55 -1.63
N LYS J 103 21.18 -56.45 -1.06
CA LYS J 103 20.94 -57.87 -1.22
C LYS J 103 19.61 -58.27 -0.60
N LEU J 104 19.27 -57.69 0.55
CA LEU J 104 17.99 -57.99 1.17
C LEU J 104 16.83 -57.56 0.28
N GLN J 105 16.93 -56.37 -0.31
CA GLN J 105 15.91 -55.91 -1.23
C GLN J 105 15.80 -56.84 -2.44
N GLU J 106 16.95 -57.19 -3.02
CA GLU J 106 16.97 -58.13 -4.13
C GLU J 106 16.25 -59.41 -3.78
N LEU J 107 16.55 -59.94 -2.62
CA LEU J 107 15.96 -61.21 -2.22
C LEU J 107 14.47 -61.07 -2.00
N ALA J 108 14.05 -59.96 -1.39
CA ALA J 108 12.62 -59.76 -1.16
C ALA J 108 11.87 -59.73 -2.48
N ASP J 109 12.42 -59.02 -3.47
CA ASP J 109 11.74 -58.98 -4.76
C ASP J 109 11.73 -60.35 -5.42
N GLU J 110 12.84 -61.09 -5.34
CA GLU J 110 12.88 -62.41 -5.95
C GLU J 110 11.82 -63.31 -5.32
N ALA J 111 11.76 -63.32 -3.99
CA ALA J 111 10.79 -64.15 -3.32
C ALA J 111 9.38 -63.72 -3.67
N SER J 112 9.14 -62.42 -3.77
CA SER J 112 7.81 -61.95 -4.11
C SER J 112 7.39 -62.42 -5.50
N GLU J 113 8.30 -62.32 -6.47
CA GLU J 113 7.96 -62.79 -7.80
C GLU J 113 7.74 -64.30 -7.81
N SER J 114 8.55 -65.04 -7.06
CA SER J 114 8.34 -66.48 -6.98
C SER J 114 6.97 -66.79 -6.41
N ALA J 115 6.57 -66.06 -5.37
CA ALA J 115 5.27 -66.27 -4.77
C ALA J 115 4.15 -65.98 -5.75
N GLN J 116 4.28 -64.88 -6.49
CA GLN J 116 3.24 -64.55 -7.47
C GLN J 116 3.15 -65.61 -8.54
N SER J 117 4.30 -66.09 -9.03
CA SER J 117 4.27 -67.12 -10.06
C SER J 117 3.63 -68.39 -9.53
N ALA J 118 3.98 -68.76 -8.29
CA ALA J 118 3.39 -69.96 -7.70
C ALA J 118 1.88 -69.81 -7.55
N SER J 119 1.43 -68.65 -7.08
CA SER J 119 0.00 -68.42 -6.91
C SER J 119 -0.72 -68.47 -8.25
N ASP J 120 -0.14 -67.86 -9.28
CA ASP J 120 -0.79 -67.89 -10.59
C ASP J 120 -0.84 -69.30 -11.15
N ASP J 121 0.23 -70.08 -10.97
CA ASP J 121 0.22 -71.46 -11.44
C ASP J 121 -0.82 -72.27 -10.69
N ALA J 122 -0.94 -72.05 -9.38
CA ALA J 122 -1.96 -72.75 -8.61
C ALA J 122 -3.35 -72.39 -9.09
N ASP J 123 -3.57 -71.11 -9.40
CA ASP J 123 -4.86 -70.71 -9.96
C ASP J 123 -5.10 -71.41 -11.29
N GLN J 124 -4.08 -71.48 -12.14
CA GLN J 124 -4.24 -72.11 -13.44
C GLN J 124 -4.59 -73.58 -13.28
N VAL J 125 -3.94 -74.26 -12.34
CA VAL J 125 -4.27 -75.67 -12.13
C VAL J 125 -5.59 -75.81 -11.40
N THR J 126 -6.11 -74.72 -10.84
CA THR J 126 -7.39 -74.77 -10.16
C THR J 126 -8.36 -73.76 -10.76
N MET K 1 22.71 -62.48 46.40
CA MET K 1 21.78 -62.20 45.31
C MET K 1 22.56 -61.64 44.13
N SER K 2 23.73 -61.09 44.43
CA SER K 2 24.58 -60.51 43.41
C SER K 2 24.81 -61.50 42.28
N ILE K 3 25.06 -60.98 41.09
CA ILE K 3 25.06 -61.78 39.85
C ILE K 3 26.48 -61.95 39.38
N GLN K 4 26.86 -63.18 39.03
CA GLN K 4 28.22 -63.45 38.62
C GLN K 4 28.28 -63.58 37.10
N VAL K 5 29.43 -63.24 36.52
CA VAL K 5 29.60 -63.29 35.08
C VAL K 5 30.88 -64.04 34.76
N THR K 6 30.78 -64.98 33.84
CA THR K 6 31.90 -65.85 33.50
C THR K 6 31.87 -66.11 32.00
N GLY K 7 32.99 -65.86 31.34
CA GLY K 7 33.08 -66.07 29.92
C GLY K 7 34.50 -66.02 29.42
N ILE K 8 34.64 -66.01 28.11
CA ILE K 8 35.94 -66.04 27.44
C ILE K 8 35.98 -64.86 26.48
N ILE K 9 37.12 -64.19 26.43
CA ILE K 9 37.24 -62.94 25.69
C ILE K 9 37.88 -63.32 24.35
N GLU K 10 37.08 -63.75 23.40
CA GLU K 10 37.65 -64.12 22.11
C GLU K 10 37.97 -62.85 21.33
N GLY K 11 39.19 -62.78 20.81
CA GLY K 11 39.56 -61.69 19.95
C GLY K 11 38.81 -61.82 18.63
N PRO K 12 38.79 -60.75 17.85
CA PRO K 12 38.01 -60.77 16.61
C PRO K 12 38.45 -61.86 15.63
N LEU K 13 39.65 -62.40 15.74
CA LEU K 13 40.09 -63.47 14.85
C LEU K 13 40.05 -64.82 15.55
N GLY K 14 39.15 -64.99 16.50
CA GLY K 14 39.06 -66.27 17.19
C GLY K 14 40.23 -66.59 18.06
N THR K 15 40.98 -65.58 18.50
CA THR K 15 42.14 -65.77 19.35
C THR K 15 41.95 -65.03 20.67
N PRO K 16 42.09 -65.68 21.79
CA PRO K 16 41.81 -65.02 23.06
C PRO K 16 42.90 -64.02 23.43
N SER K 17 42.72 -63.32 24.54
CA SER K 17 43.67 -62.28 24.93
C SER K 17 43.73 -62.17 26.46
N PRO K 18 44.80 -62.62 27.07
CA PRO K 18 44.91 -62.60 28.54
C PRO K 18 45.55 -61.33 29.08
N GLY K 19 45.04 -60.18 28.67
CA GLY K 19 45.53 -58.94 29.24
C GLY K 19 44.48 -57.85 29.38
N ILE K 20 43.24 -58.19 29.09
CA ILE K 20 42.15 -57.22 29.10
C ILE K 20 41.87 -56.83 30.55
N THR K 21 41.49 -55.58 30.78
CA THR K 21 40.92 -55.22 32.07
C THR K 21 39.61 -54.47 31.85
N ILE K 22 38.58 -54.92 32.55
CA ILE K 22 37.22 -54.42 32.41
C ILE K 22 36.89 -53.58 33.62
N ARG K 23 36.47 -52.35 33.39
CA ARG K 23 36.10 -51.45 34.47
C ARG K 23 34.61 -51.20 34.40
N VAL K 24 33.96 -51.12 35.56
CA VAL K 24 32.57 -50.72 35.64
C VAL K 24 32.47 -49.61 36.67
N VAL K 25 31.68 -48.60 36.35
CA VAL K 25 31.41 -47.48 37.25
C VAL K 25 29.92 -47.36 37.42
N SER K 26 29.47 -47.26 38.66
CA SER K 26 28.04 -47.15 38.89
C SER K 26 27.52 -45.85 38.32
N LYS K 27 26.48 -45.95 37.50
CA LYS K 27 25.83 -44.78 36.92
C LYS K 27 25.00 -44.01 37.93
N ILE K 28 24.20 -44.71 38.72
CA ILE K 28 23.40 -44.08 39.77
C ILE K 28 23.96 -44.58 41.09
N SER K 29 23.52 -43.97 42.17
CA SER K 29 23.79 -44.50 43.50
C SER K 29 22.67 -45.46 43.85
N TYR K 30 22.98 -46.75 43.90
CA TYR K 30 22.03 -47.80 44.22
C TYR K 30 22.27 -48.27 45.64
N ARG K 31 21.56 -49.32 46.05
CA ARG K 31 21.77 -49.86 47.38
C ARG K 31 23.20 -50.35 47.53
N ASN K 32 23.83 -49.96 48.63
CA ASN K 32 25.19 -50.37 48.98
C ASN K 32 26.27 -49.83 48.05
N THR K 33 25.90 -49.15 46.98
CA THR K 33 26.91 -48.65 46.06
C THR K 33 26.56 -47.24 45.62
N TYR K 34 27.57 -46.46 45.30
CA TYR K 34 27.37 -45.03 45.08
C TYR K 34 27.66 -44.68 43.62
N ARG K 35 27.29 -43.45 43.28
CA ARG K 35 27.59 -42.92 41.96
C ARG K 35 29.11 -42.88 41.78
N LEU K 36 29.53 -43.13 40.54
CA LEU K 36 30.95 -43.08 40.15
C LEU K 36 31.82 -44.03 40.95
N SER K 37 31.23 -45.00 41.63
CA SER K 37 32.01 -45.98 42.37
C SER K 37 32.64 -46.91 41.35
N THR K 38 33.81 -46.52 40.87
CA THR K 38 34.48 -47.34 39.87
C THR K 38 34.99 -48.63 40.47
N GLU K 39 35.34 -49.56 39.59
CA GLU K 39 36.11 -50.73 39.98
C GLU K 39 36.59 -51.40 38.70
N ASP K 40 37.81 -51.92 38.72
CA ASP K 40 38.38 -52.59 37.56
C ASP K 40 38.74 -54.03 37.91
N TYR K 41 38.59 -54.91 36.93
CA TYR K 41 38.88 -56.33 37.08
C TYR K 41 39.75 -56.78 35.93
N VAL K 42 40.89 -57.37 36.25
CA VAL K 42 41.81 -57.86 35.23
C VAL K 42 41.28 -59.17 34.67
N THR K 43 41.62 -59.47 33.43
CA THR K 43 41.23 -60.76 32.89
C THR K 43 42.21 -61.83 33.33
N THR K 44 41.83 -63.09 33.13
CA THR K 44 42.66 -64.21 33.53
C THR K 44 43.28 -64.86 32.29
N THR K 45 44.03 -65.93 32.53
CA THR K 45 44.69 -66.64 31.44
C THR K 45 43.67 -67.28 30.52
N GLY K 46 44.07 -67.44 29.26
CA GLY K 46 43.15 -68.00 28.28
C GLY K 46 42.07 -67.06 27.84
N GLY K 47 42.12 -65.79 28.25
CA GLY K 47 41.11 -64.84 27.88
C GLY K 47 39.79 -65.01 28.59
N ALA K 48 39.77 -65.71 29.72
CA ALA K 48 38.54 -65.92 30.46
C ALA K 48 38.46 -64.98 31.64
N TYR K 49 37.24 -64.70 32.05
CA TYR K 49 36.93 -63.93 33.24
C TYR K 49 35.85 -64.65 34.02
N ASP K 50 35.88 -64.48 35.34
CA ASP K 50 34.85 -65.04 36.20
C ASP K 50 34.80 -64.13 37.44
N PHE K 51 33.85 -63.21 37.45
CA PHE K 51 33.83 -62.24 38.54
C PHE K 51 32.41 -61.89 38.93
N GLN K 52 32.26 -61.48 40.19
CA GLN K 52 30.98 -61.10 40.73
C GLN K 52 30.56 -59.75 40.18
N LEU K 53 29.31 -59.36 40.42
CA LEU K 53 28.83 -58.03 40.07
C LEU K 53 27.56 -57.74 40.83
N ASN K 54 27.54 -56.62 41.53
CA ASN K 54 26.35 -56.22 42.25
C ASN K 54 25.26 -55.78 41.29
N GLU K 55 24.03 -55.87 41.74
CA GLU K 55 22.92 -55.32 40.99
C GLU K 55 22.94 -53.81 41.10
N GLY K 56 22.35 -53.17 40.11
CA GLY K 56 22.35 -51.73 40.02
C GLY K 56 22.38 -51.29 38.58
N PHE K 57 22.99 -50.13 38.31
CA PHE K 57 23.15 -49.65 36.94
C PHE K 57 24.57 -49.18 36.77
N HIS K 58 25.31 -49.83 35.87
CA HIS K 58 26.74 -49.61 35.78
C HIS K 58 27.17 -49.44 34.34
N LYS K 59 27.93 -48.37 34.10
CA LYS K 59 28.67 -48.17 32.87
C LYS K 59 29.85 -49.13 32.80
N ILE K 60 29.93 -49.89 31.73
CA ILE K 60 31.02 -50.84 31.54
C ILE K 60 31.92 -50.31 30.43
N LEU K 61 33.20 -50.19 30.73
CA LEU K 61 34.24 -49.87 29.77
C LEU K 61 35.30 -50.97 29.85
N ILE K 62 36.10 -51.12 28.79
CA ILE K 62 37.19 -52.08 28.83
C ILE K 62 38.44 -51.43 28.25
N ARG K 63 39.58 -52.05 28.53
CA ARG K 63 40.83 -51.64 27.91
C ARG K 63 41.66 -52.88 27.60
N TYR K 64 42.32 -52.82 26.45
CA TYR K 64 43.12 -53.90 25.93
C TYR K 64 44.57 -53.74 26.35
N ARG K 65 45.30 -54.84 26.34
CA ARG K 65 46.63 -54.83 26.93
C ARG K 65 47.50 -53.78 26.28
N GLY K 66 47.43 -53.65 24.96
CA GLY K 66 48.17 -52.60 24.28
C GLY K 66 47.48 -51.26 24.23
N ALA K 67 46.27 -51.16 24.76
CA ALA K 67 45.51 -49.95 24.63
C ALA K 67 46.03 -48.87 25.57
N SER K 68 45.59 -47.64 25.32
CA SER K 68 45.95 -46.49 26.13
C SER K 68 44.80 -46.00 26.99
N SER K 69 43.65 -45.75 26.38
CA SER K 69 42.46 -45.30 27.10
C SER K 69 41.52 -46.48 27.31
N PHE K 70 40.33 -46.20 27.80
CA PHE K 70 39.28 -47.21 27.88
C PHE K 70 38.39 -47.06 26.65
N THR K 71 37.80 -48.15 26.22
CA THR K 71 36.84 -48.09 25.14
C THR K 71 35.44 -48.13 25.71
N LYS K 72 34.55 -47.39 25.07
CA LYS K 72 33.15 -47.28 25.50
C LYS K 72 32.44 -48.58 25.19
N LEU K 73 32.38 -49.48 26.16
CA LEU K 73 31.73 -50.75 25.91
C LEU K 73 30.21 -50.63 25.99
N GLY K 74 29.71 -49.87 26.95
CA GLY K 74 28.28 -49.62 27.03
C GLY K 74 27.85 -49.38 28.46
N ASP K 75 26.56 -49.62 28.70
CA ASP K 75 25.99 -49.45 30.04
C ASP K 75 24.92 -50.49 30.25
N VAL K 76 24.84 -51.02 31.46
CA VAL K 76 23.95 -52.13 31.75
C VAL K 76 23.14 -51.83 33.00
N SER K 77 21.93 -52.35 33.03
CA SER K 77 20.99 -52.14 34.13
C SER K 77 20.68 -53.51 34.71
N VAL K 78 21.51 -53.96 35.62
CA VAL K 78 21.40 -55.30 36.17
C VAL K 78 20.56 -55.23 37.43
N SER K 79 19.79 -56.29 37.68
CA SER K 79 18.93 -56.34 38.84
C SER K 79 18.59 -57.79 39.10
N ASP K 80 17.71 -58.01 40.08
CA ASP K 80 17.20 -59.34 40.32
C ASP K 80 16.37 -59.78 39.12
N GLN K 81 15.93 -61.04 39.16
CA GLN K 81 15.23 -61.64 38.03
C GLN K 81 16.08 -61.59 36.77
N THR K 82 17.39 -61.73 36.93
CA THR K 82 18.31 -61.94 35.84
C THR K 82 19.15 -63.18 36.13
N PRO K 83 19.48 -63.97 35.11
CA PRO K 83 20.09 -65.28 35.37
C PRO K 83 21.49 -65.13 35.91
N SER K 84 21.73 -65.75 37.07
CA SER K 84 23.04 -65.66 37.70
C SER K 84 24.16 -66.25 36.85
N PRO K 85 24.02 -67.41 36.23
CA PRO K 85 25.19 -67.85 35.45
C PRO K 85 25.20 -67.27 34.05
N ILE K 86 25.39 -65.95 33.95
CA ILE K 86 25.32 -65.24 32.69
C ILE K 86 26.70 -64.71 32.31
N THR K 87 27.03 -64.83 31.02
CA THR K 87 28.24 -64.23 30.49
C THR K 87 28.08 -62.72 30.37
N LEU K 88 29.20 -62.05 30.11
CA LEU K 88 29.16 -60.59 30.02
C LEU K 88 28.42 -60.15 28.78
N ILE K 89 28.64 -60.84 27.65
CA ILE K 89 28.04 -60.44 26.39
C ILE K 89 26.53 -60.42 26.50
N ASN K 90 25.94 -61.50 26.97
CA ASN K 90 24.50 -61.58 27.00
C ASN K 90 23.90 -60.54 27.94
N LEU K 91 24.63 -60.18 29.00
CA LEU K 91 24.17 -59.09 29.86
C LEU K 91 24.18 -57.76 29.14
N LEU K 92 25.30 -57.41 28.49
CA LEU K 92 25.32 -56.19 27.67
C LEU K 92 24.19 -56.19 26.66
N GLU K 93 24.05 -57.27 25.90
CA GLU K 93 23.08 -57.31 24.81
C GLU K 93 21.67 -57.19 25.36
N SER K 94 21.36 -57.89 26.43
CA SER K 94 20.06 -57.78 27.04
C SER K 94 19.81 -56.41 27.62
N SER K 95 20.85 -55.62 27.86
CA SER K 95 20.67 -54.28 28.40
C SER K 95 21.41 -53.26 27.54
N SER K 96 21.15 -53.27 26.24
CA SER K 96 21.65 -52.27 25.32
C SER K 96 20.82 -52.34 24.05
N PRO K 97 20.73 -51.27 23.27
CA PRO K 97 20.06 -51.38 21.98
C PRO K 97 20.73 -52.43 21.12
N LYS K 98 19.93 -53.23 20.43
CA LYS K 98 20.49 -54.19 19.51
C LYS K 98 21.17 -53.46 18.36
N ALA K 99 22.34 -53.94 17.96
CA ALA K 99 23.05 -53.31 16.87
C ALA K 99 22.21 -53.37 15.61
N LEU K 100 22.25 -52.28 14.82
CA LEU K 100 21.45 -52.21 13.60
C LEU K 100 21.81 -53.35 12.66
N VAL K 101 23.10 -53.53 12.42
CA VAL K 101 23.56 -54.39 11.36
C VAL K 101 23.33 -55.85 11.68
N VAL K 102 23.43 -56.22 12.96
CA VAL K 102 23.17 -57.60 13.31
C VAL K 102 21.71 -57.93 13.02
N LYS K 103 20.82 -57.01 13.36
CA LYS K 103 19.43 -57.17 12.99
C LYS K 103 19.27 -57.27 11.48
N LEU K 104 19.98 -56.43 10.75
CA LEU K 104 19.88 -56.45 9.30
C LEU K 104 20.30 -57.81 8.75
N GLN K 105 21.40 -58.34 9.25
CA GLN K 105 21.89 -59.63 8.79
C GLN K 105 20.92 -60.75 9.13
N GLU K 106 20.35 -60.71 10.33
CA GLU K 106 19.37 -61.72 10.71
C GLU K 106 18.16 -61.66 9.79
N LEU K 107 17.71 -60.44 9.47
CA LEU K 107 16.60 -60.30 8.54
C LEU K 107 16.96 -60.89 7.18
N ALA K 108 18.16 -60.57 6.68
CA ALA K 108 18.56 -61.10 5.38
C ALA K 108 18.62 -62.61 5.42
N ASP K 109 19.05 -63.19 6.53
CA ASP K 109 19.18 -64.65 6.62
C ASP K 109 17.81 -65.32 6.62
N GLU K 110 16.90 -64.84 7.47
CA GLU K 110 15.57 -65.43 7.47
C GLU K 110 14.88 -65.20 6.13
N ALA K 111 15.16 -64.07 5.49
CA ALA K 111 14.64 -63.83 4.16
C ALA K 111 15.18 -64.86 3.18
N SER K 112 16.48 -65.15 3.28
CA SER K 112 17.07 -66.13 2.37
C SER K 112 16.43 -67.49 2.55
N GLU K 113 16.22 -67.90 3.80
CA GLU K 113 15.59 -69.19 4.03
C GLU K 113 14.18 -69.22 3.46
N SER K 114 13.41 -68.14 3.67
CA SER K 114 12.07 -68.08 3.12
C SER K 114 12.08 -68.15 1.60
N ALA K 115 13.01 -67.41 0.98
CA ALA K 115 13.08 -67.38 -0.47
C ALA K 115 13.44 -68.73 -1.02
N GLN K 116 14.38 -69.42 -0.38
CA GLN K 116 14.73 -70.77 -0.82
C GLN K 116 13.54 -71.70 -0.69
N SER K 117 12.78 -71.56 0.40
CA SER K 117 11.58 -72.37 0.53
C SER K 117 10.61 -72.13 -0.61
N ALA K 118 10.40 -70.86 -0.95
CA ALA K 118 9.49 -70.52 -2.04
C ALA K 118 9.99 -71.09 -3.36
N SER K 119 11.28 -70.94 -3.64
CA SER K 119 11.83 -71.40 -4.91
C SER K 119 11.75 -72.91 -5.04
N ASP K 120 12.11 -73.62 -3.96
CA ASP K 120 12.04 -75.08 -4.04
C ASP K 120 10.60 -75.55 -4.14
N ASP K 121 9.67 -74.82 -3.52
CA ASP K 121 8.26 -75.16 -3.68
C ASP K 121 7.81 -74.97 -5.12
N ALA K 122 8.23 -73.88 -5.74
CA ALA K 122 7.91 -73.67 -7.15
C ALA K 122 8.49 -74.78 -8.02
N ASP K 123 9.72 -75.19 -7.72
CA ASP K 123 10.33 -76.31 -8.43
C ASP K 123 9.51 -77.59 -8.24
N GLN K 124 9.08 -77.85 -7.01
CA GLN K 124 8.35 -79.09 -6.72
C GLN K 124 7.02 -79.12 -7.45
N VAL K 125 6.29 -78.00 -7.43
CA VAL K 125 5.01 -77.95 -8.12
C VAL K 125 5.17 -77.96 -9.63
N THR K 126 6.40 -77.81 -10.11
CA THR K 126 6.67 -77.76 -11.53
C THR K 126 7.62 -78.88 -11.93
N MET L 1 5.11 -64.62 20.95
CA MET L 1 3.94 -64.32 21.76
C MET L 1 4.06 -62.96 22.44
N SER L 2 2.94 -62.44 22.93
CA SER L 2 2.94 -61.15 23.61
C SER L 2 3.80 -61.23 24.87
N ILE L 3 4.44 -60.11 25.19
CA ILE L 3 5.47 -60.09 26.23
C ILE L 3 4.84 -59.66 27.55
N GLN L 4 5.59 -59.85 28.62
CA GLN L 4 5.10 -59.53 29.97
C GLN L 4 6.25 -58.89 30.74
N VAL L 5 6.21 -57.57 30.88
CA VAL L 5 7.29 -56.85 31.54
C VAL L 5 6.94 -56.65 33.00
N THR L 6 7.91 -56.90 33.87
CA THR L 6 7.69 -56.76 35.30
C THR L 6 9.00 -56.46 35.99
N GLY L 7 8.87 -55.86 37.17
CA GLY L 7 10.03 -55.53 37.96
C GLY L 7 9.65 -54.57 39.06
N ILE L 8 10.67 -53.90 39.59
CA ILE L 8 10.49 -52.94 40.67
C ILE L 8 10.91 -51.58 40.14
N ILE L 9 10.00 -50.62 40.15
CA ILE L 9 10.34 -49.27 39.71
C ILE L 9 11.46 -48.76 40.59
N GLU L 10 12.56 -48.36 39.96
CA GLU L 10 13.79 -48.27 40.72
C GLU L 10 14.85 -47.56 39.88
N GLY L 11 15.71 -46.82 40.55
CA GLY L 11 16.79 -46.13 39.88
C GLY L 11 16.30 -44.89 39.17
N PRO L 12 16.70 -44.74 37.90
CA PRO L 12 16.32 -43.52 37.17
C PRO L 12 14.84 -43.35 37.05
N LEU L 13 14.07 -44.43 37.16
CA LEU L 13 12.62 -44.30 37.14
C LEU L 13 12.10 -43.65 38.42
N GLY L 14 12.80 -43.82 39.53
CA GLY L 14 12.47 -43.11 40.75
C GLY L 14 12.37 -44.06 41.92
N THR L 15 11.91 -43.51 43.04
CA THR L 15 11.76 -44.31 44.24
C THR L 15 10.61 -45.30 44.09
N PRO L 16 10.69 -46.44 44.78
CA PRO L 16 9.59 -47.41 44.69
C PRO L 16 8.35 -46.95 45.43
N SER L 17 7.68 -45.95 44.90
CA SER L 17 6.48 -45.44 45.53
C SER L 17 5.32 -46.40 45.30
N PRO L 18 4.67 -46.87 46.35
CA PRO L 18 3.60 -47.85 46.14
C PRO L 18 2.30 -47.19 45.73
N GLY L 19 2.39 -46.24 44.81
CA GLY L 19 1.20 -45.73 44.15
C GLY L 19 1.51 -45.29 42.74
N ILE L 20 2.75 -45.53 42.32
CA ILE L 20 3.22 -44.98 41.05
C ILE L 20 2.38 -45.53 39.90
N THR L 21 2.19 -44.69 38.88
CA THR L 21 1.40 -45.05 37.72
C THR L 21 2.20 -44.80 36.44
N ILE L 22 1.92 -45.63 35.44
CA ILE L 22 2.58 -45.63 34.16
C ILE L 22 1.49 -45.54 33.11
N ARG L 23 1.88 -45.06 31.93
CA ARG L 23 0.95 -44.98 30.83
C ARG L 23 1.67 -45.47 29.58
N VAL L 24 0.98 -46.24 28.75
CA VAL L 24 1.51 -46.65 27.47
C VAL L 24 0.54 -46.22 26.40
N VAL L 25 1.04 -45.46 25.43
CA VAL L 25 0.27 -45.08 24.26
C VAL L 25 0.86 -45.82 23.08
N SER L 26 0.06 -46.69 22.47
CA SER L 26 0.51 -47.52 21.37
C SER L 26 0.10 -46.87 20.06
N LYS L 27 1.02 -46.82 19.12
CA LYS L 27 0.78 -46.23 17.82
C LYS L 27 0.49 -47.36 16.85
N ILE L 28 -0.77 -47.75 16.76
CA ILE L 28 -1.18 -48.84 15.89
C ILE L 28 -1.59 -48.25 14.55
N SER L 29 -0.79 -48.48 13.52
CA SER L 29 -1.06 -47.87 12.21
C SER L 29 -2.38 -48.40 11.71
N TYR L 30 -3.44 -47.59 11.82
CA TYR L 30 -4.79 -48.13 11.65
C TYR L 30 -5.19 -48.20 10.17
N ARG L 31 -5.46 -47.07 9.54
CA ARG L 31 -5.78 -47.13 8.12
C ARG L 31 -4.88 -46.23 7.29
N ASN L 32 -4.83 -44.94 7.64
CA ASN L 32 -4.12 -43.96 6.85
C ASN L 32 -2.75 -43.65 7.45
N THR L 33 -2.72 -43.19 8.70
CA THR L 33 -1.44 -43.07 9.38
C THR L 33 -1.36 -44.00 10.60
N TYR L 34 -2.21 -43.78 11.60
CA TYR L 34 -2.14 -44.58 12.82
C TYR L 34 -3.22 -44.11 13.78
N ARG L 35 -3.42 -44.91 14.81
CA ARG L 35 -4.31 -44.63 15.92
C ARG L 35 -3.50 -44.76 17.20
N LEU L 36 -3.65 -43.80 18.10
CA LEU L 36 -2.99 -43.89 19.39
C LEU L 36 -3.98 -44.45 20.39
N SER L 37 -3.57 -45.49 21.11
CA SER L 37 -4.40 -46.15 22.10
C SER L 37 -3.72 -46.06 23.44
N THR L 38 -4.37 -45.46 24.41
CA THR L 38 -3.78 -45.25 25.71
C THR L 38 -4.15 -46.37 26.67
N GLU L 39 -3.31 -46.56 27.67
CA GLU L 39 -3.62 -47.48 28.76
C GLU L 39 -2.82 -47.07 29.98
N ASP L 40 -3.46 -47.02 31.15
CA ASP L 40 -2.82 -46.62 32.38
C ASP L 40 -2.72 -47.82 33.31
N TYR L 41 -1.51 -48.06 33.83
CA TYR L 41 -1.24 -49.17 34.74
C TYR L 41 -0.69 -48.63 36.05
N VAL L 42 -1.14 -49.20 37.16
CA VAL L 42 -0.67 -48.75 38.46
C VAL L 42 0.19 -49.84 39.04
N THR L 43 0.75 -49.60 40.23
CA THR L 43 1.69 -50.52 40.82
C THR L 43 1.26 -50.95 42.22
N THR L 44 1.55 -52.20 42.53
CA THR L 44 1.29 -52.73 43.86
C THR L 44 2.41 -52.26 44.79
N THR L 45 2.39 -52.75 46.03
CA THR L 45 3.26 -52.23 47.06
C THR L 45 4.72 -52.48 46.73
N GLY L 46 5.59 -51.71 47.39
CA GLY L 46 7.00 -51.81 47.13
C GLY L 46 7.42 -51.23 45.80
N GLY L 47 6.54 -50.52 45.12
CA GLY L 47 6.84 -50.01 43.79
C GLY L 47 6.99 -51.09 42.74
N ALA L 48 6.11 -52.07 42.73
CA ALA L 48 6.23 -53.22 41.85
C ALA L 48 5.27 -53.08 40.68
N TYR L 49 5.79 -53.25 39.47
CA TYR L 49 4.98 -53.25 38.27
C TYR L 49 5.05 -54.63 37.63
N ASP L 50 3.93 -55.03 37.02
CA ASP L 50 3.80 -56.35 36.42
C ASP L 50 2.67 -56.26 35.41
N PHE L 51 2.98 -56.33 34.12
CA PHE L 51 1.92 -56.19 33.15
C PHE L 51 2.36 -56.72 31.79
N GLN L 52 1.41 -57.33 31.08
CA GLN L 52 1.65 -57.79 29.74
C GLN L 52 1.62 -56.61 28.77
N LEU L 53 2.09 -56.88 27.56
CA LEU L 53 2.28 -55.86 26.55
C LEU L 53 2.28 -56.55 25.20
N ASN L 54 1.42 -56.08 24.31
CA ASN L 54 1.39 -56.57 22.95
C ASN L 54 2.48 -55.89 22.12
N GLU L 55 2.70 -56.39 20.93
CA GLU L 55 3.80 -55.93 20.11
C GLU L 55 3.45 -54.64 19.39
N GLY L 56 4.47 -53.92 18.98
CA GLY L 56 4.30 -52.68 18.24
C GLY L 56 5.03 -51.53 18.90
N PHE L 57 4.65 -50.33 18.48
CA PHE L 57 5.29 -49.11 18.93
C PHE L 57 4.57 -48.60 20.16
N HIS L 58 5.29 -48.49 21.27
CA HIS L 58 4.72 -48.04 22.53
C HIS L 58 5.53 -46.90 23.09
N LYS L 59 4.85 -45.83 23.49
CA LYS L 59 5.48 -44.74 24.22
C LYS L 59 5.07 -44.87 25.67
N ILE L 60 6.05 -44.93 26.56
CA ILE L 60 5.83 -45.16 27.98
C ILE L 60 6.07 -43.86 28.72
N LEU L 61 5.12 -43.49 29.58
CA LEU L 61 5.16 -42.35 30.47
C LEU L 61 5.07 -42.83 31.90
N ILE L 62 5.61 -42.04 32.82
CA ILE L 62 5.63 -42.38 34.24
C ILE L 62 5.23 -41.15 35.03
N ARG L 63 4.57 -41.37 36.17
CA ARG L 63 4.25 -40.30 37.11
C ARG L 63 3.76 -40.92 38.40
N TYR L 64 3.71 -40.11 39.46
CA TYR L 64 3.16 -40.57 40.73
C TYR L 64 1.73 -40.08 40.86
N ARG L 65 0.91 -40.85 41.55
CA ARG L 65 -0.47 -40.42 41.71
C ARG L 65 -0.47 -39.13 42.50
N GLY L 66 -1.35 -38.21 42.10
CA GLY L 66 -1.37 -36.89 42.69
C GLY L 66 -0.25 -35.99 42.26
N ALA L 67 0.55 -36.39 41.27
CA ALA L 67 1.58 -35.50 40.77
C ALA L 67 0.97 -34.53 39.76
N SER L 68 1.83 -33.67 39.22
CA SER L 68 1.34 -32.61 38.37
C SER L 68 1.36 -32.99 36.89
N SER L 69 2.36 -33.77 36.46
CA SER L 69 2.37 -34.26 35.10
C SER L 69 3.16 -35.55 35.02
N PHE L 70 3.31 -36.05 33.80
CA PHE L 70 4.01 -37.29 33.54
C PHE L 70 5.50 -37.01 33.45
N THR L 71 6.26 -38.06 33.18
CA THR L 71 7.67 -37.95 32.82
C THR L 71 7.89 -38.87 31.64
N LYS L 72 8.56 -38.37 30.61
CA LYS L 72 8.72 -39.13 29.38
C LYS L 72 9.73 -40.24 29.61
N LEU L 73 9.24 -41.44 29.87
CA LEU L 73 10.16 -42.58 29.93
C LEU L 73 10.75 -42.85 28.55
N GLY L 74 9.91 -42.84 27.52
CA GLY L 74 10.40 -42.85 26.17
C GLY L 74 9.69 -43.85 25.30
N ASP L 75 10.15 -43.95 24.05
CA ASP L 75 9.56 -44.85 23.09
C ASP L 75 10.15 -46.25 23.24
N VAL L 76 9.53 -47.21 22.56
CA VAL L 76 10.04 -48.57 22.47
C VAL L 76 9.30 -49.24 21.33
N SER L 77 9.94 -50.24 20.73
CA SER L 77 9.35 -51.01 19.64
C SER L 77 9.44 -52.48 20.02
N VAL L 78 8.38 -52.99 20.65
CA VAL L 78 8.37 -54.40 21.02
C VAL L 78 8.15 -55.23 19.76
N SER L 79 9.09 -56.10 19.48
CA SER L 79 9.03 -56.94 18.28
C SER L 79 8.91 -58.40 18.70
N ASP L 80 8.90 -59.27 17.71
CA ASP L 80 8.78 -60.69 17.97
C ASP L 80 10.08 -61.32 18.42
N GLN L 81 11.06 -60.50 18.80
CA GLN L 81 12.34 -61.01 19.25
C GLN L 81 12.78 -60.50 20.61
N THR L 82 12.05 -59.57 21.21
CA THR L 82 12.42 -59.09 22.53
C THR L 82 12.09 -60.12 23.60
N PRO L 83 12.90 -60.19 24.66
CA PRO L 83 12.66 -61.19 25.71
C PRO L 83 11.33 -60.95 26.41
N SER L 84 10.70 -62.04 26.85
CA SER L 84 9.41 -61.93 27.52
C SER L 84 9.55 -61.48 28.98
N PRO L 85 10.22 -62.23 29.85
CA PRO L 85 10.28 -61.73 31.25
C PRO L 85 11.39 -60.71 31.44
N ILE L 86 11.09 -59.45 31.11
CA ILE L 86 12.08 -58.39 31.13
C ILE L 86 11.56 -57.22 31.94
N THR L 87 12.44 -56.58 32.71
CA THR L 87 12.06 -55.41 33.48
C THR L 87 11.81 -54.23 32.55
N LEU L 88 11.11 -53.21 33.07
CA LEU L 88 10.78 -52.05 32.26
C LEU L 88 12.01 -51.20 31.97
N ILE L 89 12.85 -50.97 32.98
CA ILE L 89 14.07 -50.20 32.76
C ILE L 89 14.91 -50.83 31.68
N ASN L 90 14.96 -52.16 31.64
CA ASN L 90 15.75 -52.82 30.62
C ASN L 90 15.14 -52.57 29.25
N LEU L 91 13.82 -52.70 29.13
CA LEU L 91 13.17 -52.56 27.83
C LEU L 91 13.28 -51.13 27.30
N LEU L 92 13.20 -50.14 28.19
CA LEU L 92 13.32 -48.75 27.72
C LEU L 92 14.63 -48.53 26.99
N GLU L 93 15.63 -49.34 27.30
CA GLU L 93 16.91 -49.22 26.63
C GLU L 93 16.86 -49.72 25.19
N SER L 94 15.89 -50.55 24.85
CA SER L 94 15.76 -51.05 23.48
C SER L 94 14.70 -50.23 22.73
N SER L 95 15.03 -48.95 22.53
CA SER L 95 14.12 -48.01 21.91
C SER L 95 13.96 -48.30 20.42
N SER L 96 13.00 -47.61 19.82
CA SER L 96 12.67 -47.85 18.42
C SER L 96 13.68 -47.17 17.51
N PRO L 97 14.38 -47.91 16.67
CA PRO L 97 15.19 -47.29 15.62
C PRO L 97 14.39 -47.13 14.34
N LYS L 98 15.04 -46.66 13.27
CA LYS L 98 14.39 -46.57 11.97
C LYS L 98 14.73 -47.75 11.08
N ALA L 99 14.91 -48.93 11.66
CA ALA L 99 15.02 -50.16 10.91
C ALA L 99 13.67 -50.69 10.47
N LEU L 100 12.58 -50.00 10.86
CA LEU L 100 11.24 -50.53 10.63
C LEU L 100 11.00 -50.82 9.16
N VAL L 101 11.58 -50.01 8.27
CA VAL L 101 11.40 -50.24 6.85
C VAL L 101 12.06 -51.54 6.43
N VAL L 102 13.21 -51.86 7.03
CA VAL L 102 13.86 -53.12 6.72
C VAL L 102 13.05 -54.28 7.28
N LYS L 103 12.51 -54.12 8.48
CA LYS L 103 11.65 -55.15 9.07
C LYS L 103 10.41 -55.37 8.22
N LEU L 104 9.94 -54.33 7.52
CA LEU L 104 8.83 -54.51 6.59
C LEU L 104 9.14 -55.59 5.58
N GLN L 105 10.41 -55.77 5.26
CA GLN L 105 10.82 -56.82 4.35
C GLN L 105 10.80 -58.20 4.99
N GLU L 106 10.39 -58.29 6.26
CA GLU L 106 10.05 -59.60 6.80
C GLU L 106 8.86 -60.23 6.10
N LEU L 107 8.23 -59.51 5.17
CA LEU L 107 7.13 -60.08 4.41
C LEU L 107 7.58 -61.19 3.48
N ALA L 108 8.89 -61.37 3.30
CA ALA L 108 9.36 -62.49 2.50
C ALA L 108 8.92 -63.82 3.10
N ASP L 109 8.98 -63.93 4.43
CA ASP L 109 8.50 -65.14 5.09
C ASP L 109 7.02 -65.35 4.84
N GLU L 110 6.24 -64.27 4.92
CA GLU L 110 4.81 -64.40 4.63
C GLU L 110 4.58 -64.82 3.20
N ALA L 111 5.34 -64.24 2.27
CA ALA L 111 5.25 -64.64 0.88
C ALA L 111 5.54 -66.12 0.73
N SER L 112 6.54 -66.61 1.44
CA SER L 112 6.91 -68.01 1.32
C SER L 112 5.84 -68.91 1.90
N GLU L 113 5.26 -68.54 3.04
CA GLU L 113 4.21 -69.38 3.60
C GLU L 113 2.99 -69.38 2.71
N SER L 114 2.71 -68.24 2.06
CA SER L 114 1.63 -68.22 1.08
C SER L 114 1.96 -69.12 -0.10
N ALA L 115 3.21 -69.12 -0.54
CA ALA L 115 3.60 -70.00 -1.64
C ALA L 115 3.44 -71.46 -1.26
N GLN L 116 3.84 -71.82 -0.05
CA GLN L 116 3.71 -73.20 0.40
C GLN L 116 2.25 -73.59 0.55
N SER L 117 1.41 -72.67 1.02
CA SER L 117 -0.02 -72.95 1.10
C SER L 117 -0.61 -73.15 -0.28
N ALA L 118 -0.25 -72.29 -1.23
CA ALA L 118 -0.75 -72.45 -2.58
C ALA L 118 -0.32 -73.79 -3.15
N SER L 119 0.93 -74.18 -2.91
CA SER L 119 1.40 -75.48 -3.34
C SER L 119 0.55 -76.59 -2.72
N ASP L 120 0.68 -76.77 -1.41
CA ASP L 120 0.02 -77.90 -0.76
C ASP L 120 -1.49 -77.83 -0.83
N ASP L 121 -2.05 -76.75 -1.36
CA ASP L 121 -3.45 -76.74 -1.76
C ASP L 121 -3.60 -77.34 -3.14
N ALA L 122 -2.75 -76.91 -4.08
CA ALA L 122 -2.91 -77.35 -5.46
C ALA L 122 -2.58 -78.82 -5.65
N ASP L 123 -1.63 -79.36 -4.87
CA ASP L 123 -1.09 -80.68 -5.20
C ASP L 123 -2.08 -81.82 -5.01
N GLN L 124 -3.11 -81.66 -4.19
CA GLN L 124 -3.89 -82.81 -3.76
C GLN L 124 -4.97 -83.25 -4.76
N VAL L 125 -5.14 -82.53 -5.86
CA VAL L 125 -6.19 -82.88 -6.82
C VAL L 125 -5.91 -84.23 -7.46
N THR L 126 -4.67 -84.45 -7.88
CA THR L 126 -4.23 -85.72 -8.47
C THR L 126 -5.15 -86.22 -9.57
N MET M 1 52.73 -40.00 -41.97
CA MET M 1 53.94 -40.24 -41.20
C MET M 1 54.24 -39.09 -40.27
N SER M 2 55.17 -39.31 -39.34
CA SER M 2 55.59 -38.24 -38.44
C SER M 2 56.29 -37.15 -39.24
N ILE M 3 55.70 -35.95 -39.25
CA ILE M 3 56.21 -34.89 -40.11
C ILE M 3 57.51 -34.33 -39.54
N GLN M 4 58.20 -33.56 -40.36
CA GLN M 4 59.46 -32.95 -39.99
C GLN M 4 59.37 -31.46 -40.27
N VAL M 5 59.96 -30.66 -39.38
CA VAL M 5 59.88 -29.21 -39.49
C VAL M 5 61.28 -28.66 -39.72
N THR M 6 61.39 -27.81 -40.74
CA THR M 6 62.62 -27.10 -41.06
C THR M 6 62.32 -25.62 -40.98
N GLY M 7 63.29 -24.83 -40.57
CA GLY M 7 63.18 -23.40 -40.71
C GLY M 7 64.45 -22.77 -40.19
N ILE M 8 64.55 -21.45 -40.36
CA ILE M 8 65.65 -20.69 -39.82
C ILE M 8 65.07 -19.62 -38.91
N ILE M 9 65.36 -19.73 -37.62
CA ILE M 9 64.83 -18.76 -36.66
C ILE M 9 65.56 -17.45 -36.87
N GLU M 10 64.81 -16.39 -37.07
CA GLU M 10 65.38 -15.09 -37.40
C GLU M 10 64.90 -14.06 -36.39
N GLY M 11 65.85 -13.37 -35.77
CA GLY M 11 65.51 -12.21 -34.99
C GLY M 11 65.05 -11.10 -35.92
N PRO M 12 64.34 -10.12 -35.38
CA PRO M 12 63.73 -9.09 -36.23
C PRO M 12 64.74 -8.24 -37.00
N LEU M 13 66.03 -8.53 -36.85
CA LEU M 13 67.08 -7.69 -37.42
C LEU M 13 68.00 -8.47 -38.33
N GLY M 14 67.46 -9.47 -39.02
CA GLY M 14 68.24 -10.19 -40.01
C GLY M 14 69.42 -10.96 -39.45
N THR M 15 69.49 -11.12 -38.14
CA THR M 15 70.58 -11.87 -37.53
C THR M 15 70.02 -13.14 -36.91
N PRO M 16 70.31 -14.30 -37.45
CA PRO M 16 69.82 -15.54 -36.85
C PRO M 16 70.34 -15.71 -35.44
N SER M 17 69.81 -16.71 -34.76
CA SER M 17 70.17 -16.94 -33.37
C SER M 17 70.49 -18.41 -33.14
N PRO M 18 71.73 -18.75 -32.79
CA PRO M 18 72.08 -20.16 -32.67
C PRO M 18 71.61 -20.79 -31.37
N GLY M 19 71.68 -20.07 -30.27
CA GLY M 19 71.41 -20.69 -28.99
C GLY M 19 69.97 -20.59 -28.54
N ILE M 20 69.06 -21.21 -29.27
CA ILE M 20 67.64 -21.22 -28.92
C ILE M 20 67.31 -22.59 -28.38
N THR M 21 66.64 -22.64 -27.23
CA THR M 21 66.21 -23.90 -26.64
C THR M 21 64.71 -23.99 -26.78
N ILE M 22 64.24 -24.86 -27.67
CA ILE M 22 62.83 -25.05 -27.92
C ILE M 22 62.36 -26.25 -27.13
N ARG M 23 61.25 -26.11 -26.42
CA ARG M 23 60.67 -27.20 -25.64
C ARG M 23 59.31 -27.58 -26.19
N VAL M 24 59.20 -28.82 -26.64
CA VAL M 24 57.94 -29.38 -27.10
C VAL M 24 57.45 -30.34 -26.02
N VAL M 25 56.23 -30.14 -25.56
CA VAL M 25 55.64 -31.06 -24.60
C VAL M 25 54.25 -31.45 -25.08
N SER M 26 53.97 -32.75 -25.06
CA SER M 26 52.66 -33.24 -25.46
C SER M 26 51.74 -33.26 -24.26
N LYS M 27 50.44 -33.15 -24.51
CA LYS M 27 49.52 -33.23 -23.40
C LYS M 27 48.29 -34.04 -23.74
N ILE M 28 48.43 -35.03 -24.61
CA ILE M 28 47.38 -36.00 -24.88
C ILE M 28 47.99 -37.38 -24.88
N SER M 29 47.31 -38.32 -24.23
CA SER M 29 47.67 -39.72 -24.38
C SER M 29 47.38 -40.14 -25.82
N TYR M 30 48.43 -40.30 -26.61
CA TYR M 30 48.29 -40.51 -28.04
C TYR M 30 49.32 -41.55 -28.45
N ARG M 31 49.11 -42.17 -29.60
CA ARG M 31 49.91 -43.37 -29.89
C ARG M 31 51.40 -43.07 -29.81
N ASN M 32 52.08 -43.87 -28.99
CA ASN M 32 53.52 -43.75 -28.81
C ASN M 32 53.92 -42.38 -28.31
N THR M 33 53.15 -41.82 -27.39
CA THR M 33 53.49 -40.52 -26.79
C THR M 33 52.60 -40.31 -25.58
N TYR M 34 53.18 -39.84 -24.49
CA TYR M 34 52.43 -39.76 -23.25
C TYR M 34 52.12 -38.34 -22.86
N ARG M 35 51.13 -38.21 -21.99
CA ARG M 35 50.77 -36.93 -21.44
C ARG M 35 51.95 -36.32 -20.71
N LEU M 36 52.11 -35.00 -20.85
CA LEU M 36 53.15 -34.26 -20.16
C LEU M 36 54.54 -34.78 -20.47
N SER M 37 54.71 -35.43 -21.62
CA SER M 37 56.02 -35.88 -22.06
C SER M 37 56.73 -34.70 -22.70
N THR M 38 57.90 -34.36 -22.17
CA THR M 38 58.65 -33.18 -22.55
C THR M 38 59.84 -33.57 -23.44
N GLU M 39 60.33 -32.60 -24.20
CA GLU M 39 61.66 -32.74 -24.78
C GLU M 39 62.14 -31.38 -25.28
N ASP M 40 63.46 -31.28 -25.45
CA ASP M 40 64.15 -30.07 -25.83
C ASP M 40 64.86 -30.26 -27.17
N TYR M 41 65.10 -29.15 -27.84
CA TYR M 41 65.90 -29.15 -29.05
C TYR M 41 66.63 -27.81 -29.14
N VAL M 42 67.92 -27.88 -29.43
CA VAL M 42 68.75 -26.70 -29.59
C VAL M 42 69.08 -26.52 -31.07
N THR M 43 68.84 -25.33 -31.58
CA THR M 43 69.09 -25.06 -32.99
C THR M 43 70.59 -24.99 -33.24
N THR M 44 71.00 -25.49 -34.40
CA THR M 44 72.41 -25.48 -34.75
C THR M 44 72.80 -24.11 -35.31
N THR M 45 74.04 -24.00 -35.76
CA THR M 45 74.54 -22.74 -36.29
C THR M 45 73.66 -22.27 -37.43
N GLY M 46 73.65 -20.96 -37.64
CA GLY M 46 72.77 -20.37 -38.61
C GLY M 46 71.34 -20.23 -38.15
N GLY M 47 71.05 -20.61 -36.91
CA GLY M 47 69.73 -20.45 -36.36
C GLY M 47 68.68 -21.24 -37.12
N ALA M 48 69.03 -22.47 -37.49
CA ALA M 48 68.14 -23.34 -38.24
C ALA M 48 67.64 -24.44 -37.34
N TYR M 49 66.32 -24.53 -37.20
CA TYR M 49 65.68 -25.59 -36.45
C TYR M 49 65.15 -26.63 -37.41
N ASP M 50 65.56 -27.87 -37.23
CA ASP M 50 64.98 -29.01 -37.93
C ASP M 50 64.82 -30.18 -36.98
N PHE M 51 63.60 -30.69 -36.89
CA PHE M 51 63.42 -31.91 -36.13
C PHE M 51 62.20 -32.68 -36.60
N GLN M 52 62.35 -34.00 -36.72
CA GLN M 52 61.19 -34.86 -36.90
C GLN M 52 60.45 -34.93 -35.58
N LEU M 53 59.22 -34.42 -35.55
CA LEU M 53 58.42 -34.47 -34.35
C LEU M 53 57.33 -35.52 -34.51
N ASN M 54 57.04 -36.22 -33.42
CA ASN M 54 55.89 -37.08 -33.44
C ASN M 54 54.63 -36.24 -33.55
N GLU M 55 53.52 -36.93 -33.82
CA GLU M 55 52.24 -36.28 -34.01
C GLU M 55 51.36 -36.47 -32.78
N GLY M 56 50.31 -35.66 -32.71
CA GLY M 56 49.47 -35.59 -31.53
C GLY M 56 49.15 -34.15 -31.23
N PHE M 57 49.23 -33.77 -29.96
CA PHE M 57 48.90 -32.41 -29.52
C PHE M 57 50.02 -31.88 -28.64
N HIS M 58 50.83 -30.98 -29.20
CA HIS M 58 52.09 -30.60 -28.60
C HIS M 58 52.13 -29.08 -28.45
N LYS M 59 52.31 -28.60 -27.23
CA LYS M 59 52.53 -27.18 -27.04
C LYS M 59 54.02 -26.89 -27.01
N ILE M 60 54.39 -25.73 -27.52
CA ILE M 60 55.77 -25.41 -27.82
C ILE M 60 56.16 -24.14 -27.07
N LEU M 61 57.32 -24.18 -26.43
CA LEU M 61 57.83 -23.08 -25.64
C LEU M 61 59.21 -22.70 -26.15
N ILE M 62 59.56 -21.43 -25.97
CA ILE M 62 60.86 -20.94 -26.40
C ILE M 62 61.62 -20.47 -25.17
N ARG M 63 62.94 -20.68 -25.19
CA ARG M 63 63.85 -19.93 -24.35
C ARG M 63 64.95 -19.39 -25.26
N TYR M 64 65.12 -18.07 -25.25
CA TYR M 64 66.17 -17.43 -26.01
C TYR M 64 67.49 -17.59 -25.28
N ARG M 65 68.51 -16.83 -25.68
CA ARG M 65 69.85 -16.99 -25.15
C ARG M 65 69.87 -17.17 -23.64
N GLY M 66 69.37 -16.18 -22.91
CA GLY M 66 69.23 -16.33 -21.48
C GLY M 66 67.87 -15.84 -21.04
N ALA M 67 67.06 -16.72 -20.47
CA ALA M 67 65.72 -16.33 -20.07
C ALA M 67 65.33 -17.09 -18.82
N SER M 68 64.75 -16.38 -17.86
CA SER M 68 64.27 -17.03 -16.65
C SER M 68 63.18 -18.04 -16.98
N SER M 69 62.05 -17.56 -17.44
CA SER M 69 60.91 -18.41 -17.74
C SER M 69 60.89 -18.76 -19.21
N PHE M 70 59.78 -19.36 -19.65
CA PHE M 70 59.63 -19.90 -20.99
C PHE M 70 58.49 -19.21 -21.71
N THR M 71 58.78 -18.68 -22.88
CA THR M 71 57.77 -18.00 -23.67
C THR M 71 56.96 -19.02 -24.44
N LYS M 72 55.65 -18.92 -24.34
CA LYS M 72 54.74 -19.87 -24.94
C LYS M 72 54.32 -19.37 -26.32
N LEU M 73 54.71 -20.09 -27.36
CA LEU M 73 54.27 -19.67 -28.69
C LEU M 73 52.88 -20.18 -29.02
N GLY M 74 52.50 -21.33 -28.50
CA GLY M 74 51.22 -21.90 -28.83
C GLY M 74 51.26 -23.40 -28.71
N ASP M 75 50.25 -24.03 -29.31
CA ASP M 75 50.10 -25.49 -29.26
C ASP M 75 49.67 -26.04 -30.62
N VAL M 76 50.58 -26.74 -31.27
CA VAL M 76 50.27 -27.33 -32.55
C VAL M 76 49.56 -28.66 -32.34
N SER M 77 48.87 -29.12 -33.37
CA SER M 77 48.29 -30.46 -33.40
C SER M 77 48.60 -31.05 -34.76
N VAL M 78 49.31 -32.18 -34.79
CA VAL M 78 49.72 -32.80 -36.03
C VAL M 78 49.05 -34.16 -36.15
N SER M 79 48.55 -34.46 -37.33
CA SER M 79 47.81 -35.69 -37.59
C SER M 79 48.49 -36.48 -38.70
N ASP M 80 47.82 -37.53 -39.15
CA ASP M 80 48.41 -38.46 -40.11
C ASP M 80 48.81 -37.73 -41.39
N GLN M 81 47.90 -36.95 -41.96
CA GLN M 81 48.21 -36.13 -43.10
C GLN M 81 48.34 -34.69 -42.66
N THR M 82 49.50 -34.10 -42.92
CA THR M 82 49.89 -32.75 -42.55
C THR M 82 51.16 -32.49 -43.32
N PRO M 83 51.33 -31.32 -43.95
CA PRO M 83 52.44 -31.15 -44.89
C PRO M 83 53.78 -31.49 -44.26
N SER M 84 54.54 -32.34 -44.94
CA SER M 84 55.81 -32.78 -44.36
C SER M 84 56.78 -31.61 -44.33
N PRO M 85 57.27 -31.08 -45.44
CA PRO M 85 58.23 -30.00 -45.33
C PRO M 85 57.51 -28.71 -44.96
N ILE M 86 57.59 -28.31 -43.70
CA ILE M 86 56.87 -27.15 -43.20
C ILE M 86 57.71 -26.44 -42.17
N THR M 87 57.62 -25.12 -42.15
CA THR M 87 58.18 -24.34 -41.07
C THR M 87 57.30 -24.49 -39.82
N LEU M 88 57.81 -24.02 -38.69
CA LEU M 88 57.01 -24.17 -37.48
C LEU M 88 55.90 -23.14 -37.42
N ILE M 89 56.11 -21.97 -38.01
CA ILE M 89 55.08 -20.93 -37.97
C ILE M 89 53.83 -21.40 -38.72
N ASN M 90 54.01 -21.91 -39.93
CA ASN M 90 52.88 -22.43 -40.65
C ASN M 90 52.33 -23.70 -40.00
N LEU M 91 53.08 -24.32 -39.10
CA LEU M 91 52.50 -25.39 -38.30
C LEU M 91 51.55 -24.85 -37.25
N LEU M 92 51.98 -23.80 -36.54
CA LEU M 92 51.16 -23.30 -35.44
C LEU M 92 49.95 -22.52 -35.95
N GLU M 93 50.13 -21.71 -37.00
CA GLU M 93 48.99 -20.98 -37.53
C GLU M 93 47.95 -21.93 -38.09
N SER M 94 48.37 -23.03 -38.69
CA SER M 94 47.45 -23.98 -39.29
C SER M 94 47.06 -25.10 -38.35
N SER M 95 47.54 -25.10 -37.10
CA SER M 95 47.19 -26.19 -36.20
C SER M 95 47.16 -25.64 -34.78
N SER M 96 45.99 -25.23 -34.35
CA SER M 96 45.76 -24.79 -32.99
C SER M 96 44.25 -24.79 -32.80
N PRO M 97 43.75 -25.05 -31.61
CA PRO M 97 42.31 -25.22 -31.44
C PRO M 97 41.47 -24.14 -32.09
N LYS M 98 41.75 -22.86 -31.79
CA LYS M 98 40.99 -21.79 -32.45
C LYS M 98 41.16 -21.87 -33.95
N ALA M 99 42.40 -21.96 -34.43
CA ALA M 99 42.64 -22.04 -35.86
C ALA M 99 42.08 -23.32 -36.45
N LEU M 100 42.17 -24.42 -35.71
CA LEU M 100 41.63 -25.68 -36.23
C LEU M 100 40.14 -25.58 -36.46
N VAL M 101 39.39 -25.11 -35.46
CA VAL M 101 37.95 -25.04 -35.61
C VAL M 101 37.57 -24.02 -36.68
N VAL M 102 38.32 -22.92 -36.77
CA VAL M 102 37.91 -21.93 -37.75
C VAL M 102 38.21 -22.44 -39.14
N LYS M 103 39.30 -23.17 -39.32
CA LYS M 103 39.57 -23.80 -40.61
C LYS M 103 38.49 -24.79 -40.95
N LEU M 104 38.01 -25.54 -39.95
CA LEU M 104 36.94 -26.49 -40.22
C LEU M 104 35.68 -25.77 -40.68
N GLN M 105 35.33 -24.66 -40.01
CA GLN M 105 34.17 -23.88 -40.44
C GLN M 105 34.35 -23.37 -41.86
N GLU M 106 35.53 -22.81 -42.15
CA GLU M 106 35.84 -22.36 -43.50
C GLU M 106 35.61 -23.48 -44.51
N LEU M 107 36.14 -24.65 -44.21
CA LEU M 107 36.07 -25.76 -45.14
C LEU M 107 34.63 -26.19 -45.34
N ALA M 108 33.87 -26.23 -44.25
CA ALA M 108 32.48 -26.66 -44.36
C ALA M 108 31.71 -25.71 -45.26
N ASP M 109 31.91 -24.41 -45.09
CA ASP M 109 31.21 -23.46 -45.95
C ASP M 109 31.66 -23.60 -47.40
N GLU M 110 32.95 -23.78 -47.64
CA GLU M 110 33.43 -23.95 -49.00
C GLU M 110 32.78 -25.16 -49.64
N ALA M 111 32.76 -26.28 -48.93
CA ALA M 111 32.17 -27.49 -49.48
C ALA M 111 30.69 -27.31 -49.72
N SER M 112 30.01 -26.61 -48.81
CA SER M 112 28.58 -26.38 -48.97
C SER M 112 28.30 -25.56 -50.22
N GLU M 113 29.09 -24.51 -50.45
CA GLU M 113 28.89 -23.72 -51.65
C GLU M 113 29.19 -24.54 -52.89
N SER M 114 30.23 -25.37 -52.85
CA SER M 114 30.53 -26.22 -53.99
C SER M 114 29.37 -27.15 -54.28
N ALA M 115 28.78 -27.73 -53.24
CA ALA M 115 27.66 -28.63 -53.42
C ALA M 115 26.47 -27.90 -54.04
N GLN M 116 26.18 -26.70 -53.53
CA GLN M 116 25.06 -25.95 -54.09
C GLN M 116 25.30 -25.61 -55.55
N SER M 117 26.51 -25.18 -55.88
CA SER M 117 26.80 -24.85 -57.27
C SER M 117 26.67 -26.08 -58.15
N ALA M 118 27.17 -27.23 -57.68
CA ALA M 118 27.05 -28.44 -58.46
C ALA M 118 25.60 -28.84 -58.66
N SER M 119 24.78 -28.74 -57.60
CA SER M 119 23.38 -29.08 -57.72
C SER M 119 22.67 -28.16 -58.70
N ASP M 120 22.96 -26.86 -58.63
CA ASP M 120 22.32 -25.92 -59.54
C ASP M 120 22.74 -26.18 -60.97
N ASP M 121 24.02 -26.49 -61.20
CA ASP M 121 24.46 -26.80 -62.56
C ASP M 121 23.81 -28.07 -63.07
N ALA M 122 23.66 -29.07 -62.19
CA ALA M 122 22.99 -30.30 -62.60
C ALA M 122 21.54 -30.02 -62.96
N ASP M 123 20.87 -29.17 -62.19
CA ASP M 123 19.52 -28.79 -62.54
C ASP M 123 19.48 -28.09 -63.89
N GLN M 124 20.44 -27.18 -64.12
CA GLN M 124 20.46 -26.45 -65.38
C GLN M 124 20.67 -27.39 -66.55
N VAL M 125 21.53 -28.40 -66.39
CA VAL M 125 21.72 -29.37 -67.46
C VAL M 125 20.55 -30.33 -67.53
N THR M 126 19.69 -30.35 -66.51
CA THR M 126 18.54 -31.22 -66.52
C THR M 126 17.25 -30.43 -66.35
N MET N 1 44.65 -65.33 -17.50
CA MET N 1 43.63 -64.44 -18.04
C MET N 1 44.15 -63.00 -18.00
N SER N 2 45.21 -62.79 -17.23
CA SER N 2 45.79 -61.46 -17.07
C SER N 2 46.12 -60.84 -18.42
N ILE N 3 46.08 -59.52 -18.51
CA ILE N 3 46.22 -58.81 -19.77
C ILE N 3 47.64 -58.27 -19.85
N GLN N 4 48.34 -58.58 -20.93
CA GLN N 4 49.73 -58.19 -21.06
C GLN N 4 49.85 -57.02 -22.01
N VAL N 5 50.78 -56.11 -21.73
CA VAL N 5 50.94 -54.91 -22.55
C VAL N 5 52.39 -54.77 -22.97
N THR N 6 52.59 -54.48 -24.25
CA THR N 6 53.92 -54.36 -24.81
C THR N 6 53.92 -53.22 -25.81
N GLY N 7 54.87 -52.30 -25.65
CA GLY N 7 54.93 -51.17 -26.54
C GLY N 7 56.24 -50.43 -26.40
N ILE N 8 56.33 -49.31 -27.11
CA ILE N 8 57.54 -48.50 -27.18
C ILE N 8 57.16 -47.09 -26.78
N ILE N 9 58.01 -46.45 -25.97
CA ILE N 9 57.68 -45.17 -25.39
C ILE N 9 58.35 -44.11 -26.25
N GLU N 10 57.71 -43.72 -27.34
CA GLU N 10 58.31 -42.71 -28.20
C GLU N 10 58.13 -41.36 -27.54
N GLY N 11 59.23 -40.62 -27.42
CA GLY N 11 59.15 -39.28 -26.91
C GLY N 11 58.44 -38.40 -27.93
N PRO N 12 57.95 -37.25 -27.49
CA PRO N 12 57.20 -36.38 -28.41
C PRO N 12 57.96 -35.99 -29.66
N LEU N 13 59.27 -36.21 -29.71
CA LEU N 13 60.07 -35.87 -30.88
C LEU N 13 60.51 -37.10 -31.65
N GLY N 14 59.72 -38.17 -31.60
CA GLY N 14 60.05 -39.36 -32.36
C GLY N 14 61.29 -40.08 -31.88
N THR N 15 61.71 -39.85 -30.64
CA THR N 15 62.86 -40.53 -30.08
C THR N 15 62.48 -41.20 -28.76
N PRO N 16 62.95 -42.41 -28.52
CA PRO N 16 62.54 -43.14 -27.32
C PRO N 16 63.31 -42.62 -26.11
N SER N 17 63.02 -43.23 -24.97
CA SER N 17 63.60 -42.82 -23.70
C SER N 17 63.57 -43.97 -22.70
N PRO N 18 64.72 -44.50 -22.33
CA PRO N 18 64.75 -45.67 -21.44
C PRO N 18 64.92 -45.30 -19.96
N GLY N 19 64.01 -44.47 -19.45
CA GLY N 19 64.10 -44.15 -18.04
C GLY N 19 62.79 -43.95 -17.30
N ILE N 20 61.69 -44.16 -17.97
CA ILE N 20 60.37 -43.89 -17.40
C ILE N 20 59.94 -45.05 -16.54
N THR N 21 59.24 -44.76 -15.44
CA THR N 21 58.61 -45.80 -14.65
C THR N 21 57.12 -45.54 -14.60
N ILE N 22 56.35 -46.57 -14.91
CA ILE N 22 54.90 -46.50 -14.96
C ILE N 22 54.36 -47.15 -13.70
N ARG N 23 53.58 -46.39 -12.94
CA ARG N 23 52.95 -46.90 -11.73
C ARG N 23 51.47 -47.05 -11.98
N VAL N 24 50.88 -48.11 -11.46
CA VAL N 24 49.44 -48.27 -11.48
C VAL N 24 48.99 -48.54 -10.06
N VAL N 25 47.92 -47.88 -9.65
CA VAL N 25 47.32 -48.06 -8.34
C VAL N 25 45.89 -48.51 -8.53
N SER N 26 45.50 -49.53 -7.78
CA SER N 26 44.17 -50.10 -7.98
C SER N 26 43.11 -49.10 -7.59
N LYS N 27 42.19 -48.88 -8.52
CA LYS N 27 41.01 -48.07 -8.33
C LYS N 27 40.16 -48.47 -7.17
N ILE N 28 39.56 -49.63 -7.30
CA ILE N 28 38.60 -50.16 -6.37
C ILE N 28 38.90 -51.64 -6.23
N SER N 29 38.81 -52.14 -5.02
CA SER N 29 39.25 -53.50 -4.76
C SER N 29 38.46 -54.47 -5.62
N TYR N 30 39.19 -55.35 -6.30
CA TYR N 30 38.62 -56.32 -7.23
C TYR N 30 39.41 -57.60 -7.04
N ARG N 31 38.90 -58.70 -7.58
CA ARG N 31 39.40 -60.04 -7.26
C ARG N 31 40.92 -60.08 -7.19
N ASN N 32 41.42 -60.60 -6.07
CA ASN N 32 42.84 -60.81 -5.81
C ASN N 32 43.62 -59.53 -5.59
N THR N 33 43.01 -58.36 -5.76
CA THR N 33 43.75 -57.12 -5.56
C THR N 33 42.92 -56.18 -4.70
N TYR N 34 43.58 -55.19 -4.10
CA TYR N 34 42.92 -54.35 -3.14
C TYR N 34 43.10 -52.88 -3.50
N ARG N 35 42.29 -52.05 -2.86
CA ARG N 35 42.34 -50.62 -3.11
C ARG N 35 43.73 -50.08 -2.79
N LEU N 36 44.18 -49.12 -3.58
CA LEU N 36 45.47 -48.46 -3.38
C LEU N 36 46.65 -49.41 -3.48
N SER N 37 46.43 -50.62 -4.00
CA SER N 37 47.53 -51.57 -4.15
C SER N 37 48.40 -51.06 -5.29
N THR N 38 49.32 -50.18 -4.95
CA THR N 38 50.19 -49.60 -5.96
C THR N 38 51.16 -50.64 -6.50
N GLU N 39 51.79 -50.30 -7.61
CA GLU N 39 52.94 -51.05 -8.09
C GLU N 39 53.59 -50.20 -9.17
N ASP N 40 54.92 -50.23 -9.25
CA ASP N 40 55.62 -49.49 -10.30
C ASP N 40 56.49 -50.43 -11.12
N TYR N 41 56.56 -50.15 -12.42
CA TYR N 41 57.32 -50.94 -13.38
C TYR N 41 58.25 -50.04 -14.17
N VAL N 42 59.53 -50.36 -14.16
CA VAL N 42 60.52 -49.55 -14.85
C VAL N 42 60.51 -49.90 -16.34
N THR N 43 60.79 -48.89 -17.17
CA THR N 43 60.87 -49.16 -18.59
C THR N 43 62.20 -49.82 -18.93
N THR N 44 62.26 -50.44 -20.10
CA THR N 44 63.44 -51.14 -20.54
C THR N 44 64.19 -50.31 -21.59
N THR N 45 65.26 -50.90 -22.11
CA THR N 45 66.07 -50.21 -23.10
C THR N 45 65.29 -50.00 -24.39
N GLY N 46 65.68 -48.95 -25.12
CA GLY N 46 64.98 -48.64 -26.33
C GLY N 46 63.63 -48.01 -26.12
N GLY N 47 63.28 -47.67 -24.89
CA GLY N 47 61.99 -47.08 -24.62
C GLY N 47 60.83 -48.04 -24.71
N ALA N 48 61.08 -49.33 -24.53
CA ALA N 48 60.03 -50.33 -24.64
C ALA N 48 59.67 -50.88 -23.27
N TYR N 49 58.43 -51.35 -23.17
CA TYR N 49 57.91 -52.00 -21.98
C TYR N 49 57.20 -53.27 -22.41
N ASP N 50 57.18 -54.25 -21.52
CA ASP N 50 56.47 -55.49 -21.77
C ASP N 50 56.15 -56.07 -20.39
N PHE N 51 54.92 -55.86 -19.92
CA PHE N 51 54.58 -56.30 -18.58
C PHE N 51 53.14 -56.79 -18.51
N GLN N 52 52.93 -57.70 -17.55
CA GLN N 52 51.62 -58.27 -17.27
C GLN N 52 50.85 -57.34 -16.36
N LEU N 53 49.53 -57.30 -16.51
CA LEU N 53 48.67 -56.47 -15.69
C LEU N 53 47.39 -57.22 -15.40
N ASN N 54 46.98 -57.22 -14.13
CA ASN N 54 45.75 -57.90 -13.77
C ASN N 54 44.54 -57.12 -14.26
N GLU N 55 43.44 -57.83 -14.41
CA GLU N 55 42.18 -57.18 -14.71
C GLU N 55 41.67 -56.47 -13.47
N GLY N 56 40.80 -55.51 -13.70
CA GLY N 56 40.27 -54.66 -12.66
C GLY N 56 40.33 -53.23 -13.09
N PHE N 57 40.34 -52.33 -12.13
CA PHE N 57 40.32 -50.90 -12.39
C PHE N 57 41.56 -50.29 -11.77
N HIS N 58 42.23 -49.38 -12.50
CA HIS N 58 43.48 -48.83 -11.96
C HIS N 58 43.74 -47.43 -12.50
N LYS N 59 44.01 -46.47 -11.60
CA LYS N 59 44.72 -45.28 -12.03
C LYS N 59 46.12 -45.64 -12.51
N ILE N 60 46.52 -45.01 -13.61
CA ILE N 60 47.86 -45.17 -14.17
C ILE N 60 48.54 -43.82 -14.16
N LEU N 61 49.72 -43.77 -13.54
CA LEU N 61 50.57 -42.60 -13.51
C LEU N 61 51.91 -42.98 -14.11
N ILE N 62 52.66 -42.00 -14.59
CA ILE N 62 54.01 -42.26 -15.06
C ILE N 62 54.93 -41.20 -14.53
N ARG N 63 56.22 -41.52 -14.53
CA ARG N 63 57.24 -40.54 -14.20
C ARG N 63 58.42 -40.73 -15.14
N TYR N 64 58.98 -39.61 -15.57
CA TYR N 64 60.09 -39.61 -16.50
C TYR N 64 61.40 -39.54 -15.73
N ARG N 65 62.48 -39.93 -16.42
CA ARG N 65 63.74 -40.09 -15.73
C ARG N 65 64.16 -38.80 -15.04
N GLY N 66 63.95 -37.67 -15.70
CA GLY N 66 64.24 -36.40 -15.08
C GLY N 66 63.12 -35.83 -14.24
N ALA N 67 61.99 -36.53 -14.16
CA ALA N 67 60.84 -35.97 -13.47
C ALA N 67 61.02 -36.03 -11.97
N SER N 68 60.17 -35.28 -11.28
CA SER N 68 60.13 -35.28 -9.82
C SER N 68 58.88 -35.95 -9.28
N SER N 69 57.71 -35.51 -9.73
CA SER N 69 56.44 -36.09 -9.31
C SER N 69 55.99 -37.12 -10.34
N PHE N 70 54.74 -37.56 -10.21
CA PHE N 70 54.12 -38.46 -11.17
C PHE N 70 53.04 -37.71 -11.92
N THR N 71 53.05 -37.80 -13.24
CA THR N 71 52.05 -37.14 -14.04
C THR N 71 50.80 -38.01 -14.14
N LYS N 72 49.65 -37.37 -14.11
CA LYS N 72 48.39 -38.08 -14.14
C LYS N 72 48.09 -38.62 -15.53
N LEU N 73 48.57 -39.83 -15.83
CA LEU N 73 48.36 -40.37 -17.16
C LEU N 73 46.89 -40.69 -17.41
N GLY N 74 46.20 -41.25 -16.43
CA GLY N 74 44.77 -41.47 -16.58
C GLY N 74 44.29 -42.58 -15.67
N ASP N 75 43.18 -43.18 -16.05
CA ASP N 75 42.63 -44.32 -15.33
C ASP N 75 42.01 -45.29 -16.32
N VAL N 76 42.19 -46.58 -16.09
CA VAL N 76 41.79 -47.59 -17.05
C VAL N 76 40.93 -48.63 -16.37
N SER N 77 40.05 -49.22 -17.18
CA SER N 77 39.01 -50.14 -16.75
C SER N 77 39.21 -51.43 -17.52
N VAL N 78 40.13 -52.26 -17.07
CA VAL N 78 40.50 -53.46 -17.82
C VAL N 78 39.74 -54.63 -17.23
N SER N 79 39.44 -55.61 -18.07
CA SER N 79 38.71 -56.79 -17.68
C SER N 79 38.91 -57.83 -18.77
N ASP N 80 38.22 -58.95 -18.62
CA ASP N 80 38.21 -59.94 -19.69
C ASP N 80 37.52 -59.33 -20.91
N GLN N 81 37.53 -60.08 -22.01
CA GLN N 81 36.98 -59.59 -23.27
C GLN N 81 37.71 -58.35 -23.74
N THR N 82 39.01 -58.27 -23.47
CA THR N 82 39.90 -57.28 -24.04
C THR N 82 41.09 -58.01 -24.64
N PRO N 83 41.65 -57.48 -25.74
CA PRO N 83 42.65 -58.24 -26.48
C PRO N 83 43.96 -58.35 -25.72
N SER N 84 44.55 -59.56 -25.74
CA SER N 84 45.76 -59.80 -24.96
C SER N 84 46.99 -59.10 -25.53
N PRO N 85 47.27 -59.13 -26.83
CA PRO N 85 48.49 -58.43 -27.25
C PRO N 85 48.21 -56.94 -27.50
N ILE N 86 47.89 -56.22 -26.44
CA ILE N 86 47.50 -54.81 -26.55
C ILE N 86 48.58 -53.93 -25.95
N THR N 87 48.89 -52.84 -26.65
CA THR N 87 49.81 -51.84 -26.14
C THR N 87 49.15 -51.01 -25.06
N LEU N 88 49.95 -50.18 -24.39
CA LEU N 88 49.40 -49.41 -23.28
C LEU N 88 48.52 -48.28 -23.79
N ILE N 89 48.93 -47.62 -24.87
CA ILE N 89 48.17 -46.50 -25.40
C ILE N 89 46.76 -46.92 -25.77
N ASN N 90 46.63 -48.00 -26.52
CA ASN N 90 45.31 -48.40 -26.96
C ASN N 90 44.42 -48.76 -25.79
N LEU N 91 44.99 -49.30 -24.72
CA LEU N 91 44.21 -49.58 -23.52
C LEU N 91 43.73 -48.29 -22.87
N LEU N 92 44.63 -47.34 -22.65
CA LEU N 92 44.22 -46.03 -22.13
C LEU N 92 43.12 -45.42 -22.98
N GLU N 93 43.35 -45.34 -24.28
CA GLU N 93 42.43 -44.64 -25.16
C GLU N 93 41.09 -45.35 -25.21
N SER N 94 41.10 -46.67 -25.20
CA SER N 94 39.86 -47.41 -25.18
C SER N 94 39.12 -47.25 -23.87
N SER N 95 39.82 -46.87 -22.80
CA SER N 95 39.16 -46.68 -21.52
C SER N 95 39.48 -45.30 -20.96
N SER N 96 39.23 -44.27 -21.77
CA SER N 96 39.33 -42.88 -21.33
C SER N 96 38.53 -42.05 -22.32
N PRO N 97 38.04 -40.88 -21.93
CA PRO N 97 37.39 -40.00 -22.90
C PRO N 97 38.35 -39.67 -24.03
N LYS N 98 37.84 -39.71 -25.26
CA LYS N 98 38.67 -39.30 -26.38
C LYS N 98 38.99 -37.82 -26.25
N ALA N 99 40.24 -37.47 -26.54
CA ALA N 99 40.63 -36.07 -26.43
C ALA N 99 39.82 -35.23 -27.39
N LEU N 100 39.47 -34.02 -26.96
CA LEU N 100 38.67 -33.14 -27.80
C LEU N 100 39.35 -32.86 -29.12
N VAL N 101 40.63 -32.50 -29.05
CA VAL N 101 41.32 -31.96 -30.20
C VAL N 101 41.63 -33.04 -31.24
N VAL N 102 41.91 -34.26 -30.80
CA VAL N 102 42.14 -35.30 -31.80
C VAL N 102 40.86 -35.54 -32.58
N LYS N 103 39.71 -35.50 -31.90
CA LYS N 103 38.44 -35.59 -32.62
C LYS N 103 38.26 -34.42 -33.55
N LEU N 104 38.60 -33.21 -33.09
CA LEU N 104 38.49 -32.04 -33.94
C LEU N 104 39.31 -32.20 -35.21
N GLN N 105 40.55 -32.66 -35.07
CA GLN N 105 41.43 -32.83 -36.21
C GLN N 105 40.92 -33.90 -37.14
N GLU N 106 40.42 -35.00 -36.60
CA GLU N 106 39.86 -36.05 -37.45
C GLU N 106 38.68 -35.52 -38.25
N LEU N 107 37.83 -34.72 -37.60
CA LEU N 107 36.70 -34.13 -38.31
C LEU N 107 37.18 -33.21 -39.41
N ALA N 108 38.17 -32.37 -39.12
CA ALA N 108 38.70 -31.49 -40.14
C ALA N 108 39.28 -32.28 -41.30
N ASP N 109 39.90 -33.42 -41.00
CA ASP N 109 40.51 -34.24 -42.05
C ASP N 109 39.46 -34.85 -42.96
N GLU N 110 38.45 -35.50 -42.38
CA GLU N 110 37.41 -36.07 -43.21
C GLU N 110 36.66 -34.98 -43.95
N ALA N 111 36.52 -33.81 -43.34
CA ALA N 111 35.92 -32.67 -44.02
C ALA N 111 36.76 -32.27 -45.22
N SER N 112 38.08 -32.23 -45.06
CA SER N 112 38.95 -31.86 -46.18
C SER N 112 38.81 -32.85 -47.32
N GLU N 113 38.78 -34.13 -47.00
CA GLU N 113 38.63 -35.13 -48.06
C GLU N 113 37.30 -34.96 -48.77
N SER N 114 36.22 -34.74 -48.02
CA SER N 114 34.92 -34.55 -48.64
C SER N 114 34.91 -33.31 -49.52
N ALA N 115 35.51 -32.22 -49.03
CA ALA N 115 35.52 -30.98 -49.79
C ALA N 115 36.30 -31.13 -51.07
N GLN N 116 37.44 -31.83 -51.01
CA GLN N 116 38.21 -32.07 -52.22
C GLN N 116 37.41 -32.92 -53.20
N SER N 117 36.69 -33.91 -52.70
CA SER N 117 35.84 -34.70 -53.58
C SER N 117 34.82 -33.82 -54.28
N ALA N 118 34.17 -32.94 -53.53
CA ALA N 118 33.16 -32.05 -54.11
C ALA N 118 33.77 -31.13 -55.15
N SER N 119 34.93 -30.54 -54.83
CA SER N 119 35.55 -29.59 -55.74
C SER N 119 35.99 -30.28 -57.03
N ASP N 120 36.60 -31.45 -56.92
CA ASP N 120 37.03 -32.15 -58.13
C ASP N 120 35.83 -32.61 -58.94
N ASP N 121 34.72 -32.94 -58.27
CA ASP N 121 33.51 -33.29 -58.98
C ASP N 121 32.97 -32.09 -59.75
N ALA N 122 32.99 -30.91 -59.13
CA ALA N 122 32.56 -29.70 -59.83
C ALA N 122 33.46 -29.43 -61.02
N ASP N 123 34.76 -29.62 -60.86
CA ASP N 123 35.68 -29.49 -62.00
C ASP N 123 35.33 -30.47 -63.10
N GLN N 124 35.05 -31.72 -62.73
CA GLN N 124 34.78 -32.75 -63.73
C GLN N 124 33.52 -32.44 -64.51
N VAL N 125 32.45 -32.05 -63.81
CA VAL N 125 31.20 -31.71 -64.49
C VAL N 125 31.34 -30.45 -65.32
N THR N 126 32.40 -29.68 -65.09
CA THR N 126 32.62 -28.43 -65.80
C THR N 126 33.89 -28.51 -66.64
N MET O 1 27.93 -49.30 -37.88
CA MET O 1 26.74 -50.07 -37.53
C MET O 1 26.37 -49.89 -36.05
N SER O 2 25.16 -50.30 -35.70
CA SER O 2 24.69 -50.20 -34.32
C SER O 2 25.57 -51.06 -33.42
N ILE O 3 25.78 -50.60 -32.19
CA ILE O 3 26.80 -51.21 -31.35
C ILE O 3 26.17 -52.25 -30.45
N GLN O 4 27.00 -53.10 -29.85
CA GLN O 4 26.53 -54.18 -28.99
C GLN O 4 27.39 -54.22 -27.75
N VAL O 5 26.90 -53.61 -26.68
CA VAL O 5 27.66 -53.49 -25.43
C VAL O 5 27.31 -54.65 -24.52
N THR O 6 28.32 -55.28 -23.95
CA THR O 6 28.11 -56.46 -23.12
C THR O 6 29.27 -56.62 -22.15
N GLY O 7 29.00 -57.35 -21.09
CA GLY O 7 30.03 -57.62 -20.10
C GLY O 7 29.40 -58.14 -18.83
N ILE O 8 30.17 -58.05 -17.76
CA ILE O 8 29.75 -58.53 -16.44
C ILE O 8 29.76 -57.33 -15.51
N ILE O 9 28.64 -57.09 -14.84
CA ILE O 9 28.51 -55.92 -13.98
C ILE O 9 29.48 -56.08 -12.83
N GLU O 10 30.52 -55.26 -12.81
CA GLU O 10 31.60 -55.39 -11.84
C GLU O 10 32.09 -54.01 -11.43
N GLY O 11 32.77 -53.98 -10.31
CA GLY O 11 33.37 -52.74 -9.83
C GLY O 11 32.32 -51.78 -9.33
N PRO O 12 32.49 -50.50 -9.68
CA PRO O 12 31.60 -49.47 -9.15
C PRO O 12 30.16 -49.68 -9.53
N LEU O 13 29.89 -50.45 -10.59
CA LEU O 13 28.52 -50.73 -10.95
C LEU O 13 27.83 -51.61 -9.92
N GLY O 14 28.59 -52.38 -9.16
CA GLY O 14 28.06 -53.12 -8.03
C GLY O 14 28.36 -54.59 -8.15
N THR O 15 27.82 -55.35 -7.22
CA THR O 15 28.00 -56.78 -7.22
C THR O 15 27.26 -57.41 -8.40
N PRO O 16 27.75 -58.52 -8.93
CA PRO O 16 27.06 -59.17 -10.04
C PRO O 16 25.78 -59.84 -9.60
N SER O 17 24.78 -59.05 -9.27
CA SER O 17 23.51 -59.59 -8.82
C SER O 17 22.74 -60.14 -10.02
N PRO O 18 22.29 -61.37 -9.97
CA PRO O 18 21.64 -61.94 -11.15
C PRO O 18 20.18 -61.56 -11.23
N GLY O 19 19.88 -60.29 -10.95
CA GLY O 19 18.58 -59.76 -11.26
C GLY O 19 18.65 -58.29 -11.60
N ILE O 20 19.88 -57.76 -11.68
CA ILE O 20 20.08 -56.34 -11.82
C ILE O 20 19.42 -55.83 -13.10
N THR O 21 18.94 -54.59 -13.05
CA THR O 21 18.30 -53.98 -14.21
C THR O 21 18.91 -52.62 -14.52
N ILE O 22 18.92 -52.30 -15.81
CA ILE O 22 19.48 -51.09 -16.34
C ILE O 22 18.38 -50.40 -17.13
N ARG O 23 18.58 -49.12 -17.39
CA ARG O 23 17.58 -48.33 -18.08
C ARG O 23 18.28 -47.30 -18.95
N VAL O 24 17.98 -47.28 -20.23
CA VAL O 24 18.57 -46.30 -21.13
C VAL O 24 17.46 -45.39 -21.62
N VAL O 25 17.64 -44.10 -21.41
CA VAL O 25 16.74 -43.10 -21.97
C VAL O 25 17.49 -42.37 -23.06
N SER O 26 16.97 -42.47 -24.29
CA SER O 26 17.61 -41.89 -25.45
C SER O 26 16.97 -40.54 -25.73
N LYS O 27 17.81 -39.54 -25.97
CA LYS O 27 17.36 -38.20 -26.30
C LYS O 27 17.45 -38.05 -27.81
N ILE O 28 16.36 -38.37 -28.50
CA ILE O 28 16.33 -38.32 -29.95
C ILE O 28 15.71 -37.00 -30.37
N SER O 29 16.52 -36.11 -30.93
CA SER O 29 16.04 -34.77 -31.26
C SER O 29 14.95 -34.90 -32.31
N TYR O 30 13.68 -34.82 -31.89
CA TYR O 30 12.60 -35.26 -32.76
C TYR O 30 12.18 -34.17 -33.75
N ARG O 31 11.52 -33.12 -33.26
CA ARG O 31 11.18 -32.05 -34.19
C ARG O 31 11.65 -30.69 -33.70
N ASN O 32 11.34 -30.35 -32.45
CA ASN O 32 11.63 -29.03 -31.92
C ASN O 32 12.80 -29.07 -30.94
N THR O 33 12.72 -29.89 -29.90
CA THR O 33 13.90 -30.13 -29.08
C THR O 33 14.34 -31.58 -29.13
N TYR O 34 13.52 -32.51 -28.66
CA TYR O 34 13.92 -33.91 -28.58
C TYR O 34 12.78 -34.73 -27.99
N ARG O 35 12.99 -36.03 -27.96
CA ARG O 35 12.05 -37.01 -27.45
C ARG O 35 12.82 -37.94 -26.54
N LEU O 36 12.17 -38.37 -25.46
CA LEU O 36 12.77 -39.29 -24.50
C LEU O 36 12.21 -40.68 -24.76
N SER O 37 13.07 -41.58 -25.22
CA SER O 37 12.68 -42.97 -25.46
C SER O 37 13.33 -43.82 -24.38
N THR O 38 12.53 -44.33 -23.47
CA THR O 38 13.05 -45.16 -22.40
C THR O 38 13.08 -46.62 -22.84
N GLU O 39 13.96 -47.39 -22.21
CA GLU O 39 13.99 -48.82 -22.44
C GLU O 39 14.73 -49.50 -21.30
N ASP O 40 14.14 -50.55 -20.74
CA ASP O 40 14.68 -51.22 -19.56
C ASP O 40 15.20 -52.60 -19.94
N TYR O 41 16.41 -52.91 -19.50
CA TYR O 41 17.06 -54.18 -19.77
C TYR O 41 17.37 -54.88 -18.46
N VAL O 42 17.33 -56.21 -18.46
CA VAL O 42 17.60 -56.97 -17.26
C VAL O 42 18.84 -57.80 -17.55
N THR O 43 19.32 -58.56 -16.58
CA THR O 43 20.56 -59.30 -16.73
C THR O 43 20.37 -60.76 -16.40
N THR O 44 21.13 -61.60 -17.10
CA THR O 44 21.15 -63.03 -16.85
C THR O 44 22.00 -63.30 -15.61
N THR O 45 22.22 -64.58 -15.33
CA THR O 45 22.89 -64.97 -14.10
C THR O 45 24.35 -64.51 -14.11
N GLY O 46 24.94 -64.50 -12.91
CA GLY O 46 26.27 -63.99 -12.77
C GLY O 46 26.42 -62.51 -13.01
N GLY O 47 25.32 -61.78 -13.07
CA GLY O 47 25.37 -60.36 -13.37
C GLY O 47 25.83 -60.02 -14.76
N ALA O 48 25.33 -60.73 -15.76
CA ALA O 48 25.77 -60.57 -17.14
C ALA O 48 24.79 -59.70 -17.90
N TYR O 49 25.31 -58.69 -18.58
CA TYR O 49 24.51 -57.85 -19.45
C TYR O 49 25.02 -57.99 -20.88
N ASP O 50 24.10 -57.94 -21.82
CA ASP O 50 24.41 -58.17 -23.24
C ASP O 50 23.29 -57.52 -24.03
N PHE O 51 23.60 -56.43 -24.72
CA PHE O 51 22.53 -55.78 -25.46
C PHE O 51 23.06 -54.82 -26.50
N GLN O 52 22.36 -54.75 -27.63
CA GLN O 52 22.68 -53.78 -28.65
C GLN O 52 22.18 -52.41 -28.23
N LEU O 53 22.71 -51.41 -28.90
CA LEU O 53 22.45 -50.02 -28.59
C LEU O 53 22.52 -49.21 -29.88
N ASN O 54 21.52 -48.36 -30.05
CA ASN O 54 21.47 -47.43 -31.18
C ASN O 54 22.46 -46.30 -30.94
N GLU O 55 22.58 -45.44 -31.94
CA GLU O 55 23.51 -44.33 -31.87
C GLU O 55 22.80 -43.08 -31.38
N GLY O 56 23.56 -42.21 -30.74
CA GLY O 56 23.03 -40.95 -30.25
C GLY O 56 23.28 -40.79 -28.77
N PHE O 57 22.48 -39.93 -28.16
CA PHE O 57 22.66 -39.58 -26.76
C PHE O 57 21.83 -40.51 -25.89
N HIS O 58 22.49 -41.24 -25.02
CA HIS O 58 21.83 -42.19 -24.13
C HIS O 58 22.24 -41.92 -22.70
N LYS O 59 21.26 -41.85 -21.81
CA LYS O 59 21.51 -41.75 -20.38
C LYS O 59 21.24 -43.11 -19.78
N ILE O 60 22.22 -43.68 -19.10
CA ILE O 60 22.14 -45.02 -18.54
C ILE O 60 21.96 -44.90 -17.04
N LEU O 61 20.97 -45.64 -16.53
CA LEU O 61 20.65 -45.77 -15.12
C LEU O 61 20.78 -47.23 -14.73
N ILE O 62 21.13 -47.47 -13.47
CA ILE O 62 21.27 -48.80 -12.93
C ILE O 62 20.48 -48.88 -11.63
N ARG O 63 19.88 -50.05 -11.38
CA ARG O 63 19.22 -50.30 -10.11
C ARG O 63 18.96 -51.80 -10.00
N TYR O 64 18.65 -52.26 -8.80
CA TYR O 64 18.40 -53.68 -8.61
C TYR O 64 16.91 -53.90 -8.49
N ARG O 65 16.44 -55.05 -8.95
CA ARG O 65 15.02 -55.34 -8.83
C ARG O 65 14.64 -55.37 -7.36
N GLY O 66 13.51 -54.76 -7.04
CA GLY O 66 13.09 -54.60 -5.67
C GLY O 66 13.80 -53.49 -4.91
N ALA O 67 14.64 -52.71 -5.58
CA ALA O 67 15.27 -51.59 -4.91
C ALA O 67 14.33 -50.40 -4.91
N SER O 68 14.76 -49.32 -4.28
CA SER O 68 13.87 -48.18 -4.07
C SER O 68 14.00 -47.13 -5.15
N SER O 69 15.16 -47.03 -5.80
CA SER O 69 15.30 -46.16 -6.96
C SER O 69 16.55 -46.51 -7.74
N PHE O 70 16.81 -45.75 -8.78
CA PHE O 70 17.89 -46.01 -9.70
C PHE O 70 19.19 -45.45 -9.14
N THR O 71 20.27 -45.65 -9.89
CA THR O 71 21.53 -44.97 -9.65
C THR O 71 21.99 -44.41 -10.98
N LYS O 72 22.44 -43.16 -10.98
CA LYS O 72 22.79 -42.48 -12.21
C LYS O 72 24.14 -43.00 -12.69
N LEU O 73 24.12 -43.93 -13.63
CA LEU O 73 25.38 -44.33 -14.25
C LEU O 73 25.97 -43.20 -15.06
N GLY O 74 25.14 -42.53 -15.86
CA GLY O 74 25.55 -41.29 -16.49
C GLY O 74 25.18 -41.24 -17.97
N ASP O 75 25.53 -40.11 -18.57
CA ASP O 75 25.26 -39.91 -19.98
C ASP O 75 26.33 -40.60 -20.84
N VAL O 76 26.05 -40.70 -22.13
CA VAL O 76 27.01 -41.20 -23.09
C VAL O 76 26.53 -40.78 -24.47
N SER O 77 27.46 -40.62 -25.40
CA SER O 77 27.14 -40.27 -26.78
C SER O 77 27.76 -41.32 -27.69
N VAL O 78 26.97 -42.31 -28.06
CA VAL O 78 27.46 -43.35 -28.96
C VAL O 78 27.49 -42.77 -30.38
N SER O 79 28.67 -42.73 -30.96
CA SER O 79 28.86 -42.18 -32.28
C SER O 79 29.26 -43.30 -33.23
N ASP O 80 29.50 -42.94 -34.49
CA ASP O 80 29.88 -43.93 -35.49
C ASP O 80 31.34 -44.35 -35.35
N GLN O 81 31.99 -44.02 -34.25
CA GLN O 81 33.39 -44.36 -34.06
C GLN O 81 33.67 -45.12 -32.78
N THR O 82 32.67 -45.35 -31.95
CA THR O 82 32.92 -46.10 -30.73
C THR O 82 33.00 -47.60 -31.03
N PRO O 83 33.82 -48.34 -30.29
CA PRO O 83 33.99 -49.76 -30.57
C PRO O 83 32.69 -50.52 -30.34
N SER O 84 32.49 -51.58 -31.13
CA SER O 84 31.26 -52.36 -31.03
C SER O 84 31.29 -53.34 -29.86
N PRO O 85 32.25 -54.26 -29.77
CA PRO O 85 32.22 -55.18 -28.62
C PRO O 85 32.90 -54.58 -27.39
N ILE O 86 32.15 -53.75 -26.66
CA ILE O 86 32.69 -53.01 -25.53
C ILE O 86 31.84 -53.31 -24.30
N THR O 87 32.47 -53.23 -23.12
CA THR O 87 31.73 -53.37 -21.87
C THR O 87 31.06 -52.06 -21.50
N LEU O 88 30.10 -52.13 -20.58
CA LEU O 88 29.35 -50.94 -20.22
C LEU O 88 30.19 -50.00 -19.37
N ILE O 89 30.93 -50.54 -18.40
CA ILE O 89 31.78 -49.68 -17.58
C ILE O 89 32.76 -48.92 -18.46
N ASN O 90 33.25 -49.54 -19.51
CA ASN O 90 34.18 -48.85 -20.38
C ASN O 90 33.47 -47.73 -21.13
N LEU O 91 32.28 -48.00 -21.66
CA LEU O 91 31.57 -46.99 -22.43
C LEU O 91 31.15 -45.80 -21.57
N LEU O 92 30.76 -46.06 -20.32
CA LEU O 92 30.39 -44.97 -19.43
C LEU O 92 31.50 -43.95 -19.32
N GLU O 93 32.74 -44.38 -19.52
CA GLU O 93 33.86 -43.46 -19.46
C GLU O 93 33.92 -42.52 -20.65
N SER O 94 33.30 -42.88 -21.77
CA SER O 94 33.29 -42.00 -22.95
C SER O 94 31.99 -41.20 -23.00
N SER O 95 31.86 -40.32 -22.01
CA SER O 95 30.65 -39.52 -21.84
C SER O 95 30.54 -38.47 -22.93
N SER O 96 29.38 -37.87 -23.02
CA SER O 96 29.12 -36.91 -24.09
C SER O 96 29.79 -35.57 -23.79
N PRO O 97 30.67 -35.10 -24.65
CA PRO O 97 31.18 -33.74 -24.52
C PRO O 97 30.33 -32.78 -25.33
N LYS O 98 30.73 -31.51 -25.38
CA LYS O 98 30.04 -30.51 -26.20
C LYS O 98 30.74 -30.28 -27.53
N ALA O 99 31.33 -31.32 -28.08
CA ALA O 99 31.81 -31.31 -29.45
C ALA O 99 30.70 -31.55 -30.45
N LEU O 100 29.46 -31.75 -29.99
CA LEU O 100 28.37 -32.12 -30.88
C LEU O 100 28.20 -31.12 -31.99
N VAL O 101 28.43 -29.83 -31.69
CA VAL O 101 28.29 -28.81 -32.72
C VAL O 101 29.35 -28.96 -33.79
N VAL O 102 30.56 -29.36 -33.39
CA VAL O 102 31.61 -29.59 -34.38
C VAL O 102 31.30 -30.85 -35.20
N LYS O 103 30.78 -31.89 -34.54
CA LYS O 103 30.37 -33.08 -35.26
C LYS O 103 29.25 -32.79 -36.24
N LEU O 104 28.41 -31.79 -35.93
CA LEU O 104 27.40 -31.36 -36.89
C LEU O 104 28.03 -30.99 -38.21
N GLN O 105 29.27 -30.51 -38.17
CA GLN O 105 29.98 -30.18 -39.38
C GLN O 105 30.46 -31.41 -40.13
N GLU O 106 30.13 -32.61 -39.64
CA GLU O 106 30.30 -33.78 -40.49
C GLU O 106 29.38 -33.76 -41.69
N LEU O 107 28.52 -32.74 -41.82
CA LEU O 107 27.63 -32.69 -42.97
C LEU O 107 28.38 -32.42 -44.25
N ALA O 108 29.67 -32.06 -44.16
CA ALA O 108 30.45 -31.85 -45.37
C ALA O 108 30.53 -33.14 -46.18
N ASP O 109 30.67 -34.28 -45.52
CA ASP O 109 30.67 -35.55 -46.23
C ASP O 109 29.34 -35.79 -46.92
N GLU O 110 28.24 -35.47 -46.25
CA GLU O 110 26.93 -35.59 -46.88
C GLU O 110 26.83 -34.66 -48.08
N ALA O 111 27.32 -33.44 -47.94
CA ALA O 111 27.32 -32.51 -49.05
C ALA O 111 28.10 -33.09 -50.22
N SER O 112 29.24 -33.71 -49.93
CA SER O 112 30.06 -34.27 -51.00
C SER O 112 29.36 -35.43 -51.68
N GLU O 113 28.72 -36.30 -50.91
CA GLU O 113 28.04 -37.42 -51.55
C GLU O 113 26.86 -36.94 -52.37
N SER O 114 26.20 -35.88 -51.92
CA SER O 114 25.15 -35.28 -52.73
C SER O 114 25.73 -34.70 -54.02
N ALA O 115 26.89 -34.06 -53.93
CA ALA O 115 27.51 -33.51 -55.12
C ALA O 115 27.88 -34.60 -56.10
N GLN O 116 28.44 -35.71 -55.60
CA GLN O 116 28.80 -36.81 -56.49
C GLN O 116 27.56 -37.46 -57.09
N SER O 117 26.47 -37.56 -56.31
CA SER O 117 25.23 -38.09 -56.87
C SER O 117 24.71 -37.18 -57.97
N ALA O 118 24.76 -35.87 -57.76
CA ALA O 118 24.33 -34.95 -58.80
C ALA O 118 25.18 -35.11 -60.05
N SER O 119 26.50 -35.25 -59.87
CA SER O 119 27.39 -35.39 -61.03
C SER O 119 27.11 -36.67 -61.80
N ASP O 120 27.06 -37.80 -61.09
CA ASP O 120 26.89 -39.09 -61.75
C ASP O 120 25.43 -39.37 -62.10
N ASP O 121 24.53 -38.45 -61.77
CA ASP O 121 23.21 -38.43 -62.37
C ASP O 121 23.17 -37.58 -63.62
N ALA O 122 23.86 -36.45 -63.61
CA ALA O 122 23.81 -35.53 -64.74
C ALA O 122 24.55 -36.08 -65.95
N ASP O 123 25.67 -36.78 -65.74
CA ASP O 123 26.58 -37.02 -66.86
C ASP O 123 26.02 -37.97 -67.92
N GLN O 124 25.12 -38.90 -67.56
CA GLN O 124 24.78 -39.99 -68.46
C GLN O 124 24.00 -39.57 -69.70
N VAL O 125 23.50 -38.33 -69.75
CA VAL O 125 22.62 -37.94 -70.84
C VAL O 125 23.36 -38.01 -72.17
N THR O 126 24.57 -37.48 -72.22
CA THR O 126 25.43 -37.49 -73.42
C THR O 126 24.69 -37.01 -74.67
N MET P 1 61.76 26.30 -40.35
CA MET P 1 63.06 25.83 -39.88
C MET P 1 63.08 25.69 -38.38
N SER P 2 64.17 25.14 -37.85
CA SER P 2 64.30 24.94 -36.40
C SER P 2 64.44 26.30 -35.73
N ILE P 3 63.35 26.79 -35.12
CA ILE P 3 63.33 28.14 -34.60
C ILE P 3 64.33 28.25 -33.46
N GLN P 4 64.77 29.46 -33.19
CA GLN P 4 65.72 29.73 -32.13
C GLN P 4 65.08 30.67 -31.13
N VAL P 5 65.29 30.41 -29.86
CA VAL P 5 64.74 31.24 -28.80
C VAL P 5 65.88 31.95 -28.10
N THR P 6 65.71 33.25 -27.91
CA THR P 6 66.65 34.06 -27.16
C THR P 6 65.84 34.88 -26.16
N GLY P 7 66.37 35.01 -24.96
CA GLY P 7 65.78 35.88 -23.98
C GLY P 7 66.74 36.05 -22.83
N ILE P 8 66.37 36.93 -21.91
CA ILE P 8 67.15 37.16 -20.71
C ILE P 8 66.26 36.80 -19.52
N ILE P 9 66.65 35.76 -18.79
CA ILE P 9 65.86 35.31 -17.66
C ILE P 9 66.10 36.26 -16.51
N GLU P 10 65.03 36.81 -15.96
CA GLU P 10 65.12 37.86 -14.96
C GLU P 10 64.34 37.44 -13.73
N GLY P 11 65.01 37.48 -12.57
CA GLY P 11 64.32 37.34 -11.32
C GLY P 11 63.47 38.58 -11.07
N PRO P 12 62.49 38.47 -10.20
CA PRO P 12 61.56 39.59 -9.99
C PRO P 12 62.21 40.85 -9.44
N LEU P 13 63.52 40.81 -9.19
CA LEU P 13 64.21 41.93 -8.57
C LEU P 13 65.22 42.59 -9.50
N GLY P 14 65.03 42.44 -10.81
CA GLY P 14 65.93 43.10 -11.73
C GLY P 14 67.33 42.53 -11.74
N THR P 15 67.56 41.40 -11.09
CA THR P 15 68.87 40.77 -11.07
C THR P 15 68.83 39.50 -11.89
N PRO P 16 69.48 39.44 -13.05
CA PRO P 16 69.48 38.20 -13.84
C PRO P 16 70.07 37.05 -13.05
N SER P 17 69.95 35.85 -13.61
CA SER P 17 70.43 34.66 -12.92
C SER P 17 71.22 33.79 -13.88
N PRO P 18 72.51 33.57 -13.62
CA PRO P 18 73.31 32.83 -14.59
C PRO P 18 73.16 31.32 -14.49
N GLY P 19 72.96 30.80 -13.29
CA GLY P 19 72.99 29.36 -13.13
C GLY P 19 71.62 28.71 -13.19
N ILE P 20 70.96 28.83 -14.33
CA ILE P 20 69.65 28.21 -14.53
C ILE P 20 69.84 26.99 -15.40
N THR P 21 69.28 25.86 -14.97
CA THR P 21 69.33 24.63 -15.76
C THR P 21 67.95 24.39 -16.34
N ILE P 22 67.83 24.56 -17.64
CA ILE P 22 66.58 24.37 -18.37
C ILE P 22 66.60 22.98 -18.97
N ARG P 23 65.50 22.26 -18.80
CA ARG P 23 65.40 20.88 -19.27
C ARG P 23 64.23 20.78 -20.22
N VAL P 24 64.53 20.52 -21.49
CA VAL P 24 63.51 20.33 -22.50
C VAL P 24 63.41 18.85 -22.76
N VAL P 25 62.21 18.29 -22.62
CA VAL P 25 61.99 16.90 -22.98
C VAL P 25 60.79 16.82 -23.90
N SER P 26 60.97 16.17 -25.04
CA SER P 26 59.89 16.01 -25.99
C SER P 26 58.87 15.02 -25.48
N LYS P 27 57.61 15.31 -25.73
CA LYS P 27 56.54 14.50 -25.18
C LYS P 27 55.96 13.52 -26.18
N ILE P 28 56.48 13.49 -27.40
CA ILE P 28 56.07 12.51 -28.39
C ILE P 28 57.09 12.50 -29.51
N SER P 29 57.20 11.37 -30.19
CA SER P 29 58.06 11.29 -31.35
C SER P 29 57.58 12.24 -32.43
N TYR P 30 58.48 12.57 -33.34
CA TYR P 30 58.23 13.51 -34.42
C TYR P 30 59.48 13.51 -35.28
N ARG P 31 59.41 14.17 -36.44
CA ARG P 31 60.48 14.01 -37.42
C ARG P 31 61.83 14.38 -36.81
N ASN P 32 62.70 13.38 -36.68
CA ASN P 32 64.05 13.55 -36.13
C ASN P 32 64.00 13.95 -34.65
N THR P 33 63.15 13.28 -33.88
CA THR P 33 63.11 13.47 -32.44
C THR P 33 62.25 12.37 -31.84
N TYR P 34 62.70 11.81 -30.73
CA TYR P 34 62.04 10.63 -30.19
C TYR P 34 61.27 10.98 -28.94
N ARG P 35 60.36 10.09 -28.59
CA ARG P 35 59.59 10.22 -27.37
C ARG P 35 60.51 10.20 -26.16
N LEU P 36 60.18 11.04 -25.17
CA LEU P 36 60.90 11.09 -23.90
C LEU P 36 62.39 11.33 -24.08
N SER P 37 62.75 12.07 -25.13
CA SER P 37 64.14 12.43 -25.37
C SER P 37 64.44 13.70 -24.59
N THR P 38 65.46 13.67 -23.75
CA THR P 38 65.75 14.76 -22.83
C THR P 38 66.90 15.60 -23.34
N GLU P 39 66.97 16.83 -22.84
CA GLU P 39 68.15 17.65 -23.08
C GLU P 39 68.19 18.81 -22.11
N ASP P 40 69.40 19.28 -21.83
CA ASP P 40 69.65 20.31 -20.85
C ASP P 40 70.35 21.50 -21.49
N TYR P 41 70.17 22.67 -20.89
CA TYR P 41 70.88 23.86 -21.31
C TYR P 41 71.09 24.74 -20.11
N VAL P 42 72.30 25.27 -19.97
CA VAL P 42 72.63 26.19 -18.90
C VAL P 42 72.82 27.58 -19.50
N THR P 43 72.10 28.56 -18.95
CA THR P 43 72.21 29.92 -19.44
C THR P 43 73.58 30.49 -19.12
N THR P 44 74.09 31.29 -20.04
CA THR P 44 75.37 31.94 -19.83
C THR P 44 75.19 33.16 -18.96
N THR P 45 76.25 33.94 -18.77
CA THR P 45 76.18 35.11 -17.90
C THR P 45 75.11 36.07 -18.41
N GLY P 46 74.63 36.89 -17.50
CA GLY P 46 73.53 37.79 -17.84
C GLY P 46 72.18 37.11 -17.86
N GLY P 47 72.12 35.82 -17.57
CA GLY P 47 70.86 35.12 -17.54
C GLY P 47 70.18 35.10 -18.89
N ALA P 48 70.95 34.87 -19.94
CA ALA P 48 70.45 34.85 -21.29
C ALA P 48 70.40 33.41 -21.79
N TYR P 49 69.21 32.99 -22.21
CA TYR P 49 69.01 31.68 -22.79
C TYR P 49 68.86 31.83 -24.29
N ASP P 50 69.61 31.04 -25.04
CA ASP P 50 69.50 30.99 -26.50
C ASP P 50 69.73 29.56 -26.95
N PHE P 51 68.75 29.00 -27.64
CA PHE P 51 68.92 27.65 -28.18
C PHE P 51 67.90 27.40 -29.28
N GLN P 52 68.20 26.40 -30.12
CA GLN P 52 67.28 25.95 -31.16
C GLN P 52 66.65 24.66 -30.71
N LEU P 53 65.32 24.61 -30.66
CA LEU P 53 64.60 23.39 -30.35
C LEU P 53 63.95 22.87 -31.62
N ASN P 54 64.24 21.63 -31.97
CA ASN P 54 63.63 21.03 -33.14
C ASN P 54 62.12 21.02 -32.97
N GLU P 55 61.40 21.23 -34.08
CA GLU P 55 59.94 21.33 -33.99
C GLU P 55 59.38 20.05 -33.41
N GLY P 56 58.18 20.15 -32.85
CA GLY P 56 57.53 19.00 -32.27
C GLY P 56 56.69 19.39 -31.08
N PHE P 57 56.76 18.61 -30.01
CA PHE P 57 55.99 18.86 -28.80
C PHE P 57 56.90 18.65 -27.61
N HIS P 58 57.25 19.72 -26.92
CA HIS P 58 58.30 19.67 -25.92
C HIS P 58 57.85 20.36 -24.65
N LYS P 59 57.85 19.63 -23.54
CA LYS P 59 57.62 20.25 -22.26
C LYS P 59 58.94 20.75 -21.69
N ILE P 60 58.86 21.81 -20.90
CA ILE P 60 60.03 22.55 -20.48
C ILE P 60 60.01 22.65 -18.96
N LEU P 61 61.14 22.37 -18.33
CA LEU P 61 61.27 22.34 -16.89
C LEU P 61 62.38 23.27 -16.44
N ILE P 62 62.21 23.85 -15.26
CA ILE P 62 63.16 24.77 -14.66
C ILE P 62 63.86 24.10 -13.50
N ARG P 63 65.14 24.39 -13.33
CA ARG P 63 65.79 24.26 -12.03
C ARG P 63 66.62 25.51 -11.80
N TYR P 64 66.33 26.20 -10.71
CA TYR P 64 67.07 27.40 -10.33
C TYR P 64 68.40 26.99 -9.72
N ARG P 65 69.08 27.95 -9.08
CA ARG P 65 70.42 27.71 -8.54
C ARG P 65 70.56 26.36 -7.85
N GLY P 66 69.74 26.12 -6.84
CA GLY P 66 69.72 24.82 -6.22
C GLY P 66 68.30 24.42 -5.91
N ALA P 67 67.86 23.30 -6.47
CA ALA P 67 66.47 22.87 -6.27
C ALA P 67 66.42 21.36 -6.25
N SER P 68 65.65 20.81 -5.32
CA SER P 68 65.46 19.37 -5.27
C SER P 68 64.83 18.87 -6.56
N SER P 69 63.61 19.32 -6.83
CA SER P 69 62.86 18.84 -7.98
C SER P 69 62.91 19.86 -9.11
N PHE P 70 62.17 19.57 -10.17
CA PHE P 70 62.11 20.39 -11.36
C PHE P 70 60.75 21.09 -11.42
N THR P 71 60.77 22.39 -11.65
CA THR P 71 59.55 23.16 -11.74
C THR P 71 59.06 23.13 -13.19
N LYS P 72 57.80 22.79 -13.37
CA LYS P 72 57.21 22.64 -14.70
C LYS P 72 56.56 23.94 -15.12
N LEU P 73 57.07 24.52 -16.21
CA LEU P 73 56.47 25.76 -16.68
C LEU P 73 55.39 25.51 -17.73
N GLY P 74 55.53 24.46 -18.51
CA GLY P 74 54.51 24.16 -19.49
C GLY P 74 55.06 23.29 -20.59
N ASP P 75 54.32 23.24 -21.69
CA ASP P 75 54.67 22.39 -22.82
C ASP P 75 54.42 23.12 -24.14
N VAL P 76 55.50 23.59 -24.75
CA VAL P 76 55.36 24.28 -26.02
C VAL P 76 55.19 23.27 -27.14
N SER P 77 54.68 23.74 -28.26
CA SER P 77 54.59 22.96 -29.49
C SER P 77 54.99 23.86 -30.65
N VAL P 78 56.11 23.55 -31.29
CA VAL P 78 56.62 24.33 -32.40
C VAL P 78 56.40 23.56 -33.68
N SER P 79 55.91 24.25 -34.71
CA SER P 79 55.68 23.69 -36.02
C SER P 79 56.68 24.29 -37.00
N ASP P 80 56.50 23.95 -38.29
CA ASP P 80 57.42 24.38 -39.32
C ASP P 80 57.52 25.90 -39.37
N GLN P 81 56.38 26.57 -39.46
CA GLN P 81 56.36 28.02 -39.41
C GLN P 81 55.87 28.46 -38.03
N THR P 82 56.68 29.26 -37.37
CA THR P 82 56.51 29.73 -36.01
C THR P 82 57.58 30.80 -35.85
N PRO P 83 57.29 31.94 -35.23
CA PRO P 83 58.23 33.06 -35.27
C PRO P 83 59.62 32.65 -34.83
N SER P 84 60.61 32.94 -35.68
CA SER P 84 61.97 32.52 -35.37
C SER P 84 62.48 33.29 -34.15
N PRO P 85 62.73 34.59 -34.24
CA PRO P 85 63.27 35.25 -33.06
C PRO P 85 62.18 35.47 -32.03
N ILE P 86 62.16 34.65 -30.99
CA ILE P 86 61.09 34.69 -30.00
C ILE P 86 61.68 34.37 -28.63
N THR P 87 61.16 35.05 -27.61
CA THR P 87 61.44 34.66 -26.25
C THR P 87 60.69 33.37 -25.93
N LEU P 88 61.03 32.75 -24.80
CA LEU P 88 60.37 31.50 -24.48
C LEU P 88 58.96 31.75 -23.96
N ILE P 89 58.76 32.84 -23.23
CA ILE P 89 57.46 33.09 -22.63
C ILE P 89 56.40 33.21 -23.71
N ASN P 90 56.68 33.99 -24.76
CA ASN P 90 55.76 34.07 -25.87
C ASN P 90 55.69 32.77 -26.65
N LEU P 91 56.65 31.86 -26.46
CA LEU P 91 56.50 30.53 -27.03
C LEU P 91 55.47 29.73 -26.27
N LEU P 92 55.53 29.76 -24.94
CA LEU P 92 54.61 28.93 -24.17
C LEU P 92 53.20 29.49 -24.19
N GLU P 93 53.07 30.81 -24.09
CA GLU P 93 51.73 31.40 -24.13
C GLU P 93 51.08 31.16 -25.49
N SER P 94 51.86 31.15 -26.55
CA SER P 94 51.32 30.96 -27.89
C SER P 94 51.37 29.52 -28.35
N SER P 95 51.87 28.60 -27.53
CA SER P 95 51.94 27.21 -27.98
C SER P 95 51.77 26.29 -26.77
N SER P 96 50.55 25.89 -26.54
CA SER P 96 50.22 24.91 -25.53
C SER P 96 48.82 24.42 -25.83
N PRO P 97 48.50 23.17 -25.54
CA PRO P 97 47.19 22.61 -25.91
C PRO P 97 46.03 23.55 -25.63
N LYS P 98 45.88 24.02 -24.40
CA LYS P 98 44.80 24.94 -24.09
C LYS P 98 44.91 26.19 -24.97
N ALA P 99 46.08 26.82 -24.98
CA ALA P 99 46.28 28.01 -25.77
C ALA P 99 46.17 27.73 -27.25
N LEU P 100 46.66 26.58 -27.70
CA LEU P 100 46.56 26.25 -29.12
C LEU P 100 45.12 26.15 -29.56
N VAL P 101 44.31 25.38 -28.83
CA VAL P 101 42.91 25.24 -29.18
C VAL P 101 42.22 26.60 -29.14
N VAL P 102 42.52 27.40 -28.11
CA VAL P 102 41.74 28.61 -27.97
C VAL P 102 42.14 29.59 -29.07
N LYS P 103 43.41 29.61 -29.45
CA LYS P 103 43.81 30.42 -30.59
C LYS P 103 43.12 29.96 -31.86
N LEU P 104 42.98 28.64 -32.01
CA LEU P 104 42.28 28.14 -33.20
C LEU P 104 40.84 28.60 -33.21
N GLN P 105 40.17 28.55 -32.06
CA GLN P 105 38.79 29.04 -31.99
C GLN P 105 38.72 30.52 -32.33
N GLU P 106 39.62 31.32 -31.74
CA GLU P 106 39.69 32.74 -32.04
C GLU P 106 39.84 32.96 -33.53
N LEU P 107 40.73 32.21 -34.16
CA LEU P 107 40.99 32.39 -35.57
C LEU P 107 39.79 32.00 -36.40
N ALA P 108 39.12 30.91 -36.03
CA ALA P 108 37.95 30.49 -36.78
C ALA P 108 36.87 31.56 -36.74
N ASP P 109 36.65 32.15 -35.56
CA ASP P 109 35.65 33.20 -35.48
C ASP P 109 36.06 34.42 -36.29
N GLU P 110 37.34 34.80 -36.23
CA GLU P 110 37.79 35.94 -37.01
C GLU P 110 37.57 35.71 -38.48
N ALA P 111 37.97 34.54 -38.97
CA ALA P 111 37.80 34.24 -40.39
C ALA P 111 36.33 34.23 -40.76
N SER P 112 35.48 33.69 -39.88
CA SER P 112 34.05 33.63 -40.18
C SER P 112 33.47 35.04 -40.30
N GLU P 113 33.85 35.93 -39.39
CA GLU P 113 33.35 37.30 -39.48
C GLU P 113 33.87 37.98 -40.73
N SER P 114 35.14 37.74 -41.08
CA SER P 114 35.67 38.33 -42.30
C SER P 114 34.89 37.84 -43.51
N ALA P 115 34.58 36.55 -43.54
CA ALA P 115 33.82 36.00 -44.66
C ALA P 115 32.44 36.62 -44.74
N GLN P 116 31.76 36.76 -43.60
CA GLN P 116 30.44 37.35 -43.62
C GLN P 116 30.49 38.79 -44.09
N SER P 117 31.48 39.56 -43.61
CA SER P 117 31.60 40.95 -44.05
C SER P 117 31.86 41.02 -45.54
N ALA P 118 32.74 40.16 -46.05
CA ALA P 118 33.04 40.17 -47.47
C ALA P 118 31.81 39.81 -48.28
N SER P 119 31.05 38.80 -47.84
CA SER P 119 29.85 38.43 -48.56
C SER P 119 28.81 39.55 -48.56
N ASP P 120 28.63 40.20 -47.42
CA ASP P 120 27.67 41.30 -47.35
C ASP P 120 28.10 42.46 -48.23
N ASP P 121 29.40 42.77 -48.25
CA ASP P 121 29.87 43.85 -49.12
C ASP P 121 29.67 43.47 -50.59
N ALA P 122 29.92 42.21 -50.94
CA ALA P 122 29.69 41.76 -52.31
C ALA P 122 28.22 41.89 -52.67
N ASP P 123 27.34 41.53 -51.75
CA ASP P 123 25.91 41.71 -52.01
C ASP P 123 25.58 43.18 -52.21
N GLN P 124 26.15 44.05 -51.38
CA GLN P 124 25.87 45.47 -51.48
C GLN P 124 26.34 46.02 -52.82
N VAL P 125 27.51 45.59 -53.28
CA VAL P 125 27.97 46.03 -54.61
C VAL P 125 27.22 45.31 -55.71
N THR P 126 26.46 44.28 -55.38
CA THR P 126 25.69 43.57 -56.38
C THR P 126 24.21 43.53 -56.00
N MET Q 1 63.56 -9.19 -49.00
CA MET Q 1 62.38 -8.34 -49.00
C MET Q 1 62.40 -7.45 -47.76
N SER Q 2 63.38 -7.69 -46.89
CA SER Q 2 63.44 -6.99 -45.61
C SER Q 2 63.50 -5.48 -45.83
N ILE Q 3 63.09 -4.75 -44.80
CA ILE Q 3 62.93 -3.31 -44.87
C ILE Q 3 64.06 -2.65 -44.11
N GLN Q 4 64.77 -1.73 -44.75
CA GLN Q 4 65.92 -1.11 -44.11
C GLN Q 4 65.57 0.31 -43.68
N VAL Q 5 66.14 0.74 -42.56
CA VAL Q 5 65.84 2.05 -42.01
C VAL Q 5 67.15 2.78 -41.76
N THR Q 6 67.21 4.04 -42.20
CA THR Q 6 68.41 4.85 -42.07
C THR Q 6 68.00 6.27 -41.76
N GLY Q 7 68.54 6.82 -40.68
CA GLY Q 7 68.21 8.18 -40.31
C GLY Q 7 69.15 8.72 -39.28
N ILE Q 8 68.80 9.87 -38.73
CA ILE Q 8 69.62 10.58 -37.77
C ILE Q 8 68.75 10.89 -36.56
N ILE Q 9 69.25 10.60 -35.36
CA ILE Q 9 68.48 10.78 -34.14
C ILE Q 9 68.85 12.14 -33.55
N GLU Q 10 68.12 13.16 -33.97
CA GLU Q 10 68.36 14.50 -33.49
C GLU Q 10 67.75 14.65 -32.11
N GLY Q 11 68.52 15.16 -31.17
CA GLY Q 11 68.00 15.45 -29.86
C GLY Q 11 67.01 16.59 -29.95
N PRO Q 12 66.17 16.75 -28.92
CA PRO Q 12 65.14 17.78 -28.99
C PRO Q 12 65.67 19.18 -29.19
N LEU Q 13 66.94 19.44 -28.85
CA LEU Q 13 67.53 20.74 -29.05
C LEU Q 13 68.39 20.82 -30.31
N GLY Q 14 68.03 20.04 -31.34
CA GLY Q 14 68.79 20.10 -32.57
C GLY Q 14 70.19 19.55 -32.46
N THR Q 15 70.48 18.77 -31.43
CA THR Q 15 71.82 18.23 -31.24
C THR Q 15 71.77 16.71 -31.29
N PRO Q 16 72.58 16.09 -32.12
CA PRO Q 16 72.52 14.63 -32.23
C PRO Q 16 73.12 13.99 -31.00
N SER Q 17 73.06 12.66 -30.94
CA SER Q 17 73.52 11.95 -29.76
C SER Q 17 73.92 10.52 -30.10
N PRO Q 18 75.19 10.18 -30.02
CA PRO Q 18 75.66 8.86 -30.42
C PRO Q 18 75.73 7.86 -29.26
N GLY Q 19 74.62 7.65 -28.58
CA GLY Q 19 74.64 6.68 -27.50
C GLY Q 19 73.38 5.86 -27.32
N ILE Q 20 72.38 6.11 -28.12
CA ILE Q 20 71.08 5.48 -27.95
C ILE Q 20 71.13 4.07 -28.50
N THR Q 21 70.43 3.15 -27.85
CA THR Q 21 70.23 1.82 -28.42
C THR Q 21 68.75 1.57 -28.55
N ILE Q 22 68.36 1.09 -29.72
CA ILE Q 22 66.98 0.88 -30.10
C ILE Q 22 66.72 -0.62 -30.10
N ARG Q 23 65.73 -1.06 -29.35
CA ARG Q 23 65.40 -2.47 -29.29
C ARG Q 23 64.01 -2.70 -29.83
N VAL Q 24 63.85 -3.75 -30.62
CA VAL Q 24 62.53 -4.14 -31.11
C VAL Q 24 62.26 -5.57 -30.65
N VAL Q 25 61.01 -5.81 -30.26
CA VAL Q 25 60.58 -7.14 -29.85
C VAL Q 25 59.33 -7.49 -30.65
N SER Q 26 59.30 -8.70 -31.19
CA SER Q 26 58.21 -9.07 -32.08
C SER Q 26 56.92 -9.23 -31.28
N LYS Q 27 55.88 -8.52 -31.70
CA LYS Q 27 54.55 -8.72 -31.15
C LYS Q 27 54.07 -10.15 -31.35
N ILE Q 28 53.95 -10.57 -32.60
CA ILE Q 28 53.37 -11.86 -32.94
C ILE Q 28 54.47 -12.72 -33.55
N SER Q 29 54.20 -14.00 -33.69
CA SER Q 29 55.13 -14.89 -34.36
C SER Q 29 54.77 -14.88 -35.84
N TYR Q 30 55.43 -13.99 -36.57
CA TYR Q 30 55.30 -13.92 -38.01
C TYR Q 30 56.33 -14.84 -38.65
N ARG Q 31 56.44 -14.80 -39.97
CA ARG Q 31 57.35 -15.72 -40.65
C ARG Q 31 58.79 -15.51 -40.20
N ASN Q 32 59.46 -16.62 -39.89
CA ASN Q 32 60.88 -16.64 -39.57
C ASN Q 32 61.22 -16.00 -38.23
N THR Q 33 60.26 -15.36 -37.57
CA THR Q 33 60.53 -14.73 -36.29
C THR Q 33 59.43 -15.06 -35.31
N TYR Q 34 59.77 -15.08 -34.03
CA TYR Q 34 58.84 -15.60 -33.04
C TYR Q 34 58.46 -14.52 -32.05
N ARG Q 35 57.45 -14.84 -31.24
CA ARG Q 35 56.96 -13.90 -30.26
C ARG Q 35 58.05 -13.59 -29.24
N LEU Q 36 58.09 -12.33 -28.79
CA LEU Q 36 59.08 -11.84 -27.83
C LEU Q 36 60.51 -12.05 -28.33
N SER Q 37 60.70 -12.21 -29.63
CA SER Q 37 62.04 -12.35 -30.17
C SER Q 37 62.69 -10.98 -30.17
N THR Q 38 63.34 -10.65 -29.08
CA THR Q 38 63.94 -9.35 -28.92
C THR Q 38 65.17 -9.18 -29.80
N GLU Q 39 65.59 -7.93 -29.95
CA GLU Q 39 66.91 -7.65 -30.51
C GLU Q 39 67.18 -6.17 -30.30
N ASP Q 40 68.42 -5.82 -29.96
CA ASP Q 40 68.80 -4.42 -29.78
C ASP Q 40 69.89 -4.01 -30.76
N TYR Q 41 69.87 -2.74 -31.15
CA TYR Q 41 70.82 -2.18 -32.10
C TYR Q 41 71.35 -0.85 -31.56
N VAL Q 42 72.67 -0.73 -31.49
CA VAL Q 42 73.31 0.48 -30.95
C VAL Q 42 73.39 1.54 -32.04
N THR Q 43 73.23 2.79 -31.66
CA THR Q 43 73.35 3.86 -32.65
C THR Q 43 74.82 4.06 -33.01
N THR Q 44 75.03 4.80 -34.10
CA THR Q 44 76.37 5.07 -34.58
C THR Q 44 76.75 6.53 -34.30
N THR Q 45 77.93 6.90 -34.77
CA THR Q 45 78.43 8.25 -34.56
C THR Q 45 77.56 9.27 -35.31
N GLY Q 46 77.53 10.48 -34.78
CA GLY Q 46 76.70 11.50 -35.38
C GLY Q 46 75.22 11.33 -35.12
N GLY Q 47 74.83 10.39 -34.27
CA GLY Q 47 73.43 10.17 -34.00
C GLY Q 47 72.67 9.51 -35.13
N ALA Q 48 73.36 8.82 -36.01
CA ALA Q 48 72.73 8.17 -37.15
C ALA Q 48 72.64 6.67 -36.92
N TYR Q 49 71.66 6.07 -37.57
CA TYR Q 49 71.45 4.63 -37.56
C TYR Q 49 71.18 4.19 -38.98
N ASP Q 50 71.56 2.94 -39.28
CA ASP Q 50 71.29 2.35 -40.58
C ASP Q 50 71.24 0.84 -40.36
N PHE Q 51 70.05 0.29 -40.26
CA PHE Q 51 69.92 -1.13 -39.95
C PHE Q 51 68.75 -1.76 -40.70
N GLN Q 52 68.90 -3.04 -40.97
CA GLN Q 52 67.87 -3.86 -41.59
C GLN Q 52 66.85 -4.28 -40.54
N LEU Q 53 65.60 -4.46 -40.95
CA LEU Q 53 64.52 -4.89 -40.09
C LEU Q 53 63.61 -5.83 -40.87
N ASN Q 54 63.24 -6.95 -40.24
CA ASN Q 54 62.35 -7.87 -40.91
C ASN Q 54 60.92 -7.36 -40.90
N GLU Q 55 60.13 -7.87 -41.82
CA GLU Q 55 58.71 -7.60 -41.80
C GLU Q 55 58.05 -8.42 -40.70
N GLY Q 56 56.97 -7.88 -40.18
CA GLY Q 56 56.32 -8.43 -39.03
C GLY Q 56 55.84 -7.32 -38.13
N PHE Q 57 55.50 -7.65 -36.89
CA PHE Q 57 54.91 -6.68 -35.99
C PHE Q 57 55.76 -6.62 -34.73
N HIS Q 58 56.20 -5.40 -34.38
CA HIS Q 58 57.21 -5.30 -33.33
C HIS Q 58 57.01 -4.05 -32.49
N LYS Q 59 57.06 -4.22 -31.18
CA LYS Q 59 57.33 -3.08 -30.30
C LYS Q 59 58.71 -2.53 -30.61
N ILE Q 60 58.80 -1.20 -30.64
CA ILE Q 60 60.06 -0.50 -30.70
C ILE Q 60 60.20 0.29 -29.41
N LEU Q 61 61.28 0.05 -28.70
CA LEU Q 61 61.65 0.75 -27.49
C LEU Q 61 63.03 1.35 -27.72
N ILE Q 62 63.35 2.43 -27.01
CA ILE Q 62 64.69 2.99 -27.12
C ILE Q 62 65.20 3.31 -25.73
N ARG Q 63 66.52 3.44 -25.64
CA ARG Q 63 67.13 3.91 -24.42
C ARG Q 63 68.27 4.85 -24.77
N TYR Q 64 68.38 5.93 -24.00
CA TYR Q 64 69.40 6.94 -24.20
C TYR Q 64 70.62 6.60 -23.36
N ARG Q 65 71.75 7.20 -23.73
CA ARG Q 65 73.01 6.79 -23.13
C ARG Q 65 72.95 6.95 -21.62
N GLY Q 66 72.36 8.04 -21.15
CA GLY Q 66 72.22 8.22 -19.72
C GLY Q 66 71.01 7.55 -19.11
N ALA Q 67 70.18 6.92 -19.92
CA ALA Q 67 68.94 6.37 -19.41
C ALA Q 67 69.20 5.11 -18.59
N SER Q 68 68.16 4.69 -17.85
CA SER Q 68 68.21 3.46 -17.08
C SER Q 68 67.29 2.40 -17.66
N SER Q 69 66.01 2.71 -17.78
CA SER Q 69 65.04 1.83 -18.39
C SER Q 69 64.88 2.17 -19.86
N PHE Q 70 63.82 1.67 -20.47
CA PHE Q 70 63.49 1.99 -21.84
C PHE Q 70 62.23 2.84 -21.88
N THR Q 71 62.08 3.61 -22.93
CA THR Q 71 60.89 4.40 -23.11
C THR Q 71 60.04 3.75 -24.19
N LYS Q 72 58.74 3.70 -23.97
CA LYS Q 72 57.87 3.02 -24.91
C LYS Q 72 57.73 3.86 -26.17
N LEU Q 73 58.64 3.65 -27.12
CA LEU Q 73 58.59 4.44 -28.35
C LEU Q 73 57.34 4.14 -29.15
N GLY Q 74 56.94 2.88 -29.21
CA GLY Q 74 55.66 2.55 -29.83
C GLY Q 74 55.68 1.13 -30.36
N ASP Q 75 54.77 0.87 -31.29
CA ASP Q 75 54.69 -0.43 -31.94
C ASP Q 75 54.42 -0.23 -33.41
N VAL Q 76 55.05 -1.04 -34.26
CA VAL Q 76 55.01 -0.85 -35.70
C VAL Q 76 54.59 -2.14 -36.37
N SER Q 77 53.85 -1.98 -37.47
CA SER Q 77 53.27 -3.07 -38.21
C SER Q 77 53.85 -3.03 -39.62
N VAL Q 78 55.03 -3.60 -39.78
CA VAL Q 78 55.76 -3.50 -41.03
C VAL Q 78 55.50 -4.73 -41.86
N SER Q 79 55.46 -4.56 -43.17
CA SER Q 79 55.16 -5.64 -44.09
C SER Q 79 55.66 -5.22 -45.46
N ASP Q 80 55.36 -6.03 -46.47
CA ASP Q 80 55.69 -5.68 -47.83
C ASP Q 80 54.86 -4.47 -48.25
N GLN Q 81 55.13 -3.97 -49.45
CA GLN Q 81 54.50 -2.76 -49.95
C GLN Q 81 54.73 -1.57 -49.02
N THR Q 82 55.91 -1.51 -48.40
CA THR Q 82 56.37 -0.34 -47.68
C THR Q 82 57.72 0.09 -48.22
N PRO Q 83 57.99 1.37 -48.31
CA PRO Q 83 59.16 1.84 -49.06
C PRO Q 83 60.46 1.45 -48.38
N SER Q 84 61.38 0.91 -49.19
CA SER Q 84 62.64 0.41 -48.65
C SER Q 84 63.51 1.51 -48.05
N PRO Q 85 63.71 2.66 -48.68
CA PRO Q 85 64.59 3.62 -48.00
C PRO Q 85 63.81 4.54 -47.06
N ILE Q 86 63.30 3.96 -45.97
CA ILE Q 86 62.45 4.68 -45.03
C ILE Q 86 63.19 4.88 -43.71
N THR Q 87 63.07 6.09 -43.16
CA THR Q 87 63.61 6.38 -41.84
C THR Q 87 62.71 5.78 -40.76
N LEU Q 88 63.24 5.74 -39.54
CA LEU Q 88 62.48 5.14 -38.45
C LEU Q 88 61.26 5.97 -38.11
N ILE Q 89 61.41 7.29 -38.09
CA ILE Q 89 60.31 8.17 -37.70
C ILE Q 89 59.11 7.95 -38.59
N ASN Q 90 59.32 7.96 -39.91
CA ASN Q 90 58.19 7.84 -40.82
C ASN Q 90 57.52 6.48 -40.71
N LEU Q 91 58.29 5.43 -40.42
CA LEU Q 91 57.69 4.12 -40.19
C LEU Q 91 56.81 4.12 -38.95
N LEU Q 92 57.34 4.60 -37.82
CA LEU Q 92 56.53 4.75 -36.61
C LEU Q 92 55.27 5.53 -36.89
N GLU Q 93 55.41 6.70 -37.51
CA GLU Q 93 54.25 7.57 -37.70
C GLU Q 93 53.23 6.93 -38.62
N SER Q 94 53.68 6.27 -39.67
CA SER Q 94 52.76 5.60 -40.57
C SER Q 94 52.10 4.41 -39.90
N SER Q 95 52.65 3.92 -38.81
CA SER Q 95 52.07 2.79 -38.10
C SER Q 95 51.89 3.11 -36.63
N SER Q 96 51.25 4.23 -36.35
CA SER Q 96 50.87 4.62 -35.00
C SER Q 96 49.78 5.67 -35.09
N PRO Q 97 48.95 5.83 -34.06
CA PRO Q 97 48.01 6.95 -34.09
C PRO Q 97 48.75 8.27 -34.21
N LYS Q 98 48.23 9.16 -35.04
CA LYS Q 98 48.82 10.49 -35.14
C LYS Q 98 48.63 11.23 -33.84
N ALA Q 99 49.62 12.03 -33.46
CA ALA Q 99 49.50 12.79 -32.23
C ALA Q 99 48.31 13.74 -32.30
N LEU Q 100 47.63 13.89 -31.17
CA LEU Q 100 46.54 14.87 -31.10
C LEU Q 100 47.04 16.26 -31.41
N VAL Q 101 48.18 16.61 -30.83
CA VAL Q 101 48.63 17.99 -30.81
C VAL Q 101 49.25 18.40 -32.14
N VAL Q 102 49.97 17.49 -32.80
CA VAL Q 102 50.49 17.86 -34.10
C VAL Q 102 49.33 18.10 -35.06
N LYS Q 103 48.28 17.29 -34.94
CA LYS Q 103 47.09 17.52 -35.74
C LYS Q 103 46.47 18.87 -35.41
N LEU Q 104 46.39 19.19 -34.12
CA LEU Q 104 45.85 20.47 -33.71
C LEU Q 104 46.64 21.62 -34.31
N GLN Q 105 47.96 21.52 -34.26
CA GLN Q 105 48.81 22.56 -34.80
C GLN Q 105 48.64 22.70 -36.30
N GLU Q 106 48.57 21.59 -37.02
CA GLU Q 106 48.34 21.66 -38.45
C GLU Q 106 47.01 22.34 -38.74
N LEU Q 107 45.98 22.01 -37.97
CA LEU Q 107 44.69 22.63 -38.16
C LEU Q 107 44.77 24.13 -37.94
N ALA Q 108 45.44 24.54 -36.86
CA ALA Q 108 45.59 25.97 -36.59
C ALA Q 108 46.37 26.65 -37.71
N ASP Q 109 47.33 25.94 -38.30
CA ASP Q 109 48.17 26.55 -39.33
C ASP Q 109 47.39 26.76 -40.61
N GLU Q 110 46.69 25.73 -41.07
CA GLU Q 110 45.89 25.89 -42.27
C GLU Q 110 44.76 26.89 -42.01
N ALA Q 111 44.26 26.95 -40.78
CA ALA Q 111 43.30 27.97 -40.42
C ALA Q 111 43.91 29.35 -40.55
N SER Q 112 45.14 29.53 -40.08
CA SER Q 112 45.79 30.83 -40.17
C SER Q 112 45.96 31.25 -41.62
N GLU Q 113 46.39 30.32 -42.47
CA GLU Q 113 46.55 30.67 -43.88
C GLU Q 113 45.22 31.04 -44.51
N SER Q 114 44.16 30.28 -44.21
CA SER Q 114 42.84 30.60 -44.76
C SER Q 114 42.38 31.97 -44.27
N ALA Q 115 42.56 32.24 -42.98
CA ALA Q 115 42.11 33.51 -42.42
C ALA Q 115 42.87 34.68 -43.03
N GLN Q 116 44.17 34.53 -43.22
CA GLN Q 116 44.93 35.58 -43.87
C GLN Q 116 44.47 35.79 -45.29
N SER Q 117 44.14 34.71 -46.00
CA SER Q 117 43.60 34.86 -47.34
C SER Q 117 42.30 35.66 -47.31
N ALA Q 118 41.42 35.32 -46.38
CA ALA Q 118 40.15 36.04 -46.28
C ALA Q 118 40.36 37.50 -45.97
N SER Q 119 41.24 37.80 -45.01
CA SER Q 119 41.46 39.17 -44.60
C SER Q 119 42.07 39.99 -45.73
N ASP Q 120 43.07 39.45 -46.42
CA ASP Q 120 43.67 40.19 -47.52
C ASP Q 120 42.67 40.37 -48.66
N ASP Q 121 41.78 39.40 -48.84
CA ASP Q 121 40.73 39.55 -49.85
C ASP Q 121 39.78 40.68 -49.47
N ALA Q 122 39.41 40.75 -48.20
CA ALA Q 122 38.56 41.86 -47.75
C ALA Q 122 39.27 43.20 -47.96
N ASP Q 123 40.56 43.25 -47.66
CA ASP Q 123 41.32 44.46 -47.91
C ASP Q 123 41.31 44.81 -49.39
N GLN Q 124 41.52 43.81 -50.26
CA GLN Q 124 41.60 44.07 -51.69
C GLN Q 124 40.27 44.59 -52.22
N VAL Q 125 39.16 43.97 -51.83
CA VAL Q 125 37.86 44.44 -52.29
C VAL Q 125 37.49 45.78 -51.70
N THR Q 126 38.21 46.21 -50.67
CA THR Q 126 37.94 47.47 -50.01
C THR Q 126 39.13 48.43 -50.20
N MET R 1 41.76 12.63 -52.30
CA MET R 1 40.94 11.67 -53.02
C MET R 1 40.63 10.45 -52.15
N SER R 2 39.62 9.68 -52.56
CA SER R 2 39.23 8.49 -51.82
C SER R 2 40.37 7.49 -51.80
N ILE R 3 40.46 6.71 -50.72
CA ILE R 3 41.65 5.91 -50.48
C ILE R 3 41.40 4.50 -50.96
N GLN R 4 42.47 3.70 -51.03
CA GLN R 4 42.38 2.32 -51.47
C GLN R 4 43.30 1.49 -50.60
N VAL R 5 42.72 0.72 -49.68
CA VAL R 5 43.50 -0.09 -48.75
C VAL R 5 43.62 -1.50 -49.31
N THR R 6 44.82 -2.06 -49.21
CA THR R 6 45.06 -3.39 -49.74
C THR R 6 46.23 -4.02 -48.99
N GLY R 7 46.28 -5.33 -49.05
CA GLY R 7 47.36 -6.06 -48.42
C GLY R 7 47.00 -7.53 -48.28
N ILE R 8 47.74 -8.19 -47.42
CA ILE R 8 47.54 -9.62 -47.15
C ILE R 8 47.15 -9.76 -45.70
N ILE R 9 46.02 -10.42 -45.46
CA ILE R 9 45.51 -10.55 -44.10
C ILE R 9 46.49 -11.40 -43.31
N GLU R 10 47.19 -10.76 -42.37
CA GLU R 10 48.27 -11.40 -41.65
C GLU R 10 48.29 -10.92 -40.20
N GLY R 11 48.97 -11.69 -39.37
CA GLY R 11 49.12 -11.33 -37.98
C GLY R 11 47.83 -11.44 -37.22
N PRO R 12 47.55 -10.46 -36.37
CA PRO R 12 46.37 -10.55 -35.50
C PRO R 12 45.08 -10.65 -36.27
N LEU R 13 45.06 -10.20 -37.52
CA LEU R 13 43.86 -10.34 -38.33
C LEU R 13 43.56 -11.80 -38.62
N GLY R 14 44.58 -12.65 -38.64
CA GLY R 14 44.36 -14.08 -38.74
C GLY R 14 45.16 -14.69 -39.85
N THR R 15 44.91 -15.96 -40.09
CA THR R 15 45.59 -16.67 -41.16
C THR R 15 45.08 -16.20 -42.51
N PRO R 16 45.92 -16.26 -43.54
CA PRO R 16 45.47 -15.85 -44.87
C PRO R 16 44.50 -16.84 -45.48
N SER R 17 43.30 -16.87 -44.98
CA SER R 17 42.30 -17.80 -45.49
C SER R 17 41.71 -17.26 -46.79
N PRO R 18 41.75 -18.02 -47.86
CA PRO R 18 41.28 -17.49 -49.14
C PRO R 18 39.77 -17.54 -49.26
N GLY R 19 39.07 -17.19 -48.18
CA GLY R 19 37.65 -16.94 -48.27
C GLY R 19 37.22 -15.88 -47.29
N ILE R 20 38.20 -15.29 -46.60
CA ILE R 20 37.89 -14.39 -45.50
C ILE R 20 37.06 -13.21 -45.99
N THR R 21 36.17 -12.75 -45.14
CA THR R 21 35.30 -11.62 -45.46
C THR R 21 35.38 -10.55 -44.39
N ILE R 22 35.21 -9.31 -44.85
CA ILE R 22 35.29 -8.12 -44.04
C ILE R 22 33.99 -7.37 -44.24
N ARG R 23 33.70 -6.48 -43.31
CA ARG R 23 32.51 -5.66 -43.39
C ARG R 23 32.83 -4.27 -42.87
N VAL R 24 32.46 -3.25 -43.61
CA VAL R 24 32.63 -1.88 -43.15
C VAL R 24 31.25 -1.26 -43.02
N VAL R 25 30.97 -0.72 -41.84
CA VAL R 25 29.75 0.05 -41.61
C VAL R 25 30.17 1.49 -41.42
N SER R 26 29.71 2.35 -42.32
CA SER R 26 30.06 3.76 -42.30
C SER R 26 28.98 4.55 -41.60
N LYS R 27 29.39 5.42 -40.70
CA LYS R 27 28.47 6.28 -39.96
C LYS R 27 28.45 7.62 -40.66
N ILE R 28 27.49 7.80 -41.56
CA ILE R 28 27.40 9.03 -42.34
C ILE R 28 26.35 9.92 -41.69
N SER R 29 26.78 11.03 -41.09
CA SER R 29 25.86 11.86 -40.31
C SER R 29 24.86 12.46 -41.28
N TYR R 30 23.66 11.86 -41.35
CA TYR R 30 22.77 12.15 -42.48
C TYR R 30 21.96 13.42 -42.27
N ARG R 31 20.99 13.39 -41.37
CA ARG R 31 20.28 14.63 -41.10
C ARG R 31 20.30 15.00 -39.62
N ASN R 32 19.86 14.07 -38.77
CA ASN R 32 19.71 14.34 -37.34
C ASN R 32 20.86 13.78 -36.55
N THR R 33 21.12 12.48 -36.64
CA THR R 33 22.33 11.94 -36.06
C THR R 33 23.25 11.34 -37.10
N TYR R 34 22.82 10.29 -37.80
CA TYR R 34 23.69 9.61 -38.75
C TYR R 34 22.92 8.45 -39.37
N ARG R 35 23.58 7.80 -40.32
CA ARG R 35 23.04 6.67 -41.05
C ARG R 35 24.11 5.60 -41.10
N LEU R 36 23.70 4.36 -40.99
CA LEU R 36 24.63 3.22 -41.04
C LEU R 36 24.56 2.62 -42.43
N SER R 37 25.67 2.68 -43.15
CA SER R 37 25.75 2.09 -44.48
C SER R 37 26.73 0.92 -44.42
N THR R 38 26.21 -0.28 -44.60
CA THR R 38 27.05 -1.47 -44.54
C THR R 38 27.59 -1.82 -45.91
N GLU R 39 28.69 -2.58 -45.91
CA GLU R 39 29.21 -3.13 -47.14
C GLU R 39 30.13 -4.28 -46.80
N ASP R 40 29.96 -5.42 -47.47
CA ASP R 40 30.75 -6.62 -47.22
C ASP R 40 31.70 -6.87 -48.37
N TYR R 41 32.98 -7.07 -48.06
CA TYR R 41 34.00 -7.35 -49.06
C TYR R 41 34.61 -8.71 -48.79
N VAL R 42 34.97 -9.42 -49.86
CA VAL R 42 35.54 -10.74 -49.70
C VAL R 42 36.98 -10.64 -50.19
N THR R 43 37.74 -11.73 -50.08
CA THR R 43 39.15 -11.70 -50.44
C THR R 43 39.48 -12.77 -51.46
N THR R 44 40.43 -12.44 -52.33
CA THR R 44 40.92 -13.39 -53.31
C THR R 44 41.93 -14.32 -52.64
N THR R 45 42.54 -15.20 -53.43
CA THR R 45 43.36 -16.26 -52.88
C THR R 45 44.57 -15.71 -52.14
N GLY R 46 45.15 -16.55 -51.30
CA GLY R 46 46.25 -16.11 -50.48
C GLY R 46 45.87 -15.17 -49.37
N GLY R 47 44.58 -14.98 -49.12
CA GLY R 47 44.13 -14.03 -48.12
C GLY R 47 44.42 -12.60 -48.48
N ALA R 48 44.16 -12.21 -49.73
CA ALA R 48 44.50 -10.88 -50.21
C ALA R 48 43.25 -10.02 -50.27
N TYR R 49 43.34 -8.82 -49.70
CA TYR R 49 42.25 -7.85 -49.76
C TYR R 49 42.72 -6.63 -50.52
N ASP R 50 41.81 -6.01 -51.25
CA ASP R 50 42.11 -4.87 -52.11
C ASP R 50 40.79 -4.16 -52.33
N PHE R 51 40.65 -2.96 -51.76
CA PHE R 51 39.39 -2.27 -51.94
C PHE R 51 39.52 -0.79 -51.61
N GLN R 52 38.81 0.03 -52.36
CA GLN R 52 38.73 1.45 -52.09
C GLN R 52 37.81 1.70 -50.90
N LEU R 53 37.94 2.90 -50.35
CA LEU R 53 37.24 3.30 -49.14
C LEU R 53 36.99 4.79 -49.21
N ASN R 54 35.76 5.17 -48.92
CA ASN R 54 35.36 6.56 -48.84
C ASN R 54 35.89 7.17 -47.54
N GLU R 55 35.66 8.47 -47.39
CA GLU R 55 36.15 9.17 -46.22
C GLU R 55 35.08 9.23 -45.14
N GLY R 56 35.52 9.29 -43.90
CA GLY R 56 34.62 9.40 -42.78
C GLY R 56 34.84 8.31 -41.75
N PHE R 57 33.82 8.09 -40.94
CA PHE R 57 33.91 7.14 -39.84
C PHE R 57 33.47 5.77 -40.31
N HIS R 58 34.39 4.81 -40.27
CA HIS R 58 34.10 3.46 -40.69
C HIS R 58 34.44 2.49 -39.56
N LYS R 59 33.57 1.52 -39.33
CA LYS R 59 33.83 0.44 -38.40
C LYS R 59 34.07 -0.82 -39.21
N ILE R 60 35.22 -1.46 -39.00
CA ILE R 60 35.63 -2.63 -39.75
C ILE R 60 35.46 -3.87 -38.90
N LEU R 61 34.83 -4.88 -39.47
CA LEU R 61 34.61 -6.19 -38.88
C LEU R 61 35.24 -7.24 -39.78
N ILE R 62 35.64 -8.35 -39.18
CA ILE R 62 36.28 -9.45 -39.89
C ILE R 62 35.62 -10.76 -39.47
N ARG R 63 35.58 -11.72 -40.39
CA ARG R 63 35.14 -13.08 -40.07
C ARG R 63 35.47 -13.97 -41.27
N TYR R 64 35.40 -15.28 -41.05
CA TYR R 64 35.63 -16.22 -42.14
C TYR R 64 34.29 -16.70 -42.65
N ARG R 65 34.21 -17.00 -43.94
CA ARG R 65 32.95 -17.49 -44.47
C ARG R 65 32.61 -18.81 -43.79
N GLY R 66 31.33 -18.97 -43.45
CA GLY R 66 30.91 -20.12 -42.69
C GLY R 66 31.24 -20.06 -41.23
N ALA R 67 31.74 -18.94 -40.73
CA ALA R 67 31.97 -18.81 -39.30
C ALA R 67 30.68 -18.43 -38.59
N SER R 68 30.75 -18.30 -37.28
CA SER R 68 29.56 -18.09 -36.49
C SER R 68 29.29 -16.62 -36.17
N SER R 69 30.31 -15.78 -36.15
CA SER R 69 30.10 -14.35 -36.01
C SER R 69 31.31 -13.59 -36.50
N PHE R 70 31.26 -12.28 -36.35
CA PHE R 70 32.31 -11.40 -36.81
C PHE R 70 33.37 -11.28 -35.72
N THR R 71 34.40 -10.48 -36.00
CA THR R 71 35.36 -10.09 -34.99
C THR R 71 35.57 -8.59 -35.13
N LYS R 72 35.51 -7.87 -34.02
CA LYS R 72 35.58 -6.42 -34.07
C LYS R 72 37.01 -6.00 -34.38
N LEU R 73 37.28 -5.68 -35.64
CA LEU R 73 38.57 -5.09 -35.96
C LEU R 73 38.68 -3.70 -35.37
N GLY R 74 37.65 -2.89 -35.50
CA GLY R 74 37.54 -1.65 -34.76
C GLY R 74 37.14 -0.48 -35.63
N ASP R 75 37.06 0.68 -34.98
CA ASP R 75 36.70 1.90 -35.67
C ASP R 75 37.90 2.47 -36.44
N VAL R 76 37.60 3.47 -37.25
CA VAL R 76 38.63 4.23 -37.95
C VAL R 76 37.99 5.50 -38.48
N SER R 77 38.78 6.55 -38.64
CA SER R 77 38.31 7.81 -39.20
C SER R 77 39.23 8.16 -40.37
N VAL R 78 38.83 7.75 -41.56
CA VAL R 78 39.62 8.10 -42.74
C VAL R 78 39.39 9.56 -43.06
N SER R 79 40.47 10.31 -43.12
CA SER R 79 40.41 11.75 -43.37
C SER R 79 41.14 12.07 -44.66
N ASP R 80 41.20 13.35 -44.98
CA ASP R 80 41.87 13.78 -46.21
C ASP R 80 43.37 13.79 -46.07
N GLN R 81 43.91 13.15 -45.05
CA GLN R 81 45.35 13.14 -44.83
C GLN R 81 45.93 11.74 -44.66
N THR R 82 45.11 10.70 -44.59
CA THR R 82 45.63 9.36 -44.44
C THR R 82 46.24 8.88 -45.77
N PRO R 83 47.29 8.06 -45.70
CA PRO R 83 47.93 7.60 -46.94
C PRO R 83 46.98 6.74 -47.75
N SER R 84 47.12 6.83 -49.08
CA SER R 84 46.23 6.08 -49.96
C SER R 84 46.62 4.61 -50.05
N PRO R 85 47.81 4.25 -50.53
CA PRO R 85 48.10 2.81 -50.61
C PRO R 85 48.60 2.27 -49.27
N ILE R 86 47.66 1.93 -48.39
CA ILE R 86 47.98 1.51 -47.03
C ILE R 86 47.27 0.19 -46.73
N THR R 87 47.95 -0.69 -46.00
CA THR R 87 47.34 -1.95 -45.61
C THR R 87 46.27 -1.73 -44.55
N LEU R 88 45.42 -2.73 -44.37
CA LEU R 88 44.32 -2.59 -43.41
C LEU R 88 44.83 -2.64 -41.99
N ILE R 89 45.75 -3.57 -41.69
CA ILE R 89 46.29 -3.65 -40.34
C ILE R 89 46.96 -2.34 -39.96
N ASN R 90 47.63 -1.70 -40.91
CA ASN R 90 48.24 -0.42 -40.61
C ASN R 90 47.16 0.62 -40.29
N LEU R 91 46.08 0.63 -41.07
CA LEU R 91 45.07 1.67 -40.89
C LEU R 91 44.36 1.51 -39.56
N LEU R 92 43.97 0.28 -39.22
CA LEU R 92 43.28 0.01 -37.96
C LEU R 92 44.00 0.65 -36.78
N GLU R 93 45.31 0.88 -36.91
CA GLU R 93 46.05 1.53 -35.86
C GLU R 93 45.73 3.02 -35.77
N SER R 94 45.22 3.63 -36.84
CA SER R 94 44.85 5.05 -36.81
C SER R 94 43.36 5.20 -36.57
N SER R 95 42.94 4.79 -35.37
CA SER R 95 41.54 4.81 -34.99
C SER R 95 41.06 6.23 -34.77
N SER R 96 39.74 6.38 -34.64
CA SER R 96 39.13 7.69 -34.54
C SER R 96 39.32 8.27 -33.15
N PRO R 97 39.95 9.41 -33.00
CA PRO R 97 39.95 10.11 -31.71
C PRO R 97 38.79 11.08 -31.63
N LYS R 98 38.72 11.85 -30.54
CA LYS R 98 37.72 12.90 -30.40
C LYS R 98 38.25 14.27 -30.80
N ALA R 99 39.17 14.32 -31.75
CA ALA R 99 39.58 15.57 -32.36
C ALA R 99 38.59 16.08 -33.38
N LEU R 100 37.51 15.32 -33.64
CA LEU R 100 36.61 15.64 -34.73
C LEU R 100 36.10 17.07 -34.64
N VAL R 101 35.78 17.52 -33.43
CA VAL R 101 35.24 18.86 -33.26
C VAL R 101 36.27 19.89 -33.74
N VAL R 102 37.54 19.70 -33.38
CA VAL R 102 38.58 20.59 -33.85
C VAL R 102 38.66 20.53 -35.37
N LYS R 103 38.52 19.33 -35.94
CA LYS R 103 38.50 19.20 -37.39
C LYS R 103 37.34 19.97 -37.99
N LEU R 104 36.24 20.09 -37.27
CA LEU R 104 35.13 20.92 -37.74
C LEU R 104 35.61 22.30 -38.09
N GLN R 105 36.55 22.82 -37.32
CA GLN R 105 37.04 24.18 -37.52
C GLN R 105 37.81 24.32 -38.83
N GLU R 106 38.14 23.21 -39.49
CA GLU R 106 38.60 23.27 -40.87
C GLU R 106 37.65 24.07 -41.76
N LEU R 107 36.41 24.33 -41.32
CA LEU R 107 35.50 25.11 -42.15
C LEU R 107 36.08 26.48 -42.45
N ALA R 108 37.03 26.94 -41.62
CA ALA R 108 37.69 28.20 -41.89
C ALA R 108 38.19 28.24 -43.33
N ASP R 109 38.88 27.19 -43.77
CA ASP R 109 39.31 27.12 -45.16
C ASP R 109 38.14 27.33 -46.09
N GLU R 110 37.07 26.55 -45.90
CA GLU R 110 35.87 26.74 -46.68
C GLU R 110 35.44 28.20 -46.64
N ALA R 111 35.34 28.76 -45.44
CA ALA R 111 35.01 30.18 -45.31
C ALA R 111 35.85 31.00 -46.29
N SER R 112 37.16 30.85 -46.23
CA SER R 112 38.03 31.67 -47.06
C SER R 112 37.70 31.50 -48.52
N GLU R 113 37.53 30.26 -48.99
CA GLU R 113 37.28 30.11 -50.41
C GLU R 113 36.00 30.82 -50.79
N SER R 114 34.96 30.68 -49.96
CA SER R 114 33.74 31.44 -50.20
C SER R 114 34.06 32.92 -50.32
N ALA R 115 34.79 33.46 -49.33
CA ALA R 115 35.20 34.85 -49.41
C ALA R 115 35.86 35.14 -50.74
N GLN R 116 36.86 34.34 -51.13
CA GLN R 116 37.55 34.62 -52.37
C GLN R 116 36.58 34.59 -53.54
N SER R 117 35.70 33.59 -53.57
CA SER R 117 34.71 33.55 -54.63
C SER R 117 33.92 34.84 -54.68
N ALA R 118 33.38 35.26 -53.53
CA ALA R 118 32.66 36.53 -53.49
C ALA R 118 33.52 37.62 -54.10
N SER R 119 34.76 37.73 -53.63
CA SER R 119 35.65 38.74 -54.17
C SER R 119 35.77 38.60 -55.68
N ASP R 120 36.13 37.41 -56.15
CA ASP R 120 36.39 37.29 -57.58
C ASP R 120 35.10 37.20 -58.38
N ASP R 121 33.95 37.28 -57.72
CA ASP R 121 32.71 37.50 -58.44
C ASP R 121 32.33 38.96 -58.45
N ALA R 122 32.68 39.69 -57.39
CA ALA R 122 32.23 41.07 -57.28
C ALA R 122 33.00 42.01 -58.20
N ASP R 123 34.29 41.76 -58.40
CA ASP R 123 35.18 42.79 -58.92
C ASP R 123 35.08 42.99 -60.43
N GLN R 124 34.45 42.07 -61.17
CA GLN R 124 34.51 42.11 -62.62
C GLN R 124 33.50 43.08 -63.24
N VAL R 125 32.61 43.68 -62.44
CA VAL R 125 31.60 44.56 -63.00
C VAL R 125 32.26 45.80 -63.61
N THR R 126 33.21 46.39 -62.88
CA THR R 126 33.96 47.55 -63.34
C THR R 126 33.08 48.67 -63.89
N MET S 1 47.15 60.60 14.90
CA MET S 1 48.53 60.18 15.09
C MET S 1 48.58 58.85 15.80
N SER S 2 49.77 58.26 15.85
CA SER S 2 49.97 57.01 16.57
C SER S 2 49.77 57.26 18.05
N ILE S 3 48.70 56.70 18.63
CA ILE S 3 48.33 57.02 19.99
C ILE S 3 49.28 56.35 20.97
N GLN S 4 49.25 56.81 22.21
CA GLN S 4 50.10 56.28 23.27
C GLN S 4 49.20 55.79 24.40
N VAL S 5 49.62 54.71 25.05
CA VAL S 5 48.83 54.16 26.13
C VAL S 5 49.64 54.22 27.42
N THR S 6 48.96 54.71 28.46
CA THR S 6 49.50 54.75 29.82
C THR S 6 48.54 53.96 30.68
N GLY S 7 49.08 53.17 31.60
CA GLY S 7 48.27 52.59 32.64
C GLY S 7 49.19 52.05 33.71
N ILE S 8 48.59 51.60 34.80
CA ILE S 8 49.31 50.92 35.86
C ILE S 8 48.67 49.56 36.05
N ILE S 9 49.43 48.51 35.76
CA ILE S 9 48.89 47.16 35.84
C ILE S 9 48.79 46.78 37.31
N GLU S 10 47.61 46.38 37.73
CA GLU S 10 47.34 46.10 39.13
C GLU S 10 46.81 44.67 39.27
N GLY S 11 47.48 43.89 40.11
CA GLY S 11 46.94 42.62 40.51
C GLY S 11 45.74 42.86 41.39
N PRO S 12 44.86 41.87 41.50
CA PRO S 12 43.61 42.05 42.25
C PRO S 12 43.80 42.42 43.72
N LEU S 13 45.03 42.46 44.20
CA LEU S 13 45.32 42.68 45.60
C LEU S 13 46.03 44.01 45.85
N GLY S 14 45.84 44.99 44.98
CA GLY S 14 46.45 46.27 45.22
C GLY S 14 47.96 46.29 45.15
N THR S 15 48.57 45.22 44.67
CA THR S 15 50.03 45.15 44.55
C THR S 15 50.40 45.15 43.08
N PRO S 16 50.96 46.24 42.56
CA PRO S 16 51.36 46.26 41.15
C PRO S 16 52.39 45.17 40.87
N SER S 17 52.59 44.90 39.58
CA SER S 17 53.50 43.86 39.14
C SER S 17 54.46 44.43 38.12
N PRO S 18 55.75 44.49 38.42
CA PRO S 18 56.69 45.13 37.49
C PRO S 18 57.03 44.27 36.29
N GLY S 19 57.24 42.99 36.50
CA GLY S 19 57.79 42.17 35.45
C GLY S 19 56.74 41.53 34.55
N ILE S 20 55.95 42.35 33.87
CA ILE S 20 54.95 41.87 32.93
C ILE S 20 55.51 42.00 31.54
N THR S 21 55.42 40.93 30.75
CA THR S 21 55.87 40.95 29.37
C THR S 21 54.65 40.98 28.47
N ILE S 22 54.40 42.13 27.86
CA ILE S 22 53.25 42.32 26.99
C ILE S 22 53.72 42.16 25.54
N ARG S 23 52.96 41.41 24.76
CA ARG S 23 53.34 41.07 23.38
C ARG S 23 52.24 41.58 22.46
N VAL S 24 52.57 42.57 21.64
CA VAL S 24 51.64 43.11 20.67
C VAL S 24 52.04 42.58 19.30
N VAL S 25 51.10 41.97 18.59
CA VAL S 25 51.40 41.46 17.26
C VAL S 25 50.29 41.87 16.31
N SER S 26 50.69 42.29 15.12
CA SER S 26 49.81 42.82 14.11
C SER S 26 49.57 41.78 13.03
N LYS S 27 48.34 41.76 12.51
CA LYS S 27 47.99 40.80 11.48
C LYS S 27 47.25 41.45 10.32
N ILE S 28 47.52 42.71 10.04
CA ILE S 28 46.98 43.38 8.87
C ILE S 28 48.11 44.13 8.18
N SER S 29 48.15 44.01 6.87
CA SER S 29 49.06 44.82 6.07
C SER S 29 48.54 46.24 6.09
N TYR S 30 49.04 47.04 7.02
CA TYR S 30 48.57 48.40 7.23
C TYR S 30 49.76 49.33 7.24
N ARG S 31 49.52 50.61 6.94
CA ARG S 31 50.61 51.52 6.64
C ARG S 31 51.73 51.45 7.66
N ASN S 32 52.92 51.09 7.18
CA ASN S 32 54.12 51.01 7.99
C ASN S 32 53.99 49.96 9.09
N THR S 33 53.35 48.83 8.77
CA THR S 33 53.25 47.72 9.71
C THR S 33 52.82 46.50 8.92
N TYR S 34 53.34 45.34 9.28
CA TYR S 34 53.13 44.18 8.44
C TYR S 34 52.40 43.08 9.20
N ARG S 35 51.85 42.16 8.41
CA ARG S 35 51.14 41.02 8.98
C ARG S 35 52.07 40.22 9.87
N LEU S 36 51.51 39.72 10.98
CA LEU S 36 52.25 38.89 11.91
C LEU S 36 53.51 39.56 12.41
N SER S 37 53.49 40.87 12.57
CA SER S 37 54.66 41.59 13.06
C SER S 37 54.58 41.70 14.57
N THR S 38 55.60 41.22 15.25
CA THR S 38 55.57 41.05 16.70
C THR S 38 56.41 42.11 17.38
N GLU S 39 56.09 42.36 18.64
CA GLU S 39 57.01 43.11 19.49
C GLU S 39 56.61 42.98 20.95
N ASP S 40 57.59 43.21 21.82
CA ASP S 40 57.46 43.02 23.25
C ASP S 40 57.64 44.35 23.98
N TYR S 41 57.07 44.42 25.17
CA TYR S 41 57.29 45.55 26.05
C TYR S 41 57.25 45.06 27.49
N VAL S 42 58.24 45.44 28.27
CA VAL S 42 58.33 45.04 29.67
C VAL S 42 57.98 46.23 30.53
N THR S 43 57.10 46.00 31.50
CA THR S 43 56.67 47.07 32.39
C THR S 43 57.80 47.50 33.31
N THR S 44 57.88 48.81 33.55
CA THR S 44 58.86 49.33 34.46
C THR S 44 58.36 49.22 35.90
N THR S 45 59.15 49.71 36.84
CA THR S 45 58.79 49.64 38.24
C THR S 45 57.46 50.33 38.48
N GLY S 46 56.77 49.90 39.53
CA GLY S 46 55.47 50.43 39.81
C GLY S 46 54.37 49.84 38.95
N GLY S 47 54.69 48.91 38.07
CA GLY S 47 53.68 48.24 37.27
C GLY S 47 52.96 49.18 36.34
N ALA S 48 53.69 50.11 35.75
CA ALA S 48 53.12 51.09 34.83
C ALA S 48 53.59 50.81 33.42
N TYR S 49 52.64 50.58 32.53
CA TYR S 49 52.92 50.35 31.11
C TYR S 49 52.64 51.64 30.35
N ASP S 50 53.62 52.07 29.56
CA ASP S 50 53.44 53.17 28.62
C ASP S 50 54.15 52.87 27.33
N PHE S 51 53.44 52.98 26.22
CA PHE S 51 54.09 52.87 24.93
C PHE S 51 53.23 53.50 23.84
N GLN S 52 53.90 54.04 22.82
CA GLN S 52 53.20 54.43 21.62
C GLN S 52 53.08 53.21 20.71
N LEU S 53 51.85 52.86 20.34
CA LEU S 53 51.62 51.73 19.44
C LEU S 53 51.20 52.27 18.10
N ASN S 54 51.85 51.80 17.04
CA ASN S 54 51.39 52.16 15.72
C ASN S 54 50.00 51.58 15.53
N GLU S 55 49.17 52.33 14.81
CA GLU S 55 47.79 51.98 14.62
C GLU S 55 47.62 50.88 13.58
N GLY S 56 46.41 50.32 13.55
CA GLY S 56 46.13 49.16 12.74
C GLY S 56 45.28 48.18 13.51
N PHE S 57 45.56 46.89 13.36
CA PHE S 57 44.81 45.84 14.02
C PHE S 57 45.78 44.95 14.79
N HIS S 58 45.85 45.13 16.10
CA HIS S 58 46.92 44.55 16.90
C HIS S 58 46.30 43.69 17.99
N LYS S 59 46.65 42.41 18.05
CA LYS S 59 46.21 41.60 19.16
C LYS S 59 47.28 41.58 20.24
N ILE S 60 46.84 41.52 21.48
CA ILE S 60 47.71 41.73 22.63
C ILE S 60 47.68 40.50 23.51
N LEU S 61 48.87 40.09 23.96
CA LEU S 61 49.04 38.93 24.79
C LEU S 61 49.80 39.33 26.05
N ILE S 62 49.54 38.63 27.15
CA ILE S 62 50.21 38.90 28.41
C ILE S 62 51.01 37.67 28.80
N ARG S 63 52.16 37.91 29.43
CA ARG S 63 52.83 36.88 30.21
C ARG S 63 53.18 37.50 31.55
N TYR S 64 52.70 36.89 32.62
CA TYR S 64 52.99 37.35 33.97
C TYR S 64 54.39 36.90 34.35
N ARG S 65 54.73 37.00 35.64
CA ARG S 65 56.08 36.72 36.12
C ARG S 65 56.70 35.50 35.46
N GLY S 66 56.06 34.35 35.61
CA GLY S 66 56.52 33.18 34.91
C GLY S 66 55.34 32.41 34.38
N ALA S 67 55.30 32.21 33.07
CA ALA S 67 54.16 31.53 32.46
C ALA S 67 54.63 30.74 31.26
N SER S 68 54.15 29.50 31.15
CA SER S 68 54.47 28.70 29.97
C SER S 68 53.98 29.37 28.71
N SER S 69 52.67 29.51 28.57
CA SER S 69 52.08 30.06 27.37
C SER S 69 51.75 31.53 27.55
N PHE S 70 51.06 32.10 26.58
CA PHE S 70 50.69 33.52 26.57
C PHE S 70 49.18 33.64 26.71
N THR S 71 48.75 34.53 27.58
CA THR S 71 47.33 34.75 27.80
C THR S 71 46.84 35.84 26.85
N LYS S 72 45.75 35.56 26.16
CA LYS S 72 45.22 36.45 25.13
C LYS S 72 44.18 37.36 25.74
N LEU S 73 44.47 38.65 25.81
CA LEU S 73 43.46 39.58 26.31
C LEU S 73 42.46 39.95 25.22
N GLY S 74 42.90 40.03 23.98
CA GLY S 74 42.00 40.46 22.92
C GLY S 74 42.80 41.09 21.79
N ASP S 75 42.07 41.83 20.96
CA ASP S 75 42.64 42.44 19.76
C ASP S 75 42.10 43.86 19.54
N VAL S 76 42.93 44.84 19.86
CA VAL S 76 42.52 46.21 19.66
C VAL S 76 42.65 46.59 18.19
N SER S 77 41.95 47.64 17.82
CA SER S 77 42.09 48.23 16.48
C SER S 77 42.12 49.75 16.66
N VAL S 78 43.23 50.36 16.27
CA VAL S 78 43.42 51.80 16.44
C VAL S 78 43.43 52.46 15.08
N SER S 79 42.68 53.56 14.95
CA SER S 79 42.56 54.33 13.73
C SER S 79 43.28 55.65 13.89
N ASP S 80 43.17 56.50 12.87
CA ASP S 80 43.87 57.78 12.88
C ASP S 80 43.46 58.62 14.07
N GLN S 81 42.17 58.80 14.29
CA GLN S 81 41.68 59.49 15.47
C GLN S 81 41.11 58.46 16.43
N THR S 82 41.61 58.48 17.65
CA THR S 82 41.32 57.56 18.73
C THR S 82 41.96 58.21 19.95
N PRO S 83 41.32 58.22 21.11
CA PRO S 83 41.82 59.05 22.22
C PRO S 83 43.28 58.78 22.52
N SER S 84 44.07 59.86 22.55
CA SER S 84 45.51 59.67 22.75
C SER S 84 45.77 59.17 24.17
N PRO S 85 45.53 59.93 25.22
CA PRO S 85 45.86 59.39 26.53
C PRO S 85 44.79 58.41 26.97
N ILE S 86 45.10 57.12 26.87
CA ILE S 86 44.12 56.07 27.16
C ILE S 86 44.83 54.91 27.83
N THR S 87 44.14 54.29 28.78
CA THR S 87 44.59 53.01 29.31
C THR S 87 44.35 51.92 28.28
N LEU S 88 44.97 50.76 28.50
CA LEU S 88 44.80 49.69 27.52
C LEU S 88 43.45 49.02 27.64
N ILE S 89 42.86 49.01 28.84
CA ILE S 89 41.55 48.39 29.00
C ILE S 89 40.51 49.14 28.19
N ASN S 90 40.46 50.46 28.32
CA ASN S 90 39.53 51.21 27.51
C ASN S 90 39.89 51.18 26.03
N LEU S 91 41.12 50.78 25.70
CA LEU S 91 41.43 50.52 24.30
C LEU S 91 40.77 49.24 23.82
N LEU S 92 40.87 48.17 24.61
CA LEU S 92 40.34 46.89 24.14
C LEU S 92 38.83 46.85 24.20
N GLU S 93 38.23 47.42 25.25
CA GLU S 93 36.77 47.45 25.32
C GLU S 93 36.18 48.27 24.20
N SER S 94 36.83 49.38 23.85
CA SER S 94 36.32 50.27 22.82
C SER S 94 36.84 49.94 21.44
N SER S 95 37.68 48.91 21.29
CA SER S 95 38.20 48.61 19.97
C SER S 95 38.42 47.11 19.87
N SER S 96 37.41 46.42 19.34
CA SER S 96 37.48 45.00 19.06
C SER S 96 36.32 44.68 18.14
N PRO S 97 36.46 43.72 17.25
CA PRO S 97 35.42 43.49 16.24
C PRO S 97 34.01 43.45 16.80
N LYS S 98 33.74 42.63 17.80
CA LYS S 98 32.41 42.61 18.39
C LYS S 98 32.05 43.99 18.93
N ALA S 99 32.93 44.57 19.75
CA ALA S 99 32.65 45.88 20.32
C ALA S 99 32.62 46.95 19.26
N LEU S 100 33.46 46.84 18.23
CA LEU S 100 33.44 47.85 17.18
C LEU S 100 32.11 47.84 16.44
N VAL S 101 31.65 46.66 16.03
CA VAL S 101 30.36 46.58 15.34
C VAL S 101 29.25 47.08 16.24
N VAL S 102 29.29 46.72 17.52
CA VAL S 102 28.15 47.04 18.35
C VAL S 102 28.13 48.54 18.63
N LYS S 103 29.32 49.15 18.76
CA LYS S 103 29.40 50.60 18.85
C LYS S 103 28.86 51.25 17.59
N LEU S 104 29.16 50.67 16.43
CA LEU S 104 28.64 51.25 15.19
C LEU S 104 27.13 51.19 15.16
N GLN S 105 26.55 50.07 15.59
CA GLN S 105 25.09 49.96 15.64
C GLN S 105 24.50 50.98 16.61
N GLU S 106 25.10 51.08 17.80
CA GLU S 106 24.69 52.08 18.78
C GLU S 106 24.68 53.46 18.16
N LEU S 107 25.75 53.80 17.46
CA LEU S 107 25.89 55.11 16.88
C LEU S 107 24.84 55.33 15.81
N ALA S 108 24.60 54.32 14.98
CA ALA S 108 23.63 54.47 13.91
C ALA S 108 22.25 54.75 14.48
N ASP S 109 21.88 54.02 15.53
CA ASP S 109 20.57 54.26 16.13
C ASP S 109 20.51 55.65 16.76
N GLU S 110 21.58 56.07 17.44
CA GLU S 110 21.59 57.39 18.04
C GLU S 110 21.40 58.46 16.97
N ALA S 111 22.16 58.37 15.88
CA ALA S 111 22.05 59.36 14.83
C ALA S 111 20.67 59.34 14.21
N SER S 112 20.10 58.15 14.03
CA SER S 112 18.78 58.05 13.44
C SER S 112 17.73 58.73 14.32
N GLU S 113 17.80 58.51 15.63
CA GLU S 113 16.85 59.16 16.51
C GLU S 113 17.05 60.67 16.50
N SER S 114 18.31 61.11 16.47
CA SER S 114 18.56 62.54 16.41
C SER S 114 17.96 63.14 15.15
N ALA S 115 18.11 62.44 14.03
CA ALA S 115 17.55 62.92 12.78
C ALA S 115 16.04 63.01 12.85
N GLN S 116 15.41 61.98 13.41
CA GLN S 116 13.95 62.00 13.51
C GLN S 116 13.48 63.14 14.41
N SER S 117 14.17 63.36 15.52
CA SER S 117 13.79 64.46 16.41
C SER S 117 13.96 65.79 15.71
N ALA S 118 15.06 65.97 14.99
CA ALA S 118 15.28 67.22 14.28
C ALA S 118 14.22 67.44 13.21
N SER S 119 13.88 66.38 12.46
CA SER S 119 12.86 66.52 11.43
C SER S 119 11.50 66.87 12.05
N ASP S 120 11.15 66.22 13.16
CA ASP S 120 9.88 66.50 13.79
C ASP S 120 9.83 67.93 14.33
N ASP S 121 10.94 68.39 14.92
CA ASP S 121 10.98 69.77 15.40
C ASP S 121 10.87 70.76 14.24
N ALA S 122 11.52 70.45 13.12
CA ALA S 122 11.40 71.31 11.95
C ALA S 122 9.97 71.35 11.45
N ASP S 123 9.30 70.20 11.44
CA ASP S 123 7.90 70.18 11.07
C ASP S 123 7.06 71.03 12.02
N GLN S 124 7.34 70.91 13.32
CA GLN S 124 6.58 71.68 14.30
C GLN S 124 6.77 73.17 14.09
N VAL S 125 8.00 73.59 13.80
CA VAL S 125 8.25 75.00 13.55
C VAL S 125 7.73 75.40 12.18
N THR S 126 7.41 74.43 11.34
CA THR S 126 6.88 74.72 10.01
C THR S 126 5.52 74.06 9.81
N MET T 1 60.96 50.43 -17.05
CA MET T 1 59.54 50.46 -16.76
C MET T 1 59.30 49.82 -15.40
N SER T 2 60.34 49.15 -14.90
CA SER T 2 60.22 48.41 -13.65
C SER T 2 59.80 49.33 -12.52
N ILE T 3 59.06 48.76 -11.56
CA ILE T 3 58.42 49.51 -10.49
C ILE T 3 59.31 49.46 -9.26
N GLN T 4 59.62 50.60 -8.69
CA GLN T 4 60.54 50.65 -7.56
C GLN T 4 59.77 50.97 -6.29
N VAL T 5 60.17 50.36 -5.18
CA VAL T 5 59.45 50.51 -3.92
C VAL T 5 60.41 50.95 -2.84
N THR T 6 60.00 51.96 -2.08
CA THR T 6 60.86 52.54 -1.05
C THR T 6 59.98 52.92 0.13
N GLY T 7 60.34 52.42 1.30
CA GLY T 7 59.55 52.72 2.49
C GLY T 7 60.31 52.36 3.74
N ILE T 8 59.60 52.47 4.86
CA ILE T 8 60.16 52.17 6.17
C ILE T 8 59.26 51.14 6.84
N ILE T 9 59.86 50.07 7.36
CA ILE T 9 59.08 48.99 7.95
C ILE T 9 59.02 49.23 9.45
N GLU T 10 58.03 50.01 9.86
CA GLU T 10 57.84 50.33 11.27
C GLU T 10 57.28 49.11 11.97
N GLY T 11 57.83 48.79 13.14
CA GLY T 11 57.28 47.75 13.95
C GLY T 11 55.94 48.18 14.50
N PRO T 12 55.17 47.23 15.02
CA PRO T 12 53.82 47.58 15.50
C PRO T 12 53.80 48.62 16.60
N LEU T 13 54.91 48.84 17.31
CA LEU T 13 54.94 49.83 18.36
C LEU T 13 55.67 51.09 17.94
N GLY T 14 55.61 51.43 16.66
CA GLY T 14 56.31 52.61 16.19
C GLY T 14 57.81 52.50 16.28
N THR T 15 58.36 51.29 16.33
CA THR T 15 59.79 51.08 16.45
C THR T 15 60.29 50.34 15.22
N PRO T 16 61.21 50.90 14.46
CA PRO T 16 61.66 50.24 13.25
C PRO T 16 62.52 49.03 13.57
N SER T 17 62.92 48.29 12.55
CA SER T 17 63.66 47.06 12.74
C SER T 17 64.52 46.74 11.53
N PRO T 18 65.83 46.78 11.66
CA PRO T 18 66.71 46.55 10.51
C PRO T 18 67.17 45.10 10.37
N GLY T 19 66.22 44.18 10.29
CA GLY T 19 66.63 42.80 10.07
C GLY T 19 65.70 41.95 9.22
N ILE T 20 64.65 42.53 8.68
CA ILE T 20 63.65 41.77 7.95
C ILE T 20 64.14 41.49 6.55
N THR T 21 63.82 40.30 6.04
CA THR T 21 64.08 39.99 4.64
C THR T 21 62.75 39.72 3.95
N ILE T 22 62.52 40.41 2.84
CA ILE T 22 61.30 40.29 2.06
C ILE T 22 61.59 39.44 0.85
N ARG T 23 60.82 38.38 0.66
CA ARG T 23 60.99 37.47 -0.46
C ARG T 23 59.77 37.62 -1.36
N VAL T 24 59.99 37.58 -2.66
CA VAL T 24 58.90 37.53 -3.62
C VAL T 24 59.16 36.39 -4.58
N VAL T 25 58.09 35.65 -4.90
CA VAL T 25 58.16 34.56 -5.85
C VAL T 25 57.08 34.77 -6.89
N SER T 26 57.43 34.63 -8.16
CA SER T 26 56.49 34.95 -9.21
C SER T 26 55.35 33.93 -9.21
N LYS T 27 54.12 34.43 -9.17
CA LYS T 27 52.95 33.57 -9.31
C LYS T 27 52.93 32.90 -10.68
N ILE T 28 52.86 33.70 -11.74
CA ILE T 28 52.78 33.20 -13.10
C ILE T 28 54.12 33.45 -13.77
N SER T 29 54.30 32.85 -14.94
CA SER T 29 55.45 33.13 -15.77
C SER T 29 55.11 34.30 -16.67
N TYR T 30 55.70 35.45 -16.38
CA TYR T 30 55.47 36.68 -17.11
C TYR T 30 56.69 37.03 -17.96
N ARG T 31 56.66 38.17 -18.64
CA ARG T 31 57.77 38.50 -19.51
C ARG T 31 59.05 38.58 -18.72
N ASN T 32 60.08 37.92 -19.24
CA ASN T 32 61.43 37.96 -18.68
C ASN T 32 61.53 37.26 -17.33
N THR T 33 60.43 36.77 -16.77
CA THR T 33 60.49 36.09 -15.48
C THR T 33 59.64 34.85 -15.50
N TYR T 34 59.96 33.91 -14.64
CA TYR T 34 59.36 32.59 -14.72
C TYR T 34 58.59 32.26 -13.45
N ARG T 35 57.80 31.20 -13.55
CA ARG T 35 57.04 30.72 -12.40
C ARG T 35 57.99 30.27 -11.31
N LEU T 36 57.59 30.52 -10.05
CA LEU T 36 58.39 30.16 -8.87
C LEU T 36 59.79 30.76 -8.90
N SER T 37 59.97 31.84 -9.63
CA SER T 37 61.28 32.50 -9.66
C SER T 37 61.41 33.34 -8.40
N THR T 38 61.94 32.73 -7.35
CA THR T 38 62.07 33.42 -6.08
C THR T 38 63.13 34.50 -6.14
N GLU T 39 63.10 35.38 -5.15
CA GLU T 39 64.20 36.28 -4.87
C GLU T 39 63.94 36.95 -3.54
N ASP T 40 65.00 37.16 -2.76
CA ASP T 40 64.87 37.78 -1.45
C ASP T 40 65.72 39.03 -1.36
N TYR T 41 65.24 40.00 -0.58
CA TYR T 41 65.90 41.28 -0.39
C TYR T 41 65.95 41.59 1.09
N VAL T 42 67.15 41.81 1.61
CA VAL T 42 67.30 42.18 3.00
C VAL T 42 66.87 43.62 3.20
N THR T 43 66.52 43.96 4.44
CA THR T 43 66.22 45.35 4.74
C THR T 43 67.48 46.10 5.12
N THR T 44 67.39 47.42 5.10
CA THR T 44 68.52 48.26 5.42
C THR T 44 68.39 48.83 6.82
N THR T 45 69.35 49.66 7.20
CA THR T 45 69.35 50.27 8.52
C THR T 45 68.17 51.22 8.67
N GLY T 46 67.72 51.39 9.90
CA GLY T 46 66.58 52.23 10.14
C GLY T 46 65.27 51.62 9.74
N GLY T 47 65.25 50.35 9.36
CA GLY T 47 64.01 49.71 8.97
C GLY T 47 63.50 50.11 7.61
N ALA T 48 64.34 50.70 6.78
CA ALA T 48 63.93 51.16 5.46
C ALA T 48 64.38 50.18 4.39
N TYR T 49 63.66 50.20 3.27
CA TYR T 49 63.97 49.41 2.10
C TYR T 49 63.82 50.30 0.88
N ASP T 50 64.59 50.00 -0.15
CA ASP T 50 64.50 50.73 -1.41
C ASP T 50 64.98 49.76 -2.48
N PHE T 51 64.05 49.11 -3.17
CA PHE T 51 64.45 48.08 -4.12
C PHE T 51 63.57 48.09 -5.36
N GLN T 52 64.17 47.62 -6.45
CA GLN T 52 63.52 47.50 -7.73
C GLN T 52 62.65 46.26 -7.76
N LEU T 53 61.62 46.26 -8.59
CA LEU T 53 60.73 45.10 -8.74
C LEU T 53 60.19 45.09 -10.14
N ASN T 54 60.22 43.92 -10.77
CA ASN T 54 59.67 43.81 -12.11
C ASN T 54 58.15 43.74 -12.05
N GLU T 55 57.53 44.13 -13.16
CA GLU T 55 56.11 43.93 -13.29
C GLU T 55 55.81 42.45 -13.51
N GLY T 56 54.61 42.06 -13.17
CA GLY T 56 54.21 40.67 -13.16
C GLY T 56 53.41 40.40 -11.91
N PHE T 57 53.23 39.12 -11.61
CA PHE T 57 52.39 38.72 -10.49
C PHE T 57 53.23 37.91 -9.51
N HIS T 58 53.25 38.32 -8.24
CA HIS T 58 54.21 37.74 -7.31
C HIS T 58 53.62 37.60 -5.92
N LYS T 59 53.77 36.43 -5.33
CA LYS T 59 53.65 36.29 -3.89
C LYS T 59 54.72 37.12 -3.22
N ILE T 60 54.33 37.82 -2.16
CA ILE T 60 55.26 38.51 -1.27
C ILE T 60 55.14 37.86 0.10
N LEU T 61 56.27 37.39 0.62
CA LEU T 61 56.40 36.86 1.97
C LEU T 61 57.49 37.64 2.67
N ILE T 62 57.48 37.66 3.99
CA ILE T 62 58.55 38.31 4.73
C ILE T 62 58.95 37.43 5.90
N ARG T 63 60.15 37.68 6.41
CA ARG T 63 60.57 37.05 7.66
C ARG T 63 61.33 38.06 8.49
N TYR T 64 61.07 38.06 9.77
CA TYR T 64 61.71 38.97 10.70
C TYR T 64 62.99 38.35 11.23
N ARG T 65 63.82 39.20 11.84
CA ARG T 65 65.15 38.76 12.22
C ARG T 65 65.09 37.59 13.17
N GLY T 66 64.21 37.65 14.15
CA GLY T 66 64.07 36.52 15.06
C GLY T 66 63.22 35.39 14.54
N ALA T 67 62.58 35.57 13.39
CA ALA T 67 61.63 34.59 12.91
C ALA T 67 62.35 33.34 12.40
N SER T 68 61.57 32.28 12.24
CA SER T 68 62.07 31.03 11.72
C SER T 68 61.62 30.77 10.29
N SER T 69 60.33 30.88 10.02
CA SER T 69 59.80 30.70 8.68
C SER T 69 59.48 32.05 8.06
N PHE T 70 58.91 32.02 6.86
CA PHE T 70 58.31 33.17 6.23
C PHE T 70 56.88 33.35 6.72
N THR T 71 56.39 34.57 6.66
CA THR T 71 55.00 34.83 6.96
C THR T 71 54.27 35.21 5.68
N LYS T 72 53.05 34.72 5.56
CA LYS T 72 52.29 34.96 4.35
C LYS T 72 51.85 36.41 4.28
N LEU T 73 52.65 37.24 3.62
CA LEU T 73 52.30 38.66 3.55
C LEU T 73 51.19 38.91 2.55
N GLY T 74 51.21 38.22 1.42
CA GLY T 74 50.13 38.33 0.46
C GLY T 74 50.62 38.08 -0.95
N ASP T 75 49.84 38.55 -1.92
CA ASP T 75 50.19 38.43 -3.31
C ASP T 75 49.82 39.71 -4.04
N VAL T 76 50.68 40.16 -4.94
CA VAL T 76 50.49 41.44 -5.59
C VAL T 76 50.54 41.26 -7.09
N SER T 77 49.75 42.08 -7.77
CA SER T 77 49.56 42.02 -9.21
C SER T 77 50.03 43.34 -9.80
N VAL T 78 51.34 43.44 -10.03
CA VAL T 78 51.93 44.71 -10.44
C VAL T 78 52.08 44.70 -11.95
N SER T 79 51.97 45.86 -12.55
CA SER T 79 52.05 46.00 -14.00
C SER T 79 52.33 47.45 -14.31
N ASP T 80 52.31 47.79 -15.59
CA ASP T 80 52.42 49.18 -15.99
C ASP T 80 51.19 49.94 -15.50
N GLN T 81 51.20 51.25 -15.68
CA GLN T 81 50.13 52.11 -15.20
C GLN T 81 49.97 52.00 -13.68
N THR T 82 51.09 51.85 -12.98
CA THR T 82 51.14 51.95 -11.53
C THR T 82 52.24 52.95 -11.16
N PRO T 83 52.06 53.70 -10.09
CA PRO T 83 52.96 54.83 -9.82
C PRO T 83 54.33 54.36 -9.40
N SER T 84 55.36 54.98 -10.00
CA SER T 84 56.74 54.56 -9.74
C SER T 84 57.19 54.79 -8.30
N PRO T 85 56.98 55.95 -7.69
CA PRO T 85 57.50 56.06 -6.32
C PRO T 85 56.49 55.56 -5.29
N ILE T 86 56.26 54.25 -5.30
CA ILE T 86 55.25 53.64 -4.44
C ILE T 86 55.92 52.81 -3.35
N THR T 87 55.41 52.93 -2.13
CA THR T 87 55.87 52.10 -1.03
C THR T 87 55.31 50.69 -1.18
N LEU T 88 55.83 49.76 -0.38
CA LEU T 88 55.40 48.38 -0.47
C LEU T 88 54.01 48.21 0.11
N ILE T 89 53.72 48.89 1.23
CA ILE T 89 52.42 48.77 1.88
C ILE T 89 51.31 49.10 0.90
N ASN T 90 51.43 50.25 0.24
CA ASN T 90 50.37 50.71 -0.64
C ASN T 90 50.22 49.81 -1.84
N LEU T 91 51.30 49.20 -2.30
CA LEU T 91 51.20 48.24 -3.39
C LEU T 91 50.42 47.00 -2.96
N LEU T 92 50.78 46.42 -1.81
CA LEU T 92 49.99 45.32 -1.26
C LEU T 92 48.52 45.69 -1.16
N GLU T 93 48.23 46.84 -0.54
CA GLU T 93 46.85 47.21 -0.29
C GLU T 93 46.09 47.41 -1.59
N SER T 94 46.71 48.09 -2.56
CA SER T 94 46.07 48.30 -3.84
C SER T 94 45.85 47.00 -4.58
N SER T 95 46.58 45.94 -4.24
CA SER T 95 46.40 44.66 -4.90
C SER T 95 46.19 43.56 -3.87
N SER T 96 45.23 43.77 -2.98
CA SER T 96 44.78 42.73 -2.06
C SER T 96 43.39 43.11 -1.57
N PRO T 97 42.60 42.15 -1.10
CA PRO T 97 41.32 42.52 -0.49
C PRO T 97 41.55 43.45 0.69
N LYS T 98 40.72 44.47 0.81
CA LYS T 98 40.82 45.34 1.98
C LYS T 98 40.43 44.56 3.22
N ALA T 99 41.17 44.76 4.31
CA ALA T 99 40.86 44.06 5.54
C ALA T 99 39.46 44.42 6.01
N LEU T 100 38.76 43.43 6.56
CA LEU T 100 37.41 43.69 7.04
C LEU T 100 37.41 44.77 8.10
N VAL T 101 38.32 44.69 9.05
CA VAL T 101 38.17 45.51 10.25
C VAL T 101 38.57 46.95 9.97
N VAL T 102 39.52 47.16 9.08
CA VAL T 102 39.88 48.54 8.78
C VAL T 102 38.68 49.23 8.14
N LYS T 103 37.98 48.51 7.27
CA LYS T 103 36.74 49.04 6.71
C LYS T 103 35.72 49.31 7.80
N LEU T 104 35.59 48.39 8.75
CA LEU T 104 34.63 48.57 9.83
C LEU T 104 34.96 49.82 10.63
N GLN T 105 36.23 50.03 10.95
CA GLN T 105 36.64 51.18 11.72
C GLN T 105 36.38 52.47 10.95
N GLU T 106 36.71 52.48 9.67
CA GLU T 106 36.45 53.67 8.86
C GLU T 106 34.96 53.98 8.83
N LEU T 107 34.13 52.94 8.70
CA LEU T 107 32.69 53.14 8.71
C LEU T 107 32.25 53.74 10.03
N ALA T 108 32.73 53.19 11.14
CA ALA T 108 32.36 53.70 12.45
C ALA T 108 32.79 55.16 12.60
N ASP T 109 33.94 55.51 12.01
CA ASP T 109 34.47 56.86 12.17
C ASP T 109 33.66 57.87 11.40
N GLU T 110 33.36 57.58 10.13
CA GLU T 110 32.52 58.48 9.37
C GLU T 110 31.12 58.55 9.99
N ALA T 111 30.68 57.44 10.57
CA ALA T 111 29.42 57.44 11.30
C ALA T 111 29.48 58.37 12.50
N SER T 112 30.59 58.35 13.24
CA SER T 112 30.75 59.23 14.39
C SER T 112 30.69 60.68 13.96
N GLU T 113 31.39 61.01 12.88
CA GLU T 113 31.38 62.40 12.42
C GLU T 113 29.98 62.82 12.02
N SER T 114 29.26 61.95 11.29
CA SER T 114 27.90 62.28 10.90
C SER T 114 27.01 62.48 12.12
N ALA T 115 27.14 61.59 13.11
CA ALA T 115 26.30 61.69 14.30
C ALA T 115 26.59 62.96 15.06
N GLN T 116 27.85 63.33 15.18
CA GLN T 116 28.19 64.59 15.85
C GLN T 116 27.61 65.77 15.10
N SER T 117 27.66 65.73 13.76
CA SER T 117 27.03 66.79 12.99
C SER T 117 25.54 66.89 13.30
N ALA T 118 24.86 65.75 13.32
CA ALA T 118 23.43 65.75 13.60
C ALA T 118 23.14 66.30 14.99
N SER T 119 23.90 65.84 15.99
CA SER T 119 23.65 66.26 17.36
C SER T 119 23.89 67.74 17.54
N ASP T 120 25.00 68.25 16.99
CA ASP T 120 25.26 69.68 17.13
C ASP T 120 24.24 70.50 16.37
N ASP T 121 23.73 69.98 15.26
CA ASP T 121 22.67 70.67 14.55
C ASP T 121 21.40 70.72 15.38
N ALA T 122 21.05 69.62 16.04
CA ALA T 122 19.89 69.62 16.93
C ALA T 122 20.08 70.62 18.06
N ASP T 123 21.29 70.68 18.62
CA ASP T 123 21.59 71.67 19.65
C ASP T 123 21.40 73.08 19.11
N GLN T 124 21.92 73.35 17.90
CA GLN T 124 21.85 74.69 17.35
C GLN T 124 20.42 75.12 17.10
N VAL T 125 19.60 74.22 16.54
CA VAL T 125 18.21 74.56 16.29
C VAL T 125 17.41 74.66 17.57
N THR T 126 17.99 74.25 18.69
CA THR T 126 17.31 74.26 19.97
C THR T 126 18.06 75.15 20.96
N MET U 1 32.80 59.10 -7.70
CA MET U 1 32.35 59.04 -9.09
C MET U 1 32.51 57.64 -9.67
N SER U 2 31.80 57.37 -10.76
CA SER U 2 31.87 56.07 -11.42
C SER U 2 33.29 55.80 -11.90
N ILE U 3 33.69 54.54 -11.87
CA ILE U 3 35.10 54.20 -12.05
C ILE U 3 35.34 53.86 -13.50
N GLN U 4 36.62 53.81 -13.89
CA GLN U 4 37.00 53.46 -15.25
C GLN U 4 38.16 52.48 -15.17
N VAL U 5 37.87 51.21 -15.43
CA VAL U 5 38.87 50.14 -15.31
C VAL U 5 39.46 49.86 -16.67
N THR U 6 40.78 49.77 -16.73
CA THR U 6 41.46 49.58 -18.00
C THR U 6 42.81 48.92 -17.77
N GLY U 7 43.31 48.29 -18.82
CA GLY U 7 44.60 47.64 -18.77
C GLY U 7 44.78 46.72 -19.96
N ILE U 8 45.72 45.80 -19.81
CA ILE U 8 46.05 44.85 -20.86
C ILE U 8 45.78 43.46 -20.32
N ILE U 9 44.93 42.70 -21.01
CA ILE U 9 44.52 41.38 -20.52
C ILE U 9 45.75 40.48 -20.53
N GLU U 10 46.02 39.85 -19.39
CA GLU U 10 47.36 39.34 -19.15
C GLU U 10 47.39 38.45 -17.91
N GLY U 11 48.32 37.53 -17.91
CA GLY U 11 48.47 36.62 -16.81
C GLY U 11 47.36 35.61 -16.80
N PRO U 12 46.79 35.36 -15.61
CA PRO U 12 45.74 34.35 -15.49
C PRO U 12 44.53 34.67 -16.33
N LEU U 13 44.32 35.92 -16.70
CA LEU U 13 43.22 36.24 -17.59
C LEU U 13 43.43 35.67 -18.97
N GLY U 14 44.68 35.51 -19.39
CA GLY U 14 44.98 34.82 -20.63
C GLY U 14 45.90 35.64 -21.49
N THR U 15 46.11 35.14 -22.71
CA THR U 15 46.96 35.83 -23.66
C THR U 15 46.27 37.09 -24.15
N PRO U 16 47.03 38.10 -24.56
CA PRO U 16 46.41 39.32 -25.07
C PRO U 16 45.82 39.13 -26.45
N SER U 17 44.73 38.40 -26.53
CA SER U 17 44.09 38.14 -27.80
C SER U 17 43.31 39.37 -28.25
N PRO U 18 43.58 39.90 -29.43
CA PRO U 18 42.89 41.12 -29.84
C PRO U 18 41.49 40.84 -30.36
N GLY U 19 40.76 39.97 -29.68
CA GLY U 19 39.34 39.84 -29.91
C GLY U 19 38.61 39.47 -28.65
N ILE U 20 39.34 39.41 -27.54
CA ILE U 20 38.78 38.90 -26.30
C ILE U 20 37.57 39.73 -25.88
N THR U 21 36.60 39.06 -25.28
CA THR U 21 35.38 39.71 -24.80
C THR U 21 35.14 39.39 -23.34
N ILE U 22 34.58 40.38 -22.65
CA ILE U 22 34.27 40.33 -21.24
C ILE U 22 32.78 40.59 -21.11
N ARG U 23 32.23 40.21 -19.97
CA ARG U 23 30.80 40.40 -19.74
C ARG U 23 30.58 40.66 -18.27
N VAL U 24 29.94 41.77 -17.94
CA VAL U 24 29.64 42.11 -16.56
C VAL U 24 28.13 42.02 -16.37
N VAL U 25 27.72 41.26 -15.37
CA VAL U 25 26.32 41.21 -14.97
C VAL U 25 26.21 41.89 -13.62
N SER U 26 25.41 42.95 -13.56
CA SER U 26 25.27 43.76 -12.37
C SER U 26 24.02 43.33 -11.63
N LYS U 27 24.16 43.15 -10.33
CA LYS U 27 23.03 42.76 -9.48
C LYS U 27 22.52 44.01 -8.80
N ILE U 28 21.57 44.69 -9.44
CA ILE U 28 21.00 45.91 -8.91
C ILE U 28 19.73 45.55 -8.15
N SER U 29 19.76 45.71 -6.82
CA SER U 29 18.63 45.28 -6.01
C SER U 29 17.44 46.16 -6.34
N TYR U 30 16.54 45.66 -7.19
CA TYR U 30 15.55 46.54 -7.81
C TYR U 30 14.34 46.78 -6.92
N ARG U 31 13.49 45.77 -6.74
CA ARG U 31 12.31 45.95 -5.91
C ARG U 31 12.24 44.95 -4.76
N ASN U 32 12.26 43.65 -5.06
CA ASN U 32 12.08 42.63 -4.05
C ASN U 32 13.38 41.92 -3.71
N THR U 33 14.08 41.37 -4.71
CA THR U 33 15.43 40.91 -4.47
C THR U 33 16.44 41.69 -5.28
N TYR U 34 16.38 41.64 -6.61
CA TYR U 34 17.37 42.30 -7.45
C TYR U 34 17.02 42.06 -8.91
N ARG U 35 17.78 42.71 -9.76
CA ARG U 35 17.69 42.61 -11.21
C ARG U 35 19.10 42.43 -11.74
N LEU U 36 19.29 41.46 -12.62
CA LEU U 36 20.59 41.28 -13.23
C LEU U 36 20.59 41.99 -14.59
N SER U 37 21.59 42.82 -14.81
CA SER U 37 21.73 43.59 -16.04
C SER U 37 23.06 43.21 -16.68
N THR U 38 22.99 42.64 -17.88
CA THR U 38 24.19 42.20 -18.54
C THR U 38 24.77 43.32 -19.39
N GLU U 39 26.06 43.19 -19.69
CA GLU U 39 26.72 44.08 -20.64
C GLU U 39 27.99 43.43 -21.13
N ASP U 40 28.17 43.36 -22.44
CA ASP U 40 29.33 42.71 -23.03
C ASP U 40 30.26 43.76 -23.62
N TYR U 41 31.54 43.67 -23.29
CA TYR U 41 32.56 44.59 -23.77
C TYR U 41 33.62 43.81 -24.53
N VAL U 42 34.16 44.40 -25.59
CA VAL U 42 35.19 43.74 -26.36
C VAL U 42 36.48 44.52 -26.19
N THR U 43 37.55 44.08 -26.83
CA THR U 43 38.86 44.67 -26.62
C THR U 43 39.50 45.06 -27.93
N THR U 44 40.28 46.15 -27.87
CA THR U 44 41.05 46.61 -29.00
C THR U 44 42.29 45.75 -29.14
N THR U 45 43.17 46.12 -30.05
CA THR U 45 44.33 45.30 -30.38
C THR U 45 45.28 45.19 -29.20
N GLY U 46 46.13 44.18 -29.24
CA GLY U 46 47.04 43.94 -28.16
C GLY U 46 46.39 43.43 -26.90
N GLY U 47 45.13 43.04 -26.96
CA GLY U 47 44.40 42.62 -25.77
C GLY U 47 44.15 43.73 -24.78
N ALA U 48 43.74 44.90 -25.25
CA ALA U 48 43.56 46.06 -24.40
C ALA U 48 42.10 46.25 -24.07
N TYR U 49 41.80 46.42 -22.79
CA TYR U 49 40.44 46.72 -22.34
C TYR U 49 40.43 48.08 -21.67
N ASP U 50 39.34 48.79 -21.84
CA ASP U 50 39.19 50.16 -21.33
C ASP U 50 37.70 50.43 -21.24
N PHE U 51 37.17 50.52 -20.03
CA PHE U 51 35.74 50.74 -19.94
C PHE U 51 35.36 51.25 -18.56
N GLN U 52 34.39 52.15 -18.54
CA GLN U 52 33.84 52.63 -17.28
C GLN U 52 32.93 51.57 -16.68
N LEU U 53 32.70 51.74 -15.39
CA LEU U 53 31.93 50.79 -14.59
C LEU U 53 31.18 51.54 -13.52
N ASN U 54 29.90 51.22 -13.40
CA ASN U 54 29.04 51.77 -12.37
C ASN U 54 29.38 51.12 -11.04
N GLU U 55 28.72 51.56 -9.97
CA GLU U 55 29.00 51.06 -8.64
C GLU U 55 28.00 49.99 -8.27
N GLY U 56 28.41 49.11 -7.37
CA GLY U 56 27.58 48.03 -6.92
C GLY U 56 28.22 46.67 -7.16
N PHE U 57 27.36 45.66 -7.19
CA PHE U 57 27.82 44.28 -7.31
C PHE U 57 27.89 43.89 -8.78
N HIS U 58 29.09 43.53 -9.23
CA HIS U 58 29.29 43.14 -10.61
C HIS U 58 29.99 41.80 -10.67
N LYS U 59 29.45 40.89 -11.47
CA LYS U 59 30.10 39.62 -11.74
C LYS U 59 30.72 39.70 -13.12
N ILE U 60 32.03 39.48 -13.20
CA ILE U 60 32.78 39.61 -14.44
C ILE U 60 33.08 38.23 -14.98
N LEU U 61 32.81 38.04 -16.28
CA LEU U 61 33.09 36.84 -17.03
C LEU U 61 34.01 37.19 -18.18
N ILE U 62 34.81 36.22 -18.60
CA ILE U 62 35.77 36.40 -19.68
C ILE U 62 35.63 35.23 -20.65
N ARG U 63 35.81 35.51 -21.94
CA ARG U 63 35.85 34.46 -22.96
C ARG U 63 36.37 35.07 -24.24
N TYR U 64 36.78 34.21 -25.17
CA TYR U 64 37.26 34.69 -26.46
C TYR U 64 36.15 34.55 -27.48
N ARG U 65 36.16 35.44 -28.48
CA ARG U 65 35.16 35.30 -29.52
C ARG U 65 35.36 33.99 -30.25
N GLY U 66 34.26 33.34 -30.59
CA GLY U 66 34.32 32.02 -31.17
C GLY U 66 34.67 30.91 -30.21
N ALA U 67 34.74 31.20 -28.91
CA ALA U 67 34.99 30.15 -27.94
C ALA U 67 33.69 29.46 -27.57
N SER U 68 33.79 28.45 -26.71
CA SER U 68 32.62 27.63 -26.43
C SER U 68 31.84 28.16 -25.25
N SER U 69 32.50 28.72 -24.25
CA SER U 69 31.79 29.33 -23.13
C SER U 69 32.66 30.37 -22.46
N PHE U 70 32.14 30.94 -21.40
CA PHE U 70 32.82 31.99 -20.65
C PHE U 70 33.80 31.36 -19.68
N THR U 71 34.46 32.21 -18.91
CA THR U 71 35.26 31.75 -17.77
C THR U 71 34.94 32.68 -16.61
N LYS U 72 34.71 32.11 -15.44
CA LYS U 72 34.29 32.89 -14.29
C LYS U 72 35.47 33.69 -13.77
N LEU U 73 35.55 34.96 -14.14
CA LEU U 73 36.54 35.81 -13.51
C LEU U 73 36.19 36.06 -12.05
N GLY U 74 34.93 36.35 -11.77
CA GLY U 74 34.44 36.36 -10.41
C GLY U 74 33.66 37.61 -10.07
N ASP U 75 33.27 37.69 -8.80
CA ASP U 75 32.48 38.82 -8.34
C ASP U 75 33.38 40.00 -8.02
N VAL U 76 32.73 41.14 -7.78
CA VAL U 76 33.41 42.33 -7.27
C VAL U 76 32.33 43.26 -6.75
N SER U 77 32.69 44.10 -5.79
CA SER U 77 31.77 45.08 -5.21
C SER U 77 32.43 46.45 -5.34
N VAL U 78 32.18 47.12 -6.45
CA VAL U 78 32.74 48.45 -6.62
C VAL U 78 32.01 49.42 -5.71
N SER U 79 32.76 50.03 -4.80
CA SER U 79 32.19 50.95 -3.82
C SER U 79 32.71 52.35 -4.10
N ASP U 80 32.30 53.29 -3.27
CA ASP U 80 32.72 54.67 -3.44
C ASP U 80 34.13 54.91 -2.96
N GLN U 81 34.90 53.85 -2.70
CA GLN U 81 36.26 53.98 -2.22
C GLN U 81 37.29 53.27 -3.08
N THR U 82 36.88 52.51 -4.08
CA THR U 82 37.85 51.82 -4.91
C THR U 82 38.53 52.80 -5.86
N PRO U 83 39.79 52.57 -6.20
CA PRO U 83 40.50 53.51 -7.08
C PRO U 83 39.88 53.54 -8.46
N SER U 84 39.96 54.72 -9.10
CA SER U 84 39.37 54.88 -10.43
C SER U 84 40.28 54.30 -11.53
N PRO U 85 41.50 54.78 -11.72
CA PRO U 85 42.29 54.19 -12.81
C PRO U 85 42.97 52.89 -12.38
N ILE U 86 42.23 51.79 -12.45
CA ILE U 86 42.70 50.51 -11.98
C ILE U 86 42.56 49.47 -13.09
N THR U 87 43.44 48.48 -13.08
CA THR U 87 43.35 47.38 -14.02
C THR U 87 42.31 46.37 -13.55
N LEU U 88 41.87 45.51 -14.48
CA LEU U 88 40.83 44.54 -14.15
C LEU U 88 41.37 43.45 -13.25
N ILE U 89 42.56 42.92 -13.56
CA ILE U 89 43.14 41.90 -12.70
C ILE U 89 43.28 42.40 -11.28
N ASN U 90 43.60 43.68 -11.11
CA ASN U 90 43.74 44.21 -9.78
C ASN U 90 42.38 44.27 -9.09
N LEU U 91 41.35 44.75 -9.79
CA LEU U 91 40.03 44.88 -9.18
C LEU U 91 39.43 43.53 -8.82
N LEU U 92 39.66 42.52 -9.66
CA LEU U 92 39.14 41.19 -9.36
C LEU U 92 39.60 40.71 -8.00
N GLU U 93 40.74 41.21 -7.54
CA GLU U 93 41.24 40.84 -6.23
C GLU U 93 40.45 41.46 -5.09
N SER U 94 39.71 42.54 -5.35
CA SER U 94 38.89 43.16 -4.32
C SER U 94 37.44 42.69 -4.45
N SER U 95 37.24 41.40 -4.20
CA SER U 95 35.96 40.76 -4.36
C SER U 95 35.00 41.21 -3.26
N SER U 96 33.73 40.86 -3.44
CA SER U 96 32.69 41.30 -2.52
C SER U 96 32.74 40.48 -1.23
N PRO U 97 32.92 41.09 -0.08
CA PRO U 97 32.75 40.38 1.19
C PRO U 97 31.34 40.52 1.69
N LYS U 98 31.05 40.00 2.89
CA LYS U 98 29.75 40.18 3.53
C LYS U 98 29.76 41.33 4.52
N ALA U 99 30.57 42.35 4.27
CA ALA U 99 30.50 43.59 5.02
C ALA U 99 29.34 44.47 4.59
N LEU U 100 28.60 44.06 3.57
CA LEU U 100 27.60 44.93 2.97
C LEU U 100 26.61 45.46 4.01
N VAL U 101 26.20 44.60 4.95
CA VAL U 101 25.25 45.02 5.95
C VAL U 101 25.82 46.17 6.78
N VAL U 102 27.09 46.06 7.17
CA VAL U 102 27.74 47.15 7.88
C VAL U 102 27.78 48.39 7.00
N LYS U 103 28.02 48.22 5.70
CA LYS U 103 27.98 49.34 4.77
C LYS U 103 26.60 49.97 4.72
N LEU U 104 25.56 49.18 4.94
CA LEU U 104 24.22 49.75 5.05
C LEU U 104 24.22 50.86 6.10
N GLN U 105 24.92 50.64 7.20
CA GLN U 105 24.97 51.60 8.29
C GLN U 105 25.71 52.88 7.91
N GLU U 106 26.16 53.00 6.67
CA GLU U 106 26.57 54.29 6.16
C GLU U 106 25.41 55.27 6.10
N LEU U 107 24.16 54.79 6.20
CA LEU U 107 23.01 55.68 6.06
C LEU U 107 23.05 56.79 7.10
N ALA U 108 23.78 56.58 8.19
CA ALA U 108 23.91 57.62 9.20
C ALA U 108 24.35 58.93 8.56
N ASP U 109 25.35 58.88 7.68
CA ASP U 109 25.75 60.08 6.97
C ASP U 109 24.55 60.71 6.28
N GLU U 110 23.83 59.91 5.49
CA GLU U 110 22.59 60.40 4.89
C GLU U 110 21.69 60.99 5.96
N ALA U 111 21.44 60.25 7.04
CA ALA U 111 20.67 60.79 8.14
C ALA U 111 21.14 62.19 8.47
N SER U 112 22.44 62.34 8.75
CA SER U 112 22.95 63.63 9.16
C SER U 112 22.64 64.70 8.14
N GLU U 113 22.88 64.43 6.85
CA GLU U 113 22.64 65.48 5.88
C GLU U 113 21.17 65.87 5.89
N SER U 114 20.28 64.89 5.99
CA SER U 114 18.87 65.21 6.12
C SER U 114 18.65 66.12 7.31
N ALA U 115 19.21 65.75 8.46
CA ALA U 115 19.12 66.63 9.62
C ALA U 115 19.57 68.04 9.28
N GLN U 116 20.75 68.17 8.67
CA GLN U 116 21.23 69.50 8.34
C GLN U 116 20.28 70.19 7.38
N SER U 117 19.77 69.45 6.39
CA SER U 117 18.82 70.04 5.45
C SER U 117 17.59 70.53 6.17
N ALA U 118 17.14 69.77 7.18
CA ALA U 118 16.03 70.26 7.99
C ALA U 118 16.43 71.53 8.72
N SER U 119 17.60 71.52 9.35
CA SER U 119 18.02 72.66 10.15
C SER U 119 18.10 73.92 9.31
N ASP U 120 18.94 73.90 8.27
CA ASP U 120 19.05 75.07 7.40
C ASP U 120 17.81 75.30 6.56
N ASP U 121 16.75 74.51 6.76
CA ASP U 121 15.46 74.89 6.19
C ASP U 121 14.61 75.63 7.21
N ALA U 122 14.68 75.20 8.47
CA ALA U 122 13.77 75.75 9.48
C ALA U 122 14.16 77.17 9.85
N ASP U 123 15.46 77.46 9.88
CA ASP U 123 15.94 78.69 10.53
C ASP U 123 15.58 79.95 9.77
N GLN U 124 15.43 79.87 8.44
CA GLN U 124 15.31 81.08 7.62
C GLN U 124 14.09 81.92 7.97
N VAL U 125 13.08 81.35 8.63
CA VAL U 125 11.82 82.04 8.80
C VAL U 125 12.02 83.30 9.63
N THR U 126 12.75 83.20 10.73
CA THR U 126 13.07 84.33 11.61
C THR U 126 11.84 85.15 11.98
N MET V 1 23.82 28.96 68.72
CA MET V 1 25.26 28.83 68.89
C MET V 1 25.78 27.56 68.24
N SER V 2 27.10 27.46 68.11
CA SER V 2 27.70 26.25 67.58
C SER V 2 27.49 25.10 68.55
N ILE V 3 26.72 24.10 68.13
CA ILE V 3 26.31 23.02 69.02
C ILE V 3 27.47 22.10 69.32
N GLN V 4 27.36 21.33 70.39
CA GLN V 4 28.37 20.36 70.77
C GLN V 4 27.73 18.98 70.75
N VAL V 5 28.44 18.02 70.18
CA VAL V 5 27.95 16.66 70.11
C VAL V 5 28.77 15.81 71.06
N THR V 6 28.10 14.86 71.71
CA THR V 6 28.73 14.03 72.72
C THR V 6 28.01 12.70 72.77
N GLY V 7 28.77 11.62 72.62
CA GLY V 7 28.23 10.29 72.73
C GLY V 7 29.36 9.33 73.01
N ILE V 8 29.01 8.06 73.09
CA ILE V 8 29.97 6.99 73.30
C ILE V 8 29.83 6.02 72.13
N ILE V 9 30.87 5.94 71.31
CA ILE V 9 30.82 5.03 70.17
C ILE V 9 30.90 3.61 70.69
N GLU V 10 29.97 2.76 70.25
CA GLU V 10 29.85 1.42 70.75
C GLU V 10 29.86 0.44 69.59
N GLY V 11 30.77 -0.53 69.63
CA GLY V 11 30.73 -1.63 68.71
C GLY V 11 29.54 -2.52 69.03
N PRO V 12 29.11 -3.33 68.07
CA PRO V 12 27.89 -4.13 68.27
C PRO V 12 27.99 -5.15 69.39
N LEU V 13 29.13 -5.23 70.05
CA LEU V 13 29.37 -6.22 71.10
C LEU V 13 29.66 -5.58 72.44
N GLY V 14 29.06 -4.42 72.70
CA GLY V 14 29.16 -3.84 74.02
C GLY V 14 30.55 -3.41 74.43
N THR V 15 31.50 -3.42 73.50
CA THR V 15 32.84 -2.93 73.79
C THR V 15 33.07 -1.61 73.08
N PRO V 16 33.34 -0.53 73.79
CA PRO V 16 33.66 0.73 73.13
C PRO V 16 34.93 0.60 72.31
N SER V 17 35.23 1.64 71.55
CA SER V 17 36.41 1.64 70.71
C SER V 17 37.14 2.96 70.84
N PRO V 18 38.36 2.97 71.34
CA PRO V 18 39.04 4.24 71.59
C PRO V 18 39.66 4.86 70.36
N GLY V 19 40.16 4.03 69.45
CA GLY V 19 40.92 4.56 68.35
C GLY V 19 40.10 4.79 67.10
N ILE V 20 39.11 5.68 67.17
CA ILE V 20 38.28 6.02 66.03
C ILE V 20 38.72 7.36 65.50
N THR V 21 38.93 7.47 64.20
CA THR V 21 39.30 8.72 63.57
C THR V 21 38.10 9.22 62.78
N ILE V 22 37.49 10.29 63.28
CA ILE V 22 36.32 10.89 62.66
C ILE V 22 36.78 12.10 61.86
N ARG V 23 36.33 12.20 60.61
CA ARG V 23 36.63 13.35 59.77
C ARG V 23 35.35 14.07 59.42
N VAL V 24 35.28 15.34 59.78
CA VAL V 24 34.19 16.21 59.37
C VAL V 24 34.74 17.13 58.30
N VAL V 25 34.04 17.21 57.16
CA VAL V 25 34.42 18.16 56.13
C VAL V 25 33.20 18.92 55.67
N SER V 26 33.32 20.24 55.64
CA SER V 26 32.23 21.08 55.18
C SER V 26 32.29 21.20 53.67
N LYS V 27 31.14 21.49 53.07
CA LYS V 27 31.12 21.72 51.64
C LYS V 27 30.17 22.83 51.24
N ILE V 28 29.97 23.81 52.11
CA ILE V 28 29.26 25.03 51.76
C ILE V 28 30.05 26.21 52.27
N SER V 29 30.17 27.24 51.44
CA SER V 29 30.73 28.50 51.90
C SER V 29 29.75 29.10 52.89
N TYR V 30 30.05 29.00 54.17
CA TYR V 30 29.13 29.37 55.22
C TYR V 30 29.91 30.18 56.25
N ARG V 31 29.20 30.93 57.09
CA ARG V 31 29.90 31.91 57.91
C ARG V 31 31.00 31.25 58.72
N ASN V 32 32.22 31.76 58.54
CA ASN V 32 33.40 31.27 59.25
C ASN V 32 33.65 29.79 59.00
N THR V 33 33.50 29.35 57.75
CA THR V 33 33.79 27.97 57.38
C THR V 33 33.79 27.90 55.87
N TYR V 34 34.66 27.06 55.31
CA TYR V 34 34.85 27.10 53.87
C TYR V 34 34.59 25.75 53.22
N ARG V 35 34.35 25.81 51.93
CA ARG V 35 34.14 24.63 51.12
C ARG V 35 35.34 23.70 51.23
N LEU V 36 35.06 22.40 51.35
CA LEU V 36 36.09 21.37 51.38
C LEU V 36 37.08 21.60 52.50
N SER V 37 36.65 22.25 53.57
CA SER V 37 37.48 22.40 54.77
C SER V 37 37.33 21.14 55.60
N THR V 38 38.45 20.47 55.83
CA THR V 38 38.48 19.19 56.51
C THR V 38 38.93 19.37 57.95
N GLU V 39 38.61 18.37 58.78
CA GLU V 39 39.14 18.36 60.13
C GLU V 39 38.92 17.00 60.77
N ASP V 40 39.84 16.62 61.65
CA ASP V 40 39.85 15.30 62.27
C ASP V 40 39.58 15.40 63.76
N TYR V 41 39.18 14.27 64.33
CA TYR V 41 38.99 14.16 65.77
C TYR V 41 39.14 12.70 66.15
N VAL V 42 39.88 12.45 67.22
CA VAL V 42 40.09 11.09 67.71
C VAL V 42 39.40 10.97 69.05
N THR V 43 38.57 9.94 69.18
CA THR V 43 37.85 9.70 70.41
C THR V 43 38.80 9.31 71.53
N THR V 44 38.52 9.77 72.73
CA THR V 44 39.36 9.44 73.86
C THR V 44 38.97 8.08 74.41
N THR V 45 39.59 7.70 75.54
CA THR V 45 39.32 6.42 76.15
C THR V 45 37.84 6.27 76.45
N GLY V 46 37.40 5.02 76.50
CA GLY V 46 35.99 4.76 76.68
C GLY V 46 35.18 4.93 75.42
N GLY V 47 35.80 5.29 74.30
CA GLY V 47 35.10 5.42 73.05
C GLY V 47 34.06 6.51 73.08
N ALA V 48 34.41 7.64 73.68
CA ALA V 48 33.50 8.78 73.80
C ALA V 48 33.97 9.89 72.89
N TYR V 49 33.08 10.33 72.02
CA TYR V 49 33.34 11.45 71.12
C TYR V 49 32.61 12.67 71.65
N ASP V 50 33.33 13.77 71.77
CA ASP V 50 32.74 15.06 72.15
C ASP V 50 33.47 16.16 71.43
N PHE V 51 32.74 16.98 70.69
CA PHE V 51 33.35 18.13 70.06
C PHE V 51 32.29 19.17 69.72
N GLN V 52 32.70 20.44 69.75
CA GLN V 52 31.83 21.48 69.22
C GLN V 52 31.97 21.53 67.71
N LEU V 53 30.87 21.29 67.02
CA LEU V 53 30.80 21.26 65.57
C LEU V 53 30.26 22.59 65.07
N ASN V 54 31.10 23.35 64.36
CA ASN V 54 30.58 24.55 63.73
C ASN V 54 29.48 24.14 62.76
N GLU V 55 28.60 25.06 62.43
CA GLU V 55 27.36 24.76 61.75
C GLU V 55 27.49 25.08 60.27
N GLY V 56 26.51 24.59 59.51
CA GLY V 56 26.58 24.62 58.07
C GLY V 56 26.19 23.26 57.51
N PHE V 57 26.91 22.78 56.51
CA PHE V 57 26.63 21.50 55.88
C PHE V 57 27.89 20.65 55.89
N HIS V 58 27.93 19.64 56.75
CA HIS V 58 29.15 18.91 57.05
C HIS V 58 28.92 17.43 56.81
N LYS V 59 29.71 16.83 55.93
CA LYS V 59 29.64 15.39 55.78
C LYS V 59 30.68 14.75 56.68
N ILE V 60 30.33 13.59 57.21
CA ILE V 60 31.09 12.96 58.28
C ILE V 60 31.55 11.59 57.82
N LEU V 61 32.82 11.30 58.06
CA LEU V 61 33.46 10.07 57.61
C LEU V 61 34.08 9.34 58.80
N ILE V 62 33.98 8.01 58.77
CA ILE V 62 34.55 7.15 59.79
C ILE V 62 35.83 6.53 59.26
N ARG V 63 36.80 6.34 60.16
CA ARG V 63 37.83 5.34 59.98
C ARG V 63 38.02 4.63 61.30
N TYR V 64 37.84 3.31 61.29
CA TYR V 64 38.01 2.49 62.48
C TYR V 64 39.49 2.27 62.74
N ARG V 65 39.82 1.31 63.62
CA ARG V 65 41.19 1.07 64.03
C ARG V 65 42.18 1.11 62.88
N GLY V 66 41.98 0.26 61.89
CA GLY V 66 42.80 0.33 60.70
C GLY V 66 41.95 0.12 59.48
N ALA V 67 41.92 1.10 58.59
CA ALA V 67 41.07 1.01 57.43
C ALA V 67 41.72 1.72 56.26
N SER V 68 41.72 1.07 55.10
CA SER V 68 42.26 1.68 53.90
C SER V 68 41.47 2.93 53.55
N SER V 69 40.20 2.77 53.23
CA SER V 69 39.36 3.89 52.82
C SER V 69 38.59 4.43 54.02
N PHE V 70 37.68 5.37 53.76
CA PHE V 70 36.90 6.03 54.79
C PHE V 70 35.43 5.73 54.57
N THR V 71 34.77 5.28 55.63
CA THR V 71 33.35 4.98 55.56
C THR V 71 32.55 6.27 55.69
N LYS V 72 31.55 6.42 54.84
CA LYS V 72 30.73 7.63 54.80
C LYS V 72 29.44 7.35 55.55
N LEU V 73 29.28 7.96 56.72
CA LEU V 73 28.07 7.73 57.48
C LEU V 73 26.95 8.65 57.02
N GLY V 74 27.27 9.84 56.54
CA GLY V 74 26.24 10.73 56.05
C GLY V 74 26.72 12.17 56.06
N ASP V 75 25.75 13.07 55.95
CA ASP V 75 26.02 14.50 55.90
C ASP V 75 25.01 15.29 56.72
N VAL V 76 25.45 15.75 57.88
CA VAL V 76 24.57 16.52 58.74
C VAL V 76 24.51 17.97 58.25
N SER V 77 23.47 18.67 58.68
CA SER V 77 23.35 20.10 58.45
C SER V 77 22.88 20.74 59.74
N VAL V 78 23.68 21.64 60.29
CA VAL V 78 23.37 22.25 61.58
C VAL V 78 23.12 23.73 61.36
N SER V 79 22.05 24.23 61.98
CA SER V 79 21.65 25.62 61.88
C SER V 79 21.80 26.29 63.22
N ASP V 80 21.39 27.56 63.29
CA ASP V 80 21.60 28.36 64.50
C ASP V 80 20.96 27.70 65.71
N GLN V 81 19.69 27.33 65.62
CA GLN V 81 19.04 26.62 66.70
C GLN V 81 18.91 25.16 66.28
N THR V 82 19.41 24.28 67.12
CA THR V 82 19.52 22.85 66.91
C THR V 82 19.93 22.29 68.26
N PRO V 83 19.37 21.18 68.72
CA PRO V 83 19.60 20.76 70.11
C PRO V 83 21.07 20.71 70.45
N SER V 84 21.45 21.42 71.52
CA SER V 84 22.86 21.48 71.87
C SER V 84 23.34 20.12 72.34
N PRO V 85 22.89 19.60 73.48
CA PRO V 85 23.43 18.30 73.88
C PRO V 85 22.77 17.21 73.05
N ILE V 86 23.50 16.69 72.07
CA ILE V 86 22.95 15.71 71.14
C ILE V 86 24.04 14.71 70.79
N THR V 87 23.64 13.45 70.63
CA THR V 87 24.53 12.47 70.04
C THR V 87 24.66 12.74 68.54
N LEU V 88 25.64 12.08 67.93
CA LEU V 88 25.84 12.29 66.51
C LEU V 88 24.80 11.55 65.68
N ILE V 89 24.32 10.40 66.15
CA ILE V 89 23.33 9.67 65.39
C ILE V 89 22.04 10.46 65.26
N ASN V 90 21.56 11.01 66.37
CA ASN V 90 20.38 11.86 66.28
C ASN V 90 20.66 13.15 65.54
N LEU V 91 21.94 13.51 65.35
CA LEU V 91 22.24 14.62 64.46
C LEU V 91 22.05 14.22 63.01
N LEU V 92 22.54 13.05 62.62
CA LEU V 92 22.47 12.67 61.21
C LEU V 92 21.07 12.27 60.81
N GLU V 93 20.35 11.56 61.68
CA GLU V 93 18.99 11.17 61.33
C GLU V 93 18.10 12.40 61.20
N SER V 94 18.31 13.41 62.03
CA SER V 94 17.49 14.60 62.01
C SER V 94 18.05 15.71 61.14
N SER V 95 19.17 15.49 60.47
CA SER V 95 19.73 16.55 59.63
C SER V 95 20.45 15.91 58.45
N SER V 96 19.74 15.77 57.35
CA SER V 96 20.27 15.27 56.11
C SER V 96 19.25 15.62 55.04
N PRO V 97 19.67 15.90 53.82
CA PRO V 97 18.74 16.42 52.82
C PRO V 97 17.45 15.61 52.71
N LYS V 98 17.52 14.30 52.53
CA LYS V 98 16.29 13.51 52.50
C LYS V 98 15.50 13.68 53.77
N ALA V 99 16.17 13.50 54.92
CA ALA V 99 15.47 13.63 56.19
C ALA V 99 15.02 15.06 56.44
N LEU V 100 15.82 16.04 56.03
CA LEU V 100 15.42 17.42 56.23
C LEU V 100 14.14 17.73 55.46
N VAL V 101 14.10 17.37 54.18
CA VAL V 101 12.90 17.63 53.39
C VAL V 101 11.71 16.88 53.98
N VAL V 102 11.92 15.64 54.39
CA VAL V 102 10.76 14.86 54.81
C VAL V 102 10.25 15.39 56.15
N LYS V 103 11.16 15.86 57.00
CA LYS V 103 10.75 16.53 58.22
C LYS V 103 9.97 17.80 57.91
N LEU V 104 10.40 18.55 56.91
CA LEU V 104 9.67 19.76 56.54
C LEU V 104 8.27 19.41 56.07
N GLN V 105 8.14 18.37 55.26
CA GLN V 105 6.81 17.94 54.81
C GLN V 105 5.94 17.54 56.00
N GLU V 106 6.51 16.74 56.91
CA GLU V 106 5.79 16.35 58.11
C GLU V 106 5.30 17.57 58.88
N LEU V 107 6.19 18.52 59.08
CA LEU V 107 5.84 19.70 59.85
C LEU V 107 4.76 20.50 59.16
N ALA V 108 4.85 20.64 57.85
CA ALA V 108 3.84 21.40 57.13
C ALA V 108 2.48 20.76 57.25
N ASP V 109 2.41 19.43 57.11
CA ASP V 109 1.13 18.77 57.27
C ASP V 109 0.60 18.92 58.69
N GLU V 110 1.48 18.81 59.68
CA GLU V 110 1.04 18.98 61.06
C GLU V 110 0.46 20.37 61.27
N ALA V 111 1.17 21.39 60.79
CA ALA V 111 0.69 22.76 60.95
C ALA V 111 -0.63 22.96 60.24
N SER V 112 -0.75 22.40 59.03
CA SER V 112 -2.00 22.55 58.28
C SER V 112 -3.16 21.91 59.02
N GLU V 113 -2.94 20.72 59.59
CA GLU V 113 -4.00 20.06 60.33
C GLU V 113 -4.37 20.88 61.56
N SER V 114 -3.37 21.43 62.25
CA SER V 114 -3.65 22.27 63.41
C SER V 114 -4.46 23.48 63.00
N ALA V 115 -4.11 24.10 61.88
CA ALA V 115 -4.82 25.27 61.42
C ALA V 115 -6.28 24.94 61.11
N GLN V 116 -6.50 23.81 60.43
CA GLN V 116 -7.88 23.44 60.11
C GLN V 116 -8.67 23.14 61.36
N SER V 117 -8.06 22.45 62.33
CA SER V 117 -8.77 22.19 63.57
C SER V 117 -9.11 23.48 64.29
N ALA V 118 -8.17 24.41 64.33
CA ALA V 118 -8.43 25.69 64.98
C ALA V 118 -9.54 26.46 64.27
N SER V 119 -9.52 26.46 62.95
CA SER V 119 -10.56 27.17 62.20
C SER V 119 -11.93 26.54 62.44
N ASP V 120 -12.00 25.21 62.46
CA ASP V 120 -13.27 24.54 62.70
C ASP V 120 -13.77 24.83 64.11
N ASP V 121 -12.87 24.83 65.10
CA ASP V 121 -13.29 25.14 66.46
C ASP V 121 -13.76 26.58 66.56
N ALA V 122 -13.09 27.50 65.88
CA ALA V 122 -13.54 28.89 65.88
C ALA V 122 -14.91 29.02 65.25
N ASP V 123 -15.15 28.30 64.16
CA ASP V 123 -16.48 28.30 63.56
C ASP V 123 -17.51 27.76 64.55
N GLN V 124 -17.18 26.67 65.23
CA GLN V 124 -18.11 26.08 66.18
C GLN V 124 -18.44 27.04 67.30
N VAL V 125 -17.44 27.77 67.80
CA VAL V 125 -17.70 28.74 68.85
C VAL V 125 -18.38 29.96 68.29
N THR V 126 -18.39 30.11 66.97
CA THR V 126 -19.05 31.25 66.34
C THR V 126 -20.12 30.78 65.35
N MET W 1 38.62 53.52 46.89
CA MET W 1 37.39 52.93 46.38
C MET W 1 37.40 51.41 46.51
N SER W 2 38.60 50.84 46.49
CA SER W 2 38.76 49.39 46.55
C SER W 2 38.30 48.85 47.89
N ILE W 3 37.85 47.59 47.88
CA ILE W 3 37.16 47.00 49.02
C ILE W 3 38.13 46.17 49.84
N GLN W 4 37.92 46.10 51.14
CA GLN W 4 38.84 45.35 52.00
C GLN W 4 38.06 44.29 52.75
N VAL W 5 38.73 43.20 53.07
CA VAL W 5 38.08 42.06 53.71
C VAL W 5 38.89 41.64 54.93
N THR W 6 38.19 41.52 56.05
CA THR W 6 38.78 41.06 57.30
C THR W 6 37.88 39.97 57.86
N GLY W 7 38.48 38.87 58.27
CA GLY W 7 37.69 37.83 58.90
C GLY W 7 38.56 36.79 59.57
N ILE W 8 37.90 35.79 60.12
CA ILE W 8 38.57 34.67 60.78
C ILE W 8 38.10 33.40 60.10
N ILE W 9 39.05 32.57 59.66
CA ILE W 9 38.72 31.36 58.91
C ILE W 9 38.63 30.22 59.91
N GLU W 10 37.45 30.05 60.48
CA GLU W 10 37.22 29.01 61.46
C GLU W 10 37.13 27.66 60.77
N GLY W 11 37.79 26.66 61.34
CA GLY W 11 37.67 25.31 60.83
C GLY W 11 36.29 24.78 61.13
N PRO W 12 35.90 23.72 60.42
CA PRO W 12 34.55 23.17 60.60
C PRO W 12 34.25 22.72 62.01
N LEU W 13 35.26 22.53 62.87
CA LEU W 13 35.03 22.15 64.26
C LEU W 13 35.20 23.33 65.20
N GLY W 14 34.96 24.54 64.71
CA GLY W 14 35.16 25.70 65.55
C GLY W 14 36.60 25.93 65.96
N THR W 15 37.55 25.38 65.21
CA THR W 15 38.96 25.53 65.51
C THR W 15 39.64 26.29 64.39
N PRO W 16 40.30 27.39 64.67
CA PRO W 16 40.90 28.17 63.58
C PRO W 16 42.11 27.47 63.02
N SER W 17 42.70 28.04 61.98
CA SER W 17 43.81 27.40 61.29
C SER W 17 44.68 28.43 60.58
N PRO W 18 45.91 28.63 61.04
CA PRO W 18 46.78 29.65 60.47
C PRO W 18 47.72 29.12 59.39
N GLY W 19 47.15 28.51 58.35
CA GLY W 19 48.01 28.04 57.29
C GLY W 19 47.45 28.09 55.88
N ILE W 20 46.28 28.67 55.73
CA ILE W 20 45.58 28.65 54.46
C ILE W 20 46.06 29.82 53.60
N THR W 21 46.16 29.58 52.30
CA THR W 21 46.44 30.65 51.35
C THR W 21 45.26 30.77 50.40
N ILE W 22 44.78 32.00 50.25
CA ILE W 22 43.62 32.33 49.43
C ILE W 22 44.11 32.99 48.16
N ARG W 23 43.77 32.42 47.02
CA ARG W 23 44.19 32.94 45.73
C ARG W 23 42.97 33.48 45.01
N VAL W 24 43.13 34.58 44.31
CA VAL W 24 42.09 35.10 43.45
C VAL W 24 42.69 35.34 42.07
N VAL W 25 41.95 34.96 41.04
CA VAL W 25 42.37 35.14 39.66
C VAL W 25 41.28 35.91 38.95
N SER W 26 41.68 36.91 38.18
CA SER W 26 40.70 37.78 37.54
C SER W 26 39.86 36.99 36.55
N LYS W 27 38.55 36.99 36.80
CA LYS W 27 37.58 36.54 35.82
C LYS W 27 37.79 37.15 34.46
N ILE W 28 37.61 38.45 34.35
CA ILE W 28 37.60 39.14 33.07
C ILE W 28 38.27 40.46 33.30
N SER W 29 39.02 40.92 32.32
CA SER W 29 39.82 42.12 32.51
C SER W 29 38.92 43.30 32.80
N TYR W 30 39.30 44.06 33.83
CA TYR W 30 38.58 45.22 34.29
C TYR W 30 39.61 46.23 34.73
N ARG W 31 39.19 47.49 34.93
CA ARG W 31 40.13 48.60 35.05
C ARG W 31 41.32 48.25 35.94
N ASN W 32 42.51 48.53 35.43
CA ASN W 32 43.77 48.34 36.11
C ASN W 32 44.16 46.88 36.32
N THR W 33 43.32 45.92 35.95
CA THR W 33 43.68 44.52 36.15
C THR W 33 43.34 43.73 34.91
N TYR W 34 44.04 42.62 34.71
CA TYR W 34 43.91 41.89 33.46
C TYR W 34 43.40 40.49 33.69
N ARG W 35 42.97 39.85 32.61
CA ARG W 35 42.47 38.50 32.68
C ARG W 35 43.55 37.57 33.21
N LEU W 36 43.12 36.60 34.02
CA LEU W 36 44.02 35.60 34.61
C LEU W 36 45.11 36.21 35.47
N SER W 37 44.90 37.44 35.94
CA SER W 37 45.88 38.07 36.80
C SER W 37 45.75 37.47 38.20
N THR W 38 46.52 36.43 38.45
CA THR W 38 46.43 35.75 39.73
C THR W 38 47.03 36.60 40.85
N GLU W 39 46.72 36.19 42.08
CA GLU W 39 47.45 36.66 43.24
C GLU W 39 47.03 35.82 44.43
N ASP W 40 47.97 35.50 45.31
CA ASP W 40 47.70 34.69 46.49
C ASP W 40 48.07 35.46 47.75
N TYR W 41 47.28 35.24 48.80
CA TYR W 41 47.48 35.88 50.09
C TYR W 41 47.47 34.82 51.19
N VAL W 42 48.53 34.80 51.99
CA VAL W 42 48.65 33.82 53.06
C VAL W 42 47.82 34.28 54.25
N THR W 43 47.28 33.33 55.00
CA THR W 43 46.53 33.72 56.18
C THR W 43 47.48 34.05 57.33
N THR W 44 46.95 34.74 58.33
CA THR W 44 47.75 35.16 59.47
C THR W 44 47.45 34.27 60.68
N THR W 45 48.08 34.61 61.80
CA THR W 45 47.91 33.81 63.01
C THR W 45 46.48 33.92 63.53
N GLY W 46 46.06 32.88 64.23
CA GLY W 46 44.70 32.85 64.74
C GLY W 46 43.66 32.56 63.68
N GLY W 47 44.07 32.23 62.47
CA GLY W 47 43.12 31.95 61.42
C GLY W 47 42.45 33.19 60.85
N ALA W 48 43.05 34.35 61.03
CA ALA W 48 42.46 35.59 60.57
C ALA W 48 43.19 36.11 59.33
N TYR W 49 42.46 36.86 58.53
CA TYR W 49 42.97 37.51 57.33
C TYR W 49 42.47 38.94 57.31
N ASP W 50 43.25 39.81 56.69
CA ASP W 50 42.88 41.21 56.54
C ASP W 50 43.61 41.71 55.30
N PHE W 51 42.91 41.77 54.18
CA PHE W 51 43.57 42.16 52.95
C PHE W 51 42.66 42.98 52.04
N GLN W 52 43.29 43.79 51.22
CA GLN W 52 42.63 44.66 50.26
C GLN W 52 42.37 43.89 48.96
N LEU W 53 41.18 44.09 48.39
CA LEU W 53 40.78 43.49 47.12
C LEU W 53 40.25 44.59 46.22
N ASN W 54 40.73 44.58 44.97
CA ASN W 54 40.24 45.53 43.99
C ASN W 54 38.86 45.12 43.52
N GLU W 55 38.13 46.11 43.01
CA GLU W 55 36.87 45.82 42.36
C GLU W 55 37.13 45.14 41.02
N GLY W 56 36.14 44.42 40.56
CA GLY W 56 36.23 43.62 39.37
C GLY W 56 35.61 42.27 39.62
N PHE W 57 35.98 41.29 38.81
CA PHE W 57 35.40 39.97 38.91
C PHE W 57 36.54 38.97 39.07
N HIS W 58 36.37 37.99 39.96
CA HIS W 58 37.48 37.13 40.30
C HIS W 58 37.00 35.76 40.76
N LYS W 59 37.47 34.70 40.09
CA LYS W 59 37.53 33.42 40.76
C LYS W 59 38.33 33.50 42.04
N ILE W 60 37.79 32.89 43.08
CA ILE W 60 38.44 32.78 44.38
C ILE W 60 38.62 31.30 44.68
N LEU W 61 39.86 30.90 44.96
CA LEU W 61 40.21 29.55 45.35
C LEU W 61 40.96 29.63 46.66
N ILE W 62 40.98 28.53 47.41
CA ILE W 62 41.79 28.48 48.62
C ILE W 62 42.53 27.16 48.66
N ARG W 63 43.58 27.13 49.47
CA ARG W 63 44.25 25.87 49.75
C ARG W 63 44.72 25.86 51.19
N TYR W 64 44.47 24.75 51.86
CA TYR W 64 44.79 24.60 53.28
C TYR W 64 46.21 24.13 53.45
N ARG W 65 46.71 24.24 54.67
CA ARG W 65 48.12 24.00 54.90
C ARG W 65 48.52 22.60 54.48
N GLY W 66 47.69 21.62 54.80
CA GLY W 66 47.98 20.26 54.36
C GLY W 66 47.51 19.93 52.97
N ALA W 67 46.90 20.88 52.27
CA ALA W 67 46.32 20.59 50.97
C ALA W 67 47.40 20.45 49.92
N SER W 68 47.02 19.86 48.79
CA SER W 68 47.89 19.73 47.63
C SER W 68 47.51 20.70 46.52
N SER W 69 46.25 20.67 46.10
CA SER W 69 45.75 21.57 45.08
C SER W 69 44.94 22.70 45.71
N PHE W 70 44.31 23.51 44.88
CA PHE W 70 43.37 24.51 45.35
C PHE W 70 41.98 23.93 45.29
N THR W 71 41.09 24.46 46.13
CA THR W 71 39.70 24.06 46.11
C THR W 71 38.87 25.20 45.52
N LYS W 72 37.88 24.83 44.72
CA LYS W 72 37.08 25.83 44.00
C LYS W 72 36.15 26.53 44.97
N LEU W 73 36.62 27.60 45.60
CA LEU W 73 35.78 28.28 46.58
C LEU W 73 34.62 28.99 45.93
N GLY W 74 34.83 29.60 44.77
CA GLY W 74 33.74 30.20 44.04
C GLY W 74 34.23 31.32 43.13
N ASP W 75 33.31 32.22 42.79
CA ASP W 75 33.63 33.37 41.98
C ASP W 75 32.80 34.55 42.45
N VAL W 76 33.41 35.72 42.50
CA VAL W 76 32.77 36.90 43.08
C VAL W 76 32.86 38.06 42.10
N SER W 77 31.83 38.88 42.12
CA SER W 77 31.70 40.04 41.23
C SER W 77 31.61 41.26 42.11
N VAL W 78 32.76 41.77 42.52
CA VAL W 78 32.83 42.90 43.44
C VAL W 78 32.91 44.18 42.63
N SER W 79 32.32 45.23 43.16
CA SER W 79 32.33 46.54 42.51
C SER W 79 32.23 47.59 43.60
N ASP W 80 31.93 48.82 43.20
CA ASP W 80 31.67 49.87 44.17
C ASP W 80 30.31 49.60 44.79
N GLN W 81 29.84 50.56 45.60
CA GLN W 81 28.58 50.46 46.35
C GLN W 81 28.40 49.10 46.99
N THR W 82 29.50 48.46 47.39
CA THR W 82 29.51 47.32 48.29
C THR W 82 30.22 47.70 49.57
N PRO W 83 29.78 47.20 50.72
CA PRO W 83 30.35 47.67 51.98
C PRO W 83 31.82 47.34 52.09
N SER W 84 32.61 48.33 52.47
CA SER W 84 34.06 48.19 52.58
C SER W 84 34.50 47.36 53.78
N PRO W 85 33.86 47.45 54.94
CA PRO W 85 34.31 46.53 56.00
C PRO W 85 33.56 45.21 55.97
N ILE W 86 33.79 44.42 54.92
CA ILE W 86 33.06 43.17 54.69
C ILE W 86 34.00 42.00 54.80
N THR W 87 33.53 40.93 55.46
CA THR W 87 34.28 39.69 55.55
C THR W 87 34.22 38.96 54.21
N LEU W 88 35.08 37.95 54.07
CA LEU W 88 35.14 37.22 52.80
C LEU W 88 33.91 36.34 52.62
N ILE W 89 33.43 35.74 53.71
CA ILE W 89 32.30 34.83 53.60
C ILE W 89 31.11 35.56 53.00
N ASN W 90 30.78 36.73 53.57
CA ASN W 90 29.62 37.48 53.14
C ASN W 90 29.76 37.97 51.71
N LEU W 91 30.98 38.28 51.28
CA LEU W 91 31.18 38.66 49.88
C LEU W 91 30.89 37.49 48.95
N LEU W 92 31.48 36.32 49.24
CA LEU W 92 31.14 35.13 48.46
C LEU W 92 29.64 34.91 48.42
N GLU W 93 28.99 34.90 49.59
CA GLU W 93 27.59 34.54 49.65
C GLU W 93 26.74 35.57 48.92
N SER W 94 27.08 36.85 49.04
CA SER W 94 26.34 37.88 48.34
C SER W 94 26.52 37.80 46.85
N SER W 95 27.60 37.19 46.38
CA SER W 95 27.82 37.05 44.94
C SER W 95 28.06 35.59 44.59
N SER W 96 27.15 34.72 45.01
CA SER W 96 27.13 33.32 44.59
C SER W 96 25.72 32.80 44.82
N PRO W 97 25.31 31.75 44.11
CA PRO W 97 24.00 31.17 44.40
C PRO W 97 23.94 30.71 45.84
N LYS W 98 22.81 30.97 46.49
CA LYS W 98 22.63 30.46 47.85
C LYS W 98 22.56 28.94 47.81
N ALA W 99 23.23 28.31 48.76
CA ALA W 99 23.23 26.85 48.80
C ALA W 99 21.82 26.33 48.97
N LEU W 100 21.52 25.22 48.31
CA LEU W 100 20.18 24.64 48.39
C LEU W 100 19.82 24.31 49.83
N VAL W 101 20.73 23.65 50.52
CA VAL W 101 20.42 23.05 51.80
C VAL W 101 20.27 24.10 52.89
N VAL W 102 21.05 25.17 52.84
CA VAL W 102 20.88 26.21 53.84
C VAL W 102 19.52 26.84 53.69
N LYS W 103 19.07 27.03 52.46
CA LYS W 103 17.72 27.51 52.24
C LYS W 103 16.70 26.52 52.78
N LEU W 104 16.93 25.24 52.55
CA LEU W 104 15.99 24.23 53.02
C LEU W 104 15.90 24.26 54.55
N GLN W 105 17.04 24.37 55.21
CA GLN W 105 17.06 24.41 56.67
C GLN W 105 16.36 25.65 57.19
N GLU W 106 16.61 26.80 56.58
CA GLU W 106 15.92 28.02 57.00
C GLU W 106 14.41 27.87 56.82
N LEU W 107 14.00 27.23 55.72
CA LEU W 107 12.59 26.99 55.49
C LEU W 107 12.02 26.11 56.60
N ALA W 108 12.70 25.01 56.91
CA ALA W 108 12.24 24.14 57.98
C ALA W 108 12.15 24.91 59.29
N ASP W 109 13.05 25.88 59.47
CA ASP W 109 13.11 26.64 60.71
C ASP W 109 11.89 27.52 60.87
N GLU W 110 11.63 28.35 59.86
CA GLU W 110 10.46 29.20 59.91
C GLU W 110 9.20 28.37 59.96
N ALA W 111 9.21 27.20 59.30
CA ALA W 111 8.08 26.31 59.39
C ALA W 111 7.87 25.83 60.82
N SER W 112 8.94 25.45 61.50
CA SER W 112 8.81 24.97 62.87
C SER W 112 8.27 26.05 63.78
N GLU W 113 8.77 27.28 63.62
CA GLU W 113 8.26 28.36 64.45
C GLU W 113 6.79 28.60 64.19
N SER W 114 6.39 28.61 62.91
CA SER W 114 4.97 28.78 62.60
C SER W 114 4.13 27.66 63.18
N ALA W 115 4.60 26.42 63.07
CA ALA W 115 3.83 25.29 63.57
C ALA W 115 3.68 25.37 65.07
N GLN W 116 4.75 25.74 65.77
CA GLN W 116 4.65 25.90 67.22
C GLN W 116 3.68 26.99 67.58
N SER W 117 3.68 28.08 66.83
CA SER W 117 2.71 29.14 67.08
C SER W 117 1.29 28.62 66.92
N ALA W 118 1.04 27.87 65.84
CA ALA W 118 -0.30 27.33 65.60
C ALA W 118 -0.71 26.38 66.72
N SER W 119 0.20 25.49 67.12
CA SER W 119 -0.14 24.50 68.14
C SER W 119 -0.42 25.17 69.48
N ASP W 120 0.41 26.15 69.87
CA ASP W 120 0.17 26.82 71.14
C ASP W 120 -1.11 27.63 71.07
N ASP W 121 -1.45 28.17 69.90
CA ASP W 121 -2.71 28.87 69.76
C ASP W 121 -3.88 27.93 69.93
N ALA W 122 -3.79 26.73 69.34
CA ALA W 122 -4.84 25.73 69.53
C ALA W 122 -4.97 25.35 71.00
N ASP W 123 -3.84 25.21 71.69
CA ASP W 123 -3.88 24.94 73.12
C ASP W 123 -4.57 26.06 73.87
N GLN W 124 -4.24 27.31 73.52
CA GLN W 124 -4.78 28.45 74.24
C GLN W 124 -6.29 28.56 74.04
N VAL W 125 -6.76 28.38 72.80
CA VAL W 125 -8.20 28.43 72.55
C VAL W 125 -8.92 27.25 73.19
N THR W 126 -8.18 26.21 73.56
CA THR W 126 -8.76 25.02 74.14
C THR W 126 -8.32 24.85 75.60
N MET X 1 10.00 43.74 51.17
CA MET X 1 9.54 44.77 50.24
C MET X 1 10.15 44.57 48.85
N SER X 2 9.54 45.20 47.84
CA SER X 2 10.02 45.09 46.48
C SER X 2 11.41 45.67 46.36
N ILE X 3 12.24 45.08 45.50
CA ILE X 3 13.66 45.38 45.53
C ILE X 3 13.96 46.46 44.51
N GLN X 4 15.16 47.03 44.60
CA GLN X 4 15.59 48.09 43.68
C GLN X 4 17.01 47.77 43.26
N VAL X 5 17.17 47.25 42.04
CA VAL X 5 18.47 46.83 41.54
C VAL X 5 19.08 47.95 40.72
N THR X 6 20.35 48.25 40.99
CA THR X 6 21.01 49.35 40.31
C THR X 6 22.51 49.10 40.26
N GLY X 7 23.15 49.78 39.32
CA GLY X 7 24.58 49.67 39.18
C GLY X 7 25.01 50.25 37.85
N ILE X 8 26.25 49.94 37.49
CA ILE X 8 26.85 50.39 36.24
C ILE X 8 27.15 49.15 35.41
N ILE X 9 26.63 49.13 34.18
CA ILE X 9 26.76 47.95 33.34
C ILE X 9 28.23 47.74 33.01
N GLU X 10 28.81 46.68 33.57
CA GLU X 10 30.23 46.45 33.46
C GLU X 10 30.49 44.95 33.34
N GLY X 11 31.69 44.63 32.89
CA GLY X 11 32.11 43.26 32.78
C GLY X 11 31.41 42.55 31.65
N PRO X 12 30.99 41.31 31.90
CA PRO X 12 30.41 40.50 30.83
C PRO X 12 29.15 41.10 30.27
N LEU X 13 28.48 41.99 31.01
CA LEU X 13 27.31 42.64 30.47
C LEU X 13 27.66 43.57 29.31
N GLY X 14 28.89 44.07 29.28
CA GLY X 14 29.36 44.82 28.13
C GLY X 14 29.89 46.16 28.54
N THR X 15 30.25 46.96 27.53
CA THR X 15 30.75 48.30 27.78
C THR X 15 29.63 49.18 28.31
N PRO X 16 29.95 50.16 29.13
CA PRO X 16 28.91 51.05 29.65
C PRO X 16 28.38 52.00 28.60
N SER X 17 27.66 51.46 27.62
CA SER X 17 27.09 52.31 26.60
C SER X 17 25.98 53.17 27.19
N PRO X 18 25.88 54.42 26.78
CA PRO X 18 24.91 55.31 27.40
C PRO X 18 23.51 55.15 26.84
N GLY X 19 23.26 54.07 26.12
CA GLY X 19 21.96 53.87 25.54
C GLY X 19 21.45 52.46 25.69
N ILE X 20 22.26 51.61 26.34
CA ILE X 20 21.93 50.20 26.47
C ILE X 20 20.53 50.03 27.05
N THR X 21 19.86 48.97 26.61
CA THR X 21 18.52 48.65 27.07
C THR X 21 18.45 47.22 27.58
N ILE X 22 17.57 47.03 28.56
CA ILE X 22 17.36 45.75 29.23
C ILE X 22 15.87 45.45 29.11
N ARG X 23 15.53 44.20 29.34
CA ARG X 23 14.14 43.78 29.24
C ARG X 23 13.90 42.65 30.22
N VAL X 24 12.89 42.79 31.07
CA VAL X 24 12.55 41.75 32.02
C VAL X 24 11.19 41.20 31.66
N VAL X 25 11.10 39.89 31.49
CA VAL X 25 9.83 39.21 31.30
C VAL X 25 9.56 38.39 32.55
N SER X 26 8.47 38.72 33.22
CA SER X 26 8.12 38.08 34.48
C SER X 26 7.09 36.99 34.22
N LYS X 27 7.30 35.84 34.83
CA LYS X 27 6.40 34.70 34.70
C LYS X 27 5.52 34.67 35.94
N ILE X 28 4.37 35.33 35.84
CA ILE X 28 3.44 35.41 36.95
C ILE X 28 2.39 34.31 36.75
N SER X 29 2.39 33.30 37.61
CA SER X 29 1.52 32.16 37.42
C SER X 29 0.08 32.63 37.59
N TYR X 30 -0.61 32.87 36.47
CA TYR X 30 -1.87 33.62 36.54
C TYR X 30 -3.06 32.73 36.91
N ARG X 31 -3.48 31.86 36.01
CA ARG X 31 -4.58 30.95 36.33
C ARG X 31 -4.21 29.49 36.15
N ASN X 32 -3.80 29.09 34.95
CA ASN X 32 -3.56 27.68 34.65
C ASN X 32 -2.08 27.35 34.67
N THR X 33 -1.30 28.00 33.81
CA THR X 33 0.15 27.89 33.89
C THR X 33 0.76 29.20 34.39
N TYR X 34 0.65 30.28 33.61
CA TYR X 34 1.30 31.53 33.95
C TYR X 34 1.00 32.55 32.85
N ARG X 35 1.45 33.76 33.09
CA ARG X 35 1.37 34.87 32.17
C ARG X 35 2.74 35.53 32.12
N LEU X 36 3.21 35.86 30.93
CA LEU X 36 4.48 36.55 30.79
C LEU X 36 4.20 38.03 30.58
N SER X 37 4.84 38.85 31.41
CA SER X 37 4.67 40.30 31.36
C SER X 37 6.03 40.92 31.05
N THR X 38 6.11 41.63 29.95
CA THR X 38 7.36 42.23 29.53
C THR X 38 7.49 43.64 30.07
N GLU X 39 8.72 44.11 30.20
CA GLU X 39 8.98 45.50 30.53
C GLU X 39 10.39 45.84 30.12
N ASP X 40 10.54 46.92 29.36
CA ASP X 40 11.85 47.33 28.84
C ASP X 40 12.32 48.56 29.59
N TYR X 41 13.57 48.53 30.05
CA TYR X 41 14.18 49.63 30.77
C TYR X 41 15.41 50.10 30.02
N VAL X 42 15.67 51.40 30.07
CA VAL X 42 16.80 51.95 29.33
C VAL X 42 17.77 52.47 30.38
N THR X 43 18.92 52.98 29.97
CA THR X 43 19.95 53.39 30.90
C THR X 43 20.38 54.83 30.66
N THR X 44 20.74 55.49 31.74
CA THR X 44 21.26 56.85 31.68
C THR X 44 22.73 56.80 31.26
N THR X 45 23.38 57.95 31.25
CA THR X 45 24.73 58.04 30.74
C THR X 45 25.70 57.27 31.61
N GLY X 46 26.89 57.01 31.05
CA GLY X 46 27.85 56.20 31.75
C GLY X 46 27.46 54.74 31.88
N GLY X 47 26.43 54.30 31.17
CA GLY X 47 25.94 52.94 31.30
C GLY X 47 25.34 52.61 32.64
N ALA X 48 24.51 53.50 33.18
CA ALA X 48 23.96 53.34 34.52
C ALA X 48 22.53 52.84 34.44
N TYR X 49 22.23 51.80 35.22
CA TYR X 49 20.88 51.29 35.34
C TYR X 49 20.44 51.41 36.80
N ASP X 50 19.16 51.69 36.98
CA ASP X 50 18.58 51.90 38.30
C ASP X 50 17.10 51.64 38.15
N PHE X 51 16.60 50.56 38.75
CA PHE X 51 15.18 50.29 38.60
C PHE X 51 14.70 49.33 39.67
N GLN X 52 13.48 49.55 40.13
CA GLN X 52 12.85 48.63 41.05
C GLN X 52 12.40 47.38 40.31
N LEU X 53 12.13 46.34 41.09
CA LEU X 53 11.78 45.04 40.58
C LEU X 53 10.85 44.36 41.57
N ASN X 54 9.76 43.81 41.04
CA ASN X 54 8.82 43.03 41.80
C ASN X 54 9.42 41.67 42.12
N GLU X 55 8.70 40.89 42.91
CA GLU X 55 9.18 39.59 43.32
C GLU X 55 8.61 38.51 42.43
N GLY X 56 9.39 37.46 42.23
CA GLY X 56 8.98 36.33 41.42
C GLY X 56 10.03 35.96 40.40
N PHE X 57 9.59 35.24 39.38
CA PHE X 57 10.48 34.71 38.36
C PHE X 57 10.63 35.73 37.25
N HIS X 58 11.84 36.23 37.05
CA HIS X 58 12.11 37.22 36.02
C HIS X 58 13.22 36.73 35.12
N LYS X 59 13.02 36.85 33.82
CA LYS X 59 14.06 36.58 32.84
C LYS X 59 14.56 37.91 32.31
N ILE X 60 15.86 38.16 32.45
CA ILE X 60 16.48 39.42 32.06
C ILE X 60 17.21 39.23 30.74
N LEU X 61 16.96 40.13 29.81
CA LEU X 61 17.62 40.21 28.52
C LEU X 61 18.32 41.55 28.41
N ILE X 62 19.40 41.57 27.65
CA ILE X 62 20.19 42.79 27.43
C ILE X 62 20.40 42.95 25.94
N ARG X 63 20.43 44.20 25.48
CA ARG X 63 20.77 44.51 24.10
C ARG X 63 21.02 46.01 24.00
N TYR X 64 21.63 46.43 22.90
CA TYR X 64 21.92 47.85 22.71
C TYR X 64 20.93 48.42 21.71
N ARG X 65 20.58 49.68 21.90
CA ARG X 65 19.65 50.29 20.96
C ARG X 65 20.28 50.29 19.58
N GLY X 66 19.47 49.95 18.57
CA GLY X 66 19.97 49.78 17.24
C GLY X 66 20.67 48.48 16.97
N ALA X 67 20.71 47.57 17.95
CA ALA X 67 21.31 46.27 17.71
C ALA X 67 20.30 45.35 17.04
N SER X 68 20.75 44.13 16.72
CA SER X 68 19.92 43.24 15.94
C SER X 68 19.07 42.32 16.80
N SER X 69 19.54 41.98 18.00
CA SER X 69 18.70 41.23 18.93
C SER X 69 19.29 41.28 20.32
N PHE X 70 18.56 40.67 21.25
CA PHE X 70 18.90 40.71 22.66
C PHE X 70 20.05 39.77 22.95
N THR X 71 20.46 39.74 24.21
CA THR X 71 21.40 38.74 24.70
C THR X 71 20.82 38.19 26.00
N LYS X 72 20.86 36.87 26.14
CA LYS X 72 20.23 36.21 27.28
C LYS X 72 21.08 36.43 28.52
N LEU X 73 20.73 37.44 29.33
CA LEU X 73 21.37 37.57 30.62
C LEU X 73 21.01 36.40 31.51
N GLY X 74 19.73 36.03 31.56
CA GLY X 74 19.33 34.78 32.17
C GLY X 74 18.17 34.95 33.12
N ASP X 75 17.80 33.83 33.74
CA ASP X 75 16.69 33.82 34.67
C ASP X 75 17.13 34.31 36.05
N VAL X 76 16.14 34.57 36.90
CA VAL X 76 16.39 34.92 38.29
C VAL X 76 15.08 34.73 39.03
N SER X 77 15.18 34.46 40.33
CA SER X 77 14.00 34.31 41.18
C SER X 77 14.16 35.26 42.36
N VAL X 78 13.58 36.45 42.25
CA VAL X 78 13.65 37.39 43.36
C VAL X 78 12.66 36.96 44.43
N SER X 79 13.18 36.66 45.61
CA SER X 79 12.38 36.20 46.73
C SER X 79 12.38 37.26 47.81
N ASP X 80 11.70 36.97 48.91
CA ASP X 80 11.62 37.91 50.01
C ASP X 80 12.88 37.95 50.84
N GLN X 81 13.97 37.37 50.35
CA GLN X 81 15.21 37.34 51.10
C GLN X 81 16.40 37.88 50.32
N THR X 82 16.23 38.27 49.08
CA THR X 82 17.35 38.83 48.33
C THR X 82 17.61 40.28 48.76
N PRO X 83 18.86 40.71 48.74
CA PRO X 83 19.18 42.07 49.19
C PRO X 83 18.54 43.11 48.29
N SER X 84 18.16 44.24 48.89
CA SER X 84 17.51 45.29 48.13
C SER X 84 18.50 46.12 47.30
N PRO X 85 19.49 46.80 47.90
CA PRO X 85 20.38 47.57 47.03
C PRO X 85 21.48 46.70 46.43
N ILE X 86 21.16 46.04 45.33
CA ILE X 86 22.07 45.10 44.70
C ILE X 86 22.27 45.49 43.24
N THR X 87 23.41 45.12 42.68
CA THR X 87 23.67 45.33 41.26
C THR X 87 23.07 44.21 40.45
N LEU X 88 22.93 44.45 39.14
CA LEU X 88 22.31 43.44 38.28
C LEU X 88 23.24 42.27 38.04
N ILE X 89 24.52 42.53 37.80
CA ILE X 89 25.46 41.44 37.61
C ILE X 89 25.47 40.53 38.83
N ASN X 90 25.35 41.11 40.01
CA ASN X 90 25.34 40.27 41.20
C ASN X 90 24.07 39.42 41.25
N LEU X 91 22.92 40.02 40.95
CA LEU X 91 21.66 39.29 41.06
C LEU X 91 21.59 38.17 40.03
N LEU X 92 22.11 38.42 38.82
CA LEU X 92 22.09 37.39 37.80
C LEU X 92 22.74 36.11 38.29
N GLU X 93 23.63 36.23 39.28
CA GLU X 93 24.29 35.06 39.82
C GLU X 93 23.36 34.23 40.69
N SER X 94 22.31 34.83 41.24
CA SER X 94 21.37 34.10 42.08
C SER X 94 20.17 33.64 41.25
N SER X 95 20.44 32.75 40.32
CA SER X 95 19.44 32.25 39.38
C SER X 95 18.44 31.36 40.08
N SER X 96 17.35 31.07 39.39
CA SER X 96 16.26 30.31 39.99
C SER X 96 16.61 28.83 40.05
N PRO X 97 16.63 28.23 41.23
CA PRO X 97 16.74 26.77 41.31
C PRO X 97 15.37 26.12 41.35
N LYS X 98 15.32 24.80 41.52
CA LYS X 98 14.07 24.09 41.68
C LYS X 98 13.71 23.84 43.14
N ALA X 99 14.10 24.75 44.02
CA ALA X 99 13.63 24.74 45.39
C ALA X 99 12.24 25.32 45.52
N LEU X 100 11.63 25.74 44.41
CA LEU X 100 10.35 26.44 44.48
C LEU X 100 9.29 25.59 45.16
N VAL X 101 9.36 24.27 44.98
CA VAL X 101 8.37 23.40 45.59
C VAL X 101 8.54 23.37 47.10
N VAL X 102 9.79 23.38 47.58
CA VAL X 102 10.03 23.50 49.00
C VAL X 102 9.57 24.87 49.49
N LYS X 103 9.76 25.89 48.65
CA LYS X 103 9.31 27.23 48.98
C LYS X 103 7.80 27.28 49.17
N LEU X 104 7.07 26.51 48.36
CA LEU X 104 5.62 26.43 48.49
C LEU X 104 5.24 26.06 49.91
N GLN X 105 6.10 25.36 50.59
CA GLN X 105 5.80 24.98 51.94
C GLN X 105 5.99 26.12 52.90
N GLU X 106 6.33 27.33 52.45
CA GLU X 106 6.21 28.46 53.34
C GLU X 106 4.78 28.78 53.69
N LEU X 107 3.81 28.03 53.15
CA LEU X 107 2.43 28.25 53.54
C LEU X 107 2.19 27.89 54.99
N ALA X 108 3.14 27.24 55.65
CA ALA X 108 2.99 26.97 57.07
C ALA X 108 2.85 28.26 57.87
N ASP X 109 3.65 29.27 57.51
CA ASP X 109 3.53 30.56 58.18
C ASP X 109 2.16 31.18 57.95
N GLU X 110 1.66 31.09 56.72
CA GLU X 110 0.33 31.60 56.42
C GLU X 110 -0.72 30.84 57.22
N ALA X 111 -0.57 29.52 57.32
CA ALA X 111 -1.48 28.73 58.11
C ALA X 111 -1.46 29.20 59.55
N SER X 112 -0.28 29.48 60.07
CA SER X 112 -0.17 29.91 61.46
C SER X 112 -0.83 31.26 61.67
N GLU X 113 -0.61 32.20 60.76
CA GLU X 113 -1.23 33.50 60.95
C GLU X 113 -2.74 33.41 60.82
N SER X 114 -3.22 32.51 59.97
CA SER X 114 -4.65 32.26 59.91
C SER X 114 -5.15 31.68 61.22
N ALA X 115 -4.39 30.76 61.81
CA ALA X 115 -4.79 30.18 63.09
C ALA X 115 -4.85 31.23 64.17
N GLN X 116 -3.85 32.12 64.21
CA GLN X 116 -3.84 33.17 65.23
C GLN X 116 -4.98 34.16 65.00
N SER X 117 -5.29 34.45 63.73
CA SER X 117 -6.43 35.32 63.45
C SER X 117 -7.72 34.68 63.92
N ALA X 118 -7.89 33.38 63.67
CA ALA X 118 -9.08 32.68 64.16
C ALA X 118 -9.15 32.74 65.68
N SER X 119 -8.02 32.54 66.35
CA SER X 119 -8.02 32.56 67.81
C SER X 119 -8.39 33.93 68.36
N ASP X 120 -7.72 34.97 67.87
CA ASP X 120 -7.93 36.31 68.39
C ASP X 120 -9.17 36.96 67.80
N ASP X 121 -9.88 36.28 66.91
CA ASP X 121 -11.25 36.64 66.57
C ASP X 121 -12.23 35.93 67.48
N ALA X 122 -12.00 34.65 67.78
CA ALA X 122 -12.95 33.88 68.57
C ALA X 122 -12.99 34.34 70.01
N ASP X 123 -11.85 34.73 70.59
CA ASP X 123 -11.80 34.83 72.04
C ASP X 123 -12.64 35.98 72.61
N GLN X 124 -12.85 37.07 71.86
CA GLN X 124 -13.39 38.29 72.45
C GLN X 124 -14.85 38.17 72.90
N VAL X 125 -15.55 37.10 72.52
CA VAL X 125 -16.99 37.04 72.81
C VAL X 125 -17.23 37.05 74.31
N THR X 126 -16.48 36.23 75.04
CA THR X 126 -16.58 36.15 76.50
C THR X 126 -18.00 35.98 76.99
N MET Y 1 53.07 -36.23 29.15
CA MET Y 1 52.67 -35.56 30.38
C MET Y 1 52.04 -34.23 30.05
N LEU Y 2 50.74 -34.13 30.29
CA LEU Y 2 50.02 -32.89 30.00
C LEU Y 2 50.54 -31.78 30.90
N PRO Y 3 50.85 -30.61 30.35
CA PRO Y 3 51.26 -29.50 31.21
C PRO Y 3 50.13 -29.13 32.15
N ASN Y 4 50.49 -28.67 33.34
CA ASN Y 4 49.52 -28.41 34.38
C ASN Y 4 49.77 -27.02 34.94
N MET Y 5 48.96 -26.05 34.52
CA MET Y 5 49.09 -24.69 35.00
C MET Y 5 48.66 -24.52 36.46
N ARG Y 6 48.26 -25.60 37.12
CA ARG Y 6 47.71 -25.52 38.47
C ARG Y 6 48.65 -24.80 39.42
N SER Y 7 49.89 -25.25 39.50
CA SER Y 7 50.84 -24.60 40.41
C SER Y 7 51.04 -23.15 40.04
N ALA Y 8 50.91 -22.82 38.77
CA ALA Y 8 50.99 -21.43 38.34
C ALA Y 8 49.71 -20.68 38.59
N LEU Y 9 48.81 -21.23 39.39
CA LEU Y 9 47.56 -20.58 39.71
C LEU Y 9 47.40 -20.31 41.19
N LYS Y 10 48.21 -20.94 42.04
CA LYS Y 10 48.00 -20.84 43.47
C LYS Y 10 48.33 -19.45 44.00
N MET Y 11 49.47 -18.89 43.60
CA MET Y 11 49.89 -17.58 44.08
C MET Y 11 48.81 -16.52 43.98
N PHE Y 12 48.08 -16.51 42.87
CA PHE Y 12 47.14 -15.46 42.59
C PHE Y 12 45.77 -15.73 43.17
N GLU Y 13 45.66 -16.72 44.07
CA GLU Y 13 44.35 -17.18 44.46
C GLU Y 13 43.56 -16.12 45.21
N GLN Y 14 42.33 -16.48 45.53
CA GLN Y 14 41.42 -15.68 46.32
C GLN Y 14 40.27 -16.58 46.69
N SER Y 15 39.77 -16.41 47.91
CA SER Y 15 38.58 -17.13 48.33
C SER Y 15 37.36 -16.55 47.63
N VAL Y 16 36.40 -17.41 47.36
CA VAL Y 16 35.25 -17.01 46.56
C VAL Y 16 34.20 -18.10 46.73
N LEU Y 17 32.93 -17.76 46.58
CA LEU Y 17 31.89 -18.77 46.68
C LEU Y 17 31.38 -19.12 45.29
N LEU Y 18 31.26 -20.42 45.04
CA LEU Y 18 30.77 -20.97 43.78
C LEU Y 18 29.42 -21.60 44.07
N LYS Y 19 28.37 -21.07 43.48
CA LYS Y 19 27.05 -21.62 43.67
C LYS Y 19 26.49 -22.10 42.34
N SER Y 20 25.53 -23.00 42.43
CA SER Y 20 24.76 -23.43 41.28
C SER Y 20 23.31 -23.53 41.69
N VAL Y 21 22.43 -23.37 40.71
CA VAL Y 21 20.99 -23.44 40.92
C VAL Y 21 20.47 -24.69 40.26
N GLU Y 22 19.62 -25.41 40.96
CA GLU Y 22 18.94 -26.59 40.45
C GLU Y 22 17.45 -26.30 40.58
N THR Y 23 16.88 -25.69 39.56
CA THR Y 23 15.52 -25.21 39.65
C THR Y 23 14.55 -26.37 39.92
N ILE Y 24 13.53 -26.09 40.71
CA ILE Y 24 12.49 -27.05 41.04
C ILE Y 24 11.16 -26.39 40.71
N ARG Y 25 10.25 -27.18 40.16
CA ARG Y 25 8.98 -26.61 39.73
C ARG Y 25 7.88 -27.62 39.97
N VAL Y 26 6.76 -27.14 40.50
CA VAL Y 26 5.54 -27.92 40.55
C VAL Y 26 4.41 -27.07 40.03
N ASP Y 27 3.57 -27.67 39.18
CA ASP Y 27 2.48 -26.96 38.52
C ASP Y 27 2.99 -25.64 37.93
N PHE Y 28 4.24 -25.67 37.47
CA PHE Y 28 4.89 -24.55 36.79
C PHE Y 28 5.00 -23.33 37.70
N VAL Y 29 5.44 -23.56 38.93
CA VAL Y 29 5.75 -22.49 39.86
C VAL Y 29 7.22 -22.61 40.23
N ASP Y 30 7.97 -21.52 40.10
CA ASP Y 30 9.42 -21.56 40.17
C ASP Y 30 9.88 -21.50 41.62
N ASP Y 31 10.68 -22.46 42.04
CA ASP Y 31 11.47 -22.36 43.25
C ASP Y 31 12.89 -22.77 42.91
N ILE Y 32 13.85 -22.27 43.68
CA ILE Y 32 15.25 -22.54 43.37
C ILE Y 32 16.00 -22.85 44.65
N ILE Y 33 16.42 -24.10 44.81
CA ILE Y 33 17.37 -24.44 45.85
C ILE Y 33 18.73 -23.96 45.37
N ILE Y 34 19.71 -23.92 46.26
CA ILE Y 34 21.03 -23.41 45.94
C ILE Y 34 22.05 -24.44 46.38
N THR Y 35 23.20 -24.45 45.72
CA THR Y 35 24.34 -25.23 46.18
C THR Y 35 25.56 -24.32 46.18
N ALA Y 36 26.09 -24.03 47.36
CA ALA Y 36 27.20 -23.11 47.51
C ALA Y 36 28.40 -23.83 48.10
N THR Y 37 29.58 -23.56 47.54
CA THR Y 37 30.81 -24.16 48.01
C THR Y 37 31.92 -23.12 48.05
N PRO Y 38 32.79 -23.16 49.05
CA PRO Y 38 33.94 -22.25 49.07
C PRO Y 38 35.04 -22.80 48.18
N ILE Y 39 35.35 -22.09 47.10
CA ILE Y 39 36.27 -22.64 46.11
C ILE Y 39 37.41 -21.67 45.91
N ARG Y 40 38.54 -22.21 45.46
CA ARG Y 40 39.69 -21.38 45.16
C ARG Y 40 39.44 -20.68 43.83
N ALA Y 41 40.06 -19.52 43.62
CA ALA Y 41 40.00 -18.94 42.28
C ALA Y 41 41.01 -17.82 42.15
N VAL Y 42 41.02 -17.20 40.99
CA VAL Y 42 41.69 -15.93 40.75
C VAL Y 42 40.81 -15.09 39.86
N VAL Y 43 40.76 -13.79 40.13
CA VAL Y 43 39.84 -12.87 39.47
C VAL Y 43 40.63 -11.74 38.80
N GLN Y 44 40.29 -11.46 37.56
CA GLN Y 44 40.68 -10.28 36.82
C GLN Y 44 39.41 -9.72 36.19
N VAL Y 45 39.46 -8.49 35.74
CA VAL Y 45 38.33 -7.93 35.03
C VAL Y 45 38.33 -8.48 33.62
N ALA Y 46 37.13 -8.63 33.05
CA ALA Y 46 36.98 -9.37 31.81
C ALA Y 46 36.64 -8.47 30.63
N ASP Y 47 35.52 -7.77 30.70
CA ASP Y 47 35.23 -6.68 29.79
C ASP Y 47 35.12 -5.43 30.64
N LYS Y 48 35.97 -4.46 30.34
CA LYS Y 48 36.01 -3.22 31.10
C LYS Y 48 34.59 -2.70 31.24
N LYS Y 49 34.09 -2.62 32.46
CA LYS Y 49 32.65 -2.50 32.69
C LYS Y 49 32.17 -1.11 32.32
N LYS Y 50 31.38 -1.05 31.25
CA LYS Y 50 30.92 0.19 30.67
C LYS Y 50 29.50 0.50 31.11
N LEU Y 51 28.94 1.58 30.59
CA LEU Y 51 27.56 1.98 30.86
C LEU Y 51 26.80 1.94 29.55
N ASN Y 52 25.90 0.97 29.42
CA ASN Y 52 25.09 0.89 28.22
C ASN Y 52 23.94 1.89 28.28
N LEU Y 53 23.37 2.16 27.12
CA LEU Y 53 22.27 3.11 26.98
C LEU Y 53 20.99 2.36 26.69
N ASP Y 54 19.93 2.76 27.37
CA ASP Y 54 18.61 2.20 27.15
C ASP Y 54 17.61 3.20 27.67
N SER Y 55 16.36 2.77 27.84
CA SER Y 55 15.40 3.59 28.55
C SER Y 55 15.97 4.02 29.89
N LEU Y 56 16.65 3.09 30.57
CA LEU Y 56 17.43 3.39 31.75
C LEU Y 56 18.82 2.83 31.56
N ASP Y 57 19.83 3.58 31.95
CA ASP Y 57 21.18 3.08 31.82
C ASP Y 57 21.42 1.93 32.79
N TRP Y 58 22.25 0.99 32.37
CA TRP Y 58 22.57 -0.16 33.20
C TRP Y 58 24.01 -0.55 32.96
N SER Y 59 24.56 -1.27 33.91
CA SER Y 59 25.94 -1.70 33.81
C SER Y 59 26.13 -2.96 34.62
N LYS Y 60 26.84 -3.93 34.06
CA LYS Y 60 27.11 -5.17 34.75
C LYS Y 60 28.60 -5.41 34.74
N GLN Y 61 29.17 -5.58 35.93
CA GLN Y 61 30.61 -5.80 36.02
C GLN Y 61 30.97 -7.16 35.46
N TYR Y 62 32.15 -7.22 34.85
CA TYR Y 62 32.65 -8.44 34.25
C TYR Y 62 33.89 -8.87 35.00
N ILE Y 63 33.95 -10.14 35.39
CA ILE Y 63 35.13 -10.72 35.99
C ILE Y 63 35.39 -12.03 35.28
N TRP Y 64 36.63 -12.48 35.27
CA TRP Y 64 36.88 -13.75 34.59
C TRP Y 64 37.81 -14.53 35.48
N VAL Y 65 37.29 -15.61 36.02
CA VAL Y 65 37.96 -16.34 37.07
C VAL Y 65 38.68 -17.53 36.47
N HIS Y 66 39.76 -17.90 37.12
CA HIS Y 66 40.39 -19.20 36.93
C HIS Y 66 40.26 -20.00 38.21
N SER Y 67 40.20 -21.32 38.05
CA SER Y 67 40.25 -22.18 39.21
C SER Y 67 40.67 -23.57 38.80
N GLY Y 68 41.18 -24.31 39.77
CA GLY Y 68 41.44 -25.71 39.56
C GLY Y 68 40.19 -26.57 39.58
N SER Y 69 39.07 -26.03 40.04
CA SER Y 69 37.85 -26.80 40.12
C SER Y 69 36.95 -26.48 38.94
N LYS Y 70 36.19 -27.47 38.51
CA LYS Y 70 35.39 -27.34 37.31
C LYS Y 70 34.26 -26.36 37.56
N MET Y 71 33.91 -25.61 36.53
CA MET Y 71 32.90 -24.56 36.66
C MET Y 71 31.99 -24.61 35.44
N GLU Y 72 30.78 -25.11 35.63
CA GLU Y 72 29.81 -25.15 34.56
C GLU Y 72 29.18 -23.78 34.35
N ILE Y 73 28.54 -23.60 33.19
CA ILE Y 73 27.96 -22.31 32.87
C ILE Y 73 26.89 -21.92 33.88
N GLY Y 74 25.94 -22.81 34.10
CA GLY Y 74 24.83 -22.47 34.95
C GLY Y 74 25.25 -22.42 36.40
N GLN Y 75 26.28 -21.63 36.68
CA GLN Y 75 26.73 -21.43 38.05
C GLN Y 75 27.11 -19.97 38.23
N PHE Y 76 26.99 -19.50 39.46
CA PHE Y 76 27.35 -18.15 39.84
C PHE Y 76 28.59 -18.18 40.70
N ILE Y 77 29.28 -17.05 40.74
CA ILE Y 77 30.48 -16.88 41.54
C ILE Y 77 30.38 -15.54 42.25
N GLU Y 78 30.37 -15.56 43.58
CA GLU Y 78 30.39 -14.32 44.34
C GLU Y 78 31.77 -14.12 44.93
N TRP Y 79 32.35 -12.95 44.71
CA TRP Y 79 33.63 -12.67 45.35
C TRP Y 79 33.59 -11.46 46.26
N HIS Y 80 32.91 -10.38 45.91
CA HIS Y 80 32.79 -9.28 46.84
C HIS Y 80 31.37 -9.06 47.33
N GLY Y 81 30.45 -8.69 46.47
CA GLY Y 81 29.15 -8.28 46.96
C GLY Y 81 28.02 -8.60 46.01
N LYS Y 82 28.35 -9.32 44.95
CA LYS Y 82 27.34 -9.57 43.93
C LYS Y 82 27.80 -10.72 43.05
N ASP Y 83 26.98 -11.75 42.97
CA ASP Y 83 27.39 -12.93 42.21
C ASP Y 83 27.42 -12.62 40.72
N PHE Y 84 28.23 -13.40 40.02
CA PHE Y 84 28.46 -13.28 38.59
C PHE Y 84 28.06 -14.57 37.91
N LYS Y 85 27.21 -14.48 36.91
CA LYS Y 85 26.85 -15.66 36.13
C LYS Y 85 27.99 -16.00 35.20
N LEU Y 86 28.34 -17.27 35.14
CA LEU Y 86 29.54 -17.72 34.46
C LEU Y 86 29.08 -18.00 33.03
N VAL Y 87 29.03 -16.97 32.20
CA VAL Y 87 28.29 -17.01 30.96
C VAL Y 87 29.19 -17.14 29.75
N ALA Y 88 30.30 -16.42 29.70
CA ALA Y 88 30.91 -16.11 28.44
C ALA Y 88 32.41 -16.37 28.48
N ALA Y 89 32.97 -16.51 27.28
CA ALA Y 89 34.40 -16.59 27.03
C ALA Y 89 35.09 -17.54 27.99
N GLY Y 90 34.38 -18.55 28.43
CA GLY Y 90 34.97 -19.55 29.29
C GLY Y 90 35.63 -20.64 28.49
N ASP Y 91 36.59 -21.29 29.12
CA ASP Y 91 37.36 -22.34 28.47
C ASP Y 91 37.90 -23.28 29.52
N ASP Y 92 37.86 -24.57 29.21
CA ASP Y 92 38.21 -25.62 30.15
C ASP Y 92 39.51 -26.32 29.79
N TYR Y 93 40.61 -25.83 30.32
CA TYR Y 93 41.83 -26.62 30.28
C TYR Y 93 41.81 -27.63 31.42
N SER Y 94 40.69 -28.36 31.51
CA SER Y 94 40.52 -29.33 32.58
C SER Y 94 41.61 -30.37 32.53
N ASP Y 95 41.90 -30.89 31.34
CA ASP Y 95 43.00 -31.80 31.20
C ASP Y 95 44.33 -31.12 31.44
N TYR Y 96 44.39 -29.79 31.33
CA TYR Y 96 45.60 -29.05 31.66
C TYR Y 96 45.57 -28.54 33.09
N GLY Y 97 44.53 -28.84 33.85
CA GLY Y 97 44.54 -28.59 35.26
C GLY Y 97 43.83 -27.34 35.74
N TYR Y 98 43.09 -26.65 34.87
CA TYR Y 98 42.30 -25.52 35.34
C TYR Y 98 41.26 -25.14 34.31
N ASN Y 99 40.42 -24.18 34.69
CA ASN Y 99 39.45 -23.64 33.76
C ASN Y 99 39.15 -22.19 34.11
N ALA Y 100 38.59 -21.49 33.13
CA ALA Y 100 38.40 -20.05 33.21
C ALA Y 100 37.02 -19.70 32.66
N TRP Y 101 36.51 -18.55 33.07
CA TRP Y 101 35.23 -18.08 32.59
C TRP Y 101 35.14 -16.57 32.74
N TYR Y 102 34.41 -15.91 31.86
CA TYR Y 102 34.01 -14.55 32.15
C TYR Y 102 32.86 -14.57 33.17
N GLY Y 103 32.44 -13.40 33.62
CA GLY Y 103 31.35 -13.35 34.59
C GLY Y 103 30.40 -12.18 34.41
N GLU Y 104 29.12 -12.39 34.68
CA GLU Y 104 28.10 -11.36 34.56
C GLU Y 104 27.42 -11.15 35.89
N GLU Y 105 27.59 -9.96 36.45
CA GLU Y 105 26.92 -9.67 37.71
C GLU Y 105 25.42 -9.72 37.48
N THR Y 106 24.75 -10.62 38.18
CA THR Y 106 23.30 -10.66 38.18
C THR Y 106 22.86 -9.56 39.13
N LEU Y 107 22.31 -8.48 38.58
CA LEU Y 107 21.92 -7.37 39.42
C LEU Y 107 20.90 -7.76 40.47
N LYS Y 108 20.38 -8.98 40.42
CA LYS Y 108 19.58 -9.51 41.50
C LYS Y 108 20.44 -9.66 42.74
N PRO Y 109 19.85 -9.65 43.93
CA PRO Y 109 20.65 -9.84 45.13
C PRO Y 109 21.17 -11.26 45.20
N VAL Y 110 22.21 -11.45 46.00
CA VAL Y 110 22.96 -12.69 45.92
C VAL Y 110 22.15 -13.84 46.51
N LEU Y 111 22.21 -14.98 45.84
CA LEU Y 111 21.39 -16.15 46.18
C LEU Y 111 21.99 -16.81 47.41
N VAL Y 112 21.48 -16.46 48.58
CA VAL Y 112 22.04 -17.00 49.82
C VAL Y 112 21.56 -18.43 50.04
N SER Y 113 20.27 -18.63 50.27
CA SER Y 113 19.72 -19.98 50.34
C SER Y 113 18.40 -20.14 49.61
N SER Y 114 17.60 -19.11 49.48
CA SER Y 114 16.23 -19.21 48.98
C SER Y 114 15.47 -20.36 49.61
N MET Z 1 63.38 -31.09 1.91
CA MET Z 1 62.82 -31.85 3.02
C MET Z 1 61.75 -31.05 3.72
N LEU Z 2 60.51 -31.48 3.57
CA LEU Z 2 59.40 -30.77 4.20
C LEU Z 2 59.53 -30.83 5.70
N PRO Z 3 59.40 -29.72 6.42
CA PRO Z 3 59.44 -29.77 7.87
C PRO Z 3 58.28 -30.62 8.38
N ASN Z 4 58.51 -31.30 9.50
CA ASN Z 4 57.54 -32.25 10.01
C ASN Z 4 57.31 -31.96 11.49
N MET Z 5 56.21 -31.29 11.80
CA MET Z 5 55.88 -30.96 13.19
C MET Z 5 55.46 -32.18 13.99
N ARG Z 6 55.49 -33.37 13.41
CA ARG Z 6 54.99 -34.58 14.07
C ARG Z 6 55.65 -34.80 15.41
N SER Z 7 56.98 -34.83 15.44
CA SER Z 7 57.67 -35.05 16.70
C SER Z 7 57.36 -33.95 17.71
N ALA Z 8 57.07 -32.75 17.23
CA ALA Z 8 56.65 -31.67 18.10
C ALA Z 8 55.20 -31.78 18.49
N LEU Z 9 54.58 -32.92 18.25
CA LEU Z 9 53.19 -33.13 18.62
C LEU Z 9 53.00 -34.26 19.59
N LYS Z 10 54.01 -35.11 19.79
CA LYS Z 10 53.82 -36.30 20.60
C LYS Z 10 53.66 -35.96 22.08
N MET Z 11 54.53 -35.09 22.60
CA MET Z 11 54.49 -34.74 24.02
C MET Z 11 53.11 -34.35 24.49
N PHE Z 12 52.39 -33.59 23.70
CA PHE Z 12 51.13 -33.02 24.13
C PHE Z 12 49.96 -33.94 23.86
N GLU Z 13 50.23 -35.21 23.56
CA GLU Z 13 49.17 -36.06 23.04
C GLU Z 13 48.09 -36.32 24.09
N GLN Z 14 47.08 -37.04 23.65
CA GLN Z 14 45.97 -37.49 24.48
C GLN Z 14 45.22 -38.51 23.66
N SER Z 15 44.74 -39.55 24.33
CA SER Z 15 43.89 -40.52 23.68
C SER Z 15 42.52 -39.92 23.42
N VAL Z 16 41.89 -40.33 22.34
CA VAL Z 16 40.65 -39.72 21.89
C VAL Z 16 40.06 -40.65 20.85
N LEU Z 17 38.74 -40.63 20.69
CA LEU Z 17 38.11 -41.45 19.67
C LEU Z 17 37.71 -40.58 18.49
N LEU Z 18 38.04 -41.05 17.29
CA LEU Z 18 37.72 -40.39 16.03
C LEU Z 18 36.69 -41.25 15.33
N LYS Z 19 35.49 -40.72 15.14
CA LYS Z 19 34.45 -41.45 14.45
C LYS Z 19 34.05 -40.70 13.19
N SER Z 20 33.46 -41.45 12.27
CA SER Z 20 32.85 -40.89 11.08
C SER Z 20 31.53 -41.59 10.84
N VAL Z 21 30.62 -40.88 10.19
CA VAL Z 21 29.30 -41.40 9.88
C VAL Z 21 29.22 -41.61 8.37
N GLU Z 22 28.69 -42.75 7.97
CA GLU Z 22 28.45 -43.07 6.56
C GLU Z 22 26.96 -43.36 6.47
N THR Z 23 26.17 -42.32 6.23
CA THR Z 23 24.73 -42.46 6.30
C THR Z 23 24.24 -43.47 5.27
N ILE Z 24 23.22 -44.22 5.66
CA ILE Z 24 22.57 -45.20 4.80
C ILE Z 24 21.09 -44.89 4.78
N ARG Z 25 20.48 -45.02 3.61
CA ARG Z 25 19.10 -44.66 3.48
C ARG Z 25 18.41 -45.61 2.52
N VAL Z 26 17.21 -46.05 2.89
CA VAL Z 26 16.34 -46.76 1.96
C VAL Z 26 14.96 -46.14 2.05
N ASP Z 27 14.36 -45.91 0.89
CA ASP Z 27 13.07 -45.25 0.79
C ASP Z 27 13.07 -43.98 1.63
N PHE Z 28 14.24 -43.33 1.68
CA PHE Z 28 14.42 -42.06 2.37
C PHE Z 28 14.15 -42.16 3.87
N VAL Z 29 14.69 -43.21 4.49
CA VAL Z 29 14.65 -43.37 5.93
C VAL Z 29 16.07 -43.43 6.44
N ASP Z 30 16.39 -42.60 7.42
CA ASP Z 30 17.77 -42.37 7.82
C ASP Z 30 18.23 -43.43 8.80
N ASP Z 31 19.34 -44.10 8.48
CA ASP Z 31 20.08 -44.89 9.45
C ASP Z 31 21.54 -44.49 9.32
N ILE Z 32 22.30 -44.66 10.39
CA ILE Z 32 23.70 -44.25 10.39
C ILE Z 32 24.55 -45.32 11.06
N ILE Z 33 25.38 -45.99 10.26
CA ILE Z 33 26.43 -46.82 10.83
C ILE Z 33 27.51 -45.87 11.30
N ILE Z 34 28.46 -46.38 12.10
CA ILE Z 34 29.51 -45.56 12.68
C ILE Z 34 30.84 -46.23 12.38
N THR Z 35 31.89 -45.43 12.32
CA THR Z 35 33.25 -45.96 12.27
C THR Z 35 34.07 -45.24 13.31
N ALA Z 36 34.51 -45.96 14.34
CA ALA Z 36 35.25 -45.37 15.44
C ALA Z 36 36.64 -45.96 15.52
N THR Z 37 37.63 -45.10 15.74
CA THR Z 37 39.01 -45.53 15.86
C THR Z 37 39.69 -44.79 17.00
N PRO Z 38 40.56 -45.45 17.75
CA PRO Z 38 41.33 -44.76 18.80
C PRO Z 38 42.51 -44.05 18.15
N ILE Z 39 42.52 -42.73 18.21
CA ILE Z 39 43.54 -41.98 17.48
C ILE Z 39 44.27 -41.06 18.44
N ARG Z 40 45.49 -40.71 18.08
CA ARG Z 40 46.28 -39.80 18.87
C ARG Z 40 45.76 -38.39 18.62
N ALA Z 41 45.93 -37.50 19.59
CA ALA Z 41 45.63 -36.10 19.29
C ALA Z 41 46.19 -35.20 20.37
N VAL Z 42 45.94 -33.91 20.22
CA VAL Z 42 46.11 -32.93 21.27
C VAL Z 42 44.96 -31.94 21.21
N VAL Z 43 44.47 -31.52 22.37
CA VAL Z 43 43.28 -30.69 22.48
C VAL Z 43 43.61 -29.40 23.22
N GLN Z 44 43.15 -28.30 22.66
CA GLN Z 44 43.07 -26.99 23.29
C GLN Z 44 41.67 -26.46 23.05
N VAL Z 45 41.28 -25.45 23.78
CA VAL Z 45 40.00 -24.82 23.52
C VAL Z 45 40.14 -23.93 22.31
N ALA Z 46 39.06 -23.78 21.56
CA ALA Z 46 39.11 -23.17 20.24
C ALA Z 46 38.44 -21.80 20.21
N ASP Z 47 37.15 -21.75 20.50
CA ASP Z 47 36.47 -20.50 20.78
C ASP Z 47 35.97 -20.60 22.21
N LYS Z 48 36.43 -19.68 23.05
CA LYS Z 48 36.06 -19.67 24.44
C LYS Z 48 34.55 -19.82 24.55
N LYS Z 49 34.09 -20.91 25.16
CA LYS Z 49 32.72 -21.36 24.99
C LYS Z 49 31.77 -20.45 25.74
N LYS Z 50 30.97 -19.70 24.99
CA LYS Z 50 30.09 -18.69 25.52
C LYS Z 50 28.66 -19.21 25.63
N LEU Z 51 27.75 -18.34 26.05
CA LEU Z 51 26.34 -18.67 26.14
C LEU Z 51 25.59 -17.77 25.17
N ASN Z 52 25.07 -18.35 24.09
CA ASN Z 52 24.29 -17.56 23.16
C ASN Z 52 22.87 -17.35 23.67
N LEU Z 53 22.20 -16.37 23.08
CA LEU Z 53 20.84 -16.02 23.46
C LEU Z 53 19.89 -16.44 22.37
N ASP Z 54 18.78 -17.03 22.77
CA ASP Z 54 17.73 -17.42 21.85
C ASP Z 54 16.46 -17.57 22.66
N SER Z 55 15.45 -18.19 22.07
CA SER Z 55 14.29 -18.59 22.85
C SER Z 55 14.73 -19.36 24.08
N LEU Z 56 15.70 -20.25 23.91
CA LEU Z 56 16.37 -20.91 25.01
C LEU Z 56 17.86 -20.73 24.83
N ASP Z 57 18.57 -20.46 25.92
CA ASP Z 57 20.01 -20.30 25.82
C ASP Z 57 20.66 -21.64 25.51
N TRP Z 58 21.75 -21.60 24.76
CA TRP Z 58 22.46 -22.80 24.40
C TRP Z 58 23.95 -22.48 24.35
N SER Z 59 24.76 -23.52 24.45
CA SER Z 59 26.19 -23.35 24.42
C SER Z 59 26.82 -24.63 23.92
N LYS Z 60 27.81 -24.49 23.05
CA LYS Z 60 28.51 -25.65 22.52
C LYS Z 60 29.99 -25.43 22.73
N GLN Z 61 30.64 -26.38 23.41
CA GLN Z 61 32.06 -26.26 23.68
C GLN Z 61 32.85 -26.40 22.39
N TYR Z 62 33.94 -25.66 22.32
CA TYR Z 62 34.82 -25.67 21.16
C TYR Z 62 36.17 -26.25 21.57
N ILE Z 63 36.66 -27.21 20.80
CA ILE Z 63 38.00 -27.75 20.99
C ILE Z 63 38.66 -27.76 19.62
N TRP Z 64 40.00 -27.70 19.60
CA TRP Z 64 40.64 -27.73 18.30
C TRP Z 64 41.81 -28.67 18.42
N VAL Z 65 41.71 -29.79 17.73
CA VAL Z 65 42.63 -30.88 17.92
C VAL Z 65 43.69 -30.82 16.83
N HIS Z 66 44.86 -31.32 17.19
CA HIS Z 66 45.89 -31.69 16.23
C HIS Z 66 46.08 -33.19 16.27
N SER Z 67 46.47 -33.73 15.13
CA SER Z 67 46.87 -35.13 15.10
C SER Z 67 47.73 -35.40 13.89
N GLY Z 68 48.49 -36.47 13.98
CA GLY Z 68 49.21 -36.96 12.83
C GLY Z 68 48.34 -37.69 11.83
N SER Z 69 47.12 -38.03 12.21
CA SER Z 69 46.23 -38.76 11.32
C SER Z 69 45.24 -37.82 10.68
N LYS Z 70 44.87 -38.13 9.45
CA LYS Z 70 44.03 -37.23 8.68
C LYS Z 70 42.63 -37.20 9.29
N MET Z 71 42.00 -36.03 9.22
CA MET Z 71 40.70 -35.81 9.84
C MET Z 71 39.82 -35.03 8.88
N GLU Z 72 38.87 -35.71 8.26
CA GLU Z 72 37.93 -35.05 7.37
C GLU Z 72 36.86 -34.32 8.18
N ILE Z 73 36.16 -33.40 7.51
CA ILE Z 73 35.15 -32.59 8.19
C ILE Z 73 34.06 -33.48 8.76
N GLY Z 74 33.48 -34.32 7.93
CA GLY Z 74 32.35 -35.10 8.37
C GLY Z 74 32.78 -36.19 9.33
N GLN Z 75 33.49 -35.81 10.38
CA GLN Z 75 33.89 -36.73 11.42
C GLN Z 75 33.75 -36.07 12.77
N PHE Z 76 33.51 -36.88 13.78
CA PHE Z 76 33.39 -36.43 15.16
C PHE Z 76 34.60 -36.89 15.95
N ILE Z 77 34.87 -36.20 17.04
CA ILE Z 77 35.96 -36.51 17.94
C ILE Z 77 35.43 -36.45 19.36
N GLU Z 78 35.48 -37.56 20.08
CA GLU Z 78 35.09 -37.56 21.48
C GLU Z 78 36.34 -37.65 22.34
N TRP Z 79 36.48 -36.75 23.30
CA TRP Z 79 37.59 -36.85 24.21
C TRP Z 79 37.18 -37.01 25.66
N HIS Z 80 36.14 -36.31 26.13
CA HIS Z 80 35.70 -36.56 27.49
C HIS Z 80 34.30 -37.17 27.56
N GLY Z 81 33.28 -36.46 27.11
CA GLY Z 81 31.94 -36.95 27.36
C GLY Z 81 30.97 -36.56 26.28
N LYS Z 82 31.47 -35.97 25.21
CA LYS Z 82 30.58 -35.47 24.20
C LYS Z 82 31.37 -35.23 22.92
N ASP Z 83 30.96 -35.86 21.83
CA ASP Z 83 31.71 -35.74 20.60
C ASP Z 83 31.60 -34.34 20.02
N PHE Z 84 32.59 -33.97 19.23
CA PHE Z 84 32.71 -32.67 18.61
C PHE Z 84 32.76 -32.85 17.11
N LYS Z 85 31.89 -32.15 16.40
CA LYS Z 85 31.94 -32.19 14.94
C LYS Z 85 33.10 -31.33 14.46
N LEU Z 86 33.85 -31.85 13.52
CA LEU Z 86 35.11 -31.24 13.11
C LEU Z 86 34.73 -30.31 11.98
N VAL Z 87 34.30 -29.10 12.33
CA VAL Z 87 33.57 -28.24 11.41
C VAL Z 87 34.42 -27.10 10.87
N ALA Z 88 35.20 -26.46 11.72
CA ALA Z 88 35.64 -25.11 11.43
C ALA Z 88 37.13 -24.95 11.65
N ALA Z 89 37.66 -23.90 11.03
CA ALA Z 89 39.02 -23.42 11.21
C ALA Z 89 40.02 -24.56 11.19
N GLY Z 90 39.73 -25.59 10.42
CA GLY Z 90 40.65 -26.68 10.28
C GLY Z 90 41.62 -26.42 9.15
N ASP Z 91 42.77 -27.07 9.25
CA ASP Z 91 43.83 -26.90 8.28
C ASP Z 91 44.70 -28.14 8.25
N ASP Z 92 45.09 -28.53 7.05
CA ASP Z 92 45.81 -29.78 6.84
C ASP Z 92 47.26 -29.54 6.43
N TYR Z 93 48.15 -29.50 7.41
CA TYR Z 93 49.56 -29.61 7.10
C TYR Z 93 49.93 -31.07 6.92
N SER Z 94 49.14 -31.76 6.09
CA SER Z 94 49.35 -33.18 5.88
C SER Z 94 50.73 -33.43 5.32
N ASP Z 95 51.12 -32.64 4.33
CA ASP Z 95 52.48 -32.74 3.83
C ASP Z 95 53.50 -32.30 4.86
N TYR Z 96 53.09 -31.53 5.86
CA TYR Z 96 53.98 -31.17 6.94
C TYR Z 96 53.83 -32.10 8.14
N GLY Z 97 52.99 -33.11 8.04
CA GLY Z 97 52.96 -34.17 9.02
C GLY Z 97 51.89 -34.08 10.08
N TYR Z 98 50.92 -33.17 9.95
CA TYR Z 98 49.80 -33.16 10.89
C TYR Z 98 48.66 -32.33 10.34
N ASN Z 99 47.56 -32.34 11.07
CA ASN Z 99 46.43 -31.51 10.73
C ASN Z 99 45.67 -31.12 11.98
N ALA Z 100 44.86 -30.07 11.84
CA ALA Z 100 44.18 -29.46 12.97
C ALA Z 100 42.75 -29.12 12.57
N TRP Z 101 41.89 -28.99 13.57
CA TRP Z 101 40.50 -28.62 13.32
C TRP Z 101 39.92 -28.01 14.59
N TYR Z 102 38.96 -27.10 14.41
CA TYR Z 102 38.12 -26.74 15.55
C TYR Z 102 37.10 -27.85 15.78
N GLY Z 103 36.31 -27.73 16.84
CA GLY Z 103 35.31 -28.73 17.12
C GLY Z 103 34.01 -28.20 17.69
N GLU Z 104 32.89 -28.82 17.32
CA GLU Z 104 31.58 -28.41 17.80
C GLU Z 104 30.91 -29.56 18.52
N GLU Z 105 30.67 -29.39 19.81
CA GLU Z 105 29.99 -30.44 20.55
C GLU Z 105 28.59 -30.60 19.99
N THR Z 106 28.30 -31.78 19.48
CA THR Z 106 26.96 -32.11 19.07
C THR Z 106 26.20 -32.45 20.33
N LEU Z 107 25.29 -31.56 20.73
CA LEU Z 107 24.58 -31.78 21.97
C LEU Z 107 23.79 -33.09 21.97
N LYS Z 108 23.71 -33.78 20.84
CA LYS Z 108 23.18 -35.12 20.80
C LYS Z 108 24.09 -36.05 21.60
N PRO Z 109 23.58 -37.16 22.10
CA PRO Z 109 24.44 -38.08 22.84
C PRO Z 109 25.41 -38.74 21.89
N VAL Z 110 26.48 -39.27 22.46
CA VAL Z 110 27.61 -39.68 21.64
C VAL Z 110 27.28 -40.93 20.84
N LEU Z 111 27.70 -40.94 19.58
CA LEU Z 111 27.35 -41.99 18.64
C LEU Z 111 28.19 -43.23 18.95
N VAL Z 112 27.62 -44.13 19.75
CA VAL Z 112 28.38 -45.31 20.14
C VAL Z 112 28.43 -46.32 19.01
N SER Z 113 27.30 -46.90 18.63
CA SER Z 113 27.26 -47.77 17.46
C SER Z 113 26.05 -47.55 16.57
N SER Z 114 24.93 -47.08 17.11
CA SER Z 114 23.66 -47.00 16.38
C SER Z 114 23.37 -48.29 15.61
N MET AA 1 70.12 -3.37 -6.22
CA MET AA 1 69.92 -4.80 -6.37
C MET AA 1 68.66 -5.21 -5.63
N LEU AA 2 67.65 -5.59 -6.38
CA LEU AA 2 66.38 -6.00 -5.77
C LEU AA 2 66.59 -7.27 -4.95
N PRO AA 3 66.11 -7.32 -3.72
CA PRO AA 3 66.22 -8.56 -2.95
C PRO AA 3 65.46 -9.66 -3.65
N ASN AA 4 65.95 -10.89 -3.51
CA ASN AA 4 65.40 -12.02 -4.23
C ASN AA 4 65.15 -13.15 -3.24
N MET AA 5 63.90 -13.32 -2.85
CA MET AA 5 63.52 -14.38 -1.91
C MET AA 5 63.60 -15.77 -2.54
N ARG AA 6 64.02 -15.87 -3.80
CA ARG AA 6 63.99 -17.14 -4.52
C ARG AA 6 64.75 -18.23 -3.78
N SER AA 7 66.01 -17.97 -3.42
CA SER AA 7 66.78 -18.97 -2.72
C SER AA 7 66.15 -19.33 -1.38
N ALA AA 8 65.44 -18.38 -0.78
CA ALA AA 8 64.72 -18.67 0.44
C ALA AA 8 63.40 -19.37 0.18
N LEU AA 9 63.20 -19.89 -1.02
CA LEU AA 9 62.00 -20.60 -1.35
C LEU AA 9 62.26 -22.04 -1.76
N LYS AA 10 63.50 -22.40 -2.06
CA LYS AA 10 63.77 -23.72 -2.60
C LYS AA 10 63.58 -24.81 -1.56
N MET AA 11 64.10 -24.62 -0.35
CA MET AA 11 64.00 -25.63 0.70
C MET AA 11 62.60 -26.14 0.91
N PHE AA 12 61.62 -25.25 0.88
CA PHE AA 12 60.26 -25.61 1.22
C PHE AA 12 59.48 -26.11 0.03
N GLU AA 13 60.15 -26.44 -1.07
CA GLU AA 13 59.44 -26.68 -2.31
C GLU AA 13 58.56 -27.93 -2.22
N GLN AA 14 57.84 -28.16 -3.31
CA GLN AA 14 57.00 -29.32 -3.51
C GLN AA 14 56.62 -29.32 -4.96
N SER AA 15 56.55 -30.52 -5.54
CA SER AA 15 56.07 -30.65 -6.90
C SER AA 15 54.57 -30.44 -6.93
N VAL AA 16 54.08 -29.89 -8.03
CA VAL AA 16 52.68 -29.49 -8.12
C VAL AA 16 52.40 -29.22 -9.59
N LEU AA 17 51.16 -29.38 -10.01
CA LEU AA 17 50.82 -29.09 -11.39
C LEU AA 17 50.09 -27.75 -11.47
N LEU AA 18 50.51 -26.92 -12.41
CA LEU AA 18 49.92 -25.62 -12.67
C LEU AA 18 49.23 -25.68 -14.02
N LYS AA 19 47.92 -25.53 -14.02
CA LYS AA 19 47.17 -25.56 -15.25
C LYS AA 19 46.48 -24.23 -15.47
N SER AA 20 46.15 -23.97 -16.73
CA SER AA 20 45.33 -22.84 -17.09
C SER AA 20 44.32 -23.29 -18.14
N VAL AA 21 43.20 -22.59 -18.18
CA VAL AA 21 42.14 -22.88 -19.13
C VAL AA 21 42.07 -21.75 -20.13
N GLU AA 22 41.95 -22.12 -21.40
CA GLU AA 22 41.78 -21.16 -22.49
C GLU AA 22 40.48 -21.57 -23.18
N THR AA 23 39.37 -21.02 -22.69
CA THR AA 23 38.07 -21.47 -23.17
C THR AA 23 37.92 -21.24 -24.66
N ILE AA 24 37.23 -22.17 -25.31
CA ILE AA 24 36.95 -22.09 -26.74
C ILE AA 24 35.45 -22.25 -26.90
N ARG AA 25 34.88 -21.48 -27.82
CA ARG AA 25 33.44 -21.50 -27.97
C ARG AA 25 33.09 -21.34 -29.44
N VAL AA 26 32.13 -22.14 -29.90
CA VAL AA 26 31.53 -21.92 -31.20
C VAL AA 26 30.03 -21.99 -31.04
N ASP AA 27 29.34 -21.04 -31.67
CA ASP AA 27 27.89 -20.91 -31.54
C ASP AA 27 27.49 -20.98 -30.06
N PHE AA 28 28.35 -20.44 -29.22
CA PHE AA 28 28.12 -20.32 -27.78
C PHE AA 28 27.96 -21.69 -27.11
N VAL AA 29 28.86 -22.61 -27.46
CA VAL AA 29 28.93 -23.89 -26.79
C VAL AA 29 30.31 -24.02 -26.18
N ASP AA 30 30.36 -24.36 -24.89
CA ASP AA 30 31.59 -24.25 -24.12
C ASP AA 30 32.44 -25.51 -24.30
N ASP AA 31 33.69 -25.33 -24.71
CA ASP AA 31 34.70 -26.37 -24.60
C ASP AA 31 35.92 -25.73 -23.96
N ILE AA 32 36.74 -26.54 -23.30
CA ILE AA 32 37.89 -26.02 -22.60
C ILE AA 32 39.09 -26.92 -22.85
N ILE AA 33 40.08 -26.41 -23.59
CA ILE AA 33 41.38 -27.06 -23.65
C ILE AA 33 42.08 -26.74 -22.35
N ILE AA 34 43.17 -27.45 -22.06
CA ILE AA 34 43.89 -27.27 -20.82
C ILE AA 34 45.36 -27.07 -21.15
N THR AA 35 46.07 -26.38 -20.26
CA THR AA 35 47.52 -26.30 -20.35
C THR AA 35 48.08 -26.61 -18.98
N ALA AA 36 48.79 -27.72 -18.87
CA ALA AA 36 49.31 -28.19 -17.59
C ALA AA 36 50.83 -28.24 -17.65
N THR AA 37 51.48 -27.77 -16.58
CA THR AA 37 52.92 -27.77 -16.48
C THR AA 37 53.34 -28.20 -15.08
N PRO AA 38 54.42 -28.97 -14.95
CA PRO AA 38 54.95 -29.30 -13.62
C PRO AA 38 55.77 -28.15 -13.10
N ILE AA 39 55.33 -27.52 -12.02
CA ILE AA 39 55.99 -26.31 -11.56
C ILE AA 39 56.39 -26.48 -10.12
N ARG AA 40 57.40 -25.72 -9.71
CA ARG AA 40 57.86 -25.75 -8.34
C ARG AA 40 56.86 -24.94 -7.51
N ALA AA 41 56.76 -25.26 -6.22
CA ALA AA 41 55.97 -24.37 -5.36
C ALA AA 41 56.24 -24.69 -3.91
N VAL AA 42 55.53 -23.97 -3.04
CA VAL AA 42 55.42 -24.32 -1.63
C VAL AA 42 53.99 -24.02 -1.20
N VAL AA 43 53.43 -24.89 -0.35
CA VAL AA 43 52.04 -24.83 0.03
C VAL AA 43 51.91 -24.72 1.55
N GLN AA 44 51.08 -23.79 1.99
CA GLN AA 44 50.58 -23.69 3.35
C GLN AA 44 49.07 -23.52 3.26
N VAL AA 45 48.39 -23.71 4.36
CA VAL AA 45 46.96 -23.47 4.37
C VAL AA 45 46.73 -21.98 4.44
N ALA AA 46 45.62 -21.52 3.85
CA ALA AA 46 45.42 -20.10 3.63
C ALA AA 46 44.31 -19.53 4.51
N ASP AA 47 43.09 -20.04 4.36
CA ASP AA 47 42.03 -19.80 5.32
C ASP AA 47 41.66 -21.15 5.90
N LYS AA 48 41.80 -21.27 7.21
CA LYS AA 48 41.51 -22.52 7.89
C LYS AA 48 40.15 -23.03 7.42
N LYS AA 49 40.14 -24.18 6.77
CA LYS AA 49 39.00 -24.58 5.95
C LYS AA 49 37.82 -24.96 6.83
N LYS AA 50 36.78 -24.13 6.79
CA LYS AA 50 35.62 -24.28 7.65
C LYS AA 50 34.47 -24.94 6.91
N LEU AA 51 33.34 -25.06 7.58
CA LEU AA 51 32.13 -25.62 7.00
C LEU AA 51 31.08 -24.52 6.97
N ASN AA 52 30.74 -24.04 5.79
CA ASN AA 52 29.70 -23.04 5.69
C ASN AA 52 28.32 -23.67 5.73
N LEU AA 53 27.33 -22.85 6.02
CA LEU AA 53 25.95 -23.29 6.14
C LEU AA 53 25.16 -22.80 4.94
N ASP AA 54 24.34 -23.69 4.39
CA ASP AA 54 23.46 -23.35 3.30
C ASP AA 54 22.35 -24.38 3.30
N SER AA 55 21.60 -24.45 2.19
CA SER AA 55 20.68 -25.55 2.01
C SER AA 55 21.41 -26.87 2.20
N LEU AA 56 22.62 -26.96 1.67
CA LEU AA 56 23.53 -28.05 1.93
C LEU AA 56 24.86 -27.48 2.37
N ASP AA 57 25.47 -28.09 3.38
CA ASP AA 57 26.76 -27.59 3.83
C ASP AA 57 27.81 -27.87 2.78
N TRP AA 58 28.79 -26.99 2.69
CA TRP AA 58 29.87 -27.12 1.73
C TRP AA 58 31.15 -26.59 2.36
N SER AA 59 32.26 -27.02 1.80
CA SER AA 59 33.54 -26.59 2.32
C SER AA 59 34.57 -26.67 1.21
N LYS AA 60 35.40 -25.65 1.09
CA LYS AA 60 36.45 -25.64 0.07
C LYS AA 60 37.77 -25.38 0.76
N GLN AA 61 38.73 -26.27 0.56
CA GLN AA 61 40.03 -26.12 1.18
C GLN AA 61 40.76 -24.93 0.58
N TYR AA 62 41.53 -24.26 1.40
CA TYR AA 62 42.30 -23.10 1.00
C TYR AA 62 43.78 -23.42 1.13
N ILE AA 63 44.55 -23.15 0.08
CA ILE AA 63 46.00 -23.29 0.12
C ILE AA 63 46.56 -22.01 -0.47
N TRP AA 64 47.79 -21.66 -0.07
CA TRP AA 64 48.35 -20.44 -0.65
C TRP AA 64 49.77 -20.75 -1.00
N VAL AA 65 50.04 -20.77 -2.29
CA VAL AA 65 51.29 -21.27 -2.80
C VAL AA 65 52.22 -20.10 -3.07
N HIS AA 66 53.50 -20.38 -2.96
CA HIS AA 66 54.55 -19.54 -3.50
C HIS AA 66 55.26 -20.28 -4.61
N SER AA 67 55.77 -19.52 -5.56
CA SER AA 67 56.63 -20.12 -6.57
C SER AA 67 57.48 -19.05 -7.22
N GLY AA 68 58.57 -19.50 -7.82
CA GLY AA 68 59.36 -18.61 -8.63
C GLY AA 68 58.76 -18.35 -9.99
N SER AA 69 57.76 -19.12 -10.40
CA SER AA 69 57.13 -18.94 -11.70
C SER AA 69 55.84 -18.15 -11.57
N LYS AA 70 55.56 -17.38 -12.60
CA LYS AA 70 54.42 -16.47 -12.54
C LYS AA 70 53.13 -17.26 -12.55
N MET AA 71 52.13 -16.77 -11.83
CA MET AA 71 50.87 -17.47 -11.67
C MET AA 71 49.74 -16.47 -11.82
N GLU AA 72 49.05 -16.51 -12.95
CA GLU AA 72 47.90 -15.65 -13.18
C GLU AA 72 46.68 -16.19 -12.44
N ILE AA 73 45.67 -15.33 -12.27
CA ILE AA 73 44.48 -15.72 -11.53
C ILE AA 73 43.79 -16.89 -12.21
N GLY AA 74 43.50 -16.75 -13.49
CA GLY AA 74 42.74 -17.77 -14.16
C GLY AA 74 43.55 -19.01 -14.38
N GLN AA 75 44.13 -19.54 -13.31
CA GLN AA 75 44.87 -20.78 -13.36
C GLN AA 75 44.57 -21.60 -12.12
N PHE AA 76 44.67 -22.91 -12.27
CA PHE AA 76 44.46 -23.85 -11.19
C PHE AA 76 45.79 -24.47 -10.80
N ILE AA 77 45.84 -24.97 -9.57
CA ILE AA 77 47.01 -25.64 -9.03
C ILE AA 77 46.55 -26.90 -8.33
N GLU AA 78 47.01 -28.05 -8.81
CA GLU AA 78 46.71 -29.31 -8.14
C GLU AA 78 47.94 -29.79 -7.40
N TRP AA 79 47.80 -30.10 -6.12
CA TRP AA 79 48.92 -30.66 -5.40
C TRP AA 79 48.65 -32.04 -4.84
N HIS AA 80 47.46 -32.32 -4.30
CA HIS AA 80 47.18 -33.67 -3.87
C HIS AA 80 46.08 -34.35 -4.69
N GLY AA 81 44.87 -33.86 -4.64
CA GLY AA 81 43.80 -34.62 -5.26
C GLY AA 81 42.69 -33.74 -5.81
N LYS AA 82 42.92 -32.44 -5.80
CA LYS AA 82 41.87 -31.53 -6.20
C LYS AA 82 42.47 -30.17 -6.50
N ASP AA 83 42.26 -29.67 -7.71
CA ASP AA 83 42.88 -28.42 -8.09
C ASP AA 83 42.25 -27.25 -7.34
N PHE AA 84 43.02 -26.19 -7.21
CA PHE AA 84 42.66 -24.99 -6.50
C PHE AA 84 42.71 -23.81 -7.45
N LYS AA 85 41.62 -23.06 -7.53
CA LYS AA 85 41.61 -21.86 -8.35
C LYS AA 85 42.37 -20.76 -7.62
N LEU AA 86 43.23 -20.08 -8.36
CA LEU AA 86 44.17 -19.15 -7.77
C LEU AA 86 43.45 -17.81 -7.74
N VAL AA 87 42.64 -17.59 -6.72
CA VAL AA 87 41.62 -16.55 -6.75
C VAL AA 87 41.99 -15.34 -5.92
N ALA AA 88 42.54 -15.55 -4.73
CA ALA AA 88 42.46 -14.53 -3.71
C ALA AA 88 43.81 -14.29 -3.05
N ALA AA 89 43.91 -13.13 -2.42
CA ALA AA 89 45.03 -12.73 -1.58
C ALA AA 89 46.36 -13.05 -2.22
N GLY AA 90 46.42 -13.01 -3.54
CA GLY AA 90 47.66 -13.23 -4.22
C GLY AA 90 48.43 -11.95 -4.39
N ASP AA 91 49.74 -12.09 -4.54
CA ASP AA 91 50.62 -10.95 -4.65
C ASP AA 91 51.87 -11.36 -5.41
N ASP AA 92 52.33 -10.48 -6.28
CA ASP AA 92 53.42 -10.76 -7.19
C ASP AA 92 54.68 -9.98 -6.84
N TYR AA 93 55.54 -10.58 -6.01
CA TYR AA 93 56.89 -10.06 -5.90
C TYR AA 93 57.73 -10.56 -7.05
N SER AA 94 57.20 -10.40 -8.27
CA SER AA 94 57.87 -10.89 -9.45
C SER AA 94 59.23 -10.24 -9.59
N ASP AA 95 59.29 -8.93 -9.41
CA ASP AA 95 60.57 -8.25 -9.40
C ASP AA 95 61.42 -8.66 -8.20
N TYR AA 96 60.81 -9.19 -7.15
CA TYR AA 96 61.56 -9.72 -6.03
C TYR AA 96 61.79 -11.22 -6.14
N GLY AA 97 61.35 -11.83 -7.23
CA GLY AA 97 61.75 -13.19 -7.53
C GLY AA 97 60.75 -14.27 -7.17
N TYR AA 98 59.52 -13.92 -6.78
CA TYR AA 98 58.51 -14.94 -6.55
C TYR AA 98 57.13 -14.32 -6.50
N ASN AA 99 56.13 -15.19 -6.42
CA ASN AA 99 54.76 -14.74 -6.25
C ASN AA 99 53.97 -15.77 -5.46
N ALA AA 100 52.84 -15.31 -4.92
CA ALA AA 100 52.04 -16.08 -3.99
C ALA AA 100 50.57 -15.90 -4.33
N TRP AA 101 49.76 -16.86 -3.90
CA TRP AA 101 48.32 -16.78 -4.12
C TRP AA 101 47.61 -17.66 -3.10
N TYR AA 102 46.39 -17.27 -2.74
CA TYR AA 102 45.53 -18.22 -2.05
C TYR AA 102 44.97 -19.20 -3.08
N GLY AA 103 44.23 -20.20 -2.60
CA GLY AA 103 43.65 -21.17 -3.52
C GLY AA 103 42.27 -21.67 -3.13
N GLU AA 104 41.43 -21.93 -4.12
CA GLU AA 104 40.07 -22.41 -3.89
C GLU AA 104 39.89 -23.75 -4.58
N GLU AA 105 39.66 -24.78 -3.80
CA GLU AA 105 39.41 -26.09 -4.40
C GLU AA 105 38.14 -26.02 -5.22
N THR AA 106 38.25 -26.26 -6.50
CA THR AA 106 37.09 -26.39 -7.36
C THR AA 106 36.55 -27.77 -7.12
N LEU AA 107 35.41 -27.86 -6.46
CA LEU AA 107 34.86 -29.17 -6.14
C LEU AA 107 34.59 -30.00 -7.37
N LYS AA 108 34.71 -29.43 -8.55
CA LYS AA 108 34.68 -30.18 -9.79
C LYS AA 108 35.89 -31.12 -9.83
N PRO AA 109 35.81 -32.22 -10.57
CA PRO AA 109 36.97 -33.10 -10.66
C PRO AA 109 38.08 -32.42 -11.44
N VAL AA 110 39.30 -32.93 -11.26
CA VAL AA 110 40.45 -32.19 -11.73
C VAL AA 110 40.53 -32.24 -13.25
N LEU AA 111 40.89 -31.10 -13.84
CA LEU AA 111 40.88 -30.93 -15.28
C LEU AA 111 42.10 -31.62 -15.87
N VAL AA 112 41.93 -32.87 -16.29
CA VAL AA 112 43.06 -33.63 -16.80
C VAL AA 112 43.42 -33.18 -18.21
N SER AA 113 42.54 -33.41 -19.18
CA SER AA 113 42.75 -32.90 -20.52
C SER AA 113 41.51 -32.30 -21.16
N SER AA 114 40.32 -32.76 -20.80
CA SER AA 114 39.08 -32.40 -21.48
C SER AA 114 39.23 -32.48 -23.00
N MET BA 1 66.72 18.89 12.86
CA MET BA 1 67.01 18.24 11.59
C MET BA 1 66.00 17.14 11.33
N LEU BA 2 65.16 17.36 10.35
CA LEU BA 2 64.14 16.36 10.02
C LEU BA 2 64.80 15.09 9.52
N PRO BA 3 64.41 13.92 10.02
CA PRO BA 3 64.97 12.69 9.49
C PRO BA 3 64.61 12.55 8.03
N ASN BA 4 65.50 11.91 7.27
CA ASN BA 4 65.34 11.83 5.83
C ASN BA 4 65.53 10.38 5.40
N MET BA 5 64.43 9.68 5.15
CA MET BA 5 64.48 8.29 4.73
C MET BA 5 65.01 8.13 3.31
N ARG BA 6 65.39 9.22 2.65
CA ARG BA 6 65.77 9.18 1.24
C ARG BA 6 66.89 8.17 0.98
N SER BA 7 67.99 8.29 1.72
CA SER BA 7 69.10 7.35 1.52
C SER BA 7 68.67 5.93 1.80
N ALA BA 8 67.71 5.74 2.69
CA ALA BA 8 67.16 4.42 2.95
C ALA BA 8 66.17 4.00 1.89
N LEU BA 9 66.11 4.70 0.77
CA LEU BA 9 65.21 4.35 -0.30
C LEU BA 9 65.93 4.03 -1.60
N LYS BA 10 67.21 4.36 -1.71
CA LYS BA 10 67.91 4.20 -2.98
C LYS BA 10 68.13 2.74 -3.32
N MET BA 11 68.61 1.95 -2.37
CA MET BA 11 68.91 0.54 -2.62
C MET BA 11 67.77 -0.20 -3.30
N PHE BA 12 66.54 0.06 -2.87
CA PHE BA 12 65.41 -0.71 -3.33
C PHE BA 12 64.80 -0.13 -4.59
N GLU BA 13 65.49 0.77 -5.26
CA GLU BA 13 64.87 1.52 -6.33
C GLU BA 13 64.47 0.63 -7.50
N GLN BA 14 63.84 1.27 -8.47
CA GLN BA 14 63.45 0.66 -9.73
C GLN BA 14 63.02 1.80 -10.63
N SER BA 15 63.35 1.66 -11.91
CA SER BA 15 62.89 2.62 -12.90
C SER BA 15 61.41 2.42 -13.15
N VAL BA 16 60.72 3.52 -13.44
CA VAL BA 16 59.28 3.49 -13.55
C VAL BA 16 58.87 4.78 -14.22
N LEU BA 17 57.73 4.79 -14.91
CA LEU BA 17 57.25 6.02 -15.52
C LEU BA 17 56.11 6.59 -14.71
N LEU BA 18 56.18 7.90 -14.45
CA LEU BA 18 55.18 8.64 -13.71
C LEU BA 18 54.50 9.57 -14.70
N LYS BA 19 53.21 9.37 -14.92
CA LYS BA 19 52.48 10.22 -15.83
C LYS BA 19 51.36 10.92 -15.07
N SER BA 20 50.91 12.03 -15.65
CA SER BA 20 49.74 12.73 -15.17
C SER BA 20 48.92 13.15 -16.37
N VAL BA 21 47.62 13.30 -16.14
CA VAL BA 21 46.68 13.70 -17.18
C VAL BA 21 46.19 15.09 -16.85
N GLU BA 22 46.15 15.95 -17.87
CA GLU BA 22 45.62 17.30 -17.76
C GLU BA 22 44.52 17.39 -18.80
N THR BA 23 43.32 17.02 -18.40
CA THR BA 23 42.22 16.90 -19.36
C THR BA 23 41.96 18.23 -20.04
N ILE BA 24 41.60 18.16 -21.32
CA ILE BA 24 41.25 19.32 -22.11
C ILE BA 24 39.90 19.05 -22.73
N ARG BA 25 39.06 20.08 -22.78
CA ARG BA 25 37.71 19.89 -23.26
C ARG BA 25 37.28 21.11 -24.04
N VAL BA 26 36.63 20.89 -25.17
CA VAL BA 26 35.94 21.96 -25.88
C VAL BA 26 34.56 21.46 -26.25
N ASP BA 27 33.56 22.31 -26.02
CA ASP BA 27 32.16 21.95 -26.24
C ASP BA 27 31.86 20.60 -25.60
N PHE BA 28 32.53 20.35 -24.46
CA PHE BA 28 32.32 19.15 -23.65
C PHE BA 28 32.66 17.88 -24.42
N VAL BA 29 33.80 17.89 -25.08
CA VAL BA 29 34.34 16.70 -25.72
C VAL BA 29 35.71 16.42 -25.11
N ASP BA 30 35.91 15.20 -24.66
CA ASP BA 30 37.07 14.88 -23.83
C ASP BA 30 38.28 14.57 -24.69
N ASP BA 31 39.39 15.29 -24.44
CA ASP BA 31 40.69 14.89 -24.94
C ASP BA 31 41.64 14.95 -23.75
N ILE BA 32 42.72 14.18 -23.81
CA ILE BA 32 43.65 14.10 -22.69
C ILE BA 32 45.07 14.11 -23.23
N ILE BA 33 45.79 15.20 -22.97
CA ILE BA 33 47.23 15.21 -23.17
C ILE BA 33 47.84 14.43 -22.01
N ILE BA 34 49.11 14.08 -22.13
CA ILE BA 34 49.77 13.28 -21.11
C ILE BA 34 51.07 13.99 -20.74
N THR BA 35 51.53 13.76 -19.51
CA THR BA 35 52.86 14.19 -19.11
C THR BA 35 53.55 13.01 -18.45
N ALA BA 36 54.61 12.50 -19.09
CA ALA BA 36 55.30 11.32 -18.61
C ALA BA 36 56.74 11.66 -18.28
N THR BA 37 57.22 11.16 -17.15
CA THR BA 37 58.59 11.39 -16.71
C THR BA 37 59.18 10.09 -16.16
N PRO BA 38 60.46 9.85 -16.41
CA PRO BA 38 61.11 8.67 -15.81
C PRO BA 38 61.53 9.00 -14.38
N ILE BA 39 60.92 8.32 -13.42
CA ILE BA 39 61.15 8.69 -12.03
C ILE BA 39 61.64 7.48 -11.27
N ARG BA 40 62.34 7.74 -10.17
CA ARG BA 40 62.83 6.69 -9.31
C ARG BA 40 61.66 6.17 -8.49
N ALA BA 41 61.72 4.91 -8.06
CA ALA BA 41 60.71 4.48 -7.11
C ALA BA 41 61.11 3.16 -6.48
N VAL BA 42 60.24 2.65 -5.62
CA VAL BA 42 60.30 1.27 -5.16
C VAL BA 42 58.88 0.75 -5.07
N VAL BA 43 58.69 -0.52 -5.44
CA VAL BA 43 57.37 -1.11 -5.57
C VAL BA 43 57.28 -2.36 -4.68
N GLN BA 44 56.20 -2.45 -3.93
CA GLN BA 44 55.74 -3.63 -3.22
C GLN BA 44 54.27 -3.80 -3.55
N VAL BA 45 53.74 -4.97 -3.28
CA VAL BA 45 52.30 -5.16 -3.48
C VAL BA 45 51.58 -4.53 -2.31
N ALA BA 46 50.37 -4.03 -2.56
CA ALA BA 46 49.68 -3.18 -1.62
C ALA BA 46 48.47 -3.87 -0.99
N ASP BA 47 47.50 -4.28 -1.80
CA ASP BA 47 46.46 -5.19 -1.36
C ASP BA 47 46.59 -6.44 -2.21
N LYS BA 48 46.82 -7.56 -1.56
CA LYS BA 48 47.01 -8.82 -2.25
C LYS BA 48 45.89 -8.98 -3.27
N LYS BA 49 46.25 -9.02 -4.55
CA LYS BA 49 45.28 -8.79 -5.61
C LYS BA 49 44.34 -9.97 -5.75
N LYS BA 50 43.08 -9.76 -5.40
CA LYS BA 50 42.08 -10.80 -5.34
C LYS BA 50 41.20 -10.77 -6.59
N LEU BA 51 40.20 -11.63 -6.62
CA LEU BA 51 39.24 -11.70 -7.70
C LEU BA 51 37.87 -11.36 -7.13
N ASN BA 52 37.35 -10.19 -7.49
CA ASN BA 52 36.02 -9.83 -7.03
C ASN BA 52 34.95 -10.49 -7.88
N LEU BA 53 33.74 -10.52 -7.34
CA LEU BA 53 32.60 -11.15 -7.98
C LEU BA 53 31.65 -10.08 -8.48
N ASP BA 54 31.17 -10.25 -9.69
CA ASP BA 54 30.17 -9.36 -10.26
C ASP BA 54 29.49 -10.12 -11.38
N SER BA 55 28.76 -9.39 -12.23
CA SER BA 55 28.28 -10.00 -13.46
C SER BA 55 29.43 -10.66 -14.20
N LEU BA 56 30.58 -9.99 -14.24
CA LEU BA 56 31.81 -10.58 -14.72
C LEU BA 56 32.88 -10.36 -13.66
N ASP BA 57 33.70 -11.37 -13.43
CA ASP BA 57 34.76 -11.22 -12.45
C ASP BA 57 35.80 -10.25 -12.96
N TRP BA 58 36.42 -9.51 -12.03
CA TRP BA 58 37.44 -8.55 -12.39
C TRP BA 58 38.47 -8.52 -11.28
N SER BA 59 39.65 -8.03 -11.63
CA SER BA 59 40.72 -7.96 -10.65
C SER BA 59 41.66 -6.84 -11.06
N LYS BA 60 42.10 -6.06 -10.09
CA LYS BA 60 43.02 -4.97 -10.36
C LYS BA 60 44.21 -5.13 -9.42
N GLN BA 61 45.40 -5.20 -9.99
CA GLN BA 61 46.59 -5.35 -9.17
C GLN BA 61 46.85 -4.09 -8.37
N TYR BA 62 47.38 -4.28 -7.16
CA TYR BA 62 47.68 -3.18 -6.27
C TYR BA 62 49.19 -3.14 -6.06
N ILE BA 63 49.77 -1.95 -6.21
CA ILE BA 63 51.18 -1.74 -5.91
C ILE BA 63 51.25 -0.48 -5.07
N TRP BA 64 52.29 -0.36 -4.24
CA TRP BA 64 52.37 0.85 -3.44
C TRP BA 64 53.81 1.31 -3.50
N VAL BA 65 54.02 2.43 -4.15
CA VAL BA 65 55.34 2.89 -4.49
C VAL BA 65 55.79 3.89 -3.46
N HIS BA 66 57.11 3.95 -3.28
CA HIS BA 66 57.78 5.05 -2.63
C HIS BA 66 58.67 5.75 -3.64
N SER BA 67 58.84 7.06 -3.42
CA SER BA 67 59.80 7.78 -4.22
C SER BA 67 60.21 9.05 -3.50
N GLY BA 68 61.37 9.56 -3.89
CA GLY BA 68 61.77 10.86 -3.43
C GLY BA 68 61.07 12.00 -4.12
N SER BA 69 60.37 11.72 -5.22
CA SER BA 69 59.68 12.76 -5.96
C SER BA 69 58.21 12.77 -5.61
N LYS BA 70 57.63 13.96 -5.64
CA LYS BA 70 56.26 14.13 -5.19
C LYS BA 70 55.31 13.45 -6.18
N MET BA 71 54.24 12.89 -5.66
CA MET BA 71 53.30 12.11 -6.46
C MET BA 71 51.88 12.50 -6.05
N GLU BA 72 51.21 13.27 -6.88
CA GLU BA 72 49.83 13.63 -6.64
C GLU BA 72 48.89 12.49 -6.99
N ILE BA 73 47.67 12.56 -6.49
CA ILE BA 73 46.72 11.48 -6.71
C ILE BA 73 46.44 11.31 -8.18
N GLY BA 74 46.07 12.39 -8.86
CA GLY BA 74 45.67 12.27 -10.24
C GLY BA 74 46.86 12.00 -11.13
N GLN BA 75 47.63 10.96 -10.80
CA GLN BA 75 48.75 10.54 -11.62
C GLN BA 75 48.79 9.03 -11.67
N PHE BA 76 49.33 8.51 -12.76
CA PHE BA 76 49.50 7.09 -12.96
C PHE BA 76 50.97 6.74 -12.89
N ILE BA 77 51.24 5.47 -12.60
CA ILE BA 77 52.59 4.95 -12.51
C ILE BA 77 52.62 3.63 -13.26
N GLU BA 78 53.43 3.54 -14.32
CA GLU BA 78 53.60 2.28 -15.02
C GLU BA 78 54.95 1.70 -14.66
N TRP BA 79 54.97 0.43 -14.25
CA TRP BA 79 56.25 -0.21 -13.99
C TRP BA 79 56.49 -1.43 -14.85
N HIS BA 80 55.49 -2.27 -15.09
CA HIS BA 80 55.71 -3.38 -16.01
C HIS BA 80 54.89 -3.28 -17.29
N GLY BA 81 53.57 -3.34 -17.20
CA GLY BA 81 52.80 -3.44 -18.42
C GLY BA 81 51.45 -2.77 -18.32
N LYS BA 82 51.22 -2.08 -17.22
CA LYS BA 82 49.90 -1.51 -17.01
C LYS BA 82 49.99 -0.44 -15.94
N ASP BA 83 49.57 0.77 -16.27
CA ASP BA 83 49.71 1.86 -15.31
C ASP BA 83 48.74 1.68 -14.15
N PHE BA 84 49.11 2.28 -13.03
CA PHE BA 84 48.38 2.21 -11.78
C PHE BA 84 47.99 3.61 -11.36
N LYS BA 85 46.70 3.81 -11.10
CA LYS BA 85 46.25 5.09 -10.60
C LYS BA 85 46.62 5.21 -9.13
N LEU BA 86 47.15 6.36 -8.76
CA LEU BA 86 47.74 6.55 -7.44
C LEU BA 86 46.60 7.03 -6.57
N VAL BA 87 45.81 6.11 -6.04
CA VAL BA 87 44.50 6.44 -5.51
C VAL BA 87 44.46 6.43 -4.00
N ALA BA 88 45.09 5.45 -3.37
CA ALA BA 88 44.70 5.10 -2.01
C ALA BA 88 45.92 4.97 -1.11
N ALA BA 89 45.63 5.05 0.19
CA ALA BA 89 46.59 4.80 1.26
C ALA BA 89 47.92 5.46 1.01
N GLY BA 90 47.91 6.59 0.35
CA GLY BA 90 49.11 7.33 0.12
C GLY BA 90 49.39 8.29 1.26
N ASP BA 91 50.66 8.62 1.41
CA ASP BA 91 51.09 9.48 2.48
C ASP BA 91 52.38 10.19 2.08
N ASP BA 92 52.47 11.46 2.43
CA ASP BA 92 53.57 12.31 1.99
C ASP BA 92 54.49 12.69 3.15
N TYR BA 93 55.53 11.89 3.35
CA TYR BA 93 56.61 12.35 4.19
C TYR BA 93 57.54 13.24 3.38
N SER BA 94 56.93 14.22 2.71
CA SER BA 94 57.70 15.11 1.85
C SER BA 94 58.74 15.85 2.65
N ASP BA 95 58.35 16.37 3.81
CA ASP BA 95 59.33 16.99 4.69
C ASP BA 95 60.30 15.97 5.24
N TYR BA 96 59.95 14.69 5.24
CA TYR BA 96 60.88 13.65 5.64
C TYR BA 96 61.61 13.04 4.46
N GLY BA 97 61.37 13.54 3.25
CA GLY BA 97 62.18 13.19 2.12
C GLY BA 97 61.64 12.12 1.19
N TYR BA 98 60.38 11.71 1.35
CA TYR BA 98 59.80 10.79 0.40
C TYR BA 98 58.28 10.76 0.54
N ASN BA 99 57.65 10.02 -0.37
CA ASN BA 99 56.22 9.81 -0.28
C ASN BA 99 55.86 8.46 -0.87
N ALA BA 100 54.66 8.00 -0.51
CA ALA BA 100 54.21 6.65 -0.84
C ALA BA 100 52.76 6.71 -1.27
N TRP BA 101 52.35 5.69 -2.02
CA TRP BA 101 50.96 5.59 -2.46
C TRP BA 101 50.63 4.15 -2.78
N TYR BA 102 49.37 3.77 -2.60
CA TYR BA 102 48.91 2.53 -3.21
C TYR BA 102 48.69 2.76 -4.70
N GLY BA 103 48.36 1.70 -5.43
CA GLY BA 103 48.12 1.85 -6.86
C GLY BA 103 47.01 0.97 -7.41
N GLU BA 104 46.27 1.49 -8.38
CA GLU BA 104 45.17 0.76 -9.00
C GLU BA 104 45.43 0.62 -10.49
N GLU BA 105 45.60 -0.62 -10.95
CA GLU BA 105 45.80 -0.81 -12.37
C GLU BA 105 44.54 -0.37 -13.10
N THR BA 106 44.69 0.61 -13.97
CA THR BA 106 43.61 1.00 -14.84
C THR BA 106 43.59 -0.01 -15.97
N LEU BA 107 42.57 -0.87 -15.97
CA LEU BA 107 42.53 -1.92 -16.98
C LEU BA 107 42.50 -1.36 -18.40
N LYS BA 108 42.37 -0.05 -18.55
CA LYS BA 108 42.56 0.58 -19.84
C LYS BA 108 44.01 0.42 -20.28
N PRO BA 109 44.28 0.47 -21.57
CA PRO BA 109 45.67 0.35 -22.01
C PRO BA 109 46.45 1.58 -21.61
N VAL BA 110 47.78 1.44 -21.59
CA VAL BA 110 48.60 2.46 -20.95
C VAL BA 110 48.62 3.72 -21.79
N LEU BA 111 48.54 4.87 -21.13
CA LEU BA 111 48.42 6.16 -21.78
C LEU BA 111 49.78 6.57 -22.32
N VAL BA 112 50.03 6.26 -23.59
CA VAL BA 112 51.34 6.55 -24.17
C VAL BA 112 51.46 8.03 -24.49
N SER BA 113 50.68 8.52 -25.44
CA SER BA 113 50.65 9.96 -25.71
C SER BA 113 49.26 10.52 -25.93
N SER BA 114 48.31 9.72 -26.40
CA SER BA 114 47.00 10.20 -26.83
C SER BA 114 47.11 11.46 -27.68
N MET CA 1 56.40 13.55 40.01
CA MET CA 1 56.85 14.34 38.88
C MET CA 1 56.29 13.77 37.59
N LEU CA 2 55.38 14.51 36.98
CA LEU CA 2 54.77 14.06 35.75
C LEU CA 2 55.82 13.98 34.64
N PRO CA 3 55.88 12.88 33.89
CA PRO CA 3 56.81 12.82 32.78
C PRO CA 3 56.48 13.88 31.77
N ASN CA 4 57.50 14.40 31.10
CA ASN CA 4 57.33 15.52 30.19
C ASN CA 4 58.00 15.19 28.87
N MET CA 5 57.20 14.79 27.87
CA MET CA 5 57.73 14.46 26.56
C MET CA 5 58.23 15.68 25.79
N ARG CA 6 58.17 16.88 26.39
CA ARG CA 6 58.49 18.11 25.69
C ARG CA 6 59.88 18.06 25.06
N SER CA 7 60.89 17.74 25.86
CA SER CA 7 62.25 17.68 25.32
C SER CA 7 62.37 16.63 24.23
N ALA CA 8 61.57 15.59 24.31
CA ALA CA 8 61.53 14.59 23.25
C ALA CA 8 60.71 15.03 22.07
N LEU CA 9 60.37 16.31 22.00
CA LEU CA 9 59.61 16.83 20.88
C LEU CA 9 60.35 17.89 20.11
N LYS CA 10 61.43 18.44 20.66
CA LYS CA 10 62.08 19.58 20.03
C LYS CA 10 62.80 19.18 18.75
N MET CA 11 63.55 18.08 18.78
CA MET CA 11 64.32 17.65 17.60
C MET CA 11 63.49 17.58 16.34
N PHE CA 12 62.27 17.08 16.45
CA PHE CA 12 61.45 16.83 15.28
C PHE CA 12 60.64 18.04 14.87
N GLU CA 13 60.95 19.21 15.39
CA GLU CA 13 60.07 20.35 15.24
C GLU CA 13 59.97 20.78 13.78
N GLN CA 14 59.11 21.76 13.57
CA GLN CA 14 58.90 22.42 12.29
C GLN CA 14 58.09 23.66 12.57
N SER CA 15 58.39 24.73 11.85
CA SER CA 15 57.59 25.93 11.94
C SER CA 15 56.26 25.71 11.23
N VAL CA 16 55.22 26.36 11.74
CA VAL CA 16 53.88 26.11 11.27
C VAL CA 16 53.00 27.23 11.81
N LEU CA 17 51.92 27.55 11.12
CA LEU CA 17 51.03 28.58 11.62
C LEU CA 17 49.78 27.94 12.21
N LEU CA 18 49.41 28.40 13.39
CA LEU CA 18 48.22 27.94 14.12
C LEU CA 18 47.23 29.08 14.13
N LYS CA 19 46.09 28.88 13.48
CA LYS CA 19 45.06 29.90 13.46
C LYS CA 19 43.81 29.39 14.13
N SER CA 20 42.97 30.32 14.55
CA SER CA 20 41.66 30.02 15.04
C SER CA 20 40.69 31.05 14.49
N VAL CA 21 39.44 30.65 14.37
CA VAL CA 21 38.38 31.51 13.87
C VAL CA 21 37.43 31.84 15.01
N GLU CA 22 37.07 33.10 15.11
CA GLU CA 22 36.11 33.57 16.10
C GLU CA 22 35.00 34.24 15.29
N THR CA 23 34.01 33.45 14.89
CA THR CA 23 33.00 33.95 13.97
C THR CA 23 32.26 35.13 14.57
N ILE CA 24 31.91 36.08 13.71
CA ILE CA 24 31.14 37.25 14.09
C ILE CA 24 29.94 37.33 13.16
N ARG CA 25 28.80 37.70 13.72
CA ARG CA 25 27.59 37.71 12.93
C ARG CA 25 26.72 38.88 13.35
N VAL CA 26 26.15 39.58 12.38
CA VAL CA 26 25.11 40.55 12.64
C VAL CA 26 23.98 40.29 11.66
N ASP CA 27 22.76 40.31 12.18
CA ASP CA 27 21.57 40.01 11.39
C ASP CA 27 21.79 38.71 10.60
N PHE CA 28 22.53 37.79 11.21
CA PHE CA 28 22.78 36.47 10.66
C PHE CA 28 23.53 36.54 9.33
N VAL CA 29 24.57 37.36 9.29
CA VAL CA 29 25.47 37.41 8.14
C VAL CA 29 26.86 37.06 8.63
N ASP CA 30 27.51 36.11 7.98
CA ASP CA 30 28.73 35.51 8.49
C ASP CA 30 29.93 36.35 8.11
N ASP CA 31 30.73 36.74 9.11
CA ASP CA 31 32.08 37.24 8.89
C ASP CA 31 32.98 36.49 9.84
N ILE CA 32 34.26 36.39 9.49
CA ILE CA 32 35.20 35.63 10.30
C ILE CA 32 36.51 36.39 10.41
N ILE CA 33 36.80 36.89 11.61
CA ILE CA 33 38.14 37.38 11.90
C ILE CA 33 39.02 36.16 12.09
N ILE CA 34 40.33 36.35 12.10
CA ILE CA 34 41.28 35.26 12.22
C ILE CA 34 42.25 35.59 13.33
N THR CA 35 42.81 34.55 13.95
CA THR CA 35 43.91 34.74 14.88
C THR CA 35 45.00 33.74 14.49
N ALA CA 36 46.14 34.24 14.04
CA ALA CA 36 47.22 33.41 13.56
C ALA CA 36 48.46 33.62 14.41
N THR CA 37 49.13 32.53 14.77
CA THR CA 37 50.34 32.58 15.56
C THR CA 37 51.37 31.61 15.00
N PRO CA 38 52.65 31.97 15.03
CA PRO CA 38 53.70 31.03 14.62
C PRO CA 38 54.02 30.09 15.77
N ILE CA 39 53.73 28.81 15.60
CA ILE CA 39 53.86 27.89 16.72
C ILE CA 39 54.78 26.75 16.32
N ARG CA 40 55.37 26.13 17.33
CA ARG CA 40 56.23 24.99 17.10
C ARG CA 40 55.34 23.78 16.83
N ALA CA 41 55.85 22.80 16.09
CA ALA CA 41 55.10 21.55 16.00
C ALA CA 41 55.97 20.46 15.42
N VAL CA 42 55.36 19.29 15.23
CA VAL CA 42 55.92 18.22 14.43
C VAL CA 42 54.77 17.56 13.67
N VAL CA 43 55.03 17.19 12.42
CA VAL CA 43 53.99 16.70 11.52
C VAL CA 43 54.38 15.31 11.01
N GLN CA 44 53.42 14.40 11.06
CA GLN CA 44 53.44 13.11 10.39
C GLN CA 44 52.11 12.98 9.67
N VAL CA 45 52.02 12.04 8.76
CA VAL CA 45 50.76 11.78 8.09
C VAL CA 45 49.89 10.98 9.05
N ALA CA 46 48.59 11.17 8.95
CA ALA CA 46 47.67 10.65 9.96
C ALA CA 46 46.81 9.52 9.44
N ASP CA 47 46.01 9.77 8.40
CA ASP CA 47 45.37 8.71 7.63
C ASP CA 47 45.90 8.83 6.23
N LYS CA 48 46.53 7.75 5.76
CA LYS CA 48 47.12 7.73 4.44
C LYS CA 48 46.09 8.26 3.44
N LYS CA 49 46.40 9.38 2.81
CA LYS CA 49 45.38 10.18 2.14
C LYS CA 49 44.91 9.48 0.87
N LYS CA 50 43.66 9.02 0.89
CA LYS CA 50 43.10 8.22 -0.17
C LYS CA 50 42.22 9.09 -1.07
N LEU CA 51 41.58 8.45 -2.05
CA LEU CA 51 40.66 9.11 -2.97
C LEU CA 51 39.28 8.50 -2.75
N ASN CA 52 38.38 9.27 -2.17
CA ASN CA 52 37.02 8.78 -2.00
C ASN CA 52 36.22 8.91 -3.28
N LEU CA 53 35.12 8.17 -3.34
CA LEU CA 53 34.25 8.14 -4.51
C LEU CA 53 32.96 8.87 -4.19
N ASP CA 54 32.53 9.70 -5.13
CA ASP CA 54 31.27 10.40 -5.02
C ASP CA 54 30.85 10.80 -6.42
N SER CA 55 29.90 11.71 -6.52
CA SER CA 55 29.60 12.33 -7.80
C SER CA 55 30.89 12.86 -8.42
N LEU CA 56 31.72 13.49 -7.59
CA LEU CA 56 33.07 13.87 -7.98
C LEU CA 56 34.03 13.34 -6.94
N ASP CA 57 35.16 12.82 -7.38
CA ASP CA 57 36.13 12.31 -6.43
C ASP CA 57 36.75 13.46 -5.66
N TRP CA 58 37.10 13.19 -4.41
CA TRP CA 58 37.70 14.20 -3.55
C TRP CA 58 38.70 13.53 -2.64
N SER CA 59 39.62 14.32 -2.13
CA SER CA 59 40.63 13.79 -1.24
C SER CA 59 41.11 14.90 -0.33
N LYS CA 60 41.27 14.59 0.95
CA LYS CA 60 41.76 15.56 1.91
C LYS CA 60 42.95 14.97 2.64
N GLN CA 61 44.07 15.67 2.59
CA GLN CA 61 45.27 15.17 3.24
C GLN CA 61 45.10 15.20 4.74
N TYR CA 62 45.70 14.22 5.41
CA TYR CA 62 45.63 14.10 6.85
C TYR CA 62 47.03 14.28 7.41
N ILE CA 63 47.16 15.13 8.41
CA ILE CA 63 48.41 15.29 9.14
C ILE CA 63 48.06 15.25 10.62
N TRP CA 64 49.03 14.86 11.45
CA TRP CA 64 48.71 14.82 12.88
C TRP CA 64 49.89 15.42 13.59
N VAL CA 65 49.66 16.57 14.18
CA VAL CA 65 50.74 17.38 14.71
C VAL CA 65 50.85 17.14 16.20
N HIS CA 66 52.07 17.30 16.69
CA HIS CA 66 52.33 17.47 18.11
C HIS CA 66 52.86 18.86 18.35
N SER CA 67 52.58 19.37 19.54
CA SER CA 67 53.20 20.62 19.94
C SER CA 67 53.16 20.75 21.44
N GLY CA 68 54.05 21.59 21.96
CA GLY CA 68 54.00 21.96 23.34
C GLY CA 68 52.90 22.96 23.66
N SER CA 69 52.32 23.58 22.65
CA SER CA 69 51.28 24.57 22.88
C SER CA 69 49.91 23.95 22.67
N LYS CA 70 48.95 24.45 23.44
CA LYS CA 70 47.63 23.85 23.43
C LYS CA 70 46.95 24.12 22.10
N MET CA 71 46.15 23.16 21.64
CA MET CA 71 45.51 23.24 20.34
C MET CA 71 44.07 22.77 20.48
N GLU CA 72 43.14 23.71 20.44
CA GLU CA 72 41.73 23.39 20.49
C GLU CA 72 41.25 22.89 19.12
N ILE CA 73 40.09 22.23 19.13
CA ILE CA 73 39.57 21.66 17.89
C ILE CA 73 39.31 22.75 16.87
N GLY CA 74 38.56 23.77 17.25
CA GLY CA 74 38.19 24.77 16.28
C GLY CA 74 39.36 25.64 15.90
N GLN CA 75 40.45 25.02 15.48
CA GLN CA 75 41.62 25.73 15.01
C GLN CA 75 42.19 25.01 13.80
N PHE CA 76 42.83 25.78 12.94
CA PHE CA 76 43.49 25.28 11.75
C PHE CA 76 44.99 25.36 11.92
N ILE CA 77 45.70 24.54 11.15
CA ILE CA 77 47.14 24.49 11.16
C ILE CA 77 47.61 24.46 9.71
N GLU CA 78 48.35 25.47 9.29
CA GLU CA 78 48.94 25.46 7.96
C GLU CA 78 50.42 25.17 8.06
N TRP CA 79 50.90 24.20 7.30
CA TRP CA 79 52.32 23.94 7.29
C TRP CA 79 52.94 24.09 5.91
N HIS CA 80 52.30 23.64 4.85
CA HIS CA 80 52.85 23.90 3.52
C HIS CA 80 52.01 24.83 2.67
N GLY CA 81 50.79 24.43 2.32
CA GLY CA 81 50.07 25.23 1.36
C GLY CA 81 48.58 25.18 1.56
N LYS CA 82 48.16 24.57 2.65
CA LYS CA 82 46.73 24.39 2.85
C LYS CA 82 46.47 24.05 4.31
N ASP CA 83 45.65 24.84 4.97
CA ASP CA 83 45.43 24.63 6.39
C ASP CA 83 44.63 23.35 6.62
N PHE CA 84 44.81 22.81 7.82
CA PHE CA 84 44.19 21.57 8.25
C PHE CA 84 43.34 21.84 9.48
N LYS CA 85 42.08 21.43 9.43
CA LYS CA 85 41.23 21.57 10.60
C LYS CA 85 41.59 20.49 11.59
N LEU CA 86 41.70 20.87 12.85
CA LEU CA 86 42.23 20.00 13.88
C LEU CA 86 41.02 19.27 14.44
N VAL CA 87 40.62 18.19 13.79
CA VAL CA 87 39.30 17.63 13.97
C VAL CA 87 39.33 16.34 14.80
N ALA CA 88 40.28 15.46 14.54
CA ALA CA 88 40.10 14.08 14.91
C ALA CA 88 41.30 13.52 15.63
N ALA CA 89 41.06 12.43 16.34
CA ALA CA 89 42.07 11.61 16.98
C ALA CA 89 43.08 12.45 17.74
N GLY CA 90 42.65 13.58 18.26
CA GLY CA 90 43.52 14.41 19.05
C GLY CA 90 43.48 14.00 20.51
N ASP CA 91 44.56 14.32 21.20
CA ASP CA 91 44.70 13.97 22.59
C ASP CA 91 45.64 14.94 23.27
N ASP CA 92 45.29 15.31 24.49
CA ASP CA 92 46.00 16.35 25.23
C ASP CA 92 46.78 15.78 26.41
N TYR CA 93 48.03 15.44 26.18
CA TYR CA 93 48.92 15.22 27.31
C TYR CA 93 49.44 16.55 27.82
N SER CA 94 48.51 17.47 28.05
CA SER CA 94 48.88 18.80 28.49
C SER CA 94 49.63 18.74 29.81
N ASP CA 95 49.12 17.95 30.74
CA ASP CA 95 49.85 17.74 31.97
C ASP CA 95 51.14 16.99 31.75
N TYR CA 96 51.26 16.27 30.64
CA TYR CA 96 52.51 15.61 30.30
C TYR CA 96 53.37 16.45 29.37
N GLY CA 97 52.92 17.66 29.03
CA GLY CA 97 53.77 18.61 28.34
C GLY CA 97 53.59 18.72 26.85
N TYR CA 98 52.57 18.09 26.27
CA TYR CA 98 52.31 18.30 24.85
C TYR CA 98 50.92 17.82 24.49
N ASN CA 99 50.55 18.07 23.24
CA ASN CA 99 49.28 17.56 22.73
C ASN CA 99 49.39 17.30 21.24
N ALA CA 100 48.46 16.50 20.75
CA ALA CA 100 48.49 15.99 19.39
C ALA CA 100 47.09 16.05 18.79
N TRP CA 101 47.04 16.08 17.47
CA TRP CA 101 45.76 16.09 16.77
C TRP CA 101 45.95 15.55 15.36
N TYR CA 102 44.90 14.93 14.81
CA TYR CA 102 44.89 14.71 13.38
C TYR CA 102 44.54 16.02 12.67
N GLY CA 103 44.58 16.01 11.35
CA GLY CA 103 44.24 17.22 10.61
C GLY CA 103 43.50 16.99 9.31
N GLU CA 104 42.59 17.90 8.98
CA GLU CA 104 41.79 17.80 7.76
C GLU CA 104 42.04 19.03 6.90
N GLU CA 105 42.61 18.83 5.73
CA GLU CA 105 42.82 19.95 4.83
C GLU CA 105 41.45 20.51 4.43
N THR CA 106 41.22 21.77 4.77
CA THR CA 106 40.04 22.46 4.31
C THR CA 106 40.34 22.88 2.88
N LEU CA 107 39.69 22.22 1.93
CA LEU CA 107 39.96 22.52 0.53
C LEU CA 107 39.70 23.97 0.17
N LYS CA 108 39.11 24.74 1.09
CA LYS CA 108 39.02 26.18 0.93
C LYS CA 108 40.43 26.77 0.95
N PRO CA 109 40.62 27.94 0.35
CA PRO CA 109 41.94 28.55 0.41
C PRO CA 109 42.25 29.02 1.81
N VAL CA 110 43.54 29.22 2.08
CA VAL CA 110 43.97 29.39 3.45
C VAL CA 110 43.52 30.74 3.99
N LEU CA 111 43.06 30.74 5.24
CA LEU CA 111 42.48 31.92 5.87
C LEU CA 111 43.60 32.87 6.26
N VAL CA 112 43.89 33.83 5.39
CA VAL CA 112 44.99 34.74 5.65
C VAL CA 112 44.57 35.79 6.68
N SER CA 113 43.64 36.66 6.32
CA SER CA 113 43.10 37.59 7.30
C SER CA 113 41.59 37.76 7.24
N SER CA 114 40.96 37.55 6.09
CA SER CA 114 39.55 37.85 5.87
C SER CA 114 39.17 39.21 6.43
N MET DA 1 49.64 -13.85 48.11
CA MET DA 1 49.75 -12.42 48.22
C MET DA 1 49.36 -11.76 46.91
N LEU DA 2 48.24 -11.08 46.91
CA LEU DA 2 47.76 -10.43 45.70
C LEU DA 2 48.73 -9.32 45.30
N PRO DA 3 49.13 -9.25 44.04
CA PRO DA 3 49.99 -8.15 43.62
C PRO DA 3 49.25 -6.83 43.81
N ASN DA 4 50.02 -5.78 44.11
CA ASN DA 4 49.43 -4.50 44.44
C ASN DA 4 50.12 -3.42 43.62
N MET DA 5 49.47 -2.98 42.55
CA MET DA 5 50.02 -1.94 41.69
C MET DA 5 50.04 -0.57 42.36
N ARG DA 6 49.60 -0.46 43.61
CA ARG DA 6 49.45 0.82 44.28
C ARG DA 6 50.74 1.63 44.25
N SER DA 7 51.83 1.04 44.73
CA SER DA 7 53.10 1.75 44.74
C SER DA 7 53.53 2.15 43.34
N ALA DA 8 53.13 1.37 42.35
CA ALA DA 8 53.41 1.72 40.96
C ALA DA 8 52.44 2.74 40.43
N LEU DA 9 51.68 3.39 41.31
CA LEU DA 9 50.74 4.40 40.88
C LEU DA 9 51.03 5.76 41.50
N LYS DA 10 51.87 5.83 42.52
CA LYS DA 10 52.07 7.07 43.25
C LYS DA 10 52.82 8.09 42.40
N MET DA 11 53.91 7.68 41.75
CA MET DA 11 54.73 8.60 40.97
C MET DA 11 53.92 9.42 39.99
N PHE DA 12 52.96 8.81 39.33
CA PHE DA 12 52.24 9.47 38.26
C PHE DA 12 51.05 10.24 38.77
N GLU DA 13 50.95 10.48 40.07
CA GLU DA 13 49.72 10.98 40.63
C GLU DA 13 49.41 12.40 40.13
N GLN DA 14 48.26 12.88 40.57
CA GLN DA 14 47.79 14.23 40.32
C GLN DA 14 46.61 14.45 41.23
N SER DA 15 46.50 15.66 41.75
CA SER DA 15 45.33 16.03 42.53
C SER DA 15 44.14 16.20 41.61
N VAL DA 16 42.95 15.87 42.13
CA VAL DA 16 41.76 15.84 41.31
C VAL DA 16 40.58 15.76 42.26
N LEU DA 17 39.42 16.26 41.85
CA LEU DA 17 38.25 16.17 42.69
C LEU DA 17 37.33 15.07 42.18
N LEU DA 18 36.86 14.24 43.11
CA LEU DA 18 35.95 13.14 42.83
C LEU DA 18 34.62 13.49 43.47
N LYS DA 19 33.59 13.66 42.65
CA LYS DA 19 32.27 13.98 43.16
C LYS DA 19 31.31 12.88 42.79
N SER DA 20 30.22 12.81 43.55
CA SER DA 20 29.10 11.95 43.23
C SER DA 20 27.81 12.73 43.48
N VAL DA 21 26.78 12.34 42.76
CA VAL DA 21 25.47 12.96 42.87
C VAL DA 21 24.52 11.96 43.52
N GLU DA 22 23.75 12.45 44.48
CA GLU DA 22 22.71 11.65 45.13
C GLU DA 22 21.42 12.42 44.92
N THR DA 23 20.75 12.13 43.81
CA THR DA 23 19.60 12.92 43.41
C THR DA 23 18.51 12.85 44.48
N ILE DA 24 17.82 13.98 44.66
CA ILE DA 24 16.71 14.09 45.59
C ILE DA 24 15.52 14.62 44.81
N ARG DA 25 14.34 14.10 45.11
CA ARG DA 25 13.18 14.48 44.35
C ARG DA 25 11.97 14.53 45.28
N VAL DA 26 11.17 15.57 45.12
CA VAL DA 26 9.86 15.62 45.76
C VAL DA 26 8.85 16.05 44.72
N ASP DA 27 7.71 15.35 44.69
CA ASP DA 27 6.68 15.58 43.69
C ASP DA 27 7.29 15.62 42.29
N PHE DA 28 8.33 14.81 42.11
CA PHE DA 28 9.01 14.65 40.83
C PHE DA 28 9.63 15.95 40.33
N VAL DA 29 10.32 16.64 41.23
CA VAL DA 29 11.09 17.82 40.88
C VAL DA 29 12.55 17.55 41.26
N ASP DA 30 13.45 17.76 40.31
CA ASP DA 30 14.83 17.30 40.45
C ASP DA 30 15.65 18.31 41.22
N ASP DA 31 16.29 17.86 42.29
CA ASP DA 31 17.38 18.60 42.92
C ASP DA 31 18.53 17.63 43.11
N ILE DA 32 19.74 18.15 43.18
CA ILE DA 32 20.92 17.31 43.29
C ILE DA 32 21.89 17.90 44.29
N ILE DA 33 22.04 17.23 45.43
CA ILE DA 33 23.14 17.54 46.33
C ILE DA 33 24.39 16.95 45.71
N ILE DA 34 25.56 17.34 46.22
CA ILE DA 34 26.82 16.89 45.68
C ILE DA 34 27.66 16.36 46.82
N THR DA 35 28.57 15.44 46.49
CA THR DA 35 29.58 15.01 47.44
C THR DA 35 30.93 15.07 46.74
N ALA DA 36 31.80 15.96 47.19
CA ALA DA 36 33.09 16.17 46.56
C ALA DA 36 34.21 15.85 47.52
N THR DA 37 35.23 15.15 47.04
CA THR DA 37 36.38 14.79 47.85
C THR DA 37 37.66 14.98 47.05
N PRO DA 38 38.74 15.45 47.69
CA PRO DA 38 40.03 15.54 47.00
C PRO DA 38 40.69 14.18 46.99
N ILE DA 39 40.86 13.59 45.81
CA ILE DA 39 41.35 12.22 45.75
C ILE DA 39 42.58 12.17 44.87
N ARG DA 40 43.41 11.16 45.11
CA ARG DA 40 44.59 10.96 44.30
C ARG DA 40 44.17 10.36 42.97
N ALA DA 41 44.96 10.59 41.93
CA ALA DA 41 44.67 9.86 40.69
C ALA DA 41 45.85 9.98 39.73
N VAL DA 42 45.68 9.40 38.55
CA VAL DA 42 46.54 9.64 37.40
C VAL DA 42 45.66 9.67 36.17
N VAL DA 43 45.98 10.58 35.25
CA VAL DA 43 45.14 10.84 34.07
C VAL DA 43 45.96 10.65 32.81
N GLN DA 44 45.39 9.92 31.86
CA GLN DA 44 45.82 9.83 30.48
C GLN DA 44 44.59 10.06 29.61
N VAL DA 45 44.79 10.31 28.35
CA VAL DA 45 43.67 10.44 27.45
C VAL DA 45 43.18 9.05 27.11
N ALA DA 46 41.88 8.93 26.86
CA ALA DA 46 41.24 7.63 26.78
C ALA DA 46 40.81 7.28 25.35
N ASP DA 47 39.94 8.09 24.77
CA ASP DA 47 39.67 8.04 23.34
C ASP DA 47 40.07 9.39 22.78
N LYS DA 48 41.01 9.38 21.85
CA LYS DA 48 41.51 10.59 21.25
C LYS DA 48 40.34 11.46 20.83
N LYS DA 49 40.21 12.62 21.45
CA LYS DA 49 38.94 13.36 21.42
C LYS DA 49 38.69 13.94 20.04
N LYS DA 50 37.69 13.41 19.36
CA LYS DA 50 37.39 13.76 17.99
C LYS DA 50 36.24 14.75 17.93
N LEU DA 51 35.82 15.09 16.72
CA LEU DA 51 34.69 15.97 16.48
C LEU DA 51 33.62 15.19 15.76
N ASN DA 52 32.52 14.89 16.44
CA ASN DA 52 31.43 14.19 15.79
C ASN DA 52 30.58 15.15 14.97
N LEU DA 53 29.80 14.57 14.06
CA LEU DA 53 28.96 15.32 13.15
C LEU DA 53 27.51 15.15 13.57
N ASP DA 54 26.77 16.25 13.58
CA ASP DA 54 25.35 16.23 13.86
C ASP DA 54 24.78 17.51 13.28
N SER DA 55 23.55 17.83 13.69
CA SER DA 55 23.01 19.15 13.38
C SER DA 55 24.00 20.22 13.80
N LEU DA 56 24.60 20.05 14.97
CA LEU DA 56 25.72 20.87 15.42
C LEU DA 56 26.84 19.94 15.83
N ASP DA 57 28.06 20.30 15.47
CA ASP DA 57 29.19 19.48 15.86
C ASP DA 57 29.41 19.56 17.37
N TRP DA 58 29.88 18.47 17.95
CA TRP DA 58 30.13 18.41 19.38
C TRP DA 58 31.33 17.54 19.62
N SER DA 59 31.94 17.72 20.78
CA SER DA 59 33.11 16.94 21.12
C SER DA 59 33.22 16.86 22.63
N LYS DA 60 33.53 15.68 23.13
CA LYS DA 60 33.68 15.48 24.57
C LYS DA 60 35.02 14.84 24.82
N GLN DA 61 35.84 15.49 25.65
CA GLN DA 61 37.16 14.96 25.94
C GLN DA 61 37.05 13.70 26.75
N TYR DA 62 37.97 12.78 26.51
CA TYR DA 62 38.01 11.51 27.20
C TYR DA 62 39.28 11.45 28.03
N ILE DA 63 39.15 11.07 29.30
CA ILE DA 63 40.30 10.84 30.17
C ILE DA 63 40.05 9.51 30.86
N TRP DA 64 41.12 8.84 31.27
CA TRP DA 64 40.90 7.58 31.95
C TRP DA 64 41.83 7.55 33.13
N VAL DA 65 41.24 7.60 34.30
CA VAL DA 65 41.98 7.81 35.53
C VAL DA 65 42.23 6.47 36.19
N HIS DA 66 43.33 6.43 36.92
CA HIS DA 66 43.58 5.39 37.91
C HIS DA 66 43.61 6.02 39.28
N SER DA 67 43.22 5.24 40.28
CA SER DA 67 43.38 5.68 41.64
C SER DA 67 43.36 4.49 42.58
N GLY DA 68 43.93 4.70 43.76
CA GLY DA 68 43.80 3.72 44.80
C GLY DA 68 42.45 3.72 45.48
N SER DA 69 41.64 4.74 45.25
CA SER DA 69 40.33 4.83 45.87
C SER DA 69 39.25 4.38 44.90
N LYS DA 70 38.21 3.79 45.47
CA LYS DA 70 37.18 3.19 44.64
C LYS DA 70 36.39 4.28 43.93
N MET DA 71 35.96 3.98 42.71
CA MET DA 71 35.28 4.96 41.87
C MET DA 71 34.10 4.29 41.20
N GLU DA 72 32.89 4.59 41.68
CA GLU DA 72 31.70 4.06 41.06
C GLU DA 72 31.35 4.83 39.79
N ILE DA 73 30.50 4.23 38.96
CA ILE DA 73 30.16 4.85 37.68
C ILE DA 73 29.51 6.20 37.90
N GLY DA 74 28.47 6.24 38.72
CA GLY DA 74 27.72 7.46 38.87
C GLY DA 74 28.50 8.49 39.66
N GLN DA 75 29.73 8.76 39.22
CA GLN DA 75 30.55 9.79 39.83
C GLN DA 75 31.29 10.55 38.74
N PHE DA 76 31.60 11.80 39.04
CA PHE DA 76 32.33 12.67 38.15
C PHE DA 76 33.72 12.92 38.71
N ILE DA 77 34.63 13.29 37.82
CA ILE DA 77 36.00 13.60 38.19
C ILE DA 77 36.39 14.87 37.47
N GLU DA 78 36.73 15.91 38.24
CA GLU DA 78 37.23 17.14 37.64
C GLU DA 78 38.72 17.24 37.86
N TRP DA 79 39.47 17.48 36.80
CA TRP DA 79 40.90 17.68 36.97
C TRP DA 79 41.37 19.04 36.49
N HIS DA 80 40.88 19.55 35.37
CA HIS DA 80 41.26 20.89 34.98
C HIS DA 80 40.11 21.89 35.01
N GLY DA 81 39.10 21.71 34.19
CA GLY DA 81 38.10 22.75 34.09
C GLY DA 81 36.72 22.22 33.76
N LYS DA 82 36.57 20.92 33.77
CA LYS DA 82 35.32 20.33 33.36
C LYS DA 82 35.26 18.89 33.84
N ASP DA 83 34.24 18.56 34.61
CA ASP DA 83 34.17 17.23 35.17
C ASP DA 83 33.86 16.20 34.09
N PHE DA 84 34.26 14.97 34.37
CA PHE DA 84 34.14 13.84 33.48
C PHE DA 84 33.30 12.77 34.15
N LYS DA 85 32.26 12.32 33.47
CA LYS DA 85 31.45 11.23 34.00
C LYS DA 85 32.21 9.93 33.79
N LEU DA 86 32.23 9.11 34.83
CA LEU DA 86 33.07 7.92 34.86
C LEU DA 86 32.21 6.82 34.27
N VAL DA 87 32.18 6.72 32.95
CA VAL DA 87 31.15 5.98 32.25
C VAL DA 87 31.65 4.65 31.72
N ALA DA 88 32.84 4.62 31.13
CA ALA DA 88 33.16 3.56 30.20
C ALA DA 88 34.51 2.95 30.49
N ALA DA 89 34.69 1.75 29.95
CA ALA DA 89 35.96 1.03 29.94
C ALA DA 89 36.64 1.05 31.29
N GLY DA 90 35.86 1.10 32.35
CA GLY DA 90 36.42 1.07 33.68
C GLY DA 90 36.58 -0.35 34.16
N ASP DA 91 37.51 -0.52 35.09
CA ASP DA 91 37.83 -1.83 35.61
C ASP DA 91 38.40 -1.69 37.01
N ASP DA 92 37.99 -2.58 37.89
CA ASP DA 92 38.32 -2.50 39.31
C ASP DA 92 39.30 -3.60 39.73
N TYR DA 93 40.59 -3.29 39.66
CA TYR DA 93 41.54 -4.15 40.35
C TYR DA 93 41.59 -3.78 41.82
N SER DA 94 40.40 -3.71 42.43
CA SER DA 94 40.30 -3.30 43.82
C SER DA 94 41.08 -4.26 44.71
N ASP DA 95 40.92 -5.56 44.47
CA ASP DA 95 41.73 -6.52 45.19
C ASP DA 95 43.19 -6.44 44.81
N TYR DA 96 43.50 -5.85 43.66
CA TYR DA 96 44.89 -5.62 43.29
C TYR DA 96 45.36 -4.22 43.66
N GLY DA 97 44.51 -3.43 44.30
CA GLY DA 97 44.95 -2.20 44.89
C GLY DA 97 44.68 -0.93 44.10
N TYR DA 98 43.92 -1.00 43.01
CA TYR DA 98 43.55 0.22 42.31
C TYR DA 98 42.39 -0.03 41.37
N ASN DA 99 41.91 1.04 40.76
CA ASN DA 99 40.88 0.93 39.75
C ASN DA 99 41.02 2.05 38.74
N ALA DA 100 40.39 1.85 37.58
CA ALA DA 100 40.54 2.72 36.44
C ALA DA 100 39.19 2.93 35.78
N TRP DA 101 39.08 4.03 35.05
CA TRP DA 101 37.85 4.33 34.33
C TRP DA 101 38.16 5.25 33.17
N TYR DA 102 37.37 5.16 32.10
CA TYR DA 102 37.37 6.24 31.12
C TYR DA 102 36.57 7.41 31.67
N GLY DA 103 36.54 8.52 30.94
CA GLY DA 103 35.79 9.67 31.39
C GLY DA 103 35.11 10.47 30.29
N GLU DA 104 33.94 11.00 30.57
CA GLU DA 104 33.18 11.78 29.61
C GLU DA 104 32.94 13.17 30.16
N GLU DA 105 33.50 14.17 29.49
CA GLU DA 105 33.27 15.54 29.94
C GLU DA 105 31.78 15.85 29.79
N THR DA 106 31.14 16.16 30.90
CA THR DA 106 29.77 16.63 30.87
C THR DA 106 29.85 18.10 30.48
N LEU DA 107 29.44 18.41 29.26
CA LEU DA 107 29.54 19.78 28.80
C LEU DA 107 28.77 20.75 29.67
N LYS DA 108 27.99 20.26 30.63
CA LYS DA 108 27.40 21.11 31.65
C LYS DA 108 28.51 21.71 32.50
N PRO DA 109 28.25 22.84 33.14
CA PRO DA 109 29.29 23.41 34.00
C PRO DA 109 29.48 22.55 35.23
N VAL DA 110 30.62 22.73 35.89
CA VAL DA 110 31.03 21.77 36.90
C VAL DA 110 30.16 21.91 38.14
N LEU DA 111 29.78 20.78 38.70
CA LEU DA 111 28.85 20.72 39.83
C LEU DA 111 29.58 21.14 41.09
N VAL DA 112 29.49 22.42 41.44
CA VAL DA 112 30.22 22.91 42.60
C VAL DA 112 29.51 22.50 43.89
N SER DA 113 28.31 23.03 44.13
CA SER DA 113 27.52 22.58 45.26
C SER DA 113 26.05 22.37 44.95
N SER DA 114 25.48 23.07 43.98
CA SER DA 114 24.05 23.09 43.72
C SER DA 114 23.25 23.25 45.01
N SER EA 2 -9.08 26.14 22.21
CA SER EA 2 -8.64 26.63 23.50
C SER EA 2 -8.09 25.52 24.37
N VAL EA 3 -7.50 25.91 25.51
CA VAL EA 3 -7.02 24.93 26.47
C VAL EA 3 -8.17 24.08 26.94
N ILE EA 4 -7.97 22.77 26.96
CA ILE EA 4 -9.04 21.88 27.38
C ILE EA 4 -8.53 20.49 27.72
N VAL EA 5 -9.07 19.90 28.77
CA VAL EA 5 -8.71 18.55 29.18
C VAL EA 5 -9.93 17.86 29.75
N TYR EA 6 -10.08 16.59 29.41
CA TYR EA 6 -11.22 15.80 29.83
C TYR EA 6 -10.84 14.85 30.95
N ARG EA 7 -11.72 14.70 31.91
CA ARG EA 7 -11.77 13.47 32.69
C ARG EA 7 -12.45 12.44 31.79
N ASN EA 8 -12.73 11.26 32.32
CA ASN EA 8 -13.70 10.37 31.68
C ASN EA 8 -13.31 10.06 30.23
N ASN EA 9 -12.28 9.24 30.09
CA ASN EA 9 -11.68 8.91 28.81
C ASN EA 9 -12.65 8.90 27.64
N GLN EA 10 -13.69 8.09 27.73
CA GLN EA 10 -14.73 8.06 26.71
C GLN EA 10 -15.96 8.74 27.26
N SER EA 11 -16.83 9.15 26.36
CA SER EA 11 -18.10 9.74 26.79
C SER EA 11 -18.89 8.68 27.52
N THR EA 12 -18.97 8.80 28.83
CA THR EA 12 -19.77 7.85 29.60
C THR EA 12 -21.22 7.95 29.17
N LEU EA 13 -21.82 6.79 28.97
CA LEU EA 13 -23.07 6.66 28.25
C LEU EA 13 -24.04 5.80 29.04
N THR EA 14 -25.31 6.15 28.98
CA THR EA 14 -26.31 5.35 29.67
C THR EA 14 -27.66 5.51 29.00
N LEU EA 15 -28.25 4.39 28.66
CA LEU EA 15 -29.57 4.30 28.04
C LEU EA 15 -30.50 3.59 29.01
N ASN EA 16 -31.72 4.11 29.15
CA ASN EA 16 -32.70 3.50 30.04
C ASN EA 16 -32.13 3.28 31.43
N GLY EA 17 -31.41 4.27 31.95
CA GLY EA 17 -30.91 4.16 33.30
C GLY EA 17 -29.93 3.03 33.50
N TYR EA 18 -29.42 2.47 32.42
CA TYR EA 18 -28.39 1.44 32.45
C TYR EA 18 -27.15 2.00 31.77
N THR EA 19 -26.01 1.89 32.43
CA THR EA 19 -24.79 2.52 31.93
C THR EA 19 -23.92 1.51 31.21
N PHE EA 20 -23.37 1.93 30.08
CA PHE EA 20 -22.53 1.04 29.29
C PHE EA 20 -21.13 1.05 29.87
N GLN EA 21 -20.63 -0.11 30.25
CA GLN EA 21 -19.35 -0.18 30.91
C GLN EA 21 -18.39 -1.18 30.28
N HIS EA 22 -18.83 -1.94 29.28
CA HIS EA 22 -17.94 -2.81 28.52
C HIS EA 22 -17.96 -2.28 27.09
N LEU EA 23 -17.13 -1.28 26.82
CA LEU EA 23 -17.09 -0.64 25.52
C LEU EA 23 -15.89 -1.19 24.78
N TYR EA 24 -16.11 -1.67 23.57
CA TYR EA 24 -14.99 -2.18 22.79
C TYR EA 24 -13.99 -1.07 22.60
N GLN EA 25 -12.76 -1.33 23.01
CA GLN EA 25 -11.73 -0.32 22.88
C GLN EA 25 -11.47 -0.04 21.41
N GLY EA 26 -11.13 1.20 21.11
CA GLY EA 26 -11.02 1.58 19.72
C GLY EA 26 -12.25 2.18 19.08
N ALA EA 27 -12.72 3.31 19.61
CA ALA EA 27 -13.78 4.09 19.00
C ALA EA 27 -15.09 3.31 18.92
N ALA EA 28 -15.58 2.94 20.11
CA ALA EA 28 -16.83 2.20 20.17
C ALA EA 28 -18.01 3.08 19.81
N LEU EA 29 -18.26 4.11 20.61
CA LEU EA 29 -19.37 4.99 20.33
C LEU EA 29 -19.06 5.87 19.14
N VAL EA 30 -20.09 6.13 18.32
CA VAL EA 30 -19.99 7.18 17.31
C VAL EA 30 -21.38 7.69 17.00
N LEU EA 31 -21.54 9.00 17.00
CA LEU EA 31 -22.80 9.64 16.68
C LEU EA 31 -22.72 10.21 15.26
N THR EA 32 -23.68 9.85 14.43
CA THR EA 32 -23.71 10.32 13.07
C THR EA 32 -25.03 11.03 12.82
N PRO EA 33 -25.01 12.25 12.28
CA PRO EA 33 -26.25 12.92 11.89
C PRO EA 33 -26.72 12.35 10.56
N VAL EA 34 -27.90 11.73 10.57
CA VAL EA 34 -28.36 11.11 9.35
C VAL EA 34 -28.72 12.18 8.32
N ASN EA 35 -29.21 13.33 8.75
CA ASN EA 35 -29.68 14.34 7.81
C ASN EA 35 -29.04 15.68 8.13
N ALA EA 36 -29.50 16.69 7.41
CA ALA EA 36 -29.01 18.06 7.58
C ALA EA 36 -29.62 18.66 8.83
N LYS EA 37 -29.41 19.95 9.04
CA LYS EA 37 -30.19 20.69 10.03
C LYS EA 37 -31.17 21.64 9.39
N THR EA 38 -30.97 21.99 8.13
CA THR EA 38 -31.88 22.88 7.43
C THR EA 38 -31.67 22.82 5.92
N ALA EA 39 -32.74 22.55 5.19
CA ALA EA 39 -32.66 22.56 3.74
C ALA EA 39 -33.06 23.93 3.25
N ARG EA 40 -32.53 24.33 2.10
CA ARG EA 40 -32.94 25.64 1.61
C ARG EA 40 -33.26 25.57 0.12
N THR EA 41 -34.21 26.41 -0.28
CA THR EA 41 -34.43 26.72 -1.67
C THR EA 41 -33.93 28.13 -1.93
N ASN EA 42 -33.23 28.31 -3.05
CA ASN EA 42 -32.47 29.54 -3.30
C ASN EA 42 -32.86 30.14 -4.64
N SER EA 43 -33.44 31.34 -4.61
CA SER EA 43 -33.92 31.97 -5.81
C SER EA 43 -33.01 33.13 -6.19
N ILE EA 44 -33.43 33.90 -7.20
CA ILE EA 44 -32.55 34.83 -7.88
C ILE EA 44 -32.13 35.98 -6.96
N ASN EA 45 -31.08 36.67 -7.37
CA ASN EA 45 -30.78 38.03 -6.96
C ASN EA 45 -30.78 38.19 -5.44
N GLY EA 46 -29.98 37.36 -4.79
CA GLY EA 46 -29.84 37.47 -3.35
C GLY EA 46 -31.13 37.18 -2.62
N GLY EA 47 -31.61 35.94 -2.74
CA GLY EA 47 -32.75 35.46 -1.99
C GLY EA 47 -32.67 33.98 -1.71
N VAL EA 48 -32.84 33.59 -0.46
CA VAL EA 48 -32.85 32.19 -0.06
C VAL EA 48 -33.99 32.00 0.95
N SER EA 49 -34.30 30.74 1.22
CA SER EA 49 -35.32 30.43 2.21
C SER EA 49 -34.76 29.36 3.13
N ILE EA 50 -34.77 29.64 4.43
CA ILE EA 50 -34.14 28.77 5.42
C ILE EA 50 -35.26 28.00 6.11
N SER EA 51 -35.17 26.67 6.09
CA SER EA 51 -36.18 25.83 6.73
C SER EA 51 -35.49 24.67 7.44
N GLY EA 52 -35.55 24.68 8.76
CA GLY EA 52 -34.99 23.58 9.53
C GLY EA 52 -35.84 22.35 9.38
N ARG EA 53 -35.24 21.24 8.97
CA ARG EA 53 -36.03 20.05 8.72
C ARG EA 53 -36.57 19.47 10.01
N VAL EA 54 -37.53 18.55 9.87
CA VAL EA 54 -38.06 17.81 11.00
C VAL EA 54 -37.14 16.67 11.41
N ASP EA 55 -36.16 16.34 10.58
CA ASP EA 55 -35.20 15.29 10.90
C ASP EA 55 -33.93 15.86 11.49
N GLY EA 56 -34.04 16.99 12.18
CA GLY EA 56 -32.87 17.73 12.61
C GLY EA 56 -31.90 16.90 13.41
N GLY EA 57 -32.30 16.49 14.59
CA GLY EA 57 -31.36 15.82 15.45
C GLY EA 57 -31.21 14.34 15.21
N VAL EA 58 -31.83 13.79 14.18
CA VAL EA 58 -31.89 12.34 14.04
C VAL EA 58 -30.48 11.83 13.92
N HIS EA 59 -30.00 11.16 14.95
CA HIS EA 59 -28.62 10.72 15.01
C HIS EA 59 -28.59 9.22 15.23
N THR EA 60 -27.75 8.53 14.47
CA THR EA 60 -27.47 7.13 14.71
C THR EA 60 -26.28 7.02 15.63
N LEU EA 61 -26.38 6.18 16.64
CA LEU EA 61 -25.31 5.93 17.57
C LEU EA 61 -24.85 4.50 17.38
N ALA EA 62 -23.64 4.34 16.86
CA ALA EA 62 -23.05 3.01 16.73
C ALA EA 62 -22.28 2.71 17.99
N ILE EA 63 -22.60 1.57 18.60
CA ILE EA 63 -22.00 1.13 19.84
C ILE EA 63 -21.25 -0.16 19.55
N MET EA 64 -20.02 -0.26 20.03
CA MET EA 64 -19.24 -1.49 19.94
C MET EA 64 -19.04 -2.03 21.34
N VAL EA 65 -19.47 -3.26 21.56
CA VAL EA 65 -19.43 -3.87 22.87
C VAL EA 65 -18.84 -5.27 22.78
N GLN EA 66 -18.41 -5.77 23.94
CA GLN EA 66 -17.80 -7.09 24.03
C GLN EA 66 -18.78 -8.17 23.62
N LYS EA 67 -18.25 -9.22 23.00
CA LYS EA 67 -19.09 -10.18 22.28
C LYS EA 67 -20.21 -10.74 23.16
N HIS EA 68 -19.92 -10.96 24.43
CA HIS EA 68 -20.95 -11.43 25.34
C HIS EA 68 -20.70 -10.74 26.67
N SER EA 69 -21.32 -9.60 26.86
CA SER EA 69 -21.05 -8.76 28.01
C SER EA 69 -22.37 -8.30 28.59
N PRO EA 70 -22.38 -7.89 29.85
CA PRO EA 70 -23.55 -7.22 30.39
C PRO EA 70 -24.08 -6.15 29.46
N ASP EA 71 -23.22 -5.37 28.83
CA ASP EA 71 -23.71 -4.39 27.87
C ASP EA 71 -24.33 -5.05 26.66
N ASP EA 72 -23.67 -6.08 26.13
CA ASP EA 72 -24.28 -6.81 25.01
C ASP EA 72 -25.49 -7.59 25.48
N LYS EA 73 -25.51 -8.03 26.73
CA LYS EA 73 -26.70 -8.71 27.23
C LYS EA 73 -27.88 -7.76 27.25
N PHE EA 74 -27.67 -6.54 27.72
CA PHE EA 74 -28.74 -5.55 27.75
C PHE EA 74 -29.19 -5.22 26.34
N LEU EA 75 -28.24 -4.93 25.45
CA LEU EA 75 -28.61 -4.59 24.09
C LEU EA 75 -29.31 -5.74 23.39
N ASN EA 76 -28.86 -6.96 23.63
CA ASN EA 76 -29.46 -8.11 22.97
C ASN EA 76 -30.88 -8.33 23.47
N ASP EA 77 -31.05 -8.34 24.80
CA ASP EA 77 -32.40 -8.49 25.34
C ASP EA 77 -33.30 -7.39 24.83
N ALA EA 78 -32.75 -6.21 24.60
CA ALA EA 78 -33.51 -5.17 23.92
C ALA EA 78 -33.86 -5.61 22.50
N LYS EA 79 -32.89 -6.21 21.80
CA LYS EA 79 -33.10 -6.54 20.40
C LYS EA 79 -34.16 -7.62 20.24
N ASN EA 80 -34.22 -8.56 21.17
CA ASN EA 80 -35.10 -9.71 21.02
C ASN EA 80 -36.43 -9.53 21.74
N SER EA 81 -36.74 -8.34 22.21
CA SER EA 81 -38.01 -8.15 22.89
C SER EA 81 -39.16 -8.33 21.92
N GLN EA 82 -40.32 -8.71 22.46
CA GLN EA 82 -41.51 -8.83 21.64
C GLN EA 82 -41.88 -7.48 21.05
N GLU EA 83 -41.85 -6.44 21.88
CA GLU EA 83 -42.12 -5.08 21.46
C GLU EA 83 -40.82 -4.30 21.50
N PRO EA 84 -40.42 -3.67 20.42
CA PRO EA 84 -39.12 -2.98 20.40
C PRO EA 84 -39.07 -1.93 21.48
N VAL EA 85 -37.99 -1.95 22.26
CA VAL EA 85 -37.92 -1.15 23.47
C VAL EA 85 -37.36 0.22 23.12
N VAL EA 86 -38.09 1.26 23.52
CA VAL EA 86 -37.59 2.61 23.34
C VAL EA 86 -36.32 2.79 24.15
N PHE EA 87 -35.44 3.64 23.65
CA PHE EA 87 -34.19 3.95 24.33
C PHE EA 87 -34.16 5.45 24.61
N ASP EA 88 -34.01 5.80 25.88
CA ASP EA 88 -33.79 7.18 26.29
C ASP EA 88 -32.58 7.21 27.20
N GLY EA 89 -31.81 8.29 27.13
CA GLY EA 89 -30.64 8.37 27.97
C GLY EA 89 -29.74 9.51 27.56
N SER EA 90 -28.45 9.34 27.84
CA SER EA 90 -27.52 10.43 27.62
C SER EA 90 -26.11 9.91 27.36
N MET EA 91 -25.42 10.63 26.50
CA MET EA 91 -23.97 10.53 26.30
C MET EA 91 -23.34 11.79 26.86
N LYS EA 92 -22.42 11.65 27.81
CA LYS EA 92 -21.78 12.89 28.25
C LYS EA 92 -20.37 12.65 28.74
N ARG EA 93 -19.61 13.75 28.75
CA ARG EA 93 -18.23 13.80 29.18
C ARG EA 93 -18.07 14.88 30.23
N ALA EA 94 -17.11 14.69 31.13
CA ALA EA 94 -16.69 15.76 32.02
C ALA EA 94 -15.41 16.35 31.45
N TYR EA 95 -15.22 17.66 31.64
CA TYR EA 95 -14.03 18.29 31.10
C TYR EA 95 -13.83 19.63 31.77
N THR EA 96 -12.59 19.96 32.04
CA THR EA 96 -12.26 21.22 32.68
C THR EA 96 -11.73 22.18 31.64
N GLU EA 97 -12.44 23.28 31.43
CA GLU EA 97 -12.14 24.22 30.35
C GLU EA 97 -10.76 24.82 30.52
N SER EA 98 -10.61 25.69 31.52
CA SER EA 98 -9.29 26.17 31.89
C SER EA 98 -8.96 25.79 33.32
N GLY EA 99 -9.78 26.20 34.28
CA GLY EA 99 -9.76 25.65 35.60
C GLY EA 99 -11.16 25.20 35.96
N THR EA 100 -12.14 25.81 35.32
CA THR EA 100 -13.53 25.53 35.64
C THR EA 100 -13.94 24.18 35.09
N LEU EA 101 -14.73 23.45 35.86
CA LEU EA 101 -15.16 22.11 35.49
C LEU EA 101 -16.55 22.18 34.86
N LYS EA 102 -16.64 21.84 33.58
CA LYS EA 102 -17.88 21.83 32.85
C LYS EA 102 -18.22 20.41 32.47
N LYS EA 103 -19.49 20.19 32.12
CA LYS EA 103 -19.96 18.87 31.71
C LYS EA 103 -20.66 19.02 30.38
N ALA EA 104 -20.23 18.25 29.40
CA ALA EA 104 -20.83 18.31 28.07
C ALA EA 104 -21.74 17.12 27.90
N THR EA 105 -23.04 17.37 27.83
CA THR EA 105 -24.05 16.32 27.79
C THR EA 105 -24.78 16.36 26.47
N THR EA 106 -25.24 15.19 26.02
CA THR EA 106 -26.02 15.05 24.80
C THR EA 106 -27.15 14.09 25.12
N THR EA 107 -28.37 14.58 25.13
CA THR EA 107 -29.51 13.72 25.37
C THR EA 107 -29.74 12.82 24.17
N LEU EA 108 -30.41 11.71 24.42
CA LEU EA 108 -30.82 10.80 23.37
C LEU EA 108 -32.26 10.39 23.64
N GLU EA 109 -33.16 10.88 22.79
CA GLU EA 109 -34.59 10.67 22.94
C GLU EA 109 -34.96 9.30 22.42
N THR EA 110 -36.26 9.07 22.24
CA THR EA 110 -36.80 7.81 21.80
C THR EA 110 -36.04 7.23 20.61
N GLY EA 111 -35.40 6.09 20.82
CA GLY EA 111 -34.61 5.46 19.80
C GLY EA 111 -34.80 3.96 19.88
N SER EA 112 -34.16 3.25 18.96
CA SER EA 112 -34.39 1.82 18.84
C SER EA 112 -33.27 1.19 18.04
N ILE EA 113 -33.22 -0.14 18.09
CA ILE EA 113 -32.30 -0.89 17.24
C ILE EA 113 -32.59 -0.53 15.79
N THR EA 114 -31.53 -0.40 14.98
CA THR EA 114 -31.77 -0.26 13.55
C THR EA 114 -30.82 -1.06 12.67
N THR EA 115 -29.70 -1.57 13.18
CA THR EA 115 -28.88 -2.52 12.45
C THR EA 115 -28.33 -3.50 13.47
N GLN EA 116 -28.65 -4.77 13.31
CA GLN EA 116 -28.12 -5.75 14.23
C GLN EA 116 -26.62 -5.86 14.02
N PRO EA 117 -25.89 -6.31 15.03
CA PRO EA 117 -24.48 -6.62 14.82
C PRO EA 117 -24.34 -7.71 13.78
N THR EA 118 -23.30 -7.60 12.96
CA THR EA 118 -22.98 -8.64 11.98
C THR EA 118 -22.13 -9.67 12.71
N LYS EA 119 -22.79 -10.68 13.23
CA LYS EA 119 -22.17 -11.61 14.15
C LYS EA 119 -21.11 -12.41 13.40
N THR EA 120 -19.85 -12.12 13.66
CA THR EA 120 -18.73 -12.78 13.01
C THR EA 120 -17.92 -13.52 14.05
N ASP EA 121 -17.61 -14.78 13.77
CA ASP EA 121 -16.76 -15.59 14.63
C ASP EA 121 -15.63 -16.18 13.80
N ASN EA 122 -14.41 -16.00 14.26
CA ASN EA 122 -13.24 -16.39 13.51
C ASN EA 122 -12.48 -17.46 14.26
N ASN EA 123 -11.46 -18.02 13.62
CA ASN EA 123 -10.52 -18.92 14.28
C ASN EA 123 -9.10 -18.39 14.22
N GLN EA 124 -8.67 -17.91 13.05
CA GLN EA 124 -7.40 -17.20 12.93
C GLN EA 124 -7.20 -16.23 14.07
N ASP EA 125 -8.17 -15.34 14.24
CA ASP EA 125 -7.98 -14.15 15.04
C ASP EA 125 -9.17 -13.95 15.96
N PRO EA 126 -8.95 -13.44 17.17
CA PRO EA 126 -10.07 -13.21 18.08
C PRO EA 126 -10.89 -12.04 17.59
N ASP EA 127 -12.21 -12.16 17.73
CA ASP EA 127 -13.13 -11.10 17.33
C ASP EA 127 -14.31 -11.10 18.28
N ASP EA 128 -14.35 -10.12 19.18
CA ASP EA 128 -15.50 -9.94 20.06
C ASP EA 128 -16.05 -8.55 19.83
N SER EA 129 -16.76 -8.37 18.73
CA SER EA 129 -17.09 -7.02 18.25
C SER EA 129 -18.57 -6.98 17.92
N ARG EA 130 -19.40 -6.72 18.92
CA ARG EA 130 -20.82 -6.63 18.69
C ARG EA 130 -21.16 -5.15 18.51
N THR EA 131 -21.49 -4.76 17.29
CA THR EA 131 -21.78 -3.37 16.99
C THR EA 131 -23.28 -3.20 16.77
N TYR EA 132 -23.93 -2.56 17.72
CA TYR EA 132 -25.33 -2.19 17.58
C TYR EA 132 -25.39 -0.77 17.05
N VAL EA 133 -26.54 -0.38 16.52
CA VAL EA 133 -26.77 1.00 16.09
C VAL EA 133 -28.13 1.41 16.59
N ILE EA 134 -28.16 2.22 17.64
CA ILE EA 134 -29.38 2.81 18.16
C ILE EA 134 -29.52 4.18 17.55
N GLU EA 135 -30.53 4.38 16.73
CA GLU EA 135 -30.69 5.67 16.08
C GLU EA 135 -31.92 6.36 16.66
N PHE EA 136 -31.68 7.51 17.29
CA PHE EA 136 -32.69 8.25 18.02
C PHE EA 136 -33.31 9.30 17.11
N ARG EA 137 -34.06 10.23 17.69
CA ARG EA 137 -34.49 11.33 16.85
C ARG EA 137 -33.92 12.68 17.27
N ASN EA 138 -33.79 12.93 18.56
CA ASN EA 138 -33.21 14.18 19.02
C ASN EA 138 -31.91 13.86 19.75
N SER EA 139 -30.83 14.51 19.32
CA SER EA 139 -29.54 14.37 19.98
C SER EA 139 -28.98 15.78 20.11
N VAL EA 140 -29.33 16.45 21.20
CA VAL EA 140 -28.95 17.83 21.44
C VAL EA 140 -27.74 17.83 22.36
N GLU EA 141 -26.61 18.30 21.85
CA GLU EA 141 -25.46 18.54 22.70
C GLU EA 141 -25.58 19.91 23.32
N THR EA 142 -25.19 20.02 24.59
CA THR EA 142 -25.20 21.31 25.27
C THR EA 142 -23.93 21.49 26.07
N PHE EA 143 -23.40 22.70 26.04
CA PHE EA 143 -22.24 23.11 26.83
C PHE EA 143 -21.89 24.57 26.57
N SER FA 2 -16.70 -7.28 30.43
CA SER FA 2 -16.41 -8.01 31.65
C SER FA 2 -15.47 -9.17 31.41
N VAL FA 3 -15.01 -9.78 32.50
CA VAL FA 3 -14.19 -10.98 32.40
C VAL FA 3 -14.96 -12.06 31.68
N ILE FA 4 -14.32 -12.71 30.71
CA ILE FA 4 -15.01 -13.74 29.96
C ILE FA 4 -14.03 -14.63 29.19
N VAL FA 5 -14.30 -15.92 29.17
CA VAL FA 5 -13.49 -16.87 28.43
C VAL FA 5 -14.38 -17.97 27.88
N TYR FA 6 -14.10 -18.37 26.65
CA TYR FA 6 -14.88 -19.37 25.95
C TYR FA 6 -14.14 -20.70 25.93
N ARG FA 7 -14.89 -21.78 26.12
CA ARG FA 7 -14.49 -23.06 25.57
C ARG FA 7 -14.82 -22.99 24.08
N ASN FA 8 -14.65 -24.09 23.36
CA ASN FA 8 -15.28 -24.24 22.05
C ASN FA 8 -14.87 -23.10 21.10
N ASN FA 9 -13.61 -23.19 20.66
CA ASN FA 9 -12.99 -22.15 19.83
C ASN FA 9 -13.93 -21.40 18.92
N GLN FA 10 -14.64 -22.11 18.06
CA GLN FA 10 -15.64 -21.51 17.20
C GLN FA 10 -17.01 -21.90 17.71
N SER FA 11 -18.00 -21.14 17.30
CA SER FA 11 -19.37 -21.46 17.67
C SER FA 11 -19.72 -22.79 17.01
N THR FA 12 -19.80 -23.83 17.83
CA THR FA 12 -20.19 -25.12 17.30
C THR FA 12 -21.60 -25.05 16.75
N LEU FA 13 -21.77 -25.59 15.56
CA LEU FA 13 -22.94 -25.34 14.73
C LEU FA 13 -23.51 -26.65 14.23
N THR FA 14 -24.84 -26.69 14.14
CA THR FA 14 -25.47 -27.90 13.62
C THR FA 14 -26.83 -27.57 13.03
N LEU FA 15 -27.01 -27.99 11.79
CA LEU FA 15 -28.24 -27.81 11.03
C LEU FA 15 -28.83 -29.18 10.76
N ASN FA 16 -30.14 -29.31 10.94
CA ASN FA 16 -30.83 -30.56 10.68
C ASN FA 16 -30.16 -31.71 11.43
N GLY FA 17 -29.81 -31.47 12.69
CA GLY FA 17 -29.24 -32.53 13.49
C GLY FA 17 -27.93 -33.06 12.97
N TYR FA 18 -27.30 -32.34 12.06
CA TYR FA 18 -25.98 -32.68 11.55
C TYR FA 18 -25.04 -31.55 11.93
N THR FA 19 -23.90 -31.90 12.52
CA THR FA 19 -23.00 -30.90 13.06
C THR FA 19 -21.86 -30.62 12.09
N PHE FA 20 -21.53 -29.35 11.94
CA PHE FA 20 -20.46 -28.97 11.03
C PHE FA 20 -19.12 -29.14 11.73
N GLN FA 21 -18.25 -29.94 11.16
CA GLN FA 21 -16.99 -30.23 11.81
C GLN FA 21 -15.78 -30.01 10.92
N HIS FA 22 -15.97 -29.67 9.65
CA HIS FA 22 -14.86 -29.28 8.79
C HIS FA 22 -15.11 -27.84 8.40
N LEU FA 23 -14.69 -26.92 9.27
CA LEU FA 23 -14.92 -25.51 9.05
C LEU FA 23 -13.63 -24.91 8.53
N TYR FA 24 -13.72 -24.19 7.41
CA TYR FA 24 -12.52 -23.56 6.88
C TYR FA 24 -11.96 -22.61 7.91
N GLN FA 25 -10.71 -22.82 8.26
CA GLN FA 25 -10.09 -21.97 9.26
C GLN FA 25 -9.99 -20.55 8.73
N GLY FA 26 -10.11 -19.59 9.63
CA GLY FA 26 -10.19 -18.20 9.19
C GLY FA 26 -11.57 -17.64 8.97
N ALA FA 27 -12.38 -17.60 10.03
CA ALA FA 27 -13.67 -16.92 10.03
C ALA FA 27 -14.63 -17.56 9.03
N ALA FA 28 -14.93 -18.84 9.27
CA ALA FA 28 -15.83 -19.54 8.39
C ALA FA 28 -17.26 -19.05 8.57
N LEU FA 29 -17.82 -19.25 9.75
CA LEU FA 29 -19.18 -18.81 9.99
C LEU FA 29 -19.24 -17.31 10.11
N VAL FA 30 -20.31 -16.72 9.58
CA VAL FA 30 -20.61 -15.32 9.88
C VAL FA 30 -22.12 -15.11 9.73
N LEU FA 31 -22.71 -14.47 10.73
CA LEU FA 31 -24.13 -14.14 10.72
C LEU FA 31 -24.30 -12.66 10.41
N THR FA 32 -25.10 -12.37 9.40
CA THR FA 32 -25.36 -11.00 9.01
C THR FA 32 -26.84 -10.72 9.08
N PRO FA 33 -27.25 -9.64 9.75
CA PRO FA 33 -28.66 -9.25 9.72
C PRO FA 33 -28.97 -8.54 8.41
N VAL FA 34 -29.86 -9.13 7.62
CA VAL FA 34 -30.12 -8.52 6.32
C VAL FA 34 -30.86 -7.21 6.49
N ASN FA 35 -31.70 -7.08 7.51
CA ASN FA 35 -32.52 -5.89 7.66
C ASN FA 35 -32.37 -5.32 9.06
N ALA FA 36 -33.17 -4.31 9.34
CA ALA FA 36 -33.17 -3.65 10.64
C ALA FA 36 -33.91 -4.52 11.64
N LYS FA 37 -34.14 -3.98 12.84
CA LYS FA 37 -35.10 -4.59 13.75
C LYS FA 37 -36.37 -3.78 13.90
N THR FA 38 -36.34 -2.52 13.52
CA THR FA 38 -37.53 -1.69 13.59
C THR FA 38 -37.37 -0.41 12.77
N ALA FA 39 -38.30 -0.17 11.87
CA ALA FA 39 -38.28 1.04 11.08
C ALA FA 39 -39.15 2.07 11.78
N ARG FA 40 -38.84 3.35 11.60
CA ARG FA 40 -39.67 4.33 12.25
C ARG FA 40 -40.01 5.46 11.29
N THR FA 41 -41.20 6.01 11.46
CA THR FA 41 -41.58 7.28 10.88
C THR FA 41 -41.60 8.33 11.98
N ASN FA 42 -41.05 9.51 11.69
CA ASN FA 42 -40.76 10.50 12.72
C ASN FA 42 -41.38 11.84 12.34
N SER FA 43 -42.33 12.30 13.14
CA SER FA 43 -43.05 13.52 12.85
C SER FA 43 -42.60 14.63 13.80
N ILE FA 44 -43.30 15.76 13.72
CA ILE FA 44 -42.82 17.00 14.31
C ILE FA 44 -42.79 16.91 15.84
N ASN FA 45 -42.05 17.85 16.43
CA ASN FA 45 -42.22 18.27 17.81
C ASN FA 45 -42.21 17.09 18.79
N GLY FA 46 -41.16 16.30 18.72
CA GLY FA 46 -41.02 15.19 19.63
C GLY FA 46 -42.09 14.14 19.46
N GLY FA 47 -42.13 13.51 18.30
CA GLY FA 47 -43.00 12.39 18.04
C GLY FA 47 -42.41 11.42 17.05
N VAL FA 48 -42.39 10.13 17.39
CA VAL FA 48 -41.91 9.09 16.51
C VAL FA 48 -42.87 7.91 16.62
N SER FA 49 -42.73 6.97 15.70
CA SER FA 49 -43.53 5.76 15.72
C SER FA 49 -42.61 4.57 15.54
N ILE FA 50 -42.67 3.63 16.48
CA ILE FA 50 -41.75 2.51 16.51
C ILE FA 50 -42.50 1.29 15.99
N SER FA 51 -41.96 0.65 14.96
CA SER FA 51 -42.59 -0.53 14.38
C SER FA 51 -41.52 -1.57 14.05
N GLY FA 52 -41.53 -2.68 14.77
CA GLY FA 52 -40.61 -3.75 14.49
C GLY FA 52 -40.99 -4.45 13.21
N ARG FA 53 -40.06 -4.54 12.26
CA ARG FA 53 -40.41 -5.12 10.98
C ARG FA 53 -40.67 -6.61 11.10
N VAL FA 54 -41.26 -7.16 10.04
CA VAL FA 54 -41.46 -8.61 9.94
C VAL FA 54 -40.19 -9.32 9.53
N ASP FA 55 -39.19 -8.59 9.05
CA ASP FA 55 -37.91 -9.17 8.66
C ASP FA 55 -36.89 -9.11 9.78
N GLY FA 56 -37.36 -9.12 11.02
CA GLY FA 56 -36.50 -8.84 12.14
C GLY FA 56 -35.27 -9.72 12.20
N GLY FA 57 -35.48 -11.00 12.44
CA GLY FA 57 -34.33 -11.85 12.63
C GLY FA 57 -33.68 -12.36 11.37
N VAL FA 58 -34.12 -11.93 10.19
CA VAL FA 58 -33.68 -12.57 8.96
C VAL FA 58 -32.18 -12.42 8.88
N HIS FA 59 -31.46 -13.52 9.05
CA HIS FA 59 -30.02 -13.48 9.09
C HIS FA 59 -29.47 -14.43 8.04
N THR FA 60 -28.47 -13.97 7.31
CA THR FA 60 -27.73 -14.82 6.40
C THR FA 60 -26.53 -15.37 7.15
N LEU FA 61 -26.31 -16.67 7.01
CA LEU FA 61 -25.18 -17.35 7.63
C LEU FA 61 -24.26 -17.82 6.52
N ALA FA 62 -23.09 -17.21 6.42
CA ALA FA 62 -22.09 -17.64 5.46
C ALA FA 62 -21.21 -18.67 6.13
N ILE FA 63 -21.10 -19.84 5.49
CA ILE FA 63 -20.33 -20.96 5.98
C ILE FA 63 -19.21 -21.21 5.00
N MET FA 64 -18.00 -21.39 5.52
CA MET FA 64 -16.85 -21.77 4.71
C MET FA 64 -16.42 -23.16 5.11
N VAL FA 65 -16.39 -24.09 4.15
CA VAL FA 65 -16.10 -25.47 4.41
C VAL FA 65 -15.08 -25.98 3.42
N GLN FA 66 -14.46 -27.10 3.78
CA GLN FA 66 -13.42 -27.73 2.96
C GLN FA 66 -14.00 -28.15 1.62
N LYS FA 67 -13.16 -28.05 0.58
CA LYS FA 67 -13.65 -28.14 -0.80
C LYS FA 67 -14.46 -29.40 -1.04
N HIS FA 68 -14.08 -30.50 -0.43
CA HIS FA 68 -14.85 -31.74 -0.57
C HIS FA 68 -14.80 -32.42 0.78
N SER FA 69 -15.77 -32.13 1.61
CA SER FA 69 -15.76 -32.59 2.99
C SER FA 69 -17.14 -33.13 3.33
N PRO FA 70 -17.23 -33.97 4.34
CA PRO FA 70 -18.55 -34.33 4.86
C PRO FA 70 -19.46 -33.13 5.04
N ASP FA 71 -18.93 -32.02 5.53
CA ASP FA 71 -19.75 -30.83 5.66
C ASP FA 71 -20.16 -30.30 4.29
N ASP FA 72 -19.21 -30.24 3.35
CA ASP FA 72 -19.57 -29.81 2.01
C ASP FA 72 -20.42 -30.87 1.32
N LYS FA 73 -20.24 -32.14 1.67
CA LYS FA 73 -21.11 -33.16 1.10
C LYS FA 73 -22.55 -32.95 1.53
N PHE FA 74 -22.75 -32.68 2.82
CA PHE FA 74 -24.08 -32.42 3.33
C PHE FA 74 -24.68 -31.19 2.69
N LEU FA 75 -23.92 -30.09 2.67
CA LEU FA 75 -24.43 -28.86 2.09
C LEU FA 75 -24.72 -29.03 0.60
N ASN FA 76 -23.86 -29.75 -0.11
CA ASN FA 76 -24.07 -29.92 -1.55
C ASN FA 76 -25.30 -30.77 -1.81
N ASP FA 77 -25.42 -31.91 -1.13
CA ASP FA 77 -26.60 -32.74 -1.30
C ASP FA 77 -27.85 -31.95 -0.96
N ALA FA 78 -27.74 -31.03 0.00
CA ALA FA 78 -28.83 -30.10 0.23
C ALA FA 78 -29.06 -29.22 -0.99
N LYS FA 79 -27.99 -28.73 -1.60
CA LYS FA 79 -28.12 -27.79 -2.69
C LYS FA 79 -28.75 -28.44 -3.91
N ASN FA 80 -28.45 -29.71 -4.16
CA ASN FA 80 -28.89 -30.37 -5.37
C ASN FA 80 -30.17 -31.17 -5.20
N SER FA 81 -30.85 -31.01 -4.07
CA SER FA 81 -32.08 -31.76 -3.88
C SER FA 81 -33.14 -31.30 -4.88
N GLN FA 82 -34.07 -32.19 -5.17
CA GLN FA 82 -35.17 -31.84 -6.05
C GLN FA 82 -36.02 -30.75 -5.40
N GLU FA 83 -36.31 -30.89 -4.12
CA GLU FA 83 -37.04 -29.91 -3.35
C GLU FA 83 -36.09 -29.26 -2.37
N PRO FA 84 -35.98 -27.93 -2.36
CA PRO FA 84 -34.98 -27.29 -1.50
C PRO FA 84 -35.26 -27.64 -0.05
N VAL FA 85 -34.22 -28.05 0.65
CA VAL FA 85 -34.37 -28.63 1.98
C VAL FA 85 -34.33 -27.52 3.01
N VAL FA 86 -35.35 -27.48 3.87
CA VAL FA 86 -35.36 -26.53 4.96
C VAL FA 86 -34.20 -26.83 5.89
N PHE FA 87 -33.68 -25.78 6.51
CA PHE FA 87 -32.59 -25.91 7.46
C PHE FA 87 -33.06 -25.38 8.81
N ASP FA 88 -32.99 -26.21 9.83
CA ASP FA 88 -33.24 -25.80 11.20
C ASP FA 88 -32.09 -26.28 12.06
N GLY FA 89 -31.74 -25.49 13.06
CA GLY FA 89 -30.63 -25.91 13.91
C GLY FA 89 -30.19 -24.78 14.82
N SER FA 90 -28.91 -24.82 15.19
CA SER FA 90 -28.42 -23.86 16.16
C SER FA 90 -26.93 -23.62 15.98
N MET FA 91 -26.55 -22.37 16.27
CA MET FA 91 -25.18 -21.95 16.46
C MET FA 91 -24.99 -21.62 17.92
N LYS FA 92 -24.04 -22.28 18.60
CA LYS FA 92 -23.86 -21.87 19.97
C LYS FA 92 -22.43 -22.08 20.44
N ARG FA 93 -22.09 -21.36 21.52
CA ARG FA 93 -20.79 -21.41 22.16
C ARG FA 93 -20.98 -21.69 23.64
N ALA FA 94 -19.98 -22.32 24.24
CA ALA FA 94 -19.91 -22.41 25.68
C ALA FA 94 -18.95 -21.36 26.18
N TYR FA 95 -19.20 -20.81 27.36
CA TYR FA 95 -18.33 -19.78 27.87
C TYR FA 95 -18.57 -19.60 29.35
N THR FA 96 -17.50 -19.38 30.10
CA THR FA 96 -17.60 -19.19 31.54
C THR FA 96 -17.48 -17.71 31.85
N GLU FA 97 -18.53 -17.14 32.41
CA GLU FA 97 -18.62 -15.70 32.63
C GLU FA 97 -17.52 -15.23 33.56
N SER FA 98 -17.63 -15.58 34.84
CA SER FA 98 -16.55 -15.35 35.77
C SER FA 98 -16.05 -16.66 36.36
N GLY FA 99 -16.93 -17.42 37.00
CA GLY FA 99 -16.67 -18.80 37.31
C GLY FA 99 -17.81 -19.65 36.79
N THR FA 100 -18.97 -19.01 36.65
CA THR FA 100 -20.17 -19.72 36.23
C THR FA 100 -20.10 -20.05 34.75
N LEU FA 101 -20.57 -21.24 34.39
CA LEU FA 101 -20.53 -21.71 33.02
C LEU FA 101 -21.88 -21.45 32.37
N LYS FA 102 -21.90 -20.59 31.37
CA LYS FA 102 -23.09 -20.25 30.62
C LYS FA 102 -22.93 -20.74 29.18
N LYS FA 103 -24.06 -20.85 28.48
CA LYS FA 103 -24.07 -21.29 27.11
C LYS FA 103 -24.82 -20.26 26.29
N ALA FA 104 -24.20 -19.73 25.25
CA ALA FA 104 -24.82 -18.73 24.41
C ALA FA 104 -25.27 -19.41 23.13
N THR FA 105 -26.59 -19.50 22.94
CA THR FA 105 -27.17 -20.22 21.83
C THR FA 105 -27.92 -19.27 20.92
N THR FA 106 -27.97 -19.60 19.64
CA THR FA 106 -28.70 -18.83 18.64
C THR FA 106 -29.42 -19.84 17.75
N THR FA 107 -30.74 -19.85 17.83
CA THR FA 107 -31.50 -20.75 16.99
C THR FA 107 -31.45 -20.27 15.54
N LEU FA 108 -31.70 -21.18 14.63
CA LEU FA 108 -31.80 -20.87 13.21
C LEU FA 108 -33.00 -21.62 12.67
N GLU FA 109 -34.05 -20.87 12.34
CA GLU FA 109 -35.32 -21.41 11.88
C GLU FA 109 -35.22 -21.77 10.41
N THR FA 110 -36.36 -22.01 9.79
CA THR FA 110 -36.45 -22.42 8.40
C THR FA 110 -35.59 -21.55 7.49
N GLY FA 111 -34.58 -22.17 6.88
CA GLY FA 111 -33.67 -21.47 6.02
C GLY FA 111 -33.33 -22.35 4.84
N SER FA 112 -32.52 -21.81 3.94
CA SER FA 112 -32.25 -22.50 2.68
C SER FA 112 -31.00 -21.91 2.04
N ILE FA 113 -30.50 -22.61 1.02
CA ILE FA 113 -29.42 -22.08 0.21
C ILE FA 113 -29.86 -20.76 -0.39
N THR FA 114 -28.95 -19.80 -0.45
CA THR FA 114 -29.27 -18.59 -1.20
C THR FA 114 -28.14 -18.07 -2.07
N THR FA 115 -26.89 -18.50 -1.89
CA THR FA 115 -25.83 -18.20 -2.82
C THR FA 115 -24.93 -19.42 -2.88
N GLN FA 116 -24.80 -20.02 -4.05
CA GLN FA 116 -23.94 -21.16 -4.18
C GLN FA 116 -22.49 -20.73 -3.97
N PRO FA 117 -21.62 -21.63 -3.58
CA PRO FA 117 -20.20 -21.30 -3.57
C PRO FA 117 -19.73 -20.95 -4.97
N THR FA 118 -18.82 -20.00 -5.06
CA THR FA 118 -18.21 -19.65 -6.34
C THR FA 118 -17.04 -20.59 -6.52
N LYS FA 119 -17.29 -21.70 -7.21
CA LYS FA 119 -16.34 -22.79 -7.26
C LYS FA 119 -15.11 -22.35 -8.02
N THR FA 120 -14.01 -22.14 -7.31
CA THR FA 120 -12.77 -21.69 -7.90
C THR FA 120 -11.70 -22.75 -7.69
N ASP FA 121 -10.99 -23.10 -8.76
CA ASP FA 121 -9.89 -24.04 -8.69
C ASP FA 121 -8.66 -23.41 -9.32
N ASN FA 122 -7.55 -23.43 -8.60
CA ASN FA 122 -6.35 -22.74 -9.01
C ASN FA 122 -5.24 -23.76 -9.24
N ASN FA 123 -4.12 -23.29 -9.76
CA ASN FA 123 -2.91 -24.08 -9.85
C ASN FA 123 -1.76 -23.45 -9.09
N GLN FA 124 -1.56 -22.14 -9.25
CA GLN FA 124 -0.62 -21.40 -8.42
C GLN FA 124 -0.72 -21.81 -6.97
N ASP FA 125 -1.92 -21.71 -6.43
CA ASP FA 125 -2.12 -21.72 -5.00
C ASP FA 125 -3.28 -22.64 -4.64
N PRO FA 126 -3.20 -23.33 -3.51
CA PRO FA 126 -4.29 -24.21 -3.13
C PRO FA 126 -5.49 -23.39 -2.69
N ASP FA 127 -6.67 -23.86 -3.05
CA ASP FA 127 -7.91 -23.18 -2.69
C ASP FA 127 -8.98 -24.24 -2.47
N ASP FA 128 -9.33 -24.49 -1.21
CA ASP FA 128 -10.44 -25.38 -0.89
C ASP FA 128 -11.44 -24.60 -0.06
N SER FA 129 -12.22 -23.74 -0.72
CA SER FA 129 -12.99 -22.73 -0.02
C SER FA 129 -14.41 -22.76 -0.56
N ARG FA 130 -15.24 -23.64 -0.02
CA ARG FA 130 -16.63 -23.71 -0.45
C ARG FA 130 -17.45 -22.88 0.52
N THR FA 131 -17.94 -21.74 0.07
CA THR FA 131 -18.70 -20.83 0.91
C THR FA 131 -20.17 -20.91 0.52
N TYR FA 132 -20.97 -21.51 1.38
CA TYR FA 132 -22.42 -21.51 1.24
C TYR FA 132 -22.98 -20.35 2.03
N VAL FA 133 -24.21 -19.97 1.74
CA VAL FA 133 -24.91 -18.96 2.52
C VAL FA 133 -26.32 -19.46 2.77
N ILE FA 134 -26.58 -19.92 3.98
CA ILE FA 134 -27.91 -20.33 4.41
C ILE FA 134 -28.53 -19.15 5.12
N GLU FA 135 -29.58 -18.58 4.55
CA GLU FA 135 -30.19 -17.42 5.17
C GLU FA 135 -31.56 -17.81 5.71
N PHE FA 136 -31.70 -17.70 7.02
CA PHE FA 136 -32.88 -18.15 7.76
C PHE FA 136 -33.86 -17.00 7.90
N ARG FA 137 -34.87 -17.16 8.76
CA ARG FA 137 -35.68 -15.99 9.04
C ARG FA 137 -35.58 -15.53 10.48
N ASN FA 138 -35.51 -16.44 11.43
CA ASN FA 138 -35.36 -16.06 12.83
C ASN FA 138 -34.01 -16.53 13.33
N SER FA 139 -33.23 -15.61 13.89
CA SER FA 139 -31.95 -15.94 14.49
C SER FA 139 -31.90 -15.22 15.83
N VAL FA 140 -32.42 -15.86 16.86
CA VAL FA 140 -32.53 -15.26 18.18
C VAL FA 140 -31.36 -15.75 19.01
N GLU FA 141 -30.48 -14.85 19.39
CA GLU FA 141 -29.44 -15.18 20.36
C GLU FA 141 -30.00 -15.01 21.76
N THR FA 142 -29.64 -15.93 22.66
CA THR FA 142 -30.07 -15.84 24.05
C THR FA 142 -28.89 -16.13 24.97
N PHE FA 143 -28.82 -15.36 26.06
CA PHE FA 143 -27.84 -15.56 27.11
C PHE FA 143 -28.01 -14.52 28.21
N SER GA 2 -12.08 -32.67 6.74
CA SER GA 2 -11.51 -34.00 6.93
C SER GA 2 -10.24 -34.19 6.13
N VAL GA 3 -9.56 -35.30 6.38
CA VAL GA 3 -8.37 -35.66 5.60
C VAL GA 3 -8.76 -35.78 4.14
N ILE GA 4 -7.97 -35.18 3.26
CA ILE GA 4 -8.28 -35.22 1.85
C ILE GA 4 -7.10 -34.83 0.99
N VAL GA 5 -6.90 -35.53 -0.11
CA VAL GA 5 -5.83 -35.23 -1.05
C VAL GA 5 -6.31 -35.53 -2.46
N TYR GA 6 -5.96 -34.65 -3.39
CA TYR GA 6 -6.36 -34.76 -4.78
C TYR GA 6 -5.22 -35.26 -5.64
N ARG GA 7 -5.55 -36.14 -6.58
CA ARG GA 7 -4.74 -36.25 -7.79
C ARG GA 7 -5.13 -35.05 -8.64
N ASN GA 8 -4.61 -34.98 -9.87
CA ASN GA 8 -5.20 -34.10 -10.88
C ASN GA 8 -5.23 -32.64 -10.41
N ASN GA 9 -4.05 -32.03 -10.38
CA ASN GA 9 -3.84 -30.69 -9.86
C ASN GA 9 -5.02 -29.75 -10.02
N GLN GA 10 -5.47 -29.56 -11.26
CA GLN GA 10 -6.64 -28.76 -11.53
C GLN GA 10 -7.78 -29.68 -11.92
N SER GA 11 -8.98 -29.17 -11.81
CA SER GA 11 -10.14 -29.93 -12.23
C SER GA 11 -10.05 -30.15 -13.72
N THR GA 12 -9.72 -31.38 -14.12
CA THR GA 12 -9.66 -31.68 -15.53
C THR GA 12 -11.03 -31.50 -16.16
N LEU GA 13 -11.05 -30.83 -17.30
CA LEU GA 13 -12.26 -30.27 -17.87
C LEU GA 13 -12.37 -30.65 -19.33
N THR GA 14 -13.59 -30.89 -19.77
CA THR GA 14 -13.79 -31.21 -21.18
C THR GA 14 -15.19 -30.84 -21.61
N LEU GA 15 -15.27 -30.07 -22.68
CA LEU GA 15 -16.51 -29.61 -23.29
C LEU GA 15 -16.60 -30.23 -24.67
N ASN GA 16 -17.78 -30.72 -25.03
CA ASN GA 16 -18.00 -31.31 -26.34
C ASN GA 16 -16.96 -32.37 -26.65
N GLY GA 17 -16.66 -33.21 -25.66
CA GLY GA 17 -15.74 -34.30 -25.91
C GLY GA 17 -14.34 -33.86 -26.26
N TYR GA 18 -14.03 -32.59 -26.03
CA TYR GA 18 -12.70 -32.05 -26.23
C TYR GA 18 -12.18 -31.59 -24.88
N THR GA 19 -10.98 -32.00 -24.51
CA THR GA 19 -10.46 -31.75 -23.18
C THR GA 19 -9.51 -30.55 -23.20
N PHE GA 20 -9.65 -29.70 -22.20
CA PHE GA 20 -8.81 -28.52 -22.11
C PHE GA 20 -7.47 -28.90 -21.50
N GLN GA 21 -6.40 -28.63 -22.21
CA GLN GA 21 -5.09 -29.05 -21.75
C GLN GA 21 -4.06 -27.94 -21.75
N HIS GA 22 -4.41 -26.75 -22.23
CA HIS GA 22 -3.53 -25.59 -22.12
C HIS GA 22 -4.27 -24.58 -21.26
N LEU GA 23 -4.16 -24.74 -19.95
CA LEU GA 23 -4.87 -23.89 -19.01
C LEU GA 23 -3.88 -22.86 -18.48
N TYR GA 24 -4.25 -21.59 -18.57
CA TYR GA 24 -3.36 -20.56 -18.05
C TYR GA 24 -3.13 -20.80 -16.58
N GLN GA 25 -1.87 -20.92 -16.20
CA GLN GA 25 -1.55 -21.20 -14.82
C GLN GA 25 -1.96 -20.00 -13.97
N GLY GA 26 -2.38 -20.28 -12.74
CA GLY GA 26 -2.93 -19.23 -11.92
C GLY GA 26 -4.44 -19.06 -11.97
N ALA GA 27 -5.17 -20.10 -11.58
CA ALA GA 27 -6.63 -20.03 -11.38
C ALA GA 27 -7.33 -19.73 -12.70
N ALA GA 28 -7.16 -20.64 -13.65
CA ALA GA 28 -7.81 -20.47 -14.95
C ALA GA 28 -9.31 -20.69 -14.84
N LEU GA 29 -9.72 -21.89 -14.48
CA LEU GA 29 -11.14 -22.16 -14.37
C LEU GA 29 -11.71 -21.49 -13.13
N VAL GA 30 -12.94 -21.00 -13.24
CA VAL GA 30 -13.70 -20.59 -12.06
C VAL GA 30 -15.18 -20.69 -12.39
N LEU GA 31 -15.93 -21.32 -11.49
CA LEU GA 31 -17.37 -21.45 -11.61
C LEU GA 31 -18.05 -20.47 -10.67
N THR GA 32 -18.94 -19.66 -11.22
CA THR GA 32 -19.65 -18.68 -10.44
C THR GA 32 -21.15 -18.93 -10.57
N PRO GA 33 -21.88 -19.02 -9.46
CA PRO GA 33 -23.34 -19.10 -9.54
C PRO GA 33 -23.91 -17.72 -9.79
N VAL GA 34 -24.56 -17.55 -10.93
CA VAL GA 34 -25.07 -16.24 -11.24
C VAL GA 34 -26.21 -15.85 -10.32
N ASN GA 35 -27.01 -16.82 -9.88
CA ASN GA 35 -28.19 -16.51 -9.08
C ASN GA 35 -28.19 -17.36 -7.82
N ALA GA 36 -29.28 -17.25 -7.08
CA ALA GA 36 -29.47 -17.97 -5.83
C ALA GA 36 -29.82 -19.42 -6.15
N LYS GA 37 -30.19 -20.18 -5.13
CA LYS GA 37 -30.83 -21.47 -5.34
C LYS GA 37 -32.30 -21.45 -4.99
N THR GA 38 -32.72 -20.48 -4.18
CA THR GA 38 -34.12 -20.37 -3.81
C THR GA 38 -34.44 -19.00 -3.22
N ALA GA 39 -35.43 -18.34 -3.79
CA ALA GA 39 -35.86 -17.05 -3.26
C ALA GA 39 -37.00 -17.30 -2.30
N ARG GA 40 -37.16 -16.42 -1.32
CA ARG GA 40 -38.25 -16.63 -0.40
C ARG GA 40 -39.00 -15.33 -0.14
N THR GA 41 -40.30 -15.47 0.07
CA THR GA 41 -41.10 -14.40 0.64
C THR GA 41 -41.44 -14.79 2.08
N ASN GA 42 -41.35 -13.82 2.99
CA ASN GA 42 -41.38 -14.10 4.42
C ASN GA 42 -42.43 -13.23 5.10
N SER GA 43 -43.45 -13.87 5.65
CA SER GA 43 -44.57 -13.16 6.25
C SER GA 43 -44.50 -13.28 7.77
N ILE GA 44 -45.54 -12.79 8.44
CA ILE GA 44 -45.49 -12.54 9.88
C ILE GA 44 -45.38 -13.84 10.65
N ASN GA 45 -44.99 -13.69 11.92
CA ASN GA 45 -45.25 -14.66 12.98
C ASN GA 45 -44.80 -16.08 12.59
N GLY GA 46 -43.54 -16.19 12.21
CA GLY GA 46 -42.99 -17.49 11.89
C GLY GA 46 -43.65 -18.12 10.68
N GLY GA 47 -43.50 -17.49 9.53
CA GLY GA 47 -43.95 -18.03 8.27
C GLY GA 47 -43.09 -17.58 7.10
N VAL GA 48 -42.62 -18.52 6.29
CA VAL GA 48 -41.83 -18.23 5.11
C VAL GA 48 -42.33 -19.12 3.99
N SER GA 49 -41.91 -18.81 2.77
CA SER GA 49 -42.25 -19.63 1.62
C SER GA 49 -40.98 -19.89 0.83
N ILE GA 50 -40.68 -21.16 0.61
CA ILE GA 50 -39.43 -21.57 -0.02
C ILE GA 50 -39.73 -21.93 -1.46
N SER GA 51 -39.04 -21.28 -2.40
CA SER GA 51 -39.24 -21.53 -3.82
C SER GA 51 -37.90 -21.56 -4.53
N GLY GA 52 -37.50 -22.73 -5.01
CA GLY GA 52 -36.27 -22.85 -5.76
C GLY GA 52 -36.44 -22.23 -7.12
N ARG GA 53 -35.57 -21.29 -7.48
CA ARG GA 53 -35.74 -20.59 -8.74
C ARG GA 53 -35.45 -21.52 -9.92
N VAL GA 54 -35.86 -21.05 -11.10
CA VAL GA 54 -35.56 -21.75 -12.33
C VAL GA 54 -34.14 -21.50 -12.80
N ASP GA 55 -33.45 -20.51 -12.21
CA ASP GA 55 -32.08 -20.20 -12.55
C ASP GA 55 -31.11 -20.87 -11.60
N GLY GA 56 -31.50 -22.01 -11.05
CA GLY GA 56 -30.75 -22.61 -9.97
C GLY GA 56 -29.30 -22.84 -10.29
N GLY GA 57 -29.03 -23.75 -11.23
CA GLY GA 57 -27.66 -24.09 -11.48
C GLY GA 57 -26.91 -23.17 -12.41
N VAL GA 58 -27.52 -22.07 -12.84
CA VAL GA 58 -26.93 -21.28 -13.92
C VAL GA 58 -25.58 -20.79 -13.45
N HIS GA 59 -24.53 -21.34 -14.02
CA HIS GA 59 -23.17 -21.05 -13.58
C HIS GA 59 -22.37 -20.55 -14.76
N THR GA 60 -21.62 -19.48 -14.54
CA THR GA 60 -20.66 -19.01 -15.51
C THR GA 60 -19.31 -19.65 -15.22
N LEU GA 61 -18.66 -20.16 -16.25
CA LEU GA 61 -17.35 -20.76 -16.13
C LEU GA 61 -16.37 -19.88 -16.87
N ALA GA 62 -15.49 -19.23 -16.14
CA ALA GA 62 -14.43 -18.44 -16.74
C ALA GA 62 -13.22 -19.33 -16.96
N ILE GA 63 -12.75 -19.37 -18.19
CA ILE GA 63 -11.63 -20.19 -18.60
C ILE GA 63 -10.51 -19.26 -19.03
N MET GA 64 -9.30 -19.51 -18.56
CA MET GA 64 -8.12 -18.79 -19.00
C MET GA 64 -7.22 -19.75 -19.77
N VAL GA 65 -6.91 -19.41 -21.01
CA VAL GA 65 -6.15 -20.28 -21.88
C VAL GA 65 -5.04 -19.48 -22.57
N GLN GA 66 -4.07 -20.23 -23.07
CA GLN GA 66 -2.92 -19.64 -23.74
C GLN GA 66 -3.35 -18.87 -24.98
N LYS GA 67 -2.63 -17.78 -25.26
CA LYS GA 67 -3.12 -16.78 -26.22
C LYS GA 67 -3.45 -17.40 -27.57
N HIS GA 68 -2.69 -18.39 -27.99
CA HIS GA 68 -2.99 -19.07 -29.25
C HIS GA 68 -2.66 -20.54 -29.02
N SER GA 69 -3.65 -21.29 -28.58
CA SER GA 69 -3.44 -22.67 -28.19
C SER GA 69 -4.53 -23.53 -28.79
N PRO GA 70 -4.29 -24.83 -28.91
CA PRO GA 70 -5.39 -25.73 -29.26
C PRO GA 70 -6.64 -25.46 -28.46
N ASP GA 71 -6.51 -25.18 -27.16
CA ASP GA 71 -7.70 -24.85 -26.39
C ASP GA 71 -8.30 -23.54 -26.84
N ASP GA 72 -7.46 -22.52 -27.05
CA ASP GA 72 -8.00 -21.27 -27.57
C ASP GA 72 -8.45 -21.42 -29.01
N LYS GA 73 -7.83 -22.32 -29.76
CA LYS GA 73 -8.32 -22.56 -31.12
C LYS GA 73 -9.73 -23.14 -31.10
N PHE GA 74 -9.96 -24.10 -30.22
CA PHE GA 74 -11.28 -24.69 -30.09
C PHE GA 74 -12.30 -23.65 -29.63
N LEU GA 75 -11.96 -22.91 -28.58
CA LEU GA 75 -12.89 -21.90 -28.08
C LEU GA 75 -13.14 -20.81 -29.10
N ASN GA 76 -12.12 -20.41 -29.85
CA ASN GA 76 -12.29 -19.35 -30.83
C ASN GA 76 -13.17 -19.84 -31.97
N ASP GA 77 -12.87 -21.02 -32.53
CA ASP GA 77 -13.71 -21.55 -33.59
C ASP GA 77 -15.13 -21.71 -33.12
N ALA GA 78 -15.31 -22.00 -31.84
CA ALA GA 78 -16.65 -21.96 -31.26
C ALA GA 78 -17.20 -20.54 -31.31
N LYS GA 79 -16.39 -19.56 -30.98
CA LYS GA 79 -16.88 -18.19 -30.88
C LYS GA 79 -17.29 -17.65 -32.24
N ASN GA 80 -16.57 -18.04 -33.29
CA ASN GA 80 -16.80 -17.46 -34.60
C ASN GA 80 -17.72 -18.29 -35.47
N SER GA 81 -18.37 -19.30 -34.91
CA SER GA 81 -19.26 -20.11 -35.72
C SER GA 81 -20.45 -19.27 -36.19
N GLN GA 82 -21.03 -19.69 -37.33
CA GLN GA 82 -22.22 -19.03 -37.82
C GLN GA 82 -23.36 -19.19 -36.82
N GLU GA 83 -23.54 -20.39 -36.30
CA GLU GA 83 -24.54 -20.68 -35.30
C GLU GA 83 -23.84 -20.95 -33.99
N PRO GA 84 -24.18 -20.26 -32.91
CA PRO GA 84 -23.45 -20.43 -31.66
C PRO GA 84 -23.54 -21.87 -31.20
N VAL GA 85 -22.39 -22.43 -30.85
CA VAL GA 85 -22.30 -23.86 -30.61
C VAL GA 85 -22.59 -24.15 -29.15
N VAL GA 86 -23.54 -25.06 -28.93
CA VAL GA 86 -23.84 -25.48 -27.57
C VAL GA 86 -22.61 -26.14 -26.97
N PHE GA 87 -22.46 -26.02 -25.67
CA PHE GA 87 -21.36 -26.64 -24.95
C PHE GA 87 -21.94 -27.58 -23.91
N ASP GA 88 -21.56 -28.85 -23.98
CA ASP GA 88 -21.88 -29.82 -22.96
C ASP GA 88 -20.61 -30.53 -22.54
N GLY GA 89 -20.52 -30.89 -21.27
CA GLY GA 89 -19.32 -31.56 -20.83
C GLY GA 89 -19.26 -31.63 -19.32
N SER GA 90 -18.03 -31.68 -18.80
CA SER GA 90 -17.86 -31.90 -17.38
C SER GA 90 -16.55 -31.29 -16.88
N MET GA 91 -16.62 -30.81 -15.65
CA MET GA 91 -15.47 -30.44 -14.83
C MET GA 91 -15.34 -31.45 -13.72
N LYS GA 92 -14.22 -32.14 -13.61
CA LYS GA 92 -14.13 -33.04 -12.46
C LYS GA 92 -12.70 -33.23 -12.00
N ARG GA 93 -12.60 -33.67 -10.74
CA ARG GA 93 -11.34 -33.94 -10.07
C ARG GA 93 -11.37 -35.36 -9.51
N ALA GA 94 -10.20 -35.96 -9.40
CA ALA GA 94 -10.05 -37.20 -8.66
C ALA GA 94 -9.48 -36.86 -7.30
N TYR GA 95 -9.88 -37.62 -6.28
CA TYR GA 95 -9.39 -37.31 -4.95
C TYR GA 95 -9.64 -38.51 -4.04
N THR GA 96 -8.68 -38.78 -3.17
CA THR GA 96 -8.79 -39.91 -2.25
C THR GA 96 -9.17 -39.37 -0.88
N GLU GA 97 -10.34 -39.77 -0.40
CA GLU GA 97 -10.90 -39.24 0.83
C GLU GA 97 -10.00 -39.54 2.02
N SER GA 98 -9.94 -40.79 2.42
CA SER GA 98 -8.97 -41.22 3.41
C SER GA 98 -8.04 -42.27 2.84
N GLY GA 99 -8.58 -43.38 2.36
CA GLY GA 99 -7.85 -44.29 1.52
C GLY GA 99 -8.65 -44.53 0.26
N THR GA 100 -9.96 -44.35 0.37
CA THR GA 100 -10.86 -44.63 -0.74
C THR GA 100 -10.73 -43.55 -1.80
N LEU GA 101 -10.77 -43.97 -3.06
CA LEU GA 101 -10.63 -43.07 -4.18
C LEU GA 101 -12.00 -42.69 -4.71
N LYS GA 102 -12.35 -41.41 -4.59
CA LYS GA 102 -13.61 -40.88 -5.06
C LYS GA 102 -13.33 -39.91 -6.21
N LYS GA 103 -14.38 -39.63 -6.97
CA LYS GA 103 -14.29 -38.71 -8.09
C LYS GA 103 -15.38 -37.66 -7.95
N ALA GA 104 -15.01 -36.40 -7.93
CA ALA GA 104 -15.97 -35.32 -7.79
C ALA GA 104 -16.21 -34.70 -9.16
N THR GA 105 -17.41 -34.88 -9.68
CA THR GA 105 -17.75 -34.46 -11.04
C THR GA 105 -18.81 -33.38 -10.99
N THR GA 106 -18.79 -32.50 -11.97
CA THR GA 106 -19.77 -31.44 -12.12
C THR GA 106 -20.13 -31.36 -13.59
N THR GA 107 -21.36 -31.73 -13.92
CA THR GA 107 -21.79 -31.66 -15.29
C THR GA 107 -21.96 -30.20 -15.70
N LEU GA 108 -21.91 -29.97 -17.00
CA LEU GA 108 -22.17 -28.65 -17.57
C LEU GA 108 -23.05 -28.84 -18.78
N GLU GA 109 -24.30 -28.41 -18.65
CA GLU GA 109 -25.31 -28.59 -19.68
C GLU GA 109 -25.15 -27.53 -20.76
N THR GA 110 -26.17 -27.39 -21.59
CA THR GA 110 -26.17 -26.46 -22.71
C THR GA 110 -25.68 -25.08 -22.30
N GLY GA 111 -24.55 -24.67 -22.86
CA GLY GA 111 -23.95 -23.40 -22.55
C GLY GA 111 -23.37 -22.79 -23.80
N SER GA 112 -22.83 -21.59 -23.67
CA SER GA 112 -22.38 -20.84 -24.83
C SER GA 112 -21.44 -19.73 -24.39
N ILE GA 113 -20.77 -19.14 -25.38
CA ILE GA 113 -19.96 -17.96 -25.13
C ILE GA 113 -20.85 -16.88 -24.54
N THR GA 114 -20.32 -16.13 -23.57
CA THR GA 114 -21.06 -14.96 -23.12
C THR GA 114 -20.22 -13.73 -22.89
N THR GA 115 -18.89 -13.83 -22.80
CA THR GA 115 -18.02 -12.66 -22.80
C THR GA 115 -16.77 -13.05 -23.55
N GLN GA 116 -16.48 -12.35 -24.64
CA GLN GA 116 -15.27 -12.65 -25.38
C GLN GA 116 -14.08 -12.27 -24.53
N PRO GA 117 -12.93 -12.88 -24.79
CA PRO GA 117 -11.71 -12.41 -24.14
C PRO GA 117 -11.43 -10.96 -24.52
N THR GA 118 -10.91 -10.21 -23.58
CA THR GA 118 -10.51 -8.83 -23.85
C THR GA 118 -9.08 -8.89 -24.38
N LYS GA 119 -8.97 -8.95 -25.70
CA LYS GA 119 -7.70 -9.27 -26.34
C LYS GA 119 -6.72 -8.13 -26.08
N THR GA 120 -5.74 -8.38 -25.23
CA THR GA 120 -4.74 -7.39 -24.86
C THR GA 120 -3.37 -7.88 -25.30
N ASP GA 121 -2.63 -7.01 -25.98
CA ASP GA 121 -1.25 -7.31 -26.39
C ASP GA 121 -0.34 -6.19 -25.91
N ASN GA 122 0.72 -6.56 -25.22
CA ASN GA 122 1.60 -5.61 -24.59
C ASN GA 122 2.98 -5.70 -25.22
N ASN GA 123 3.86 -4.78 -24.83
CA ASN GA 123 5.26 -4.85 -25.19
C ASN GA 123 6.16 -4.89 -23.97
N GLN GA 124 5.88 -4.05 -22.97
CA GLN GA 124 6.54 -4.15 -21.68
C GLN GA 124 6.63 -5.59 -21.22
N ASP GA 125 5.48 -6.25 -21.16
CA ASP GA 125 5.34 -7.49 -20.42
C ASP GA 125 4.60 -8.50 -21.26
N PRO GA 126 4.95 -9.78 -21.15
CA PRO GA 126 4.24 -10.80 -21.93
C PRO GA 126 2.85 -11.00 -21.36
N ASP GA 127 1.88 -11.19 -22.24
CA ASP GA 127 0.50 -11.42 -21.85
C ASP GA 127 -0.13 -12.38 -22.84
N ASP GA 128 -0.33 -13.63 -22.43
CA ASP GA 128 -1.05 -14.60 -23.24
C ASP GA 128 -2.23 -15.09 -22.44
N SER GA 129 -3.27 -14.28 -22.34
CA SER GA 129 -4.33 -14.52 -21.36
C SER GA 129 -5.67 -14.39 -22.07
N ARG GA 130 -6.12 -15.47 -22.68
CA ARG GA 130 -7.42 -15.45 -23.34
C ARG GA 130 -8.44 -16.01 -22.38
N THR GA 131 -9.30 -15.16 -21.85
CA THR GA 131 -10.30 -15.56 -20.89
C THR GA 131 -11.67 -15.59 -21.55
N TYR GA 132 -12.19 -16.80 -21.75
CA TYR GA 132 -13.55 -16.99 -22.23
C TYR GA 132 -14.44 -17.18 -21.02
N VAL GA 133 -15.74 -17.01 -21.21
CA VAL GA 133 -16.72 -17.29 -20.17
C VAL GA 133 -17.87 -18.06 -20.80
N ILE GA 134 -17.90 -19.36 -20.56
CA ILE GA 134 -19.00 -20.21 -21.00
C ILE GA 134 -19.97 -20.33 -19.85
N GLU GA 135 -21.16 -19.79 -20.00
CA GLU GA 135 -22.12 -19.84 -18.91
C GLU GA 135 -23.25 -20.79 -19.29
N PHE GA 136 -23.38 -21.86 -18.50
CA PHE GA 136 -24.30 -22.96 -18.77
C PHE GA 136 -25.62 -22.70 -18.03
N ARG GA 137 -26.47 -23.72 -17.96
CA ARG GA 137 -27.62 -23.53 -17.10
C ARG GA 137 -27.64 -24.46 -15.90
N ASN GA 138 -27.22 -25.71 -16.07
CA ASN GA 138 -27.17 -26.65 -14.96
C ASN GA 138 -25.73 -27.00 -14.69
N SER GA 139 -25.30 -26.82 -13.45
CA SER GA 139 -23.96 -27.22 -13.03
C SER GA 139 -24.11 -27.94 -11.70
N VAL GA 140 -24.35 -29.24 -11.77
CA VAL GA 140 -24.61 -30.05 -10.59
C VAL GA 140 -23.32 -30.74 -10.20
N GLU GA 141 -22.77 -30.40 -9.05
CA GLU GA 141 -21.67 -31.15 -8.48
C GLU GA 141 -22.20 -32.36 -7.73
N THR GA 142 -21.51 -33.48 -7.86
CA THR GA 142 -21.89 -34.67 -7.11
C THR GA 142 -20.67 -35.35 -6.52
N PHE GA 143 -20.82 -35.83 -5.29
CA PHE GA 143 -19.80 -36.60 -4.60
C PHE GA 143 -20.28 -37.02 -3.21
N SER HA 2 0.22 -24.93 -25.18
CA SER HA 2 1.21 -25.64 -25.98
C SER HA 2 2.45 -24.78 -26.23
N VAL HA 3 3.48 -25.41 -26.78
CA VAL HA 3 4.68 -24.69 -27.17
C VAL HA 3 4.32 -23.63 -28.18
N ILE HA 4 4.82 -22.41 -27.97
CA ILE HA 4 4.49 -21.32 -28.88
C ILE HA 4 5.44 -20.14 -28.72
N VAL HA 5 5.82 -19.54 -29.84
CA VAL HA 5 6.69 -18.38 -29.83
C VAL HA 5 6.29 -17.46 -30.98
N TYR HA 6 6.29 -16.16 -30.71
CA TYR HA 6 5.89 -15.16 -31.67
C TYR HA 6 7.11 -14.45 -32.24
N ARG HA 7 7.08 -14.19 -33.54
CA ARG HA 7 7.82 -13.07 -34.08
C ARG HA 7 7.02 -11.82 -33.71
N ASN HA 8 7.43 -10.66 -34.20
CA ASN HA 8 6.54 -9.50 -34.23
C ASN HA 8 6.02 -9.16 -32.83
N ASN HA 9 6.92 -8.60 -32.02
CA ASN HA 9 6.66 -8.30 -30.62
C ASN HA 9 5.23 -7.95 -30.30
N GLN HA 10 4.71 -6.92 -30.95
CA GLN HA 10 3.31 -6.55 -30.78
C GLN HA 10 2.55 -6.94 -32.03
N SER HA 11 1.24 -7.04 -31.89
CA SER HA 11 0.41 -7.33 -33.05
C SER HA 11 0.53 -6.19 -34.02
N THR HA 12 1.24 -6.41 -35.12
CA THR HA 12 1.35 -5.38 -36.14
C THR HA 12 -0.02 -5.07 -36.70
N LEU HA 13 -0.31 -3.79 -36.81
CA LEU HA 13 -1.65 -3.29 -37.02
C LEU HA 13 -1.67 -2.29 -38.16
N THR HA 14 -2.75 -2.32 -38.92
CA THR HA 14 -2.87 -1.36 -40.02
C THR HA 14 -4.33 -1.13 -40.35
N LEU HA 15 -4.71 0.14 -40.35
CA LEU HA 15 -6.05 0.60 -40.68
C LEU HA 15 -5.98 1.43 -41.94
N ASN HA 16 -6.92 1.21 -42.85
CA ASN HA 16 -6.96 1.95 -44.10
C ASN HA 16 -5.63 1.88 -44.83
N GLY HA 17 -5.02 0.70 -44.87
CA GLY HA 17 -3.78 0.55 -45.60
C GLY HA 17 -2.65 1.39 -45.07
N TYR HA 18 -2.79 1.91 -43.86
CA TYR HA 18 -1.73 2.64 -43.18
C TYR HA 18 -1.36 1.88 -41.92
N THR HA 19 -0.08 1.63 -41.73
CA THR HA 19 0.37 0.77 -40.65
C THR HA 19 0.83 1.60 -39.46
N PHE HA 20 0.44 1.18 -38.27
CA PHE HA 20 0.82 1.89 -37.07
C PHE HA 20 2.22 1.49 -36.66
N GLN HA 21 3.12 2.45 -36.56
CA GLN HA 21 4.50 2.14 -36.28
C GLN HA 21 5.08 2.93 -35.12
N HIS HA 22 4.33 3.86 -34.54
CA HIS HA 22 4.76 4.55 -33.33
C HIS HA 22 3.73 4.19 -32.27
N LEU HA 23 3.94 3.05 -31.63
CA LEU HA 23 3.01 2.56 -30.63
C LEU HA 23 3.59 2.86 -29.26
N TYR HA 24 2.81 3.49 -28.42
CA TYR HA 24 3.29 3.78 -27.08
C TYR HA 24 3.65 2.48 -26.38
N GLN HA 25 4.88 2.40 -25.93
CA GLN HA 25 5.32 1.17 -25.28
C GLN HA 25 4.56 0.99 -23.99
N GLY HA 26 4.30 -0.26 -23.65
CA GLY HA 26 3.45 -0.53 -22.51
C GLY HA 26 1.97 -0.73 -22.81
N ALA HA 27 1.66 -1.76 -23.60
CA ALA HA 27 0.29 -2.20 -23.83
C ALA HA 27 -0.53 -1.11 -24.53
N ALA HA 28 -0.08 -0.75 -25.72
CA ALA HA 28 -0.79 0.27 -26.49
C ALA HA 28 -2.12 -0.27 -27.00
N LEU HA 29 -2.07 -1.26 -27.87
CA LEU HA 29 -3.30 -1.81 -28.40
C LEU HA 29 -4.02 -2.62 -27.34
N VAL HA 30 -5.35 -2.55 -27.35
CA VAL HA 30 -6.16 -3.48 -26.58
C VAL HA 30 -7.52 -3.60 -27.24
N LEU HA 31 -7.99 -4.83 -27.44
CA LEU HA 31 -9.29 -5.11 -28.01
C LEU HA 31 -10.23 -5.54 -26.90
N THR HA 32 -11.37 -4.88 -26.80
CA THR HA 32 -12.35 -5.19 -25.80
C THR HA 32 -13.66 -5.53 -26.47
N PRO HA 33 -14.28 -6.66 -26.12
CA PRO HA 33 -15.63 -6.96 -26.63
C PRO HA 33 -16.65 -6.16 -25.83
N VAL HA 34 -17.36 -5.28 -26.52
CA VAL HA 34 -18.30 -4.46 -25.78
C VAL HA 34 -19.47 -5.28 -25.29
N ASN HA 35 -19.87 -6.32 -26.01
CA ASN HA 35 -21.05 -7.09 -25.64
C ASN HA 35 -20.72 -8.56 -25.61
N ALA HA 36 -21.76 -9.37 -25.41
CA ALA HA 36 -21.63 -10.81 -25.34
C ALA HA 36 -21.46 -11.37 -26.75
N LYS HA 37 -21.51 -12.69 -26.88
CA LYS HA 37 -21.68 -13.30 -28.19
C LYS HA 37 -23.05 -13.92 -28.37
N THR HA 38 -23.76 -14.18 -27.28
CA THR HA 38 -25.09 -14.75 -27.37
C THR HA 38 -25.84 -14.61 -26.05
N ALA HA 39 -27.02 -14.01 -26.11
CA ALA HA 39 -27.85 -13.88 -24.93
C ALA HA 39 -28.80 -15.07 -24.90
N ARG HA 40 -29.21 -15.46 -23.70
CA ARG HA 40 -30.14 -16.58 -23.66
C ARG HA 40 -31.28 -16.30 -22.69
N THR HA 41 -32.45 -16.83 -23.03
CA THR HA 41 -33.55 -16.94 -22.09
C THR HA 41 -33.68 -18.40 -21.69
N ASN HA 42 -33.89 -18.64 -20.40
CA ASN HA 42 -33.78 -19.98 -19.84
C ASN HA 42 -35.05 -20.33 -19.07
N SER HA 43 -35.77 -21.35 -19.54
CA SER HA 43 -37.03 -21.73 -18.94
C SER HA 43 -36.87 -23.03 -18.18
N ILE HA 44 -37.99 -23.57 -17.70
CA ILE HA 44 -37.99 -24.62 -16.70
C ILE HA 44 -37.40 -25.92 -17.25
N ASN HA 45 -37.04 -26.81 -16.33
CA ASN HA 45 -36.90 -28.23 -16.58
C ASN HA 45 -36.01 -28.54 -17.78
N GLY HA 46 -34.80 -28.00 -17.74
CA GLY HA 46 -33.85 -28.27 -18.79
C GLY HA 46 -34.29 -27.74 -20.14
N GLY HA 47 -34.41 -26.43 -20.24
CA GLY HA 47 -34.69 -25.76 -21.49
C GLY HA 47 -34.07 -24.37 -21.55
N VAL HA 48 -33.34 -24.08 -22.60
CA VAL HA 48 -32.76 -22.77 -22.82
C VAL HA 48 -32.94 -22.41 -24.29
N SER HA 49 -32.69 -21.14 -24.60
CA SER HA 49 -32.77 -20.68 -25.97
C SER HA 49 -31.51 -19.87 -26.27
N ILE HA 50 -30.79 -20.27 -27.32
CA ILE HA 50 -29.50 -19.68 -27.64
C ILE HA 50 -29.72 -18.72 -28.80
N SER HA 51 -29.32 -17.47 -28.63
CA SER HA 51 -29.48 -16.46 -29.69
C SER HA 51 -28.24 -15.59 -29.73
N GLY HA 52 -27.47 -15.70 -30.81
CA GLY HA 52 -26.30 -14.87 -30.98
C GLY HA 52 -26.72 -13.45 -31.30
N ARG HA 53 -26.25 -12.49 -30.51
CA ARG HA 53 -26.70 -11.12 -30.72
C ARG HA 53 -26.15 -10.55 -32.02
N VAL HA 54 -26.73 -9.42 -32.42
CA VAL HA 54 -26.25 -8.69 -33.58
C VAL HA 54 -25.03 -7.86 -33.25
N ASP HA 55 -24.70 -7.69 -31.97
CA ASP HA 55 -23.54 -6.95 -31.54
C ASP HA 55 -22.36 -7.87 -31.28
N GLY HA 56 -22.31 -8.99 -31.96
CA GLY HA 56 -21.36 -10.03 -31.64
C GLY HA 56 -19.93 -9.55 -31.60
N GLY HA 57 -19.41 -9.19 -32.75
CA GLY HA 57 -18.01 -8.85 -32.79
C GLY HA 57 -17.67 -7.44 -32.39
N VAL HA 58 -18.63 -6.65 -31.92
CA VAL HA 58 -18.39 -5.22 -31.74
C VAL HA 58 -17.27 -5.07 -30.73
N HIS HA 59 -16.12 -4.64 -31.19
CA HIS HA 59 -14.94 -4.55 -30.36
C HIS HA 59 -14.39 -3.13 -30.40
N THR HA 60 -14.06 -2.62 -29.24
CA THR HA 60 -13.36 -1.35 -29.14
C THR HA 60 -11.87 -1.63 -29.11
N LEU HA 61 -11.11 -0.88 -29.91
CA LEU HA 61 -9.66 -1.01 -29.96
C LEU HA 61 -9.08 0.29 -29.42
N ALA HA 62 -8.45 0.19 -28.26
CA ALA HA 62 -7.77 1.34 -27.69
C ALA HA 62 -6.33 1.33 -28.18
N ILE HA 63 -5.92 2.44 -28.76
CA ILE HA 63 -4.59 2.60 -29.33
C ILE HA 63 -3.88 3.68 -28.54
N MET HA 64 -2.64 3.42 -28.14
CA MET HA 64 -1.81 4.44 -27.51
C MET HA 64 -0.66 4.77 -28.44
N VAL HA 65 -0.54 6.05 -28.78
CA VAL HA 65 0.45 6.50 -29.74
C VAL HA 65 1.19 7.71 -29.19
N GLN HA 66 2.35 7.97 -29.79
CA GLN HA 66 3.20 9.08 -29.40
C GLN HA 66 2.47 10.41 -29.59
N LYS HA 67 2.76 11.36 -28.70
CA LYS HA 67 1.93 12.56 -28.58
C LYS HA 67 1.78 13.28 -29.91
N HIS HA 68 2.82 13.30 -30.71
CA HIS HA 68 2.73 13.93 -32.03
C HIS HA 68 3.56 13.06 -32.96
N SER HA 69 2.92 12.10 -33.58
CA SER HA 69 3.60 11.11 -34.39
C SER HA 69 2.87 10.94 -35.69
N PRO HA 70 3.54 10.41 -36.71
CA PRO HA 70 2.81 10.00 -37.91
C PRO HA 70 1.57 9.20 -37.60
N ASP HA 71 1.63 8.30 -36.62
CA ASP HA 71 0.45 7.56 -36.26
C ASP HA 71 -0.60 8.48 -35.64
N ASP HA 72 -0.17 9.36 -34.73
CA ASP HA 72 -1.13 10.31 -34.17
C ASP HA 72 -1.56 11.32 -35.22
N LYS HA 73 -0.69 11.63 -36.18
CA LYS HA 73 -1.10 12.53 -37.25
C LYS HA 73 -2.22 11.90 -38.07
N PHE HA 74 -2.08 10.63 -38.41
CA PHE HA 74 -3.11 9.93 -39.17
C PHE HA 74 -4.40 9.86 -38.36
N LEU HA 75 -4.30 9.43 -37.10
CA LEU HA 75 -5.50 9.32 -36.29
C LEU HA 75 -6.17 10.67 -36.07
N ASN HA 76 -5.37 11.73 -35.89
CA ASN HA 76 -5.94 13.04 -35.66
C ASN HA 76 -6.64 13.56 -36.91
N ASP HA 77 -5.96 13.48 -38.05
CA ASP HA 77 -6.59 13.90 -39.29
C ASP HA 77 -7.85 13.12 -39.53
N ALA HA 78 -7.88 11.86 -39.11
CA ALA HA 78 -9.13 11.12 -39.12
C ALA HA 78 -10.15 11.75 -38.19
N LYS HA 79 -9.70 12.16 -37.00
CA LYS HA 79 -10.64 12.67 -36.01
C LYS HA 79 -11.26 13.98 -36.45
N ASN HA 80 -10.49 14.82 -37.14
CA ASN HA 80 -10.95 16.15 -37.48
C ASN HA 80 -11.55 16.25 -38.87
N SER HA 81 -11.79 15.12 -39.53
CA SER HA 81 -12.38 15.18 -40.85
C SER HA 81 -13.80 15.74 -40.79
N GLN HA 82 -14.22 16.33 -41.89
CA GLN HA 82 -15.59 16.82 -41.97
C GLN HA 82 -16.58 15.67 -41.86
N GLU HA 83 -16.30 14.59 -42.56
CA GLU HA 83 -17.10 13.38 -42.50
C GLU HA 83 -16.31 12.30 -41.80
N PRO HA 84 -16.84 11.69 -40.75
CA PRO HA 84 -16.04 10.72 -39.98
C PRO HA 84 -15.60 9.58 -40.89
N VAL HA 85 -14.33 9.26 -40.83
CA VAL HA 85 -13.72 8.35 -41.79
C VAL HA 85 -13.86 6.93 -41.28
N VAL HA 86 -14.42 6.07 -42.13
CA VAL HA 86 -14.50 4.66 -41.79
C VAL HA 86 -13.11 4.09 -41.65
N PHE HA 87 -12.95 3.10 -40.78
CA PHE HA 87 -11.69 2.43 -40.57
C PHE HA 87 -11.87 0.96 -40.90
N ASP HA 88 -11.07 0.46 -41.81
CA ASP HA 88 -11.00 -0.96 -42.12
C ASP HA 88 -9.55 -1.38 -42.09
N GLY HA 89 -9.29 -2.60 -41.64
CA GLY HA 89 -7.92 -3.05 -41.59
C GLY HA 89 -7.78 -4.33 -40.80
N SER HA 90 -6.60 -4.51 -40.22
CA SER HA 90 -6.31 -5.76 -39.55
C SER HA 90 -5.29 -5.58 -38.44
N MET HA 91 -5.47 -6.37 -37.40
CA MET HA 91 -4.50 -6.61 -36.35
C MET HA 91 -3.99 -8.02 -36.49
N LYS HA 92 -2.68 -8.22 -36.66
CA LYS HA 92 -2.25 -9.61 -36.70
C LYS HA 92 -0.83 -9.79 -36.21
N ARG HA 93 -0.53 -11.03 -35.83
CA ARG HA 93 0.76 -11.45 -35.33
C ARG HA 93 1.25 -12.64 -36.14
N ALA HA 94 2.56 -12.78 -36.24
CA ALA HA 94 3.15 -13.99 -36.76
C ALA HA 94 3.61 -14.83 -35.57
N TYR HA 95 3.54 -16.15 -35.71
CA TYR HA 95 3.94 -16.99 -34.60
C TYR HA 95 4.17 -18.40 -35.10
N THR HA 96 5.18 -19.07 -34.57
CA THR HA 96 5.50 -20.42 -34.97
C THR HA 96 5.01 -21.37 -33.90
N GLU HA 97 4.07 -22.23 -34.27
CA GLU HA 97 3.40 -23.10 -33.31
C GLU HA 97 4.38 -24.05 -32.65
N SER HA 98 4.89 -25.01 -33.40
CA SER HA 98 5.98 -25.84 -32.92
C SER HA 98 7.21 -25.69 -33.81
N GLY HA 99 7.06 -25.99 -35.09
CA GLY HA 99 8.03 -25.58 -36.07
C GLY HA 99 7.33 -24.84 -37.18
N THR HA 100 6.05 -25.14 -37.33
CA THR HA 100 5.27 -24.55 -38.41
C THR HA 100 4.97 -23.09 -38.12
N LEU HA 101 5.03 -22.26 -39.17
CA LEU HA 101 4.81 -20.83 -39.03
C LEU HA 101 3.38 -20.51 -39.40
N LYS HA 102 2.61 -20.03 -38.43
CA LYS HA 102 1.23 -19.64 -38.61
C LYS HA 102 1.09 -18.15 -38.41
N LYS HA 103 0.00 -17.59 -38.90
CA LYS HA 103 -0.27 -16.17 -38.77
C LYS HA 103 -1.65 -16.00 -38.17
N ALA HA 104 -1.74 -15.28 -37.07
CA ALA HA 104 -3.02 -15.06 -36.39
C ALA HA 104 -3.50 -13.67 -36.74
N THR HA 105 -4.58 -13.58 -37.50
CA THR HA 105 -5.10 -12.32 -38.01
C THR HA 105 -6.46 -12.05 -37.42
N THR HA 106 -6.78 -10.77 -37.27
CA THR HA 106 -8.08 -10.32 -36.78
C THR HA 106 -8.49 -9.15 -37.65
N THR HA 107 -9.53 -9.33 -38.45
CA THR HA 107 -10.02 -8.24 -39.27
C THR HA 107 -10.69 -7.20 -38.41
N LEU HA 108 -10.77 -5.98 -38.93
CA LEU HA 108 -11.48 -4.90 -38.27
C LEU HA 108 -12.29 -4.18 -39.34
N GLU HA 109 -13.61 -4.35 -39.27
CA GLU HA 109 -14.53 -3.81 -40.25
C GLU HA 109 -14.78 -2.34 -39.97
N THR HA 110 -15.81 -1.79 -40.60
CA THR HA 110 -16.17 -0.39 -40.49
C THR HA 110 -16.19 0.08 -39.05
N GLY HA 111 -15.29 1.00 -38.74
CA GLY HA 111 -15.17 1.52 -37.39
C GLY HA 111 -14.88 3.01 -37.46
N SER HA 112 -14.77 3.62 -36.29
CA SER HA 112 -14.66 5.07 -36.23
C SER HA 112 -14.15 5.48 -34.86
N ILE HA 113 -13.75 6.75 -34.75
CA ILE HA 113 -13.40 7.33 -33.47
C ILE HA 113 -14.58 7.20 -32.53
N THR HA 114 -14.32 6.89 -31.27
CA THR HA 114 -15.41 6.94 -30.30
C THR HA 114 -15.04 7.57 -28.96
N THR HA 115 -13.76 7.73 -28.64
CA THR HA 115 -13.35 8.52 -27.48
C THR HA 115 -12.08 9.23 -27.87
N GLN HA 116 -12.09 10.56 -27.84
CA GLN HA 116 -10.88 11.28 -28.16
C GLN HA 116 -9.84 11.03 -27.07
N PRO HA 117 -8.58 11.20 -27.37
CA PRO HA 117 -7.58 11.16 -26.31
C PRO HA 117 -7.83 12.28 -25.33
N THR HA 118 -7.58 12.00 -24.05
CA THR HA 118 -7.68 13.01 -23.02
C THR HA 118 -6.35 13.74 -22.98
N LYS HA 119 -6.26 14.82 -23.72
CA LYS HA 119 -4.99 15.49 -23.98
C LYS HA 119 -4.46 16.06 -22.68
N THR HA 120 -3.43 15.45 -22.13
CA THR HA 120 -2.82 15.87 -20.88
C THR HA 120 -1.39 16.29 -21.14
N ASP HA 121 -1.01 17.46 -20.63
CA ASP HA 121 0.36 17.94 -20.72
C ASP HA 121 0.85 18.32 -19.33
N ASN HA 122 2.00 17.80 -18.94
CA ASN HA 122 2.51 17.96 -17.60
C ASN HA 122 3.81 18.74 -17.65
N ASN HA 123 4.32 19.09 -16.47
CA ASN HA 123 5.65 19.65 -16.34
C ASN HA 123 6.54 18.80 -15.46
N GLN HA 124 6.04 18.35 -14.32
CA GLN HA 124 6.73 17.37 -13.50
C GLN HA 124 7.33 16.27 -14.36
N ASP HA 125 6.49 15.63 -15.15
CA ASP HA 125 6.82 14.36 -15.75
C ASP HA 125 6.44 14.36 -17.22
N PRO HA 126 7.22 13.70 -18.07
CA PRO HA 126 6.89 13.67 -19.49
C PRO HA 126 5.66 12.79 -19.71
N ASP HA 127 4.80 13.21 -20.61
CA ASP HA 127 3.60 12.46 -20.95
C ASP HA 127 3.30 12.66 -22.42
N ASP HA 128 3.57 11.63 -23.23
CA ASP HA 128 3.20 11.66 -24.64
C ASP HA 128 2.30 10.47 -24.91
N SER HA 129 1.04 10.58 -24.50
CA SER HA 129 0.17 9.41 -24.43
C SER HA 129 -1.15 9.76 -25.08
N ARG HA 130 -1.23 9.62 -26.39
CA ARG HA 130 -2.47 9.90 -27.10
C ARG HA 130 -3.19 8.58 -27.28
N THR HA 131 -4.28 8.39 -26.56
CA THR HA 131 -5.05 7.16 -26.60
C THR HA 131 -6.34 7.39 -27.37
N TYR HA 132 -6.41 6.84 -28.57
CA TYR HA 132 -7.63 6.83 -29.35
C TYR HA 132 -8.37 5.53 -29.08
N VAL HA 133 -9.65 5.49 -29.40
CA VAL HA 133 -10.42 4.26 -29.31
C VAL HA 133 -11.26 4.15 -30.58
N ILE HA 134 -10.83 3.27 -31.48
CA ILE HA 134 -11.58 2.96 -32.68
C ILE HA 134 -12.40 1.72 -32.40
N GLU HA 135 -13.71 1.86 -32.39
CA GLU HA 135 -14.56 0.72 -32.08
C GLU HA 135 -15.29 0.29 -33.34
N PHE HA 136 -15.02 -0.92 -33.79
CA PHE HA 136 -15.51 -1.47 -35.04
C PHE HA 136 -16.80 -2.23 -34.79
N ARG HA 137 -17.24 -3.01 -35.77
CA ARG HA 137 -18.36 -3.89 -35.46
C ARG HA 137 -18.02 -5.35 -35.55
N ASN HA 138 -17.20 -5.77 -36.50
CA ASN HA 138 -16.78 -7.15 -36.60
C ASN HA 138 -15.29 -7.24 -36.35
N SER HA 139 -14.91 -8.09 -35.40
CA SER HA 139 -13.50 -8.34 -35.11
C SER HA 139 -13.35 -9.84 -34.99
N VAL HA 140 -13.12 -10.50 -36.11
CA VAL HA 140 -13.04 -11.96 -36.16
C VAL HA 140 -11.57 -12.35 -36.14
N GLU HA 141 -11.15 -13.02 -35.08
CA GLU HA 141 -9.83 -13.62 -35.05
C GLU HA 141 -9.88 -14.98 -35.72
N THR HA 142 -8.85 -15.30 -36.49
CA THR HA 142 -8.77 -16.61 -37.13
C THR HA 142 -7.36 -17.17 -36.99
N PHE HA 143 -7.29 -18.47 -36.73
CA PHE HA 143 -6.04 -19.22 -36.67
C PHE HA 143 -6.30 -20.68 -36.37
N SER IA 2 7.90 8.46 -33.63
CA SER IA 2 9.04 8.99 -34.36
C SER IA 2 9.89 9.90 -33.49
N VAL IA 3 11.05 10.28 -34.02
CA VAL IA 3 11.91 11.24 -33.33
C VAL IA 3 11.16 12.53 -33.15
N ILE IA 4 11.21 13.09 -31.94
CA ILE IA 4 10.49 14.32 -31.67
C ILE IA 4 10.97 14.99 -30.39
N VAL IA 5 11.08 16.31 -30.43
CA VAL IA 5 11.49 17.09 -29.27
C VAL IA 5 10.75 18.42 -29.28
N TYR IA 6 10.31 18.84 -28.11
CA TYR IA 6 9.54 20.06 -27.94
C TYR IA 6 10.42 21.16 -27.37
N ARG IA 7 10.24 22.37 -27.88
CA ARG IA 7 10.53 23.55 -27.09
C ARG IA 7 9.35 23.70 -26.13
N ASN IA 8 9.32 24.79 -25.36
CA ASN IA 8 8.08 25.19 -24.70
C ASN IA 8 7.53 24.08 -23.79
N ASN IA 9 8.22 23.89 -22.67
CA ASN IA 9 7.94 22.80 -21.73
C ASN IA 9 6.49 22.39 -21.65
N GLN IA 10 5.61 23.33 -21.35
CA GLN IA 10 4.19 23.08 -21.33
C GLN IA 10 3.55 23.75 -22.53
N SER IA 11 2.36 23.29 -22.88
CA SER IA 11 1.64 23.92 -23.97
C SER IA 11 1.31 25.33 -23.56
N THR IA 12 2.01 26.29 -24.16
CA THR IA 12 1.71 27.69 -23.86
C THR IA 12 0.30 28.00 -24.30
N LEU IA 13 -0.43 28.69 -23.42
CA LEU IA 13 -1.87 28.80 -23.50
C LEU IA 13 -2.28 30.25 -23.34
N THR IA 14 -3.31 30.63 -24.07
CA THR IA 14 -3.81 31.99 -23.95
C THR IA 14 -5.27 32.07 -24.33
N LEU IA 15 -6.06 32.63 -23.43
CA LEU IA 15 -7.50 32.82 -23.59
C LEU IA 15 -7.77 34.31 -23.63
N ASN IA 16 -8.62 34.74 -24.55
CA ASN IA 16 -8.98 36.16 -24.66
C ASN IA 16 -7.73 37.03 -24.75
N GLY IA 17 -6.75 36.59 -25.54
CA GLY IA 17 -5.58 37.42 -25.74
C GLY IA 17 -4.77 37.64 -24.48
N TYR IA 18 -5.04 36.87 -23.44
CA TYR IA 18 -4.28 36.91 -22.20
C TYR IA 18 -3.61 35.55 -22.04
N THR IA 19 -2.31 35.55 -21.78
CA THR IA 19 -1.55 34.32 -21.74
C THR IA 19 -1.34 33.86 -20.31
N PHE IA 20 -1.51 32.56 -20.09
CA PHE IA 20 -1.35 31.99 -18.76
C PHE IA 20 0.13 31.77 -18.49
N GLN IA 21 0.63 32.37 -17.43
CA GLN IA 21 2.05 32.30 -17.15
C GLN IA 21 2.37 31.86 -15.73
N HIS IA 22 1.36 31.68 -14.88
CA HIS IA 22 1.57 31.11 -13.56
C HIS IA 22 0.79 29.81 -13.53
N LEU IA 23 1.40 28.75 -14.02
CA LEU IA 23 0.76 27.46 -14.11
C LEU IA 23 1.25 26.61 -12.97
N TYR IA 24 0.33 26.03 -12.21
CA TYR IA 24 0.75 25.17 -11.12
C TYR IA 24 1.56 24.02 -11.67
N GLN IA 25 2.77 23.88 -11.17
CA GLN IA 25 3.64 22.83 -11.66
C GLN IA 25 3.03 21.48 -11.30
N GLY IA 26 3.25 20.50 -12.16
CA GLY IA 26 2.58 19.23 -11.98
C GLY IA 26 1.26 19.05 -12.71
N ALA IA 27 1.30 19.12 -14.03
CA ALA IA 27 0.15 18.79 -14.88
C ALA IA 27 -1.02 19.72 -14.61
N ALA IA 28 -0.78 21.01 -14.87
CA ALA IA 28 -1.83 21.99 -14.66
C ALA IA 28 -2.91 21.85 -15.72
N LEU IA 29 -2.56 22.08 -16.97
CA LEU IA 29 -3.55 21.98 -18.03
C LEU IA 29 -3.90 20.53 -18.29
N VAL IA 30 -5.17 20.27 -18.59
CA VAL IA 30 -5.57 18.98 -19.13
C VAL IA 30 -6.84 19.16 -19.94
N LEU IA 31 -6.85 18.60 -21.15
CA LEU IA 31 -8.00 18.64 -22.03
C LEU IA 31 -8.68 17.28 -22.01
N THR IA 32 -9.98 17.28 -21.74
CA THR IA 32 -10.74 16.07 -21.69
C THR IA 32 -11.89 16.16 -22.68
N PRO IA 33 -12.06 15.17 -23.55
CA PRO IA 33 -13.24 15.14 -24.43
C PRO IA 33 -14.44 14.65 -23.63
N VAL IA 34 -15.45 15.50 -23.50
CA VAL IA 34 -16.58 15.09 -22.69
C VAL IA 34 -17.37 14.00 -23.39
N ASN IA 35 -17.41 13.99 -24.72
CA ASN IA 35 -18.23 13.03 -25.44
C ASN IA 35 -17.40 12.34 -26.50
N ALA IA 36 -18.09 11.53 -27.30
CA ALA IA 36 -17.48 10.77 -28.37
C ALA IA 36 -17.19 11.71 -29.54
N LYS IA 37 -16.77 11.15 -30.68
CA LYS IA 37 -16.78 11.89 -31.93
C LYS IA 37 -17.86 11.42 -32.88
N THR IA 38 -18.38 10.22 -32.67
CA THR IA 38 -19.45 9.71 -33.53
C THR IA 38 -20.14 8.52 -32.89
N ALA IA 39 -21.45 8.60 -32.77
CA ALA IA 39 -22.21 7.48 -32.24
C ALA IA 39 -22.69 6.65 -33.42
N ARG IA 40 -22.89 5.36 -33.19
CA ARG IA 40 -23.38 4.56 -34.29
C ARG IA 40 -24.49 3.64 -33.84
N THR IA 41 -25.42 3.38 -34.76
CA THR IA 41 -26.37 2.31 -34.63
C THR IA 41 -25.98 1.20 -35.60
N ASN IA 42 -26.04 -0.04 -35.14
CA ASN IA 42 -25.45 -1.16 -35.85
C ASN IA 42 -26.47 -2.27 -36.05
N SER IA 43 -26.82 -2.55 -37.30
CA SER IA 43 -27.84 -3.52 -37.62
C SER IA 43 -27.20 -4.78 -38.18
N ILE IA 44 -28.05 -5.69 -38.65
CA ILE IA 44 -27.64 -7.07 -38.94
C ILE IA 44 -26.66 -7.12 -40.10
N ASN IA 45 -25.97 -8.26 -40.21
CA ASN IA 45 -25.37 -8.74 -41.43
C ASN IA 45 -24.47 -7.68 -42.09
N GLY IA 46 -23.53 -7.17 -41.32
CA GLY IA 46 -22.59 -6.23 -41.87
C GLY IA 46 -23.24 -4.93 -42.30
N GLY IA 47 -23.82 -4.22 -41.35
CA GLY IA 47 -24.36 -2.90 -41.59
C GLY IA 47 -24.27 -2.02 -40.35
N VAL IA 48 -23.73 -0.81 -40.51
CA VAL IA 48 -23.64 0.16 -39.42
C VAL IA 48 -24.00 1.52 -39.99
N SER IA 49 -24.23 2.47 -39.10
CA SER IA 49 -24.52 3.83 -39.51
C SER IA 49 -23.63 4.77 -38.70
N ILE IA 50 -22.88 5.60 -39.39
CA ILE IA 50 -21.88 6.47 -38.76
C ILE IA 50 -22.46 7.86 -38.71
N SER IA 51 -22.52 8.44 -37.51
CA SER IA 51 -23.06 9.79 -37.34
C SER IA 51 -22.20 10.54 -36.34
N GLY IA 52 -21.49 11.56 -36.81
CA GLY IA 52 -20.69 12.39 -35.93
C GLY IA 52 -21.59 13.27 -35.10
N ARG IA 53 -21.45 13.21 -33.78
CA ARG IA 53 -22.35 13.97 -32.93
C ARG IA 53 -22.09 15.46 -33.04
N VAL IA 54 -23.05 16.23 -32.52
CA VAL IA 54 -22.90 17.67 -32.45
C VAL IA 54 -22.02 18.09 -31.29
N ASP IA 55 -21.73 17.19 -30.37
CA ASP IA 55 -20.87 17.46 -29.23
C ASP IA 55 -19.43 17.04 -29.50
N GLY IA 56 -19.03 17.06 -30.76
CA GLY IA 56 -17.76 16.49 -31.14
C GLY IA 56 -16.59 17.02 -30.36
N GLY IA 57 -16.28 18.28 -30.56
CA GLY IA 57 -15.08 18.80 -29.94
C GLY IA 57 -15.23 19.24 -28.52
N VAL IA 58 -16.39 19.03 -27.89
CA VAL IA 58 -16.65 19.66 -26.60
C VAL IA 58 -15.61 19.14 -25.63
N HIS IA 59 -14.70 20.01 -25.23
CA HIS IA 59 -13.59 19.61 -24.39
C HIS IA 59 -13.58 20.48 -23.15
N THR IA 60 -13.39 19.85 -22.00
CA THR IA 60 -13.16 20.56 -20.76
C THR IA 60 -11.67 20.74 -20.57
N LEU IA 61 -11.26 21.94 -20.22
CA LEU IA 61 -9.86 22.25 -19.95
C LEU IA 61 -9.73 22.58 -18.48
N ALA IA 62 -9.07 21.71 -17.74
CA ALA IA 62 -8.80 21.96 -16.34
C ALA IA 62 -7.47 22.69 -16.23
N ILE IA 63 -7.49 23.83 -15.57
CA ILE IA 63 -6.33 24.69 -15.39
C ILE IA 63 -6.00 24.72 -13.91
N MET IA 64 -4.73 24.55 -13.57
CA MET IA 64 -4.28 24.71 -12.20
C MET IA 64 -3.35 25.92 -12.13
N VAL IA 65 -3.70 26.87 -11.28
CA VAL IA 65 -2.97 28.13 -11.19
C VAL IA 65 -2.68 28.44 -9.74
N GLN IA 66 -1.71 29.33 -9.55
CA GLN IA 66 -1.28 29.76 -8.22
C GLN IA 66 -2.42 30.42 -7.47
N LYS IA 67 -2.45 30.21 -6.15
CA LYS IA 67 -3.63 30.54 -5.35
C LYS IA 67 -4.09 31.97 -5.56
N HIS IA 68 -3.14 32.89 -5.71
CA HIS IA 68 -3.51 34.28 -5.95
C HIS IA 68 -2.47 34.82 -6.93
N SER IA 69 -2.77 34.69 -8.20
CA SER IA 69 -1.81 35.03 -9.25
C SER IA 69 -2.51 35.86 -10.30
N PRO IA 70 -1.74 36.61 -11.09
CA PRO IA 70 -2.34 37.24 -12.27
C PRO IA 70 -3.20 36.28 -13.06
N ASP IA 71 -2.79 35.04 -13.23
CA ASP IA 71 -3.63 34.09 -13.93
C ASP IA 71 -4.90 33.80 -13.14
N ASP IA 72 -4.77 33.58 -11.83
CA ASP IA 72 -5.97 33.38 -11.03
C ASP IA 72 -6.76 34.67 -10.92
N LYS IA 73 -6.10 35.82 -10.96
CA LYS IA 73 -6.84 37.07 -10.96
C LYS IA 73 -7.72 37.19 -12.20
N PHE IA 74 -7.15 36.87 -13.36
CA PHE IA 74 -7.91 36.90 -14.60
C PHE IA 74 -9.06 35.92 -14.56
N LEU IA 75 -8.77 34.67 -14.18
CA LEU IA 75 -9.82 33.66 -14.14
C LEU IA 75 -10.89 34.01 -13.13
N ASN IA 76 -10.51 34.57 -11.99
CA ASN IA 76 -11.49 34.91 -10.96
C ASN IA 76 -12.37 36.06 -11.43
N ASP IA 77 -11.76 37.13 -11.94
CA ASP IA 77 -12.55 38.23 -12.45
C ASP IA 77 -13.48 37.75 -13.56
N ALA IA 78 -13.04 36.76 -14.32
CA ALA IA 78 -13.96 36.11 -15.24
C ALA IA 78 -15.09 35.43 -14.49
N LYS IA 79 -14.77 34.75 -13.40
CA LYS IA 79 -15.77 33.96 -12.71
C LYS IA 79 -16.83 34.85 -12.08
N ASN IA 80 -16.43 36.02 -11.58
CA ASN IA 80 -17.34 36.87 -10.84
C ASN IA 80 -18.00 37.94 -11.69
N SER IA 81 -17.87 37.87 -13.01
CA SER IA 81 -18.49 38.88 -13.84
C SER IA 81 -20.00 38.78 -13.74
N GLN IA 82 -20.66 39.91 -13.99
CA GLN IA 82 -22.12 39.91 -14.01
C GLN IA 82 -22.63 39.01 -15.13
N GLU IA 83 -22.03 39.11 -16.30
CA GLU IA 83 -22.36 38.29 -17.44
C GLU IA 83 -21.21 37.33 -17.69
N PRO IA 84 -21.45 36.03 -17.74
CA PRO IA 84 -20.33 35.08 -17.88
C PRO IA 84 -19.57 35.36 -19.16
N VAL IA 85 -18.26 35.44 -19.03
CA VAL IA 85 -17.42 35.92 -20.12
C VAL IA 85 -17.04 34.76 -21.02
N VAL IA 86 -17.30 34.90 -22.31
CA VAL IA 86 -16.88 33.88 -23.26
C VAL IA 86 -15.36 33.81 -23.26
N PHE IA 87 -14.84 32.61 -23.52
CA PHE IA 87 -13.41 32.38 -23.60
C PHE IA 87 -13.09 31.87 -24.99
N ASP IA 88 -12.20 32.57 -25.68
CA ASP IA 88 -11.66 32.12 -26.96
C ASP IA 88 -10.15 32.22 -26.89
N GLY IA 89 -9.47 31.28 -27.53
CA GLY IA 89 -8.02 31.33 -27.50
C GLY IA 89 -7.41 30.06 -28.04
N SER IA 90 -6.22 29.74 -27.54
CA SER IA 90 -5.49 28.62 -28.09
C SER IA 90 -4.54 28.01 -27.07
N MET IA 91 -4.39 26.70 -27.16
CA MET IA 91 -3.35 25.93 -26.51
C MET IA 91 -2.39 25.44 -27.58
N LYS IA 92 -1.11 25.78 -27.48
CA LYS IA 92 -0.23 25.22 -28.49
C LYS IA 92 1.19 25.04 -27.97
N ARG IA 93 1.91 24.16 -28.68
CA ARG IA 93 3.29 23.82 -28.39
C ARG IA 93 4.12 24.00 -29.64
N ALA IA 94 5.39 24.32 -29.45
CA ALA IA 94 6.35 24.28 -30.55
C ALA IA 94 7.12 22.97 -30.44
N TYR IA 95 7.51 22.41 -31.57
CA TYR IA 95 8.22 21.15 -31.53
C TYR IA 95 8.90 20.91 -32.87
N THR IA 96 10.11 20.36 -32.81
CA THR IA 96 10.86 20.08 -34.03
C THR IA 96 10.77 18.60 -34.32
N GLU IA 97 10.17 18.25 -35.46
CA GLU IA 97 9.89 16.87 -35.80
C GLU IA 97 11.17 16.06 -35.92
N SER IA 98 11.95 16.32 -36.96
CA SER IA 98 13.28 15.75 -37.05
C SER IA 98 14.33 16.84 -37.11
N GLY IA 99 14.25 17.73 -38.08
CA GLY IA 99 14.98 18.97 -38.05
C GLY IA 99 14.01 20.11 -38.25
N THR IA 100 12.90 19.81 -38.90
CA THR IA 100 11.92 20.83 -39.25
C THR IA 100 11.14 21.25 -38.01
N LEU IA 101 10.87 22.54 -37.92
CA LEU IA 101 10.18 23.10 -36.77
C LEU IA 101 8.70 23.25 -37.10
N LYS IA 102 7.87 22.51 -36.39
CA LYS IA 102 6.43 22.55 -36.56
C LYS IA 102 5.79 23.11 -35.29
N LYS IA 103 4.54 23.54 -35.41
CA LYS IA 103 3.81 24.09 -34.28
C LYS IA 103 2.49 23.36 -34.19
N ALA IA 104 2.19 22.79 -33.04
CA ALA IA 104 0.96 22.05 -32.84
C ALA IA 104 0.01 22.93 -32.05
N THR IA 105 -1.06 23.36 -32.69
CA THR IA 105 -2.01 24.30 -32.12
C THR IA 105 -3.36 23.64 -31.94
N THR IA 106 -4.10 24.09 -30.93
CA THR IA 106 -5.44 23.61 -30.65
C THR IA 106 -6.28 24.84 -30.30
N THR IA 107 -7.22 25.18 -31.17
CA THR IA 107 -8.09 26.31 -30.89
C THR IA 107 -9.04 25.96 -29.76
N LEU IA 108 -9.56 26.98 -29.11
CA LEU IA 108 -10.58 26.82 -28.08
C LEU IA 108 -11.63 27.89 -28.33
N GLU IA 109 -12.80 27.45 -28.76
CA GLU IA 109 -13.90 28.33 -29.13
C GLU IA 109 -14.63 28.79 -27.87
N THR IA 110 -15.81 29.35 -28.06
CA THR IA 110 -16.64 29.89 -26.99
C THR IA 110 -16.74 28.92 -25.83
N GLY IA 111 -16.21 29.32 -24.69
CA GLY IA 111 -16.22 28.49 -23.50
C GLY IA 111 -16.47 29.36 -22.29
N SER IA 112 -16.53 28.72 -21.13
CA SER IA 112 -16.92 29.42 -19.92
C SER IA 112 -16.53 28.59 -18.70
N ILE IA 113 -16.59 29.24 -17.53
CA ILE IA 113 -16.40 28.53 -16.28
C ILE IA 113 -17.43 27.42 -16.19
N THR IA 114 -17.01 26.27 -15.67
CA THR IA 114 -18.02 25.25 -15.38
C THR IA 114 -17.83 24.54 -14.05
N THR IA 115 -16.67 24.63 -13.40
CA THR IA 115 -16.51 24.15 -12.04
C THR IA 115 -15.57 25.12 -11.34
N GLN IA 116 -16.04 25.76 -10.28
CA GLN IA 116 -15.17 26.66 -9.56
C GLN IA 116 -14.08 25.86 -8.88
N PRO IA 117 -12.95 26.48 -8.58
CA PRO IA 117 -11.96 25.81 -7.76
C PRO IA 117 -12.54 25.48 -6.39
N THR IA 118 -12.15 24.34 -5.85
CA THR IA 118 -12.56 23.96 -4.51
C THR IA 118 -11.55 24.59 -3.56
N LYS IA 119 -11.89 25.78 -3.08
CA LYS IA 119 -10.93 26.61 -2.36
C LYS IA 119 -10.58 25.94 -1.05
N THR IA 120 -9.36 25.41 -0.96
CA THR IA 120 -8.90 24.71 0.22
C THR IA 120 -7.70 25.46 0.80
N ASP IA 121 -7.74 25.70 2.10
CA ASP IA 121 -6.62 26.32 2.80
C ASP IA 121 -6.24 25.47 4.00
N ASN IA 122 -4.97 25.15 4.10
CA ASN IA 122 -4.48 24.23 5.10
C ASN IA 122 -3.54 24.96 6.04
N ASN IA 123 -3.13 24.26 7.09
CA ASN IA 123 -2.07 24.73 7.97
C ASN IA 123 -0.89 23.78 8.03
N GLN IA 124 -1.17 22.48 8.16
CA GLN IA 124 -0.14 21.45 8.02
C GLN IA 124 0.76 21.75 6.84
N ASP IA 125 0.17 21.90 5.67
CA ASP IA 125 0.88 21.83 4.42
C ASP IA 125 0.46 22.99 3.52
N PRO IA 126 1.38 23.53 2.74
CA PRO IA 126 1.02 24.63 1.84
C PRO IA 126 0.18 24.09 0.70
N ASP IA 127 -0.82 24.86 0.30
CA ASP IA 127 -1.70 24.49 -0.80
C ASP IA 127 -2.12 25.75 -1.54
N ASP IA 128 -1.54 25.97 -2.72
CA ASP IA 128 -1.95 27.08 -3.57
C ASP IA 128 -2.41 26.50 -4.89
N SER IA 129 -3.60 25.93 -4.92
CA SER IA 129 -4.01 25.09 -6.04
C SER IA 129 -5.40 25.52 -6.47
N ARG IA 130 -5.47 26.53 -7.32
CA ARG IA 130 -6.77 26.97 -7.83
C ARG IA 130 -7.00 26.29 -9.16
N THR IA 131 -7.93 25.35 -9.20
CA THR IA 131 -8.22 24.60 -10.41
C THR IA 131 -9.54 25.06 -11.00
N TYR IA 132 -9.47 25.77 -12.11
CA TYR IA 132 -10.65 26.14 -12.87
C TYR IA 132 -10.87 25.10 -13.94
N VAL IA 133 -12.07 25.06 -14.50
CA VAL IA 133 -12.37 24.20 -15.63
C VAL IA 133 -13.17 25.00 -16.63
N ILE IA 134 -12.50 25.41 -17.70
CA ILE IA 134 -13.15 26.09 -18.81
C ILE IA 134 -13.48 25.05 -19.87
N GLU IA 135 -14.75 24.81 -20.10
CA GLU IA 135 -15.14 23.80 -21.06
C GLU IA 135 -15.73 24.47 -22.29
N PHE IA 136 -15.07 24.28 -23.42
CA PHE IA 136 -15.40 24.94 -24.67
C PHE IA 136 -16.33 24.06 -25.49
N ARG IA 137 -16.52 24.39 -26.76
CA ARG IA 137 -17.26 23.44 -27.58
C ARG IA 137 -16.41 22.85 -28.70
N ASN IA 138 -15.55 23.62 -29.32
CA ASN IA 138 -14.69 23.10 -30.37
C ASN IA 138 -13.25 23.18 -29.90
N SER IA 139 -12.56 22.05 -29.95
CA SER IA 139 -11.14 22.00 -29.61
C SER IA 139 -10.47 21.16 -30.69
N VAL IA 140 -10.07 21.83 -31.77
CA VAL IA 140 -9.50 21.15 -32.93
C VAL IA 140 -7.99 21.27 -32.83
N GLU IA 141 -7.31 20.15 -32.68
CA GLU IA 141 -5.86 20.12 -32.78
C GLU IA 141 -5.47 19.99 -34.24
N THR IA 142 -4.43 20.70 -34.64
CA THR IA 142 -3.93 20.59 -36.00
C THR IA 142 -2.41 20.51 -35.99
N PHE IA 143 -1.89 19.65 -36.87
CA PHE IA 143 -0.45 19.51 -37.09
C PHE IA 143 -0.17 18.46 -38.15
N SER JA 2 3.19 33.99 -9.71
CA SER JA 2 4.06 35.11 -9.38
C SER JA 2 4.57 35.04 -7.95
N VAL JA 3 5.51 35.92 -7.63
CA VAL JA 3 6.01 36.03 -6.26
C VAL JA 3 4.86 36.36 -5.34
N ILE JA 4 4.76 35.64 -4.22
CA ILE JA 4 3.67 35.89 -3.29
C ILE JA 4 3.93 35.27 -1.94
N VAL JA 5 3.57 36.00 -0.88
CA VAL JA 5 3.72 35.52 0.49
C VAL JA 5 2.57 36.04 1.32
N TYR JA 6 2.05 35.18 2.19
CA TYR JA 6 0.91 35.49 3.04
C TYR JA 6 1.37 35.76 4.46
N ARG JA 7 0.78 36.76 5.08
CA ARG JA 7 0.65 36.76 6.53
C ARG JA 7 -0.46 35.78 6.85
N ASN JA 8 -0.84 35.68 8.12
CA ASN JA 8 -2.12 35.07 8.47
C ASN JA 8 -2.22 33.63 7.95
N ASN JA 9 -1.46 32.75 8.60
CA ASN JA 9 -1.32 31.36 8.19
C ASN JA 9 -2.53 30.76 7.50
N GLN JA 10 -3.67 30.79 8.18
CA GLN JA 10 -4.92 30.33 7.61
C GLN JA 10 -5.78 31.54 7.30
N SER JA 11 -6.75 31.34 6.42
CA SER JA 11 -7.69 32.40 6.12
C SER JA 11 -8.48 32.71 7.38
N THR JA 12 -8.17 33.84 8.00
CA THR JA 12 -8.92 34.24 9.18
C THR JA 12 -10.38 34.46 8.80
N LEU JA 13 -11.25 33.91 9.62
CA LEU JA 13 -12.65 33.72 9.28
C LEU JA 13 -13.53 34.23 10.40
N THR JA 14 -14.66 34.81 10.02
CA THR JA 14 -15.59 35.28 11.03
C THR JA 14 -17.00 35.31 10.48
N LEU JA 15 -17.90 34.67 11.20
CA LEU JA 15 -19.32 34.61 10.88
C LEU JA 15 -20.10 35.33 11.96
N ASN JA 16 -21.08 36.13 11.56
CA ASN JA 16 -21.90 36.86 12.51
C ASN JA 16 -21.04 37.65 13.49
N GLY JA 17 -20.01 38.31 12.98
CA GLY JA 17 -19.20 39.14 13.84
C GLY JA 17 -18.48 38.39 14.93
N TYR JA 18 -18.42 37.07 14.82
CA TYR JA 18 -17.67 36.22 15.74
C TYR JA 18 -16.57 35.54 14.95
N THR JA 19 -15.35 35.60 15.45
CA THR JA 19 -14.20 35.12 14.70
C THR JA 19 -13.80 33.73 15.17
N PHE JA 20 -13.49 32.87 14.23
CA PHE JA 20 -13.11 31.51 14.55
C PHE JA 20 -11.64 31.48 14.93
N GLN JA 21 -11.33 31.02 16.12
CA GLN JA 21 -9.97 31.06 16.61
C GLN JA 21 -9.47 29.73 17.13
N HIS JA 22 -10.31 28.70 17.18
CA HIS JA 22 -9.88 27.35 17.52
C HIS JA 22 -10.16 26.50 16.30
N LEU JA 23 -9.24 26.51 15.35
CA LEU JA 23 -9.39 25.80 14.11
C LEU JA 23 -8.59 24.52 14.19
N TYR JA 24 -9.23 23.39 13.91
CA TYR JA 24 -8.51 22.13 13.95
C TYR JA 24 -7.36 22.19 12.97
N GLN JA 25 -6.17 21.95 13.45
CA GLN JA 25 -5.01 22.02 12.59
C GLN JA 25 -5.08 20.91 11.56
N GLY JA 26 -4.58 21.18 10.37
CA GLY JA 26 -4.75 20.23 9.29
C GLY JA 26 -5.95 20.45 8.39
N ALA JA 27 -5.99 21.61 7.72
CA ALA JA 27 -6.98 21.89 6.68
C ALA JA 27 -8.40 21.89 7.25
N ALA JA 28 -8.63 22.81 8.19
CA ALA JA 28 -9.94 22.91 8.79
C ALA JA 28 -10.95 23.48 7.80
N LEU JA 29 -10.75 24.72 7.39
CA LEU JA 29 -11.67 25.34 6.46
C LEU JA 29 -11.50 24.73 5.07
N VAL JA 30 -12.61 24.57 4.36
CA VAL JA 30 -12.56 24.28 2.93
C VAL JA 30 -13.84 24.78 2.29
N LEU JA 31 -13.70 25.49 1.18
CA LEU JA 31 -14.82 26.00 0.41
C LEU JA 31 -14.99 25.14 -0.83
N THR JA 32 -16.19 24.64 -1.03
CA THR JA 32 -16.49 23.81 -2.17
C THR JA 32 -17.63 24.43 -2.96
N PRO JA 33 -17.48 24.62 -4.27
CA PRO JA 33 -18.60 25.07 -5.10
C PRO JA 33 -19.53 23.90 -5.37
N VAL JA 34 -20.76 24.01 -4.90
CA VAL JA 34 -21.66 22.87 -5.08
C VAL JA 34 -22.04 22.72 -6.55
N ASN JA 35 -22.12 23.82 -7.29
CA ASN JA 35 -22.59 23.75 -8.66
C ASN JA 35 -21.62 24.46 -9.58
N ALA JA 36 -22.00 24.57 -10.84
CA ALA JA 36 -21.20 25.22 -11.86
C ALA JA 36 -21.30 26.74 -11.69
N LYS JA 37 -20.75 27.48 -12.64
CA LYS JA 37 -21.06 28.90 -12.75
C LYS JA 37 -21.94 29.22 -13.94
N THR JA 38 -22.01 28.33 -14.92
CA THR JA 38 -22.85 28.55 -16.08
C THR JA 38 -23.07 27.26 -16.86
N ALA JA 39 -24.33 26.92 -17.08
CA ALA JA 39 -24.64 25.74 -17.88
C ALA JA 39 -24.84 26.19 -19.31
N ARG JA 40 -24.57 25.30 -20.26
CA ARG JA 40 -24.78 25.71 -21.63
C ARG JA 40 -25.49 24.62 -22.41
N THR JA 41 -26.31 25.05 -23.36
CA THR JA 41 -26.82 24.19 -24.41
C THR JA 41 -26.10 24.53 -25.70
N ASN JA 42 -25.70 23.50 -26.45
CA ASN JA 42 -24.79 23.66 -27.57
C ASN JA 42 -25.38 23.03 -28.82
N SER JA 43 -25.65 23.87 -29.83
CA SER JA 43 -26.28 23.41 -31.05
C SER JA 43 -25.26 23.39 -32.18
N ILE JA 44 -25.75 23.12 -33.39
CA ILE JA 44 -24.91 22.76 -34.51
C ILE JA 44 -24.02 23.91 -34.94
N ASN JA 45 -22.99 23.57 -35.71
CA ASN JA 45 -22.29 24.49 -36.60
C ASN JA 45 -21.84 25.76 -35.89
N GLY JA 46 -21.11 25.59 -34.81
CA GLY JA 46 -20.57 26.73 -34.10
C GLY JA 46 -21.65 27.60 -33.50
N GLY JA 47 -22.41 27.05 -32.56
CA GLY JA 47 -23.38 27.80 -31.79
C GLY JA 47 -23.56 27.23 -30.40
N VAL JA 48 -23.47 28.09 -29.39
CA VAL JA 48 -23.68 27.70 -28.00
C VAL JA 48 -24.52 28.79 -27.34
N SER JA 49 -25.03 28.48 -26.16
CA SER JA 49 -25.78 29.44 -25.38
C SER JA 49 -25.26 29.44 -23.96
N ILE JA 50 -24.85 30.60 -23.48
CA ILE JA 50 -24.20 30.73 -22.19
C ILE JA 50 -25.22 31.27 -21.20
N SER JA 51 -25.44 30.55 -20.10
CA SER JA 51 -26.41 30.97 -19.09
C SER JA 51 -25.83 30.71 -17.71
N GLY JA 52 -25.53 31.78 -16.98
CA GLY JA 52 -25.05 31.64 -15.63
C GLY JA 52 -26.16 31.20 -14.71
N ARG JA 53 -25.96 30.09 -13.99
CA ARG JA 53 -27.04 29.56 -13.18
C ARG JA 53 -27.32 30.48 -11.99
N VAL JA 54 -28.47 30.23 -11.35
CA VAL JA 54 -28.82 30.93 -10.13
C VAL JA 54 -28.10 30.37 -8.92
N ASP JA 55 -27.48 29.20 -9.06
CA ASP JA 55 -26.73 28.58 -7.98
C ASP JA 55 -25.25 28.90 -8.07
N GLY JA 56 -24.92 30.05 -8.64
CA GLY JA 56 -23.54 30.36 -8.96
C GLY JA 56 -22.60 30.25 -7.79
N GLY JA 57 -22.75 31.11 -6.82
CA GLY JA 57 -21.80 31.12 -5.75
C GLY JA 57 -22.04 30.13 -4.64
N VAL JA 58 -23.03 29.25 -4.78
CA VAL JA 58 -23.45 28.43 -3.65
C VAL JA 58 -22.26 27.58 -3.24
N HIS JA 59 -21.68 27.89 -2.09
CA HIS JA 59 -20.49 27.24 -1.63
C HIS JA 59 -20.73 26.64 -0.26
N THR JA 60 -20.29 25.41 -0.08
CA THR JA 60 -20.29 24.78 1.23
C THR JA 60 -18.94 25.04 1.88
N LEU JA 61 -18.96 25.45 3.13
CA LEU JA 61 -17.75 25.69 3.91
C LEU JA 61 -17.69 24.66 5.01
N ALA JA 62 -16.74 23.75 4.91
CA ALA JA 62 -16.52 22.78 5.96
C ALA JA 62 -15.52 23.34 6.95
N ILE JA 63 -15.91 23.36 8.21
CA ILE JA 63 -15.12 23.90 9.30
C ILE JA 63 -14.78 22.76 10.23
N MET JA 64 -13.52 22.66 10.62
CA MET JA 64 -13.09 21.70 11.63
C MET JA 64 -12.65 22.46 12.87
N VAL JA 65 -13.27 22.15 14.00
CA VAL JA 65 -13.02 22.87 15.24
C VAL JA 65 -12.80 21.88 16.37
N GLN JA 66 -12.19 22.39 17.44
CA GLN JA 66 -11.88 21.60 18.62
C GLN JA 66 -13.17 21.05 19.24
N LYS JA 67 -13.07 19.85 19.80
CA LYS JA 67 -14.27 19.09 20.17
C LYS JA 67 -15.19 19.88 21.08
N HIS JA 68 -14.64 20.69 21.97
CA HIS JA 68 -15.47 21.51 22.84
C HIS JA 68 -14.72 22.82 22.99
N SER JA 69 -15.00 23.76 22.12
CA SER JA 69 -14.26 25.01 22.07
C SER JA 69 -15.23 26.16 21.95
N PRO JA 70 -14.80 27.36 22.31
CA PRO JA 70 -15.62 28.54 22.00
C PRO JA 70 -16.13 28.53 20.58
N ASP JA 71 -15.31 28.12 19.62
CA ASP JA 71 -15.80 28.04 18.25
C ASP JA 71 -16.85 26.96 18.11
N ASP JA 72 -16.62 25.78 18.70
CA ASP JA 72 -17.65 24.75 18.66
C ASP JA 72 -18.83 25.13 19.52
N LYS JA 73 -18.61 25.90 20.59
CA LYS JA 73 -19.74 26.37 21.37
C LYS JA 73 -20.64 27.27 20.55
N PHE JA 74 -20.04 28.19 19.80
CA PHE JA 74 -20.82 29.09 18.95
C PHE JA 74 -21.54 28.30 17.87
N LEU JA 75 -20.82 27.41 17.18
CA LEU JA 75 -21.46 26.64 16.12
C LEU JA 75 -22.55 25.74 16.67
N ASN JA 76 -22.34 25.15 17.85
CA ASN JA 76 -23.34 24.26 18.41
C ASN JA 76 -24.59 25.04 18.82
N ASP JA 77 -24.40 26.14 19.55
CA ASP JA 77 -25.55 26.96 19.91
C ASP JA 77 -26.29 27.43 18.68
N ALA JA 78 -25.56 27.66 17.59
CA ALA JA 78 -26.23 27.90 16.33
C ALA JA 78 -27.02 26.68 15.89
N LYS JA 79 -26.45 25.49 16.03
CA LYS JA 79 -27.10 24.29 15.53
C LYS JA 79 -28.37 23.99 16.29
N ASN JA 80 -28.38 24.26 17.60
CA ASN JA 80 -29.50 23.87 18.44
C ASN JA 80 -30.52 24.97 18.64
N SER JA 81 -30.42 26.07 17.89
CA SER JA 81 -31.39 27.14 18.05
C SER JA 81 -32.77 26.67 17.62
N GLN JA 82 -33.79 27.31 18.19
CA GLN JA 82 -35.15 27.01 17.78
C GLN JA 82 -35.36 27.38 16.32
N GLU JA 83 -34.87 28.53 15.92
CA GLU JA 83 -34.93 28.98 14.54
C GLU JA 83 -33.54 28.97 13.97
N PRO JA 84 -33.30 28.30 12.85
CA PRO JA 84 -31.94 28.18 12.33
C PRO JA 84 -31.36 29.55 12.05
N VAL JA 85 -30.16 29.78 12.53
CA VAL JA 85 -29.58 31.11 12.54
C VAL JA 85 -28.84 31.34 11.24
N VAL JA 86 -29.19 32.44 10.57
CA VAL JA 86 -28.47 32.81 9.35
C VAL JA 86 -27.03 33.10 9.70
N PHE JA 87 -26.14 32.82 8.76
CA PHE JA 87 -24.72 33.09 8.92
C PHE JA 87 -24.28 34.06 7.84
N ASP JA 88 -23.72 35.19 8.25
CA ASP JA 88 -23.10 36.14 7.34
C ASP JA 88 -21.72 36.45 7.86
N GLY JA 89 -20.77 36.68 6.95
CA GLY JA 89 -19.43 36.98 7.40
C GLY JA 89 -18.44 36.92 6.26
N SER JA 90 -17.20 36.62 6.62
CA SER JA 90 -16.14 36.66 5.63
C SER JA 90 -15.01 35.71 5.97
N MET JA 91 -14.43 35.16 4.91
CA MET JA 91 -13.15 34.45 4.95
C MET JA 91 -12.12 35.30 4.24
N LYS JA 92 -11.04 35.67 4.91
CA LYS JA 92 -10.05 36.43 4.16
C LYS JA 92 -8.64 36.21 4.67
N ARG JA 93 -7.68 36.51 3.79
CA ARG JA 93 -6.26 36.40 4.06
C ARG JA 93 -5.59 37.72 3.74
N ALA JA 94 -4.50 38.00 4.43
CA ALA JA 94 -3.62 39.09 4.06
C ALA JA 94 -2.45 38.52 3.30
N TYR JA 95 -1.93 39.27 2.33
CA TYR JA 95 -0.82 38.74 1.55
C TYR JA 95 -0.15 39.88 0.82
N THR JA 96 1.16 39.82 0.73
CA THR JA 96 1.93 40.87 0.05
C THR JA 96 2.35 40.34 -1.31
N GLU JA 97 1.87 40.98 -2.37
CA GLU JA 97 2.07 40.50 -3.72
C GLU JA 97 3.55 40.47 -4.08
N SER JA 98 4.15 41.63 -4.24
CA SER JA 98 5.60 41.72 -4.38
C SER JA 98 6.20 42.54 -3.26
N GLY JA 99 5.78 43.79 -3.12
CA GLY JA 99 6.03 44.56 -1.92
C GLY JA 99 4.73 45.09 -1.40
N THR JA 100 3.76 45.23 -2.31
CA THR JA 100 2.48 45.82 -1.95
C THR JA 100 1.65 44.84 -1.15
N LEU JA 101 0.95 45.35 -0.14
CA LEU JA 101 0.15 44.53 0.74
C LEU JA 101 -1.29 44.56 0.27
N LYS JA 102 -1.80 43.40 -0.15
CA LYS JA 102 -3.17 43.25 -0.60
C LYS JA 102 -3.91 42.33 0.37
N LYS JA 103 -5.24 42.39 0.30
CA LYS JA 103 -6.08 41.57 1.15
C LYS JA 103 -7.06 40.83 0.27
N ALA JA 104 -7.09 39.51 0.38
CA ALA JA 104 -7.99 38.70 -0.43
C ALA JA 104 -9.15 38.28 0.44
N THR JA 105 -10.34 38.80 0.13
CA THR JA 105 -11.53 38.60 0.94
C THR JA 105 -12.56 37.81 0.15
N THR JA 106 -13.37 37.03 0.86
CA THR JA 106 -14.46 36.27 0.28
C THR JA 106 -15.64 36.42 1.21
N THR JA 107 -16.69 37.11 0.74
CA THR JA 107 -17.87 37.25 1.55
C THR JA 107 -18.61 35.92 1.63
N LEU JA 108 -19.43 35.79 2.67
CA LEU JA 108 -20.29 34.63 2.83
C LEU JA 108 -21.65 35.14 3.26
N GLU JA 109 -22.62 35.04 2.35
CA GLU JA 109 -23.97 35.55 2.55
C GLU JA 109 -24.77 34.57 3.39
N THR JA 110 -26.07 34.75 3.42
CA THR JA 110 -26.99 33.95 4.21
C THR JA 110 -26.72 32.46 4.05
N GLY JA 111 -26.32 31.83 5.15
CA GLY JA 111 -26.00 30.42 5.15
C GLY JA 111 -26.48 29.80 6.43
N SER JA 112 -26.28 28.49 6.55
CA SER JA 112 -26.85 27.75 7.66
C SER JA 112 -26.15 26.41 7.79
N ILE JA 113 -26.39 25.75 8.92
CA ILE JA 113 -25.93 24.39 9.11
C ILE JA 113 -26.50 23.51 8.00
N THR JA 114 -25.69 22.59 7.50
CA THR JA 114 -26.27 21.60 6.57
C THR JA 114 -25.79 20.18 6.80
N THR JA 115 -24.72 19.94 7.54
CA THR JA 115 -24.35 18.60 7.96
C THR JA 115 -23.79 18.71 9.36
N GLN JA 116 -24.41 18.06 10.32
CA GLN JA 116 -23.88 18.10 11.67
C GLN JA 116 -22.56 17.36 11.70
N PRO JA 117 -21.71 17.67 12.67
CA PRO JA 117 -20.51 16.87 12.86
C PRO JA 117 -20.90 15.44 13.20
N THR JA 118 -20.12 14.50 12.69
CA THR JA 118 -20.32 13.08 13.03
C THR JA 118 -19.57 12.84 14.32
N LYS JA 119 -20.27 12.97 15.44
CA LYS JA 119 -19.64 13.00 16.75
C LYS JA 119 -19.03 11.64 17.04
N THR JA 120 -17.71 11.56 16.99
CA THR JA 120 -16.99 10.33 17.23
C THR JA 120 -16.11 10.49 18.45
N ASP JA 121 -16.17 9.52 19.36
CA ASP JA 121 -15.33 9.50 20.54
C ASP JA 121 -14.63 8.15 20.63
N ASN JA 122 -13.32 8.18 20.77
CA ASN JA 122 -12.50 6.99 20.73
C ASN JA 122 -11.84 6.78 22.07
N ASN JA 123 -11.17 5.64 22.22
CA ASN JA 123 -10.32 5.37 23.37
C ASN JA 123 -8.89 5.10 22.95
N GLN JA 124 -8.69 4.28 21.93
CA GLN JA 124 -7.38 4.10 21.32
C GLN JA 124 -6.67 5.43 21.15
N ASP JA 125 -7.33 6.36 20.47
CA ASP JA 125 -6.67 7.52 19.93
C ASP JA 125 -7.49 8.76 20.22
N PRO JA 126 -6.85 9.89 20.46
CA PRO JA 126 -7.60 11.11 20.73
C PRO JA 126 -8.25 11.61 19.46
N ASP JA 127 -9.46 12.12 19.58
CA ASP JA 127 -10.20 12.64 18.44
C ASP JA 127 -11.05 13.81 18.92
N ASP JA 128 -10.64 15.03 18.60
CA ASP JA 128 -11.44 16.21 18.89
C ASP JA 128 -11.70 16.92 17.58
N SER JA 129 -12.63 16.40 16.79
CA SER JA 129 -12.76 16.81 15.40
C SER JA 129 -14.22 17.09 15.12
N ARG JA 130 -14.67 18.29 15.42
CA ARG JA 130 -16.05 18.65 15.15
C ARG JA 130 -16.08 19.38 13.82
N THR JA 131 -16.63 18.73 12.80
CA THR JA 131 -16.68 19.29 11.46
C THR JA 131 -18.11 19.72 11.15
N TYR JA 132 -18.32 21.02 11.12
CA TYR JA 132 -19.59 21.59 10.66
C TYR JA 132 -19.46 21.91 9.18
N VAL JA 133 -20.60 22.09 8.52
CA VAL JA 133 -20.62 22.52 7.14
C VAL JA 133 -21.68 23.60 7.00
N ILE JA 134 -21.23 24.84 6.91
CA ILE JA 134 -22.12 25.97 6.66
C ILE JA 134 -22.10 26.24 5.18
N GLU JA 135 -23.23 26.04 4.52
CA GLU JA 135 -23.26 26.23 3.08
C GLU JA 135 -24.10 27.47 2.77
N PHE JA 136 -23.46 28.47 2.18
CA PHE JA 136 -24.04 29.78 1.92
C PHE JA 136 -24.64 29.80 0.52
N ARG JA 137 -24.97 30.99 0.04
CA ARG JA 137 -25.36 31.03 -1.37
C ARG JA 137 -24.41 31.85 -2.22
N ASN JA 138 -23.89 32.95 -1.72
CA ASN JA 138 -22.94 33.74 -2.48
C ASN JA 138 -21.60 33.71 -1.77
N SER JA 139 -20.56 33.33 -2.49
CA SER JA 139 -19.20 33.33 -1.97
C SER JA 139 -18.32 33.96 -3.04
N VAL JA 140 -18.21 35.28 -3.01
CA VAL JA 140 -17.49 36.03 -4.01
C VAL JA 140 -16.10 36.35 -3.47
N GLU JA 141 -15.08 35.79 -4.08
CA GLU JA 141 -13.72 36.18 -3.76
C GLU JA 141 -13.36 37.41 -4.57
N THR JA 142 -12.63 38.34 -3.95
CA THR JA 142 -12.17 39.53 -4.64
C THR JA 142 -10.72 39.81 -4.30
N PHE JA 143 -9.96 40.22 -5.31
CA PHE JA 143 -8.58 40.65 -5.15
C PHE JA 143 -7.99 41.06 -6.50
N MET KA 1 -73.25 38.53 38.88
CA MET KA 1 -73.21 39.72 38.02
C MET KA 1 -71.75 40.02 37.69
N ALA KA 2 -70.91 38.99 37.76
CA ALA KA 2 -69.52 39.14 37.35
C ALA KA 2 -69.45 39.38 35.84
N SER KA 3 -68.28 39.80 35.37
CA SER KA 3 -68.16 40.29 34.01
C SER KA 3 -66.95 39.68 33.31
N ILE KA 4 -66.99 39.74 31.99
CA ILE KA 4 -65.83 39.41 31.17
C ILE KA 4 -64.65 40.28 31.54
N SER KA 5 -64.90 41.55 31.85
CA SER KA 5 -63.87 42.58 31.88
C SER KA 5 -62.79 42.33 32.93
N GLU KA 6 -62.85 41.19 33.58
CA GLU KA 6 -61.82 40.79 34.53
C GLU KA 6 -60.95 39.65 34.05
N VAL KA 7 -61.37 38.87 33.06
CA VAL KA 7 -60.55 37.78 32.56
C VAL KA 7 -60.15 38.04 31.12
N ILE KA 8 -61.00 38.74 30.38
CA ILE KA 8 -60.72 39.13 29.00
C ILE KA 8 -60.99 40.63 28.95
N ARG KA 9 -59.98 41.45 29.23
CA ARG KA 9 -60.18 42.89 29.33
C ARG KA 9 -59.98 43.49 27.94
N VAL KA 10 -61.06 44.00 27.36
CA VAL KA 10 -61.06 44.59 26.04
C VAL KA 10 -61.43 46.06 26.15
N SER KA 11 -60.58 46.92 25.60
CA SER KA 11 -60.79 48.35 25.67
C SER KA 11 -60.50 48.97 24.31
N LEU KA 12 -60.66 50.29 24.21
CA LEU KA 12 -60.48 51.01 22.96
C LEU KA 12 -59.54 52.20 23.18
N GLN KA 13 -58.84 52.56 22.12
CA GLN KA 13 -58.06 53.80 22.05
C GLN KA 13 -57.07 53.90 23.21
N GLN KA 14 -56.11 52.98 23.21
CA GLN KA 14 -54.98 53.03 24.11
C GLN KA 14 -53.73 53.32 23.30
N GLU KA 15 -53.01 54.37 23.66
CA GLU KA 15 -51.82 54.79 22.95
C GLU KA 15 -50.64 53.92 23.39
N GLY KA 16 -50.06 53.18 22.44
CA GLY KA 16 -48.87 52.43 22.74
C GLY KA 16 -47.74 53.34 23.17
N ARG KA 17 -47.09 53.00 24.29
CA ARG KA 17 -46.00 53.85 24.77
C ARG KA 17 -44.84 53.83 23.79
N ALA KA 18 -44.19 54.99 23.64
CA ALA KA 18 -43.13 55.18 22.68
C ALA KA 18 -41.81 55.35 23.41
N ILE KA 19 -40.75 54.74 22.88
CA ILE KA 19 -39.42 54.81 23.47
C ILE KA 19 -38.45 55.32 22.42
N ALA KA 20 -37.43 56.04 22.87
CA ALA KA 20 -36.45 56.61 21.96
C ALA KA 20 -35.70 55.49 21.26
N PRO KA 21 -35.75 55.40 19.94
CA PRO KA 21 -35.12 54.29 19.25
C PRO KA 21 -33.73 54.64 18.74
N ASP KA 22 -32.97 53.59 18.46
CA ASP KA 22 -31.74 53.72 17.71
C ASP KA 22 -31.99 53.98 16.24
N ASN KA 23 -33.25 53.90 15.82
CA ASN KA 23 -33.58 53.95 14.40
C ASN KA 23 -33.17 55.29 13.81
N MET KA 24 -32.83 55.28 12.53
CA MET KA 24 -32.49 56.52 11.86
C MET KA 24 -33.63 57.51 11.89
N ASN KA 25 -34.85 57.05 11.68
CA ASN KA 25 -35.98 57.93 11.46
C ASN KA 25 -36.77 58.15 12.75
N ALA KA 26 -36.10 58.77 13.71
CA ALA KA 26 -36.76 59.31 14.89
C ALA KA 26 -36.66 60.81 14.76
N VAL KA 27 -37.60 61.39 14.05
CA VAL KA 27 -37.50 62.78 13.62
C VAL KA 27 -38.01 63.70 14.71
N GLY KA 28 -37.68 64.97 14.58
CA GLY KA 28 -38.02 65.97 15.59
C GLY KA 28 -38.68 67.19 15.00
N ILE KA 29 -39.71 67.67 15.70
CA ILE KA 29 -40.36 68.93 15.39
C ILE KA 29 -40.14 69.82 16.60
N ILE KA 30 -39.37 70.88 16.42
CA ILE KA 30 -39.01 71.76 17.53
C ILE KA 30 -40.04 72.87 17.61
N THR KA 31 -40.61 73.08 18.80
CA THR KA 31 -41.64 74.08 18.97
C THR KA 31 -41.14 75.23 19.84
N GLY KA 32 -41.94 76.30 19.84
CA GLY KA 32 -41.59 77.51 20.56
C GLY KA 32 -42.71 77.98 21.45
N ASN KA 33 -43.41 77.06 22.10
CA ASN KA 33 -44.49 77.40 23.01
C ASN KA 33 -44.21 76.78 24.36
N GLN KA 34 -43.89 77.60 25.35
CA GLN KA 34 -43.58 77.12 26.69
C GLN KA 34 -44.80 76.65 27.44
N GLY KA 35 -45.94 76.52 26.77
CA GLY KA 35 -47.16 76.14 27.45
C GLY KA 35 -47.12 74.76 28.08
N VAL KA 36 -46.42 73.81 27.48
CA VAL KA 36 -46.42 72.44 27.97
C VAL KA 36 -45.04 71.88 28.22
N LEU KA 37 -43.99 72.37 27.60
CA LEU KA 37 -42.67 71.80 27.77
C LEU KA 37 -41.72 72.84 28.33
N SER KA 38 -40.91 72.41 29.30
CA SER KA 38 -39.97 73.28 29.98
C SER KA 38 -38.56 73.00 29.48
N THR KA 39 -37.62 73.78 30.01
CA THR KA 39 -36.21 73.48 29.76
C THR KA 39 -35.88 72.07 30.20
N ALA KA 40 -36.28 71.71 31.41
CA ALA KA 40 -36.12 70.33 31.85
C ALA KA 40 -36.96 69.39 31.00
N ASP KA 41 -38.18 69.79 30.67
CA ASP KA 41 -39.07 68.98 29.83
C ASP KA 41 -38.71 69.17 28.37
N ARG KA 42 -37.43 68.96 28.07
CA ARG KA 42 -36.85 69.42 26.81
C ARG KA 42 -37.50 68.78 25.60
N TYR KA 43 -38.12 67.61 25.76
CA TYR KA 43 -38.71 66.94 24.61
C TYR KA 43 -39.79 66.00 25.09
N ARG KA 44 -40.39 65.27 24.14
CA ARG KA 44 -41.39 64.27 24.44
C ARG KA 44 -41.66 63.45 23.19
N ILE KA 45 -41.78 62.14 23.34
CA ILE KA 45 -41.80 61.22 22.22
C ILE KA 45 -43.19 60.65 22.03
N TYR KA 46 -43.61 60.60 20.76
CA TYR KA 46 -44.99 60.32 20.39
C TYR KA 46 -45.01 59.30 19.26
N ARG KA 47 -46.10 58.54 19.20
CA ARG KA 47 -46.34 57.63 18.09
C ARG KA 47 -47.73 57.79 17.49
N THR KA 48 -48.56 58.66 18.04
CA THR KA 48 -49.90 58.82 17.51
C THR KA 48 -50.36 60.25 17.64
N ALA KA 49 -50.87 60.80 16.54
CA ALA KA 49 -51.39 62.17 16.55
C ALA KA 49 -52.41 62.36 17.65
N ALA KA 50 -53.21 61.33 17.93
CA ALA KA 50 -54.21 61.44 18.98
C ALA KA 50 -53.57 61.80 20.31
N ALA KA 51 -52.54 61.06 20.71
CA ALA KA 51 -51.86 61.37 21.95
C ALA KA 51 -51.19 62.74 21.88
N VAL KA 52 -50.69 63.10 20.69
CA VAL KA 52 -50.03 64.40 20.56
C VAL KA 52 -51.00 65.50 20.94
N ALA KA 53 -52.20 65.46 20.36
CA ALA KA 53 -53.19 66.49 20.68
C ALA KA 53 -53.63 66.37 22.13
N SER KA 54 -53.86 65.15 22.61
CA SER KA 54 -54.32 64.98 23.98
C SER KA 54 -53.30 65.46 24.97
N ASP KA 55 -52.05 65.65 24.55
CA ASP KA 55 -51.09 66.29 25.44
C ASP KA 55 -51.02 67.79 25.20
N PHE KA 56 -51.05 68.22 23.94
CA PHE KA 56 -50.97 69.64 23.64
C PHE KA 56 -52.33 70.30 23.49
N GLY KA 57 -53.31 69.62 22.91
CA GLY KA 57 -54.56 70.24 22.56
C GLY KA 57 -54.73 70.28 21.06
N ALA KA 58 -55.85 69.76 20.56
CA ALA KA 58 -56.07 69.67 19.12
C ALA KA 58 -56.07 71.03 18.46
N SER KA 59 -56.23 72.10 19.23
CA SER KA 59 -56.16 73.43 18.69
C SER KA 59 -54.73 73.96 18.59
N SER KA 60 -53.76 73.26 19.17
CA SER KA 60 -52.41 73.77 19.20
C SER KA 60 -51.74 73.70 17.82
N GLN KA 61 -50.81 74.62 17.59
CA GLN KA 61 -49.99 74.55 16.39
C GLN KA 61 -49.30 73.20 16.31
N GLU KA 62 -48.66 72.79 17.41
CA GLU KA 62 -47.96 71.52 17.44
C GLU KA 62 -48.90 70.40 17.04
N SER KA 63 -50.16 70.49 17.46
CA SER KA 63 -51.12 69.48 17.07
C SER KA 63 -51.27 69.43 15.56
N ALA KA 64 -51.42 70.60 14.92
CA ALA KA 64 -51.63 70.63 13.47
C ALA KA 64 -50.43 70.07 12.74
N PHE KA 65 -49.23 70.44 13.18
CA PHE KA 65 -48.04 69.86 12.56
C PHE KA 65 -48.04 68.35 12.74
N ALA KA 66 -48.49 67.89 13.91
CA ALA KA 66 -48.56 66.45 14.13
C ALA KA 66 -49.50 65.80 13.14
N ASN KA 67 -50.67 66.39 12.93
CA ASN KA 67 -51.58 65.82 11.94
C ASN KA 67 -50.93 65.75 10.57
N THR KA 68 -50.37 66.88 10.11
CA THR KA 68 -49.77 66.88 8.77
C THR KA 68 -48.64 65.89 8.69
N PHE KA 69 -47.96 65.64 9.80
CA PHE KA 69 -46.92 64.62 9.82
C PHE KA 69 -47.51 63.23 9.70
N PHE KA 70 -48.54 62.95 10.48
CA PHE KA 70 -49.09 61.61 10.59
C PHE KA 70 -49.93 61.20 9.39
N ASP KA 71 -50.26 62.14 8.51
CA ASP KA 71 -51.11 61.80 7.38
C ASP KA 71 -50.35 61.29 6.17
N THR KA 72 -49.03 61.43 6.15
CA THR KA 72 -48.25 60.95 5.02
C THR KA 72 -48.28 59.42 5.03
N THR KA 73 -48.93 58.84 4.02
CA THR KA 73 -49.25 57.42 4.10
C THR KA 73 -48.04 56.52 4.32
N PRO KA 74 -46.89 56.73 3.69
CA PRO KA 74 -45.67 56.18 4.29
C PRO KA 74 -45.26 57.10 5.41
N ASN KA 75 -45.47 56.66 6.63
CA ASN KA 75 -45.22 57.40 7.84
C ASN KA 75 -43.93 56.91 8.47
N PRO KA 76 -43.11 57.80 9.02
CA PRO KA 76 -41.86 57.34 9.64
C PRO KA 76 -42.07 56.23 10.65
N ILE KA 77 -43.19 56.27 11.37
CA ILE KA 77 -43.48 55.21 12.32
C ILE KA 77 -43.59 53.88 11.62
N SER KA 78 -44.09 53.87 10.38
CA SER KA 78 -44.22 52.62 9.65
C SER KA 78 -42.87 51.93 9.51
N ALA KA 79 -41.78 52.69 9.58
CA ALA KA 79 -40.44 52.12 9.56
C ALA KA 79 -39.84 52.07 10.95
N GLY KA 80 -40.65 51.82 11.98
CA GLY KA 80 -40.13 51.69 13.32
C GLY KA 80 -39.47 52.95 13.84
N GLY KA 81 -40.06 54.11 13.56
CA GLY KA 81 -39.56 55.37 14.05
C GLY KA 81 -40.60 56.06 14.92
N VAL KA 82 -40.18 57.17 15.51
CA VAL KA 82 -41.03 57.90 16.43
C VAL KA 82 -41.00 59.37 16.06
N LEU KA 83 -42.03 60.10 16.46
CA LEU KA 83 -41.97 61.54 16.39
C LEU KA 83 -41.52 62.06 17.75
N VAL KA 84 -40.84 63.19 17.77
CA VAL KA 84 -40.55 63.86 19.02
C VAL KA 84 -40.92 65.31 18.86
N ILE KA 85 -41.14 65.96 20.00
CA ILE KA 85 -41.27 67.40 20.06
C ILE KA 85 -40.28 67.93 21.09
N GLY KA 86 -39.51 68.93 20.69
CA GLY KA 86 -38.57 69.57 21.57
C GLY KA 86 -39.09 70.89 22.09
N TYR KA 87 -38.16 71.72 22.56
CA TYR KA 87 -38.53 73.03 23.07
C TYR KA 87 -37.31 73.92 23.22
N TRP KA 88 -37.38 75.12 22.67
CA TRP KA 88 -36.33 76.10 22.80
C TRP KA 88 -36.95 77.38 23.31
N ARG KA 89 -36.27 78.04 24.24
CA ARG KA 89 -36.89 79.12 25.01
C ARG KA 89 -37.08 80.32 24.10
N SER KA 90 -38.20 80.30 23.36
CA SER KA 90 -38.55 81.42 22.51
C SER KA 90 -38.76 82.70 23.31
N ALA KA 91 -39.45 82.59 24.44
CA ALA KA 91 -39.84 83.75 25.23
C ALA KA 91 -39.21 83.66 26.60
N SER KA 92 -39.63 84.57 27.48
CA SER KA 92 -39.11 84.62 28.84
C SER KA 92 -39.52 83.34 29.57
N GLU KA 93 -38.57 82.43 29.73
CA GLU KA 93 -38.84 81.19 30.44
C GLU KA 93 -38.99 81.46 31.93
N THR KA 94 -40.22 81.47 32.40
CA THR KA 94 -40.50 81.48 33.83
C THR KA 94 -40.53 80.04 34.32
N VAL KA 95 -39.79 79.75 35.37
CA VAL KA 95 -39.74 78.41 35.94
C VAL KA 95 -40.07 78.57 37.42
N ALA KA 96 -41.28 78.17 37.79
CA ALA KA 96 -41.70 78.25 39.18
C ALA KA 96 -40.87 77.30 40.03
N ALA KA 97 -40.35 77.81 41.13
CA ALA KA 97 -39.51 76.99 41.99
C ALA KA 97 -40.32 75.84 42.55
N THR KA 98 -39.73 74.65 42.51
CA THR KA 98 -40.39 73.46 43.01
C THR KA 98 -39.76 73.03 44.32
N SER KA 99 -40.25 71.93 44.86
CA SER KA 99 -39.75 71.40 46.12
C SER KA 99 -38.62 70.42 45.87
N ALA KA 100 -37.88 70.13 46.93
CA ALA KA 100 -36.89 69.07 46.88
C ALA KA 100 -37.56 67.76 46.53
N THR KA 101 -36.90 66.97 45.70
CA THR KA 101 -37.50 65.75 45.16
C THR KA 101 -36.57 64.57 45.35
N LEU KA 102 -37.14 63.47 45.83
CA LEU KA 102 -36.40 62.24 46.08
C LEU KA 102 -37.01 61.11 45.27
N VAL KA 103 -36.16 60.33 44.59
CA VAL KA 103 -36.61 59.24 43.74
C VAL KA 103 -35.85 57.97 44.08
N SER KA 104 -36.55 56.83 44.05
CA SER KA 104 -35.93 55.53 44.16
C SER KA 104 -35.44 55.07 42.80
N GLU KA 105 -34.29 54.43 42.78
CA GLU KA 105 -33.82 53.88 41.51
C GLU KA 105 -34.60 52.62 41.15
N GLN KA 106 -35.00 51.84 42.15
CA GLN KA 106 -35.48 50.48 41.92
C GLN KA 106 -36.89 50.46 41.34
N THR KA 107 -36.98 50.47 40.01
CA THR KA 107 -38.28 50.42 39.36
C THR KA 107 -39.01 49.11 39.61
N SER KA 108 -38.30 48.06 40.00
CA SER KA 108 -38.90 46.74 40.08
C SER KA 108 -39.95 46.66 41.18
N GLU KA 109 -41.21 46.53 40.78
CA GLU KA 109 -42.30 46.38 41.73
C GLU KA 109 -42.27 45.01 42.40
N SER KA 110 -42.05 43.96 41.61
CA SER KA 110 -42.20 42.60 42.12
C SER KA 110 -41.27 42.33 43.30
N VAL KA 111 -40.00 42.68 43.16
CA VAL KA 111 -39.03 42.32 44.19
C VAL KA 111 -39.33 43.03 45.50
N LEU KA 112 -39.95 44.21 45.44
CA LEU KA 112 -40.11 45.00 46.65
C LEU KA 112 -41.20 44.44 47.55
N ILE KA 113 -42.30 43.96 46.96
CA ILE KA 113 -43.47 43.63 47.75
C ILE KA 113 -43.21 42.57 48.82
N PRO KA 114 -42.60 41.42 48.50
CA PRO KA 114 -42.41 40.42 49.58
C PRO KA 114 -41.59 40.92 50.74
N LEU KA 115 -40.53 41.69 50.47
CA LEU KA 115 -39.70 42.18 51.57
C LEU KA 115 -40.51 43.07 52.50
N LEU KA 116 -41.34 43.93 51.92
CA LEU KA 116 -42.22 44.76 52.73
C LEU KA 116 -43.25 43.91 53.47
N ASN KA 117 -43.75 42.84 52.82
CA ASN KA 117 -44.76 42.02 53.46
C ASN KA 117 -44.21 41.32 54.69
N ALA KA 118 -42.98 40.81 54.61
CA ALA KA 118 -42.41 40.10 55.74
C ALA KA 118 -42.22 41.03 56.93
N ILE KA 119 -41.77 42.26 56.69
CA ILE KA 119 -41.43 43.16 57.77
C ILE KA 119 -42.73 43.72 58.36
N ASN KA 120 -42.90 43.51 59.68
CA ASN KA 120 -44.11 43.94 60.37
C ASN KA 120 -44.02 45.39 60.79
N ASP KA 121 -43.01 45.72 61.58
CA ASP KA 121 -42.73 47.08 61.99
C ASP KA 121 -41.91 47.78 60.90
N GLY KA 122 -41.37 48.95 61.22
CA GLY KA 122 -40.54 49.66 60.27
C GLY KA 122 -39.71 50.69 61.00
N SER KA 123 -38.76 51.28 60.26
CA SER KA 123 -38.07 52.45 60.78
C SER KA 123 -37.57 53.26 59.60
N PHE KA 124 -37.52 54.58 59.80
CA PHE KA 124 -37.51 55.49 58.67
C PHE KA 124 -37.06 56.87 59.15
N THR KA 125 -36.00 57.43 58.58
CA THR KA 125 -35.44 58.71 59.04
C THR KA 125 -35.20 59.67 57.89
N ILE KA 126 -36.18 60.53 57.62
CA ILE KA 126 -36.03 61.56 56.61
C ILE KA 126 -35.78 62.88 57.32
N THR KA 127 -35.31 63.86 56.56
CA THR KA 127 -35.15 65.22 57.06
C THR KA 127 -35.72 66.18 56.02
N VAL KA 128 -36.91 66.73 56.30
CA VAL KA 128 -37.39 67.86 55.52
C VAL KA 128 -36.53 69.09 55.74
N ASP KA 129 -35.65 69.05 56.73
CA ASP KA 129 -34.72 70.12 57.06
C ASP KA 129 -35.48 71.38 57.48
N GLY KA 130 -36.80 71.26 57.59
CA GLY KA 130 -37.64 72.33 58.07
C GLY KA 130 -37.70 72.43 59.57
N GLY KA 131 -36.81 71.71 60.26
CA GLY KA 131 -36.77 71.72 61.69
C GLY KA 131 -36.26 70.38 62.20
N THR KA 132 -37.00 69.80 63.15
CA THR KA 132 -36.62 68.52 63.71
C THR KA 132 -36.52 67.46 62.63
N GLU KA 133 -35.41 66.74 62.61
CA GLU KA 133 -35.29 65.60 61.70
C GLU KA 133 -36.34 64.55 62.06
N GLN KA 134 -36.90 63.93 61.04
CA GLN KA 134 -37.98 62.98 61.25
C GLN KA 134 -37.46 61.68 61.85
N GLU KA 135 -38.28 61.08 62.70
CA GLU KA 135 -38.06 59.75 63.27
C GLU KA 135 -39.34 58.98 63.05
N VAL KA 136 -39.37 58.11 62.05
CA VAL KA 136 -40.60 57.47 61.60
C VAL KA 136 -40.43 55.97 61.75
N THR KA 137 -41.29 55.36 62.57
CA THR KA 137 -41.17 53.94 62.90
C THR KA 137 -42.40 53.13 62.54
N ALA KA 138 -43.59 53.58 62.91
CA ALA KA 138 -44.78 52.74 62.87
C ALA KA 138 -45.16 52.49 61.41
N LEU KA 139 -44.43 51.57 60.78
CA LEU KA 139 -44.61 51.23 59.38
C LEU KA 139 -45.03 49.76 59.27
N ASP KA 140 -46.15 49.52 58.63
CA ASP KA 140 -46.59 48.16 58.32
C ASP KA 140 -46.87 48.07 56.83
N PHE KA 141 -46.41 46.99 56.21
CA PHE KA 141 -46.61 46.79 54.78
C PHE KA 141 -47.28 45.46 54.49
N THR KA 142 -47.83 44.82 55.52
CA THR KA 142 -48.36 43.47 55.35
C THR KA 142 -49.56 43.46 54.40
N GLY KA 143 -50.34 44.52 54.39
CA GLY KA 143 -51.54 44.56 53.58
C GLY KA 143 -51.33 45.17 52.22
N VAL KA 144 -50.08 45.25 51.78
CA VAL KA 144 -49.73 45.90 50.53
C VAL KA 144 -49.59 44.86 49.43
N SER KA 145 -50.28 45.08 48.32
CA SER KA 145 -50.04 44.32 47.12
C SER KA 145 -49.48 45.14 45.98
N GLU KA 146 -49.50 46.47 46.10
CA GLU KA 146 -49.10 47.34 45.00
C GLU KA 146 -48.31 48.52 45.54
N LEU KA 147 -47.45 49.07 44.68
CA LEU KA 147 -46.56 50.15 45.10
C LEU KA 147 -47.34 51.35 45.58
N SER KA 148 -48.52 51.60 45.03
CA SER KA 148 -49.31 52.73 45.47
C SER KA 148 -49.61 52.65 46.97
N GLU KA 149 -49.77 51.44 47.48
CA GLU KA 149 -50.12 51.29 48.88
C GLU KA 149 -48.97 51.68 49.79
N VAL KA 150 -47.76 51.18 49.50
CA VAL KA 150 -46.62 51.59 50.30
C VAL KA 150 -46.38 53.08 50.15
N ALA KA 151 -46.65 53.61 48.95
CA ALA KA 151 -46.55 55.04 48.75
C ALA KA 151 -47.47 55.78 49.71
N THR KA 152 -48.74 55.41 49.75
CA THR KA 152 -49.70 56.11 50.60
C THR KA 152 -49.35 55.95 52.07
N ILE KA 153 -48.85 54.78 52.46
CA ILE KA 153 -48.40 54.60 53.84
C ILE KA 153 -47.28 55.57 54.16
N LEU KA 154 -46.31 55.69 53.25
CA LEU KA 154 -45.26 56.67 53.47
C LEU KA 154 -45.81 58.08 53.56
N ASN KA 155 -46.78 58.41 52.70
CA ASN KA 155 -47.41 59.73 52.76
C ASN KA 155 -47.95 60.00 54.16
N SER KA 156 -48.73 59.08 54.68
CA SER KA 156 -49.20 59.22 56.04
C SER KA 156 -48.07 59.18 57.06
N ALA KA 157 -46.88 58.74 56.64
CA ALA KA 157 -45.77 58.63 57.57
C ALA KA 157 -44.90 59.89 57.63
N ILE KA 158 -44.80 60.65 56.55
CA ILE KA 158 -43.94 61.82 56.49
C ILE KA 158 -44.78 63.08 56.52
N THR KA 159 -44.51 63.93 57.50
CA THR KA 159 -45.17 65.22 57.59
C THR KA 159 -44.61 66.17 56.53
N GLY KA 160 -45.46 67.08 56.08
CA GLY KA 160 -45.01 68.15 55.20
C GLY KA 160 -44.45 67.69 53.89
N ALA KA 161 -44.65 66.44 53.52
CA ALA KA 161 -44.10 65.91 52.28
C ALA KA 161 -44.99 64.83 51.74
N THR KA 162 -45.47 65.02 50.53
CA THR KA 162 -46.28 64.03 49.84
C THR KA 162 -45.38 63.07 49.09
N VAL KA 163 -45.74 61.80 49.14
CA VAL KA 163 -45.01 60.77 48.43
C VAL KA 163 -45.98 60.14 47.44
N SER KA 164 -45.44 59.48 46.43
CA SER KA 164 -46.24 58.89 45.38
C SER KA 164 -45.39 57.92 44.58
N GLU KA 165 -46.03 57.19 43.69
CA GLU KA 165 -45.36 56.26 42.80
C GLU KA 165 -45.64 56.62 41.35
N ASP KA 166 -44.57 56.74 40.57
CA ASP KA 166 -44.64 56.96 39.13
C ASP KA 166 -43.72 55.94 38.46
N ASN KA 167 -44.30 54.89 37.87
CA ASN KA 167 -43.58 53.99 36.96
C ASN KA 167 -42.35 53.39 37.64
N GLY KA 168 -42.57 52.74 38.77
CA GLY KA 168 -41.48 52.12 39.49
C GLY KA 168 -40.62 53.09 40.28
N TYR KA 169 -40.91 54.38 40.20
CA TYR KA 169 -40.15 55.40 40.91
C TYR KA 169 -40.98 55.88 42.10
N PHE KA 170 -40.31 56.13 43.22
CA PHE KA 170 -40.96 56.61 44.42
C PHE KA 170 -40.58 58.07 44.61
N LYS KA 171 -41.55 58.96 44.47
CA LYS KA 171 -41.31 60.38 44.54
C LYS KA 171 -41.69 60.89 45.92
N VAL KA 172 -40.76 61.58 46.56
CA VAL KA 172 -40.96 62.20 47.86
C VAL KA 172 -40.69 63.68 47.68
N THR KA 173 -41.69 64.52 47.95
CA THR KA 173 -41.57 65.95 47.75
C THR KA 173 -42.17 66.69 48.93
N SER KA 174 -41.40 67.58 49.52
CA SER KA 174 -41.91 68.38 50.62
C SER KA 174 -43.00 69.33 50.14
N SER KA 175 -43.91 69.66 51.07
CA SER KA 175 -44.97 70.60 50.74
C SER KA 175 -44.41 71.97 50.42
N THR KA 176 -43.44 72.44 51.19
CA THR KA 176 -42.84 73.74 50.92
C THR KA 176 -42.12 73.72 49.58
N THR KA 177 -42.20 74.84 48.86
CA THR KA 177 -41.50 75.02 47.59
C THR KA 177 -40.52 76.17 47.69
N GLY KA 178 -39.33 75.96 47.16
CA GLY KA 178 -38.32 77.00 47.18
C GLY KA 178 -37.40 76.93 48.38
N ALA KA 179 -36.13 76.61 48.15
CA ALA KA 179 -35.09 76.64 49.18
C ALA KA 179 -35.49 75.83 50.41
N THR KA 180 -36.05 74.65 50.17
CA THR KA 180 -36.29 73.67 51.23
C THR KA 180 -35.68 72.35 50.80
N SER KA 181 -34.89 71.75 51.67
CA SER KA 181 -34.04 70.62 51.29
C SER KA 181 -34.53 69.34 51.95
N LEU KA 182 -34.70 68.30 51.15
CA LEU KA 182 -34.85 66.95 51.67
C LEU KA 182 -33.54 66.19 51.49
N LEU KA 183 -32.55 66.56 52.31
CA LEU KA 183 -31.21 66.01 52.15
C LEU KA 183 -31.17 64.51 52.41
N SER KA 184 -31.85 64.06 53.46
CA SER KA 184 -31.65 62.71 53.95
C SER KA 184 -32.07 61.66 52.92
N TYR KA 185 -31.26 60.61 52.86
CA TYR KA 185 -31.54 59.45 52.01
C TYR KA 185 -32.20 58.34 52.82
N LEU KA 186 -33.12 58.74 53.70
CA LEU KA 186 -34.00 57.92 54.53
C LEU KA 186 -33.27 57.37 55.74
N GLY KA 187 -31.95 57.49 55.83
CA GLY KA 187 -31.17 57.09 56.98
C GLY KA 187 -31.56 55.77 57.61
N VAL KA 188 -31.37 55.68 58.92
CA VAL KA 188 -31.79 54.53 59.71
C VAL KA 188 -32.21 55.02 61.08
N ALA KA 189 -33.32 54.52 61.59
CA ALA KA 189 -33.75 54.81 62.94
C ALA KA 189 -33.32 53.66 63.84
N THR KA 190 -32.81 53.99 65.02
CA THR KA 190 -32.48 52.95 65.99
C THR KA 190 -33.72 52.32 66.61
N SER KA 191 -34.90 52.85 66.33
CA SER KA 191 -36.13 52.44 66.99
C SER KA 191 -36.96 51.45 66.18
N GLY KA 192 -36.39 50.79 65.19
CA GLY KA 192 -37.16 49.81 64.44
C GLY KA 192 -36.33 49.17 63.36
N THR KA 193 -37.01 48.31 62.59
CA THR KA 193 -36.37 47.66 61.46
C THR KA 193 -36.52 48.53 60.22
N ASP KA 194 -35.40 48.89 59.60
CA ASP KA 194 -35.40 49.88 58.54
C ASP KA 194 -36.14 49.39 57.30
N ILE KA 195 -36.65 50.37 56.55
CA ILE KA 195 -37.09 50.13 55.19
C ILE KA 195 -36.14 50.78 54.19
N SER KA 196 -35.22 51.63 54.67
CA SER KA 196 -34.42 52.44 53.75
C SER KA 196 -33.63 51.58 52.78
N ALA KA 197 -32.90 50.59 53.31
CA ALA KA 197 -32.05 49.79 52.44
C ALA KA 197 -32.85 49.11 51.36
N VAL KA 198 -33.92 48.39 51.75
CA VAL KA 198 -34.73 47.73 50.76
C VAL KA 198 -35.46 48.73 49.87
N LEU KA 199 -35.68 49.95 50.36
CA LEU KA 199 -36.37 50.92 49.54
C LEU KA 199 -35.52 51.45 48.41
N GLY KA 200 -34.21 51.25 48.46
CA GLY KA 200 -33.35 51.65 47.37
C GLY KA 200 -33.06 53.14 47.28
N MET KA 201 -33.33 53.91 48.33
CA MET KA 201 -32.99 55.33 48.37
C MET KA 201 -32.04 55.67 49.51
N ASN KA 202 -30.99 54.86 49.67
CA ASN KA 202 -29.94 55.13 50.63
C ASN KA 202 -28.90 56.06 50.04
N SER KA 203 -28.05 56.60 50.92
CA SER KA 203 -26.95 57.44 50.47
C SER KA 203 -26.03 56.66 49.55
N GLU KA 204 -25.69 55.44 49.93
CA GLU KA 204 -24.91 54.60 49.03
C GLU KA 204 -25.72 54.25 47.79
N SER KA 205 -27.00 53.97 47.95
CA SER KA 205 -27.84 53.63 46.81
C SER KA 205 -27.92 54.80 45.85
N GLY KA 206 -27.86 54.50 44.56
CA GLY KA 206 -28.04 55.53 43.56
C GLY KA 206 -29.42 56.14 43.64
N ALA KA 207 -29.48 57.45 43.80
CA ALA KA 207 -30.77 58.14 43.92
C ALA KA 207 -30.59 59.59 43.55
N VAL KA 208 -31.47 60.09 42.70
CA VAL KA 208 -31.47 61.49 42.30
C VAL KA 208 -32.23 62.27 43.37
N LEU KA 209 -31.61 63.33 43.86
CA LEU KA 209 -32.21 64.16 44.91
C LEU KA 209 -32.02 65.61 44.48
N THR KA 210 -32.99 66.13 43.73
CA THR KA 210 -32.94 67.51 43.26
C THR KA 210 -33.36 68.40 44.40
N GLN KA 211 -32.38 68.99 45.10
CA GLN KA 211 -32.71 69.86 46.20
C GLN KA 211 -33.55 71.04 45.71
N GLY KA 212 -34.48 71.48 46.56
CA GLY KA 212 -35.34 72.57 46.19
C GLY KA 212 -34.58 73.81 45.76
N THR KA 213 -34.94 74.36 44.60
CA THR KA 213 -34.28 75.57 44.13
C THR KA 213 -34.61 76.73 45.07
N ASP KA 214 -33.81 77.79 44.97
CA ASP KA 214 -34.06 78.98 45.78
C ASP KA 214 -35.42 79.59 45.44
N GLN KA 215 -35.57 80.08 44.21
CA GLN KA 215 -36.77 80.78 43.80
C GLN KA 215 -37.03 80.49 42.33
N VAL KA 216 -38.05 81.13 41.78
CA VAL KA 216 -38.37 80.98 40.36
C VAL KA 216 -37.20 81.50 39.54
N VAL KA 217 -36.87 80.80 38.46
CA VAL KA 217 -35.73 81.17 37.64
C VAL KA 217 -36.22 81.56 36.27
N LEU KA 218 -35.51 82.51 35.64
CA LEU KA 218 -35.88 83.08 34.36
C LEU KA 218 -34.72 82.86 33.39
N PRO KA 219 -34.62 81.68 32.77
CA PRO KA 219 -33.63 81.50 31.71
C PRO KA 219 -33.85 82.51 30.61
N ALA KA 220 -32.77 83.14 30.18
CA ALA KA 220 -32.88 84.07 29.07
C ALA KA 220 -33.28 83.32 27.81
N GLU KA 221 -33.91 84.04 26.89
CA GLU KA 221 -34.31 83.44 25.62
C GLU KA 221 -33.08 82.93 24.88
N THR KA 222 -33.05 81.63 24.65
CA THR KA 222 -31.98 81.04 23.86
C THR KA 222 -32.20 81.36 22.39
N LYS KA 223 -31.27 80.91 21.56
CA LYS KA 223 -31.39 81.00 20.11
C LYS KA 223 -31.85 79.66 19.56
N LEU KA 224 -32.30 79.68 18.31
CA LEU KA 224 -32.59 78.42 17.62
C LEU KA 224 -31.36 77.52 17.60
N GLU KA 225 -30.17 78.11 17.68
CA GLU KA 225 -28.97 77.33 17.89
C GLU KA 225 -29.05 76.49 19.15
N GLY KA 226 -29.86 76.89 20.13
CA GLY KA 226 -30.10 76.09 21.30
C GLY KA 226 -30.63 74.71 21.00
N ILE KA 227 -30.93 74.44 19.72
CA ILE KA 227 -31.22 73.08 19.28
C ILE KA 227 -30.10 72.13 19.68
N THR KA 228 -28.91 72.65 19.97
CA THR KA 228 -27.84 71.80 20.48
C THR KA 228 -28.32 70.97 21.66
N ALA KA 229 -29.15 71.57 22.51
CA ALA KA 229 -29.67 70.83 23.66
C ALA KA 229 -30.50 69.63 23.24
N ILE KA 230 -31.33 69.79 22.21
CA ILE KA 230 -32.28 68.73 21.86
C ILE KA 230 -31.54 67.46 21.47
N LYS KA 231 -30.62 67.57 20.52
CA LYS KA 231 -29.82 66.41 20.17
C LYS KA 231 -28.99 65.95 21.36
N SER KA 232 -28.68 66.86 22.26
CA SER KA 232 -27.96 66.50 23.48
C SER KA 232 -28.72 65.46 24.30
N GLU KA 233 -30.03 65.34 24.12
CA GLU KA 233 -30.81 64.50 25.00
C GLU KA 233 -31.71 63.48 24.30
N VAL KA 234 -31.86 63.52 22.98
CA VAL KA 234 -32.85 62.64 22.37
C VAL KA 234 -32.24 61.80 21.27
N ASN KA 235 -31.18 62.29 20.64
CA ASN KA 235 -30.59 61.65 19.46
C ASN KA 235 -31.61 61.53 18.34
N ILE KA 236 -32.28 62.64 18.04
CA ILE KA 236 -33.13 62.72 16.86
C ILE KA 236 -32.23 62.75 15.65
N LYS KA 237 -32.82 62.59 14.47
CA LYS KA 237 -32.05 62.71 13.24
C LYS KA 237 -32.67 63.64 12.22
N GLY KA 238 -33.94 63.97 12.33
CA GLY KA 238 -34.55 64.93 11.44
C GLY KA 238 -35.28 66.00 12.22
N ALA KA 239 -34.84 67.25 12.07
CA ALA KA 239 -35.30 68.31 12.94
C ALA KA 239 -36.05 69.37 12.13
N MET KA 240 -36.83 70.16 12.85
CA MET KA 240 -37.64 71.21 12.26
C MET KA 240 -37.55 72.45 13.12
N PHE KA 241 -38.31 73.46 12.74
CA PHE KA 241 -38.61 74.58 13.62
C PHE KA 241 -39.97 75.13 13.24
N ILE KA 242 -40.80 75.36 14.25
CA ILE KA 242 -42.12 75.94 14.00
C ILE KA 242 -41.96 77.26 13.26
N ASP KA 243 -41.11 78.13 13.80
CA ASP KA 243 -40.89 79.43 13.19
C ASP KA 243 -40.03 79.27 11.94
N GLN KA 244 -39.95 80.34 11.15
CA GLN KA 244 -38.97 80.38 10.08
C GLN KA 244 -37.62 80.73 10.68
N ILE KA 245 -36.57 80.09 10.18
CA ILE KA 245 -35.24 80.36 10.68
C ILE KA 245 -34.75 81.66 10.04
N LEU KA 246 -34.40 82.62 10.88
CA LEU KA 246 -33.92 83.89 10.36
C LEU KA 246 -32.61 83.69 9.61
N ASP KA 247 -32.37 84.54 8.62
CA ASP KA 247 -31.28 84.28 7.68
C ASP KA 247 -29.93 84.24 8.37
N ALA KA 248 -29.69 85.18 9.29
CA ALA KA 248 -28.38 85.22 9.95
C ALA KA 248 -28.09 83.92 10.68
N ASP KA 249 -29.11 83.22 11.15
CA ASP KA 249 -28.91 81.95 11.82
C ASP KA 249 -28.73 80.80 10.85
N ILE KA 250 -29.07 80.98 9.57
CA ILE KA 250 -29.04 79.87 8.62
C ILE KA 250 -27.66 79.23 8.53
N PRO KA 251 -26.57 79.96 8.30
CA PRO KA 251 -25.28 79.27 8.25
C PRO KA 251 -24.94 78.57 9.55
N GLY KA 252 -25.32 79.16 10.68
CA GLY KA 252 -25.02 78.51 11.96
C GLY KA 252 -25.72 77.18 12.10
N ILE KA 253 -27.02 77.15 11.81
CA ILE KA 253 -27.76 75.91 11.94
C ILE KA 253 -27.32 74.91 10.86
N ALA KA 254 -26.92 75.40 9.70
CA ALA KA 254 -26.41 74.51 8.67
C ALA KA 254 -25.15 73.81 9.15
N SER KA 255 -24.20 74.59 9.69
CA SER KA 255 -22.98 73.99 10.22
C SER KA 255 -23.32 73.02 11.33
N PHE KA 256 -24.29 73.36 12.17
CA PHE KA 256 -24.68 72.44 13.23
C PHE KA 256 -25.19 71.14 12.64
N ALA KA 257 -25.99 71.23 11.58
CA ALA KA 257 -26.50 70.03 10.95
C ALA KA 257 -25.35 69.19 10.41
N GLY KA 258 -24.38 69.84 9.79
CA GLY KA 258 -23.25 69.10 9.24
C GLY KA 258 -22.42 68.42 10.32
N ALA KA 259 -22.30 69.06 11.49
CA ALA KA 259 -21.43 68.52 12.51
C ALA KA 259 -22.13 67.45 13.35
N ASN KA 260 -23.37 67.71 13.75
CA ASN KA 260 -24.08 66.80 14.64
C ASN KA 260 -24.78 65.68 13.90
N ASN KA 261 -24.54 65.56 12.59
CA ASN KA 261 -24.89 64.36 11.86
C ASN KA 261 -26.39 64.11 11.86
N MET KA 262 -27.14 65.08 11.37
CA MET KA 262 -28.58 64.93 11.21
C MET KA 262 -29.03 65.81 10.07
N LEU KA 263 -30.31 65.72 9.74
CA LEU KA 263 -30.91 66.56 8.72
C LEU KA 263 -31.67 67.69 9.38
N VAL KA 264 -31.90 68.76 8.62
CA VAL KA 264 -32.73 69.87 9.07
C VAL KA 264 -33.49 70.36 7.85
N TYR KA 265 -34.80 70.13 7.83
CA TYR KA 265 -35.62 70.57 6.71
C TYR KA 265 -36.11 71.98 6.99
N GLU KA 266 -36.05 72.84 5.98
CA GLU KA 266 -36.51 74.21 6.13
C GLU KA 266 -37.15 74.67 4.84
N VAL KA 267 -38.12 75.57 4.95
CA VAL KA 267 -38.83 76.06 3.79
C VAL KA 267 -38.48 77.53 3.61
N PHE KA 268 -38.74 78.04 2.40
CA PHE KA 268 -38.55 79.44 2.11
C PHE KA 268 -39.60 79.86 1.10
N ASP KA 269 -39.96 81.13 1.15
CA ASP KA 269 -40.86 81.69 0.15
C ASP KA 269 -40.10 82.01 -1.13
N THR KA 270 -40.81 82.54 -2.12
CA THR KA 270 -40.22 82.77 -3.42
C THR KA 270 -39.14 83.85 -3.38
N GLY KA 271 -39.08 84.64 -2.31
CA GLY KA 271 -38.07 85.67 -2.24
C GLY KA 271 -36.65 85.14 -2.32
N TYR KA 272 -36.41 83.97 -1.75
CA TYR KA 272 -35.09 83.36 -1.74
C TYR KA 272 -34.77 82.60 -3.01
N LEU KA 273 -35.44 82.90 -4.12
CA LEU KA 273 -35.22 82.20 -5.38
C LEU KA 273 -34.17 82.98 -6.16
N SER KA 274 -32.91 82.64 -5.94
CA SER KA 274 -31.85 83.33 -6.66
C SER KA 274 -30.58 82.49 -6.59
N LYS KA 275 -29.62 82.88 -7.42
CA LYS KA 275 -28.26 82.37 -7.34
C LYS KA 275 -27.35 83.32 -6.58
N ASN KA 276 -27.91 84.26 -5.86
CA ASN KA 276 -27.15 85.30 -5.19
C ASN KA 276 -26.57 84.76 -3.88
N VAL KA 277 -25.39 85.27 -3.53
CA VAL KA 277 -24.79 84.93 -2.24
C VAL KA 277 -25.65 85.45 -1.10
N SER KA 278 -26.19 86.67 -1.25
CA SER KA 278 -27.05 87.22 -0.22
C SER KA 278 -28.21 86.29 0.07
N ASN KA 279 -28.63 85.52 -0.91
CA ASN KA 279 -29.67 84.54 -0.69
C ASN KA 279 -29.12 83.39 0.15
N PRO KA 280 -29.63 83.15 1.35
CA PRO KA 280 -29.00 82.15 2.23
C PRO KA 280 -28.97 80.74 1.64
N VAL KA 281 -29.98 80.35 0.89
CA VAL KA 281 -30.03 78.98 0.40
C VAL KA 281 -28.91 78.73 -0.60
N TRP KA 282 -28.69 79.68 -1.51
CA TRP KA 282 -27.56 79.54 -2.42
C TRP KA 282 -26.25 79.53 -1.65
N ALA KA 283 -26.19 80.27 -0.54
CA ALA KA 283 -25.01 80.19 0.31
C ALA KA 283 -24.82 78.77 0.82
N VAL KA 284 -25.91 78.13 1.24
CA VAL KA 284 -25.83 76.76 1.69
C VAL KA 284 -25.28 75.87 0.59
N LYS KA 285 -25.79 76.06 -0.62
CA LYS KA 285 -25.35 75.22 -1.73
C LYS KA 285 -23.85 75.40 -1.97
N LEU KA 286 -23.40 76.64 -2.09
CA LEU KA 286 -21.99 76.86 -2.37
C LEU KA 286 -21.11 76.41 -1.22
N ALA KA 287 -21.66 76.35 -0.02
CA ALA KA 287 -20.88 75.91 1.13
C ALA KA 287 -20.86 74.40 1.28
N GLY KA 288 -21.68 73.68 0.55
CA GLY KA 288 -21.72 72.24 0.72
C GLY KA 288 -22.38 71.78 1.99
N GLN KA 289 -23.20 72.63 2.61
CA GLN KA 289 -23.90 72.28 3.83
C GLN KA 289 -25.09 71.39 3.49
N SER KA 290 -24.77 70.23 2.92
CA SER KA 290 -25.78 69.39 2.27
C SER KA 290 -26.80 68.84 3.24
N ASN KA 291 -26.54 68.89 4.53
CA ASN KA 291 -27.53 68.36 5.46
C ASN KA 291 -28.65 69.34 5.75
N PHE KA 292 -28.54 70.58 5.28
CA PHE KA 292 -29.55 71.60 5.58
C PHE KA 292 -30.53 71.70 4.42
N ARG KA 293 -31.52 70.81 4.41
CA ARG KA 293 -32.34 70.74 3.21
C ARG KA 293 -33.28 71.94 3.11
N CYS KA 294 -33.31 72.54 1.93
CA CYS KA 294 -34.06 73.76 1.67
C CYS KA 294 -35.27 73.45 0.80
N LEU KA 295 -36.40 74.01 1.16
CA LEU KA 295 -37.69 73.69 0.55
C LEU KA 295 -38.38 74.98 0.16
N LEU KA 296 -39.34 74.89 -0.75
CA LEU KA 296 -40.01 76.06 -1.28
C LEU KA 296 -41.50 75.98 -1.02
N SER KA 297 -42.09 77.11 -0.63
CA SER KA 297 -43.54 77.24 -0.51
C SER KA 297 -43.88 78.70 -0.73
N LYS KA 298 -44.60 79.00 -1.81
CA LYS KA 298 -45.00 80.37 -2.06
C LYS KA 298 -45.80 80.92 -0.90
N SER KA 299 -46.71 80.10 -0.36
CA SER KA 299 -47.41 80.46 0.85
C SER KA 299 -46.50 80.51 2.07
N GLY KA 300 -45.29 79.97 1.96
CA GLY KA 300 -44.49 79.79 3.15
C GLY KA 300 -45.09 78.77 4.08
N ASN KA 301 -45.66 77.70 3.53
CA ASN KA 301 -46.38 76.71 4.32
C ASN KA 301 -45.38 75.89 5.11
N ARG KA 302 -45.18 76.25 6.38
CA ARG KA 302 -44.27 75.51 7.22
C ARG KA 302 -44.69 74.06 7.37
N LYS KA 303 -46.00 73.78 7.31
CA LYS KA 303 -46.45 72.41 7.37
C LYS KA 303 -45.83 71.57 6.26
N PHE KA 304 -45.44 72.22 5.16
CA PHE KA 304 -44.82 71.47 4.08
C PHE KA 304 -43.54 70.79 4.51
N ALA KA 305 -42.86 71.34 5.51
CA ALA KA 305 -41.71 70.64 6.05
C ALA KA 305 -42.13 69.32 6.67
N ALA KA 306 -43.22 69.32 7.42
CA ALA KA 306 -43.65 68.12 8.14
C ALA KA 306 -43.84 66.95 7.19
N THR KA 307 -44.79 67.10 6.27
CA THR KA 307 -45.03 66.05 5.31
C THR KA 307 -43.78 65.70 4.53
N TYR KA 308 -42.83 66.64 4.42
CA TYR KA 308 -41.56 66.30 3.82
C TYR KA 308 -40.75 65.41 4.74
N MET KA 309 -40.51 65.88 5.96
CA MET KA 309 -39.77 65.07 6.92
C MET KA 309 -40.46 63.73 7.12
N ALA KA 310 -41.79 63.73 7.09
CA ALA KA 310 -42.51 62.48 7.30
C ALA KA 310 -42.46 61.57 6.09
N ARG KA 311 -42.03 62.06 4.93
CA ARG KA 311 -41.95 61.20 3.75
C ARG KA 311 -40.57 60.69 3.46
N MET KA 312 -39.52 61.46 3.74
CA MET KA 312 -38.17 60.97 3.51
C MET KA 312 -37.83 59.80 4.41
N HIS KA 313 -38.15 59.91 5.69
CA HIS KA 313 -37.51 59.05 6.67
C HIS KA 313 -38.11 57.66 6.74
N THR KA 314 -39.16 57.38 5.97
CA THR KA 314 -39.80 56.08 6.00
C THR KA 314 -38.96 55.09 5.20
N VAL KA 315 -38.05 54.43 5.91
CA VAL KA 315 -37.16 53.46 5.31
C VAL KA 315 -36.55 52.64 6.44
N LEU KA 316 -36.38 51.34 6.19
CA LEU KA 316 -36.05 50.42 7.25
C LEU KA 316 -34.59 50.02 7.31
N PHE KA 317 -33.88 50.10 6.18
CA PHE KA 317 -32.45 49.79 6.12
C PHE KA 317 -32.16 48.37 6.54
N SER KA 318 -33.12 47.48 6.38
CA SER KA 318 -32.85 46.06 6.52
C SER KA 318 -33.53 45.22 5.47
N GLY KA 319 -34.52 45.75 4.75
CA GLY KA 319 -35.21 45.00 3.74
C GLY KA 319 -34.41 44.90 2.46
N GLN KA 320 -35.01 44.24 1.49
CA GLN KA 320 -34.30 44.01 0.24
C GLN KA 320 -33.98 45.30 -0.48
N ASN KA 321 -35.01 46.01 -0.94
CA ASN KA 321 -34.82 47.27 -1.65
C ASN KA 321 -35.71 48.32 -0.99
N THR KA 322 -35.11 49.27 -0.31
CA THR KA 322 -35.91 50.24 0.42
C THR KA 322 -35.41 51.67 0.27
N ALA KA 323 -34.24 51.89 -0.33
CA ALA KA 323 -33.75 53.25 -0.49
C ALA KA 323 -34.62 53.99 -1.48
N ILE KA 324 -35.39 54.94 -0.99
CA ILE KA 324 -36.32 55.69 -1.82
C ILE KA 324 -35.76 57.08 -2.07
N THR KA 325 -35.97 57.58 -3.28
CA THR KA 325 -35.81 58.99 -3.54
C THR KA 325 -37.05 59.73 -3.03
N MET KA 326 -37.16 61.01 -3.34
CA MET KA 326 -38.41 61.70 -3.10
C MET KA 326 -38.98 62.38 -4.33
N GLN KA 327 -38.37 62.22 -5.49
CA GLN KA 327 -39.01 62.68 -6.71
C GLN KA 327 -40.41 62.10 -6.80
N LEU KA 328 -41.40 62.98 -6.78
CA LEU KA 328 -42.77 62.60 -7.05
C LEU KA 328 -43.27 61.58 -6.01
N LYS KA 329 -43.33 62.05 -4.77
CA LYS KA 329 -43.89 61.25 -3.69
C LYS KA 329 -45.09 61.95 -3.08
N GLU KA 330 -46.10 61.16 -2.74
CA GLU KA 330 -47.33 61.72 -2.19
C GLU KA 330 -47.05 62.39 -0.86
N LEU KA 331 -47.52 63.62 -0.71
CA LEU KA 331 -47.34 64.39 0.50
C LEU KA 331 -48.70 64.82 1.03
N SER KA 332 -48.70 65.43 2.21
CA SER KA 332 -49.94 65.73 2.92
C SER KA 332 -50.11 67.22 3.12
N VAL KA 333 -49.89 68.01 2.07
CA VAL KA 333 -50.18 69.44 2.11
C VAL KA 333 -50.51 69.88 0.70
N THR KA 334 -51.43 70.83 0.60
CA THR KA 334 -51.87 71.29 -0.70
C THR KA 334 -50.70 71.88 -1.48
N ALA KA 335 -50.55 71.46 -2.73
CA ALA KA 335 -49.54 72.05 -3.57
C ALA KA 335 -49.92 73.48 -3.91
N GLU KA 336 -48.95 74.22 -4.43
CA GLU KA 336 -49.14 75.62 -4.79
C GLU KA 336 -48.98 75.79 -6.29
N GLU KA 337 -49.00 77.05 -6.73
CA GLU KA 337 -48.93 77.37 -8.14
C GLU KA 337 -47.64 78.12 -8.43
N TYR KA 338 -46.88 77.64 -9.41
CA TYR KA 338 -45.65 78.29 -9.82
C TYR KA 338 -45.62 78.39 -11.34
N THR KA 339 -44.92 79.41 -11.84
CA THR KA 339 -44.64 79.47 -13.26
C THR KA 339 -43.28 78.84 -13.55
N ASP KA 340 -42.96 78.75 -14.83
CA ASP KA 340 -41.81 77.95 -15.25
C ASP KA 340 -40.50 78.46 -14.66
N THR KA 341 -40.30 79.78 -14.70
CA THR KA 341 -38.97 80.32 -14.45
C THR KA 341 -38.51 80.00 -13.03
N GLU KA 342 -39.38 80.14 -12.04
CA GLU KA 342 -38.98 79.73 -10.72
C GLU KA 342 -39.03 78.22 -10.51
N ILE KA 343 -39.74 77.45 -11.32
CA ILE KA 343 -39.51 75.99 -11.28
C ILE KA 343 -38.06 75.70 -11.58
N ALA KA 344 -37.55 76.25 -12.68
CA ALA KA 344 -36.16 76.00 -13.06
C ALA KA 344 -35.20 76.59 -12.04
N ASN KA 345 -35.49 77.78 -11.55
CA ASN KA 345 -34.62 78.39 -10.55
C ASN KA 345 -34.54 77.52 -9.31
N ALA KA 346 -35.68 77.03 -8.85
CA ALA KA 346 -35.68 76.16 -7.68
C ALA KA 346 -34.91 74.89 -7.96
N LYS KA 347 -35.03 74.36 -9.19
CA LYS KA 347 -34.26 73.17 -9.51
C LYS KA 347 -32.78 73.43 -9.46
N THR KA 348 -32.35 74.63 -9.86
CA THR KA 348 -30.93 74.91 -9.96
C THR KA 348 -30.34 75.61 -8.75
N VAL KA 349 -31.14 75.89 -7.72
CA VAL KA 349 -30.62 76.47 -6.47
C VAL KA 349 -30.86 75.58 -5.26
N GLY KA 350 -31.35 74.37 -5.45
CA GLY KA 350 -31.40 73.42 -4.36
C GLY KA 350 -32.74 73.28 -3.68
N LEU KA 351 -33.67 74.20 -3.90
CA LEU KA 351 -34.96 74.07 -3.26
C LEU KA 351 -35.72 72.88 -3.82
N ASP KA 352 -36.82 72.55 -3.15
CA ASP KA 352 -37.73 71.51 -3.61
C ASP KA 352 -39.11 72.11 -3.81
N LEU KA 353 -39.89 71.52 -4.70
CA LEU KA 353 -41.17 72.10 -5.10
C LEU KA 353 -42.29 71.09 -4.96
N LEU KA 354 -43.38 71.50 -4.32
CA LEU KA 354 -44.60 70.72 -4.29
C LEU KA 354 -45.61 71.42 -5.16
N THR KA 355 -45.78 70.91 -6.39
CA THR KA 355 -46.61 71.58 -7.37
C THR KA 355 -47.60 70.65 -8.04
N THR KA 356 -48.20 71.14 -9.12
CA THR KA 356 -49.22 70.42 -9.85
C THR KA 356 -48.63 69.85 -11.13
N ILE KA 357 -48.84 68.55 -11.34
CA ILE KA 357 -48.60 67.88 -12.61
C ILE KA 357 -49.82 67.03 -12.91
N LYS KA 358 -50.43 67.25 -14.08
CA LYS KA 358 -51.63 66.53 -14.49
C LYS KA 358 -52.67 66.54 -13.38
N ASN KA 359 -52.76 67.68 -12.69
CA ASN KA 359 -53.70 67.86 -11.58
C ASN KA 359 -53.49 66.79 -10.51
N GLU KA 360 -52.30 66.83 -9.91
CA GLU KA 360 -51.88 65.85 -8.93
C GLU KA 360 -50.80 66.47 -8.07
N GLN KA 361 -50.63 65.93 -6.87
CA GLN KA 361 -49.52 66.33 -6.04
C GLN KA 361 -48.24 65.84 -6.69
N ALA KA 362 -47.27 66.73 -6.84
CA ALA KA 362 -46.00 66.38 -7.46
C ALA KA 362 -44.88 67.04 -6.68
N LEU KA 363 -44.08 66.24 -5.99
CA LEU KA 363 -42.91 66.77 -5.29
C LEU KA 363 -41.68 66.53 -6.14
N LEU KA 364 -40.95 67.60 -6.43
CA LEU KA 364 -39.72 67.52 -7.20
C LEU KA 364 -38.57 67.98 -6.33
N THR KA 365 -37.52 67.17 -6.32
CA THR KA 365 -36.31 67.43 -5.59
C THR KA 365 -35.34 68.11 -6.55
N SER KA 366 -34.14 68.45 -6.07
CA SER KA 366 -33.14 69.11 -6.88
C SER KA 366 -31.81 68.44 -6.67
N GLY KA 367 -30.83 68.84 -7.46
CA GLY KA 367 -29.51 68.24 -7.37
C GLY KA 367 -28.44 69.30 -7.16
N ALA KA 368 -28.84 70.56 -7.13
CA ALA KA 368 -27.88 71.63 -6.86
C ALA KA 368 -27.20 71.38 -5.52
N ASN KA 369 -27.96 71.42 -4.44
CA ASN KA 369 -27.49 70.74 -3.25
C ASN KA 369 -27.63 69.24 -3.46
N ASP KA 370 -26.91 68.47 -2.65
CA ASP KA 370 -26.90 67.03 -2.82
C ASP KA 370 -28.32 66.48 -2.71
N PHE KA 371 -28.57 65.38 -3.42
CA PHE KA 371 -29.91 64.81 -3.47
C PHE KA 371 -30.39 64.45 -2.07
N CYS KA 372 -31.69 64.59 -1.83
CA CYS KA 372 -32.23 64.19 -0.54
C CYS KA 372 -31.97 62.72 -0.28
N ASP KA 373 -32.26 61.86 -1.25
CA ASP KA 373 -31.98 60.45 -1.09
C ASP KA 373 -30.52 60.24 -0.75
N ASN KA 374 -29.63 60.90 -1.46
CA ASN KA 374 -28.20 60.66 -1.26
C ASN KA 374 -27.78 61.07 0.14
N VAL KA 375 -28.13 62.28 0.57
CA VAL KA 375 -27.64 62.73 1.86
C VAL KA 375 -28.25 61.91 2.98
N TYR KA 376 -29.55 61.63 2.91
CA TYR KA 376 -30.19 60.86 3.96
C TYR KA 376 -29.61 59.45 4.03
N ASN KA 377 -29.43 58.81 2.88
CA ASN KA 377 -28.85 57.48 2.86
C ASN KA 377 -27.46 57.48 3.43
N LEU KA 378 -26.63 58.41 2.99
CA LEU KA 378 -25.27 58.48 3.50
C LEU KA 378 -25.27 58.68 5.00
N GLU KA 379 -26.18 59.51 5.49
CA GLU KA 379 -26.13 59.85 6.90
C GLU KA 379 -26.51 58.65 7.75
N ALA KA 380 -27.61 57.99 7.36
CA ALA KA 380 -27.99 56.77 8.07
C ALA KA 380 -26.87 55.74 7.97
N PHE KA 381 -26.19 55.68 6.83
CA PHE KA 381 -25.10 54.74 6.67
C PHE KA 381 -23.99 55.01 7.66
N ARG KA 382 -23.55 56.27 7.74
CA ARG KA 382 -22.45 56.58 8.64
C ARG KA 382 -22.83 56.32 10.08
N ASP KA 383 -24.05 56.71 10.47
CA ASP KA 383 -24.46 56.50 11.85
C ASP KA 383 -24.57 55.01 12.15
N GLU KA 384 -25.06 54.23 11.19
CA GLU KA 384 -25.18 52.80 11.39
C GLU KA 384 -23.83 52.13 11.46
N ILE KA 385 -22.87 52.57 10.65
CA ILE KA 385 -21.52 52.04 10.77
C ILE KA 385 -20.98 52.32 12.16
N GLN KA 386 -21.14 53.55 12.61
CA GLN KA 386 -20.66 53.90 13.94
C GLN KA 386 -21.28 53.02 15.00
N THR KA 387 -22.58 52.77 14.92
CA THR KA 387 -23.25 52.03 15.97
C THR KA 387 -22.93 50.54 15.91
N ASN KA 388 -22.88 49.95 14.71
CA ASN KA 388 -22.47 48.56 14.61
C ASN KA 388 -21.04 48.37 15.10
N ASN KA 389 -20.16 49.33 14.80
CA ASN KA 389 -18.81 49.21 15.32
C ASN KA 389 -18.79 49.35 16.82
N TYR KA 390 -19.60 50.26 17.36
CA TYR KA 390 -19.61 50.47 18.80
C TYR KA 390 -20.10 49.22 19.53
N ASN KA 391 -21.27 48.70 19.13
CA ASN KA 391 -21.79 47.58 19.88
C ASN KA 391 -21.07 46.28 19.58
N LEU KA 392 -20.26 46.24 18.52
CA LEU KA 392 -19.33 45.13 18.35
C LEU KA 392 -18.27 45.11 19.43
N LEU KA 393 -18.04 46.25 20.07
CA LEU KA 393 -16.79 46.50 20.76
C LEU KA 393 -16.93 46.66 22.25
N LYS KA 394 -18.10 47.02 22.75
CA LYS KA 394 -18.27 47.23 24.18
C LYS KA 394 -19.40 46.43 24.79
N THR KA 395 -20.33 45.91 23.99
CA THR KA 395 -21.43 45.12 24.52
C THR KA 395 -21.39 43.67 24.09
N THR KA 396 -20.50 43.31 23.17
CA THR KA 396 -20.42 41.93 22.71
C THR KA 396 -19.86 41.01 23.79
N SER KA 397 -19.34 41.56 24.89
CA SER KA 397 -18.86 40.84 26.06
C SER KA 397 -17.61 40.02 25.77
N THR KA 398 -17.09 40.05 24.54
CA THR KA 398 -15.83 39.41 24.21
C THR KA 398 -15.01 40.46 23.48
N LYS KA 399 -14.31 41.29 24.24
CA LYS KA 399 -13.62 42.43 23.67
C LYS KA 399 -12.64 41.99 22.59
N ILE KA 400 -12.66 42.66 21.46
CA ILE KA 400 -11.89 42.21 20.32
C ILE KA 400 -10.49 42.82 20.44
N PRO KA 401 -9.45 42.06 20.16
CA PRO KA 401 -8.08 42.52 20.46
C PRO KA 401 -7.53 43.43 19.39
N GLN KA 402 -6.23 43.75 19.45
CA GLN KA 402 -5.51 44.13 18.25
C GLN KA 402 -4.85 42.94 17.57
N THR KA 403 -5.34 41.73 17.83
CA THR KA 403 -4.93 40.61 17.00
C THR KA 403 -5.29 40.91 15.55
N ASP KA 404 -4.39 40.56 14.65
CA ASP KA 404 -4.74 40.67 13.23
C ASP KA 404 -6.03 39.94 12.92
N PRO KA 405 -6.31 38.77 13.47
CA PRO KA 405 -7.69 38.26 13.40
C PRO KA 405 -8.71 39.24 13.97
N GLY KA 406 -8.40 39.90 15.07
CA GLY KA 406 -9.35 40.85 15.62
C GLY KA 406 -9.53 42.07 14.75
N MET KA 407 -8.43 42.56 14.18
CA MET KA 407 -8.55 43.65 13.24
C MET KA 407 -9.36 43.21 12.04
N ASP KA 408 -9.22 41.96 11.65
CA ASP KA 408 -10.05 41.48 10.57
C ASP KA 408 -11.50 41.43 10.97
N THR KA 409 -11.77 41.11 12.24
CA THR KA 409 -13.13 41.14 12.74
C THR KA 409 -13.71 42.52 12.62
N ILE KA 410 -12.94 43.52 13.04
CA ILE KA 410 -13.49 44.88 13.01
C ILE KA 410 -13.65 45.33 11.57
N GLU KA 411 -12.82 44.83 10.66
CA GLU KA 411 -13.06 45.10 9.25
C GLU KA 411 -14.33 44.43 8.75
N ASP KA 412 -14.57 43.19 9.18
CA ASP KA 412 -15.73 42.47 8.70
C ASP KA 412 -17.02 43.10 9.22
N ASP KA 413 -16.97 43.69 10.41
CA ASP KA 413 -18.20 44.30 10.91
C ASP KA 413 -18.69 45.38 9.96
N THR KA 414 -17.78 46.29 9.57
CA THR KA 414 -18.17 47.33 8.64
C THR KA 414 -18.42 46.77 7.25
N GLU KA 415 -17.69 45.73 6.85
CA GLU KA 415 -17.97 45.11 5.56
C GLU KA 415 -19.36 44.51 5.55
N LYS KA 416 -19.77 43.91 6.66
CA LYS KA 416 -21.11 43.33 6.77
C LYS KA 416 -22.17 44.39 6.72
N THR KA 417 -21.93 45.53 7.38
CA THR KA 417 -22.89 46.62 7.25
C THR KA 417 -22.97 47.13 5.83
N CYS KA 418 -21.82 47.25 5.15
CA CYS KA 418 -21.83 47.68 3.76
C CYS KA 418 -22.61 46.69 2.91
N GLU KA 419 -22.44 45.40 3.19
CA GLU KA 419 -23.30 44.40 2.56
C GLU KA 419 -24.77 44.69 2.83
N LYS KA 420 -25.11 44.94 4.09
CA LYS KA 420 -26.50 45.24 4.41
C LYS KA 420 -27.00 46.40 3.59
N TYR KA 421 -26.14 47.35 3.27
CA TYR KA 421 -26.60 48.51 2.52
C TYR KA 421 -26.65 48.27 1.02
N VAL KA 422 -25.70 47.52 0.45
CA VAL KA 422 -25.80 47.23 -0.97
C VAL KA 422 -26.98 46.32 -1.23
N ARG KA 423 -27.26 45.41 -0.31
CA ARG KA 423 -28.45 44.57 -0.35
C ARG KA 423 -29.66 45.30 0.18
N ASN KA 424 -29.59 46.62 0.22
CA ASN KA 424 -30.64 47.49 0.73
C ASN KA 424 -31.20 48.40 -0.33
N GLY KA 425 -30.39 48.83 -1.29
CA GLY KA 425 -30.82 49.77 -2.31
C GLY KA 425 -30.07 51.08 -2.30
N VAL KA 426 -29.15 51.31 -1.36
CA VAL KA 426 -28.42 52.57 -1.29
C VAL KA 426 -27.19 52.55 -2.19
N PHE KA 427 -26.42 51.47 -2.15
CA PHE KA 427 -25.22 51.35 -2.96
C PHE KA 427 -25.34 50.19 -3.92
N ALA KA 428 -24.80 50.37 -5.12
CA ALA KA 428 -24.79 49.33 -6.12
C ALA KA 428 -23.40 49.23 -6.72
N PRO KA 429 -22.99 48.05 -7.16
CA PRO KA 429 -21.70 47.93 -7.82
C PRO KA 429 -21.66 48.78 -9.08
N GLY KA 430 -20.47 49.26 -9.41
CA GLY KA 430 -20.30 50.08 -10.60
C GLY KA 430 -18.90 50.61 -10.66
N THR KA 431 -18.58 51.20 -11.81
CA THR KA 431 -17.29 51.84 -11.96
C THR KA 431 -17.16 53.01 -11.01
N TRP KA 432 -15.94 53.30 -10.59
CA TRP KA 432 -15.67 54.41 -9.70
C TRP KA 432 -15.31 55.65 -10.52
N THR KA 433 -16.12 56.69 -10.38
CA THR KA 433 -15.91 57.91 -11.16
C THR KA 433 -14.76 58.74 -10.60
N ARG KA 434 -14.62 58.80 -9.28
CA ARG KA 434 -13.66 59.70 -8.69
C ARG KA 434 -12.25 59.23 -8.95
N SER KA 435 -11.29 60.12 -8.69
CA SER KA 435 -9.89 59.78 -8.86
C SER KA 435 -9.24 59.38 -7.54
N ASP KA 436 -9.54 60.12 -6.48
CA ASP KA 436 -9.01 59.79 -5.16
C ASP KA 436 -9.51 58.44 -4.69
N PHE KA 437 -8.68 57.74 -3.94
CA PHE KA 437 -8.93 56.36 -3.56
C PHE KA 437 -8.02 56.02 -2.39
N PHE KA 438 -7.93 54.74 -2.07
CA PHE KA 438 -6.96 54.31 -1.07
C PHE KA 438 -6.65 52.83 -1.29
N GLY KA 439 -5.53 52.42 -0.73
CA GLY KA 439 -5.05 51.05 -0.87
C GLY KA 439 -4.31 50.83 -2.17
N ASP KA 440 -5.05 50.66 -3.26
CA ASP KA 440 -4.47 50.60 -4.59
C ASP KA 440 -5.60 50.61 -5.60
N ARG KA 441 -5.36 51.26 -6.73
CA ARG KA 441 -6.43 51.44 -7.71
C ARG KA 441 -7.08 50.12 -8.06
N GLN KA 442 -6.27 49.09 -8.29
CA GLN KA 442 -6.82 47.87 -8.88
C GLN KA 442 -7.86 47.22 -7.96
N GLN KA 443 -7.50 46.98 -6.70
CA GLN KA 443 -8.46 46.36 -5.80
C GLN KA 443 -9.65 47.28 -5.55
N PHE KA 444 -9.38 48.57 -5.41
CA PHE KA 444 -10.44 49.55 -5.16
C PHE KA 444 -11.51 49.46 -6.22
N VAL KA 445 -11.14 49.75 -7.47
CA VAL KA 445 -12.13 49.75 -8.53
C VAL KA 445 -12.71 48.37 -8.74
N ASP KA 446 -11.91 47.32 -8.55
CA ASP KA 446 -12.42 45.98 -8.75
C ASP KA 446 -13.55 45.69 -7.77
N ALA KA 447 -13.32 45.96 -6.49
CA ALA KA 447 -14.34 45.70 -5.50
C ALA KA 447 -15.56 46.57 -5.72
N ILE KA 448 -15.37 47.85 -6.04
CA ILE KA 448 -16.53 48.71 -6.24
C ILE KA 448 -17.34 48.24 -7.43
N ALA KA 449 -16.68 47.86 -8.52
CA ALA KA 449 -17.40 47.39 -9.69
C ALA KA 449 -18.07 46.05 -9.42
N GLN KA 450 -17.55 45.27 -8.48
CA GLN KA 450 -18.14 43.99 -8.17
C GLN KA 450 -19.02 44.04 -6.93
N LYS KA 451 -18.47 44.43 -5.79
CA LYS KA 451 -19.24 44.38 -4.55
C LYS KA 451 -19.96 45.69 -4.24
N GLY KA 452 -19.63 46.78 -4.90
CA GLY KA 452 -20.28 48.04 -4.62
C GLY KA 452 -19.76 48.77 -3.40
N TYR KA 453 -18.78 48.21 -2.71
CA TYR KA 453 -18.20 48.85 -1.54
C TYR KA 453 -16.79 48.32 -1.39
N TYR KA 454 -15.97 49.05 -0.65
CA TYR KA 454 -14.62 48.56 -0.35
C TYR KA 454 -14.19 49.07 1.01
N VAL KA 455 -13.86 48.15 1.91
CA VAL KA 455 -13.39 48.48 3.24
C VAL KA 455 -11.93 48.06 3.33
N LEU KA 456 -11.05 49.03 3.56
CA LEU KA 456 -9.64 48.73 3.79
C LEU KA 456 -9.22 49.35 5.10
N ILE KA 457 -8.74 48.52 6.01
CA ILE KA 457 -8.38 48.94 7.35
C ILE KA 457 -6.87 49.07 7.43
N GLY KA 458 -6.42 50.16 8.04
CA GLY KA 458 -4.99 50.34 8.23
C GLY KA 458 -4.39 49.18 9.01
N ASP KA 459 -3.15 48.88 8.69
CA ASP KA 459 -2.49 47.75 9.34
C ASP KA 459 -2.04 48.16 10.73
N LEU KA 460 -2.03 47.18 11.64
CA LEU KA 460 -1.52 47.45 12.97
C LEU KA 460 -0.11 48.00 12.89
N ALA KA 461 0.66 47.58 11.89
CA ALA KA 461 2.01 48.08 11.75
C ALA KA 461 2.04 49.60 11.67
N ASP KA 462 1.19 50.17 10.81
CA ASP KA 462 1.25 51.60 10.52
C ASP KA 462 0.81 52.45 11.70
N GLN KA 463 0.42 51.84 12.83
CA GLN KA 463 -0.04 52.57 13.99
C GLN KA 463 1.07 52.57 15.04
N THR KA 464 1.40 53.76 15.55
CA THR KA 464 2.47 53.86 16.53
C THR KA 464 2.02 53.31 17.87
N THR KA 465 3.01 53.00 18.71
CA THR KA 465 2.71 52.53 20.06
C THR KA 465 1.98 53.60 20.86
N ALA KA 466 2.19 54.87 20.51
CA ALA KA 466 1.58 55.96 21.28
C ALA KA 466 0.07 55.88 21.25
N GLU KA 467 -0.52 55.56 20.11
CA GLU KA 467 -1.96 55.42 20.02
C GLU KA 467 -2.43 54.00 20.21
N ARG KA 468 -1.55 53.01 20.15
CA ARG KA 468 -1.95 51.66 20.50
C ARG KA 468 -2.36 51.58 21.96
N GLN KA 469 -1.54 52.13 22.85
CA GLN KA 469 -1.91 52.21 24.26
C GLN KA 469 -3.16 53.03 24.46
N SER KA 470 -3.49 53.90 23.51
CA SER KA 470 -4.77 54.61 23.56
C SER KA 470 -5.95 53.70 23.27
N ARG KA 471 -5.70 52.47 22.84
CA ARG KA 471 -6.75 51.49 22.61
C ARG KA 471 -7.71 51.97 21.53
N VAL KA 472 -7.15 52.35 20.39
CA VAL KA 472 -7.92 52.76 19.23
C VAL KA 472 -7.36 52.05 18.01
N SER KA 473 -8.24 51.41 17.26
CA SER KA 473 -7.80 50.67 16.09
C SER KA 473 -7.28 51.63 15.04
N PRO KA 474 -6.65 51.12 13.98
CA PRO KA 474 -6.33 51.97 12.84
C PRO KA 474 -7.59 52.57 12.24
N VAL KA 475 -7.39 53.58 11.40
CA VAL KA 475 -8.50 54.29 10.80
C VAL KA 475 -9.00 53.49 9.60
N ILE KA 476 -10.19 52.91 9.72
CA ILE KA 476 -10.73 52.13 8.60
C ILE KA 476 -11.21 53.09 7.52
N GLN KA 477 -11.03 52.69 6.27
CA GLN KA 477 -11.42 53.51 5.13
C GLN KA 477 -12.44 52.72 4.33
N ILE KA 478 -13.66 53.21 4.28
CA ILE KA 478 -14.71 52.53 3.52
C ILE KA 478 -15.14 53.44 2.39
N ALA KA 479 -15.36 52.86 1.23
CA ALA KA 479 -15.69 53.59 0.02
C ALA KA 479 -16.93 52.98 -0.61
N VAL KA 480 -17.92 53.82 -0.89
CA VAL KA 480 -19.22 53.38 -1.36
C VAL KA 480 -19.57 54.17 -2.61
N LYS KA 481 -20.47 53.59 -3.40
CA LYS KA 481 -21.00 54.22 -4.60
C LYS KA 481 -22.52 54.14 -4.56
N ASN KA 482 -23.17 55.28 -4.70
CA ASN KA 482 -24.62 55.33 -4.63
C ASN KA 482 -25.24 54.56 -5.80
N ALA KA 483 -26.43 54.04 -5.57
CA ALA KA 483 -27.22 53.48 -6.67
C ALA KA 483 -27.94 54.61 -7.38
N GLY KA 484 -27.90 54.57 -8.71
CA GLY KA 484 -28.56 55.61 -9.48
C GLY KA 484 -30.07 55.55 -9.32
N ALA KA 485 -30.66 56.72 -9.16
CA ALA KA 485 -32.10 56.87 -9.04
C ALA KA 485 -32.62 57.61 -10.28
N VAL KA 486 -33.57 56.99 -10.96
CA VAL KA 486 -34.17 57.63 -12.13
C VAL KA 486 -35.07 58.77 -11.68
N HIS KA 487 -34.86 59.95 -12.25
CA HIS KA 487 -35.64 61.13 -11.94
C HIS KA 487 -36.13 61.76 -13.23
N GLU KA 488 -35.30 61.68 -14.25
CA GLU KA 488 -35.60 62.23 -15.55
C GLU KA 488 -35.75 61.07 -16.52
N GLU KA 489 -36.58 61.24 -17.54
CA GLU KA 489 -36.48 60.41 -18.73
C GLU KA 489 -36.76 61.30 -19.92
N ASP KA 490 -35.88 61.21 -20.92
CA ASP KA 490 -36.01 61.96 -22.16
C ASP KA 490 -36.00 60.96 -23.29
N ILE KA 491 -37.01 61.05 -24.15
CA ILE KA 491 -37.13 60.09 -25.24
C ILE KA 491 -37.73 60.82 -26.43
N ILE KA 492 -37.33 60.40 -27.62
CA ILE KA 492 -37.71 61.07 -28.85
C ILE KA 492 -38.30 60.03 -29.78
N ILE KA 493 -39.45 60.35 -30.38
CA ILE KA 493 -40.20 59.40 -31.18
C ILE KA 493 -40.47 59.99 -32.56
N SER KA 494 -40.00 59.30 -33.59
CA SER KA 494 -40.27 59.67 -34.97
C SER KA 494 -41.43 58.85 -35.51
N VAL KA 495 -41.97 59.29 -36.64
CA VAL KA 495 -43.08 58.62 -37.28
C VAL KA 495 -42.68 58.26 -38.71
N ASN KA 496 -42.39 56.96 -38.94
CA ASN KA 496 -41.97 56.50 -40.26
C ASN KA 496 -43.05 56.69 -41.31
N LEU KA 497 -44.21 57.21 -40.95
CA LEU KA 497 -45.18 57.69 -41.93
C LEU KA 497 -46.09 58.70 -41.26
N MET LA 1 -80.56 -29.00 32.35
CA MET LA 1 -80.96 -27.68 32.84
C MET LA 1 -79.71 -26.92 33.27
N ALA LA 2 -78.56 -27.32 32.73
CA ALA LA 2 -77.33 -26.59 32.99
C ALA LA 2 -77.40 -25.20 32.36
N SER LA 3 -76.46 -24.34 32.75
CA SER LA 3 -76.57 -22.93 32.41
C SER LA 3 -75.25 -22.39 31.86
N ILE LA 4 -75.36 -21.26 31.17
CA ILE LA 4 -74.19 -20.50 30.77
C ILE LA 4 -73.37 -20.10 31.97
N SER LA 5 -74.03 -19.78 33.08
CA SER LA 5 -73.43 -19.04 34.18
C SER LA 5 -72.28 -19.79 34.85
N GLU LA 6 -71.91 -20.94 34.30
CA GLU LA 6 -70.78 -21.70 34.78
C GLU LA 6 -69.58 -21.70 33.86
N VAL LA 7 -69.76 -21.36 32.58
CA VAL LA 7 -68.63 -21.33 31.66
C VAL LA 7 -68.39 -19.90 31.17
N ILE LA 8 -69.46 -19.12 31.08
CA ILE LA 8 -69.38 -17.71 30.71
C ILE LA 8 -70.16 -16.96 31.80
N ARG LA 9 -69.48 -16.57 32.87
CA ARG LA 9 -70.16 -15.94 33.99
C ARG LA 9 -70.24 -14.45 33.76
N VAL LA 10 -71.45 -13.94 33.55
CA VAL LA 10 -71.70 -12.54 33.27
C VAL LA 10 -72.55 -11.97 34.39
N SER LA 11 -72.07 -10.87 34.99
CA SER LA 11 -72.75 -10.25 36.12
C SER LA 11 -72.74 -8.75 35.92
N LEU LA 12 -73.36 -8.03 36.86
CA LEU LA 12 -73.48 -6.58 36.80
C LEU LA 12 -73.01 -5.95 38.09
N GLN LA 13 -72.52 -4.72 37.97
CA GLN LA 13 -72.22 -3.87 39.13
C GLN LA 13 -71.27 -4.56 40.12
N GLN LA 14 -70.07 -4.82 39.64
CA GLN LA 14 -68.99 -5.29 40.49
C GLN LA 14 -67.94 -4.19 40.60
N GLU LA 15 -67.62 -3.80 41.82
CA GLU LA 15 -66.66 -2.73 42.07
C GLU LA 15 -65.25 -3.27 41.95
N GLY LA 16 -64.49 -2.74 41.00
CA GLY LA 16 -63.09 -3.11 40.88
C GLY LA 16 -62.33 -2.75 42.15
N ARG LA 17 -61.56 -3.71 42.68
CA ARG LA 17 -60.82 -3.44 43.89
C ARG LA 17 -59.77 -2.37 43.65
N ALA LA 18 -59.57 -1.52 44.65
CA ALA LA 18 -58.66 -0.39 44.56
C ALA LA 18 -57.45 -0.62 45.45
N ILE LA 19 -56.27 -0.24 44.96
CA ILE LA 19 -55.03 -0.41 45.69
C ILE LA 19 -54.33 0.94 45.77
N ALA LA 20 -53.61 1.16 46.86
CA ALA LA 20 -52.92 2.43 47.07
C ALA LA 20 -51.86 2.59 46.00
N PRO LA 21 -51.93 3.64 45.19
CA PRO LA 21 -50.97 3.79 44.08
C PRO LA 21 -49.80 4.69 44.47
N ASP LA 22 -48.75 4.56 43.68
CA ASP LA 22 -47.67 5.53 43.71
C ASP LA 22 -48.05 6.83 43.02
N ASN LA 23 -49.22 6.86 42.39
CA ASN LA 23 -49.60 7.98 41.55
C ASN LA 23 -49.70 9.24 42.39
N MET LA 24 -49.42 10.38 41.76
CA MET LA 24 -49.56 11.65 42.46
C MET LA 24 -50.97 11.88 42.96
N ASN LA 25 -51.96 11.54 42.15
CA ASN LA 25 -53.33 11.92 42.41
C ASN LA 25 -54.10 10.79 43.08
N ALA LA 26 -53.66 10.46 44.29
CA ALA LA 26 -54.40 9.60 45.20
C ALA LA 26 -54.84 10.50 46.34
N VAL LA 27 -55.95 11.18 46.15
CA VAL LA 27 -56.34 12.26 47.02
C VAL LA 27 -57.11 11.73 48.22
N GLY LA 28 -57.24 12.56 49.24
CA GLY LA 28 -57.86 12.14 50.48
C GLY LA 28 -58.92 13.11 50.96
N ILE LA 29 -60.02 12.54 51.45
CA ILE LA 29 -61.09 13.30 52.09
C ILE LA 29 -61.14 12.80 53.52
N ILE LA 30 -60.79 13.66 54.47
CA ILE LA 30 -60.72 13.26 55.87
C ILE LA 30 -62.06 13.54 56.52
N THR LA 31 -62.62 12.53 57.18
CA THR LA 31 -63.93 12.66 57.80
C THR LA 31 -63.83 12.64 59.31
N GLY LA 32 -64.94 13.01 59.94
CA GLY LA 32 -65.00 13.10 61.38
C GLY LA 32 -66.19 12.36 61.96
N ASN LA 33 -66.49 11.19 61.40
CA ASN LA 33 -67.59 10.37 61.89
C ASN LA 33 -67.06 8.99 62.22
N GLN LA 34 -67.01 8.67 63.51
CA GLN LA 34 -66.51 7.37 63.95
C GLN LA 34 -67.46 6.24 63.66
N GLY LA 35 -68.51 6.47 62.89
CA GLY LA 35 -69.50 5.45 62.64
C GLY LA 35 -68.96 4.23 61.92
N VAL LA 36 -67.99 4.41 61.02
CA VAL LA 36 -67.51 3.29 60.21
C VAL LA 36 -66.00 3.10 60.27
N LEU LA 37 -65.22 4.10 60.61
CA LEU LA 37 -63.78 3.97 60.59
C LEU LA 37 -63.22 4.23 61.98
N SER LA 38 -62.29 3.39 62.40
CA SER LA 38 -61.66 3.48 63.71
C SER LA 38 -60.27 4.06 63.59
N THR LA 39 -59.63 4.22 64.74
CA THR LA 39 -58.22 4.59 64.76
C THR LA 39 -57.40 3.59 63.97
N ALA LA 40 -57.61 2.30 64.25
CA ALA LA 40 -56.96 1.27 63.45
C ALA LA 40 -57.46 1.32 62.02
N ASP LA 41 -58.76 1.52 61.83
CA ASP LA 41 -59.34 1.60 60.49
C ASP LA 41 -59.13 3.00 59.92
N ARG LA 42 -57.86 3.42 59.93
CA ARG LA 42 -57.52 4.82 59.75
C ARG LA 42 -57.95 5.36 58.39
N TYR LA 43 -58.13 4.51 57.40
CA TYR LA 43 -58.50 4.98 56.08
C TYR LA 43 -59.17 3.86 55.31
N ARG LA 44 -59.52 4.16 54.06
CA ARG LA 44 -60.10 3.18 53.17
C ARG LA 44 -60.12 3.73 51.76
N ILE LA 45 -59.77 2.91 50.77
CA ILE LA 45 -59.52 3.36 49.41
C ILE LA 45 -60.64 2.93 48.49
N TYR LA 46 -61.06 3.86 47.63
CA TYR LA 46 -62.27 3.72 46.84
C TYR LA 46 -61.97 4.14 45.41
N ARG LA 47 -62.74 3.57 44.48
CA ARG LA 47 -62.69 3.97 43.08
C ARG LA 47 -64.08 4.24 42.50
N THR LA 48 -65.14 4.05 43.27
CA THR LA 48 -66.47 4.26 42.74
C THR LA 48 -67.39 4.80 43.82
N ALA LA 49 -68.10 5.88 43.50
CA ALA LA 49 -69.05 6.45 44.45
C ALA LA 49 -70.03 5.41 44.96
N ALA LA 50 -70.42 4.47 44.08
CA ALA LA 50 -71.36 3.44 44.48
C ALA LA 50 -70.83 2.66 45.66
N ALA LA 51 -69.59 2.17 45.57
CA ALA LA 51 -69.02 1.45 46.70
C ALA LA 51 -68.87 2.36 47.91
N VAL LA 52 -68.56 3.64 47.68
CA VAL LA 52 -68.41 4.55 48.80
C VAL LA 52 -69.67 4.58 49.62
N ALA LA 53 -70.80 4.79 48.95
CA ALA LA 53 -72.07 4.82 49.66
C ALA LA 53 -72.39 3.46 50.26
N SER LA 54 -72.17 2.39 49.50
CA SER LA 54 -72.49 1.07 50.01
C SER LA 54 -71.66 0.70 51.21
N ASP LA 55 -70.58 1.42 51.47
CA ASP LA 55 -69.85 1.22 52.71
C ASP LA 55 -70.32 2.20 53.78
N PHE LA 56 -70.54 3.47 53.42
CA PHE LA 56 -70.97 4.47 54.39
C PHE LA 56 -72.49 4.62 54.46
N GLY LA 57 -73.18 4.54 53.34
CA GLY LA 57 -74.59 4.87 53.30
C GLY LA 57 -74.82 6.10 52.45
N ALA LA 58 -75.71 6.00 51.46
CA ALA LA 58 -75.92 7.10 50.54
C ALA LA 58 -76.42 8.35 51.25
N SER LA 59 -76.91 8.21 52.47
CA SER LA 59 -77.34 9.36 53.25
C SER LA 59 -76.18 10.02 53.98
N SER LA 60 -75.01 9.40 54.01
CA SER LA 60 -73.90 9.94 54.80
C SER LA 60 -73.32 11.20 54.15
N GLN LA 61 -72.76 12.06 55.00
CA GLN LA 61 -72.02 13.20 54.49
C GLN LA 61 -70.91 12.74 53.58
N GLU LA 62 -70.13 11.76 54.03
CA GLU LA 62 -69.03 11.24 53.23
C GLU LA 62 -69.54 10.78 51.87
N SER LA 63 -70.74 10.21 51.84
CA SER LA 63 -71.30 9.80 50.58
C SER LA 63 -71.49 11.00 49.66
N ALA LA 64 -72.05 12.09 50.19
CA ALA LA 64 -72.31 13.26 49.35
C ALA LA 64 -71.02 13.85 48.82
N PHE LA 65 -70.00 13.95 49.69
CA PHE LA 65 -68.73 14.43 49.20
C PHE LA 65 -68.19 13.51 48.12
N ALA LA 66 -68.40 12.20 48.28
CA ALA LA 66 -67.96 11.27 47.25
C ALA LA 66 -68.66 11.55 45.94
N ASN LA 67 -69.97 11.78 45.96
CA ASN LA 67 -70.67 12.10 44.73
C ASN LA 67 -70.07 13.35 44.09
N THR LA 68 -69.96 14.44 44.86
CA THR LA 68 -69.46 15.67 44.29
C THR LA 68 -68.05 15.49 43.77
N PHE LA 69 -67.29 14.59 44.37
CA PHE LA 69 -65.97 14.28 43.86
C PHE LA 69 -66.05 13.55 42.53
N PHE LA 70 -66.89 12.52 42.46
CA PHE LA 70 -66.93 11.62 41.33
C PHE LA 70 -67.62 12.23 40.12
N ASP LA 71 -68.29 13.37 40.27
CA ASP LA 71 -69.02 13.94 39.16
C ASP LA 71 -68.16 14.86 38.29
N THR LA 72 -66.98 15.23 38.74
CA THR LA 72 -66.13 16.10 37.94
C THR LA 72 -65.63 15.32 36.73
N THR LA 73 -66.07 15.72 35.54
CA THR LA 73 -65.89 14.85 34.38
C THR LA 73 -64.43 14.48 34.12
N PRO LA 74 -63.44 15.36 34.25
CA PRO LA 74 -62.09 14.85 34.47
C PRO LA 74 -61.98 14.48 35.93
N ASN LA 75 -61.99 13.19 36.20
CA ASN LA 75 -61.95 12.62 37.52
C ASN LA 75 -60.55 12.13 37.83
N PRO LA 76 -60.07 12.30 39.05
CA PRO LA 76 -58.71 11.84 39.36
C PRO LA 76 -58.49 10.40 39.00
N ILE LA 77 -59.52 9.56 39.13
CA ILE LA 77 -59.40 8.17 38.75
C ILE LA 77 -59.06 8.05 37.27
N SER LA 78 -59.59 8.96 36.45
CA SER LA 78 -59.29 8.91 35.03
C SER LA 78 -57.80 8.96 34.76
N ALA LA 79 -57.04 9.54 35.69
CA ALA LA 79 -55.58 9.55 35.59
C ALA LA 79 -54.94 8.50 36.48
N GLY LA 80 -55.59 7.35 36.63
CA GLY LA 80 -55.00 6.28 37.42
C GLY LA 80 -54.80 6.64 38.88
N GLY LA 81 -55.76 7.33 39.48
CA GLY LA 81 -55.71 7.68 40.88
C GLY LA 81 -56.89 7.08 41.62
N VAL LA 82 -56.86 7.25 42.94
CA VAL LA 82 -57.87 6.66 43.81
C VAL LA 82 -58.35 7.73 44.75
N LEU LA 83 -59.56 7.54 45.28
CA LEU LA 83 -60.01 8.34 46.40
C LEU LA 83 -59.72 7.58 47.67
N VAL LA 84 -59.46 8.30 48.76
CA VAL LA 84 -59.38 7.65 50.05
C VAL LA 84 -60.22 8.44 51.02
N ILE LA 85 -60.62 7.78 52.10
CA ILE LA 85 -61.23 8.44 53.23
C ILE LA 85 -60.46 8.08 54.48
N GLY LA 86 -60.10 9.08 55.25
CA GLY LA 86 -59.39 8.89 56.50
C GLY LA 86 -60.31 9.01 57.69
N TYR LA 87 -59.72 9.24 58.85
CA TYR LA 87 -60.49 9.40 60.08
C TYR LA 87 -59.65 10.01 61.19
N TRP LA 88 -60.15 11.06 61.79
CA TRP LA 88 -59.49 11.68 62.93
C TRP LA 88 -60.50 11.78 64.06
N ARG LA 89 -60.06 11.49 65.28
CA ARG LA 89 -60.97 11.27 66.38
C ARG LA 89 -61.62 12.60 66.77
N SER LA 90 -62.67 12.94 66.05
CA SER LA 90 -63.43 14.16 66.37
C SER LA 90 -64.03 14.08 67.77
N ALA LA 91 -64.61 12.94 68.12
CA ALA LA 91 -65.34 12.79 69.36
C ALA LA 91 -64.66 11.74 70.23
N SER LA 92 -65.33 11.38 71.31
CA SER LA 92 -64.82 10.40 72.24
C SER LA 92 -64.73 9.05 71.54
N GLU LA 93 -63.53 8.65 71.17
CA GLU LA 93 -63.32 7.38 70.50
C GLU LA 93 -63.50 6.25 71.51
N THR LA 94 -64.64 5.58 71.44
CA THR LA 94 -64.85 4.34 72.17
C THR LA 94 -64.36 3.19 71.30
N VAL LA 95 -63.52 2.34 71.85
CA VAL LA 95 -63.00 1.19 71.12
C VAL LA 95 -63.30 -0.03 71.97
N ALA LA 96 -64.29 -0.81 71.55
CA ALA LA 96 -64.66 -2.02 72.27
C ALA LA 96 -63.52 -3.02 72.21
N ALA LA 97 -63.16 -3.56 73.36
CA ALA LA 97 -62.06 -4.52 73.43
C ALA LA 97 -62.40 -5.75 72.60
N THR LA 98 -61.45 -6.19 71.81
CA THR LA 98 -61.63 -7.36 70.96
C THR LA 98 -60.83 -8.53 71.53
N SER LA 99 -60.90 -9.65 70.82
CA SER LA 99 -60.20 -10.85 71.24
C SER LA 99 -58.81 -10.90 70.62
N ALA LA 100 -57.97 -11.76 71.19
CA ALA LA 100 -56.68 -12.03 70.59
C ALA LA 100 -56.87 -12.57 69.18
N THR LA 101 -56.02 -12.13 68.27
CA THR LA 101 -56.18 -12.44 66.86
C THR LA 101 -54.89 -12.99 66.28
N LEU LA 102 -55.02 -14.08 65.52
CA LEU LA 102 -53.90 -14.75 64.89
C LEU LA 102 -54.11 -14.79 63.39
N VAL LA 103 -53.07 -14.44 62.63
CA VAL LA 103 -53.15 -14.39 61.17
C VAL LA 103 -51.98 -15.15 60.57
N SER LA 104 -52.26 -15.85 59.47
CA SER LA 104 -51.22 -16.48 58.66
C SER LA 104 -50.65 -15.47 57.68
N GLU LA 105 -49.35 -15.52 57.47
CA GLU LA 105 -48.77 -14.65 56.46
C GLU LA 105 -49.08 -15.16 55.06
N GLN LA 106 -49.16 -16.47 54.89
CA GLN LA 106 -49.15 -17.09 53.57
C GLN LA 106 -50.48 -16.92 52.86
N THR LA 107 -50.62 -15.83 52.10
CA THR LA 107 -51.85 -15.60 51.35
C THR LA 107 -52.07 -16.64 50.26
N SER LA 108 -51.02 -17.34 49.84
CA SER LA 108 -51.12 -18.22 48.68
C SER LA 108 -52.04 -19.41 48.95
N GLU LA 109 -53.19 -19.42 48.29
CA GLU LA 109 -54.13 -20.53 48.41
C GLU LA 109 -53.60 -21.77 47.71
N SER LA 110 -53.06 -21.61 46.50
CA SER LA 110 -52.72 -22.75 45.68
C SER LA 110 -51.71 -23.66 46.36
N VAL LA 111 -50.64 -23.09 46.89
CA VAL LA 111 -49.57 -23.92 47.44
C VAL LA 111 -50.05 -24.71 48.65
N LEU LA 112 -51.04 -24.20 49.38
CA LEU LA 112 -51.41 -24.83 50.64
C LEU LA 112 -52.21 -26.11 50.39
N ILE LA 113 -53.09 -26.11 49.40
CA ILE LA 113 -54.05 -27.20 49.26
C ILE LA 113 -53.40 -28.56 49.09
N PRO LA 114 -52.44 -28.75 48.17
CA PRO LA 114 -51.88 -30.11 48.03
C PRO LA 114 -51.24 -30.64 49.29
N LEU LA 115 -50.53 -29.79 50.04
CA LEU LA 115 -49.88 -30.27 51.25
C LEU LA 115 -50.91 -30.77 52.25
N LEU LA 116 -52.00 -30.03 52.38
CA LEU LA 116 -53.08 -30.49 53.25
C LEU LA 116 -53.72 -31.75 52.71
N ASN LA 117 -53.84 -31.88 51.38
CA ASN LA 117 -54.48 -33.05 50.81
C ASN LA 117 -53.68 -34.30 51.09
N ALA LA 118 -52.36 -34.22 50.97
CA ALA LA 118 -51.54 -35.40 51.20
C ALA LA 118 -51.62 -35.87 52.64
N ILE LA 119 -51.64 -34.94 53.59
CA ILE LA 119 -51.60 -35.31 55.00
C ILE LA 119 -52.97 -35.81 55.42
N ASN LA 120 -53.02 -37.04 55.94
CA ASN LA 120 -54.28 -37.66 56.32
C ASN LA 120 -54.67 -37.25 57.74
N ASP LA 121 -53.81 -37.52 58.71
CA ASP LA 121 -54.00 -37.10 60.08
C ASP LA 121 -53.52 -35.66 60.25
N GLY LA 122 -53.41 -35.21 61.48
CA GLY LA 122 -52.90 -33.87 61.74
C GLY LA 122 -52.46 -33.77 63.17
N SER LA 123 -51.80 -32.66 63.49
CA SER LA 123 -51.54 -32.33 64.89
C SER LA 123 -51.39 -30.82 65.01
N PHE LA 124 -51.78 -30.31 66.16
CA PHE LA 124 -52.13 -28.90 66.27
C PHE LA 124 -52.18 -28.50 67.74
N THR LA 125 -51.40 -27.50 68.14
CA THR LA 125 -51.29 -27.12 69.56
C THR LA 125 -51.44 -25.61 69.74
N ILE LA 126 -52.66 -25.17 70.00
CA ILE LA 126 -52.93 -23.78 70.29
C ILE LA 126 -53.12 -23.63 71.79
N THR LA 127 -53.04 -22.39 72.28
CA THR LA 127 -53.35 -22.08 73.67
C THR LA 127 -54.25 -20.86 73.69
N VAL LA 128 -55.54 -21.07 73.97
CA VAL LA 128 -56.42 -19.95 74.30
C VAL LA 128 -56.03 -19.31 75.61
N ASP LA 129 -55.15 -19.96 76.37
CA ASP LA 129 -54.63 -19.49 77.65
C ASP LA 129 -55.76 -19.37 78.66
N GLY LA 130 -56.95 -19.81 78.28
CA GLY LA 130 -58.09 -19.85 79.17
C GLY LA 130 -58.12 -21.06 80.06
N GLY LA 131 -57.02 -21.79 80.11
CA GLY LA 131 -56.92 -22.98 80.92
C GLY LA 131 -55.97 -23.98 80.29
N THR LA 132 -56.42 -25.21 80.15
CA THR LA 132 -55.60 -26.26 79.56
C THR LA 132 -55.19 -25.87 78.16
N GLU LA 133 -53.90 -25.99 77.87
CA GLU LA 133 -53.43 -25.78 76.51
C GLU LA 133 -54.03 -26.84 75.60
N GLN LA 134 -54.39 -26.43 74.38
CA GLN LA 134 -55.06 -27.34 73.47
C GLN LA 134 -54.11 -28.38 72.92
N GLU LA 135 -54.63 -29.58 72.69
CA GLU LA 135 -53.94 -30.67 72.02
C GLU LA 135 -54.89 -31.18 70.95
N VAL LA 136 -54.66 -30.79 69.70
CA VAL LA 136 -55.61 -31.01 68.62
C VAL LA 136 -54.92 -31.86 67.57
N THR LA 137 -55.49 -33.04 67.30
CA THR LA 137 -54.88 -34.02 66.41
C THR LA 137 -55.76 -34.40 65.23
N ALA LA 138 -57.02 -34.74 65.48
CA ALA LA 138 -57.85 -35.41 64.47
C ALA LA 138 -58.17 -34.40 63.37
N LEU LA 139 -57.19 -34.19 62.48
CA LEU LA 139 -57.29 -33.24 61.39
C LEU LA 139 -57.18 -33.98 60.07
N ASP LA 140 -58.18 -33.83 59.22
CA ASP LA 140 -58.13 -34.35 57.86
C ASP LA 140 -58.42 -33.23 56.89
N PHE LA 141 -57.65 -33.16 55.81
CA PHE LA 141 -57.82 -32.12 54.82
C PHE LA 141 -58.00 -32.70 53.42
N THR LA 142 -58.25 -34.01 53.34
CA THR LA 142 -58.30 -34.67 52.04
C THR LA 142 -59.45 -34.15 51.19
N GLY LA 143 -60.55 -33.77 51.82
CA GLY LA 143 -61.72 -33.35 51.08
C GLY LA 143 -61.78 -31.86 50.85
N VAL LA 144 -60.66 -31.18 51.00
CA VAL LA 144 -60.61 -29.73 50.92
C VAL LA 144 -60.15 -29.32 49.54
N SER LA 145 -60.91 -28.43 48.90
CA SER LA 145 -60.46 -27.77 47.70
C SER LA 145 -60.27 -26.28 47.88
N GLU LA 146 -60.75 -25.70 48.97
CA GLU LA 146 -60.71 -24.27 49.16
C GLU LA 146 -60.35 -23.93 50.60
N LEU LA 147 -59.78 -22.74 50.78
CA LEU LA 147 -59.29 -22.34 52.10
C LEU LA 147 -60.42 -22.31 53.11
N SER LA 148 -61.64 -21.99 52.69
CA SER LA 148 -62.76 -21.94 53.61
C SER LA 148 -62.95 -23.29 54.30
N GLU LA 149 -62.65 -24.38 53.59
CA GLU LA 149 -62.89 -25.70 54.15
C GLU LA 149 -61.90 -26.00 55.27
N VAL LA 150 -60.61 -25.75 55.05
CA VAL LA 150 -59.65 -25.95 56.12
C VAL LA 150 -59.95 -25.01 57.26
N ALA LA 151 -60.43 -23.80 56.94
CA ALA LA 151 -60.83 -22.89 57.98
C ALA LA 151 -61.91 -23.51 58.85
N THR LA 152 -62.98 -24.01 58.24
CA THR LA 152 -64.09 -24.57 59.01
C THR LA 152 -63.65 -25.80 59.80
N ILE LA 153 -62.76 -26.61 59.23
CA ILE LA 153 -62.22 -27.75 59.97
C ILE LA 153 -61.50 -27.27 61.20
N LEU LA 154 -60.67 -26.24 61.06
CA LEU LA 154 -60.01 -25.69 62.23
C LEU LA 154 -61.01 -25.16 63.25
N ASN LA 155 -62.07 -24.50 62.77
CA ASN LA 155 -63.11 -24.02 63.68
C ASN LA 155 -63.65 -25.16 64.53
N SER LA 156 -64.04 -26.24 63.87
CA SER LA 156 -64.49 -27.41 64.62
C SER LA 156 -63.38 -28.02 65.44
N ALA LA 157 -62.12 -27.64 65.19
CA ALA LA 157 -61.01 -28.22 65.92
C ALA LA 157 -60.62 -27.43 67.16
N ILE LA 158 -60.84 -26.12 67.19
CA ILE LA 158 -60.43 -25.28 68.32
C ILE LA 158 -61.65 -24.85 69.11
N THR LA 159 -61.66 -25.16 70.39
CA THR LA 159 -62.71 -24.73 71.28
C THR LA 159 -62.56 -23.25 71.59
N GLY LA 160 -63.69 -22.59 71.84
CA GLY LA 160 -63.68 -21.22 72.31
C GLY LA 160 -63.03 -20.24 71.36
N ALA LA 161 -62.80 -20.62 70.12
CA ALA LA 161 -62.15 -19.73 69.17
C ALA LA 161 -62.64 -20.05 67.77
N THR LA 162 -63.21 -19.04 67.13
CA THR LA 162 -63.65 -19.15 65.76
C THR LA 162 -62.50 -18.81 64.81
N VAL LA 163 -62.39 -19.59 63.75
CA VAL LA 163 -61.38 -19.36 62.73
C VAL LA 163 -62.11 -19.07 61.43
N SER LA 164 -61.41 -18.44 60.49
CA SER LA 164 -62.01 -18.05 59.23
C SER LA 164 -60.89 -17.71 58.25
N GLU LA 165 -61.29 -17.47 57.01
CA GLU LA 165 -60.37 -17.06 55.96
C GLU LA 165 -60.81 -15.73 55.37
N ASP LA 166 -59.87 -14.79 55.32
CA ASP LA 166 -60.07 -13.49 54.67
C ASP LA 166 -58.88 -13.24 53.74
N ASN LA 167 -59.09 -13.42 52.43
CA ASN LA 167 -58.14 -12.97 51.42
C ASN LA 167 -56.75 -13.56 51.65
N GLY LA 168 -56.70 -14.88 51.71
CA GLY LA 168 -55.43 -15.55 51.91
C GLY LA 168 -54.92 -15.52 53.33
N TYR LA 169 -55.64 -14.86 54.23
CA TYR LA 169 -55.26 -14.77 55.63
C TYR LA 169 -56.15 -15.70 56.45
N PHE LA 170 -55.56 -16.35 57.45
CA PHE LA 170 -56.30 -17.25 58.32
C PHE LA 170 -56.44 -16.58 59.67
N LYS LA 171 -57.67 -16.22 60.04
CA LYS LA 171 -57.92 -15.50 61.27
C LYS LA 171 -58.40 -16.48 62.32
N VAL LA 172 -57.74 -16.45 63.47
CA VAL LA 172 -58.10 -17.26 64.63
C VAL LA 172 -58.35 -16.30 65.78
N THR LA 173 -59.58 -16.31 66.32
CA THR LA 173 -59.96 -15.38 67.36
C THR LA 173 -60.73 -16.13 68.43
N SER LA 174 -60.30 -16.00 69.68
CA SER LA 174 -61.02 -16.61 70.78
C SER LA 174 -62.38 -15.98 70.97
N SER LA 175 -63.31 -16.77 71.50
CA SER LA 175 -64.65 -16.26 71.78
C SER LA 175 -64.62 -15.16 72.83
N THR LA 176 -63.83 -15.35 73.88
CA THR LA 176 -63.73 -14.33 74.92
C THR LA 176 -63.10 -13.07 74.36
N THR LA 177 -63.58 -11.91 74.82
CA THR LA 177 -63.03 -10.62 74.44
C THR LA 177 -62.51 -9.90 75.67
N GLY LA 178 -61.34 -9.30 75.53
CA GLY LA 178 -60.74 -8.56 76.62
C GLY LA 178 -59.82 -9.39 77.48
N ALA LA 179 -58.53 -9.08 77.43
CA ALA LA 179 -57.52 -9.70 78.31
C ALA LA 179 -57.57 -11.22 78.25
N THR LA 180 -57.69 -11.75 77.03
CA THR LA 180 -57.54 -13.18 76.79
C THR LA 180 -56.54 -13.36 75.67
N SER LA 181 -55.56 -14.21 75.89
CA SER LA 181 -54.39 -14.29 75.02
C SER LA 181 -54.38 -15.60 74.25
N LEU LA 182 -54.20 -15.50 72.94
CA LEU LA 182 -53.86 -16.66 72.12
C LEU LA 182 -52.37 -16.60 71.78
N LEU LA 183 -51.55 -16.87 72.79
CA LEU LA 183 -50.10 -16.73 72.62
C LEU LA 183 -49.54 -17.70 71.60
N SER LA 184 -49.98 -18.95 71.63
CA SER LA 184 -49.31 -20.00 70.90
C SER LA 184 -49.37 -19.78 69.40
N TYR LA 185 -48.27 -20.08 68.73
CA TYR LA 185 -48.15 -20.03 67.28
C TYR LA 185 -48.36 -21.42 66.69
N LEU LA 186 -49.33 -22.15 67.23
CA LEU LA 186 -49.84 -23.44 66.82
C LEU LA 186 -48.92 -24.57 67.25
N GLY LA 187 -47.72 -24.29 67.75
CA GLY LA 187 -46.81 -25.28 68.27
C GLY LA 187 -46.69 -26.56 67.49
N VAL LA 188 -46.43 -27.67 68.18
CA VAL LA 188 -46.40 -29.00 67.60
C VAL LA 188 -46.91 -29.97 68.65
N ALA LA 189 -47.76 -30.89 68.22
CA ALA LA 189 -48.21 -31.97 69.09
C ALA LA 189 -47.39 -33.20 68.80
N THR LA 190 -46.97 -33.91 69.85
CA THR LA 190 -46.27 -35.17 69.66
C THR LA 190 -47.18 -36.28 69.18
N SER LA 191 -48.48 -36.04 69.13
CA SER LA 191 -49.47 -37.07 68.84
C SER LA 191 -49.95 -37.08 67.39
N GLY LA 192 -49.22 -36.47 66.47
CA GLY LA 192 -49.64 -36.52 65.08
C GLY LA 192 -48.67 -35.77 64.19
N THR LA 193 -49.04 -35.71 62.91
CA THR LA 193 -48.27 -34.96 61.93
C THR LA 193 -48.76 -33.52 61.90
N ASP LA 194 -47.84 -32.58 62.14
CA ASP LA 194 -48.22 -31.19 62.33
C ASP LA 194 -48.79 -30.57 61.07
N ILE LA 195 -49.64 -29.57 61.27
CA ILE LA 195 -50.02 -28.64 60.21
C ILE LA 195 -49.39 -27.28 60.44
N SER LA 196 -48.82 -27.03 61.60
CA SER LA 196 -48.37 -25.69 61.96
C SER LA 196 -47.37 -25.14 60.95
N ALA LA 197 -46.33 -25.92 60.65
CA ALA LA 197 -45.27 -25.42 59.78
C ALA LA 197 -45.84 -25.05 58.42
N VAL LA 198 -46.58 -25.97 57.79
CA VAL LA 198 -47.15 -25.67 56.49
C VAL LA 198 -48.21 -24.58 56.61
N LEU LA 199 -48.82 -24.41 57.78
CA LEU LA 199 -49.84 -23.39 57.90
C LEU LA 199 -49.26 -21.99 57.91
N GLY LA 200 -47.96 -21.85 58.14
CA GLY LA 200 -47.34 -20.54 58.08
C GLY LA 200 -47.58 -19.65 59.28
N MET LA 201 -48.07 -20.19 60.40
CA MET LA 201 -48.24 -19.42 61.63
C MET LA 201 -47.41 -19.98 62.78
N ASN LA 202 -46.15 -20.30 62.51
CA ASN LA 202 -45.23 -20.74 63.54
C ASN LA 202 -44.58 -19.54 64.23
N SER LA 203 -43.94 -19.80 65.37
CA SER LA 203 -43.21 -18.76 66.08
C SER LA 203 -42.12 -18.18 65.20
N GLU LA 204 -41.37 -19.05 64.53
CA GLU LA 204 -40.37 -18.57 63.58
C GLU LA 204 -41.06 -17.87 62.40
N SER LA 205 -42.16 -18.44 61.93
CA SER LA 205 -42.87 -17.86 60.80
C SER LA 205 -43.39 -16.48 61.17
N GLY LA 206 -43.28 -15.55 60.23
CA GLY LA 206 -43.84 -14.23 60.45
C GLY LA 206 -45.34 -14.30 60.61
N ALA LA 207 -45.85 -13.76 61.71
CA ALA LA 207 -47.27 -13.79 61.97
C ALA LA 207 -47.63 -12.71 62.96
N VAL LA 208 -48.67 -11.95 62.64
CA VAL LA 208 -49.17 -10.90 63.52
C VAL LA 208 -50.10 -11.55 64.52
N LEU LA 209 -49.86 -11.29 65.80
CA LEU LA 209 -50.67 -11.86 66.87
C LEU LA 209 -51.02 -10.73 67.84
N THR LA 210 -52.14 -10.07 67.57
CA THR LA 210 -52.58 -8.95 68.41
C THR LA 210 -53.24 -9.55 69.63
N GLN LA 211 -52.50 -9.60 70.73
CA GLN LA 211 -53.07 -10.15 71.96
C GLN LA 211 -54.27 -9.33 72.39
N GLY LA 212 -55.26 -10.01 72.95
CA GLY LA 212 -56.47 -9.34 73.38
C GLY LA 212 -56.20 -8.19 74.32
N THR LA 213 -56.76 -7.01 74.01
CA THR LA 213 -56.59 -5.87 74.88
C THR LA 213 -57.26 -6.13 76.23
N ASP LA 214 -56.88 -5.32 77.22
CA ASP LA 214 -57.49 -5.45 78.54
C ASP LA 214 -58.99 -5.16 78.48
N GLN LA 215 -59.34 -3.92 78.14
CA GLN LA 215 -60.72 -3.48 78.14
C GLN LA 215 -60.92 -2.47 77.02
N VAL LA 216 -62.14 -1.90 76.96
CA VAL LA 216 -62.42 -0.87 75.97
C VAL LA 216 -61.55 0.34 76.23
N VAL LA 217 -61.04 0.94 75.17
CA VAL LA 217 -60.12 2.06 75.32
C VAL LA 217 -60.77 3.30 74.73
N LEU LA 218 -60.45 4.46 75.32
CA LEU LA 218 -61.05 5.74 74.95
C LEU LA 218 -59.92 6.69 74.55
N PRO LA 219 -59.44 6.62 73.32
CA PRO LA 219 -58.49 7.63 72.85
C PRO LA 219 -59.09 9.01 72.97
N ALA LA 220 -58.31 9.93 73.52
CA ALA LA 220 -58.78 11.30 73.61
C ALA LA 220 -58.94 11.87 72.21
N GLU LA 221 -59.81 12.87 72.11
CA GLU LA 221 -60.03 13.54 70.83
C GLU LA 221 -58.74 14.16 70.33
N THR LA 222 -58.26 13.70 69.18
CA THR LA 222 -57.09 14.29 68.58
C THR LA 222 -57.46 15.63 67.94
N LYS LA 223 -56.45 16.29 67.39
CA LYS LA 223 -56.66 17.51 66.62
C LYS LA 223 -56.64 17.18 65.13
N LEU LA 224 -57.11 18.13 64.33
CA LEU LA 224 -56.98 18.00 62.88
C LEU LA 224 -55.53 17.83 62.49
N GLU LA 225 -54.61 18.32 63.32
CA GLU LA 225 -53.20 18.03 63.15
C GLU LA 225 -52.94 16.53 63.16
N GLY LA 226 -53.81 15.74 63.80
CA GLY LA 226 -53.71 14.30 63.76
C GLY LA 226 -53.75 13.74 62.35
N ILE LA 227 -53.98 14.60 61.35
CA ILE LA 227 -53.80 14.20 59.96
C ILE LA 227 -52.40 13.64 59.73
N THR LA 228 -51.46 13.92 60.62
CA THR LA 228 -50.14 13.30 60.52
C THR LA 228 -50.26 11.80 60.39
N ALA LA 229 -51.21 11.20 61.11
CA ALA LA 229 -51.41 9.76 61.03
C ALA LA 229 -51.78 9.31 59.63
N ILE LA 230 -52.66 10.06 58.96
CA ILE LA 230 -53.20 9.61 57.69
C ILE LA 230 -52.07 9.44 56.67
N LYS LA 231 -51.29 10.50 56.46
CA LYS LA 231 -50.14 10.38 55.57
C LYS LA 231 -49.16 9.34 56.09
N SER LA 232 -49.16 9.11 57.40
CA SER LA 232 -48.31 8.08 57.97
C SER LA 232 -48.63 6.70 57.41
N GLU LA 233 -49.82 6.50 56.87
CA GLU LA 233 -50.24 5.16 56.47
C GLU LA 233 -50.75 5.03 55.05
N VAL LA 234 -50.95 6.11 54.31
CA VAL LA 234 -51.61 5.95 53.02
C VAL LA 234 -50.79 6.57 51.89
N ASN LA 235 -49.99 7.59 52.23
CA ASN LA 235 -49.26 8.37 51.23
C ASN LA 235 -50.21 9.01 50.23
N ILE LA 236 -51.24 9.67 50.76
CA ILE LA 236 -52.12 10.51 49.94
C ILE LA 236 -51.32 11.73 49.53
N LYS LA 237 -51.87 12.50 48.60
CA LYS LA 237 -51.23 13.75 48.21
C LYS LA 237 -52.17 14.94 48.23
N GLY LA 238 -53.47 14.74 48.20
CA GLY LA 238 -54.41 15.83 48.31
C GLY LA 238 -55.43 15.57 49.39
N ALA LA 239 -55.45 16.42 50.40
CA ALA LA 239 -56.22 16.15 51.60
C ALA LA 239 -57.31 17.18 51.78
N MET LA 240 -58.30 16.81 52.59
CA MET LA 240 -59.43 17.67 52.87
C MET LA 240 -59.75 17.60 54.35
N PHE LA 241 -60.82 18.27 54.74
CA PHE LA 241 -61.46 18.04 56.03
C PHE LA 241 -62.94 18.33 55.89
N ILE LA 242 -63.77 17.44 56.42
CA ILE LA 242 -65.21 17.65 56.38
C ILE LA 242 -65.55 18.96 57.05
N ASP LA 243 -65.02 19.15 58.26
CA ASP LA 243 -65.28 20.37 59.00
C ASP LA 243 -64.46 21.51 58.42
N GLN LA 244 -64.80 22.73 58.84
CA GLN LA 244 -63.93 23.86 58.54
C GLN LA 244 -62.76 23.83 59.51
N ILE LA 245 -61.58 24.17 59.00
CA ILE LA 245 -60.40 24.18 59.85
C ILE LA 245 -60.42 25.48 60.65
N LEU LA 246 -60.39 25.35 61.98
CA LEU LA 246 -60.40 26.54 62.82
C LEU LA 246 -59.12 27.34 62.59
N ASP LA 247 -59.23 28.66 62.78
CA ASP LA 247 -58.17 29.54 62.34
C ASP LA 247 -56.85 29.25 63.06
N ALA LA 248 -56.91 29.02 64.37
CA ALA LA 248 -55.68 28.78 65.12
C ALA LA 248 -54.92 27.58 64.57
N ASP LA 249 -55.62 26.60 64.01
CA ASP LA 249 -54.96 25.44 63.43
C ASP LA 249 -54.45 25.70 62.03
N ILE LA 250 -54.88 26.78 61.39
CA ILE LA 250 -54.50 27.01 59.99
C ILE LA 250 -52.99 27.06 59.80
N PRO LA 251 -52.23 27.85 60.54
CA PRO LA 251 -50.78 27.84 60.32
C PRO LA 251 -50.18 26.48 60.57
N GLY LA 252 -50.68 25.76 61.57
CA GLY LA 252 -50.14 24.43 61.84
C GLY LA 252 -50.33 23.48 60.69
N ILE LA 253 -51.55 23.41 60.16
CA ILE LA 253 -51.80 22.51 59.04
C ILE LA 253 -51.09 22.99 57.79
N ALA LA 254 -50.93 24.30 57.63
CA ALA LA 254 -50.18 24.81 56.49
C ALA LA 254 -48.73 24.34 56.55
N SER LA 255 -48.10 24.51 57.71
CA SER LA 255 -46.74 24.02 57.86
C SER LA 255 -46.67 22.52 57.63
N PHE LA 256 -47.67 21.78 58.10
CA PHE LA 256 -47.67 20.36 57.85
C PHE LA 256 -47.73 20.07 56.36
N ALA LA 257 -48.56 20.81 55.64
CA ALA LA 257 -48.64 20.61 54.20
C ALA LA 257 -47.29 20.89 53.54
N GLY LA 258 -46.61 21.95 53.97
CA GLY LA 258 -45.33 22.28 53.40
C GLY LA 258 -44.28 21.21 53.67
N ALA LA 259 -44.34 20.61 54.86
CA ALA LA 259 -43.30 19.66 55.24
C ALA LA 259 -43.56 18.28 54.68
N ASN LA 260 -44.79 17.80 54.76
CA ASN LA 260 -45.12 16.44 54.35
C ASN LA 260 -45.40 16.33 52.87
N ASN LA 261 -45.19 17.41 52.12
CA ASN LA 261 -45.13 17.33 50.66
C ASN LA 261 -46.45 16.87 50.07
N MET LA 262 -47.52 17.60 50.36
CA MET LA 262 -48.82 17.33 49.77
C MET LA 262 -49.59 18.64 49.71
N LEU LA 263 -50.77 18.58 49.12
CA LEU LA 263 -51.66 19.72 49.06
C LEU LA 263 -52.75 19.58 50.10
N VAL LA 264 -53.35 20.71 50.47
CA VAL LA 264 -54.49 20.72 51.37
C VAL LA 264 -55.42 21.81 50.87
N TYR LA 265 -56.57 21.44 50.33
CA TYR LA 265 -57.53 22.41 49.84
C TYR LA 265 -58.47 22.78 50.96
N GLU LA 266 -58.75 24.06 51.11
CA GLU LA 266 -59.64 24.54 52.15
C GLU LA 266 -60.44 25.71 51.62
N VAL LA 267 -61.67 25.86 52.12
CA VAL LA 267 -62.55 26.93 51.69
C VAL LA 267 -62.74 27.89 52.84
N PHE LA 268 -63.20 29.10 52.50
CA PHE LA 268 -63.52 30.11 53.50
C PHE LA 268 -64.69 30.92 52.99
N ASP LA 269 -65.46 31.46 53.91
CA ASP LA 269 -66.53 32.36 53.56
C ASP LA 269 -65.98 33.75 53.31
N THR LA 270 -66.88 34.70 52.99
CA THR LA 270 -66.43 36.03 52.61
C THR LA 270 -65.79 36.77 53.76
N GLY LA 271 -65.97 36.31 54.99
CA GLY LA 271 -65.38 37.00 56.13
C GLY LA 271 -63.87 37.11 56.04
N TYR LA 272 -63.22 36.08 55.50
CA TYR LA 272 -61.77 36.06 55.37
C TYR LA 272 -61.26 36.80 54.16
N LEU LA 273 -62.04 37.73 53.60
CA LEU LA 273 -61.62 38.46 52.42
C LEU LA 273 -60.94 39.74 52.88
N SER LA 274 -59.64 39.67 53.06
CA SER LA 274 -58.91 40.86 53.48
C SER LA 274 -57.43 40.65 53.20
N LYS LA 275 -56.69 41.75 53.31
CA LYS LA 275 -55.23 41.72 53.31
C LYS LA 275 -54.68 41.78 54.72
N ASN LA 276 -55.51 41.54 55.72
CA ASN LA 276 -55.11 41.67 57.11
C ASN LA 276 -54.34 40.44 57.57
N VAL LA 277 -53.40 40.67 58.49
CA VAL LA 277 -52.68 39.56 59.09
C VAL LA 277 -53.61 38.68 59.91
N SER LA 278 -54.54 39.32 60.63
CA SER LA 278 -55.50 38.55 61.41
C SER LA 278 -56.26 37.58 60.53
N ASN LA 279 -56.43 37.90 59.26
CA ASN LA 279 -57.06 36.99 58.33
C ASN LA 279 -56.10 35.83 58.05
N PRO LA 280 -56.45 34.59 58.39
CA PRO LA 280 -55.49 33.50 58.24
C PRO LA 280 -55.00 33.27 56.83
N VAL LA 281 -55.83 33.48 55.82
CA VAL LA 281 -55.42 33.16 54.46
C VAL LA 281 -54.34 34.12 54.01
N TRP LA 282 -54.48 35.41 54.31
CA TRP LA 282 -53.42 36.34 54.00
C TRP LA 282 -52.16 35.99 54.77
N ALA LA 283 -52.30 35.46 55.98
CA ALA LA 283 -51.14 34.97 56.71
C ALA LA 283 -50.46 33.87 55.92
N VAL LA 284 -51.25 32.96 55.36
CA VAL LA 284 -50.67 31.89 54.55
C VAL LA 284 -49.90 32.48 53.39
N LYS LA 285 -50.49 33.46 52.72
CA LYS LA 285 -49.82 34.06 51.57
C LYS LA 285 -48.49 34.68 51.98
N LEU LA 286 -48.50 35.52 53.02
CA LEU LA 286 -47.27 36.18 53.41
C LEU LA 286 -46.24 35.17 53.91
N ALA LA 287 -46.69 34.03 54.40
CA ALA LA 287 -45.77 33.03 54.89
C ALA LA 287 -45.21 32.13 53.80
N GLY LA 288 -45.78 32.18 52.59
CA GLY LA 288 -45.30 31.30 51.55
C GLY LA 288 -45.72 29.87 51.72
N GLN LA 289 -46.75 29.61 52.51
CA GLN LA 289 -47.25 28.26 52.72
C GLN LA 289 -48.07 27.83 51.51
N SER LA 290 -47.39 27.78 50.36
CA SER LA 290 -48.07 27.66 49.08
C SER LA 290 -48.80 26.34 48.91
N ASN LA 291 -48.52 25.36 49.74
CA ASN LA 291 -49.24 24.11 49.56
C ASN LA 291 -50.62 24.12 50.20
N PHE LA 292 -50.96 25.16 50.95
CA PHE LA 292 -52.24 25.20 51.65
C PHE LA 292 -53.24 26.00 50.82
N ARG LA 293 -53.86 25.34 49.86
CA ARG LA 293 -54.66 26.12 48.91
C ARG LA 293 -55.95 26.60 49.55
N CYS LA 294 -56.23 27.88 49.36
CA CYS LA 294 -57.36 28.56 49.97
C CYS LA 294 -58.42 28.86 48.92
N LEU LA 295 -59.67 28.59 49.27
CA LEU LA 295 -60.78 28.65 48.33
C LEU LA 295 -61.90 29.48 48.95
N LEU LA 296 -62.79 29.99 48.11
CA LEU LA 296 -63.85 30.88 48.57
C LEU LA 296 -65.21 30.29 48.24
N SER LA 297 -66.14 30.40 49.18
CA SER LA 297 -67.53 30.05 48.97
C SER LA 297 -68.37 30.90 49.91
N LYS LA 298 -69.18 31.79 49.35
CA LYS LA 298 -70.04 32.62 50.19
C LYS LA 298 -70.95 31.75 51.05
N SER LA 299 -71.49 30.69 50.46
CA SER LA 299 -72.23 29.71 51.23
C SER LA 299 -71.34 28.92 52.18
N GLY LA 300 -70.03 29.00 52.03
CA GLY LA 300 -69.17 28.10 52.76
C GLY LA 300 -69.35 26.67 52.31
N ASN LA 301 -69.53 26.46 51.01
CA ASN LA 301 -69.83 25.13 50.47
C ASN LA 301 -68.58 24.28 50.53
N ARG LA 302 -68.48 23.46 51.57
CA ARG LA 302 -67.32 22.58 51.70
C ARG LA 302 -67.22 21.62 50.52
N LYS LA 303 -68.35 21.25 49.93
CA LYS LA 303 -68.30 20.39 48.75
C LYS LA 303 -67.48 21.02 47.65
N PHE LA 304 -67.36 22.36 47.65
CA PHE LA 304 -66.58 23.01 46.63
C PHE LA 304 -65.12 22.58 46.67
N ALA LA 305 -64.63 22.19 47.85
CA ALA LA 305 -63.30 21.63 47.90
C ALA LA 305 -63.20 20.36 47.09
N ALA LA 306 -64.21 19.48 47.21
CA ALA LA 306 -64.16 18.19 46.55
C ALA LA 306 -63.98 18.34 45.06
N THR LA 307 -64.95 18.97 44.41
CA THR LA 307 -64.85 19.18 42.98
C THR LA 307 -63.59 19.92 42.61
N TYR LA 308 -63.03 20.71 43.54
CA TYR LA 308 -61.74 21.31 43.28
C TYR LA 308 -60.64 20.28 43.31
N MET LA 309 -60.53 19.55 44.42
CA MET LA 309 -59.53 18.50 44.50
C MET LA 309 -59.70 17.51 43.37
N ALA LA 310 -60.94 17.23 43.01
CA ALA LA 310 -61.19 16.26 41.95
C ALA LA 310 -60.87 16.82 40.57
N ARG LA 311 -60.68 18.12 40.43
CA ARG LA 311 -60.36 18.69 39.13
C ARG LA 311 -58.89 18.97 38.92
N MET LA 312 -58.16 19.36 39.98
CA MET LA 312 -56.74 19.60 39.82
C MET LA 312 -55.98 18.33 39.49
N HIS LA 313 -56.27 17.24 40.20
CA HIS LA 313 -55.33 16.14 40.23
C HIS LA 313 -55.41 15.24 39.02
N THR LA 314 -56.33 15.50 38.09
CA THR LA 314 -56.48 14.67 36.90
C THR LA 314 -55.38 15.02 35.91
N VAL LA 315 -54.29 14.30 36.03
CA VAL LA 315 -53.13 14.49 35.17
C VAL LA 315 -52.23 13.28 35.31
N LEU LA 316 -51.63 12.87 34.19
CA LEU LA 316 -50.97 11.57 34.15
C LEU LA 316 -49.46 11.66 34.26
N PHE LA 317 -48.86 12.79 33.87
CA PHE LA 317 -47.43 13.00 33.99
C PHE LA 317 -46.63 11.98 33.17
N SER LA 318 -47.24 11.45 32.13
CA SER LA 318 -46.49 10.67 31.16
C SER LA 318 -46.88 10.96 29.72
N GLY LA 319 -48.01 11.62 29.49
CA GLY LA 319 -48.45 11.93 28.15
C GLY LA 319 -47.71 13.11 27.58
N GLN LA 320 -48.08 13.45 26.35
CA GLN LA 320 -47.38 14.53 25.66
C GLN LA 320 -47.56 15.86 26.37
N ASN LA 321 -48.78 16.37 26.40
CA ASN LA 321 -49.06 17.65 27.06
C ASN LA 321 -50.23 17.44 28.00
N THR LA 322 -49.98 17.49 29.30
CA THR LA 322 -51.03 17.20 30.24
C THR LA 322 -51.06 18.16 31.42
N ALA LA 323 -50.07 19.04 31.58
CA ALA LA 323 -50.07 19.97 32.69
C ALA LA 323 -51.19 20.98 32.50
N ILE LA 324 -52.22 20.88 33.32
CA ILE LA 324 -53.38 21.75 33.20
C ILE LA 324 -53.34 22.79 34.30
N THR LA 325 -53.76 24.00 33.97
CA THR LA 325 -54.12 24.97 34.99
C THR LA 325 -55.51 24.65 35.51
N MET LA 326 -56.06 25.53 36.32
CA MET LA 326 -57.47 25.41 36.66
C MET LA 326 -58.28 26.66 36.36
N GLN LA 327 -57.69 27.67 35.76
CA GLN LA 327 -58.49 28.78 35.27
C GLN LA 327 -59.61 28.24 34.40
N LEU LA 328 -60.85 28.47 34.83
CA LEU LA 328 -62.02 28.19 34.01
C LEU LA 328 -62.10 26.70 33.66
N LYS LA 329 -62.26 25.89 34.69
CA LYS LA 329 -62.46 24.46 34.52
C LYS LA 329 -63.81 24.05 35.09
N GLU LA 330 -64.47 23.14 34.38
CA GLU LA 330 -65.80 22.69 34.79
C GLU LA 330 -65.72 21.99 36.14
N LEU LA 331 -66.59 22.40 37.07
CA LEU LA 331 -66.63 21.81 38.40
C LEU LA 331 -68.04 21.30 38.66
N SER LA 332 -68.20 20.62 39.79
CA SER LA 332 -69.44 19.92 40.09
C SER LA 332 -70.11 20.47 41.33
N VAL LA 333 -70.20 21.79 41.44
CA VAL LA 333 -70.97 22.42 42.50
C VAL LA 333 -71.48 23.75 41.98
N THR LA 334 -72.68 24.11 42.43
CA THR LA 334 -73.30 25.34 41.95
C THR LA 334 -72.43 26.55 42.30
N ALA LA 335 -72.21 27.40 41.31
CA ALA LA 335 -71.49 28.63 41.58
C ALA LA 335 -72.36 29.55 42.42
N GLU LA 336 -71.72 30.57 42.98
CA GLU LA 336 -72.40 31.53 43.83
C GLU LA 336 -72.35 32.92 43.18
N GLU LA 337 -72.82 33.91 43.91
CA GLU LA 337 -72.93 35.28 43.41
C GLU LA 337 -71.99 36.18 44.19
N TYR LA 338 -71.15 36.91 43.47
CA TYR LA 338 -70.23 37.87 44.07
C TYR LA 338 -70.29 39.18 43.33
N THR LA 339 -70.01 40.26 44.03
CA THR LA 339 -69.82 41.54 43.37
C THR LA 339 -68.34 41.75 43.07
N ASP LA 340 -68.05 42.85 42.39
CA ASP LA 340 -66.72 43.05 41.81
C ASP LA 340 -65.65 43.11 42.89
N THR LA 341 -65.91 43.86 43.97
CA THR LA 341 -64.84 44.22 44.89
C THR LA 341 -64.24 42.98 45.55
N GLU LA 342 -65.08 42.04 45.97
CA GLU LA 342 -64.51 40.81 46.49
C GLU LA 342 -64.02 39.86 45.41
N ILE LA 343 -64.46 39.98 44.15
CA ILE LA 343 -63.74 39.26 43.10
C ILE LA 343 -62.29 39.68 43.08
N ALA LA 344 -62.05 40.99 43.05
CA ALA LA 344 -60.67 41.48 43.01
C ALA LA 344 -59.92 41.15 44.29
N ASN LA 345 -60.59 41.29 45.43
CA ASN LA 345 -59.95 40.96 46.69
C ASN LA 345 -59.53 39.50 46.72
N ALA LA 346 -60.42 38.61 46.30
CA ALA LA 346 -60.06 37.20 46.25
C ALA LA 346 -58.92 36.96 45.29
N LYS LA 347 -58.89 37.68 44.17
CA LYS LA 347 -57.77 37.51 43.25
C LYS LA 347 -56.47 37.94 43.89
N THR LA 348 -56.50 38.97 44.73
CA THR LA 348 -55.26 39.51 45.27
C THR LA 348 -54.91 38.99 46.65
N VAL LA 349 -55.71 38.10 47.23
CA VAL LA 349 -55.38 37.48 48.51
C VAL LA 349 -55.25 35.97 48.42
N GLY LA 350 -55.30 35.38 47.23
CA GLY LA 350 -54.98 33.99 47.07
C GLY LA 350 -56.16 33.05 46.99
N LEU LA 351 -57.36 33.50 47.33
CA LEU LA 351 -58.50 32.63 47.25
C LEU LA 351 -58.83 32.31 45.79
N ASP LA 352 -59.71 31.34 45.61
CA ASP LA 352 -60.23 30.99 44.29
C ASP LA 352 -61.74 31.15 44.29
N LEU LA 353 -62.30 31.43 43.12
CA LEU LA 353 -63.71 31.77 43.00
C LEU LA 353 -64.42 30.89 42.00
N LEU LA 354 -65.54 30.33 42.39
CA LEU LA 354 -66.42 29.63 41.45
C LEU LA 354 -67.65 30.50 41.24
N THR LA 355 -67.68 31.21 40.13
CA THR LA 355 -68.73 32.19 39.89
C THR LA 355 -69.36 32.05 38.52
N THR LA 356 -70.14 33.06 38.15
CA THR LA 356 -70.87 33.09 36.90
C THR LA 356 -70.17 33.99 35.89
N ILE LA 357 -69.92 33.45 34.70
CA ILE LA 357 -69.51 34.21 33.53
C ILE LA 357 -70.38 33.77 32.36
N LYS LA 358 -71.06 34.72 31.73
CA LYS LA 358 -71.95 34.42 30.62
C LYS LA 358 -72.90 33.28 30.96
N ASN LA 359 -73.34 33.26 32.22
CA ASN LA 359 -74.25 32.23 32.72
C ASN LA 359 -73.64 30.84 32.53
N GLU LA 360 -72.52 30.63 33.21
CA GLU LA 360 -71.75 29.40 33.09
C GLU LA 360 -70.91 29.24 34.35
N GLN LA 361 -70.54 28.00 34.64
CA GLN LA 361 -69.59 27.76 35.71
C GLN LA 361 -68.25 28.34 35.31
N ALA LA 362 -67.66 29.14 36.18
CA ALA LA 362 -66.36 29.75 35.90
C ALA LA 362 -65.50 29.68 37.16
N LEU LA 363 -64.45 28.88 37.13
CA LEU LA 363 -63.52 28.82 38.23
C LEU LA 363 -62.31 29.68 37.91
N LEU LA 364 -62.01 30.63 38.78
CA LEU LA 364 -60.86 31.50 38.63
C LEU LA 364 -59.90 31.27 39.78
N THR LA 365 -58.63 31.08 39.42
CA THR LA 365 -57.56 30.87 40.36
C THR LA 365 -56.92 32.23 40.62
N SER LA 366 -55.91 32.28 41.47
CA SER LA 366 -55.23 33.51 41.81
C SER LA 366 -53.73 33.28 41.76
N GLY LA 367 -52.98 34.35 41.89
CA GLY LA 367 -51.54 34.27 41.83
C GLY LA 367 -50.89 34.87 43.06
N ALA LA 368 -51.70 35.41 43.97
CA ALA LA 368 -51.16 35.93 45.22
C ALA LA 368 -50.38 34.85 45.95
N ASN LA 369 -51.06 33.79 46.37
CA ASN LA 369 -50.35 32.56 46.63
C ASN LA 369 -49.97 31.95 45.29
N ASP LA 370 -49.00 31.04 45.33
CA ASP LA 370 -48.49 30.44 44.10
C ASP LA 370 -49.63 29.77 43.35
N PHE LA 371 -49.53 29.74 42.02
CA PHE LA 371 -50.58 29.18 41.18
C PHE LA 371 -50.84 27.74 41.55
N CYS LA 372 -52.10 27.32 41.44
CA CYS LA 372 -52.43 25.92 41.69
C CYS LA 372 -51.66 25.01 40.76
N ASP LA 373 -51.69 25.32 39.46
CA ASP LA 373 -50.93 24.54 38.50
C ASP LA 373 -49.47 24.46 38.93
N ASN LA 374 -48.89 25.59 39.28
CA ASN LA 374 -47.47 25.62 39.58
C ASN LA 374 -47.15 24.75 40.80
N VAL LA 375 -47.88 24.93 41.89
CA VAL LA 375 -47.53 24.20 43.11
C VAL LA 375 -47.78 22.72 42.92
N TYR LA 376 -48.90 22.35 42.31
CA TYR LA 376 -49.19 20.94 42.11
C TYR LA 376 -48.16 20.29 41.20
N ASN LA 377 -47.81 20.96 40.11
CA ASN LA 377 -46.82 20.42 39.19
C ASN LA 377 -45.49 20.26 39.89
N LEU LA 378 -45.04 21.28 40.60
CA LEU LA 378 -43.77 21.19 41.30
C LEU LA 378 -43.79 20.04 42.29
N GLU LA 379 -44.91 19.86 42.97
CA GLU LA 379 -44.93 18.88 44.04
C GLU LA 379 -44.85 17.48 43.45
N ALA LA 380 -45.65 17.21 42.43
CA ALA LA 380 -45.56 15.92 41.75
C ALA LA 380 -44.17 15.73 41.19
N PHE LA 381 -43.56 16.80 40.70
CA PHE LA 381 -42.21 16.69 40.15
C PHE LA 381 -41.23 16.25 41.22
N ARG LA 382 -41.25 16.91 42.36
CA ARG LA 382 -40.28 16.58 43.41
C ARG LA 382 -40.50 15.15 43.89
N ASP LA 383 -41.76 14.77 44.10
CA ASP LA 383 -42.02 13.42 44.58
C ASP LA 383 -41.59 12.39 43.55
N GLU LA 384 -41.83 12.68 42.26
CA GLU LA 384 -41.45 11.76 41.22
C GLU LA 384 -39.94 11.66 41.09
N ILE LA 385 -39.21 12.77 41.24
CA ILE LA 385 -37.76 12.69 41.25
C ILE LA 385 -37.30 11.81 42.38
N GLN LA 386 -37.87 12.02 43.57
CA GLN LA 386 -37.48 11.20 44.71
C GLN LA 386 -37.72 9.73 44.44
N THR LA 387 -38.87 9.39 43.85
CA THR LA 387 -39.19 7.98 43.67
C THR LA 387 -38.37 7.35 42.54
N ASN LA 388 -38.18 8.05 41.43
CA ASN LA 388 -37.31 7.51 40.39
C ASN LA 388 -35.89 7.33 40.89
N ASN LA 389 -35.41 8.26 41.72
CA ASN LA 389 -34.08 8.07 42.27
C ASN LA 389 -34.04 6.90 43.23
N TYR LA 390 -35.10 6.74 44.03
CA TYR LA 390 -35.14 5.64 44.98
C TYR LA 390 -35.13 4.30 44.27
N ASN LA 391 -36.06 4.10 43.34
CA ASN LA 391 -36.14 2.78 42.72
C ASN LA 391 -35.02 2.54 41.71
N LEU LA 392 -34.29 3.57 41.32
CA LEU LA 392 -33.04 3.36 40.60
C LEU LA 392 -32.00 2.68 41.47
N LEU LA 393 -32.16 2.78 42.78
CA LEU LA 393 -31.04 2.62 43.69
C LEU LA 393 -31.17 1.42 44.61
N LYS LA 394 -32.38 0.93 44.86
CA LYS LA 394 -32.56 -0.18 45.77
C LYS LA 394 -33.32 -1.36 45.17
N THR LA 395 -34.04 -1.16 44.08
CA THR LA 395 -34.78 -2.24 43.45
C THR LA 395 -34.25 -2.62 42.09
N THR LA 396 -33.32 -1.84 41.53
CA THR LA 396 -32.79 -2.15 40.21
C THR LA 396 -31.91 -3.39 40.23
N SER LA 397 -31.58 -3.90 41.41
CA SER LA 397 -30.83 -5.14 41.62
C SER LA 397 -29.39 -5.04 41.14
N THR LA 398 -28.96 -3.89 40.63
CA THR LA 398 -27.56 -3.65 40.28
C THR LA 398 -27.18 -2.34 40.92
N LYS LA 399 -26.77 -2.39 42.18
CA LYS LA 399 -26.55 -1.17 42.95
C LYS LA 399 -25.52 -0.30 42.26
N ILE LA 400 -25.82 0.98 42.17
CA ILE LA 400 -24.97 1.88 41.38
C ILE LA 400 -23.88 2.39 42.30
N PRO LA 401 -22.64 2.47 41.83
CA PRO LA 401 -21.51 2.76 42.72
C PRO LA 401 -21.35 4.24 42.99
N GLN LA 402 -20.24 4.63 43.62
CA GLN LA 402 -19.75 5.99 43.45
C GLN LA 402 -18.75 6.08 42.32
N THR LA 403 -18.77 5.15 41.38
CA THR LA 403 -18.03 5.36 40.14
C THR LA 403 -18.53 6.63 39.48
N ASP LA 404 -17.60 7.41 38.94
CA ASP LA 404 -18.01 8.56 38.15
C ASP LA 404 -18.98 8.17 37.06
N PRO LA 405 -18.82 7.04 36.36
CA PRO LA 405 -19.95 6.54 35.56
C PRO LA 405 -21.21 6.35 36.36
N GLY LA 406 -21.11 5.83 37.59
CA GLY LA 406 -22.31 5.64 38.38
C GLY LA 406 -22.93 6.96 38.80
N MET LA 407 -22.09 7.92 39.18
CA MET LA 407 -22.61 9.23 39.48
C MET LA 407 -23.27 9.83 38.26
N ASP LA 408 -22.72 9.54 37.09
CA ASP LA 408 -23.37 10.01 35.89
C ASP LA 408 -24.71 9.33 35.69
N THR LA 409 -24.79 8.06 36.07
CA THR LA 409 -26.06 7.35 36.00
C THR LA 409 -27.09 8.03 36.87
N ILE LA 410 -26.70 8.36 38.10
CA ILE LA 410 -27.68 8.96 38.99
C ILE LA 410 -28.04 10.35 38.52
N GLU LA 411 -27.13 11.04 37.83
CA GLU LA 411 -27.50 12.30 37.21
C GLU LA 411 -28.47 12.08 36.06
N ASP LA 412 -28.26 11.04 35.26
CA ASP LA 412 -29.12 10.82 34.12
C ASP LA 412 -30.52 10.41 34.56
N ASP LA 413 -30.64 9.74 35.69
CA ASP LA 413 -31.98 9.36 36.13
C ASP LA 413 -32.84 10.60 36.32
N THR LA 414 -32.32 11.58 37.05
CA THR LA 414 -33.08 12.81 37.26
C THR LA 414 -33.17 13.63 35.98
N GLU LA 415 -32.14 13.58 35.14
CA GLU LA 415 -32.24 14.27 33.86
C GLU LA 415 -33.35 13.68 33.01
N LYS LA 416 -33.48 12.35 33.04
CA LYS LA 416 -34.51 11.67 32.29
C LYS LA 416 -35.90 12.03 32.81
N THR LA 417 -36.04 12.11 34.13
CA THR LA 417 -37.31 12.55 34.68
C THR LA 417 -37.61 13.98 34.26
N CYS LA 418 -36.61 14.85 34.29
CA CYS LA 418 -36.82 16.23 33.85
C CYS LA 418 -37.24 16.25 32.39
N GLU LA 419 -36.64 15.40 31.57
CA GLU LA 419 -37.11 15.24 30.21
C GLU LA 419 -38.58 14.84 30.19
N LYS LA 420 -38.93 13.84 30.99
CA LYS LA 420 -40.33 13.41 31.05
C LYS LA 420 -41.24 14.58 31.36
N TYR LA 421 -40.76 15.51 32.17
CA TYR LA 421 -41.63 16.63 32.53
C TYR LA 421 -41.64 17.75 31.50
N VAL LA 422 -40.52 18.04 30.86
CA VAL LA 422 -40.57 19.06 29.81
C VAL LA 422 -41.38 18.55 28.64
N ARG LA 423 -41.29 17.26 28.36
CA ARG LA 423 -42.12 16.61 27.35
C ARG LA 423 -43.48 16.25 27.89
N ASN LA 424 -43.86 16.91 28.98
CA ASN LA 424 -45.12 16.70 29.67
C ASN LA 424 -46.01 17.94 29.64
N GLY LA 425 -45.44 19.13 29.68
CA GLY LA 425 -46.19 20.36 29.74
C GLY LA 425 -45.95 21.19 30.97
N VAL LA 426 -45.13 20.72 31.92
CA VAL LA 426 -44.87 21.47 33.14
C VAL LA 426 -43.75 22.47 32.96
N PHE LA 427 -42.65 22.06 32.33
CA PHE LA 427 -41.51 22.94 32.11
C PHE LA 427 -41.26 23.12 30.63
N ALA LA 428 -40.87 24.32 30.26
CA ALA LA 428 -40.53 24.63 28.87
C ALA LA 428 -39.21 25.39 28.85
N PRO LA 429 -38.45 25.24 27.78
CA PRO LA 429 -37.22 26.02 27.66
C PRO LA 429 -37.53 27.50 27.63
N GLY LA 430 -36.59 28.28 28.16
CA GLY LA 430 -36.76 29.73 28.18
C GLY LA 430 -35.63 30.37 28.95
N THR LA 431 -35.57 31.68 28.87
CA THR LA 431 -34.58 32.42 29.63
C THR LA 431 -34.85 32.26 31.12
N TRP LA 432 -33.77 32.34 31.90
CA TRP LA 432 -33.87 32.22 33.34
C TRP LA 432 -33.99 33.60 33.96
N THR LA 433 -35.11 33.85 34.64
CA THR LA 433 -35.36 35.16 35.22
C THR LA 433 -34.55 35.38 36.49
N ARG LA 434 -34.39 34.34 37.30
CA ARG LA 434 -33.78 34.51 38.61
C ARG LA 434 -32.29 34.81 38.47
N SER LA 435 -31.70 35.26 39.57
CA SER LA 435 -30.27 35.54 39.58
C SER LA 435 -29.48 34.38 40.17
N ASP LA 436 -29.97 33.80 41.26
CA ASP LA 436 -29.31 32.66 41.88
C ASP LA 436 -29.30 31.46 40.93
N PHE LA 437 -28.24 30.67 41.04
CA PHE LA 437 -28.00 29.60 40.09
C PHE LA 437 -26.98 28.65 40.71
N PHE LA 438 -26.43 27.75 39.90
CA PHE LA 438 -25.35 26.90 40.37
C PHE LA 438 -24.55 26.41 39.18
N GLY LA 439 -23.33 25.98 39.45
CA GLY LA 439 -22.42 25.51 38.43
C GLY LA 439 -21.70 26.64 37.74
N ASP LA 440 -22.38 27.30 36.80
CA ASP LA 440 -21.85 28.50 36.16
C ASP LA 440 -22.96 29.09 35.31
N ARG LA 441 -23.01 30.42 35.25
CA ARG LA 441 -24.11 31.09 34.57
C ARG LA 441 -24.28 30.56 33.16
N GLN LA 442 -23.17 30.40 32.43
CA GLN LA 442 -23.29 30.15 31.00
C GLN LA 442 -24.00 28.84 30.74
N GLN LA 443 -23.54 27.74 31.32
CA GLN LA 443 -24.19 26.46 31.09
C GLN LA 443 -25.60 26.46 31.63
N PHE LA 444 -25.80 27.06 32.80
CA PHE LA 444 -27.11 27.12 33.42
C PHE LA 444 -28.14 27.72 32.48
N VAL LA 445 -27.93 28.98 32.11
CA VAL LA 445 -28.91 29.65 31.27
C VAL LA 445 -28.97 28.99 29.90
N ASP LA 446 -27.85 28.48 29.40
CA ASP LA 446 -27.89 27.85 28.09
C ASP LA 446 -28.80 26.64 28.10
N ALA LA 447 -28.63 25.76 29.09
CA ALA LA 447 -29.47 24.57 29.16
C ALA LA 447 -30.92 24.93 29.39
N ILE LA 448 -31.19 25.89 30.28
CA ILE LA 448 -32.59 26.25 30.54
C ILE LA 448 -33.23 26.82 29.29
N ALA LA 449 -32.51 27.67 28.56
CA ALA LA 449 -33.08 28.24 27.35
C ALA LA 449 -33.23 27.19 26.26
N GLN LA 450 -32.44 26.12 26.32
CA GLN LA 450 -32.54 25.08 25.30
C GLN LA 450 -33.33 23.88 25.80
N LYS LA 451 -32.92 23.25 26.90
CA LYS LA 451 -33.57 22.03 27.34
C LYS LA 451 -34.68 22.27 28.34
N GLY LA 452 -34.77 23.46 28.93
CA GLY LA 452 -35.81 23.72 29.91
C GLY LA 452 -35.52 23.19 31.29
N TYR LA 453 -34.38 22.55 31.50
CA TYR LA 453 -34.01 22.04 32.81
C TYR LA 453 -32.50 21.95 32.85
N TYR LA 454 -31.95 21.89 34.06
CA TYR LA 454 -30.52 21.68 34.19
C TYR LA 454 -30.23 20.91 35.47
N VAL LA 455 -29.57 19.77 35.32
CA VAL LA 455 -29.20 18.95 36.45
C VAL LA 455 -27.69 18.97 36.57
N LEU LA 456 -27.18 19.47 37.68
CA LEU LA 456 -25.75 19.44 37.96
C LEU LA 456 -25.52 18.75 39.29
N ILE LA 457 -24.75 17.68 39.26
CA ILE LA 457 -24.50 16.86 40.43
C ILE LA 457 -23.13 17.20 40.98
N GLY LA 458 -23.05 17.34 42.30
CA GLY LA 458 -21.77 17.59 42.93
C GLY LA 458 -20.79 16.50 42.61
N ASP LA 459 -19.52 16.86 42.52
CA ASP LA 459 -18.50 15.90 42.18
C ASP LA 459 -18.16 15.05 43.38
N LEU LA 460 -17.78 13.81 43.12
CA LEU LA 460 -17.34 12.94 44.21
C LEU LA 460 -16.21 13.60 44.97
N ALA LA 461 -15.39 14.41 44.29
CA ALA LA 461 -14.29 15.06 44.98
C ALA LA 461 -14.79 15.91 46.13
N ASP LA 462 -15.82 16.73 45.88
CA ASP LA 462 -16.27 17.71 46.86
C ASP LA 462 -16.93 17.06 48.07
N GLN LA 463 -17.04 15.74 48.11
CA GLN LA 463 -17.68 15.04 49.21
C GLN LA 463 -16.61 14.41 50.09
N THR LA 464 -16.68 14.66 51.39
CA THR LA 464 -15.68 14.14 52.30
C THR LA 464 -15.86 12.64 52.50
N THR LA 465 -14.79 12.01 52.98
CA THR LA 465 -14.85 10.58 53.28
C THR LA 465 -15.88 10.30 54.37
N ALA LA 466 -16.14 11.28 55.23
CA ALA LA 466 -17.05 11.07 56.34
C ALA LA 466 -18.45 10.71 55.87
N GLU LA 467 -18.93 11.36 54.83
CA GLU LA 467 -20.24 11.05 54.29
C GLU LA 467 -20.19 10.06 53.13
N ARG LA 468 -19.01 9.81 52.56
CA ARG LA 468 -18.90 8.74 51.58
C ARG LA 468 -19.21 7.39 52.22
N GLN LA 469 -18.60 7.12 53.37
CA GLN LA 469 -18.92 5.91 54.11
C GLN LA 469 -20.37 5.87 54.55
N SER LA 470 -21.02 7.04 54.61
CA SER LA 470 -22.46 7.09 54.85
C SER LA 470 -23.26 6.60 53.67
N ARG LA 471 -22.62 6.37 52.52
CA ARG LA 471 -23.28 5.83 51.34
C ARG LA 471 -24.39 6.77 50.86
N VAL LA 472 -24.03 8.03 50.69
CA VAL LA 472 -24.94 9.04 50.16
C VAL LA 472 -24.21 9.81 49.07
N SER LA 473 -24.84 9.92 47.90
CA SER LA 473 -24.23 10.61 46.79
C SER LA 473 -24.11 12.09 47.11
N PRO LA 474 -23.38 12.84 46.28
CA PRO LA 474 -23.41 14.30 46.42
C PRO LA 474 -24.83 14.82 46.22
N VAL LA 475 -25.01 16.08 46.59
CA VAL LA 475 -26.34 16.69 46.53
C VAL LA 475 -26.57 17.17 45.11
N ILE LA 476 -27.49 16.51 44.39
CA ILE LA 476 -27.76 16.92 43.02
C ILE LA 476 -28.58 18.20 43.04
N GLN LA 477 -28.32 19.08 42.08
CA GLN LA 477 -29.01 20.36 41.99
C GLN LA 477 -29.73 20.40 40.65
N ILE LA 478 -31.05 20.43 40.68
CA ILE LA 478 -31.83 20.48 39.45
C ILE LA 478 -32.59 21.79 39.42
N ALA LA 479 -32.64 22.40 38.26
CA ALA LA 479 -33.24 23.71 38.07
C ALA LA 479 -34.22 23.65 36.92
N VAL LA 480 -35.44 24.09 37.16
CA VAL LA 480 -36.53 23.97 36.21
C VAL LA 480 -37.19 25.33 36.03
N LYS LA 481 -37.86 25.49 34.90
CA LYS LA 481 -38.60 26.69 34.60
C LYS LA 481 -40.00 26.30 34.14
N ASN LA 482 -41.01 26.84 34.79
CA ASN LA 482 -42.40 26.49 34.47
C ASN LA 482 -42.75 26.93 33.06
N ALA LA 483 -43.68 26.22 32.45
CA ALA LA 483 -44.26 26.66 31.20
C ALA LA 483 -45.37 27.67 31.50
N GLY LA 484 -45.37 28.76 30.75
CA GLY LA 484 -46.37 29.79 30.96
C GLY LA 484 -47.76 29.30 30.60
N ALA LA 485 -48.72 29.63 31.45
CA ALA LA 485 -50.12 29.29 31.25
C ALA LA 485 -50.89 30.57 31.00
N VAL LA 486 -51.61 30.63 29.89
CA VAL LA 486 -52.42 31.79 29.59
C VAL LA 486 -53.65 31.80 30.48
N HIS LA 487 -53.87 32.91 31.15
CA HIS LA 487 -55.01 33.09 32.06
C HIS LA 487 -55.74 34.36 31.71
N GLU LA 488 -54.96 35.36 31.30
CA GLU LA 488 -55.49 36.66 30.91
C GLU LA 488 -55.25 36.83 29.43
N GLU LA 489 -56.14 37.59 28.78
CA GLU LA 489 -55.81 38.18 27.50
C GLU LA 489 -56.41 39.57 27.46
N ASP LA 490 -55.60 40.53 27.08
CA ASP LA 490 -56.03 41.92 26.94
C ASP LA 490 -55.72 42.35 25.52
N ILE LA 491 -56.72 42.90 24.84
CA ILE LA 491 -56.55 43.28 23.45
C ILE LA 491 -57.41 44.51 23.21
N ILE LA 492 -56.93 45.38 22.33
CA ILE LA 492 -57.57 46.66 22.07
C ILE LA 492 -57.80 46.77 20.57
N ILE LA 493 -59.01 47.18 20.19
CA ILE LA 493 -59.42 47.18 18.80
C ILE LA 493 -59.92 48.57 18.43
N SER LA 494 -59.28 49.18 17.44
CA SER LA 494 -59.71 50.47 16.90
C SER LA 494 -60.54 50.24 15.64
N VAL LA 495 -61.24 51.29 15.22
CA VAL LA 495 -62.08 51.23 14.03
C VAL LA 495 -61.63 52.32 13.06
N ASN LA 496 -60.92 51.91 12.00
CA ASN LA 496 -60.42 52.86 11.01
C ASN LA 496 -61.54 53.61 10.28
N LEU LA 497 -62.79 53.32 10.58
CA LEU LA 497 -63.91 54.14 10.16
C LEU LA 497 -65.09 53.92 11.09
N MET MA 1 -64.21 -58.95 -26.67
CA MET MA 1 -65.02 -58.76 -25.47
C MET MA 1 -64.10 -58.47 -24.29
N ALA MA 2 -62.90 -57.96 -24.60
CA ALA MA 2 -61.99 -57.54 -23.55
C ALA MA 2 -62.56 -56.32 -22.83
N SER MA 3 -61.97 -55.99 -21.69
CA SER MA 3 -62.58 -55.02 -20.79
C SER MA 3 -61.55 -54.00 -20.32
N ILE MA 4 -62.07 -52.87 -19.84
CA ILE MA 4 -61.25 -51.89 -19.15
C ILE MA 4 -60.57 -52.50 -17.94
N SER MA 5 -61.26 -53.41 -17.25
CA SER MA 5 -60.91 -53.81 -15.90
C SER MA 5 -59.56 -54.50 -15.82
N GLU MA 6 -58.83 -54.55 -16.92
CA GLU MA 6 -57.49 -55.09 -16.94
C GLU MA 6 -56.39 -54.04 -17.13
N VAL MA 7 -56.73 -52.86 -17.62
CA VAL MA 7 -55.71 -51.82 -17.80
C VAL MA 7 -56.00 -50.64 -16.89
N ILE MA 8 -57.27 -50.40 -16.61
CA ILE MA 8 -57.71 -49.35 -15.68
C ILE MA 8 -58.66 -50.05 -14.70
N ARG MA 9 -58.12 -50.58 -13.61
CA ARG MA 9 -58.93 -51.36 -12.69
C ARG MA 9 -59.53 -50.41 -11.66
N VAL MA 10 -60.85 -50.25 -11.70
CA VAL MA 10 -61.59 -49.35 -10.82
C VAL MA 10 -62.54 -50.18 -9.98
N SER MA 11 -62.44 -50.03 -8.66
CA SER MA 11 -63.26 -50.78 -7.73
C SER MA 11 -63.78 -49.85 -6.65
N LEU MA 12 -64.57 -50.41 -5.72
CA LEU MA 12 -65.20 -49.63 -4.66
C LEU MA 12 -64.92 -50.30 -3.31
N GLN MA 13 -64.88 -49.47 -2.28
CA GLN MA 13 -64.86 -49.92 -0.89
C GLN MA 13 -63.71 -50.87 -0.63
N GLN MA 14 -62.49 -50.36 -0.77
CA GLN MA 14 -61.29 -51.06 -0.37
C GLN MA 14 -60.69 -50.36 0.83
N GLU MA 15 -60.48 -51.10 1.91
CA GLU MA 15 -59.95 -50.56 3.15
C GLU MA 15 -58.43 -50.42 3.03
N GLY MA 16 -57.94 -49.19 3.13
CA GLY MA 16 -56.52 -48.97 3.15
C GLY MA 16 -55.88 -49.67 4.34
N ARG MA 17 -54.81 -50.43 4.09
CA ARG MA 17 -54.16 -51.14 5.18
C ARG MA 17 -53.55 -50.16 6.17
N ALA MA 18 -53.62 -50.51 7.45
CA ALA MA 18 -53.16 -49.66 8.53
C ALA MA 18 -51.92 -50.26 9.16
N ILE MA 19 -50.96 -49.39 9.50
CA ILE MA 19 -49.72 -49.81 10.13
C ILE MA 19 -49.53 -49.03 11.41
N ALA MA 20 -48.89 -49.68 12.39
CA ALA MA 20 -48.68 -49.05 13.68
C ALA MA 20 -47.78 -47.83 13.50
N PRO MA 21 -48.23 -46.64 13.86
CA PRO MA 21 -47.44 -45.44 13.63
C PRO MA 21 -46.63 -45.03 14.86
N ASP MA 22 -45.63 -44.21 14.61
CA ASP MA 22 -44.95 -43.50 15.67
C ASP MA 22 -45.78 -42.36 16.21
N ASN MA 23 -46.91 -42.07 15.57
CA ASN MA 23 -47.68 -40.89 15.89
C ASN MA 23 -48.19 -40.96 17.32
N MET MA 24 -48.36 -39.79 17.95
CA MET MA 24 -48.90 -39.76 19.29
C MET MA 24 -50.28 -40.37 19.37
N ASN MA 25 -51.12 -40.09 18.38
CA ASN MA 25 -52.52 -40.42 18.47
C ASN MA 25 -52.83 -41.73 17.75
N ALA MA 26 -52.24 -42.80 18.27
CA ALA MA 26 -52.63 -44.16 17.89
C ALA MA 26 -53.30 -44.74 19.12
N VAL MA 27 -54.58 -44.48 19.25
CA VAL MA 27 -55.30 -44.75 20.48
C VAL MA 27 -55.78 -46.19 20.51
N GLY MA 28 -56.15 -46.64 21.70
CA GLY MA 28 -56.55 -48.02 21.89
C GLY MA 28 -57.86 -48.15 22.62
N ILE MA 29 -58.68 -49.09 22.16
CA ILE MA 29 -59.91 -49.47 22.82
C ILE MA 29 -59.74 -50.94 23.20
N ILE MA 30 -59.68 -51.21 24.50
CA ILE MA 30 -59.42 -52.56 24.98
C ILE MA 30 -60.75 -53.25 25.20
N THR MA 31 -60.90 -54.44 24.62
CA THR MA 31 -62.15 -55.17 24.72
C THR MA 31 -62.00 -56.42 25.57
N GLY MA 32 -63.14 -57.00 25.91
CA GLY MA 32 -63.18 -58.17 26.76
C GLY MA 32 -64.01 -59.29 26.18
N ASN MA 33 -63.91 -59.49 24.87
CA ASN MA 33 -64.64 -60.56 24.19
C ASN MA 33 -63.65 -61.42 23.44
N GLN MA 34 -63.45 -62.64 23.91
CA GLN MA 34 -62.50 -63.56 23.27
C GLN MA 34 -63.01 -64.11 21.97
N GLY MA 35 -64.11 -63.58 21.44
CA GLY MA 35 -64.69 -64.11 20.22
C GLY MA 35 -63.79 -64.01 19.01
N VAL MA 36 -62.98 -62.96 18.91
CA VAL MA 36 -62.16 -62.76 17.72
C VAL MA 36 -60.69 -62.56 18.00
N LEU MA 37 -60.29 -62.16 19.20
CA LEU MA 37 -58.88 -61.90 19.47
C LEU MA 37 -58.41 -62.80 20.59
N SER MA 38 -57.22 -63.37 20.42
CA SER MA 38 -56.63 -64.28 21.38
C SER MA 38 -55.53 -63.57 22.15
N THR MA 39 -54.95 -64.30 23.09
CA THR MA 39 -53.76 -63.82 23.77
C THR MA 39 -52.66 -63.49 22.76
N ALA MA 40 -52.40 -64.43 21.85
CA ALA MA 40 -51.47 -64.15 20.76
C ALA MA 40 -51.99 -63.04 19.87
N ASP MA 41 -53.29 -63.06 19.57
CA ASP MA 41 -53.92 -62.04 18.75
C ASP MA 41 -54.22 -60.81 19.59
N ARG MA 42 -53.18 -60.32 20.26
CA ARG MA 42 -53.36 -59.38 21.37
C ARG MA 42 -54.00 -58.07 20.92
N TYR MA 43 -53.91 -57.72 19.64
CA TYR MA 43 -54.46 -56.46 19.19
C TYR MA 43 -54.74 -56.55 17.70
N ARG MA 44 -55.19 -55.42 17.14
CA ARG MA 44 -55.44 -55.32 15.72
C ARG MA 44 -55.71 -53.86 15.37
N ILE MA 45 -55.13 -53.39 14.27
CA ILE MA 45 -55.10 -51.97 13.95
C ILE MA 45 -56.03 -51.67 12.79
N TYR MA 46 -56.78 -50.58 12.93
CA TYR MA 46 -57.89 -50.25 12.06
C TYR MA 46 -57.81 -48.79 11.67
N ARG MA 47 -58.36 -48.48 10.50
CA ARG MA 47 -58.51 -47.10 10.04
C ARG MA 47 -59.93 -46.79 9.57
N THR MA 48 -60.82 -47.76 9.56
CA THR MA 48 -62.17 -47.51 9.08
C THR MA 48 -63.17 -48.34 9.84
N ALA MA 49 -64.23 -47.67 10.33
CA ALA MA 49 -65.28 -48.38 11.05
C ALA MA 49 -65.82 -49.54 10.23
N ALA MA 50 -65.89 -49.38 8.91
CA ALA MA 50 -66.40 -50.44 8.06
C ALA MA 50 -65.59 -51.72 8.25
N ALA MA 51 -64.27 -51.62 8.15
CA ALA MA 51 -63.43 -52.79 8.37
C ALA MA 51 -63.56 -53.30 9.78
N VAL MA 52 -63.73 -52.39 10.75
CA VAL MA 52 -63.86 -52.82 12.14
C VAL MA 52 -65.02 -53.77 12.26
N ALA MA 53 -66.18 -53.35 11.76
CA ALA MA 53 -67.36 -54.22 11.83
C ALA MA 53 -67.17 -55.47 11.01
N SER MA 54 -66.61 -55.34 9.80
CA SER MA 54 -66.43 -56.51 8.95
C SER MA 54 -65.49 -57.52 9.57
N ASP MA 55 -64.71 -57.11 10.57
CA ASP MA 55 -63.92 -58.09 11.30
C ASP MA 55 -64.66 -58.58 12.54
N PHE MA 56 -65.32 -57.69 13.27
CA PHE MA 56 -66.04 -58.08 14.47
C PHE MA 56 -67.49 -58.40 14.23
N GLY MA 57 -68.16 -57.66 13.35
CA GLY MA 57 -69.60 -57.77 13.22
C GLY MA 57 -70.28 -56.49 13.65
N ALA MA 58 -71.11 -55.91 12.78
CA ALA MA 58 -71.73 -54.63 13.08
C ALA MA 58 -72.60 -54.69 14.32
N SER MA 59 -72.97 -55.90 14.76
CA SER MA 59 -73.73 -56.04 15.98
C SER MA 59 -72.86 -56.06 17.21
N SER MA 60 -71.54 -56.14 17.06
CA SER MA 60 -70.66 -56.28 18.22
C SER MA 60 -70.58 -54.97 19.00
N GLN MA 61 -70.33 -55.11 20.31
CA GLN MA 61 -70.04 -53.94 21.13
C GLN MA 61 -68.87 -53.17 20.55
N GLU MA 62 -67.79 -53.87 20.25
CA GLU MA 62 -66.61 -53.23 19.69
C GLU MA 62 -66.98 -52.46 18.45
N SER MA 63 -67.90 -52.98 17.65
CA SER MA 63 -68.33 -52.26 16.48
C SER MA 63 -68.96 -50.93 16.86
N ALA MA 64 -69.85 -50.94 17.86
CA ALA MA 64 -70.52 -49.70 18.24
C ALA MA 64 -69.54 -48.68 18.77
N PHE MA 65 -68.59 -49.12 19.59
CA PHE MA 65 -67.57 -48.19 20.04
C PHE MA 65 -66.79 -47.65 18.86
N ALA MA 66 -66.53 -48.49 17.87
CA ALA MA 66 -65.83 -48.01 16.69
C ALA MA 66 -66.63 -46.93 15.99
N ASN MA 67 -67.94 -47.13 15.83
CA ASN MA 67 -68.75 -46.09 15.21
C ASN MA 67 -68.66 -44.79 15.99
N THR MA 68 -68.89 -44.86 17.31
CA THR MA 68 -68.87 -43.64 18.11
C THR MA 68 -67.50 -42.97 18.05
N PHE MA 69 -66.46 -43.78 17.88
CA PHE MA 69 -65.13 -43.21 17.71
C PHE MA 69 -65.00 -42.51 16.37
N PHE MA 70 -65.43 -43.16 15.31
CA PHE MA 70 -65.20 -42.68 13.95
C PHE MA 70 -66.11 -41.53 13.58
N ASP MA 71 -67.12 -41.21 14.38
CA ASP MA 71 -68.04 -40.15 14.02
C ASP MA 71 -67.59 -38.78 14.48
N THR MA 72 -66.60 -38.69 15.34
CA THR MA 72 -66.12 -37.41 15.82
C THR MA 72 -65.43 -36.69 14.67
N THR MA 73 -66.03 -35.59 14.21
CA THR MA 73 -65.60 -35.03 12.92
C THR MA 73 -64.11 -34.68 12.88
N PRO MA 74 -63.49 -34.11 13.91
CA PRO MA 74 -62.04 -34.26 14.00
C PRO MA 74 -61.75 -35.65 14.55
N ASN MA 75 -61.30 -36.51 13.68
CA ASN MA 75 -61.03 -37.91 13.97
C ASN MA 75 -59.52 -38.10 14.14
N PRO MA 76 -59.09 -38.92 15.08
CA PRO MA 76 -57.65 -39.12 15.26
C PRO MA 76 -56.95 -39.50 13.98
N ILE MA 77 -57.62 -40.26 13.11
CA ILE MA 77 -57.04 -40.63 11.83
C ILE MA 77 -56.73 -39.39 11.01
N SER MA 78 -57.58 -38.36 11.13
CA SER MA 78 -57.33 -37.14 10.38
C SER MA 78 -55.96 -36.56 10.69
N ALA MA 79 -55.42 -36.86 11.86
CA ALA MA 79 -54.06 -36.46 12.21
C ALA MA 79 -53.06 -37.60 12.05
N GLY MA 80 -53.26 -38.45 11.05
CA GLY MA 80 -52.31 -39.52 10.80
C GLY MA 80 -52.19 -40.50 11.94
N GLY MA 81 -53.32 -40.86 12.57
CA GLY MA 81 -53.33 -41.84 13.62
C GLY MA 81 -54.21 -43.02 13.25
N VAL MA 82 -54.19 -44.03 14.12
CA VAL MA 82 -54.91 -45.27 13.87
C VAL MA 82 -55.70 -45.62 15.11
N LEU MA 83 -56.73 -46.41 14.93
CA LEU MA 83 -57.40 -47.03 16.06
C LEU MA 83 -56.82 -48.42 16.24
N VAL MA 84 -56.78 -48.90 17.47
CA VAL MA 84 -56.42 -50.28 17.71
C VAL MA 84 -57.46 -50.88 18.64
N ILE MA 85 -57.57 -52.20 18.61
CA ILE MA 85 -58.33 -52.94 19.59
C ILE MA 85 -57.43 -53.99 20.20
N GLY MA 86 -57.41 -54.04 21.53
CA GLY MA 86 -56.64 -55.02 22.25
C GLY MA 86 -57.50 -56.16 22.75
N TYR MA 87 -56.98 -56.87 23.76
CA TYR MA 87 -57.72 -57.97 24.34
C TYR MA 87 -57.09 -58.40 25.66
N TRP MA 88 -57.91 -58.48 26.70
CA TRP MA 88 -57.47 -58.96 28.00
C TRP MA 88 -58.41 -60.07 28.42
N ARG MA 89 -57.85 -61.14 28.99
CA ARG MA 89 -58.60 -62.37 29.18
C ARG MA 89 -59.63 -62.16 30.27
N SER MA 90 -60.78 -61.61 29.86
CA SER MA 90 -61.89 -61.43 30.78
C SER MA 90 -62.38 -62.76 31.34
N ALA MA 91 -62.50 -63.76 30.49
CA ALA MA 91 -63.10 -65.03 30.85
C ALA MA 91 -62.07 -66.14 30.69
N SER MA 92 -62.54 -67.38 30.83
CA SER MA 92 -61.67 -68.54 30.70
C SER MA 92 -61.16 -68.62 29.28
N GLU MA 93 -59.89 -68.24 29.09
CA GLU MA 93 -59.28 -68.30 27.77
C GLU MA 93 -59.02 -69.74 27.38
N THR MA 94 -59.86 -70.29 26.51
CA THR MA 94 -59.60 -71.58 25.89
C THR MA 94 -58.79 -71.32 24.63
N VAL MA 95 -57.67 -72.03 24.49
CA VAL MA 95 -56.81 -71.90 23.33
C VAL MA 95 -56.64 -73.30 22.76
N ALA MA 96 -57.31 -73.56 21.64
CA ALA MA 96 -57.21 -74.85 20.99
C ALA MA 96 -55.80 -75.06 20.47
N ALA MA 97 -55.23 -76.22 20.78
CA ALA MA 97 -53.88 -76.52 20.36
C ALA MA 97 -53.80 -76.53 18.84
N THR MA 98 -52.77 -75.88 18.32
CA THR MA 98 -52.57 -75.82 16.88
C THR MA 98 -51.39 -76.71 16.49
N SER MA 99 -51.10 -76.72 15.20
CA SER MA 99 -50.02 -77.52 14.67
C SER MA 99 -48.72 -76.72 14.67
N ALA MA 100 -47.62 -77.45 14.53
CA ALA MA 100 -46.33 -76.80 14.33
C ALA MA 100 -46.38 -75.94 13.08
N THR MA 101 -45.76 -74.78 13.15
CA THR MA 101 -45.85 -73.80 12.08
C THR MA 101 -44.47 -73.32 11.67
N LEU MA 102 -44.24 -73.26 10.36
CA LEU MA 102 -42.97 -72.85 9.78
C LEU MA 102 -43.22 -71.65 8.86
N VAL MA 103 -42.40 -70.61 9.00
CA VAL MA 103 -42.54 -69.40 8.22
C VAL MA 103 -41.21 -69.02 7.59
N SER MA 104 -41.25 -68.53 6.36
CA SER MA 104 -40.09 -67.94 5.70
C SER MA 104 -39.95 -66.49 6.10
N GLU MA 105 -38.72 -66.05 6.29
CA GLU MA 105 -38.52 -64.64 6.58
C GLU MA 105 -38.68 -63.81 5.31
N GLN MA 106 -38.30 -64.36 4.17
CA GLN MA 106 -38.12 -63.57 2.95
C GLN MA 106 -39.46 -63.18 2.32
N THR MA 107 -39.99 -62.03 2.72
CA THR MA 107 -41.26 -61.56 2.15
C THR MA 107 -41.15 -61.23 0.68
N SER MA 108 -39.94 -61.01 0.17
CA SER MA 108 -39.76 -60.51 -1.19
C SER MA 108 -40.20 -61.55 -2.22
N GLU MA 109 -41.30 -61.26 -2.91
CA GLU MA 109 -41.79 -62.13 -3.97
C GLU MA 109 -40.89 -62.07 -5.19
N SER MA 110 -40.49 -60.86 -5.58
CA SER MA 110 -39.79 -60.69 -6.86
C SER MA 110 -38.51 -61.49 -6.92
N VAL MA 111 -37.68 -61.41 -5.87
CA VAL MA 111 -36.38 -62.05 -5.93
C VAL MA 111 -36.51 -63.56 -6.02
N LEU MA 112 -37.58 -64.12 -5.48
CA LEU MA 112 -37.67 -65.57 -5.39
C LEU MA 112 -37.98 -66.20 -6.74
N ILE MA 113 -38.86 -65.57 -7.52
CA ILE MA 113 -39.38 -66.22 -8.72
C ILE MA 113 -38.29 -66.64 -9.72
N PRO MA 114 -37.37 -65.75 -10.12
CA PRO MA 114 -36.37 -66.20 -11.12
C PRO MA 114 -35.54 -67.38 -10.66
N LEU MA 115 -35.13 -67.40 -9.39
CA LEU MA 115 -34.32 -68.51 -8.91
C LEU MA 115 -35.08 -69.82 -9.02
N LEU MA 116 -36.36 -69.81 -8.67
CA LEU MA 116 -37.18 -71.00 -8.83
C LEU MA 116 -37.36 -71.34 -10.31
N ASN MA 117 -37.48 -70.33 -11.17
CA ASN MA 117 -37.69 -70.59 -12.59
C ASN MA 117 -36.50 -71.29 -13.21
N ALA MA 118 -35.29 -70.86 -12.85
CA ALA MA 118 -34.10 -71.46 -13.43
C ALA MA 118 -33.96 -72.92 -13.02
N ILE MA 119 -34.28 -73.24 -11.77
CA ILE MA 119 -34.06 -74.58 -11.26
C ILE MA 119 -35.16 -75.49 -11.79
N ASN MA 120 -34.76 -76.56 -12.49
CA ASN MA 120 -35.70 -77.49 -13.10
C ASN MA 120 -36.17 -78.53 -12.10
N ASP MA 121 -35.23 -79.28 -11.55
CA ASP MA 121 -35.50 -80.26 -10.50
C ASP MA 121 -35.54 -79.55 -9.15
N GLY MA 122 -35.56 -80.33 -8.08
CA GLY MA 122 -35.52 -79.75 -6.75
C GLY MA 122 -35.09 -80.79 -5.75
N SER MA 123 -34.86 -80.34 -4.52
CA SER MA 123 -34.67 -81.27 -3.42
C SER MA 123 -35.05 -80.57 -2.13
N PHE MA 124 -35.55 -81.36 -1.18
CA PHE MA 124 -36.37 -80.80 -0.12
C PHE MA 124 -36.49 -81.83 1.00
N THR MA 125 -36.09 -81.49 2.23
CA THR MA 125 -36.08 -82.44 3.34
C THR MA 125 -36.73 -81.87 4.58
N ILE MA 126 -38.02 -82.12 4.75
CA ILE MA 126 -38.75 -81.72 5.94
C ILE MA 126 -38.93 -82.93 6.83
N THR MA 127 -39.27 -82.68 8.10
CA THR MA 127 -39.61 -83.75 9.03
C THR MA 127 -40.88 -83.35 9.77
N VAL MA 128 -41.99 -83.97 9.40
CA VAL MA 128 -43.19 -83.87 10.23
C VAL MA 128 -43.01 -84.55 11.57
N ASP MA 129 -41.91 -85.32 11.71
CA ASP MA 129 -41.56 -86.01 12.94
C ASP MA 129 -42.62 -87.04 13.29
N GLY MA 130 -43.60 -87.22 12.40
CA GLY MA 130 -44.63 -88.23 12.56
C GLY MA 130 -44.20 -89.60 12.10
N GLY MA 131 -42.91 -89.77 11.84
CA GLY MA 131 -42.37 -91.02 11.38
C GLY MA 131 -41.16 -90.80 10.51
N THR MA 132 -41.16 -91.42 9.32
CA THR MA 132 -40.05 -91.28 8.40
C THR MA 132 -39.85 -89.82 8.04
N GLU MA 133 -38.61 -89.35 8.14
CA GLU MA 133 -38.29 -88.02 7.68
C GLU MA 133 -38.52 -87.93 6.17
N GLN MA 134 -39.05 -86.79 5.72
CA GLN MA 134 -39.39 -86.64 4.32
C GLN MA 134 -38.15 -86.51 3.45
N GLU MA 135 -38.24 -87.05 2.24
CA GLU MA 135 -37.24 -86.89 1.19
C GLU MA 135 -37.99 -86.47 -0.05
N VAL MA 136 -37.95 -85.18 -0.37
CA VAL MA 136 -38.80 -84.60 -1.40
C VAL MA 136 -37.90 -84.01 -2.48
N THR MA 137 -38.03 -84.52 -3.71
CA THR MA 137 -37.15 -84.14 -4.80
C THR MA 137 -37.89 -83.55 -5.99
N ALA MA 138 -38.95 -84.20 -6.47
CA ALA MA 138 -39.53 -83.88 -7.77
C ALA MA 138 -40.22 -82.53 -7.68
N LEU MA 139 -39.41 -81.48 -7.73
CA LEU MA 139 -39.88 -80.11 -7.63
C LEU MA 139 -39.56 -79.36 -8.92
N ASP MA 140 -40.59 -78.80 -9.54
CA ASP MA 140 -40.40 -77.93 -10.68
C ASP MA 140 -41.10 -76.61 -10.42
N PHE MA 141 -40.44 -75.51 -10.76
CA PHE MA 141 -40.99 -74.18 -10.53
C PHE MA 141 -41.02 -73.37 -11.81
N THR MA 142 -40.79 -74.02 -12.96
CA THR MA 142 -40.66 -73.28 -14.21
C THR MA 142 -41.94 -72.56 -14.59
N GLY MA 143 -43.08 -73.14 -14.24
CA GLY MA 143 -44.36 -72.57 -14.63
C GLY MA 143 -44.94 -71.64 -13.60
N VAL MA 144 -44.12 -71.16 -12.68
CA VAL MA 144 -44.58 -70.35 -11.56
C VAL MA 144 -44.34 -68.88 -11.89
N SER MA 145 -45.38 -68.08 -11.75
CA SER MA 145 -45.24 -66.63 -11.78
C SER MA 145 -45.58 -65.98 -10.45
N GLU MA 146 -46.18 -66.70 -9.52
CA GLU MA 146 -46.64 -66.11 -8.27
C GLU MA 146 -46.36 -67.06 -7.12
N LEU MA 147 -46.22 -66.48 -5.92
CA LEU MA 147 -45.87 -67.27 -4.75
C LEU MA 147 -46.91 -68.35 -4.45
N SER MA 148 -48.17 -68.09 -4.77
CA SER MA 148 -49.20 -69.09 -4.52
C SER MA 148 -48.88 -70.38 -5.25
N GLU MA 149 -48.25 -70.28 -6.42
CA GLU MA 149 -48.00 -71.48 -7.22
C GLU MA 149 -46.93 -72.34 -6.57
N VAL MA 150 -45.81 -71.74 -6.15
CA VAL MA 150 -44.80 -72.53 -5.45
C VAL MA 150 -45.37 -73.06 -4.15
N ALA MA 151 -46.24 -72.28 -3.52
CA ALA MA 151 -46.92 -72.78 -2.32
C ALA MA 151 -47.67 -74.06 -2.62
N THR MA 152 -48.52 -74.03 -3.65
CA THR MA 152 -49.33 -75.21 -3.96
C THR MA 152 -48.47 -76.40 -4.37
N ILE MA 153 -47.38 -76.13 -5.08
CA ILE MA 153 -46.45 -77.21 -5.43
C ILE MA 153 -45.89 -77.84 -4.16
N LEU MA 154 -45.48 -77.01 -3.21
CA LEU MA 154 -45.00 -77.55 -1.95
C LEU MA 154 -46.09 -78.35 -1.24
N ASN MA 155 -47.33 -77.85 -1.26
CA ASN MA 155 -48.44 -78.59 -0.68
C ASN MA 155 -48.53 -79.99 -1.24
N SER MA 156 -48.54 -80.09 -2.57
CA SER MA 156 -48.53 -81.40 -3.18
C SER MA 156 -47.24 -82.16 -2.91
N ALA MA 157 -46.20 -81.48 -2.41
CA ALA MA 157 -44.93 -82.13 -2.16
C ALA MA 157 -44.80 -82.69 -0.75
N ILE MA 158 -45.46 -82.08 0.24
CA ILE MA 158 -45.33 -82.51 1.63
C ILE MA 158 -46.59 -83.20 2.08
N THR MA 159 -46.44 -84.44 2.54
CA THR MA 159 -47.55 -85.19 3.09
C THR MA 159 -47.90 -84.66 4.46
N GLY MA 160 -49.17 -84.77 4.82
CA GLY MA 160 -49.62 -84.46 6.16
C GLY MA 160 -49.40 -83.04 6.59
N ALA MA 161 -49.09 -82.14 5.66
CA ALA MA 161 -48.83 -80.76 6.02
C ALA MA 161 -49.23 -79.86 4.86
N THR MA 162 -50.13 -78.94 5.14
CA THR MA 162 -50.56 -77.95 4.17
C THR MA 162 -49.64 -76.75 4.22
N VAL MA 163 -49.30 -76.23 3.05
CA VAL MA 163 -48.47 -75.04 2.94
C VAL MA 163 -49.31 -73.97 2.26
N SER MA 164 -48.90 -72.73 2.41
CA SER MA 164 -49.64 -71.60 1.86
C SER MA 164 -48.75 -70.37 1.90
N GLU MA 165 -49.25 -69.30 1.27
CA GLU MA 165 -48.57 -68.02 1.27
C GLU MA 165 -49.46 -66.94 1.86
N ASP MA 166 -48.91 -66.21 2.83
CA ASP MA 166 -49.58 -65.06 3.45
C ASP MA 166 -48.57 -63.90 3.44
N ASN MA 167 -48.76 -62.95 2.53
CA ASN MA 167 -48.06 -61.66 2.57
C ASN MA 167 -46.55 -61.85 2.61
N GLY MA 168 -46.03 -62.56 1.61
CA GLY MA 168 -44.62 -62.80 1.54
C GLY MA 168 -44.10 -63.85 2.50
N TYR MA 169 -44.96 -64.42 3.32
CA TYR MA 169 -44.58 -65.46 4.27
C TYR MA 169 -45.08 -66.80 3.75
N PHE MA 170 -44.26 -67.83 3.94
CA PHE MA 170 -44.60 -69.17 3.52
C PHE MA 170 -44.92 -70.00 4.76
N LYS MA 171 -46.18 -70.38 4.91
CA LYS MA 171 -46.63 -71.09 6.10
C LYS MA 171 -46.70 -72.57 5.78
N VAL MA 172 -46.05 -73.37 6.62
CA VAL MA 172 -46.06 -74.82 6.53
C VAL MA 172 -46.59 -75.34 7.85
N THR MA 173 -47.70 -76.07 7.81
CA THR MA 173 -48.36 -76.55 9.02
C THR MA 173 -48.78 -77.99 8.82
N SER MA 174 -48.38 -78.87 9.74
CA SER MA 174 -48.79 -80.25 9.67
C SER MA 174 -50.28 -80.39 9.90
N SER MA 175 -50.86 -81.44 9.32
CA SER MA 175 -52.28 -81.71 9.51
C SER MA 175 -52.59 -82.01 10.97
N THR MA 176 -51.76 -82.81 11.62
CA THR MA 176 -51.97 -83.13 13.02
C THR MA 176 -51.83 -81.87 13.87
N THR MA 177 -52.67 -81.77 14.90
CA THR MA 177 -52.63 -80.68 15.87
C THR MA 177 -52.34 -81.23 17.26
N GLY MA 178 -51.45 -80.55 17.96
CA GLY MA 178 -51.12 -80.94 19.32
C GLY MA 178 -49.93 -81.87 19.38
N ALA MA 179 -48.83 -81.39 19.95
CA ALA MA 179 -47.65 -82.21 20.22
C ALA MA 179 -47.16 -82.95 18.97
N THR MA 180 -47.13 -82.24 17.85
CA THR MA 180 -46.51 -82.74 16.64
C THR MA 180 -45.54 -81.67 16.14
N SER MA 181 -44.31 -82.07 15.86
CA SER MA 181 -43.23 -81.13 15.64
C SER MA 181 -42.80 -81.15 14.18
N LEU MA 182 -42.71 -79.97 13.58
CA LEU MA 182 -42.02 -79.80 12.30
C LEU MA 182 -40.66 -79.17 12.56
N LEU MA 183 -39.75 -79.96 13.12
CA LEU MA 183 -38.45 -79.44 13.54
C LEU MA 183 -37.63 -78.95 12.35
N SER MA 184 -37.61 -79.72 11.28
CA SER MA 184 -36.64 -79.49 10.22
C SER MA 184 -36.84 -78.14 9.55
N TYR MA 185 -35.71 -77.50 9.24
CA TYR MA 185 -35.68 -76.24 8.51
C TYR MA 185 -35.41 -76.50 7.03
N LEU MA 186 -36.05 -77.54 6.50
CA LEU MA 186 -36.09 -77.96 5.11
C LEU MA 186 -34.82 -78.71 4.71
N GLY MA 187 -33.78 -78.70 5.53
CA GLY MA 187 -32.55 -79.45 5.30
C GLY MA 187 -32.03 -79.42 3.87
N VAL MA 188 -31.38 -80.51 3.46
CA VAL MA 188 -30.91 -80.69 2.10
C VAL MA 188 -31.02 -82.17 1.78
N ALA MA 189 -31.51 -82.48 0.59
CA ALA MA 189 -31.52 -83.85 0.10
C ALA MA 189 -30.32 -84.05 -0.82
N THR MA 190 -29.66 -85.20 -0.68
CA THR MA 190 -28.57 -85.53 -1.58
C THR MA 190 -29.05 -85.89 -2.97
N SER MA 191 -30.37 -86.01 -3.17
CA SER MA 191 -30.94 -86.51 -4.40
C SER MA 191 -31.44 -85.43 -5.34
N GLY MA 192 -31.00 -84.19 -5.17
CA GLY MA 192 -31.42 -83.16 -6.10
C GLY MA 192 -30.83 -81.82 -5.73
N THR MA 193 -31.23 -80.81 -6.50
CA THR MA 193 -30.80 -79.44 -6.24
C THR MA 193 -31.75 -78.77 -5.26
N ASP MA 194 -31.21 -78.30 -4.14
CA ASP MA 194 -32.04 -77.84 -3.05
C ASP MA 194 -32.85 -76.60 -3.41
N ILE MA 195 -33.98 -76.44 -2.74
CA ILE MA 195 -34.70 -75.17 -2.71
C ILE MA 195 -34.57 -74.52 -1.33
N SER MA 196 -34.08 -75.24 -0.33
CA SER MA 196 -34.11 -74.75 1.04
C SER MA 196 -33.39 -73.42 1.18
N ALA MA 197 -32.16 -73.33 0.69
CA ALA MA 197 -31.38 -72.12 0.87
C ALA MA 197 -32.09 -70.92 0.25
N VAL MA 198 -32.49 -71.04 -1.01
CA VAL MA 198 -33.18 -69.93 -1.64
C VAL MA 198 -34.54 -69.70 -1.01
N LEU MA 199 -35.13 -70.73 -0.39
CA LEU MA 199 -36.44 -70.53 0.20
C LEU MA 199 -36.37 -69.70 1.47
N GLY MA 200 -35.20 -69.53 2.05
CA GLY MA 200 -35.08 -68.69 3.22
C GLY MA 200 -35.56 -69.28 4.52
N MET MA 201 -35.80 -70.59 4.58
CA MET MA 201 -36.17 -71.25 5.82
C MET MA 201 -35.16 -72.32 6.24
N ASN MA 202 -33.88 -71.97 6.19
CA ASN MA 202 -32.82 -72.84 6.67
C ASN MA 202 -32.61 -72.66 8.16
N SER MA 203 -31.88 -73.60 8.75
CA SER MA 203 -31.54 -73.50 10.16
C SER MA 203 -30.74 -72.23 10.43
N GLU MA 204 -29.75 -71.95 9.58
CA GLU MA 204 -29.04 -70.70 9.70
C GLU MA 204 -29.95 -69.52 9.41
N SER MA 205 -30.81 -69.66 8.40
CA SER MA 205 -31.72 -68.58 8.04
C SER MA 205 -32.67 -68.30 9.20
N GLY MA 206 -32.93 -67.02 9.44
CA GLY MA 206 -33.89 -66.65 10.44
C GLY MA 206 -35.28 -67.15 10.08
N ALA MA 207 -35.89 -67.90 10.96
CA ALA MA 207 -37.21 -68.46 10.70
C ALA MA 207 -37.89 -68.80 12.02
N VAL MA 208 -39.14 -68.37 12.16
CA VAL MA 208 -39.93 -68.68 13.33
C VAL MA 208 -40.54 -70.06 13.12
N LEU MA 209 -40.37 -70.94 14.10
CA LEU MA 209 -40.90 -72.30 14.03
C LEU MA 209 -41.57 -72.60 15.36
N THR MA 210 -42.85 -72.28 15.43
CA THR MA 210 -43.63 -72.51 16.65
C THR MA 210 -43.99 -73.98 16.69
N GLN MA 211 -43.25 -74.76 17.46
CA GLN MA 211 -43.54 -76.18 17.55
C GLN MA 211 -44.94 -76.38 18.10
N GLY MA 212 -45.60 -77.42 17.62
CA GLY MA 212 -46.96 -77.70 18.06
C GLY MA 212 -47.07 -77.83 19.57
N THR MA 213 -48.02 -77.11 20.16
CA THR MA 213 -48.21 -77.21 21.59
C THR MA 213 -48.71 -78.60 21.96
N ASP MA 214 -48.59 -78.94 23.24
CA ASP MA 214 -49.08 -80.24 23.70
C ASP MA 214 -50.59 -80.36 23.50
N GLN MA 215 -51.36 -79.53 24.19
CA GLN MA 215 -52.81 -79.61 24.16
C GLN MA 215 -53.39 -78.22 24.29
N VAL MA 216 -54.72 -78.14 24.37
CA VAL MA 216 -55.38 -76.85 24.55
C VAL MA 216 -54.97 -76.26 25.88
N VAL MA 217 -54.74 -74.96 25.91
CA VAL MA 217 -54.27 -74.31 27.12
C VAL MA 217 -55.33 -73.33 27.59
N LEU MA 218 -55.41 -73.16 28.92
CA LEU MA 218 -56.42 -72.32 29.56
C LEU MA 218 -55.72 -71.27 30.39
N PRO MA 219 -55.29 -70.17 29.78
CA PRO MA 219 -54.76 -69.05 30.57
C PRO MA 219 -55.80 -68.58 31.57
N ALA MA 220 -55.36 -68.40 32.81
CA ALA MA 220 -56.27 -67.88 33.81
C ALA MA 220 -56.67 -66.45 33.44
N GLU MA 221 -57.84 -66.05 33.94
CA GLU MA 221 -58.32 -64.70 33.69
C GLU MA 221 -57.35 -63.69 34.25
N THR MA 222 -56.78 -62.86 33.38
CA THR MA 222 -55.91 -61.80 33.83
C THR MA 222 -56.74 -60.67 34.42
N LYS MA 223 -56.05 -59.65 34.91
CA LYS MA 223 -56.70 -58.43 35.38
C LYS MA 223 -56.62 -57.36 34.31
N LEU MA 224 -57.43 -56.30 34.49
CA LEU MA 224 -57.31 -55.15 33.61
C LEU MA 224 -55.91 -54.58 33.65
N GLU MA 225 -55.18 -54.82 34.76
CA GLU MA 225 -53.76 -54.51 34.80
C GLU MA 225 -53.00 -55.24 33.69
N GLY MA 226 -53.51 -56.36 33.21
CA GLY MA 226 -52.93 -57.04 32.07
C GLY MA 226 -52.81 -56.17 30.84
N ILE MA 227 -53.37 -54.94 30.90
CA ILE MA 227 -53.11 -53.94 29.87
C ILE MA 227 -51.62 -53.74 29.67
N THR MA 228 -50.80 -54.12 30.65
CA THR MA 228 -49.35 -54.06 30.45
C THR MA 228 -48.95 -54.75 29.17
N ALA MA 229 -49.61 -55.87 28.84
CA ALA MA 229 -49.29 -56.58 27.61
C ALA MA 229 -49.53 -55.72 26.38
N ILE MA 230 -50.64 -54.98 26.37
CA ILE MA 230 -51.03 -54.27 25.15
C ILE MA 230 -49.97 -53.26 24.75
N LYS MA 231 -49.60 -52.38 25.68
CA LYS MA 231 -48.53 -51.44 25.40
C LYS MA 231 -47.22 -52.18 25.14
N SER MA 232 -47.09 -53.39 25.69
CA SER MA 232 -45.91 -54.20 25.42
C SER MA 232 -45.76 -54.51 23.94
N GLU MA 233 -46.83 -54.43 23.15
CA GLU MA 233 -46.76 -54.87 21.78
C GLU MA 233 -47.25 -53.87 20.74
N VAL MA 234 -47.85 -52.75 21.13
CA VAL MA 234 -48.45 -51.90 20.10
C VAL MA 234 -47.94 -50.47 20.20
N ASN MA 235 -47.53 -50.05 21.39
CA ASN MA 235 -47.15 -48.67 21.65
C ASN MA 235 -48.31 -47.72 21.35
N ILE MA 236 -49.48 -48.05 21.89
CA ILE MA 236 -50.61 -47.14 21.85
C ILE MA 236 -50.31 -46.00 22.81
N LYS MA 237 -51.13 -44.95 22.75
CA LYS MA 237 -50.98 -43.85 23.69
C LYS MA 237 -52.27 -43.46 24.37
N GLY MA 238 -53.43 -43.83 23.86
CA GLY MA 238 -54.68 -43.56 24.52
C GLY MA 238 -55.50 -44.82 24.64
N ALA MA 239 -55.78 -45.24 25.86
CA ALA MA 239 -56.37 -46.55 26.11
C ALA MA 239 -57.74 -46.40 26.73
N MET MA 240 -58.51 -47.48 26.62
CA MET MA 240 -59.86 -47.54 27.14
C MET MA 240 -60.07 -48.88 27.82
N PHE MA 241 -61.30 -49.09 28.27
CA PHE MA 241 -61.77 -50.42 28.64
C PHE MA 241 -63.26 -50.47 28.39
N ILE MA 242 -63.70 -51.56 27.75
CA ILE MA 242 -65.13 -51.73 27.51
C ILE MA 242 -65.87 -51.70 28.83
N ASP MA 243 -65.41 -52.49 29.79
CA ASP MA 243 -66.05 -52.55 31.08
C ASP MA 243 -65.70 -51.30 31.88
N GLN MA 244 -66.42 -51.10 32.98
CA GLN MA 244 -66.01 -50.09 33.95
C GLN MA 244 -64.88 -50.65 34.78
N ILE MA 245 -63.90 -49.80 35.08
CA ILE MA 245 -62.77 -50.23 35.88
C ILE MA 245 -63.20 -50.25 37.34
N LEU MA 246 -63.09 -51.40 37.98
CA LEU MA 246 -63.48 -51.49 39.38
C LEU MA 246 -62.57 -50.61 40.22
N ASP MA 247 -63.12 -50.12 41.33
CA ASP MA 247 -62.44 -49.07 42.08
C ASP MA 247 -61.09 -49.52 42.61
N ALA MA 248 -61.01 -50.75 43.13
CA ALA MA 248 -59.74 -51.22 43.70
C ALA MA 248 -58.64 -51.21 42.65
N ASP MA 249 -58.98 -51.40 41.38
CA ASP MA 249 -57.98 -51.36 40.32
C ASP MA 249 -57.63 -49.95 39.89
N ILE MA 250 -58.43 -48.96 40.26
CA ILE MA 250 -58.22 -47.60 39.78
C ILE MA 250 -56.83 -47.08 40.12
N PRO MA 251 -56.36 -47.11 41.36
CA PRO MA 251 -55.00 -46.62 41.61
C PRO MA 251 -53.95 -47.40 40.85
N GLY MA 252 -54.14 -48.70 40.69
CA GLY MA 252 -53.16 -49.48 39.95
C GLY MA 252 -53.05 -49.05 38.51
N ILE MA 253 -54.20 -48.91 37.84
CA ILE MA 253 -54.16 -48.50 36.44
C ILE MA 253 -53.71 -47.07 36.31
N ALA MA 254 -54.02 -46.23 37.29
CA ALA MA 254 -53.53 -44.85 37.27
C ALA MA 254 -52.01 -44.82 37.32
N SER MA 255 -51.43 -45.56 38.26
CA SER MA 255 -49.98 -45.64 38.33
C SER MA 255 -49.40 -46.19 37.04
N PHE MA 256 -50.07 -47.18 36.46
CA PHE MA 256 -49.58 -47.70 35.19
C PHE MA 256 -49.59 -46.62 34.13
N ALA MA 257 -50.65 -45.82 34.09
CA ALA MA 257 -50.71 -44.74 33.11
C ALA MA 257 -49.56 -43.76 33.33
N GLY MA 258 -49.29 -43.43 34.58
CA GLY MA 258 -48.22 -42.50 34.86
C GLY MA 258 -46.86 -43.04 34.47
N ALA MA 259 -46.66 -44.35 34.63
CA ALA MA 259 -45.34 -44.91 34.38
C ALA MA 259 -45.12 -45.21 32.91
N ASN MA 260 -46.11 -45.81 32.24
CA ASN MA 260 -45.96 -46.22 30.85
C ASN MA 260 -46.25 -45.11 29.87
N ASN MA 261 -46.44 -43.89 30.35
CA ASN MA 261 -46.42 -42.71 29.51
C ASN MA 261 -47.52 -42.74 28.45
N MET MA 262 -48.76 -42.84 28.91
CA MET MA 262 -49.91 -42.78 28.03
C MET MA 262 -51.09 -42.23 28.81
N LEU MA 263 -52.19 -42.04 28.12
CA LEU MA 263 -53.42 -41.59 28.74
C LEU MA 263 -54.36 -42.78 28.92
N VAL MA 264 -55.29 -42.64 29.84
CA VAL MA 264 -56.34 -43.63 30.04
C VAL MA 264 -57.61 -42.87 30.38
N TYR MA 265 -58.57 -42.87 29.47
CA TYR MA 265 -59.82 -42.17 29.70
C TYR MA 265 -60.80 -43.14 30.37
N GLU MA 266 -61.50 -42.65 31.38
CA GLU MA 266 -62.46 -43.48 32.10
C GLU MA 266 -63.64 -42.62 32.50
N VAL MA 267 -64.82 -43.23 32.57
CA VAL MA 267 -66.03 -42.52 32.93
C VAL MA 267 -66.50 -43.02 34.28
N PHE MA 268 -67.37 -42.23 34.91
CA PHE MA 268 -67.97 -42.61 36.17
C PHE MA 268 -69.36 -42.03 36.21
N ASP MA 269 -70.24 -42.71 36.95
CA ASP MA 269 -71.58 -42.19 37.17
C ASP MA 269 -71.55 -41.14 38.28
N THR MA 270 -72.73 -40.60 38.60
CA THR MA 270 -72.80 -39.50 39.55
C THR MA 270 -72.42 -39.94 40.96
N GLY MA 271 -72.38 -41.24 41.23
CA GLY MA 271 -72.02 -41.70 42.56
C GLY MA 271 -70.64 -41.24 43.00
N TYR MA 272 -69.70 -41.16 42.08
CA TYR MA 272 -68.34 -40.75 42.38
C TYR MA 272 -68.16 -39.25 42.43
N LEU MA 273 -69.23 -38.49 42.63
CA LEU MA 273 -69.15 -37.03 42.67
C LEU MA 273 -68.93 -36.61 44.11
N SER MA 274 -67.67 -36.51 44.51
CA SER MA 274 -67.39 -36.11 45.87
C SER MA 274 -65.94 -35.64 45.97
N LYS MA 275 -65.62 -35.01 47.08
CA LYS MA 275 -64.25 -34.71 47.45
C LYS MA 275 -63.70 -35.73 48.43
N ASN MA 276 -64.36 -36.86 48.57
CA ASN MA 276 -63.99 -37.86 49.55
C ASN MA 276 -62.81 -38.71 49.04
N VAL MA 277 -61.97 -39.13 49.99
CA VAL MA 277 -60.89 -40.05 49.64
C VAL MA 277 -61.44 -41.38 49.16
N SER MA 278 -62.50 -41.86 49.81
CA SER MA 278 -63.11 -43.11 49.37
C SER MA 278 -63.51 -43.05 47.91
N ASN MA 279 -63.83 -41.86 47.42
CA ASN MA 279 -64.12 -41.70 46.01
C ASN MA 279 -62.85 -41.83 45.20
N PRO MA 280 -62.73 -42.84 44.33
CA PRO MA 280 -61.45 -43.06 43.64
C PRO MA 280 -60.96 -41.88 42.81
N VAL MA 281 -61.87 -41.13 42.19
CA VAL MA 281 -61.42 -40.07 41.30
C VAL MA 281 -60.74 -38.96 42.09
N TRP MA 282 -61.33 -38.59 43.23
CA TRP MA 282 -60.65 -37.62 44.09
C TRP MA 282 -59.32 -38.16 44.59
N ALA MA 283 -59.24 -39.47 44.79
CA ALA MA 283 -57.94 -40.06 45.12
C ALA MA 283 -56.95 -39.82 44.01
N VAL MA 284 -57.39 -40.00 42.76
CA VAL MA 284 -56.51 -39.74 41.63
C VAL MA 284 -56.04 -38.30 41.66
N LYS MA 285 -56.96 -37.38 41.90
CA LYS MA 285 -56.59 -35.96 41.92
C LYS MA 285 -55.54 -35.69 42.99
N LEU MA 286 -55.80 -36.13 44.22
CA LEU MA 286 -54.85 -35.85 45.29
C LEU MA 286 -53.53 -36.56 45.06
N ALA MA 287 -53.54 -37.65 44.30
CA ALA MA 287 -52.29 -38.36 44.04
C ALA MA 287 -51.52 -37.79 42.88
N GLY MA 288 -52.10 -36.88 42.10
CA GLY MA 288 -51.39 -36.35 40.95
C GLY MA 288 -51.27 -37.32 39.81
N GLN MA 289 -52.13 -38.34 39.76
CA GLN MA 289 -52.12 -39.32 38.68
C GLN MA 289 -52.78 -38.71 37.44
N SER MA 290 -52.17 -37.63 36.96
CA SER MA 290 -52.81 -36.77 35.98
C SER MA 290 -53.04 -37.46 34.64
N ASN MA 291 -52.42 -38.60 34.40
CA ASN MA 291 -52.65 -39.25 33.13
C ASN MA 291 -53.92 -40.08 33.11
N PHE MA 292 -54.58 -40.25 34.25
CA PHE MA 292 -55.77 -41.08 34.34
C PHE MA 292 -57.01 -40.20 34.23
N ARG MA 293 -57.41 -39.88 33.01
CA ARG MA 293 -58.45 -38.88 32.89
C ARG MA 293 -59.81 -39.44 33.27
N CYS MA 294 -60.53 -38.70 34.10
CA CYS MA 294 -61.80 -39.12 34.67
C CYS MA 294 -62.93 -38.32 34.03
N LEU MA 295 -64.00 -39.01 33.67
CA LEU MA 295 -65.10 -38.46 32.90
C LEU MA 295 -66.41 -38.79 33.60
N LEU MA 296 -67.45 -38.04 33.29
CA LEU MA 296 -68.73 -38.19 33.96
C LEU MA 296 -69.81 -38.52 32.94
N SER MA 297 -70.69 -39.46 33.31
CA SER MA 297 -71.89 -39.77 32.55
C SER MA 297 -72.93 -40.30 33.50
N LYS MA 298 -74.03 -39.56 33.68
CA LYS MA 298 -75.09 -40.03 34.56
C LYS MA 298 -75.59 -41.39 34.10
N SER MA 299 -75.76 -41.56 32.80
CA SER MA 299 -76.08 -42.86 32.25
C SER MA 299 -74.95 -43.86 32.40
N GLY MA 300 -73.75 -43.40 32.73
CA GLY MA 300 -72.60 -44.27 32.66
C GLY MA 300 -72.29 -44.66 31.24
N ASN MA 301 -72.44 -43.73 30.31
CA ASN MA 301 -72.28 -44.04 28.88
C ASN MA 301 -70.80 -44.24 28.58
N ARG MA 302 -70.38 -45.51 28.53
CA ARG MA 302 -68.99 -45.80 28.23
C ARG MA 302 -68.60 -45.29 26.84
N LYS MA 303 -69.56 -45.23 25.92
CA LYS MA 303 -69.26 -44.68 24.61
C LYS MA 303 -68.74 -43.26 24.71
N PHE MA 304 -69.11 -42.56 25.79
CA PHE MA 304 -68.64 -41.19 25.95
C PHE MA 304 -67.12 -41.14 26.04
N ALA MA 305 -66.48 -42.20 26.51
CA ALA MA 305 -65.03 -42.24 26.46
C ALA MA 305 -64.53 -42.19 25.03
N ALA MA 306 -65.16 -42.96 24.14
CA ALA MA 306 -64.70 -43.06 22.77
C ALA MA 306 -64.64 -41.70 22.11
N THR MA 307 -65.79 -41.05 21.98
CA THR MA 307 -65.82 -39.73 21.38
C THR MA 307 -64.90 -38.77 22.11
N TYR MA 308 -64.62 -39.02 23.38
CA TYR MA 308 -63.63 -38.21 24.07
C TYR MA 308 -62.24 -38.53 23.56
N MET MA 309 -61.84 -39.80 23.64
CA MET MA 309 -60.53 -40.17 23.13
C MET MA 309 -60.39 -39.79 21.67
N ALA MA 310 -61.48 -39.89 20.92
CA ALA MA 310 -61.41 -39.56 19.50
C ALA MA 310 -61.35 -38.06 19.26
N ARG MA 311 -61.63 -37.23 20.26
CA ARG MA 311 -61.58 -35.79 20.06
C ARG MA 311 -60.30 -35.15 20.58
N MET MA 312 -59.72 -35.67 21.66
CA MET MA 312 -58.48 -35.10 22.15
C MET MA 312 -57.33 -35.31 21.17
N HIS MA 313 -57.21 -36.51 20.63
CA HIS MA 313 -55.94 -36.90 20.03
C HIS MA 313 -55.75 -36.37 18.63
N THR MA 314 -56.74 -35.66 18.08
CA THR MA 314 -56.64 -35.13 16.72
C THR MA 314 -55.76 -33.89 16.74
N VAL MA 315 -54.47 -34.11 16.54
CA VAL MA 315 -53.49 -33.04 16.52
C VAL MA 315 -52.22 -33.58 15.89
N LEU MA 316 -51.56 -32.73 15.11
CA LEU MA 316 -50.49 -33.20 14.24
C LEU MA 316 -49.10 -32.92 14.78
N PHE MA 317 -48.94 -31.90 15.62
CA PHE MA 317 -47.67 -31.56 16.23
C PHE MA 317 -46.60 -31.23 15.19
N SER MA 318 -47.03 -30.76 14.03
CA SER MA 318 -46.09 -30.19 13.08
C SER MA 318 -46.61 -28.94 12.41
N GLY MA 319 -47.90 -28.66 12.49
CA GLY MA 319 -48.47 -27.48 11.87
C GLY MA 319 -48.21 -26.24 12.69
N GLN MA 320 -48.72 -25.13 12.17
CA GLN MA 320 -48.47 -23.86 12.83
C GLN MA 320 -49.06 -23.81 14.22
N ASN MA 321 -50.38 -23.84 14.32
CA ASN MA 321 -51.07 -23.80 15.60
C ASN MA 321 -52.06 -24.94 15.65
N THR MA 322 -51.78 -25.94 16.48
CA THR MA 322 -52.65 -27.11 16.49
C THR MA 322 -52.97 -27.60 17.90
N ALA MA 323 -52.33 -27.06 18.93
CA ALA MA 323 -52.61 -27.51 20.28
C ALA MA 323 -54.02 -27.09 20.67
N ILE MA 324 -54.93 -28.05 20.77
CA ILE MA 324 -56.32 -27.77 21.08
C ILE MA 324 -56.60 -28.13 22.52
N THR MA 325 -57.43 -27.33 23.17
CA THR MA 325 -58.06 -27.76 24.40
C THR MA 325 -59.23 -28.67 24.06
N MET MA 326 -60.03 -29.02 25.06
CA MET MA 326 -61.29 -29.67 24.77
C MET MA 326 -62.49 -28.98 25.37
N GLN MA 327 -62.32 -27.82 26.00
CA GLN MA 327 -63.47 -27.03 26.37
C GLN MA 327 -64.37 -26.82 25.17
N LEU MA 328 -65.59 -27.35 25.25
CA LEU MA 328 -66.62 -27.06 24.26
C LEU MA 328 -66.17 -27.55 22.88
N LYS MA 329 -66.02 -28.86 22.77
CA LYS MA 329 -65.72 -29.48 21.49
C LYS MA 329 -66.82 -30.47 21.11
N GLU MA 330 -67.15 -30.49 19.83
CA GLU MA 330 -68.22 -31.36 19.36
C GLU MA 330 -67.86 -32.82 19.57
N LEU MA 331 -68.77 -33.56 20.17
CA LEU MA 331 -68.57 -34.98 20.43
C LEU MA 331 -69.69 -35.77 19.79
N SER MA 332 -69.58 -37.09 19.85
CA SER MA 332 -70.48 -37.97 19.13
C SER MA 332 -71.25 -38.88 20.07
N VAL MA 333 -71.80 -38.30 21.13
CA VAL MA 333 -72.69 -39.04 22.02
C VAL MA 333 -73.66 -38.05 22.64
N THR MA 334 -74.88 -38.50 22.85
CA THR MA 334 -75.92 -37.62 23.38
C THR MA 334 -75.51 -37.10 24.75
N ALA MA 335 -75.62 -35.78 24.93
CA ALA MA 335 -75.37 -35.23 26.25
C ALA MA 335 -76.46 -35.65 27.21
N GLU MA 336 -76.21 -35.44 28.49
CA GLU MA 336 -77.14 -35.81 29.54
C GLU MA 336 -77.60 -34.56 30.27
N GLU MA 337 -78.37 -34.76 31.35
CA GLU MA 337 -78.95 -33.67 32.11
C GLU MA 337 -78.36 -33.65 33.50
N TYR MA 338 -77.86 -32.49 33.91
CA TYR MA 338 -77.30 -32.31 35.25
C TYR MA 338 -77.85 -31.03 35.84
N THR MA 339 -77.94 -30.99 37.16
CA THR MA 339 -78.23 -29.76 37.86
C THR MA 339 -76.92 -29.08 38.26
N ASP MA 340 -77.05 -27.87 38.81
CA ASP MA 340 -75.89 -27.02 39.02
C ASP MA 340 -74.87 -27.65 39.96
N THR MA 341 -75.34 -28.21 41.07
CA THR MA 341 -74.42 -28.56 42.14
C THR MA 341 -73.41 -29.61 41.71
N GLU MA 342 -73.85 -30.62 40.98
CA GLU MA 342 -72.87 -31.55 40.45
C GLU MA 342 -72.12 -31.03 39.23
N ILE MA 343 -72.62 -30.02 38.52
CA ILE MA 343 -71.74 -29.35 37.56
C ILE MA 343 -70.53 -28.80 38.27
N ALA MA 344 -70.75 -28.05 39.35
CA ALA MA 344 -69.64 -27.47 40.08
C ALA MA 344 -68.78 -28.54 40.73
N ASN MA 345 -69.40 -29.57 41.29
CA ASN MA 345 -68.64 -30.63 41.91
C ASN MA 345 -67.75 -31.30 40.88
N ALA MA 346 -68.29 -31.61 39.71
CA ALA MA 346 -67.47 -32.21 38.67
C ALA MA 346 -66.34 -31.28 38.26
N LYS MA 347 -66.61 -29.97 38.21
CA LYS MA 347 -65.53 -29.05 37.87
C LYS MA 347 -64.44 -29.08 38.92
N THR MA 348 -64.79 -29.25 40.18
CA THR MA 348 -63.80 -29.15 41.25
C THR MA 348 -63.24 -30.50 41.69
N VAL MA 349 -63.66 -31.61 41.10
CA VAL MA 349 -63.09 -32.91 41.40
C VAL MA 349 -62.44 -33.58 40.20
N GLY MA 350 -62.34 -32.90 39.07
CA GLY MA 350 -61.56 -33.41 37.98
C GLY MA 350 -62.34 -34.07 36.87
N LEU MA 351 -63.60 -34.40 37.09
CA LEU MA 351 -64.38 -35.03 36.04
C LEU MA 351 -64.62 -34.05 34.90
N ASP MA 352 -65.13 -34.58 33.79
CA ASP MA 352 -65.54 -33.79 32.65
C ASP MA 352 -67.02 -34.04 32.37
N LEU MA 353 -67.67 -33.05 31.78
CA LEU MA 353 -69.12 -33.09 31.61
C LEU MA 353 -69.51 -32.85 30.17
N LEU MA 354 -70.36 -33.71 29.64
CA LEU MA 354 -70.97 -33.48 28.33
C LEU MA 354 -72.44 -33.15 28.58
N THR MA 355 -72.75 -31.86 28.50
CA THR MA 355 -74.08 -31.39 28.86
C THR MA 355 -74.67 -30.46 27.82
N THR MA 356 -75.76 -29.81 28.20
CA THR MA 356 -76.51 -28.93 27.33
C THR MA 356 -76.19 -27.47 27.67
N ILE MA 357 -75.82 -26.70 26.66
CA ILE MA 357 -75.75 -25.25 26.72
C ILE MA 357 -76.45 -24.70 25.49
N LYS MA 358 -77.44 -23.85 25.70
CA LYS MA 358 -78.21 -23.26 24.60
C LYS MA 358 -78.69 -24.34 23.63
N ASN MA 359 -79.06 -25.49 24.20
CA ASN MA 359 -79.53 -26.64 23.42
C ASN MA 359 -78.47 -27.05 22.39
N GLU MA 360 -77.32 -27.47 22.90
CA GLU MA 360 -76.19 -27.84 22.08
C GLU MA 360 -75.31 -28.77 22.87
N GLN MA 361 -74.51 -29.56 22.16
CA GLN MA 361 -73.50 -30.37 22.83
C GLN MA 361 -72.46 -29.44 23.42
N ALA MA 362 -72.15 -29.63 24.70
CA ALA MA 362 -71.16 -28.80 25.37
C ALA MA 362 -70.29 -29.68 26.24
N LEU MA 363 -69.03 -29.84 25.88
CA LEU MA 363 -68.09 -30.58 26.70
C LEU MA 363 -67.27 -29.60 27.52
N LEU MA 364 -67.28 -29.78 28.84
CA LEU MA 364 -66.50 -28.96 29.74
C LEU MA 364 -65.48 -29.82 30.45
N THR MA 365 -64.25 -29.34 30.46
CA THR MA 365 -63.14 -29.99 31.10
C THR MA 365 -63.00 -29.36 32.49
N SER MA 366 -62.04 -29.83 33.27
CA SER MA 366 -61.81 -29.33 34.61
C SER MA 366 -60.32 -29.08 34.80
N GLY MA 367 -59.99 -28.47 35.92
CA GLY MA 367 -58.62 -28.14 36.22
C GLY MA 367 -58.18 -28.71 37.54
N ALA MA 368 -59.09 -29.38 38.25
CA ALA MA 368 -58.72 -30.03 39.50
C ALA MA 368 -57.58 -31.02 39.27
N ASN MA 369 -57.84 -32.05 38.48
CA ASN MA 369 -56.73 -32.74 37.86
C ASN MA 369 -56.22 -31.86 36.73
N ASP MA 370 -54.99 -32.14 36.30
CA ASP MA 370 -54.36 -31.31 35.28
C ASP MA 370 -55.22 -31.28 34.03
N PHE MA 371 -55.15 -30.16 33.29
CA PHE MA 371 -55.99 -29.99 32.11
C PHE MA 371 -55.71 -31.08 31.10
N CYS MA 372 -56.75 -31.49 30.38
CA CYS MA 372 -56.56 -32.48 29.32
C CYS MA 372 -55.56 -32.00 28.30
N ASP MA 373 -55.74 -30.77 27.82
CA ASP MA 373 -54.79 -30.21 26.87
C ASP MA 373 -53.39 -30.27 27.44
N ASN MA 374 -53.22 -29.87 28.69
CA ASN MA 374 -51.88 -29.79 29.26
C ASN MA 374 -51.24 -31.17 29.34
N VAL MA 375 -51.95 -32.15 29.89
CA VAL MA 375 -51.33 -33.46 30.08
C VAL MA 375 -51.05 -34.11 28.75
N TYR MA 376 -51.99 -34.03 27.81
CA TYR MA 376 -51.79 -34.66 26.51
C TYR MA 376 -50.63 -34.00 25.76
N ASN MA 377 -50.57 -32.67 25.78
CA ASN MA 377 -49.49 -31.97 25.12
C ASN MA 377 -48.16 -32.34 25.74
N LEU MA 378 -48.07 -32.31 27.06
CA LEU MA 378 -46.83 -32.66 27.73
C LEU MA 378 -46.41 -34.06 27.37
N GLU MA 379 -47.37 -34.98 27.30
CA GLU MA 379 -47.01 -36.37 27.10
C GLU MA 379 -46.46 -36.58 25.70
N ALA MA 380 -47.16 -36.04 24.71
CA ALA MA 380 -46.65 -36.11 23.35
C ALA MA 380 -45.30 -35.44 23.25
N PHE MA 381 -45.12 -34.34 23.99
CA PHE MA 381 -43.84 -33.66 23.97
C PHE MA 381 -42.73 -34.54 24.47
N ARG MA 382 -42.93 -35.17 25.63
CA ARG MA 382 -41.87 -35.99 26.20
C ARG MA 382 -41.56 -37.16 25.30
N ASP MA 383 -42.60 -37.82 24.76
CA ASP MA 383 -42.37 -38.96 23.90
C ASP MA 383 -41.64 -38.52 22.63
N GLU MA 384 -42.01 -37.37 22.09
CA GLU MA 384 -41.37 -36.89 20.88
C GLU MA 384 -39.92 -36.49 21.14
N ILE MA 385 -39.63 -35.90 22.29
CA ILE MA 385 -38.24 -35.62 22.63
C ILE MA 385 -37.46 -36.91 22.68
N GLN MA 386 -38.02 -37.92 23.35
CA GLN MA 386 -37.33 -39.19 23.45
C GLN MA 386 -37.05 -39.77 22.08
N THR MA 387 -38.03 -39.71 21.17
CA THR MA 387 -37.86 -40.35 19.87
C THR MA 387 -36.91 -39.57 18.98
N ASN MA 388 -37.01 -38.23 18.96
CA ASN MA 388 -36.06 -37.44 18.20
C ASN MA 388 -34.64 -37.64 18.72
N ASN MA 389 -34.48 -37.75 20.03
CA ASN MA 389 -33.15 -38.01 20.55
C ASN MA 389 -32.67 -39.40 20.16
N TYR MA 390 -33.57 -40.38 20.20
CA TYR MA 390 -33.20 -41.73 19.85
C TYR MA 390 -32.75 -41.83 18.41
N ASN MA 391 -33.59 -41.36 17.48
CA ASN MA 391 -33.23 -41.53 16.08
C ASN MA 391 -32.13 -40.58 15.63
N LEU MA 392 -31.82 -39.56 16.42
CA LEU MA 392 -30.60 -38.79 16.19
C LEU MA 392 -29.36 -39.64 16.42
N LEU MA 393 -29.49 -40.71 17.18
CA LEU MA 393 -28.36 -41.30 17.85
C LEU MA 393 -28.03 -42.71 17.40
N LYS MA 394 -28.98 -43.42 16.83
CA LYS MA 394 -28.73 -44.79 16.40
C LYS MA 394 -29.06 -45.06 14.94
N THR MA 395 -29.84 -44.21 14.30
CA THR MA 395 -30.19 -44.40 12.90
C THR MA 395 -29.61 -43.34 11.99
N THR MA 396 -29.03 -42.28 12.54
CA THR MA 396 -28.47 -41.23 11.72
C THR MA 396 -27.21 -41.67 10.98
N SER MA 397 -26.68 -42.84 11.33
CA SER MA 397 -25.54 -43.49 10.67
C SER MA 397 -24.25 -42.72 10.88
N THR MA 398 -24.25 -41.61 11.61
CA THR MA 398 -23.05 -40.89 11.97
C THR MA 398 -23.12 -40.67 13.47
N LYS MA 399 -22.68 -41.66 14.23
CA LYS MA 399 -22.86 -41.63 15.68
C LYS MA 399 -22.22 -40.39 16.27
N ILE MA 400 -22.95 -39.71 17.15
CA ILE MA 400 -22.50 -38.42 17.65
C ILE MA 400 -21.61 -38.67 18.85
N PRO MA 401 -20.50 -37.98 18.99
CA PRO MA 401 -19.52 -38.31 20.01
C PRO MA 401 -19.86 -37.75 21.37
N GLN MA 402 -18.94 -37.83 22.33
CA GLN MA 402 -18.94 -36.89 23.44
C GLN MA 402 -18.09 -35.66 23.15
N THR MA 403 -17.82 -35.37 21.89
CA THR MA 403 -17.25 -34.07 21.56
C THR MA 403 -18.17 -32.98 22.07
N ASP MA 404 -17.60 -31.93 22.63
CA ASP MA 404 -18.41 -30.78 22.99
C ASP MA 404 -19.23 -30.29 21.81
N PRO MA 405 -18.72 -30.25 20.58
CA PRO MA 405 -19.62 -30.08 19.44
C PRO MA 405 -20.71 -31.13 19.39
N GLY MA 406 -20.38 -32.39 19.68
CA GLY MA 406 -21.42 -33.42 19.66
C GLY MA 406 -22.43 -33.23 20.76
N MET MA 407 -21.97 -32.87 21.95
CA MET MA 407 -22.90 -32.56 23.02
C MET MA 407 -23.77 -31.38 22.63
N ASP MA 408 -23.20 -30.44 21.90
CA ASP MA 408 -24.02 -29.35 21.43
C ASP MA 408 -25.04 -29.83 20.42
N THR MA 409 -24.66 -30.81 19.60
CA THR MA 409 -25.61 -31.40 18.67
C THR MA 409 -26.79 -32.00 19.40
N ILE MA 410 -26.49 -32.76 20.46
CA ILE MA 410 -27.58 -33.42 21.15
C ILE MA 410 -28.42 -32.39 21.90
N GLU MA 411 -27.82 -31.27 22.30
CA GLU MA 411 -28.63 -30.18 22.84
C GLU MA 411 -29.51 -29.57 21.78
N ASP MA 412 -28.98 -29.39 20.57
CA ASP MA 412 -29.75 -28.74 19.53
C ASP MA 412 -30.91 -29.62 19.08
N ASP MA 413 -30.74 -30.92 19.14
CA ASP MA 413 -31.85 -31.77 18.72
C ASP MA 413 -33.08 -31.50 19.58
N THR MA 414 -32.91 -31.50 20.90
CA THR MA 414 -34.04 -31.21 21.77
C THR MA 414 -34.46 -29.75 21.68
N GLU MA 415 -33.51 -28.85 21.45
CA GLU MA 415 -33.89 -27.45 21.27
C GLU MA 415 -34.74 -27.29 20.02
N LYS MA 416 -34.41 -28.02 18.96
CA LYS MA 416 -35.18 -27.97 17.72
C LYS MA 416 -36.57 -28.54 17.93
N THR MA 417 -36.68 -29.62 18.68
CA THR MA 417 -38.01 -30.12 18.99
C THR MA 417 -38.81 -29.11 19.80
N CYS MA 418 -38.16 -28.48 20.78
CA CYS MA 418 -38.85 -27.45 21.56
C CYS MA 418 -39.32 -26.32 20.66
N GLU MA 419 -38.48 -25.95 19.69
CA GLU MA 419 -38.92 -25.01 18.68
C GLU MA 419 -40.15 -25.52 17.97
N LYS MA 420 -40.12 -26.76 17.52
CA LYS MA 420 -41.27 -27.34 16.84
C LYS MA 420 -42.51 -27.20 17.69
N TYR MA 421 -42.37 -27.29 19.00
CA TYR MA 421 -43.56 -27.22 19.85
C TYR MA 421 -43.99 -25.80 20.16
N VAL MA 422 -43.07 -24.86 20.33
CA VAL MA 422 -43.49 -23.48 20.54
C VAL MA 422 -44.12 -22.94 19.27
N ARG MA 423 -43.60 -23.35 18.12
CA ARG MA 423 -44.19 -23.03 16.83
C ARG MA 423 -45.32 -23.97 16.48
N ASN MA 424 -45.88 -24.61 17.50
CA ASN MA 424 -46.96 -25.57 17.38
C ASN MA 424 -48.22 -25.12 18.08
N GLY MA 425 -48.09 -24.41 19.20
CA GLY MA 425 -49.22 -24.01 20.00
C GLY MA 425 -49.24 -24.56 21.40
N VAL MA 426 -48.28 -25.40 21.78
CA VAL MA 426 -48.25 -25.97 23.11
C VAL MA 426 -47.54 -25.06 24.11
N PHE MA 427 -46.40 -24.51 23.74
CA PHE MA 427 -45.65 -23.62 24.61
C PHE MA 427 -45.53 -22.24 24.00
N ALA MA 428 -45.59 -21.24 24.84
CA ALA MA 428 -45.43 -19.86 24.42
C ALA MA 428 -44.47 -19.15 25.35
N PRO MA 429 -43.74 -18.18 24.85
CA PRO MA 429 -42.85 -17.41 25.73
C PRO MA 429 -43.66 -16.70 26.80
N GLY MA 430 -43.04 -16.52 27.95
CA GLY MA 430 -43.69 -15.85 29.05
C GLY MA 430 -42.82 -15.91 30.29
N THR MA 431 -43.23 -15.16 31.30
CA THR MA 431 -42.53 -15.19 32.57
C THR MA 431 -42.67 -16.57 33.20
N TRP MA 432 -41.67 -16.95 33.97
CA TRP MA 432 -41.66 -18.22 34.65
C TRP MA 432 -42.23 -18.06 36.06
N THR MA 433 -43.34 -18.75 36.33
CA THR MA 433 -44.00 -18.62 37.62
C THR MA 433 -43.28 -19.39 38.71
N ARG MA 434 -42.73 -20.56 38.38
CA ARG MA 434 -42.18 -21.41 39.41
C ARG MA 434 -40.89 -20.82 39.97
N SER MA 435 -40.45 -21.37 41.09
CA SER MA 435 -39.21 -20.93 41.70
C SER MA 435 -38.04 -21.83 41.33
N ASP MA 436 -38.27 -23.14 41.35
CA ASP MA 436 -37.22 -24.08 40.97
C ASP MA 436 -36.83 -23.91 39.51
N PHE MA 437 -35.57 -24.17 39.23
CA PHE MA 437 -35.00 -23.87 37.93
C PHE MA 437 -33.69 -24.65 37.79
N PHE MA 438 -32.91 -24.32 36.79
CA PHE MA 438 -31.57 -24.89 36.68
C PHE MA 438 -30.70 -23.98 35.84
N GLY MA 439 -29.40 -24.16 35.99
CA GLY MA 439 -28.42 -23.35 35.29
C GLY MA 439 -28.16 -22.04 36.00
N ASP MA 440 -29.05 -21.07 35.81
CA ASP MA 440 -29.00 -19.82 36.54
C ASP MA 440 -30.27 -19.04 36.24
N ARG MA 441 -30.79 -18.34 37.24
CA ARG MA 441 -32.07 -17.67 37.09
C ARG MA 441 -32.10 -16.80 35.85
N GLN MA 442 -31.03 -16.04 35.62
CA GLN MA 442 -31.11 -15.01 34.59
C GLN MA 442 -31.33 -15.60 33.22
N GLN MA 443 -30.49 -16.55 32.80
CA GLN MA 443 -30.68 -17.14 31.49
C GLN MA 443 -31.98 -17.91 31.42
N PHE MA 444 -32.32 -18.63 32.48
CA PHE MA 444 -33.55 -19.40 32.52
C PHE MA 444 -34.76 -18.54 32.18
N VAL MA 445 -35.02 -17.54 33.03
CA VAL MA 445 -36.19 -16.71 32.83
C VAL MA 445 -36.07 -15.93 31.54
N ASP MA 446 -34.86 -15.52 31.15
CA ASP MA 446 -34.73 -14.76 29.92
C ASP MA 446 -35.16 -15.60 28.73
N ALA MA 447 -34.66 -16.82 28.63
CA ALA MA 447 -35.03 -17.68 27.52
C ALA MA 447 -36.50 -18.01 27.53
N ILE MA 448 -37.06 -18.32 28.70
CA ILE MA 448 -38.48 -18.66 28.75
C ILE MA 448 -39.33 -17.48 28.33
N ALA MA 449 -38.99 -16.27 28.80
CA ALA MA 449 -39.76 -15.10 28.42
C ALA MA 449 -39.57 -14.77 26.95
N GLN MA 450 -38.46 -15.18 26.35
CA GLN MA 450 -38.22 -14.90 24.95
C GLN MA 450 -38.53 -16.10 24.06
N LYS MA 451 -37.89 -17.23 24.29
CA LYS MA 451 -38.06 -18.36 23.39
C LYS MA 451 -39.15 -19.33 23.84
N GLY MA 452 -39.62 -19.23 25.07
CA GLY MA 452 -40.65 -20.13 25.54
C GLY MA 452 -40.15 -21.49 25.97
N TYR MA 453 -38.85 -21.74 25.89
CA TYR MA 453 -38.28 -23.00 26.31
C TYR MA 453 -36.83 -22.75 26.68
N TYR MA 454 -36.25 -23.67 27.44
CA TYR MA 454 -34.83 -23.57 27.75
C TYR MA 454 -34.25 -24.96 27.92
N VAL MA 455 -33.24 -25.27 27.12
CA VAL MA 455 -32.56 -26.55 27.20
C VAL MA 455 -31.15 -26.30 27.68
N LEU MA 456 -30.81 -26.86 28.84
CA LEU MA 456 -29.45 -26.78 29.35
C LEU MA 456 -28.95 -28.18 29.61
N ILE MA 457 -27.85 -28.54 28.97
CA ILE MA 457 -27.29 -29.88 29.03
C ILE MA 457 -26.11 -29.86 29.97
N GLY MA 458 -26.04 -30.87 30.85
CA GLY MA 458 -24.89 -30.98 31.73
C GLY MA 458 -23.61 -31.06 30.95
N ASP MA 459 -22.55 -30.52 31.54
CA ASP MA 459 -21.27 -30.49 30.87
C ASP MA 459 -20.61 -31.85 30.96
N LEU MA 460 -19.84 -32.19 29.94
CA LEU MA 460 -19.08 -33.43 29.98
C LEU MA 460 -18.22 -33.48 31.23
N ALA MA 461 -17.76 -32.33 31.70
CA ALA MA 461 -16.93 -32.32 32.90
C ALA MA 461 -17.66 -32.96 34.07
N ASP MA 462 -18.91 -32.55 34.30
CA ASP MA 462 -19.64 -32.98 35.49
C ASP MA 462 -20.00 -34.45 35.47
N GLN MA 463 -19.63 -35.18 34.42
CA GLN MA 463 -19.95 -36.60 34.31
C GLN MA 463 -18.69 -37.41 34.59
N THR MA 464 -18.80 -38.38 35.50
CA THR MA 464 -17.64 -39.18 35.85
C THR MA 464 -17.28 -40.15 34.74
N THR MA 465 -16.05 -40.64 34.79
CA THR MA 465 -15.60 -41.63 33.82
C THR MA 465 -16.43 -42.90 33.92
N ALA MA 466 -16.99 -43.18 35.10
CA ALA MA 466 -17.72 -44.41 35.31
C ALA MA 466 -18.92 -44.51 34.39
N GLU MA 467 -19.63 -43.41 34.20
CA GLU MA 467 -20.78 -43.42 33.30
C GLU MA 467 -20.43 -42.95 31.90
N ARG MA 468 -19.26 -42.35 31.70
CA ARG MA 468 -18.83 -42.05 30.34
C ARG MA 468 -18.63 -43.33 29.55
N GLN MA 469 -17.91 -44.30 30.14
CA GLN MA 469 -17.76 -45.60 29.50
C GLN MA 469 -19.10 -46.30 29.33
N SER MA 470 -20.11 -45.90 30.10
CA SER MA 470 -21.45 -46.40 29.89
C SER MA 470 -22.08 -45.84 28.62
N ARG MA 471 -21.44 -44.86 27.99
CA ARG MA 471 -21.92 -44.30 26.74
C ARG MA 471 -23.30 -43.67 26.91
N VAL MA 472 -23.41 -42.80 27.90
CA VAL MA 472 -24.64 -42.05 28.15
C VAL MA 472 -24.26 -40.59 28.35
N SER MA 473 -24.93 -39.70 27.62
CA SER MA 473 -24.64 -38.30 27.70
C SER MA 473 -25.02 -37.78 29.08
N PRO MA 474 -24.63 -36.55 29.42
CA PRO MA 474 -25.17 -35.92 30.62
C PRO MA 474 -26.68 -35.81 30.55
N VAL MA 475 -27.28 -35.51 31.69
CA VAL MA 475 -28.73 -35.44 31.79
C VAL MA 475 -29.16 -34.06 31.31
N ILE MA 476 -29.82 -34.00 30.15
CA ILE MA 476 -30.27 -32.72 29.64
C ILE MA 476 -31.48 -32.27 30.44
N GLN MA 477 -31.58 -30.96 30.66
CA GLN MA 477 -32.67 -30.39 31.44
C GLN MA 477 -33.41 -29.41 30.53
N ILE MA 478 -34.66 -29.72 30.21
CA ILE MA 478 -35.44 -28.84 29.36
C ILE MA 478 -36.61 -28.32 30.17
N ALA MA 479 -36.92 -27.05 30.00
CA ALA MA 479 -37.94 -26.36 30.76
C ALA MA 479 -38.87 -25.65 29.81
N VAL MA 480 -40.17 -25.90 29.96
CA VAL MA 480 -41.18 -25.41 29.04
C VAL MA 480 -42.28 -24.71 29.83
N LYS MA 481 -43.01 -23.83 29.16
CA LYS MA 481 -44.13 -23.13 29.73
C LYS MA 481 -45.32 -23.27 28.79
N ASN MA 482 -46.44 -23.76 29.31
CA ASN MA 482 -47.62 -23.97 28.48
C ASN MA 482 -48.15 -22.66 27.95
N ALA MA 483 -48.80 -22.72 26.79
CA ALA MA 483 -49.55 -21.58 26.29
C ALA MA 483 -50.92 -21.55 26.95
N GLY MA 484 -51.33 -20.38 27.40
CA GLY MA 484 -52.62 -20.25 28.06
C GLY MA 484 -53.76 -20.51 27.09
N ALA MA 485 -54.74 -21.25 27.57
CA ALA MA 485 -55.94 -21.57 26.81
C ALA MA 485 -57.12 -20.89 27.47
N VAL MA 486 -57.85 -20.09 26.70
CA VAL MA 486 -59.03 -19.42 27.23
C VAL MA 486 -60.15 -20.45 27.41
N HIS MA 487 -60.73 -20.48 28.59
CA HIS MA 487 -61.82 -21.39 28.92
C HIS MA 487 -62.95 -20.60 29.54
N GLU MA 488 -62.59 -19.59 30.31
CA GLU MA 488 -63.55 -18.73 30.97
C GLU MA 488 -63.44 -17.35 30.35
N GLU MA 489 -64.55 -16.62 30.35
CA GLU MA 489 -64.50 -15.18 30.19
C GLU MA 489 -65.54 -14.57 31.10
N ASP MA 490 -65.14 -13.58 31.86
CA ASP MA 490 -66.02 -12.86 32.76
C ASP MA 490 -65.94 -11.39 32.40
N ILE MA 491 -67.09 -10.77 32.19
CA ILE MA 491 -67.12 -9.38 31.76
C ILE MA 491 -68.35 -8.74 32.37
N ILE MA 492 -68.23 -7.46 32.69
CA ILE MA 492 -69.28 -6.73 33.38
C ILE MA 492 -69.59 -5.48 32.58
N ILE MA 493 -70.88 -5.23 32.36
CA ILE MA 493 -71.33 -4.15 31.48
C ILE MA 493 -72.29 -3.25 32.24
N SER MA 494 -71.94 -1.97 32.34
CA SER MA 494 -72.81 -0.97 32.93
C SER MA 494 -73.55 -0.23 31.83
N VAL MA 495 -74.59 0.51 32.23
CA VAL MA 495 -75.39 1.29 31.30
C VAL MA 495 -75.39 2.75 31.74
N ASN MA 496 -74.62 3.58 31.02
CA ASN MA 496 -74.52 5.00 31.36
C ASN MA 496 -75.85 5.73 31.24
N LEU MA 497 -76.91 5.05 30.83
CA LEU MA 497 -78.26 5.59 30.96
C LEU MA 497 -79.25 4.44 30.97
N MET NA 1 -40.51 -22.49 -78.84
CA MET NA 1 -41.29 -23.57 -78.26
C MET NA 1 -40.48 -24.19 -77.12
N ALA NA 2 -39.55 -23.42 -76.57
CA ALA NA 2 -38.80 -23.87 -75.41
C ALA NA 2 -39.73 -23.97 -74.21
N SER NA 3 -39.25 -24.62 -73.16
CA SER NA 3 -40.12 -25.00 -72.05
C SER NA 3 -39.49 -24.65 -70.71
N ILE NA 4 -40.35 -24.58 -69.69
CA ILE NA 4 -39.90 -24.47 -68.31
C ILE NA 4 -39.01 -25.63 -67.94
N SER NA 5 -39.32 -26.82 -68.46
CA SER NA 5 -38.79 -28.09 -67.94
C SER NA 5 -37.29 -28.21 -68.07
N GLU NA 6 -36.63 -27.14 -68.53
CA GLU NA 6 -35.18 -27.11 -68.59
C GLU NA 6 -34.54 -26.17 -67.59
N VAL NA 7 -35.27 -25.23 -67.01
CA VAL NA 7 -34.68 -24.33 -66.02
C VAL NA 7 -35.33 -24.55 -64.66
N ILE NA 8 -36.60 -24.94 -64.67
CA ILE NA 8 -37.33 -25.28 -63.45
C ILE NA 8 -37.94 -26.65 -63.71
N ARG NA 9 -37.22 -27.71 -63.37
CA ARG NA 9 -37.68 -29.05 -63.69
C ARG NA 9 -38.52 -29.56 -62.53
N VAL NA 10 -39.81 -29.73 -62.79
CA VAL NA 10 -40.78 -30.18 -61.79
C VAL NA 10 -41.36 -31.51 -62.23
N SER NA 11 -41.27 -32.50 -61.34
CA SER NA 11 -41.75 -33.85 -61.64
C SER NA 11 -42.52 -34.38 -60.45
N LEU NA 12 -43.03 -35.60 -60.59
CA LEU NA 12 -43.84 -36.23 -59.56
C LEU NA 12 -43.30 -37.63 -59.26
N GLN NA 13 -43.52 -38.06 -58.02
CA GLN NA 13 -43.29 -39.43 -57.59
C GLN NA 13 -41.86 -39.89 -57.90
N GLN NA 14 -40.92 -39.24 -57.24
CA GLN NA 14 -39.53 -39.65 -57.25
C GLN NA 14 -39.16 -40.16 -55.86
N GLU NA 15 -38.67 -41.39 -55.80
CA GLU NA 15 -38.31 -42.02 -54.54
C GLU NA 15 -36.95 -41.52 -54.09
N GLY NA 16 -36.91 -40.86 -52.93
CA GLY NA 16 -35.64 -40.45 -52.36
C GLY NA 16 -34.76 -41.65 -52.08
N ARG NA 17 -33.51 -41.59 -52.52
CA ARG NA 17 -32.61 -42.72 -52.31
C ARG NA 17 -32.34 -42.91 -50.83
N ALA NA 18 -32.24 -44.17 -50.41
CA ALA NA 18 -32.07 -44.53 -49.01
C ALA NA 18 -30.67 -45.08 -48.79
N ILE NA 19 -30.06 -44.71 -47.67
CA ILE NA 19 -28.73 -45.16 -47.32
C ILE NA 19 -28.77 -45.80 -45.94
N ALA NA 20 -27.92 -46.79 -45.73
CA ALA NA 20 -27.88 -47.49 -44.46
C ALA NA 20 -27.47 -46.53 -43.36
N PRO NA 21 -28.29 -46.31 -42.35
CA PRO NA 21 -27.97 -45.33 -41.31
C PRO NA 21 -27.32 -45.97 -40.10
N ASP NA 22 -26.67 -45.13 -39.32
CA ASP NA 22 -26.23 -45.49 -37.99
C ASP NA 22 -27.40 -45.55 -37.01
N ASN NA 23 -28.58 -45.12 -37.44
CA ASN NA 23 -29.70 -44.94 -36.55
C ASN NA 23 -30.09 -46.29 -35.95
N MET NA 24 -30.63 -46.24 -34.73
CA MET NA 24 -31.10 -47.47 -34.10
C MET NA 24 -32.19 -48.15 -34.91
N ASN NA 25 -33.10 -47.38 -35.45
CA ASN NA 25 -34.30 -47.93 -36.05
C ASN NA 25 -34.16 -48.05 -37.56
N ALA NA 26 -33.23 -48.91 -37.96
CA ALA NA 26 -33.12 -49.37 -39.34
C ALA NA 26 -33.50 -50.85 -39.30
N VAL NA 27 -34.79 -51.11 -39.37
CA VAL NA 27 -35.32 -52.42 -39.09
C VAL NA 27 -35.28 -53.29 -40.33
N GLY NA 28 -35.43 -54.59 -40.13
CA GLY NA 28 -35.31 -55.55 -41.21
C GLY NA 28 -36.47 -56.51 -41.26
N ILE NA 29 -36.93 -56.78 -42.48
CA ILE NA 29 -37.92 -57.80 -42.75
C ILE NA 29 -37.25 -58.83 -43.63
N ILE NA 30 -37.04 -60.03 -43.11
CA ILE NA 30 -36.31 -61.06 -43.83
C ILE NA 30 -37.31 -61.89 -44.62
N THR NA 31 -37.06 -62.06 -45.91
CA THR NA 31 -37.97 -62.78 -46.77
C THR NA 31 -37.37 -64.10 -47.24
N GLY NA 32 -38.22 -64.93 -47.82
CA GLY NA 32 -37.82 -66.24 -48.27
C GLY NA 32 -38.23 -66.52 -49.70
N ASN NA 33 -38.12 -65.50 -50.56
CA ASN NA 33 -38.46 -65.65 -51.96
C ASN NA 33 -37.26 -65.24 -52.81
N GLN NA 34 -36.63 -66.21 -53.45
CA GLN NA 34 -35.45 -65.94 -54.27
C GLN NA 34 -35.78 -65.26 -55.57
N GLY NA 35 -37.02 -64.79 -55.73
CA GLY NA 35 -37.42 -64.18 -56.99
C GLY NA 35 -36.65 -62.92 -57.34
N VAL NA 36 -36.26 -62.12 -56.35
CA VAL NA 36 -35.62 -60.85 -56.63
C VAL NA 36 -34.29 -60.66 -55.92
N LEU NA 37 -34.01 -61.35 -54.84
CA LEU NA 37 -32.77 -61.14 -54.11
C LEU NA 37 -31.98 -62.43 -54.06
N SER NA 38 -30.68 -62.31 -54.28
CA SER NA 38 -29.76 -63.44 -54.30
C SER NA 38 -28.96 -63.47 -53.02
N THR NA 39 -28.11 -64.50 -52.93
CA THR NA 39 -27.14 -64.54 -51.85
C THR NA 39 -26.27 -63.30 -51.86
N ALA NA 40 -25.73 -62.96 -53.03
CA ALA NA 40 -25.00 -61.72 -53.16
C ALA NA 40 -25.91 -60.53 -52.92
N ASP NA 41 -27.12 -60.57 -53.46
CA ASP NA 41 -28.10 -59.51 -53.29
C ASP NA 41 -28.78 -59.64 -51.92
N ARG NA 42 -27.95 -59.72 -50.89
CA ARG NA 42 -28.40 -60.20 -49.58
C ARG NA 42 -29.47 -59.30 -48.97
N TYR NA 43 -29.55 -58.04 -49.38
CA TYR NA 43 -30.53 -57.14 -48.79
C TYR NA 43 -30.81 -56.01 -49.76
N ARG NA 44 -31.65 -55.08 -49.31
CA ARG NA 44 -31.97 -53.89 -50.08
C ARG NA 44 -32.74 -52.92 -49.21
N ILE NA 45 -32.41 -51.63 -49.29
CA ILE NA 45 -32.88 -50.64 -48.34
C ILE NA 45 -33.89 -49.74 -49.00
N TYR NA 46 -34.98 -49.46 -48.27
CA TYR NA 46 -36.16 -48.81 -48.79
C TYR NA 46 -36.61 -47.72 -47.84
N ARG NA 47 -37.28 -46.71 -48.39
CA ARG NA 47 -37.91 -45.66 -47.60
C ARG NA 47 -39.36 -45.43 -47.99
N THR NA 48 -39.86 -46.11 -49.01
CA THR NA 48 -41.23 -45.88 -49.43
C THR NA 48 -41.85 -47.17 -49.93
N ALA NA 49 -43.05 -47.46 -49.43
CA ALA NA 49 -43.76 -48.66 -49.86
C ALA NA 49 -43.90 -48.69 -51.38
N ALA NA 50 -44.07 -47.53 -52.00
CA ALA NA 50 -44.21 -47.48 -53.46
C ALA NA 50 -43.00 -48.11 -54.13
N ALA NA 51 -41.81 -47.68 -53.75
CA ALA NA 51 -40.60 -48.27 -54.34
C ALA NA 51 -40.50 -49.74 -53.98
N VAL NA 52 -40.93 -50.11 -52.78
CA VAL NA 52 -40.86 -51.51 -52.38
C VAL NA 52 -41.62 -52.37 -53.36
N ALA NA 53 -42.87 -51.98 -53.63
CA ALA NA 53 -43.66 -52.75 -54.58
C ALA NA 53 -43.08 -52.67 -55.98
N SER NA 54 -42.65 -51.48 -56.39
CA SER NA 54 -42.12 -51.33 -57.73
C SER NA 54 -40.85 -52.14 -57.94
N ASP NA 55 -40.23 -52.59 -56.86
CA ASP NA 55 -39.13 -53.52 -57.01
C ASP NA 55 -39.59 -54.97 -56.90
N PHE NA 56 -40.49 -55.27 -55.97
CA PHE NA 56 -40.99 -56.62 -55.80
C PHE NA 56 -42.25 -56.90 -56.57
N GLY NA 57 -43.17 -55.95 -56.66
CA GLY NA 57 -44.49 -56.21 -57.21
C GLY NA 57 -45.54 -56.07 -56.15
N ALA NA 58 -46.55 -55.24 -56.40
CA ALA NA 58 -47.57 -54.97 -55.39
C ALA NA 58 -48.32 -56.22 -54.99
N SER NA 59 -48.23 -57.28 -55.79
CA SER NA 59 -48.85 -58.54 -55.43
C SER NA 59 -47.98 -59.39 -54.52
N SER NA 60 -46.72 -59.01 -54.32
CA SER NA 60 -45.81 -59.84 -53.54
C SER NA 60 -46.15 -59.81 -52.05
N GLN NA 61 -45.82 -60.91 -51.37
CA GLN NA 61 -45.93 -60.93 -49.93
C GLN NA 61 -45.12 -59.79 -49.31
N GLU NA 62 -43.87 -59.66 -49.75
CA GLU NA 62 -43.01 -58.60 -49.24
C GLU NA 62 -43.66 -57.26 -49.42
N SER NA 63 -44.38 -57.08 -50.53
CA SER NA 63 -45.09 -55.83 -50.72
C SER NA 63 -46.12 -55.60 -49.64
N ALA NA 64 -46.90 -56.63 -49.32
CA ALA NA 64 -47.96 -56.47 -48.32
C ALA NA 64 -47.37 -56.17 -46.95
N PHE NA 65 -46.30 -56.87 -46.60
CA PHE NA 65 -45.65 -56.54 -45.33
C PHE NA 65 -45.16 -55.11 -45.35
N ALA NA 66 -44.66 -54.66 -46.50
CA ALA NA 66 -44.21 -53.27 -46.59
C ALA NA 66 -45.36 -52.32 -46.35
N ASN NA 67 -46.51 -52.58 -46.94
CA ASN NA 67 -47.67 -51.71 -46.69
C ASN NA 67 -47.99 -51.68 -45.20
N THR NA 68 -48.15 -52.87 -44.59
CA THR NA 68 -48.52 -52.89 -43.17
C THR NA 68 -47.47 -52.20 -42.33
N PHE NA 69 -46.22 -52.24 -42.76
CA PHE NA 69 -45.18 -51.52 -42.06
C PHE NA 69 -45.35 -50.02 -42.21
N PHE NA 70 -45.56 -49.56 -43.43
CA PHE NA 70 -45.57 -48.15 -43.75
C PHE NA 70 -46.84 -47.44 -43.28
N ASP NA 71 -47.85 -48.17 -42.88
CA ASP NA 71 -49.11 -47.54 -42.49
C ASP NA 71 -49.14 -47.12 -41.03
N THR NA 72 -48.20 -47.58 -40.22
CA THR NA 72 -48.19 -47.20 -38.80
C THR NA 72 -47.83 -45.73 -38.70
N THR NA 73 -48.79 -44.91 -38.25
CA THR NA 73 -48.63 -43.47 -38.40
C THR NA 73 -47.37 -42.92 -37.75
N PRO NA 74 -46.93 -43.35 -36.58
CA PRO NA 74 -45.53 -43.18 -36.24
C PRO NA 74 -44.75 -44.27 -36.95
N ASN NA 75 -44.05 -43.90 -38.00
CA ASN NA 75 -43.32 -44.80 -38.86
C ASN NA 75 -41.84 -44.69 -38.52
N PRO NA 76 -41.10 -45.81 -38.52
CA PRO NA 76 -39.67 -45.73 -38.19
C PRO NA 76 -38.94 -44.70 -39.01
N ILE NA 77 -39.34 -44.53 -40.27
CA ILE NA 77 -38.71 -43.52 -41.11
C ILE NA 77 -38.88 -42.14 -40.52
N SER NA 78 -40.02 -41.90 -39.87
CA SER NA 78 -40.24 -40.60 -39.26
C SER NA 78 -39.16 -40.26 -38.25
N ALA NA 79 -38.49 -41.27 -37.70
CA ALA NA 79 -37.35 -41.04 -36.83
C ALA NA 79 -36.02 -41.27 -37.54
N GLY NA 80 -35.95 -40.92 -38.81
CA GLY NA 80 -34.70 -41.05 -39.54
C GLY NA 80 -34.20 -42.47 -39.65
N GLY NA 81 -35.11 -43.42 -39.89
CA GLY NA 81 -34.76 -44.81 -40.07
C GLY NA 81 -35.17 -45.30 -41.45
N VAL NA 82 -34.78 -46.52 -41.74
CA VAL NA 82 -35.02 -47.11 -43.05
C VAL NA 82 -35.60 -48.50 -42.86
N LEU NA 83 -36.30 -48.97 -43.87
CA LEU NA 83 -36.66 -50.38 -43.90
C LEU NA 83 -35.63 -51.10 -44.74
N VAL NA 84 -35.38 -52.37 -44.42
CA VAL NA 84 -34.57 -53.19 -45.29
C VAL NA 84 -35.29 -54.50 -45.52
N ILE NA 85 -34.94 -55.17 -46.59
CA ILE NA 85 -35.36 -56.54 -46.83
C ILE NA 85 -34.12 -57.38 -47.08
N GLY NA 86 -34.03 -58.51 -46.38
CA GLY NA 86 -32.96 -59.44 -46.54
C GLY NA 86 -33.35 -60.63 -47.38
N TYR NA 87 -32.57 -61.69 -47.25
CA TYR NA 87 -32.86 -62.92 -47.98
C TYR NA 87 -32.08 -64.10 -47.43
N TRP NA 88 -32.78 -65.18 -47.13
CA TRP NA 88 -32.15 -66.41 -46.67
C TRP NA 88 -32.63 -67.53 -47.57
N ARG NA 89 -31.71 -68.42 -47.93
CA ARG NA 89 -31.98 -69.38 -49.00
C ARG NA 89 -32.98 -70.41 -48.51
N SER NA 90 -34.26 -70.03 -48.61
CA SER NA 90 -35.33 -70.96 -48.26
C SER NA 90 -35.31 -72.20 -49.13
N ALA NA 91 -35.11 -72.04 -50.42
CA ALA NA 91 -35.22 -73.12 -51.38
C ALA NA 91 -33.87 -73.33 -52.06
N SER NA 92 -33.87 -74.17 -53.08
CA SER NA 92 -32.66 -74.47 -53.83
C SER NA 92 -32.21 -73.22 -54.55
N GLU NA 93 -31.16 -72.59 -54.02
CA GLU NA 93 -30.62 -71.39 -54.64
C GLU NA 93 -29.88 -71.75 -55.92
N THR NA 94 -30.52 -71.49 -57.05
CA THR NA 94 -29.85 -71.57 -58.35
C THR NA 94 -29.22 -70.22 -58.62
N VAL NA 95 -27.94 -70.21 -58.95
CA VAL NA 95 -27.22 -68.99 -59.26
C VAL NA 95 -26.60 -69.19 -60.64
N ALA NA 96 -27.17 -68.54 -61.64
CA ALA NA 96 -26.66 -68.64 -63.00
C ALA NA 96 -25.28 -68.00 -63.07
N ALA NA 97 -24.34 -68.73 -63.66
CA ALA NA 97 -22.98 -68.23 -63.76
C ALA NA 97 -22.95 -66.96 -64.58
N THR NA 98 -22.24 -65.97 -64.10
CA THR NA 98 -22.12 -64.70 -64.79
C THR NA 98 -20.73 -64.57 -65.40
N SER NA 99 -20.50 -63.42 -66.03
CA SER NA 99 -19.22 -63.16 -66.67
C SER NA 99 -18.28 -62.46 -65.69
N ALA NA 100 -17.00 -62.47 -66.05
CA ALA NA 100 -16.03 -61.69 -65.31
C ALA NA 100 -16.41 -60.22 -65.34
N THR NA 101 -16.23 -59.55 -64.21
CA THR NA 101 -16.71 -58.18 -64.06
C THR NA 101 -15.60 -57.29 -63.54
N LEU NA 102 -15.45 -56.12 -64.16
CA LEU NA 102 -14.44 -55.14 -63.82
C LEU NA 102 -15.10 -53.83 -63.45
N VAL NA 103 -14.69 -53.23 -62.34
CA VAL NA 103 -15.28 -51.99 -61.86
C VAL NA 103 -14.17 -50.98 -61.55
N SER NA 104 -14.44 -49.71 -61.85
CA SER NA 104 -13.58 -48.62 -61.45
C SER NA 104 -13.94 -48.16 -60.05
N GLU NA 105 -12.92 -47.84 -59.26
CA GLU NA 105 -13.22 -47.30 -57.95
C GLU NA 105 -13.71 -45.87 -58.03
N GLN NA 106 -13.20 -45.11 -58.99
CA GLN NA 106 -13.36 -43.65 -59.01
C GLN NA 106 -14.77 -43.23 -59.41
N THR NA 107 -15.65 -43.10 -58.43
CA THR NA 107 -17.02 -42.67 -58.71
C THR NA 107 -17.08 -41.25 -59.24
N SER NA 108 -16.04 -40.44 -59.02
CA SER NA 108 -16.10 -39.03 -59.35
C SER NA 108 -16.19 -38.79 -60.85
N GLU NA 109 -17.36 -38.32 -61.30
CA GLU NA 109 -17.55 -38.00 -62.70
C GLU NA 109 -16.77 -36.74 -63.09
N SER NA 110 -16.82 -35.70 -62.25
CA SER NA 110 -16.29 -34.41 -62.63
C SER NA 110 -14.81 -34.49 -62.96
N VAL NA 111 -14.03 -35.12 -62.09
CA VAL NA 111 -12.58 -35.11 -62.28
C VAL NA 111 -12.18 -35.84 -63.55
N LEU NA 112 -12.97 -36.82 -63.98
CA LEU NA 112 -12.55 -37.65 -65.10
C LEU NA 112 -12.67 -36.93 -66.43
N ILE NA 113 -13.74 -36.13 -66.59
CA ILE NA 113 -14.05 -35.60 -67.91
C ILE NA 113 -12.92 -34.74 -68.51
N PRO NA 114 -12.37 -33.75 -67.78
CA PRO NA 114 -11.33 -32.93 -68.42
C PRO NA 114 -10.12 -33.73 -68.87
N LEU NA 115 -9.68 -34.71 -68.08
CA LEU NA 115 -8.51 -35.49 -68.46
C LEU NA 115 -8.77 -36.23 -69.76
N LEU NA 116 -9.96 -36.80 -69.90
CA LEU NA 116 -10.34 -37.45 -71.14
C LEU NA 116 -10.43 -36.44 -72.28
N ASN NA 117 -10.93 -35.24 -71.99
CA ASN NA 117 -11.09 -34.25 -73.05
C ASN NA 117 -9.75 -33.82 -73.61
N ALA NA 118 -8.76 -33.63 -72.75
CA ALA NA 118 -7.46 -33.19 -73.24
C ALA NA 118 -6.81 -34.25 -74.11
N ILE NA 119 -6.94 -35.52 -73.75
CA ILE NA 119 -6.25 -36.57 -74.48
C ILE NA 119 -6.99 -36.84 -75.79
N ASN NA 120 -6.26 -36.72 -76.89
CA ASN NA 120 -6.86 -36.89 -78.22
C ASN NA 120 -6.89 -38.36 -78.61
N ASP NA 121 -5.73 -38.99 -78.64
CA ASP NA 121 -5.60 -40.42 -78.91
C ASP NA 121 -5.84 -41.19 -77.60
N GLY NA 122 -5.54 -42.48 -77.62
CA GLY NA 122 -5.67 -43.29 -76.43
C GLY NA 122 -4.86 -44.56 -76.57
N SER NA 123 -4.74 -45.28 -75.47
CA SER NA 123 -4.22 -46.63 -75.54
C SER NA 123 -4.77 -47.43 -74.38
N PHE NA 124 -4.93 -48.74 -74.61
CA PHE NA 124 -5.84 -49.52 -73.80
C PHE NA 124 -5.56 -51.00 -74.02
N THR NA 125 -5.27 -51.75 -72.96
CA THR NA 125 -4.88 -53.16 -73.08
C THR NA 125 -5.64 -54.05 -72.11
N ILE NA 126 -6.76 -54.60 -72.58
CA ILE NA 126 -7.53 -55.55 -71.79
C ILE NA 126 -7.24 -56.95 -72.30
N THR NA 127 -7.60 -57.95 -71.50
CA THR NA 127 -7.51 -59.34 -71.90
C THR NA 127 -8.81 -60.03 -71.52
N VAL NA 128 -9.67 -60.29 -72.51
CA VAL NA 128 -10.79 -61.19 -72.29
C VAL NA 128 -10.33 -62.61 -72.03
N ASP NA 129 -9.04 -62.88 -72.27
CA ASP NA 129 -8.41 -64.17 -72.04
C ASP NA 129 -9.04 -65.23 -72.94
N GLY NA 130 -9.93 -64.81 -73.83
CA GLY NA 130 -10.53 -65.67 -74.82
C GLY NA 130 -9.67 -65.89 -76.04
N GLY NA 131 -8.42 -65.48 -75.96
CA GLY NA 131 -7.50 -65.62 -77.07
C GLY NA 131 -6.47 -64.51 -77.05
N THR NA 132 -6.30 -63.86 -78.19
CA THR NA 132 -5.34 -62.76 -78.30
C THR NA 132 -5.68 -61.67 -77.30
N GLU NA 133 -4.68 -61.25 -76.53
CA GLU NA 133 -4.86 -60.10 -75.66
C GLU NA 133 -5.16 -58.86 -76.49
N GLN NA 134 -6.06 -58.02 -75.98
CA GLN NA 134 -6.49 -56.86 -76.74
C GLN NA 134 -5.40 -55.79 -76.78
N GLU NA 135 -5.35 -55.09 -77.90
CA GLU NA 135 -4.50 -53.91 -78.09
C GLU NA 135 -5.40 -52.82 -78.65
N VAL NA 136 -5.82 -51.89 -77.81
CA VAL NA 136 -6.86 -50.92 -78.15
C VAL NA 136 -6.26 -49.53 -78.06
N THR NA 137 -6.25 -48.80 -79.17
CA THR NA 137 -5.60 -47.50 -79.24
C THR NA 137 -6.54 -46.38 -79.64
N ALA NA 138 -7.32 -46.55 -80.70
CA ALA NA 138 -8.02 -45.43 -81.33
C ALA NA 138 -9.14 -44.97 -80.39
N LEU NA 139 -8.75 -44.21 -79.38
CA LEU NA 139 -9.66 -43.71 -78.37
C LEU NA 139 -9.67 -42.19 -78.41
N ASP NA 140 -10.85 -41.60 -78.59
CA ASP NA 140 -11.02 -40.17 -78.49
C ASP NA 140 -12.12 -39.87 -77.49
N PHE NA 141 -11.89 -38.88 -76.63
CA PHE NA 141 -12.86 -38.51 -75.61
C PHE NA 141 -13.21 -37.04 -75.69
N THR NA 142 -12.83 -36.37 -76.78
CA THR NA 142 -13.00 -34.93 -76.87
C THR NA 142 -14.47 -34.53 -76.86
N GLY NA 143 -15.32 -35.37 -77.42
CA GLY NA 143 -16.74 -35.04 -77.53
C GLY NA 143 -17.56 -35.55 -76.38
N VAL NA 144 -16.92 -35.89 -75.27
CA VAL NA 144 -17.60 -36.49 -74.14
C VAL NA 144 -17.89 -35.43 -73.10
N SER NA 145 -19.15 -35.37 -72.67
CA SER NA 145 -19.51 -34.57 -71.51
C SER NA 145 -20.00 -35.42 -70.35
N GLU NA 146 -20.29 -36.69 -70.57
CA GLU NA 146 -20.86 -37.53 -69.53
C GLU NA 146 -20.24 -38.91 -69.56
N LEU NA 147 -20.27 -39.57 -68.40
CA LEU NA 147 -19.62 -40.87 -68.28
C LEU NA 147 -20.20 -41.89 -69.24
N SER NA 148 -21.49 -41.78 -69.56
CA SER NA 148 -22.10 -42.73 -70.48
C SER NA 148 -21.38 -42.70 -71.83
N GLU NA 149 -20.87 -41.54 -72.23
CA GLU NA 149 -20.24 -41.45 -73.54
C GLU NA 149 -18.92 -42.19 -73.57
N VAL NA 150 -18.07 -41.98 -72.56
CA VAL NA 150 -16.82 -42.73 -72.51
C VAL NA 150 -17.12 -44.22 -72.37
N ALA NA 151 -18.18 -44.54 -71.64
CA ALA NA 151 -18.59 -45.93 -71.54
C ALA NA 151 -18.87 -46.50 -72.92
N THR NA 152 -19.71 -45.82 -73.70
CA THR NA 152 -20.08 -46.35 -75.01
C THR NA 152 -18.88 -46.42 -75.94
N ILE NA 153 -17.97 -45.46 -75.84
CA ILE NA 153 -16.74 -45.51 -76.63
C ILE NA 153 -15.94 -46.76 -76.27
N LEU NA 154 -15.82 -47.04 -74.98
CA LEU NA 154 -15.14 -48.26 -74.58
C LEU NA 154 -15.85 -49.48 -75.11
N ASN NA 155 -17.18 -49.49 -75.07
CA ASN NA 155 -17.94 -50.61 -75.61
C ASN NA 155 -17.56 -50.86 -77.05
N SER NA 156 -17.59 -49.82 -77.87
CA SER NA 156 -17.15 -49.98 -79.25
C SER NA 156 -15.66 -50.30 -79.34
N ALA NA 157 -14.92 -50.14 -78.25
CA ALA NA 157 -13.48 -50.40 -78.28
C ALA NA 157 -13.12 -51.83 -77.90
N ILE NA 158 -13.90 -52.49 -77.05
CA ILE NA 158 -13.59 -53.83 -76.57
C ILE NA 158 -14.51 -54.84 -77.22
N THR NA 159 -13.92 -55.82 -77.89
CA THR NA 159 -14.69 -56.90 -78.47
C THR NA 159 -15.14 -57.85 -77.38
N GLY NA 160 -16.29 -58.49 -77.62
CA GLY NA 160 -16.77 -59.55 -76.76
C GLY NA 160 -17.04 -59.13 -75.33
N ALA NA 161 -17.09 -57.83 -75.07
CA ALA NA 161 -17.31 -57.35 -73.71
C ALA NA 161 -18.04 -56.03 -73.76
N THR NA 162 -19.19 -55.99 -73.11
CA THR NA 162 -19.97 -54.78 -72.98
C THR NA 162 -19.52 -54.00 -71.76
N VAL NA 163 -19.44 -52.68 -71.92
CA VAL NA 163 -19.08 -51.81 -70.82
C VAL NA 163 -20.25 -50.88 -70.59
N SER NA 164 -20.29 -50.27 -69.40
CA SER NA 164 -21.40 -49.41 -69.04
C SER NA 164 -21.00 -48.61 -67.81
N GLU NA 165 -21.85 -47.66 -67.44
CA GLU NA 165 -21.66 -46.85 -66.24
C GLU NA 165 -22.85 -47.00 -65.32
N ASP NA 166 -22.55 -47.30 -64.06
CA ASP NA 166 -23.55 -47.38 -62.98
C ASP NA 166 -23.01 -46.56 -61.80
N ASN NA 167 -23.56 -45.35 -61.61
CA ASN NA 167 -23.34 -44.58 -60.39
C ASN NA 167 -21.86 -44.37 -60.11
N GLY NA 168 -21.17 -43.78 -61.09
CA GLY NA 168 -19.75 -43.53 -60.93
C GLY NA 168 -18.88 -44.74 -61.09
N TYR NA 169 -19.46 -45.92 -61.31
CA TYR NA 169 -18.70 -47.15 -61.50
C TYR NA 169 -18.71 -47.52 -62.97
N PHE NA 170 -17.58 -48.02 -63.46
CA PHE NA 170 -17.46 -48.43 -64.84
C PHE NA 170 -17.43 -49.96 -64.88
N LYS NA 171 -18.46 -50.55 -65.45
CA LYS NA 171 -18.60 -52.00 -65.46
C LYS NA 171 -18.16 -52.52 -66.82
N VAL NA 172 -17.24 -53.47 -66.81
CA VAL NA 172 -16.76 -54.13 -68.01
C VAL NA 172 -17.02 -55.62 -67.82
N THR NA 173 -17.82 -56.21 -68.72
CA THR NA 173 -18.22 -57.60 -68.60
C THR NA 173 -18.12 -58.27 -69.96
N SER NA 174 -17.40 -59.38 -70.02
CA SER NA 174 -17.32 -60.12 -71.27
C SER NA 174 -18.66 -60.72 -71.65
N SER NA 175 -18.85 -60.91 -72.96
CA SER NA 175 -20.08 -61.52 -73.43
C SER NA 175 -20.22 -62.95 -72.96
N THR NA 176 -19.13 -63.71 -73.00
CA THR NA 176 -19.17 -65.09 -72.52
C THR NA 176 -19.45 -65.13 -71.03
N THR NA 177 -20.23 -66.12 -70.61
CA THR NA 177 -20.52 -66.35 -69.20
C THR NA 177 -20.02 -67.72 -68.77
N GLY NA 178 -19.40 -67.76 -67.60
CA GLY NA 178 -18.90 -69.01 -67.08
C GLY NA 178 -17.46 -69.27 -67.45
N ALA NA 179 -16.57 -69.26 -66.46
CA ALA NA 179 -15.17 -69.64 -66.64
C ALA NA 179 -14.50 -68.87 -67.78
N THR NA 180 -14.76 -67.57 -67.84
CA THR NA 180 -14.05 -66.68 -68.74
C THR NA 180 -13.54 -65.50 -67.91
N SER NA 181 -12.26 -65.20 -68.06
CA SER NA 181 -11.58 -64.29 -67.14
C SER NA 181 -11.22 -63.00 -67.86
N LEU NA 182 -11.57 -61.88 -67.24
CA LEU NA 182 -11.02 -60.58 -67.63
C LEU NA 182 -9.96 -60.17 -66.61
N LEU NA 183 -8.82 -60.84 -66.68
CA LEU NA 183 -7.77 -60.63 -65.69
C LEU NA 183 -7.21 -59.21 -65.75
N SER NA 184 -6.95 -58.70 -66.95
CA SER NA 184 -6.16 -57.49 -67.09
C SER NA 184 -6.84 -56.30 -66.46
N TYR NA 185 -6.03 -55.46 -65.83
CA TYR NA 185 -6.46 -54.20 -65.23
C TYR NA 185 -6.18 -53.05 -66.18
N LEU NA 186 -6.42 -53.27 -67.47
CA LEU NA 186 -6.37 -52.36 -68.58
C LEU NA 186 -4.94 -52.11 -69.06
N GLY NA 187 -3.94 -52.57 -68.32
CA GLY NA 187 -2.54 -52.48 -68.70
C GLY NA 187 -2.11 -51.17 -69.33
N VAL NA 188 -1.14 -51.24 -70.24
CA VAL NA 188 -0.68 -50.09 -71.00
C VAL NA 188 -0.28 -50.61 -72.38
N ALA NA 189 -0.68 -49.89 -73.42
CA ALA NA 189 -0.23 -50.18 -74.78
C ALA NA 189 0.92 -49.25 -75.12
N THR NA 190 1.95 -49.81 -75.76
CA THR NA 190 3.05 -48.98 -76.23
C THR NA 190 2.66 -48.13 -77.42
N SER NA 191 1.47 -48.32 -77.98
CA SER NA 191 1.07 -47.68 -79.21
C SER NA 191 0.19 -46.44 -79.01
N GLY NA 192 0.18 -45.85 -77.82
CA GLY NA 192 -0.62 -44.66 -77.63
C GLY NA 192 -0.50 -44.14 -76.22
N THR NA 193 -1.26 -43.08 -75.96
CA THR NA 193 -1.33 -42.49 -74.63
C THR NA 193 -2.42 -43.19 -73.82
N ASP NA 194 -2.04 -43.75 -72.68
CA ASP NA 194 -2.94 -44.62 -71.93
C ASP NA 194 -4.12 -43.85 -71.37
N ILE NA 195 -5.22 -44.59 -71.18
CA ILE NA 195 -6.33 -44.13 -70.35
C ILE NA 195 -6.39 -44.90 -69.05
N SER NA 196 -5.63 -46.00 -68.92
CA SER NA 196 -5.79 -46.89 -67.79
C SER NA 196 -5.57 -46.16 -66.47
N ALA NA 197 -4.47 -45.44 -66.34
CA ALA NA 197 -4.15 -44.80 -65.07
C ALA NA 197 -5.25 -43.83 -64.66
N VAL NA 198 -5.63 -42.93 -65.57
CA VAL NA 198 -6.68 -41.99 -65.23
C VAL NA 198 -8.02 -42.70 -65.07
N LEU NA 199 -8.19 -43.87 -65.69
CA LEU NA 199 -9.46 -44.56 -65.56
C LEU NA 199 -9.64 -45.17 -64.18
N GLY NA 200 -8.58 -45.31 -63.41
CA GLY NA 200 -8.72 -45.82 -62.06
C GLY NA 200 -8.92 -47.31 -61.93
N MET NA 201 -8.67 -48.08 -62.99
CA MET NA 201 -8.76 -49.54 -62.93
C MET NA 201 -7.42 -50.20 -63.26
N ASN NA 202 -6.34 -49.70 -62.67
CA ASN NA 202 -5.03 -50.31 -62.81
C ASN NA 202 -4.84 -51.41 -61.79
N SER NA 203 -3.80 -52.22 -62.00
CA SER NA 203 -3.46 -53.26 -61.04
C SER NA 203 -3.15 -52.66 -59.68
N GLU NA 204 -2.35 -51.60 -59.66
CA GLU NA 204 -2.11 -50.89 -58.42
C GLU NA 204 -3.39 -50.24 -57.90
N SER NA 205 -4.18 -49.67 -58.80
CA SER NA 205 -5.42 -49.03 -58.39
C SER NA 205 -6.37 -50.05 -57.79
N GLY NA 206 -7.05 -49.66 -56.72
CA GLY NA 206 -8.05 -50.51 -56.13
C GLY NA 206 -9.18 -50.77 -57.09
N ALA NA 207 -9.46 -52.04 -57.37
CA ALA NA 207 -10.52 -52.39 -58.30
C ALA NA 207 -10.98 -53.81 -58.02
N VAL NA 208 -12.29 -53.98 -57.94
CA VAL NA 208 -12.88 -55.29 -57.76
C VAL NA 208 -12.98 -55.96 -59.11
N LEU NA 209 -12.48 -57.18 -59.21
CA LEU NA 209 -12.51 -57.93 -60.47
C LEU NA 209 -12.99 -59.33 -60.14
N THR NA 210 -14.30 -59.53 -60.20
CA THR NA 210 -14.91 -60.83 -59.91
C THR NA 210 -14.74 -61.69 -61.15
N GLN NA 211 -13.73 -62.56 -61.13
CA GLN NA 211 -13.51 -63.43 -62.28
C GLN NA 211 -14.73 -64.30 -62.51
N GLY NA 212 -15.02 -64.58 -63.77
CA GLY NA 212 -16.17 -65.38 -64.11
C GLY NA 212 -16.17 -66.72 -63.41
N THR NA 213 -17.29 -67.06 -62.76
CA THR NA 213 -17.39 -68.35 -62.09
C THR NA 213 -17.36 -69.48 -63.13
N ASP NA 214 -17.08 -70.68 -62.64
CA ASP NA 214 -17.06 -71.84 -63.54
C ASP NA 214 -18.44 -72.06 -64.16
N GLN NA 215 -19.43 -72.38 -63.32
CA GLN NA 215 -20.76 -72.73 -63.80
C GLN NA 215 -21.78 -72.25 -62.78
N VAL NA 216 -23.05 -72.56 -63.03
CA VAL NA 216 -24.12 -72.21 -62.10
C VAL NA 216 -23.89 -72.93 -60.79
N VAL NA 217 -24.12 -72.23 -59.69
CA VAL NA 217 -23.86 -72.80 -58.37
C VAL NA 217 -25.18 -72.93 -57.62
N LEU NA 218 -25.26 -73.96 -56.78
CA LEU NA 218 -26.47 -74.29 -56.04
C LEU NA 218 -26.15 -74.29 -54.55
N PRO NA 219 -26.15 -73.12 -53.91
CA PRO NA 219 -26.02 -73.09 -52.45
C PRO NA 219 -27.11 -73.92 -51.80
N ALA NA 220 -26.73 -74.75 -50.85
CA ALA NA 220 -27.72 -75.52 -50.14
C ALA NA 220 -28.61 -74.58 -49.33
N GLU NA 221 -29.82 -75.04 -49.05
CA GLU NA 221 -30.74 -74.24 -48.26
C GLU NA 221 -30.16 -73.99 -46.88
N THR NA 222 -29.95 -72.71 -46.57
CA THR NA 222 -29.49 -72.34 -45.24
C THR NA 222 -30.64 -72.45 -44.25
N LYS NA 223 -30.33 -72.18 -42.99
CA LYS NA 223 -31.33 -72.10 -41.94
C LYS NA 223 -31.68 -70.64 -41.67
N LEU NA 224 -32.79 -70.44 -40.97
CA LEU NA 224 -33.11 -69.09 -40.51
C LEU NA 224 -31.99 -68.53 -39.66
N GLU NA 225 -31.19 -69.39 -39.04
CA GLU NA 225 -29.96 -68.96 -38.40
C GLU NA 225 -29.04 -68.24 -39.37
N GLY NA 226 -29.15 -68.52 -40.67
CA GLY NA 226 -28.41 -67.80 -41.68
C GLY NA 226 -28.65 -66.31 -41.64
N ILE NA 227 -29.59 -65.86 -40.80
CA ILE NA 227 -29.73 -64.43 -40.51
C ILE NA 227 -28.41 -63.82 -40.06
N THR NA 228 -27.47 -64.65 -39.60
CA THR NA 228 -26.16 -64.13 -39.27
C THR NA 228 -25.58 -63.33 -40.42
N ALA NA 229 -25.83 -63.78 -41.65
CA ALA NA 229 -25.32 -63.06 -42.81
C ALA NA 229 -25.90 -61.64 -42.89
N ILE NA 230 -27.20 -61.50 -42.60
CA ILE NA 230 -27.85 -60.21 -42.83
C ILE NA 230 -27.22 -59.13 -41.97
N LYS NA 231 -27.15 -59.38 -40.66
CA LYS NA 231 -26.47 -58.43 -39.79
C LYS NA 231 -25.00 -58.29 -40.17
N SER NA 232 -24.44 -59.34 -40.78
CA SER NA 232 -23.06 -59.27 -41.26
C SER NA 232 -22.87 -58.16 -42.27
N GLU NA 233 -23.93 -57.70 -42.94
CA GLU NA 233 -23.77 -56.77 -44.04
C GLU NA 233 -24.61 -55.51 -43.95
N VAL NA 234 -25.54 -55.39 -43.01
CA VAL NA 234 -26.43 -54.24 -43.08
C VAL NA 234 -26.46 -53.48 -41.76
N ASN NA 235 -26.17 -54.17 -40.66
CA ASN NA 235 -26.29 -53.59 -39.32
C ASN NA 235 -27.71 -53.11 -39.06
N ILE NA 236 -28.68 -53.98 -39.33
CA ILE NA 236 -30.06 -53.74 -38.93
C ILE NA 236 -30.13 -53.88 -37.43
N LYS NA 237 -31.26 -53.48 -36.85
CA LYS NA 237 -31.47 -53.66 -35.42
C LYS NA 237 -32.79 -54.32 -35.08
N GLY NA 238 -33.77 -54.34 -35.98
CA GLY NA 238 -35.01 -55.03 -35.74
C GLY NA 238 -35.34 -55.95 -36.89
N ALA NA 239 -35.40 -57.24 -36.61
CA ALA NA 239 -35.49 -58.25 -37.66
C ALA NA 239 -36.81 -59.00 -37.58
N MET NA 240 -37.15 -59.62 -38.69
CA MET NA 240 -38.38 -60.39 -38.81
C MET NA 240 -38.09 -61.69 -39.54
N PHE NA 241 -39.15 -62.44 -39.79
CA PHE NA 241 -39.12 -63.53 -40.75
C PHE NA 241 -40.51 -63.68 -41.33
N ILE NA 242 -40.57 -63.80 -42.66
CA ILE NA 242 -41.85 -64.01 -43.31
C ILE NA 242 -42.51 -65.26 -42.76
N ASP NA 243 -41.77 -66.35 -42.72
CA ASP NA 243 -42.30 -67.60 -42.22
C ASP NA 243 -42.38 -67.55 -40.70
N GLN NA 244 -43.08 -68.52 -40.13
CA GLN NA 244 -43.02 -68.71 -38.69
C GLN NA 244 -41.72 -69.43 -38.35
N ILE NA 245 -41.10 -69.03 -37.26
CA ILE NA 245 -39.85 -69.67 -36.85
C ILE NA 245 -40.21 -70.98 -36.17
N LEU NA 246 -39.67 -72.08 -36.69
CA LEU NA 246 -39.95 -73.38 -36.09
C LEU NA 246 -39.37 -73.43 -34.68
N ASP NA 247 -40.02 -74.23 -33.82
CA ASP NA 247 -39.71 -74.16 -32.40
C ASP NA 247 -38.26 -74.52 -32.11
N ALA NA 248 -37.75 -75.56 -32.75
CA ALA NA 248 -36.39 -75.99 -32.47
C ALA NA 248 -35.38 -74.88 -32.75
N ASP NA 249 -35.69 -74.00 -33.69
CA ASP NA 249 -34.80 -72.88 -33.99
C ASP NA 249 -34.99 -71.71 -33.02
N ILE NA 250 -36.07 -71.71 -32.25
CA ILE NA 250 -36.35 -70.55 -31.39
C ILE NA 250 -35.22 -70.26 -30.43
N PRO NA 251 -34.72 -71.21 -29.63
CA PRO NA 251 -33.61 -70.87 -28.74
C PRO NA 251 -32.39 -70.39 -29.48
N GLY NA 252 -32.12 -70.96 -30.66
CA GLY NA 252 -30.95 -70.54 -31.42
C GLY NA 252 -31.06 -69.09 -31.85
N ILE NA 253 -32.20 -68.71 -32.42
CA ILE NA 253 -32.36 -67.34 -32.87
C ILE NA 253 -32.44 -66.39 -31.68
N ALA NA 254 -32.99 -66.86 -30.56
CA ALA NA 254 -33.01 -66.03 -29.37
C ALA NA 254 -31.60 -65.71 -28.90
N SER NA 255 -30.75 -66.75 -28.80
CA SER NA 255 -29.36 -66.52 -28.43
C SER NA 255 -28.69 -65.60 -29.43
N PHE NA 256 -28.99 -65.77 -30.71
CA PHE NA 256 -28.40 -64.88 -31.70
C PHE NA 256 -28.82 -63.45 -31.44
N ALA NA 257 -30.09 -63.23 -31.11
CA ALA NA 257 -30.55 -61.88 -30.83
C ALA NA 257 -29.81 -61.32 -29.64
N GLY NA 258 -29.63 -62.13 -28.60
CA GLY NA 258 -28.93 -61.65 -27.42
C GLY NA 258 -27.49 -61.30 -27.70
N ALA NA 259 -26.84 -62.04 -28.59
CA ALA NA 259 -25.42 -61.84 -28.81
C ALA NA 259 -25.16 -60.72 -29.81
N ASN NA 260 -25.91 -60.68 -30.91
CA ASN NA 260 -25.67 -59.72 -31.96
C ASN NA 260 -26.37 -58.39 -31.71
N ASN NA 261 -26.96 -58.22 -30.54
CA ASN NA 261 -27.37 -56.91 -30.07
C ASN NA 261 -28.43 -56.29 -30.98
N MET NA 262 -29.54 -57.00 -31.15
CA MET NA 262 -30.67 -56.48 -31.89
C MET NA 262 -31.94 -57.11 -31.34
N LEU NA 263 -33.07 -56.69 -31.87
CA LEU NA 263 -34.35 -57.26 -31.51
C LEU NA 263 -34.81 -58.21 -32.60
N VAL NA 264 -35.70 -59.12 -32.23
CA VAL NA 264 -36.33 -60.02 -33.18
C VAL NA 264 -37.77 -60.20 -32.73
N TYR NA 265 -38.71 -59.65 -33.49
CA TYR NA 265 -40.12 -59.77 -33.15
C TYR NA 265 -40.67 -61.03 -33.80
N GLU NA 266 -41.46 -61.78 -33.05
CA GLU NA 266 -42.06 -63.01 -33.55
C GLU NA 266 -43.44 -63.17 -32.97
N VAL NA 267 -44.32 -63.80 -33.73
CA VAL NA 267 -45.69 -64.00 -33.30
C VAL NA 267 -45.91 -65.49 -33.07
N PHE NA 268 -46.97 -65.80 -32.33
CA PHE NA 268 -47.36 -67.18 -32.11
C PHE NA 268 -48.87 -67.23 -31.99
N ASP NA 269 -49.43 -68.37 -32.35
CA ASP NA 269 -50.85 -68.59 -32.18
C ASP NA 269 -51.16 -68.97 -30.73
N THR NA 270 -52.43 -69.22 -30.45
CA THR NA 270 -52.84 -69.47 -29.07
C THR NA 270 -52.27 -70.77 -28.52
N GLY NA 271 -51.77 -71.66 -29.40
CA GLY NA 271 -51.23 -72.91 -28.92
C GLY NA 271 -50.08 -72.74 -27.94
N TYR NA 272 -49.26 -71.72 -28.14
CA TYR NA 272 -48.11 -71.46 -27.28
C TYR NA 272 -48.47 -70.70 -26.03
N LEU NA 273 -49.73 -70.72 -25.60
CA LEU NA 273 -50.16 -69.98 -24.41
C LEU NA 273 -50.05 -70.92 -23.22
N SER NA 274 -48.88 -70.93 -22.59
CA SER NA 274 -48.70 -71.78 -21.43
C SER NA 274 -47.51 -71.30 -20.63
N LYS NA 275 -47.39 -71.84 -19.42
CA LYS NA 275 -46.20 -71.69 -18.61
C LYS NA 275 -45.29 -72.90 -18.71
N ASN NA 276 -45.51 -73.73 -19.71
CA ASN NA 276 -44.77 -74.98 -19.86
C ASN NA 276 -43.40 -74.73 -20.48
N VAL NA 277 -42.43 -75.54 -20.07
CA VAL NA 277 -41.11 -75.49 -20.69
C VAL NA 277 -41.19 -75.89 -22.15
N SER NA 278 -41.98 -76.90 -22.46
CA SER NA 278 -42.13 -77.31 -23.84
C SER NA 278 -42.59 -76.16 -24.72
N ASN NA 279 -43.31 -75.22 -24.14
CA ASN NA 279 -43.71 -74.03 -24.87
C ASN NA 279 -42.49 -73.15 -25.09
N PRO NA 280 -42.07 -72.91 -26.33
CA PRO NA 280 -40.82 -72.16 -26.54
C PRO NA 280 -40.79 -70.77 -25.95
N VAL NA 281 -41.93 -70.07 -25.94
CA VAL NA 281 -41.91 -68.69 -25.48
C VAL NA 281 -41.63 -68.63 -23.99
N TRP NA 282 -42.26 -69.52 -23.22
CA TRP NA 282 -41.93 -69.58 -21.80
C TRP NA 282 -40.48 -69.97 -21.59
N ALA NA 283 -39.93 -70.79 -22.49
CA ALA NA 283 -38.51 -71.08 -22.42
C ALA NA 283 -37.71 -69.82 -22.59
N VAL NA 284 -38.11 -68.96 -23.53
CA VAL NA 284 -37.41 -67.70 -23.72
C VAL NA 284 -37.47 -66.88 -22.45
N LYS NA 285 -38.64 -66.82 -21.83
CA LYS NA 285 -38.78 -66.03 -20.61
C LYS NA 285 -37.85 -66.54 -19.53
N LEU NA 286 -37.90 -67.86 -19.26
CA LEU NA 286 -37.07 -68.39 -18.18
C LEU NA 286 -35.60 -68.26 -18.51
N ALA NA 287 -35.25 -68.19 -19.78
CA ALA NA 287 -33.86 -68.06 -20.16
C ALA NA 287 -33.36 -66.62 -20.15
N GLY NA 288 -34.26 -65.65 -20.02
CA GLY NA 288 -33.81 -64.27 -20.06
C GLY NA 288 -33.41 -63.79 -21.42
N GLN NA 289 -33.86 -64.46 -22.47
CA GLN NA 289 -33.55 -64.06 -23.84
C GLN NA 289 -34.43 -62.87 -24.22
N SER NA 290 -34.24 -61.77 -23.49
CA SER NA 290 -35.18 -60.67 -23.53
C SER NA 290 -35.22 -59.97 -24.87
N ASN NA 291 -34.25 -60.20 -25.74
CA ASN NA 291 -34.29 -59.53 -27.03
C ASN NA 291 -35.18 -60.22 -28.02
N PHE NA 292 -35.70 -61.40 -27.69
CA PHE NA 292 -36.53 -62.17 -28.63
C PHE NA 292 -38.00 -61.90 -28.33
N ARG NA 293 -38.52 -60.81 -28.87
CA ARG NA 293 -39.86 -60.43 -28.42
C ARG NA 293 -40.91 -61.33 -29.02
N CYS NA 294 -41.81 -61.81 -28.16
CA CYS NA 294 -42.84 -62.77 -28.53
C CYS NA 294 -44.20 -62.09 -28.55
N LEU NA 295 -44.98 -62.39 -29.59
CA LEU NA 295 -46.23 -61.70 -29.87
C LEU NA 295 -47.32 -62.75 -30.09
N LEU NA 296 -48.57 -62.33 -29.95
CA LEU NA 296 -49.69 -63.24 -30.05
C LEU NA 296 -50.63 -62.82 -31.16
N SER NA 297 -51.11 -63.80 -31.93
CA SER NA 297 -52.15 -63.58 -32.92
C SER NA 297 -52.91 -64.88 -33.09
N LYS NA 298 -54.19 -64.89 -32.72
CA LYS NA 298 -54.98 -66.10 -32.88
C LYS NA 298 -55.01 -66.53 -34.33
N SER NA 299 -55.15 -65.56 -35.24
CA SER NA 299 -55.02 -65.85 -36.66
C SER NA 299 -53.61 -66.23 -37.05
N GLY NA 300 -52.63 -66.00 -36.17
CA GLY NA 300 -51.25 -66.13 -36.60
C GLY NA 300 -50.88 -65.08 -37.62
N ASN NA 301 -51.37 -63.87 -37.44
CA ASN NA 301 -51.17 -62.80 -38.42
C ASN NA 301 -49.74 -62.33 -38.36
N ARG NA 302 -48.90 -62.85 -39.26
CA ARG NA 302 -47.51 -62.43 -39.29
C ARG NA 302 -47.37 -60.94 -39.55
N LYS NA 303 -48.32 -60.35 -40.28
CA LYS NA 303 -48.29 -58.92 -40.50
C LYS NA 303 -48.29 -58.17 -39.18
N PHE NA 304 -48.82 -58.79 -38.12
CA PHE NA 304 -48.86 -58.12 -36.83
C PHE NA 304 -47.45 -57.81 -36.33
N ALA NA 305 -46.47 -58.61 -36.74
CA ALA NA 305 -45.10 -58.27 -36.40
C ALA NA 305 -44.70 -56.94 -37.03
N ALA NA 306 -45.05 -56.74 -38.29
CA ALA NA 306 -44.62 -55.54 -39.02
C ALA NA 306 -45.07 -54.28 -38.29
N THR NA 307 -46.38 -54.11 -38.17
CA THR NA 307 -46.89 -52.94 -37.47
C THR NA 307 -46.34 -52.85 -36.07
N TYR NA 308 -45.94 -53.98 -35.48
CA TYR NA 308 -45.27 -53.92 -34.19
C TYR NA 308 -43.87 -53.34 -34.34
N MET NA 309 -43.06 -53.97 -35.19
CA MET NA 309 -41.72 -53.45 -35.43
C MET NA 309 -41.78 -52.01 -35.88
N ALA NA 310 -42.78 -51.67 -36.68
CA ALA NA 310 -42.89 -50.31 -37.19
C ALA NA 310 -43.37 -49.33 -36.13
N ARG NA 311 -43.87 -49.81 -35.00
CA ARG NA 311 -44.34 -48.90 -33.95
C ARG NA 311 -43.33 -48.72 -32.83
N MET NA 312 -42.58 -49.75 -32.48
CA MET NA 312 -41.59 -49.59 -31.42
C MET NA 312 -40.48 -48.63 -31.82
N HIS NA 313 -39.97 -48.76 -33.03
CA HIS NA 313 -38.67 -48.19 -33.33
C HIS NA 313 -38.73 -46.70 -33.64
N THR NA 314 -39.91 -46.10 -33.65
CA THR NA 314 -40.05 -44.68 -33.97
C THR NA 314 -39.67 -43.88 -32.74
N VAL NA 315 -38.39 -43.53 -32.69
CA VAL NA 315 -37.84 -42.76 -31.59
C VAL NA 315 -36.49 -42.22 -32.02
N LEU NA 316 -36.19 -40.99 -31.61
CA LEU NA 316 -35.06 -40.28 -32.17
C LEU NA 316 -33.83 -40.27 -31.27
N PHE NA 317 -34.01 -40.40 -29.97
CA PHE NA 317 -32.91 -40.46 -29.01
C PHE NA 317 -32.06 -39.19 -29.04
N SER NA 318 -32.66 -38.08 -29.44
CA SER NA 318 -32.02 -36.80 -29.26
C SER NA 318 -32.97 -35.72 -28.79
N GLY NA 319 -34.27 -35.93 -28.87
CA GLY NA 319 -35.23 -34.94 -28.45
C GLY NA 319 -35.39 -34.92 -26.95
N GLN NA 320 -36.27 -34.05 -26.49
CA GLN NA 320 -36.45 -33.89 -25.05
C GLN NA 320 -36.98 -35.15 -24.41
N ASN NA 321 -38.20 -35.53 -24.73
CA ASN NA 321 -38.81 -36.74 -24.17
C ASN NA 321 -39.34 -37.58 -25.31
N THR NA 322 -38.71 -38.72 -25.56
CA THR NA 322 -39.10 -39.51 -26.70
C THR NA 322 -39.18 -41.00 -26.40
N ALA NA 323 -38.73 -41.45 -25.24
CA ALA NA 323 -38.80 -42.87 -24.91
C ALA NA 323 -40.25 -43.28 -24.74
N ILE NA 324 -40.76 -44.05 -25.67
CA ILE NA 324 -42.15 -44.47 -25.67
C ILE NA 324 -42.24 -45.92 -25.23
N THR NA 325 -43.26 -46.23 -24.46
CA THR NA 325 -43.66 -47.62 -24.29
C THR NA 325 -44.46 -48.07 -25.51
N MET NA 326 -45.05 -49.25 -25.44
CA MET NA 326 -46.02 -49.62 -26.45
C MET NA 326 -47.36 -50.03 -25.89
N GLN NA 327 -47.58 -49.92 -24.59
CA GLN NA 327 -48.92 -50.08 -24.07
C GLN NA 327 -49.87 -49.18 -24.82
N LEU NA 328 -50.83 -49.78 -25.50
CA LEU NA 328 -51.92 -49.04 -26.11
C LEU NA 328 -51.40 -48.04 -27.14
N LYS NA 329 -50.80 -48.58 -28.20
CA LYS NA 329 -50.35 -47.78 -29.31
C LYS NA 329 -51.06 -48.21 -30.60
N GLU NA 330 -51.41 -47.23 -31.42
CA GLU NA 330 -52.13 -47.51 -32.65
C GLU NA 330 -51.27 -48.35 -33.58
N LEU NA 331 -51.84 -49.44 -34.08
CA LEU NA 331 -51.16 -50.34 -34.99
C LEU NA 331 -51.95 -50.46 -36.28
N SER NA 332 -51.38 -51.15 -37.25
CA SER NA 332 -51.96 -51.21 -38.59
C SER NA 332 -52.33 -52.62 -38.99
N VAL NA 333 -52.99 -53.34 -38.09
CA VAL NA 333 -53.55 -54.64 -38.42
C VAL NA 333 -54.77 -54.87 -37.55
N THR NA 334 -55.77 -55.55 -38.12
CA THR NA 334 -57.01 -55.77 -37.41
C THR NA 334 -56.76 -56.55 -36.13
N ALA NA 335 -57.32 -56.06 -35.03
CA ALA NA 335 -57.22 -56.80 -33.79
C ALA NA 335 -58.07 -58.07 -33.88
N GLU NA 336 -57.86 -58.97 -32.94
CA GLU NA 336 -58.57 -60.23 -32.90
C GLU NA 336 -59.41 -60.30 -31.63
N GLU NA 337 -60.01 -61.47 -31.40
CA GLU NA 337 -60.91 -61.67 -30.28
C GLU NA 337 -60.30 -62.70 -29.32
N TYR NA 338 -60.21 -62.32 -28.04
CA TYR NA 338 -59.71 -63.22 -27.02
C TYR NA 338 -60.64 -63.18 -25.82
N THR NA 339 -60.68 -64.28 -25.09
CA THR NA 339 -61.36 -64.29 -23.81
C THR NA 339 -60.36 -63.99 -22.69
N ASP NA 340 -60.88 -63.86 -21.48
CA ASP NA 340 -60.08 -63.33 -20.38
C ASP NA 340 -58.88 -64.21 -20.08
N THR NA 341 -59.08 -65.52 -20.02
CA THR NA 341 -58.06 -66.40 -19.46
C THR NA 341 -56.77 -66.34 -20.26
N GLU NA 342 -56.85 -66.34 -21.58
CA GLU NA 342 -55.63 -66.17 -22.34
C GLU NA 342 -55.16 -64.73 -22.40
N ILE NA 343 -56.00 -63.72 -22.14
CA ILE NA 343 -55.44 -62.39 -21.91
C ILE NA 343 -54.46 -62.44 -20.75
N ALA NA 344 -54.90 -63.00 -19.63
CA ALA NA 344 -54.03 -63.06 -18.46
C ALA NA 344 -52.83 -63.95 -18.71
N ASN NA 345 -53.04 -65.09 -19.37
CA ASN NA 345 -51.93 -65.97 -19.66
C ASN NA 345 -50.89 -65.27 -20.52
N ALA NA 346 -51.34 -64.57 -21.55
CA ALA NA 346 -50.40 -63.83 -22.39
C ALA NA 346 -49.69 -62.76 -21.58
N LYS NA 347 -50.39 -62.12 -20.66
CA LYS NA 347 -49.72 -61.13 -19.82
C LYS NA 347 -48.64 -61.76 -18.97
N THR NA 348 -48.86 -62.98 -18.50
CA THR NA 348 -47.93 -63.59 -17.57
C THR NA 348 -46.92 -64.52 -18.22
N VAL NA 349 -46.96 -64.69 -19.54
CA VAL NA 349 -45.96 -65.48 -20.25
C VAL NA 349 -45.17 -64.69 -21.26
N GLY NA 350 -45.34 -63.38 -21.32
CA GLY NA 350 -44.47 -62.54 -22.12
C GLY NA 350 -45.01 -62.15 -23.47
N LEU NA 351 -46.08 -62.78 -23.95
CA LEU NA 351 -46.63 -62.40 -25.23
C LEU NA 351 -47.24 -61.00 -25.16
N ASP NA 352 -47.57 -60.48 -26.34
CA ASP NA 352 -48.27 -59.21 -26.45
C ASP NA 352 -49.58 -59.43 -27.20
N LEU NA 353 -50.57 -58.58 -26.92
CA LEU NA 353 -51.91 -58.78 -27.45
C LEU NA 353 -52.41 -57.55 -28.17
N LEU NA 354 -52.92 -57.74 -29.37
CA LEU NA 354 -53.63 -56.68 -30.07
C LEU NA 354 -55.10 -57.02 -30.07
N THR NA 355 -55.85 -56.38 -29.18
CA THR NA 355 -57.25 -56.73 -28.98
C THR NA 355 -58.17 -55.52 -28.98
N THR NA 356 -59.39 -55.75 -28.55
CA THR NA 356 -60.43 -54.73 -28.53
C THR NA 356 -60.63 -54.21 -27.12
N ILE NA 357 -60.59 -52.89 -26.98
CA ILE NA 357 -61.02 -52.19 -25.78
C ILE NA 357 -61.91 -51.04 -26.22
N LYS NA 358 -63.14 -51.00 -25.70
CA LYS NA 358 -64.10 -49.96 -26.06
C LYS NA 358 -64.21 -49.82 -27.57
N ASN NA 359 -64.13 -50.95 -28.27
CA ASN NA 359 -64.20 -51.00 -29.72
C ASN NA 359 -63.12 -50.12 -30.34
N GLU NA 360 -61.87 -50.50 -30.08
CA GLU NA 360 -60.71 -49.75 -30.52
C GLU NA 360 -59.53 -50.70 -30.57
N GLN NA 361 -58.53 -50.33 -31.37
CA GLN NA 361 -57.28 -51.08 -31.37
C GLN NA 361 -56.61 -50.86 -30.03
N ALA NA 362 -56.20 -51.94 -29.38
CA ALA NA 362 -55.54 -51.86 -28.09
C ALA NA 362 -54.38 -52.84 -28.07
N LEU NA 363 -53.16 -52.33 -28.05
CA LEU NA 363 -51.99 -53.19 -27.93
C LEU NA 363 -51.54 -53.19 -26.48
N LEU NA 364 -51.44 -54.37 -25.89
CA LEU NA 364 -50.97 -54.54 -24.52
C LEU NA 364 -49.68 -55.35 -24.53
N THR NA 365 -48.69 -54.83 -23.82
CA THR NA 365 -47.39 -55.44 -23.68
C THR NA 365 -47.43 -56.25 -22.38
N SER NA 366 -46.33 -56.91 -22.06
CA SER NA 366 -46.25 -57.73 -20.86
C SER NA 366 -44.94 -57.43 -20.15
N GLY NA 367 -44.80 -57.98 -18.96
CA GLY NA 367 -43.61 -57.75 -18.17
C GLY NA 367 -42.95 -59.04 -17.76
N ALA NA 368 -43.54 -60.18 -18.14
CA ALA NA 368 -42.93 -61.47 -17.85
C ALA NA 368 -41.53 -61.52 -18.46
N ASN NA 369 -41.44 -61.46 -19.78
CA ASN NA 369 -40.19 -61.04 -20.38
C ASN NA 369 -40.05 -59.54 -20.15
N ASP NA 370 -38.82 -59.05 -20.29
CA ASP NA 370 -38.55 -57.65 -20.04
C ASP NA 370 -39.42 -56.77 -20.94
N PHE NA 371 -39.77 -55.59 -20.45
CA PHE NA 371 -40.65 -54.70 -21.19
C PHE NA 371 -40.05 -54.36 -22.55
N CYS NA 372 -40.92 -54.19 -23.55
CA CYS NA 372 -40.44 -53.79 -24.86
C CYS NA 372 -39.71 -52.47 -24.78
N ASP NA 373 -40.32 -51.48 -24.14
CA ASP NA 373 -39.65 -50.20 -23.96
C ASP NA 373 -38.30 -50.38 -23.31
N ASN NA 374 -38.24 -51.18 -22.26
CA ASN NA 374 -36.98 -51.32 -21.52
C ASN NA 374 -35.90 -51.94 -22.39
N VAL NA 375 -36.21 -53.06 -23.04
CA VAL NA 375 -35.17 -53.75 -23.80
C VAL NA 375 -34.72 -52.91 -24.99
N TYR NA 376 -35.67 -52.30 -25.69
CA TYR NA 376 -35.30 -51.49 -26.85
C TYR NA 376 -34.48 -50.29 -26.44
N ASN NA 377 -34.89 -49.61 -25.36
CA ASN NA 377 -34.14 -48.46 -24.88
C ASN NA 377 -32.74 -48.86 -24.48
N LEU NA 378 -32.63 -49.94 -23.70
CA LEU NA 378 -31.31 -50.38 -23.26
C LEU NA 378 -30.45 -50.71 -24.46
N GLU NA 379 -31.03 -51.33 -25.47
CA GLU NA 379 -30.22 -51.80 -26.58
C GLU NA 379 -29.68 -50.62 -27.37
N ALA NA 380 -30.57 -49.68 -27.70
CA ALA NA 380 -30.11 -48.48 -28.37
C ALA NA 380 -29.08 -47.76 -27.53
N PHE NA 381 -29.26 -47.76 -26.20
CA PHE NA 381 -28.30 -47.10 -25.33
C PHE NA 381 -26.93 -47.74 -25.45
N ARG NA 382 -26.86 -49.06 -25.35
CA ARG NA 382 -25.57 -49.72 -25.41
C ARG NA 382 -24.91 -49.50 -26.75
N ASP NA 383 -25.67 -49.62 -27.83
CA ASP NA 383 -25.08 -49.43 -29.15
C ASP NA 383 -24.61 -47.99 -29.33
N GLU NA 384 -25.38 -47.04 -28.80
CA GLU NA 384 -24.99 -45.65 -28.92
C GLU NA 384 -23.76 -45.33 -28.09
N ILE NA 385 -23.64 -45.92 -26.89
CA ILE NA 385 -22.42 -45.76 -26.12
C ILE NA 385 -21.24 -46.28 -26.90
N GLN NA 386 -21.40 -47.48 -27.47
CA GLN NA 386 -20.31 -48.07 -28.23
C GLN NA 386 -19.89 -47.15 -29.37
N THR NA 387 -20.86 -46.59 -30.09
CA THR NA 387 -20.53 -45.80 -31.27
C THR NA 387 -19.95 -44.44 -30.89
N ASN NA 388 -20.50 -43.77 -29.88
CA ASN NA 388 -19.91 -42.52 -29.42
C ASN NA 388 -18.50 -42.74 -28.92
N ASN NA 389 -18.26 -43.85 -28.22
CA ASN NA 389 -16.90 -44.12 -27.78
C ASN NA 389 -16.00 -44.40 -28.96
N TYR NA 390 -16.50 -45.13 -29.95
CA TYR NA 390 -15.68 -45.46 -31.11
C TYR NA 390 -15.29 -44.20 -31.87
N ASN NA 391 -16.26 -43.37 -32.24
CA ASN NA 391 -15.93 -42.23 -33.06
C ASN NA 391 -15.25 -41.13 -32.26
N LEU NA 392 -15.27 -41.19 -30.94
CA LEU NA 392 -14.41 -40.34 -30.14
C LEU NA 392 -12.94 -40.68 -30.33
N LEU NA 393 -12.67 -41.88 -30.79
CA LEU NA 393 -11.37 -42.50 -30.58
C LEU NA 393 -10.59 -42.77 -31.85
N LYS NA 394 -11.26 -42.87 -32.99
CA LYS NA 394 -10.56 -43.15 -34.23
C LYS NA 394 -10.83 -42.16 -35.34
N THR NA 395 -11.89 -41.36 -35.24
CA THR NA 395 -12.19 -40.37 -36.27
C THR NA 395 -12.05 -38.95 -35.78
N THR NA 396 -11.86 -38.73 -34.48
CA THR NA 396 -11.73 -37.39 -33.96
C THR NA 396 -10.42 -36.73 -34.38
N SER NA 397 -9.50 -37.49 -34.97
CA SER NA 397 -8.25 -37.02 -35.53
C SER NA 397 -7.29 -36.51 -34.46
N THR NA 398 -7.65 -36.56 -33.19
CA THR NA 398 -6.76 -36.22 -32.10
C THR NA 398 -6.85 -37.37 -31.10
N LYS NA 399 -6.06 -38.41 -31.35
CA LYS NA 399 -6.19 -39.64 -30.57
C LYS NA 399 -6.00 -39.35 -29.09
N ILE NA 400 -6.88 -39.90 -28.27
CA ILE NA 400 -6.89 -39.54 -26.85
C ILE NA 400 -5.93 -40.49 -26.14
N PRO NA 401 -5.13 -39.99 -25.22
CA PRO NA 401 -4.04 -40.81 -24.66
C PRO NA 401 -4.51 -41.72 -23.55
N GLN NA 402 -3.58 -42.35 -22.83
CA GLN NA 402 -3.88 -42.79 -21.47
C GLN NA 402 -3.50 -41.74 -20.44
N THR NA 403 -3.41 -40.47 -20.84
CA THR NA 403 -3.33 -39.43 -19.85
C THR NA 403 -4.56 -39.49 -18.95
N ASP NA 404 -4.36 -39.30 -17.66
CA ASP NA 404 -5.51 -39.18 -16.78
C ASP NA 404 -6.49 -38.14 -17.26
N PRO NA 405 -6.06 -36.97 -17.78
CA PRO NA 405 -7.01 -36.14 -18.53
C PRO NA 405 -7.68 -36.89 -19.67
N GLY NA 406 -6.92 -37.70 -20.41
CA GLY NA 406 -7.54 -38.43 -21.50
C GLY NA 406 -8.51 -39.48 -21.02
N MET NA 407 -8.16 -40.18 -19.95
CA MET NA 407 -9.10 -41.11 -19.37
C MET NA 407 -10.33 -40.38 -18.89
N ASP NA 408 -10.16 -39.16 -18.40
CA ASP NA 408 -11.32 -38.40 -18.02
C ASP NA 408 -12.15 -38.03 -19.24
N THR NA 409 -11.48 -37.77 -20.36
CA THR NA 409 -12.20 -37.50 -21.59
C THR NA 409 -13.07 -38.69 -21.98
N ILE NA 410 -12.48 -39.88 -21.91
CA ILE NA 410 -13.25 -41.05 -22.33
C ILE NA 410 -14.36 -41.32 -21.34
N GLU NA 411 -14.18 -40.95 -20.07
CA GLU NA 411 -15.30 -41.03 -19.13
C GLU NA 411 -16.38 -40.01 -19.48
N ASP NA 412 -15.99 -38.81 -19.86
CA ASP NA 412 -16.97 -37.78 -20.14
C ASP NA 412 -17.77 -38.12 -21.39
N ASP NA 413 -17.15 -38.81 -22.34
CA ASP NA 413 -17.92 -39.13 -23.54
C ASP NA 413 -19.14 -39.97 -23.18
N THR NA 414 -18.92 -41.03 -22.40
CA THR NA 414 -20.05 -41.85 -22.00
C THR NA 414 -20.95 -41.13 -21.02
N GLU NA 415 -20.38 -40.28 -20.16
CA GLU NA 415 -21.23 -39.48 -19.28
C GLU NA 415 -22.13 -38.56 -20.07
N LYS NA 416 -21.61 -37.98 -21.14
CA LYS NA 416 -22.39 -37.10 -22.01
C LYS NA 416 -23.49 -37.86 -22.71
N THR NA 417 -23.19 -39.07 -23.18
CA THR NA 417 -24.25 -39.87 -23.76
C THR NA 417 -25.31 -40.22 -22.72
N CYS NA 418 -24.90 -40.55 -21.50
CA CYS NA 418 -25.87 -40.83 -20.45
C CYS NA 418 -26.72 -39.61 -20.19
N GLU NA 419 -26.11 -38.43 -20.19
CA GLU NA 419 -26.89 -37.21 -20.14
C GLU NA 419 -27.90 -37.14 -21.28
N LYS NA 420 -27.45 -37.41 -22.50
CA LYS NA 420 -28.35 -37.39 -23.63
C LYS NA 420 -29.53 -38.31 -23.39
N TYR NA 421 -29.31 -39.41 -22.69
CA TYR NA 421 -30.42 -40.34 -22.49
C TYR NA 421 -31.31 -39.96 -21.31
N VAL NA 422 -30.77 -39.42 -20.23
CA VAL NA 422 -31.64 -38.99 -19.14
C VAL NA 422 -32.47 -37.80 -19.59
N ARG NA 423 -31.87 -36.93 -20.42
CA ARG NA 423 -32.59 -35.83 -21.04
C ARG NA 423 -33.33 -36.28 -22.27
N ASN NA 424 -33.59 -37.57 -22.36
CA ASN NA 424 -34.27 -38.19 -23.47
C ASN NA 424 -35.59 -38.83 -23.07
N GLY NA 425 -35.67 -39.37 -21.85
CA GLY NA 425 -36.84 -40.08 -21.40
C GLY NA 425 -36.61 -41.52 -21.06
N VAL NA 426 -35.41 -42.06 -21.24
CA VAL NA 426 -35.13 -43.45 -20.95
C VAL NA 426 -34.75 -43.66 -19.49
N PHE NA 427 -33.89 -42.81 -18.96
CA PHE NA 427 -33.46 -42.93 -17.58
C PHE NA 427 -33.85 -41.68 -16.80
N ALA NA 428 -34.22 -41.88 -15.54
CA ALA NA 428 -34.57 -40.80 -14.66
C ALA NA 428 -33.87 -40.99 -13.32
N PRO NA 429 -33.55 -39.91 -12.64
CA PRO NA 429 -32.95 -40.05 -11.30
C PRO NA 429 -33.92 -40.76 -10.37
N GLY NA 430 -33.35 -41.49 -9.43
CA GLY NA 430 -34.15 -42.21 -8.46
C GLY NA 430 -33.27 -43.08 -7.59
N THR NA 431 -33.88 -43.62 -6.54
CA THR NA 431 -33.16 -44.54 -5.68
C THR NA 431 -32.79 -45.78 -6.45
N TRP NA 432 -31.69 -46.41 -6.04
CA TRP NA 432 -31.21 -47.63 -6.67
C TRP NA 432 -31.76 -48.83 -5.91
N THR NA 433 -32.55 -49.66 -6.61
CA THR NA 433 -33.16 -50.80 -5.96
C THR NA 433 -32.18 -51.95 -5.76
N ARG NA 434 -31.28 -52.15 -6.71
CA ARG NA 434 -30.42 -53.32 -6.67
C ARG NA 434 -29.40 -53.19 -5.55
N SER NA 435 -28.75 -54.31 -5.25
CA SER NA 435 -27.72 -54.31 -4.22
C SER NA 435 -26.33 -54.21 -4.82
N ASP NA 436 -26.08 -54.94 -5.90
CA ASP NA 436 -24.80 -54.87 -6.58
C ASP NA 436 -24.54 -53.49 -7.15
N PHE NA 437 -23.28 -53.10 -7.17
CA PHE NA 437 -22.89 -51.74 -7.51
C PHE NA 437 -21.41 -51.74 -7.83
N PHE NA 438 -20.82 -50.56 -7.92
CA PHE NA 438 -19.37 -50.47 -8.08
C PHE NA 438 -18.90 -49.12 -7.59
N GLY NA 439 -17.61 -49.04 -7.30
CA GLY NA 439 -17.00 -47.83 -6.78
C GLY NA 439 -17.20 -47.68 -5.29
N ASP NA 440 -18.37 -47.24 -4.88
CA ASP NA 440 -18.73 -47.18 -3.47
C ASP NA 440 -20.20 -46.83 -3.37
N ARG NA 441 -20.90 -47.41 -2.39
CA ARG NA 441 -22.33 -47.23 -2.30
C ARG NA 441 -22.71 -45.76 -2.31
N GLN NA 442 -21.98 -44.94 -1.56
CA GLN NA 442 -22.44 -43.58 -1.33
C GLN NA 442 -22.51 -42.79 -2.63
N GLN NA 443 -21.40 -42.75 -3.38
CA GLN NA 443 -21.42 -42.00 -4.62
C GLN NA 443 -22.37 -42.62 -5.63
N PHE NA 444 -22.41 -43.95 -5.68
CA PHE NA 444 -23.28 -44.65 -6.60
C PHE NA 444 -24.73 -44.20 -6.43
N VAL NA 445 -25.29 -44.45 -5.25
CA VAL NA 445 -26.69 -44.12 -5.03
C VAL NA 445 -26.90 -42.62 -5.10
N ASP NA 446 -25.91 -41.83 -4.66
CA ASP NA 446 -26.09 -40.38 -4.71
C ASP NA 446 -26.26 -39.91 -6.15
N ALA NA 447 -25.37 -40.35 -7.04
CA ALA NA 447 -25.45 -39.94 -8.43
C ALA NA 447 -26.73 -40.46 -9.07
N ILE NA 448 -27.10 -41.70 -8.81
CA ILE NA 448 -28.31 -42.23 -9.44
C ILE NA 448 -29.53 -41.46 -8.97
N ALA NA 449 -29.61 -41.17 -7.67
CA ALA NA 449 -30.75 -40.42 -7.16
C ALA NA 449 -30.74 -39.00 -7.66
N GLN NA 450 -29.58 -38.46 -8.02
CA GLN NA 450 -29.51 -37.10 -8.52
C GLN NA 450 -29.42 -37.03 -10.05
N LYS NA 451 -28.41 -37.67 -10.63
CA LYS NA 451 -28.21 -37.54 -12.07
C LYS NA 451 -28.88 -38.65 -12.87
N GLY NA 452 -29.32 -39.72 -12.23
CA GLY NA 452 -29.95 -40.80 -12.96
C GLY NA 452 -28.99 -41.74 -13.66
N TYR NA 453 -27.68 -41.52 -13.55
CA TYR NA 453 -26.70 -42.38 -14.15
C TYR NA 453 -25.41 -42.23 -13.37
N TYR NA 454 -24.53 -43.21 -13.51
CA TYR NA 454 -23.23 -43.09 -12.88
C TYR NA 454 -22.19 -43.82 -13.72
N VAL NA 455 -21.16 -43.10 -14.13
CA VAL NA 455 -20.08 -43.66 -14.92
C VAL NA 455 -18.83 -43.62 -14.06
N LEU NA 456 -18.27 -44.79 -13.77
CA LEU NA 456 -17.00 -44.88 -13.07
C LEU NA 456 -16.03 -45.70 -13.89
N ILE NA 457 -14.91 -45.09 -14.23
CA ILE NA 457 -13.92 -45.71 -15.10
C ILE NA 457 -12.77 -46.22 -14.24
N GLY NA 458 -12.33 -47.45 -14.53
CA GLY NA 458 -11.19 -47.99 -13.83
C GLY NA 458 -9.98 -47.09 -13.97
N ASP NA 459 -9.16 -47.07 -12.92
CA ASP NA 459 -7.99 -46.21 -12.93
C ASP NA 459 -6.90 -46.84 -13.79
N LEU NA 460 -6.10 -45.99 -14.40
CA LEU NA 460 -4.95 -46.49 -15.15
C LEU NA 460 -4.08 -47.36 -14.28
N ALA NA 461 -4.03 -47.07 -12.98
CA ALA NA 461 -3.21 -47.86 -12.08
C ALA NA 461 -3.64 -49.33 -12.13
N ASP NA 462 -4.93 -49.59 -12.02
CA ASP NA 462 -5.43 -50.95 -11.88
C ASP NA 462 -5.25 -51.77 -13.16
N GLN NA 463 -4.69 -51.20 -14.22
CA GLN NA 463 -4.50 -51.90 -15.48
C GLN NA 463 -3.04 -52.27 -15.62
N THR NA 464 -2.77 -53.53 -15.91
CA THR NA 464 -1.40 -54.00 -16.03
C THR NA 464 -0.77 -53.48 -17.32
N THR NA 465 0.57 -53.49 -17.33
CA THR NA 465 1.28 -53.09 -18.53
C THR NA 465 0.96 -54.01 -19.70
N ALA NA 466 0.58 -55.26 -19.42
CA ALA NA 466 0.33 -56.23 -20.47
C ALA NA 466 -0.80 -55.77 -21.38
N GLU NA 467 -1.86 -55.22 -20.81
CA GLU NA 467 -2.96 -54.73 -21.63
C GLU NA 467 -2.84 -53.24 -21.95
N ARG NA 468 -1.96 -52.51 -21.26
CA ARG NA 468 -1.71 -51.13 -21.67
C ARG NA 468 -1.11 -51.09 -23.06
N GLN NA 469 -0.08 -51.91 -23.30
CA GLN NA 469 0.49 -52.02 -24.64
C GLN NA 469 -0.53 -52.52 -25.65
N SER NA 470 -1.59 -53.19 -25.18
CA SER NA 470 -2.68 -53.56 -26.05
C SER NA 470 -3.52 -52.37 -26.48
N ARG NA 471 -3.28 -51.21 -25.88
CA ARG NA 471 -3.96 -49.97 -26.27
C ARG NA 471 -5.47 -50.10 -26.05
N VAL NA 472 -5.84 -50.51 -24.85
CA VAL NA 472 -7.24 -50.60 -24.45
C VAL NA 472 -7.38 -49.94 -23.09
N SER NA 473 -8.34 -49.03 -22.98
CA SER NA 473 -8.55 -48.32 -21.74
C SER NA 473 -9.04 -49.28 -20.67
N PRO NA 474 -9.10 -48.85 -19.42
CA PRO NA 474 -9.77 -49.65 -18.39
C PRO NA 474 -11.23 -49.87 -18.75
N VAL NA 475 -11.85 -50.80 -18.04
CA VAL NA 475 -13.24 -51.16 -18.32
C VAL NA 475 -14.14 -50.16 -17.62
N ILE NA 476 -14.81 -49.31 -18.41
CA ILE NA 476 -15.70 -48.33 -17.79
C ILE NA 476 -16.96 -49.03 -17.32
N GLN NA 477 -17.50 -48.58 -16.20
CA GLN NA 477 -18.70 -49.16 -15.62
C GLN NA 477 -19.76 -48.08 -15.54
N ILE NA 478 -20.83 -48.25 -16.29
CA ILE NA 478 -21.91 -47.26 -16.29
C ILE NA 478 -23.16 -47.93 -15.75
N ALA NA 479 -23.89 -47.21 -14.92
CA ALA NA 479 -25.06 -47.72 -14.24
C ALA NA 479 -26.21 -46.76 -14.46
N VAL NA 480 -27.34 -47.31 -14.92
CA VAL NA 480 -28.49 -46.52 -15.31
C VAL NA 480 -29.73 -47.07 -14.62
N LYS NA 481 -30.74 -46.21 -14.50
CA LYS NA 481 -32.02 -46.59 -13.93
C LYS NA 481 -33.11 -46.13 -14.89
N ASN NA 482 -33.98 -47.07 -15.28
CA ASN NA 482 -35.03 -46.75 -16.22
C ASN NA 482 -36.02 -45.76 -15.63
N ALA NA 483 -36.64 -44.98 -16.50
CA ALA NA 483 -37.76 -44.15 -16.08
C ALA NA 483 -39.03 -44.99 -16.06
N GLY NA 484 -39.80 -44.84 -14.99
CA GLY NA 484 -41.03 -45.60 -14.88
C GLY NA 484 -42.05 -45.20 -15.92
N ALA NA 485 -42.69 -46.19 -16.51
CA ALA NA 485 -43.73 -45.98 -17.50
C ALA NA 485 -45.05 -46.45 -16.92
N VAL NA 486 -46.04 -45.56 -16.91
CA VAL NA 486 -47.36 -45.93 -16.42
C VAL NA 486 -48.04 -46.84 -17.42
N HIS NA 487 -48.53 -47.97 -16.93
CA HIS NA 487 -49.22 -48.95 -17.77
C HIS NA 487 -50.54 -49.32 -17.11
N GLU NA 488 -50.52 -49.35 -15.79
CA GLU NA 488 -51.68 -49.68 -15.00
C GLU NA 488 -52.09 -48.44 -14.23
N GLU NA 489 -53.39 -48.31 -13.96
CA GLU NA 489 -53.84 -47.43 -12.90
C GLU NA 489 -55.00 -48.10 -12.21
N ASP NA 490 -54.93 -48.14 -10.88
CA ASP NA 490 -55.98 -48.72 -10.06
C ASP NA 490 -56.43 -47.66 -9.08
N ILE NA 491 -57.73 -47.41 -9.02
CA ILE NA 491 -58.25 -46.35 -8.17
C ILE NA 491 -59.60 -46.81 -7.67
N ILE NA 492 -59.93 -46.40 -6.44
CA ILE NA 492 -61.14 -46.83 -5.77
C ILE NA 492 -61.90 -45.60 -5.31
N ILE NA 493 -63.20 -45.56 -5.59
CA ILE NA 493 -64.01 -44.39 -5.35
C ILE NA 493 -65.21 -44.77 -4.48
N SER NA 494 -65.32 -44.12 -3.33
CA SER NA 494 -66.46 -44.29 -2.44
C SER NA 494 -67.45 -43.17 -2.66
N VAL NA 495 -68.66 -43.36 -2.15
CA VAL NA 495 -69.73 -42.36 -2.26
C VAL NA 495 -70.21 -41.98 -0.87
N ASN NA 496 -69.81 -40.79 -0.40
CA ASN NA 496 -70.19 -40.32 0.92
C ASN NA 496 -71.69 -40.13 1.08
N LEU NA 497 -72.47 -40.39 0.03
CA LEU NA 497 -73.91 -40.52 0.16
C LEU NA 497 -74.44 -41.34 -1.00
N MET OA 1 -33.30 45.27 -72.44
CA MET OA 1 -33.63 44.06 -73.19
C MET OA 1 -32.62 42.98 -72.82
N ALA OA 2 -31.99 43.13 -71.65
CA ALA OA 2 -31.09 42.09 -71.16
C ALA OA 2 -31.89 40.83 -70.83
N SER OA 3 -31.17 39.73 -70.63
CA SER OA 3 -31.81 38.42 -70.55
C SER OA 3 -31.30 37.63 -69.36
N ILE OA 4 -32.09 36.63 -68.99
CA ILE OA 4 -31.65 35.64 -68.01
C ILE OA 4 -30.39 34.93 -68.48
N SER OA 5 -30.28 34.70 -69.79
CA SER OA 5 -29.34 33.73 -70.34
C SER OA 5 -27.89 34.12 -70.10
N GLU OA 6 -27.67 35.18 -69.33
CA GLU OA 6 -26.33 35.59 -68.95
C GLU OA 6 -26.01 35.37 -67.48
N VAL OA 7 -27.01 35.19 -66.62
CA VAL OA 7 -26.73 34.96 -65.21
C VAL OA 7 -27.22 33.58 -64.80
N ILE OA 8 -28.27 33.10 -65.46
CA ILE OA 8 -28.79 31.75 -65.25
C ILE OA 8 -28.90 31.13 -66.64
N ARG OA 9 -27.83 30.48 -67.09
CA ARG OA 9 -27.80 29.95 -68.44
C ARG OA 9 -28.37 28.54 -68.44
N VAL OA 10 -29.53 28.38 -69.07
CA VAL OA 10 -30.24 27.12 -69.12
C VAL OA 10 -30.33 26.67 -70.58
N SER OA 11 -29.87 25.45 -70.85
CA SER OA 11 -29.85 24.92 -72.21
C SER OA 11 -30.34 23.47 -72.17
N LEU OA 12 -30.39 22.85 -73.35
CA LEU OA 12 -30.89 21.50 -73.50
C LEU OA 12 -29.89 20.66 -74.28
N GLN OA 13 -29.90 19.36 -73.99
CA GLN OA 13 -29.18 18.36 -74.77
C GLN OA 13 -27.70 18.70 -74.91
N GLN OA 14 -27.02 18.69 -73.78
CA GLN OA 14 -25.57 18.80 -73.73
C GLN OA 14 -25.01 17.47 -73.26
N GLU OA 15 -24.11 16.90 -74.06
CA GLU OA 15 -23.50 15.61 -73.76
C GLU OA 15 -22.39 15.80 -72.73
N GLY OA 16 -22.54 15.17 -71.58
CA GLY OA 16 -21.49 15.19 -70.60
C GLY OA 16 -20.22 14.55 -71.14
N ARG OA 17 -19.08 15.23 -70.99
CA ARG OA 17 -17.85 14.68 -71.51
C ARG OA 17 -17.47 13.41 -70.76
N ALA OA 18 -16.92 12.44 -71.50
CA ALA OA 18 -16.58 11.13 -70.96
C ALA OA 18 -15.07 10.98 -70.90
N ILE OA 19 -14.60 10.36 -69.82
CA ILE OA 19 -13.17 10.15 -69.61
C ILE OA 19 -12.94 8.67 -69.36
N ALA OA 20 -11.78 8.18 -69.79
CA ALA OA 20 -11.46 6.78 -69.63
C ALA OA 20 -11.37 6.44 -68.15
N PRO OA 21 -12.18 5.53 -67.64
CA PRO OA 21 -12.19 5.23 -66.22
C PRO OA 21 -11.31 4.04 -65.87
N ASP OA 22 -10.97 3.97 -64.59
CA ASP OA 22 -10.39 2.77 -64.02
C ASP OA 22 -11.42 1.67 -63.85
N ASN OA 23 -12.69 1.99 -64.07
CA ASN OA 23 -13.77 1.08 -63.75
C ASN OA 23 -13.65 -0.19 -64.57
N MET OA 24 -14.12 -1.31 -64.01
CA MET OA 24 -14.10 -2.56 -64.76
C MET OA 24 -14.91 -2.47 -66.04
N ASN OA 25 -16.06 -1.83 -65.98
CA ASN OA 25 -17.01 -1.88 -67.08
C ASN OA 25 -16.89 -0.65 -67.97
N ALA OA 26 -15.73 -0.55 -68.61
CA ALA OA 26 -15.52 0.39 -69.71
C ALA OA 26 -15.36 -0.48 -70.95
N VAL OA 27 -16.48 -0.84 -71.54
CA VAL OA 27 -16.50 -1.86 -72.57
C VAL OA 27 -16.20 -1.26 -73.92
N GLY OA 28 -15.88 -2.12 -74.87
CA GLY OA 28 -15.47 -1.68 -76.20
C GLY OA 28 -16.21 -2.38 -77.31
N ILE OA 29 -16.59 -1.61 -78.32
CA ILE OA 29 -17.17 -2.13 -79.54
C ILE OA 29 -16.21 -1.76 -80.66
N ILE OA 30 -15.57 -2.76 -81.25
CA ILE OA 30 -14.56 -2.52 -82.26
C ILE OA 30 -15.23 -2.51 -83.63
N THR OA 31 -14.99 -1.46 -84.40
CA THR OA 31 -15.61 -1.31 -85.70
C THR OA 31 -14.60 -1.46 -86.82
N GLY OA 32 -15.13 -1.59 -88.04
CA GLY OA 32 -14.32 -1.79 -89.21
C GLY OA 32 -14.65 -0.83 -90.33
N ASN OA 33 -14.93 0.42 -89.98
CA ASN OA 33 -15.25 1.44 -90.96
C ASN OA 33 -14.30 2.61 -90.77
N GLN OA 34 -13.39 2.79 -91.71
CA GLN OA 34 -12.42 3.87 -91.64
C GLN OA 34 -13.02 5.23 -91.91
N GLY OA 35 -14.35 5.33 -91.98
CA GLY OA 35 -14.97 6.59 -92.30
C GLY OA 35 -14.72 7.70 -91.30
N VAL OA 36 -14.59 7.37 -90.02
CA VAL OA 36 -14.45 8.41 -88.99
C VAL OA 36 -13.25 8.20 -88.09
N LEU OA 37 -12.71 7.01 -87.96
CA LEU OA 37 -11.60 6.78 -87.04
C LEU OA 37 -10.40 6.27 -87.80
N SER OA 38 -9.24 6.80 -87.48
CA SER OA 38 -7.99 6.44 -88.14
C SER OA 38 -7.16 5.54 -87.23
N THR OA 39 -6.01 5.13 -87.75
CA THR OA 39 -5.04 4.42 -86.92
C THR OA 39 -4.66 5.25 -85.72
N ALA OA 40 -4.33 6.53 -85.95
CA ALA OA 40 -4.08 7.43 -84.84
C ALA OA 40 -5.34 7.64 -84.02
N ASP OA 41 -6.49 7.79 -84.70
CA ASP OA 41 -7.77 7.97 -84.01
C ASP OA 41 -8.31 6.61 -83.56
N ARG OA 42 -7.46 5.89 -82.83
CA ARG OA 42 -7.67 4.47 -82.60
C ARG OA 42 -8.96 4.18 -81.85
N TYR OA 43 -9.49 5.14 -81.10
CA TYR OA 43 -10.70 4.89 -80.34
C TYR OA 43 -11.40 6.21 -80.06
N ARG OA 44 -12.50 6.12 -79.32
CA ARG OA 44 -13.25 7.29 -78.90
C ARG OA 44 -14.27 6.89 -77.85
N ILE OA 45 -14.41 7.68 -76.80
CA ILE OA 45 -15.17 7.29 -75.61
C ILE OA 45 -16.47 8.07 -75.55
N TYR OA 46 -17.54 7.37 -75.22
CA TYR OA 46 -18.90 7.87 -75.34
C TYR OA 46 -19.67 7.52 -74.06
N ARG OA 47 -20.67 8.35 -73.76
CA ARG OA 47 -21.59 8.07 -72.67
C ARG OA 47 -23.05 8.21 -73.11
N THR OA 48 -23.32 8.59 -74.34
CA THR OA 48 -24.70 8.76 -74.76
C THR OA 48 -24.85 8.38 -76.22
N ALA OA 49 -25.85 7.54 -76.51
CA ALA OA 49 -26.11 7.15 -77.89
C ALA OA 49 -26.27 8.35 -78.79
N ALA OA 50 -26.87 9.42 -78.26
CA ALA OA 50 -27.07 10.62 -79.07
C ALA OA 50 -25.74 11.13 -79.61
N ALA OA 51 -24.76 11.30 -78.73
CA ALA OA 51 -23.46 11.76 -79.19
C ALA OA 51 -22.83 10.74 -80.12
N VAL OA 52 -23.06 9.45 -79.86
CA VAL OA 52 -22.48 8.42 -80.72
C VAL OA 52 -22.93 8.65 -82.15
N ALA OA 53 -24.23 8.79 -82.34
CA ALA OA 53 -24.75 9.00 -83.69
C ALA OA 53 -24.28 10.34 -84.23
N SER OA 54 -24.31 11.39 -83.40
CA SER OA 54 -23.91 12.70 -83.88
C SER OA 54 -22.45 12.73 -84.29
N ASP OA 55 -21.67 11.75 -83.87
CA ASP OA 55 -20.32 11.65 -84.39
C ASP OA 55 -20.25 10.72 -85.60
N PHE OA 56 -20.95 9.59 -85.56
CA PHE OA 56 -20.93 8.65 -86.67
C PHE OA 56 -22.04 8.87 -87.68
N GLY OA 57 -23.23 9.23 -87.22
CA GLY OA 57 -24.40 9.25 -88.08
C GLY OA 57 -25.40 8.20 -87.67
N ALA OA 58 -26.64 8.61 -87.44
CA ALA OA 58 -27.65 7.68 -86.95
C ALA OA 58 -27.90 6.54 -87.92
N SER OA 59 -27.47 6.70 -89.17
CA SER OA 59 -27.60 5.62 -90.13
C SER OA 59 -26.45 4.62 -90.06
N SER OA 60 -25.40 4.94 -89.30
CA SER OA 60 -24.23 4.06 -89.28
C SER OA 60 -24.50 2.77 -88.52
N GLN OA 61 -23.78 1.71 -88.93
CA GLN OA 61 -23.82 0.47 -88.16
C GLN OA 61 -23.45 0.73 -86.71
N GLU OA 62 -22.34 1.43 -86.51
CA GLU OA 62 -21.89 1.73 -85.16
C GLU OA 62 -22.98 2.43 -84.38
N SER OA 63 -23.76 3.28 -85.04
CA SER OA 63 -24.86 3.92 -84.37
C SER OA 63 -25.87 2.90 -83.86
N ALA OA 64 -26.23 1.94 -84.72
CA ALA OA 64 -27.23 0.95 -84.32
C ALA OA 64 -26.74 0.10 -83.17
N PHE OA 65 -25.48 -0.32 -83.23
CA PHE OA 65 -24.94 -1.05 -82.09
C PHE OA 65 -24.97 -0.20 -80.84
N ALA OA 66 -24.72 1.09 -80.99
CA ALA OA 66 -24.78 1.97 -79.83
C ALA OA 66 -26.19 2.00 -79.25
N ASN OA 67 -27.20 2.10 -80.11
CA ASN OA 67 -28.57 2.07 -79.59
C ASN OA 67 -28.83 0.77 -78.85
N THR OA 68 -28.54 -0.36 -79.47
CA THR OA 68 -28.83 -1.63 -78.82
C THR OA 68 -28.06 -1.76 -77.52
N PHE OA 69 -26.90 -1.14 -77.44
CA PHE OA 69 -26.14 -1.12 -76.21
C PHE OA 69 -26.84 -0.28 -75.16
N PHE OA 70 -27.24 0.93 -75.53
CA PHE OA 70 -27.76 1.90 -74.59
C PHE OA 70 -29.16 1.60 -74.13
N ASP OA 71 -29.86 0.66 -74.76
CA ASP OA 71 -31.24 0.38 -74.38
C ASP OA 71 -31.36 -0.63 -73.25
N THR OA 72 -30.29 -1.34 -72.91
CA THR OA 72 -30.36 -2.31 -71.83
C THR OA 72 -30.54 -1.57 -70.51
N THR OA 73 -31.70 -1.74 -69.89
CA THR OA 73 -32.07 -0.84 -68.80
C THR OA 73 -31.06 -0.83 -67.66
N PRO OA 74 -30.46 -1.94 -67.23
CA PRO OA 74 -29.18 -1.80 -66.52
C PRO OA 74 -28.10 -1.60 -67.56
N ASN OA 75 -27.63 -0.38 -67.66
CA ASN OA 75 -26.64 0.04 -68.63
C ASN OA 75 -25.28 0.14 -67.96
N PRO OA 76 -24.21 -0.26 -68.64
CA PRO OA 76 -22.89 -0.17 -68.00
C PRO OA 76 -22.59 1.19 -67.45
N ILE OA 77 -23.07 2.24 -68.12
CA ILE OA 77 -22.86 3.59 -67.62
C ILE OA 77 -23.49 3.75 -66.25
N SER OA 78 -24.62 3.08 -66.01
CA SER OA 78 -25.26 3.19 -64.71
C SER OA 78 -24.32 2.78 -63.59
N ALA OA 79 -23.33 1.95 -63.90
CA ALA OA 79 -22.31 1.59 -62.92
C ALA OA 79 -21.02 2.36 -63.14
N GLY OA 80 -21.12 3.61 -63.54
CA GLY OA 80 -19.93 4.43 -63.71
C GLY OA 80 -18.97 3.90 -64.75
N GLY OA 81 -19.49 3.43 -65.87
CA GLY OA 81 -18.68 2.96 -66.97
C GLY OA 81 -18.95 3.76 -68.22
N VAL OA 82 -18.16 3.46 -69.25
CA VAL OA 82 -18.22 4.21 -70.50
C VAL OA 82 -18.28 3.21 -71.64
N LEU OA 83 -18.80 3.65 -72.77
CA LEU OA 83 -18.64 2.88 -73.99
C LEU OA 83 -17.46 3.44 -74.75
N VAL OA 84 -16.77 2.59 -75.50
CA VAL OA 84 -15.74 3.07 -76.40
C VAL OA 84 -15.98 2.43 -77.76
N ILE OA 85 -15.44 3.08 -78.78
CA ILE OA 85 -15.36 2.48 -80.11
C ILE OA 85 -13.92 2.53 -80.56
N GLY OA 86 -13.43 1.41 -81.04
CA GLY OA 86 -12.08 1.31 -81.56
C GLY OA 86 -12.06 1.32 -83.07
N TYR OA 87 -10.97 0.83 -83.63
CA TYR OA 87 -10.83 0.76 -85.08
C TYR OA 87 -9.66 -0.12 -85.48
N TRP OA 88 -9.93 -1.08 -86.36
CA TRP OA 88 -8.89 -1.94 -86.89
C TRP OA 88 -8.98 -1.87 -88.41
N ARG OA 89 -7.83 -1.81 -89.06
CA ARG OA 89 -7.77 -1.48 -90.47
C ARG OA 89 -8.33 -2.63 -91.29
N SER OA 90 -9.66 -2.64 -91.41
CA SER OA 90 -10.33 -3.64 -92.23
C SER OA 90 -9.90 -3.56 -93.68
N ALA OA 91 -9.82 -2.35 -94.21
CA ALA OA 91 -9.57 -2.13 -95.63
C ALA OA 91 -8.27 -1.36 -95.80
N SER OA 92 -8.01 -0.93 -97.03
CA SER OA 92 -6.80 -0.20 -97.35
C SER OA 92 -6.84 1.14 -96.63
N GLU OA 93 -6.06 1.26 -95.56
CA GLU OA 93 -6.00 2.49 -94.81
C GLU OA 93 -5.24 3.54 -95.59
N THR OA 94 -5.96 4.48 -96.20
CA THR OA 94 -5.35 5.66 -96.78
C THR OA 94 -5.24 6.72 -95.70
N VAL OA 95 -4.06 7.28 -95.53
CA VAL OA 95 -3.82 8.33 -94.55
C VAL OA 95 -3.23 9.50 -95.29
N ALA OA 96 -4.03 10.54 -95.50
CA ALA OA 96 -3.56 11.73 -96.18
C ALA OA 96 -2.50 12.42 -95.36
N ALA OA 97 -1.37 12.74 -95.99
CA ALA OA 97 -0.29 13.39 -95.28
C ALA OA 97 -0.74 14.73 -94.74
N THR OA 98 -0.40 15.00 -93.48
CA THR OA 98 -0.77 16.23 -92.84
C THR OA 98 0.47 17.11 -92.68
N SER OA 99 0.26 18.28 -92.08
CA SER OA 99 1.34 19.23 -91.86
C SER OA 99 2.01 18.98 -90.52
N ALA OA 100 3.20 19.55 -90.38
CA ALA OA 100 3.86 19.55 -89.08
C ALA OA 100 2.98 20.23 -88.06
N THR OA 101 2.95 19.68 -86.85
CA THR OA 101 2.04 20.15 -85.82
C THR OA 101 2.79 20.41 -84.53
N LEU OA 102 2.48 21.56 -83.92
CA LEU OA 102 3.11 21.99 -82.68
C LEU OA 102 2.03 22.20 -81.63
N VAL OA 103 2.25 21.67 -80.43
CA VAL OA 103 1.27 21.77 -79.34
C VAL OA 103 1.97 22.27 -78.07
N SER OA 104 1.26 23.12 -77.32
CA SER OA 104 1.70 23.53 -75.99
C SER OA 104 1.26 22.51 -74.97
N GLU OA 105 2.12 22.25 -73.99
CA GLU OA 105 1.70 21.35 -72.92
C GLU OA 105 0.73 22.05 -71.98
N GLN OA 106 0.91 23.35 -71.77
CA GLN OA 106 0.26 24.05 -70.68
C GLN OA 106 -1.23 24.30 -70.96
N THR OA 107 -2.07 23.35 -70.55
CA THR OA 107 -3.50 23.50 -70.74
C THR OA 107 -4.09 24.65 -69.94
N SER OA 108 -3.39 25.11 -68.90
CA SER OA 108 -3.96 26.08 -67.98
C SER OA 108 -4.17 27.43 -68.66
N GLU OA 109 -5.45 27.79 -68.84
CA GLU OA 109 -5.78 29.08 -69.43
C GLU OA 109 -5.52 30.21 -68.44
N SER OA 110 -5.90 30.02 -67.18
CA SER OA 110 -5.87 31.12 -66.22
C SER OA 110 -4.46 31.68 -66.06
N VAL OA 111 -3.48 30.82 -65.86
CA VAL OA 111 -2.14 31.29 -65.56
C VAL OA 111 -1.55 32.07 -66.73
N LEU OA 112 -1.97 31.76 -67.95
CA LEU OA 112 -1.31 32.35 -69.11
C LEU OA 112 -1.74 33.81 -69.30
N ILE OA 113 -3.02 34.12 -69.08
CA ILE OA 113 -3.54 35.42 -69.46
C ILE OA 113 -2.81 36.59 -68.80
N PRO OA 114 -2.62 36.61 -67.47
CA PRO OA 114 -1.96 37.79 -66.90
C PRO OA 114 -0.56 38.04 -67.44
N LEU OA 115 0.22 36.97 -67.66
CA LEU OA 115 1.57 37.16 -68.16
C LEU OA 115 1.54 37.80 -69.53
N LEU OA 116 0.62 37.36 -70.39
CA LEU OA 116 0.46 37.99 -71.69
C LEU OA 116 -0.03 39.42 -71.56
N ASN OA 117 -0.90 39.69 -70.58
CA ASN OA 117 -1.45 41.03 -70.43
C ASN OA 117 -0.36 42.02 -70.04
N ALA OA 118 0.53 41.61 -69.15
CA ALA OA 118 1.57 42.53 -68.70
C ALA OA 118 2.52 42.87 -69.84
N ILE OA 119 2.86 41.90 -70.69
CA ILE OA 119 3.85 42.11 -71.72
C ILE OA 119 3.21 42.90 -72.87
N ASN OA 120 3.81 44.05 -73.18
CA ASN OA 120 3.27 44.93 -74.22
C ASN OA 120 3.73 44.51 -75.59
N ASP OA 121 5.04 44.47 -75.80
CA ASP OA 121 5.65 43.99 -77.02
C ASP OA 121 5.75 42.47 -76.98
N GLY OA 122 6.48 41.89 -77.92
CA GLY OA 122 6.69 40.46 -77.92
C GLY OA 122 7.88 40.11 -78.78
N SER OA 123 8.29 38.85 -78.72
CA SER OA 123 9.25 38.34 -79.67
C SER OA 123 9.05 36.85 -79.81
N PHE OA 124 9.36 36.34 -81.00
CA PHE OA 124 8.81 35.07 -81.42
C PHE OA 124 9.59 34.56 -82.63
N THR OA 125 10.16 33.36 -82.56
CA THR OA 125 11.02 32.84 -83.63
C THR OA 125 10.64 31.41 -84.01
N ILE OA 126 9.79 31.26 -85.00
CA ILE OA 126 9.41 29.96 -85.51
C ILE OA 126 10.16 29.73 -86.82
N THR OA 127 10.20 28.48 -87.26
CA THR OA 127 10.76 28.12 -88.56
C THR OA 127 9.80 27.17 -89.25
N VAL OA 128 9.06 27.68 -90.23
CA VAL OA 128 8.33 26.79 -91.12
C VAL OA 128 9.27 25.95 -91.98
N ASP OA 129 10.56 26.29 -91.96
CA ASP OA 129 11.61 25.59 -92.69
C ASP OA 129 11.37 25.67 -94.18
N GLY OA 130 10.35 26.43 -94.58
CA GLY OA 130 10.05 26.66 -95.98
C GLY OA 130 10.89 27.75 -96.59
N GLY OA 131 11.93 28.18 -95.88
CA GLY OA 131 12.80 29.24 -96.35
C GLY OA 131 13.36 30.01 -95.18
N THR OA 132 13.26 31.34 -95.25
CA THR OA 132 13.77 32.20 -94.19
C THR OA 132 13.11 31.84 -92.87
N GLU OA 133 13.91 31.65 -91.84
CA GLU OA 133 13.38 31.46 -90.50
C GLU OA 133 12.63 32.71 -90.07
N GLN OA 134 11.52 32.51 -89.37
CA GLN OA 134 10.68 33.64 -88.99
C GLN OA 134 11.32 34.46 -87.88
N GLU OA 135 11.07 35.77 -87.93
CA GLU OA 135 11.45 36.70 -86.88
C GLU OA 135 10.20 37.52 -86.60
N VAL OA 136 9.52 37.21 -85.50
CA VAL OA 136 8.19 37.75 -85.22
C VAL OA 136 8.27 38.51 -83.90
N THR OA 137 7.99 39.80 -83.95
CA THR OA 137 8.13 40.67 -82.78
C THR OA 137 6.84 41.36 -82.37
N ALA OA 138 6.14 41.98 -83.31
CA ALA OA 138 5.05 42.92 -82.97
C ALA OA 138 3.89 42.14 -82.40
N LEU OA 139 4.03 41.77 -81.13
CA LEU OA 139 3.03 40.98 -80.42
C LEU OA 139 2.49 41.78 -79.25
N ASP OA 140 1.17 41.96 -79.21
CA ASP OA 140 0.51 42.56 -78.08
C ASP OA 140 -0.59 41.64 -77.60
N PHE OA 141 -0.69 41.48 -76.28
CA PHE OA 141 -1.68 40.61 -75.69
C PHE OA 141 -2.54 41.34 -74.67
N THR OA 142 -2.45 42.67 -74.64
CA THR OA 142 -3.12 43.43 -73.60
C THR OA 142 -4.63 43.30 -73.69
N GLY OA 143 -5.16 43.16 -74.90
CA GLY OA 143 -6.60 43.10 -75.08
C GLY OA 143 -7.16 41.70 -75.07
N VAL OA 144 -6.39 40.75 -74.56
CA VAL OA 144 -6.78 39.35 -74.58
C VAL OA 144 -7.39 38.96 -73.25
N SER OA 145 -8.57 38.35 -73.31
CA SER OA 145 -9.15 37.71 -72.15
C SER OA 145 -9.27 36.20 -72.30
N GLU OA 146 -9.09 35.67 -73.50
CA GLU OA 146 -9.30 34.25 -73.75
C GLU OA 146 -8.23 33.72 -74.67
N LEU OA 147 -7.99 32.42 -74.57
CA LEU OA 147 -6.92 31.79 -75.34
C LEU OA 147 -7.14 31.94 -76.84
N SER OA 148 -8.40 31.98 -77.27
CA SER OA 148 -8.67 32.14 -78.69
C SER OA 148 -8.05 33.42 -79.23
N GLU OA 149 -8.00 34.46 -78.40
CA GLU OA 149 -7.49 35.74 -78.87
C GLU OA 149 -5.99 35.68 -79.11
N VAL OA 150 -5.23 35.14 -78.16
CA VAL OA 150 -3.80 35.00 -78.38
C VAL OA 150 -3.56 34.06 -79.55
N ALA OA 151 -4.41 33.05 -79.70
CA ALA OA 151 -4.30 32.18 -80.85
C ALA OA 151 -4.40 32.96 -82.14
N THR OA 152 -5.46 33.78 -82.27
CA THR OA 152 -5.67 34.52 -83.50
C THR OA 152 -4.55 35.52 -83.74
N ILE OA 153 -4.04 36.13 -82.68
CA ILE OA 153 -2.90 37.03 -82.82
C ILE OA 153 -1.71 36.27 -83.39
N LEU OA 154 -1.43 35.09 -82.85
CA LEU OA 154 -0.36 34.28 -83.40
C LEU OA 154 -0.61 33.95 -84.87
N ASN OA 155 -1.86 33.61 -85.21
CA ASN OA 155 -2.20 33.32 -86.60
C ASN OA 155 -1.80 34.48 -87.49
N SER OA 156 -2.22 35.68 -87.13
CA SER OA 156 -1.80 36.84 -87.89
C SER OA 156 -0.30 37.09 -87.79
N ALA OA 157 0.38 36.43 -86.86
CA ALA OA 157 1.80 36.64 -86.69
C ALA OA 157 2.66 35.68 -87.49
N ILE OA 158 2.19 34.47 -87.76
CA ILE OA 158 2.98 33.46 -88.47
C ILE OA 158 2.45 33.27 -89.88
N THR OA 159 3.31 33.47 -90.86
CA THR OA 159 2.96 33.24 -92.24
C THR OA 159 2.90 31.74 -92.51
N GLY OA 160 2.05 31.37 -93.46
CA GLY OA 160 2.00 30.00 -93.94
C GLY OA 160 1.66 28.97 -92.90
N ALA OA 161 1.15 29.39 -91.74
CA ALA OA 161 0.84 28.45 -90.67
C ALA OA 161 -0.32 29.01 -89.86
N THR OA 162 -1.38 28.24 -89.78
CA THR OA 162 -2.54 28.58 -88.98
C THR OA 162 -2.35 28.05 -87.56
N VAL OA 163 -2.72 28.86 -86.59
CA VAL OA 163 -2.66 28.48 -85.19
C VAL OA 163 -4.08 28.50 -84.66
N SER OA 164 -4.29 27.80 -83.55
CA SER OA 164 -5.62 27.69 -82.96
C SER OA 164 -5.47 27.16 -81.54
N GLU OA 165 -6.59 27.15 -80.83
CA GLU OA 165 -6.66 26.62 -79.48
C GLU OA 165 -7.69 25.50 -79.41
N ASP OA 166 -7.25 24.36 -78.86
CA ASP OA 166 -8.12 23.21 -78.59
C ASP OA 166 -7.86 22.76 -77.16
N ASN OA 167 -8.78 23.10 -76.25
CA ASN OA 167 -8.82 22.53 -74.91
C ASN OA 167 -7.49 22.72 -74.18
N GLY OA 168 -7.09 23.98 -74.07
CA GLY OA 168 -5.85 24.30 -73.40
C GLY OA 168 -4.60 24.01 -74.20
N TYR OA 169 -4.74 23.47 -75.41
CA TYR OA 169 -3.61 23.17 -76.27
C TYR OA 169 -3.54 24.21 -77.38
N PHE OA 170 -2.34 24.60 -77.74
CA PHE OA 170 -2.12 25.58 -78.79
C PHE OA 170 -1.55 24.84 -80.00
N LYS OA 171 -2.33 24.78 -81.07
CA LYS OA 171 -1.95 24.03 -82.26
C LYS OA 171 -1.41 25.00 -83.29
N VAL OA 172 -0.22 24.71 -83.79
CA VAL OA 172 0.43 25.47 -84.84
C VAL OA 172 0.71 24.51 -85.98
N THR OA 173 0.13 24.78 -87.15
CA THR OA 173 0.25 23.89 -88.30
C THR OA 173 0.53 24.70 -89.54
N SER OA 174 1.59 24.35 -90.26
CA SER OA 174 1.89 25.02 -91.50
C SER OA 174 0.83 24.73 -92.55
N SER OA 175 0.67 25.68 -93.48
CA SER OA 175 -0.30 25.51 -94.56
C SER OA 175 0.11 24.34 -95.46
N THR OA 176 1.39 24.22 -95.79
CA THR OA 176 1.85 23.13 -96.62
C THR OA 176 1.65 21.80 -95.89
N THR OA 177 1.29 20.78 -96.66
CA THR OA 177 1.14 19.42 -96.14
C THR OA 177 2.12 18.49 -96.84
N GLY OA 178 2.75 17.63 -96.06
CA GLY OA 178 3.68 16.67 -96.61
C GLY OA 178 5.11 17.17 -96.63
N ALA OA 179 5.97 16.54 -95.83
CA ALA OA 179 7.41 16.81 -95.84
C ALA OA 179 7.72 18.30 -95.68
N THR OA 180 7.01 18.95 -94.77
CA THR OA 180 7.34 20.31 -94.36
C THR OA 180 7.43 20.33 -92.86
N SER OA 181 8.52 20.89 -92.33
CA SER OA 181 8.87 20.75 -90.94
C SER OA 181 8.74 22.08 -90.21
N LEU OA 182 8.03 22.06 -89.08
CA LEU OA 182 8.08 23.16 -88.13
C LEU OA 182 8.95 22.76 -86.96
N LEU OA 183 10.26 22.73 -87.21
CA LEU OA 183 11.20 22.25 -86.20
C LEU OA 183 11.23 23.15 -84.97
N SER OA 184 11.24 24.45 -85.17
CA SER OA 184 11.55 25.36 -84.08
C SER OA 184 10.52 25.30 -82.96
N TYR OA 185 11.01 25.37 -81.73
CA TYR OA 185 10.19 25.43 -80.53
C TYR OA 185 10.01 26.86 -80.07
N LEU OA 186 9.81 27.76 -81.03
CA LEU OA 186 9.50 29.17 -80.91
C LEU OA 186 10.73 30.00 -80.59
N GLY OA 187 11.86 29.38 -80.27
CA GLY OA 187 13.12 30.06 -80.02
C GLY OA 187 13.04 31.34 -79.22
N VAL OA 188 13.94 32.27 -79.52
CA VAL OA 188 13.94 33.60 -78.91
C VAL OA 188 14.44 34.58 -79.97
N ALA OA 189 13.78 35.72 -80.09
CA ALA OA 189 14.25 36.79 -80.95
C ALA OA 189 14.99 37.81 -80.10
N THR OA 190 16.13 38.28 -80.61
CA THR OA 190 16.85 39.34 -79.91
C THR OA 190 16.15 40.69 -80.00
N SER OA 191 15.08 40.78 -80.78
CA SER OA 191 14.42 42.05 -81.08
C SER OA 191 13.18 42.31 -80.24
N GLY OA 192 13.00 41.62 -79.13
CA GLY OA 192 11.85 41.90 -78.29
C GLY OA 192 11.82 41.00 -77.08
N THR OA 193 10.75 41.15 -76.30
CA THR OA 193 10.54 40.33 -75.12
C THR OA 193 9.79 39.06 -75.52
N ASP OA 194 10.38 37.91 -75.23
CA ASP OA 194 9.87 36.64 -75.73
C ASP OA 194 8.51 36.30 -75.16
N ILE OA 195 7.75 35.53 -75.92
CA ILE OA 195 6.58 34.83 -75.41
C ILE OA 195 6.85 33.34 -75.31
N SER OA 196 7.94 32.85 -75.90
CA SER OA 196 8.16 31.41 -76.01
C SER OA 196 8.15 30.73 -74.65
N ALA OA 197 8.94 31.24 -73.71
CA ALA OA 197 9.05 30.58 -72.42
C ALA OA 197 7.69 30.49 -71.73
N VAL OA 198 6.99 31.61 -71.62
CA VAL OA 198 5.68 31.57 -70.99
C VAL OA 198 4.70 30.78 -71.83
N LEU OA 199 4.92 30.66 -73.13
CA LEU OA 199 3.97 29.93 -73.95
C LEU OA 199 4.07 28.43 -73.72
N GLY OA 200 5.15 27.95 -73.11
CA GLY OA 200 5.25 26.54 -72.80
C GLY OA 200 5.58 25.64 -73.96
N MET OA 201 6.05 26.18 -75.09
CA MET OA 201 6.48 25.37 -76.22
C MET OA 201 7.96 25.60 -76.56
N ASN OA 202 8.81 25.61 -75.55
CA ASN OA 202 10.24 25.70 -75.74
C ASN OA 202 10.84 24.33 -75.99
N SER OA 203 12.09 24.33 -76.46
CA SER OA 203 12.81 23.08 -76.65
C SER OA 203 12.94 22.32 -75.34
N GLU OA 204 13.31 23.03 -74.27
CA GLU OA 204 13.34 22.41 -72.97
C GLU OA 204 11.93 22.01 -72.53
N SER OA 205 10.95 22.88 -72.79
CA SER OA 205 9.58 22.59 -72.40
C SER OA 205 9.08 21.36 -73.13
N GLY OA 206 8.35 20.51 -72.41
CA GLY OA 206 7.73 19.37 -73.04
C GLY OA 206 6.72 19.79 -74.08
N ALA OA 207 6.90 19.31 -75.31
CA ALA OA 207 6.00 19.67 -76.39
C ALA OA 207 6.08 18.61 -77.47
N VAL OA 208 4.91 18.18 -77.93
CA VAL OA 208 4.82 17.21 -79.01
C VAL OA 208 4.92 17.99 -80.32
N LEU OA 209 5.81 17.55 -81.20
CA LEU OA 209 6.01 18.22 -82.49
C LEU OA 209 6.06 17.12 -83.55
N THR OA 210 4.90 16.78 -84.09
CA THR OA 210 4.81 15.75 -85.11
C THR OA 210 5.21 16.37 -86.43
N GLN OA 211 6.47 16.14 -86.83
CA GLN OA 211 6.94 16.70 -88.09
C GLN OA 211 6.10 16.18 -89.24
N GLY OA 212 5.87 17.03 -90.24
CA GLY OA 212 5.07 16.64 -91.36
C GLY OA 212 5.56 15.38 -92.03
N THR OA 213 4.66 14.43 -92.24
CA THR OA 213 5.04 13.19 -92.92
C THR OA 213 5.43 13.48 -94.37
N ASP OA 214 6.13 12.53 -94.97
CA ASP OA 214 6.52 12.70 -96.38
C ASP OA 214 5.29 12.78 -97.27
N GLN OA 215 4.51 11.71 -97.34
CA GLN OA 215 3.37 11.64 -98.24
C GLN OA 215 2.28 10.80 -97.57
N VAL OA 216 1.19 10.57 -98.31
CA VAL OA 216 0.11 9.74 -97.81
C VAL OA 216 0.62 8.33 -97.57
N VAL OA 217 0.20 7.72 -96.48
CA VAL OA 217 0.68 6.39 -96.13
C VAL OA 217 -0.48 5.41 -96.18
N LEU OA 218 -0.16 4.16 -96.55
CA LEU OA 218 -1.15 3.11 -96.73
C LEU OA 218 -0.80 1.94 -95.82
N PRO OA 219 -1.18 2.01 -94.54
CA PRO OA 219 -1.01 0.83 -93.67
C PRO OA 219 -1.74 -0.36 -94.26
N ALA OA 220 -1.04 -1.49 -94.29
CA ALA OA 220 -1.67 -2.70 -94.77
C ALA OA 220 -2.80 -3.09 -93.83
N GLU OA 221 -3.77 -3.83 -94.37
CA GLU OA 221 -4.89 -4.29 -93.56
C GLU OA 221 -4.38 -5.18 -92.43
N THR OA 222 -4.62 -4.74 -91.20
CA THR OA 222 -4.26 -5.55 -90.05
C THR OA 222 -5.26 -6.69 -89.90
N LYS OA 223 -5.03 -7.53 -88.90
CA LYS OA 223 -5.96 -8.59 -88.53
C LYS OA 223 -6.78 -8.15 -87.34
N LEU OA 224 -7.87 -8.88 -87.08
CA LEU OA 224 -8.63 -8.65 -85.87
C LEU OA 224 -7.75 -8.82 -84.64
N GLU OA 225 -6.67 -9.60 -84.76
CA GLU OA 225 -5.65 -9.64 -83.73
C GLU OA 225 -5.07 -8.26 -83.45
N GLY OA 226 -5.12 -7.35 -84.42
CA GLY OA 226 -4.72 -5.98 -84.21
C GLY OA 226 -5.47 -5.30 -83.08
N ILE OA 227 -6.48 -5.98 -82.51
CA ILE OA 227 -7.10 -5.53 -81.27
C ILE OA 227 -6.07 -5.30 -80.19
N THR OA 228 -4.88 -5.89 -80.33
CA THR OA 228 -3.81 -5.61 -79.38
C THR OA 228 -3.60 -4.12 -79.23
N ALA OA 229 -3.71 -3.37 -80.32
CA ALA OA 229 -3.54 -1.94 -80.25
C ALA OA 229 -4.58 -1.28 -79.35
N ILE OA 230 -5.84 -1.73 -79.44
CA ILE OA 230 -6.91 -1.04 -78.72
C ILE OA 230 -6.66 -1.07 -77.23
N LYS OA 231 -6.47 -2.27 -76.68
CA LYS OA 231 -6.13 -2.34 -75.26
C LYS OA 231 -4.82 -1.64 -74.96
N SER OA 232 -3.95 -1.54 -75.97
CA SER OA 232 -2.71 -0.81 -75.80
C SER OA 232 -2.94 0.65 -75.44
N GLU OA 233 -4.12 1.20 -75.73
CA GLU OA 233 -4.34 2.62 -75.57
C GLU OA 233 -5.57 3.01 -74.76
N VAL OA 234 -6.45 2.08 -74.40
CA VAL OA 234 -7.69 2.51 -73.77
C VAL OA 234 -7.93 1.80 -72.45
N ASN OA 235 -7.38 0.60 -72.31
CA ASN OA 235 -7.65 -0.25 -71.14
C ASN OA 235 -9.14 -0.54 -71.00
N ILE OA 236 -9.74 -0.97 -72.11
CA ILE OA 236 -11.10 -1.48 -72.09
C ILE OA 236 -11.07 -2.82 -71.38
N LYS OA 237 -12.25 -3.35 -71.05
CA LYS OA 237 -12.32 -4.68 -70.46
C LYS OA 237 -13.32 -5.59 -71.16
N GLY OA 238 -14.26 -5.07 -71.93
CA GLY OA 238 -15.17 -5.91 -72.68
C GLY OA 238 -15.19 -5.49 -74.14
N ALA OA 239 -14.79 -6.39 -75.02
CA ALA OA 239 -14.56 -6.04 -76.41
C ALA OA 239 -15.53 -6.79 -77.32
N MET OA 240 -15.67 -6.26 -78.52
CA MET OA 240 -16.55 -6.83 -79.52
C MET OA 240 -15.85 -6.81 -80.87
N PHE OA 241 -16.59 -7.22 -81.89
CA PHE OA 241 -16.21 -6.97 -83.26
C PHE OA 241 -17.47 -6.86 -84.10
N ILE OA 242 -17.54 -5.83 -84.94
CA ILE OA 242 -18.69 -5.68 -85.82
C ILE OA 242 -18.86 -6.92 -86.67
N ASP OA 243 -17.77 -7.34 -87.31
CA ASP OA 243 -17.81 -8.52 -88.15
C ASP OA 243 -17.85 -9.78 -87.29
N GLN OA 244 -18.14 -10.90 -87.93
CA GLN OA 244 -17.96 -12.17 -87.27
C GLN OA 244 -16.48 -12.53 -87.30
N ILE OA 245 -16.00 -13.10 -86.21
CA ILE OA 245 -14.60 -13.49 -86.14
C ILE OA 245 -14.44 -14.80 -86.90
N LEU OA 246 -13.57 -14.81 -87.90
CA LEU OA 246 -13.36 -16.02 -88.66
C LEU OA 246 -12.75 -17.09 -87.77
N ASP OA 247 -13.04 -18.36 -88.10
CA ASP OA 247 -12.73 -19.44 -87.17
C ASP OA 247 -11.24 -19.55 -86.90
N ALA OA 248 -10.41 -19.43 -87.94
CA ALA OA 248 -8.98 -19.57 -87.74
C ALA OA 248 -8.44 -18.56 -86.75
N ASP OA 249 -9.07 -17.39 -86.66
CA ASP OA 249 -8.65 -16.37 -85.69
C ASP OA 249 -9.19 -16.63 -84.29
N ILE OA 250 -10.18 -17.51 -84.16
CA ILE OA 250 -10.82 -17.70 -82.85
C ILE OA 250 -9.82 -18.11 -81.78
N PRO OA 251 -8.99 -19.14 -81.95
CA PRO OA 251 -8.04 -19.46 -80.88
C PRO OA 251 -7.09 -18.32 -80.59
N GLY OA 252 -6.68 -17.58 -81.62
CA GLY OA 252 -5.77 -16.48 -81.37
C GLY OA 252 -6.40 -15.40 -80.50
N ILE OA 253 -7.62 -14.99 -80.84
CA ILE OA 253 -8.27 -13.95 -80.06
C ILE OA 253 -8.63 -14.48 -78.68
N ALA OA 254 -8.93 -15.77 -78.57
CA ALA OA 254 -9.21 -16.34 -77.25
C ALA OA 254 -7.98 -16.26 -76.37
N SER OA 255 -6.81 -16.67 -76.89
CA SER OA 255 -5.59 -16.56 -76.13
C SER OA 255 -5.32 -15.11 -75.78
N PHE OA 256 -5.58 -14.20 -76.70
CA PHE OA 256 -5.38 -12.80 -76.38
C PHE OA 256 -6.26 -12.37 -75.23
N ALA OA 257 -7.52 -12.82 -75.24
CA ALA OA 257 -8.41 -12.48 -74.14
C ALA OA 257 -7.88 -13.01 -72.82
N GLY OA 258 -7.39 -14.25 -72.84
CA GLY OA 258 -6.86 -14.83 -71.62
C GLY OA 258 -5.64 -14.10 -71.10
N ALA OA 259 -4.81 -13.60 -72.00
CA ALA OA 259 -3.55 -12.99 -71.58
C ALA OA 259 -3.74 -11.53 -71.18
N ASN OA 260 -4.49 -10.77 -71.96
CA ASN OA 260 -4.65 -9.34 -71.72
C ASN OA 260 -5.75 -9.04 -70.74
N ASN OA 261 -6.32 -10.06 -70.11
CA ASN OA 261 -7.15 -9.87 -68.94
C ASN OA 261 -8.40 -9.04 -69.24
N MET OA 262 -9.19 -9.50 -70.19
CA MET OA 262 -10.46 -8.87 -70.51
C MET OA 262 -11.40 -9.93 -71.06
N LEU OA 263 -12.63 -9.53 -71.31
CA LEU OA 263 -13.62 -10.40 -71.92
C LEU OA 263 -13.75 -10.09 -73.39
N VAL OA 264 -14.26 -11.06 -74.15
CA VAL OA 264 -14.56 -10.87 -75.56
C VAL OA 264 -15.83 -11.65 -75.84
N TYR OA 265 -16.93 -10.94 -76.09
CA TYR OA 265 -18.19 -11.59 -76.38
C TYR OA 265 -18.30 -11.82 -77.88
N GLU OA 266 -18.73 -13.01 -78.28
CA GLU OA 266 -18.88 -13.34 -79.68
C GLU OA 266 -20.09 -14.21 -79.86
N VAL OA 267 -20.73 -14.10 -81.03
CA VAL OA 267 -21.92 -14.87 -81.32
C VAL OA 267 -21.60 -15.86 -82.42
N PHE OA 268 -22.45 -16.87 -82.55
CA PHE OA 268 -22.33 -17.85 -83.61
C PHE OA 268 -23.72 -18.30 -84.00
N ASP OA 269 -23.85 -18.71 -85.25
CA ASP OA 269 -25.10 -19.28 -85.72
C ASP OA 269 -25.20 -20.74 -85.29
N THR OA 270 -26.29 -21.40 -85.69
CA THR OA 270 -26.53 -22.76 -85.23
C THR OA 270 -25.53 -23.75 -85.80
N GLY OA 271 -24.79 -23.36 -86.84
CA GLY OA 271 -23.81 -24.27 -87.42
C GLY OA 271 -22.78 -24.74 -86.42
N TYR OA 272 -22.36 -23.87 -85.51
CA TYR OA 272 -21.36 -24.20 -84.52
C TYR OA 272 -21.91 -24.93 -83.31
N LEU OA 273 -23.06 -25.58 -83.44
CA LEU OA 273 -23.67 -26.29 -82.32
C LEU OA 273 -23.20 -27.74 -82.37
N SER OA 274 -22.09 -28.01 -81.71
CA SER OA 274 -21.59 -29.37 -81.70
C SER OA 274 -20.60 -29.52 -80.55
N LYS OA 275 -20.26 -30.78 -80.26
CA LYS OA 275 -19.16 -31.10 -79.36
C LYS OA 275 -17.89 -31.43 -80.13
N ASN OA 276 -17.84 -31.08 -81.40
CA ASN OA 276 -16.72 -31.42 -82.26
C ASN OA 276 -15.55 -30.47 -82.03
N VAL OA 277 -14.34 -31.01 -82.18
CA VAL OA 277 -13.15 -30.17 -82.11
C VAL OA 277 -13.13 -29.18 -83.26
N SER OA 278 -13.53 -29.62 -84.44
CA SER OA 278 -13.57 -28.70 -85.58
C SER OA 278 -14.44 -27.49 -85.28
N ASN OA 279 -15.43 -27.65 -84.42
CA ASN OA 279 -16.24 -26.53 -84.00
C ASN OA 279 -15.42 -25.63 -83.09
N PRO OA 280 -15.16 -24.38 -83.46
CA PRO OA 280 -14.26 -23.55 -82.66
C PRO OA 280 -14.70 -23.33 -81.23
N VAL OA 281 -16.00 -23.23 -80.99
CA VAL OA 281 -16.45 -22.91 -79.64
C VAL OA 281 -16.16 -24.06 -78.69
N TRP OA 282 -16.42 -25.29 -79.13
CA TRP OA 282 -16.03 -26.43 -78.31
C TRP OA 282 -14.53 -26.48 -78.10
N ALA OA 283 -13.77 -26.04 -79.10
CA ALA OA 283 -12.33 -25.92 -78.90
C ALA OA 283 -12.02 -24.96 -77.77
N VAL OA 284 -12.73 -23.83 -77.74
CA VAL OA 284 -12.53 -22.87 -76.66
C VAL OA 284 -12.82 -23.53 -75.33
N LYS OA 285 -13.92 -24.28 -75.25
CA LYS OA 285 -14.29 -24.92 -74.00
C LYS OA 285 -13.19 -25.88 -73.55
N LEU OA 286 -12.78 -26.77 -74.44
CA LEU OA 286 -11.77 -27.75 -74.04
C LEU OA 286 -10.44 -27.09 -73.72
N ALA OA 287 -10.20 -25.91 -74.27
CA ALA OA 287 -8.95 -25.23 -73.99
C ALA OA 287 -8.99 -24.40 -72.73
N GLY OA 288 -10.16 -24.21 -72.13
CA GLY OA 288 -10.23 -23.38 -70.95
C GLY OA 288 -10.08 -21.91 -71.21
N GLN OA 289 -10.30 -21.48 -72.45
CA GLN OA 289 -10.20 -20.06 -72.80
C GLN OA 289 -11.46 -19.33 -72.32
N SER OA 290 -11.64 -19.36 -70.99
CA SER OA 290 -12.91 -18.96 -70.41
C SER OA 290 -13.24 -17.50 -70.61
N ASN OA 291 -12.27 -16.68 -71.00
CA ASN OA 291 -12.60 -15.28 -71.20
C ASN OA 291 -13.23 -15.00 -72.55
N PHE OA 292 -13.28 -15.98 -73.44
CA PHE OA 292 -13.82 -15.78 -74.77
C PHE OA 292 -15.28 -16.22 -74.81
N ARG OA 293 -16.17 -15.34 -74.39
CA ARG OA 293 -17.54 -15.82 -74.21
C ARG OA 293 -18.24 -16.01 -75.54
N CYS OA 294 -18.89 -17.16 -75.68
CA CYS OA 294 -19.52 -17.58 -76.92
C CYS OA 294 -21.03 -17.52 -76.77
N LEU OA 295 -21.70 -16.98 -77.79
CA LEU OA 295 -23.11 -16.68 -77.76
C LEU OA 295 -23.77 -17.26 -79.00
N LEU OA 296 -25.08 -17.45 -78.94
CA LEU OA 296 -25.82 -18.08 -80.03
C LEU OA 296 -26.88 -17.14 -80.56
N SER OA 297 -27.02 -17.11 -81.88
CA SER OA 297 -28.10 -16.40 -82.54
C SER OA 297 -28.36 -17.09 -83.87
N LYS OA 298 -29.53 -17.70 -84.01
CA LYS OA 298 -29.86 -18.35 -85.28
C LYS OA 298 -29.79 -17.37 -86.42
N SER OA 299 -30.29 -16.15 -86.21
CA SER OA 299 -30.12 -15.09 -87.18
C SER OA 299 -28.69 -14.64 -87.31
N GLY OA 300 -27.82 -15.03 -86.38
CA GLY OA 300 -26.49 -14.44 -86.34
C GLY OA 300 -26.55 -12.98 -85.97
N ASN OA 301 -27.44 -12.62 -85.06
CA ASN OA 301 -27.66 -11.21 -84.71
C ASN OA 301 -26.47 -10.71 -83.90
N ARG OA 302 -25.55 -10.04 -84.59
CA ARG OA 302 -24.39 -9.49 -83.89
C ARG OA 302 -24.80 -8.48 -82.83
N LYS OA 303 -25.91 -7.79 -83.03
CA LYS OA 303 -26.40 -6.87 -82.00
C LYS OA 303 -26.62 -7.59 -80.70
N PHE OA 304 -26.86 -8.90 -80.74
CA PHE OA 304 -27.08 -9.64 -79.50
C PHE OA 304 -25.86 -9.60 -78.61
N ALA OA 305 -24.67 -9.44 -79.19
CA ALA OA 305 -23.49 -9.25 -78.35
C ALA OA 305 -23.61 -7.96 -77.55
N ALA OA 306 -24.05 -6.88 -78.19
CA ALA OA 306 -24.11 -5.58 -77.54
C ALA OA 306 -24.94 -5.64 -76.26
N THR OA 307 -26.22 -5.94 -76.42
CA THR OA 307 -27.08 -6.05 -75.25
C THR OA 307 -26.55 -7.05 -74.25
N TYR OA 308 -25.76 -8.02 -74.70
CA TYR OA 308 -25.11 -8.91 -73.76
C TYR OA 308 -24.00 -8.18 -73.01
N MET OA 309 -23.05 -7.61 -73.75
CA MET OA 309 -22.00 -6.85 -73.10
C MET OA 309 -22.57 -5.74 -72.24
N ALA OA 310 -23.66 -5.14 -72.70
CA ALA OA 310 -24.25 -4.06 -71.94
C ALA OA 310 -25.00 -4.54 -70.71
N ARG OA 311 -25.26 -5.84 -70.59
CA ARG OA 311 -25.98 -6.35 -69.43
C ARG OA 311 -25.08 -6.97 -68.38
N MET OA 312 -23.99 -7.62 -68.79
CA MET OA 312 -23.08 -8.20 -67.81
C MET OA 312 -22.40 -7.13 -66.97
N HIS OA 313 -21.90 -6.08 -67.61
CA HIS OA 313 -20.91 -5.24 -66.97
C HIS OA 313 -21.49 -4.24 -65.99
N THR OA 314 -22.82 -4.19 -65.86
CA THR OA 314 -23.46 -3.25 -64.95
C THR OA 314 -23.34 -3.77 -63.53
N VAL OA 315 -22.25 -3.35 -62.88
CA VAL OA 315 -21.98 -3.76 -61.50
C VAL OA 315 -20.91 -2.82 -60.95
N LEU OA 316 -21.05 -2.47 -59.69
CA LEU OA 316 -20.26 -1.39 -59.12
C LEU OA 316 -19.08 -1.86 -58.28
N PHE OA 317 -19.16 -3.06 -57.71
CA PHE OA 317 -18.07 -3.63 -56.92
C PHE OA 317 -17.73 -2.78 -55.72
N SER OA 318 -18.70 -2.02 -55.23
CA SER OA 318 -18.54 -1.36 -53.94
C SER OA 318 -19.78 -1.43 -53.09
N GLY OA 319 -20.94 -1.75 -53.65
CA GLY OA 319 -22.17 -1.82 -52.90
C GLY OA 319 -22.26 -3.09 -52.11
N GLN OA 320 -23.39 -3.22 -51.40
CA GLN OA 320 -23.56 -4.38 -50.54
C GLN OA 320 -23.58 -5.67 -51.32
N ASN OA 321 -24.60 -5.87 -52.13
CA ASN OA 321 -24.74 -7.09 -52.93
C ASN OA 321 -24.98 -6.68 -54.37
N THR OA 322 -23.99 -6.91 -55.23
CA THR OA 322 -24.12 -6.44 -56.60
C THR OA 322 -23.67 -7.47 -57.62
N ALA OA 323 -23.04 -8.57 -57.20
CA ALA OA 323 -22.59 -9.57 -58.16
C ALA OA 323 -23.79 -10.25 -58.79
N ILE OA 324 -24.04 -9.98 -60.05
CA ILE OA 324 -25.19 -10.50 -60.76
C ILE OA 324 -24.74 -11.62 -61.68
N THR OA 325 -25.56 -12.66 -61.78
CA THR OA 325 -25.45 -13.60 -62.88
C THR OA 325 -26.08 -12.98 -64.12
N MET OA 326 -26.22 -13.77 -65.18
CA MET OA 326 -27.02 -13.33 -66.30
C MET OA 326 -28.12 -14.31 -66.68
N GLN OA 327 -28.31 -15.38 -65.93
CA GLN OA 327 -29.49 -16.20 -66.14
C GLN OA 327 -30.74 -15.33 -66.10
N LEU OA 328 -31.45 -15.28 -67.23
CA LEU OA 328 -32.75 -14.64 -67.28
C LEU OA 328 -32.65 -13.15 -66.92
N LYS OA 329 -31.94 -12.42 -67.76
CA LYS OA 329 -31.84 -10.98 -67.62
C LYS OA 329 -32.38 -10.30 -68.87
N GLU OA 330 -33.09 -9.19 -68.65
CA GLU OA 330 -33.71 -8.46 -69.75
C GLU OA 330 -32.65 -7.93 -70.69
N LEU OA 331 -32.82 -8.19 -71.98
CA LEU OA 331 -31.90 -7.74 -73.00
C LEU OA 331 -32.65 -6.91 -74.03
N SER OA 332 -31.91 -6.32 -74.96
CA SER OA 332 -32.47 -5.36 -75.90
C SER OA 332 -32.33 -5.83 -77.33
N VAL OA 333 -32.67 -7.09 -77.58
CA VAL OA 333 -32.75 -7.61 -78.95
C VAL OA 333 -33.78 -8.71 -78.97
N THR OA 334 -34.50 -8.80 -80.08
CA THR OA 334 -35.56 -9.79 -80.21
C THR OA 334 -35.00 -11.20 -80.04
N ALA OA 335 -35.65 -11.98 -79.21
CA ALA OA 335 -35.26 -13.37 -79.08
C ALA OA 335 -35.61 -14.12 -80.35
N GLU OA 336 -35.07 -15.33 -80.48
CA GLU OA 336 -35.28 -16.16 -81.66
C GLU OA 336 -35.99 -17.43 -81.24
N GLU OA 337 -36.14 -18.35 -82.19
CA GLU OA 337 -36.86 -19.59 -81.98
C GLU OA 337 -35.91 -20.77 -82.09
N TYR OA 338 -35.91 -21.63 -81.07
CA TYR OA 338 -35.09 -22.82 -81.06
C TYR OA 338 -35.94 -24.01 -80.63
N THR OA 339 -35.55 -25.19 -81.10
CA THR OA 339 -36.14 -26.40 -80.58
C THR OA 339 -35.27 -26.96 -79.46
N ASP OA 340 -35.75 -28.03 -78.83
CA ASP OA 340 -35.15 -28.49 -77.58
C ASP OA 340 -33.71 -28.91 -77.77
N THR OA 341 -33.43 -29.67 -78.83
CA THR OA 341 -32.15 -30.36 -78.93
C THR OA 341 -30.99 -29.38 -78.97
N GLU OA 342 -31.11 -28.30 -79.73
CA GLU OA 342 -30.06 -27.30 -79.68
C GLU OA 342 -30.13 -26.41 -78.45
N ILE OA 343 -31.26 -26.31 -77.74
CA ILE OA 343 -31.20 -25.70 -76.41
C ILE OA 343 -30.22 -26.47 -75.54
N ALA OA 344 -30.40 -27.79 -75.48
CA ALA OA 344 -29.51 -28.60 -74.65
C ALA OA 344 -28.09 -28.58 -75.16
N ASN OA 345 -27.92 -28.66 -76.48
CA ASN OA 345 -26.57 -28.60 -77.03
C ASN OA 345 -25.89 -27.30 -76.66
N ALA OA 346 -26.58 -26.18 -76.80
CA ALA OA 346 -26.00 -24.91 -76.43
C ALA OA 346 -25.67 -24.88 -74.95
N LYS OA 347 -26.52 -25.48 -74.12
CA LYS OA 347 -26.22 -25.52 -72.70
C LYS OA 347 -24.95 -26.31 -72.43
N THR OA 348 -24.71 -27.37 -73.18
CA THR OA 348 -23.59 -28.25 -72.90
C THR OA 348 -22.35 -27.96 -73.73
N VAL OA 349 -22.37 -26.94 -74.59
CA VAL OA 349 -21.17 -26.54 -75.33
C VAL OA 349 -20.76 -25.11 -75.05
N GLY OA 350 -21.38 -24.43 -74.10
CA GLY OA 350 -20.89 -23.16 -73.66
C GLY OA 350 -21.59 -21.95 -74.23
N LEU OA 351 -22.38 -22.11 -75.29
CA LEU OA 351 -23.07 -20.98 -75.85
C LEU OA 351 -24.13 -20.46 -74.88
N ASP OA 352 -24.68 -19.29 -75.20
CA ASP OA 352 -25.78 -18.70 -74.46
C ASP OA 352 -26.94 -18.49 -75.41
N LEU OA 353 -28.16 -18.51 -74.86
CA LEU OA 353 -29.35 -18.48 -75.67
C LEU OA 353 -30.29 -17.36 -75.24
N LEU OA 354 -30.75 -16.57 -76.19
CA LEU OA 354 -31.80 -15.60 -75.94
C LEU OA 354 -33.06 -16.11 -76.61
N THR OA 355 -33.95 -16.69 -75.82
CA THR OA 355 -35.13 -17.35 -76.36
C THR OA 355 -36.41 -16.94 -75.67
N THR OA 356 -37.47 -17.69 -75.95
CA THR OA 356 -38.79 -17.41 -75.43
C THR OA 356 -39.11 -18.37 -74.29
N ILE OA 357 -39.54 -17.80 -73.16
CA ILE OA 357 -40.14 -18.54 -72.06
C ILE OA 357 -41.40 -17.79 -71.64
N LYS OA 358 -42.54 -18.47 -71.66
CA LYS OA 358 -43.82 -17.86 -71.30
C LYS OA 358 -44.02 -16.56 -72.06
N ASN OA 359 -43.58 -16.54 -73.32
CA ASN OA 359 -43.67 -15.37 -74.17
C ASN OA 359 -42.99 -14.16 -73.53
N GLU OA 360 -41.69 -14.30 -73.34
CA GLU OA 360 -40.88 -13.29 -72.68
C GLU OA 360 -39.44 -13.47 -73.13
N GLN OA 361 -38.68 -12.39 -73.01
CA GLN OA 361 -37.25 -12.49 -73.25
C GLN OA 361 -36.63 -13.34 -72.16
N ALA OA 362 -35.85 -14.35 -72.54
CA ALA OA 362 -35.21 -15.24 -71.58
C ALA OA 362 -33.79 -15.50 -72.02
N LEU OA 363 -32.82 -14.98 -71.28
CA LEU OA 363 -31.42 -15.25 -71.56
C LEU OA 363 -30.94 -16.36 -70.63
N LEU OA 364 -30.41 -17.43 -71.22
CA LEU OA 364 -29.86 -18.54 -70.46
C LEU OA 364 -28.38 -18.65 -70.75
N THR OA 365 -27.61 -18.76 -69.68
CA THR OA 365 -26.17 -18.91 -69.72
C THR OA 365 -25.88 -20.41 -69.66
N SER OA 366 -24.60 -20.77 -69.69
CA SER OA 366 -24.20 -22.16 -69.65
C SER OA 366 -23.05 -22.30 -68.67
N GLY OA 367 -22.68 -23.55 -68.40
CA GLY OA 367 -21.63 -23.81 -67.46
C GLY OA 367 -20.53 -24.67 -68.06
N ALA OA 368 -20.71 -25.06 -69.32
CA ALA OA 368 -19.67 -25.81 -70.01
C ALA OA 368 -18.36 -25.04 -70.01
N ASN OA 369 -18.35 -23.88 -70.67
CA ASN OA 369 -17.35 -22.89 -70.33
C ASN OA 369 -17.74 -22.28 -68.98
N ASP OA 370 -16.77 -21.65 -68.33
CA ASP OA 370 -17.00 -21.09 -67.02
C ASP OA 370 -18.14 -20.09 -67.07
N PHE OA 371 -18.88 -19.97 -65.96
CA PHE OA 371 -20.04 -19.10 -65.92
C PHE OA 371 -19.65 -17.66 -66.23
N CYS OA 372 -20.55 -16.94 -66.89
CA CYS OA 372 -20.29 -15.53 -67.17
C CYS OA 372 -20.06 -14.77 -65.88
N ASP OA 373 -20.96 -14.94 -64.92
CA ASP OA 373 -20.78 -14.29 -63.64
C ASP OA 373 -19.42 -14.61 -63.05
N ASN OA 374 -19.05 -15.89 -63.07
CA ASN OA 374 -17.81 -16.29 -62.44
C ASN OA 374 -16.60 -15.64 -63.11
N VAL OA 375 -16.52 -15.73 -64.43
CA VAL OA 375 -15.33 -15.22 -65.11
C VAL OA 375 -15.25 -13.71 -64.98
N TYR OA 376 -16.38 -13.02 -65.16
CA TYR OA 376 -16.37 -11.57 -65.06
C TYR OA 376 -16.00 -11.12 -63.65
N ASN OA 377 -16.59 -11.76 -62.65
CA ASN OA 377 -16.27 -11.41 -61.27
C ASN OA 377 -14.80 -11.64 -60.98
N LEU OA 378 -14.29 -12.80 -61.36
CA LEU OA 378 -12.89 -13.10 -61.11
C LEU OA 378 -12.00 -12.07 -61.79
N GLU OA 379 -12.37 -11.67 -63.01
CA GLU OA 379 -11.49 -10.81 -63.76
C GLU OA 379 -11.43 -9.43 -63.14
N ALA OA 380 -12.60 -8.89 -62.80
CA ALA OA 380 -12.62 -7.61 -62.10
C ALA OA 380 -11.88 -7.72 -60.79
N PHE OA 381 -12.00 -8.86 -60.12
CA PHE OA 381 -11.30 -9.04 -58.86
C PHE OA 381 -9.80 -8.96 -59.04
N ARG OA 382 -9.27 -9.70 -60.01
CA ARG OA 382 -7.83 -9.70 -60.20
C ARG OA 382 -7.33 -8.32 -60.59
N ASP OA 383 -8.04 -7.66 -61.50
CA ASP OA 383 -7.61 -6.33 -61.91
C ASP OA 383 -7.67 -5.35 -60.75
N GLU OA 384 -8.71 -5.46 -59.92
CA GLU OA 384 -8.84 -4.57 -58.79
C GLU OA 384 -7.77 -4.84 -57.74
N ILE OA 385 -7.42 -6.10 -57.52
CA ILE OA 385 -6.31 -6.39 -56.62
C ILE OA 385 -5.04 -5.75 -57.15
N GLN OA 386 -4.78 -5.92 -58.44
CA GLN OA 386 -3.59 -5.34 -59.01
C GLN OA 386 -3.57 -3.83 -58.82
N THR OA 387 -4.70 -3.17 -59.05
CA THR OA 387 -4.70 -1.71 -58.98
C THR OA 387 -4.62 -1.20 -57.55
N ASN OA 388 -5.34 -1.82 -56.62
CA ASN OA 388 -5.20 -1.44 -55.21
C ASN OA 388 -3.79 -1.66 -54.71
N ASN OA 389 -3.15 -2.75 -55.14
CA ASN OA 389 -1.77 -2.94 -54.74
C ASN OA 389 -0.86 -1.90 -55.37
N TYR OA 390 -1.11 -1.56 -56.63
CA TYR OA 390 -0.28 -0.58 -57.29
C TYR OA 390 -0.37 0.78 -56.63
N ASN OA 391 -1.59 1.28 -56.45
CA ASN OA 391 -1.72 2.63 -55.91
C ASN OA 391 -1.43 2.68 -54.41
N LEU OA 392 -1.40 1.52 -53.73
CA LEU OA 392 -0.85 1.49 -52.38
C LEU OA 392 0.63 1.80 -52.36
N LEU OA 393 1.30 1.63 -53.49
CA LEU OA 393 2.73 1.44 -53.50
C LEU OA 393 3.51 2.53 -54.19
N LYS OA 394 2.88 3.28 -55.09
CA LYS OA 394 3.59 4.32 -55.81
C LYS OA 394 2.95 5.70 -55.71
N THR OA 395 1.68 5.78 -55.33
CA THR OA 395 1.02 7.06 -55.20
C THR OA 395 0.65 7.41 -53.76
N THR OA 396 0.82 6.49 -52.83
CA THR OA 396 0.48 6.77 -51.44
C THR OA 396 1.46 7.74 -50.80
N SER OA 397 2.56 8.05 -51.48
CA SER OA 397 3.56 9.03 -51.07
C SER OA 397 4.31 8.62 -49.82
N THR OA 398 4.03 7.45 -49.25
CA THR OA 398 4.79 6.91 -48.14
C THR OA 398 5.15 5.49 -48.52
N LYS OA 399 6.24 5.33 -49.26
CA LYS OA 399 6.57 4.03 -49.82
C LYS OA 399 6.70 2.99 -48.72
N ILE OA 400 6.10 1.84 -48.95
CA ILE OA 400 6.03 0.83 -47.89
C ILE OA 400 7.28 -0.02 -47.96
N PRO OA 401 7.89 -0.36 -46.85
CA PRO OA 401 9.21 -1.00 -46.88
C PRO OA 401 9.13 -2.49 -47.11
N GLN OA 402 10.25 -3.20 -46.96
CA GLN OA 402 10.18 -4.62 -46.64
C GLN OA 402 10.19 -4.86 -45.13
N THR OA 403 9.83 -3.87 -44.34
CA THR OA 403 9.57 -4.14 -42.93
C THR OA 403 8.47 -5.19 -42.83
N ASP OA 404 8.64 -6.12 -41.90
CA ASP OA 404 7.55 -7.06 -41.64
C ASP OA 404 6.25 -6.34 -41.36
N PRO OA 405 6.23 -5.23 -40.61
CA PRO OA 405 5.02 -4.39 -40.63
C PRO OA 405 4.61 -3.96 -42.03
N GLY OA 406 5.57 -3.60 -42.88
CA GLY OA 406 5.21 -3.20 -44.22
C GLY OA 406 4.69 -4.35 -45.05
N MET OA 407 5.31 -5.52 -44.92
CA MET OA 407 4.78 -6.68 -45.58
C MET OA 407 3.38 -6.98 -45.07
N ASP OA 408 3.14 -6.73 -43.81
CA ASP OA 408 1.80 -6.93 -43.31
C ASP OA 408 0.85 -5.91 -43.92
N THR OA 409 1.33 -4.69 -44.15
CA THR OA 409 0.52 -3.69 -44.83
C THR OA 409 0.12 -4.17 -46.20
N ILE OA 410 1.08 -4.69 -46.95
CA ILE OA 410 0.76 -5.11 -48.31
C ILE OA 410 -0.15 -6.32 -48.28
N GLU OA 411 -0.06 -7.14 -47.23
CA GLU OA 411 -1.04 -8.21 -47.08
C GLU OA 411 -2.42 -7.66 -46.77
N ASP OA 412 -2.49 -6.63 -45.93
CA ASP OA 412 -3.79 -6.10 -45.55
C ASP OA 412 -4.46 -5.41 -46.72
N ASP OA 413 -3.68 -4.83 -47.61
CA ASP OA 413 -4.32 -4.17 -48.75
C ASP OA 413 -5.16 -5.17 -49.55
N THR OA 414 -4.56 -6.30 -49.88
CA THR OA 414 -5.30 -7.32 -50.62
C THR OA 414 -6.36 -7.96 -49.75
N GLU OA 415 -6.10 -8.10 -48.45
CA GLU OA 415 -7.14 -8.64 -47.57
C GLU OA 415 -8.34 -7.70 -47.53
N LYS OA 416 -8.09 -6.40 -47.53
CA LYS OA 416 -9.16 -5.41 -47.52
C LYS OA 416 -9.95 -5.46 -48.81
N THR OA 417 -9.26 -5.61 -49.93
CA THR OA 417 -9.99 -5.78 -51.19
C THR OA 417 -10.83 -7.05 -51.17
N CYS OA 418 -10.27 -8.15 -50.65
CA CYS OA 418 -11.06 -9.37 -50.56
C CYS OA 418 -12.27 -9.16 -49.68
N GLU OA 419 -12.11 -8.42 -48.59
CA GLU OA 419 -13.27 -8.02 -47.80
C GLU OA 419 -14.27 -7.27 -48.67
N LYS OA 420 -13.79 -6.29 -49.42
CA LYS OA 420 -14.69 -5.53 -50.28
C LYS OA 420 -15.48 -6.46 -51.20
N TYR OA 421 -14.86 -7.56 -51.61
CA TYR OA 421 -15.56 -8.44 -52.53
C TYR OA 421 -16.48 -9.43 -51.83
N VAL OA 422 -16.12 -9.93 -50.66
CA VAL OA 422 -17.04 -10.81 -49.96
C VAL OA 422 -18.25 -10.02 -49.50
N ARG OA 423 -18.03 -8.77 -49.11
CA ARG OA 423 -19.11 -7.84 -48.78
C ARG OA 423 -19.69 -7.21 -50.02
N ASN OA 424 -19.48 -7.85 -51.16
CA ASN OA 424 -19.95 -7.39 -52.45
C ASN OA 424 -20.94 -8.35 -53.09
N GLY OA 425 -20.78 -9.64 -52.86
CA GLY OA 425 -21.62 -10.65 -53.49
C GLY OA 425 -20.87 -11.62 -54.37
N VAL OA 426 -19.57 -11.46 -54.57
CA VAL OA 426 -18.81 -12.36 -55.43
C VAL OA 426 -18.33 -13.59 -54.68
N PHE OA 427 -17.81 -13.41 -53.48
CA PHE OA 427 -17.30 -14.52 -52.69
C PHE OA 427 -18.08 -14.62 -51.39
N ALA OA 428 -18.32 -15.85 -50.95
CA ALA OA 428 -19.00 -16.11 -49.70
C ALA OA 428 -18.22 -17.17 -48.93
N PRO OA 429 -18.27 -17.12 -47.60
CA PRO OA 429 -17.62 -18.16 -46.82
C PRO OA 429 -18.24 -19.52 -47.12
N GLY OA 430 -17.41 -20.55 -47.02
CA GLY OA 430 -17.88 -21.90 -47.27
C GLY OA 430 -16.72 -22.87 -47.23
N THR OA 431 -17.07 -24.14 -47.25
CA THR OA 431 -16.04 -25.18 -47.29
C THR OA 431 -15.28 -25.08 -48.59
N TRP OA 432 -14.02 -25.49 -48.56
CA TRP OA 432 -13.17 -25.48 -49.74
C TRP OA 432 -13.22 -26.85 -50.41
N THR OA 433 -13.70 -26.86 -51.66
CA THR OA 433 -13.85 -28.12 -52.38
C THR OA 433 -12.51 -28.65 -52.90
N ARG OA 434 -11.64 -27.76 -53.33
CA ARG OA 434 -10.42 -28.19 -53.99
C ARG OA 434 -9.47 -28.83 -52.99
N SER OA 435 -8.46 -29.51 -53.52
CA SER OA 435 -7.46 -30.14 -52.67
C SER OA 435 -6.21 -29.27 -52.55
N ASP OA 436 -5.77 -28.69 -53.66
CA ASP OA 436 -4.61 -27.81 -53.63
C ASP OA 436 -4.88 -26.58 -52.79
N PHE OA 437 -3.83 -26.08 -52.14
CA PHE OA 437 -3.97 -25.03 -51.15
C PHE OA 437 -2.58 -24.42 -50.93
N PHE OA 438 -2.46 -23.61 -49.89
CA PHE OA 438 -1.14 -23.11 -49.51
C PHE OA 438 -1.16 -22.73 -48.03
N GLY OA 439 0.03 -22.64 -47.46
CA GLY OA 439 0.19 -22.33 -46.06
C GLY OA 439 0.02 -23.54 -45.17
N ASP OA 440 -1.23 -23.92 -44.91
CA ASP OA 440 -1.53 -25.15 -44.19
C ASP OA 440 -3.03 -25.37 -44.27
N ARG OA 441 -3.43 -26.63 -44.37
CA ARG OA 441 -4.84 -26.94 -44.57
C ARG OA 441 -5.71 -26.27 -43.52
N GLN OA 442 -5.29 -26.32 -42.26
CA GLN OA 442 -6.18 -25.92 -41.20
C GLN OA 442 -6.56 -24.45 -41.31
N GLN OA 443 -5.58 -23.57 -41.38
CA GLN OA 443 -5.90 -22.15 -41.50
C GLN OA 443 -6.61 -21.84 -42.80
N PHE OA 444 -6.18 -22.48 -43.88
CA PHE OA 444 -6.79 -22.26 -45.19
C PHE OA 444 -8.29 -22.50 -45.13
N VAL OA 445 -8.68 -23.73 -44.83
CA VAL OA 445 -10.10 -24.06 -44.82
C VAL OA 445 -10.83 -23.29 -43.74
N ASP OA 446 -10.17 -23.03 -42.61
CA ASP OA 446 -10.85 -22.29 -41.55
C ASP OA 446 -11.22 -20.89 -42.02
N ALA OA 447 -10.27 -20.19 -42.61
CA ALA OA 447 -10.54 -18.84 -43.08
C ALA OA 447 -11.57 -18.85 -44.19
N ILE OA 448 -11.47 -19.78 -45.14
CA ILE OA 448 -12.44 -19.79 -46.22
C ILE OA 448 -13.84 -20.07 -45.70
N ALA OA 449 -13.96 -21.01 -44.76
CA ALA OA 449 -15.28 -21.31 -44.22
C ALA OA 449 -15.79 -20.16 -43.37
N GLN OA 450 -14.90 -19.34 -42.82
CA GLN OA 450 -15.34 -18.22 -42.01
C GLN OA 450 -15.33 -16.90 -42.78
N LYS OA 451 -14.19 -16.50 -43.32
CA LYS OA 451 -14.09 -15.20 -43.96
C LYS OA 451 -14.37 -15.25 -45.47
N GLY OA 452 -14.37 -16.42 -46.08
CA GLY OA 452 -14.60 -16.50 -47.50
C GLY OA 452 -13.40 -16.19 -48.36
N TYR OA 453 -12.26 -15.88 -47.76
CA TYR OA 453 -11.05 -15.59 -48.51
C TYR OA 453 -9.88 -15.88 -47.61
N TYR OA 454 -8.71 -16.06 -48.21
CA TYR OA 454 -7.51 -16.24 -47.42
C TYR OA 454 -6.32 -15.68 -48.17
N VAL OA 455 -5.62 -14.74 -47.55
CA VAL OA 455 -4.43 -14.13 -48.13
C VAL OA 455 -3.25 -14.54 -47.28
N LEU OA 456 -2.30 -15.25 -47.89
CA LEU OA 456 -1.07 -15.60 -47.22
C LEU OA 456 0.11 -15.12 -48.05
N ILE OA 457 0.93 -14.27 -47.47
CA ILE OA 457 2.04 -13.64 -48.15
C ILE OA 457 3.32 -14.37 -47.77
N GLY OA 458 4.15 -14.64 -48.77
CA GLY OA 458 5.43 -15.25 -48.49
C GLY OA 458 6.24 -14.41 -47.53
N ASP OA 459 7.04 -15.08 -46.72
CA ASP OA 459 7.84 -14.38 -45.73
C ASP OA 459 9.05 -13.75 -46.39
N LEU OA 460 9.48 -12.62 -45.85
CA LEU OA 460 10.70 -12.00 -46.34
C LEU OA 460 11.85 -12.98 -46.31
N ALA OA 461 11.84 -13.90 -45.34
CA ALA OA 461 12.92 -14.86 -45.25
C ALA OA 461 13.03 -15.66 -46.54
N ASP OA 462 11.92 -16.17 -47.05
CA ASP OA 462 11.94 -17.10 -48.18
C ASP OA 462 12.35 -16.42 -49.47
N GLN OA 463 12.63 -15.11 -49.46
CA GLN OA 463 13.01 -14.38 -50.65
C GLN OA 463 14.50 -14.12 -50.62
N THR OA 464 15.18 -14.46 -51.70
CA THR OA 464 16.63 -14.29 -51.76
C THR OA 464 16.99 -12.81 -51.89
N THR OA 465 18.24 -12.50 -51.55
CA THR OA 465 18.73 -11.14 -51.70
C THR OA 465 18.71 -10.71 -53.15
N ALA OA 466 18.80 -11.67 -54.08
CA ALA OA 466 18.87 -11.34 -55.50
C ALA OA 466 17.62 -10.60 -55.96
N GLU OA 467 16.46 -11.03 -55.49
CA GLU OA 467 15.22 -10.35 -55.85
C GLU OA 467 14.81 -9.30 -54.84
N ARG OA 468 15.39 -9.30 -53.64
CA ARG OA 468 15.13 -8.21 -52.71
C ARG OA 468 15.62 -6.89 -53.29
N GLN OA 469 16.87 -6.89 -53.78
CA GLN OA 469 17.39 -5.70 -54.45
C GLN OA 469 16.58 -5.35 -55.69
N SER OA 470 15.84 -6.31 -56.24
CA SER OA 470 14.91 -6.02 -57.32
C SER OA 470 13.70 -5.24 -56.84
N ARG OA 471 13.52 -5.08 -55.53
CA ARG OA 471 12.44 -4.29 -54.96
C ARG OA 471 11.09 -4.88 -55.36
N VAL OA 472 10.93 -6.16 -55.12
CA VAL OA 472 9.66 -6.87 -55.35
C VAL OA 472 9.35 -7.69 -54.11
N SER OA 473 8.14 -7.54 -53.60
CA SER OA 473 7.74 -8.25 -52.41
C SER OA 473 7.65 -9.73 -52.71
N PRO OA 474 7.49 -10.57 -51.69
CA PRO OA 474 7.19 -11.98 -51.94
C PRO OA 474 5.88 -12.12 -52.71
N VAL OA 475 5.65 -13.32 -53.23
CA VAL OA 475 4.47 -13.57 -54.04
C VAL OA 475 3.30 -13.85 -53.12
N ILE OA 476 2.34 -12.92 -53.06
CA ILE OA 476 1.20 -13.13 -52.19
C ILE OA 476 0.28 -14.17 -52.83
N GLN OA 477 -0.34 -14.99 -52.00
CA GLN OA 477 -1.24 -16.04 -52.46
C GLN OA 477 -2.61 -15.79 -51.87
N ILE OA 478 -3.59 -15.47 -52.70
CA ILE OA 478 -4.93 -15.22 -52.22
C ILE OA 478 -5.85 -16.29 -52.79
N ALA OA 479 -6.76 -16.78 -51.96
CA ALA OA 479 -7.65 -17.87 -52.31
C ALA OA 479 -9.07 -17.45 -51.99
N VAL OA 480 -9.95 -17.59 -52.98
CA VAL OA 480 -11.32 -17.13 -52.90
C VAL OA 480 -12.25 -18.26 -53.28
N LYS OA 481 -13.50 -18.14 -52.82
CA LYS OA 481 -14.54 -19.09 -53.15
C LYS OA 481 -15.76 -18.32 -53.63
N ASN OA 482 -16.26 -18.65 -54.82
CA ASN OA 482 -17.40 -17.94 -55.38
C ASN OA 482 -18.64 -18.15 -54.53
N ALA OA 483 -19.54 -17.17 -54.57
CA ALA OA 483 -20.85 -17.34 -54.00
C ALA OA 483 -21.74 -18.07 -54.99
N GLY OA 484 -22.48 -19.06 -54.50
CA GLY OA 484 -23.35 -19.82 -55.37
C GLY OA 484 -24.49 -18.97 -55.91
N ALA OA 485 -24.77 -19.12 -57.19
CA ALA OA 485 -25.84 -18.43 -57.87
C ALA OA 485 -26.90 -19.45 -58.26
N VAL OA 486 -28.13 -19.22 -57.84
CA VAL OA 486 -29.22 -20.10 -58.22
C VAL OA 486 -29.58 -19.89 -59.67
N HIS OA 487 -29.62 -20.98 -60.43
CA HIS OA 487 -29.95 -20.93 -61.85
C HIS OA 487 -31.03 -21.96 -62.13
N GLU OA 488 -30.96 -23.07 -61.44
CA GLU OA 488 -31.90 -24.16 -61.57
C GLU OA 488 -32.69 -24.26 -60.28
N GLU OA 489 -33.93 -24.71 -60.37
CA GLU OA 489 -34.63 -25.24 -59.23
C GLU OA 489 -35.46 -26.42 -59.69
N ASP OA 490 -35.33 -27.53 -58.97
CA ASP OA 490 -36.08 -28.74 -59.25
C ASP OA 490 -36.83 -29.11 -57.99
N ILE OA 491 -38.13 -29.33 -58.12
CA ILE OA 491 -38.96 -29.61 -56.97
C ILE OA 491 -40.05 -30.57 -57.41
N ILE OA 492 -40.45 -31.44 -56.50
CA ILE OA 492 -41.41 -32.50 -56.81
C ILE OA 492 -42.53 -32.42 -55.79
N ILE OA 493 -43.77 -32.46 -56.27
CA ILE OA 493 -44.94 -32.24 -55.43
C ILE OA 493 -45.90 -33.43 -55.58
N SER OA 494 -46.19 -34.08 -54.47
CA SER OA 494 -47.16 -35.17 -54.42
C SER OA 494 -48.49 -34.63 -53.93
N VAL OA 495 -49.54 -35.43 -54.13
CA VAL OA 495 -50.89 -35.06 -53.70
C VAL OA 495 -51.42 -36.13 -52.76
N ASN OA 496 -51.45 -35.82 -51.45
CA ASN OA 496 -51.92 -36.78 -50.46
C ASN OA 496 -53.38 -37.15 -50.64
N LEU OA 497 -54.06 -36.58 -51.63
CA LEU OA 497 -55.37 -37.07 -52.06
C LEU OA 497 -55.62 -36.64 -53.49
N MET PA 1 -49.73 75.68 -13.24
CA MET PA 1 -49.66 75.60 -14.69
C MET PA 1 -48.31 74.98 -15.07
N ALA PA 2 -47.72 74.22 -14.15
CA ALA PA 2 -46.50 73.49 -14.45
C ALA PA 2 -46.79 72.41 -15.47
N SER PA 3 -45.73 71.84 -16.04
CA SER PA 3 -45.87 70.97 -17.20
C SER PA 3 -45.06 69.69 -17.02
N ILE PA 4 -45.44 68.69 -17.82
CA ILE PA 4 -44.65 67.48 -17.95
C ILE PA 4 -43.25 67.80 -18.43
N SER PA 5 -43.12 68.79 -19.31
CA SER PA 5 -41.92 68.98 -20.13
C SER PA 5 -40.69 69.30 -19.30
N GLU PA 6 -40.81 69.25 -17.98
CA GLU PA 6 -39.68 69.44 -17.10
C GLU PA 6 -39.25 68.18 -16.37
N VAL PA 7 -40.08 67.16 -16.29
CA VAL PA 7 -39.68 65.92 -15.62
C VAL PA 7 -39.64 64.77 -16.62
N ILE PA 8 -40.48 64.84 -17.65
CA ILE PA 8 -40.50 63.86 -18.73
C ILE PA 8 -40.44 64.69 -20.01
N ARG PA 9 -39.23 64.96 -20.50
CA ARG PA 9 -39.09 65.83 -21.65
C ARG PA 9 -39.13 64.98 -22.91
N VAL PA 10 -40.19 65.17 -23.69
CA VAL PA 10 -40.42 64.41 -24.92
C VAL PA 10 -40.41 65.38 -26.09
N SER PA 11 -39.57 65.08 -27.09
CA SER PA 11 -39.42 65.95 -28.25
C SER PA 11 -39.39 65.08 -29.50
N LEU PA 12 -39.28 65.73 -30.65
CA LEU PA 12 -39.27 65.05 -31.95
C LEU PA 12 -38.09 65.50 -32.77
N GLN PA 13 -37.63 64.61 -33.64
CA GLN PA 13 -36.65 64.91 -34.68
C GLN PA 13 -35.38 65.53 -34.09
N GLN PA 14 -34.69 64.74 -33.28
CA GLN PA 14 -33.37 65.08 -32.79
C GLN PA 14 -32.35 64.15 -33.42
N GLU PA 15 -31.35 64.73 -34.09
CA GLU PA 15 -30.33 63.96 -34.77
C GLU PA 15 -29.30 63.46 -33.77
N GLY PA 16 -29.18 62.14 -33.66
CA GLY PA 16 -28.15 61.57 -32.81
C GLY PA 16 -26.78 61.99 -33.29
N ARG PA 17 -25.94 62.47 -32.37
CA ARG PA 17 -24.61 62.91 -32.76
C ARG PA 17 -23.78 61.73 -33.26
N ALA PA 18 -22.96 61.97 -34.27
CA ALA PA 18 -22.16 60.94 -34.92
C ALA PA 18 -20.69 61.15 -34.60
N ILE PA 19 -19.98 60.06 -34.36
CA ILE PA 19 -18.57 60.09 -34.04
C ILE PA 19 -17.82 59.18 -35.01
N ALA PA 20 -16.59 59.56 -35.33
CA ALA PA 20 -15.79 58.79 -36.26
C ALA PA 20 -15.53 57.41 -35.68
N PRO PA 21 -15.95 56.34 -36.34
CA PRO PA 21 -15.79 55.00 -35.79
C PRO PA 21 -14.53 54.31 -36.30
N ASP PA 22 -14.14 53.29 -35.56
CA ASP PA 22 -13.14 52.34 -36.04
C ASP PA 22 -13.73 51.40 -37.07
N ASN PA 23 -15.04 51.46 -37.29
CA ASN PA 23 -15.72 50.48 -38.11
C ASN PA 23 -15.21 50.56 -39.55
N MET PA 24 -15.24 49.42 -40.24
CA MET PA 24 -14.82 49.41 -41.63
C MET PA 24 -15.66 50.33 -42.48
N ASN PA 25 -16.96 50.35 -42.26
CA ASN PA 25 -17.89 51.02 -43.15
C ASN PA 25 -18.23 52.42 -42.65
N ALA PA 26 -17.21 53.26 -42.61
CA ALA PA 26 -17.38 54.69 -42.42
C ALA PA 26 -17.00 55.33 -43.75
N VAL PA 27 -17.94 55.38 -44.67
CA VAL PA 27 -17.66 55.71 -46.05
C VAL PA 27 -17.64 57.22 -46.24
N GLY PA 28 -17.08 57.64 -47.36
CA GLY PA 28 -16.91 59.06 -47.63
C GLY PA 28 -17.42 59.45 -49.00
N ILE PA 29 -18.08 60.60 -49.05
CA ILE PA 29 -18.50 61.23 -50.29
C ILE PA 29 -17.78 62.55 -50.36
N ILE PA 30 -16.87 62.69 -51.32
CA ILE PA 30 -16.04 63.88 -51.42
C ILE PA 30 -16.73 64.87 -52.34
N THR PA 31 -16.91 66.10 -51.87
CA THR PA 31 -17.61 67.12 -52.65
C THR PA 31 -16.66 68.20 -53.12
N GLY PA 32 -17.16 69.02 -54.03
CA GLY PA 32 -16.37 70.08 -54.62
C GLY PA 32 -17.08 71.42 -54.57
N ASN PA 33 -17.76 71.70 -53.47
CA ASN PA 33 -18.45 72.97 -53.29
C ASN PA 33 -17.96 73.62 -52.01
N GLN PA 34 -17.22 74.70 -52.15
CA GLN PA 34 -16.67 75.41 -50.99
C GLN PA 34 -17.71 76.18 -50.22
N GLY PA 35 -19.00 75.99 -50.54
CA GLY PA 35 -20.05 76.75 -49.88
C GLY PA 35 -20.13 76.54 -48.39
N VAL PA 36 -19.85 75.33 -47.90
CA VAL PA 36 -20.03 75.04 -46.49
C VAL PA 36 -18.80 74.46 -45.83
N LEU PA 37 -17.86 73.85 -46.55
CA LEU PA 37 -16.71 73.24 -45.93
C LEU PA 37 -15.43 73.89 -46.44
N SER PA 38 -14.52 74.15 -45.53
CA SER PA 38 -13.25 74.80 -45.84
C SER PA 38 -12.13 73.78 -45.84
N THR PA 39 -10.93 74.26 -46.15
CA THR PA 39 -9.74 73.43 -45.99
C THR PA 39 -9.63 72.94 -44.56
N ALA PA 40 -9.75 73.85 -43.60
CA ALA PA 40 -9.80 73.44 -42.20
C ALA PA 40 -11.01 72.58 -41.93
N ASP PA 41 -12.16 72.96 -42.48
CA ASP PA 41 -13.39 72.20 -42.31
C ASP PA 41 -13.41 71.01 -43.27
N ARG PA 42 -12.33 70.23 -43.20
CA ARG PA 42 -12.03 69.27 -44.25
C ARG PA 42 -13.11 68.21 -44.41
N TYR PA 43 -13.90 67.95 -43.38
CA TYR PA 43 -14.91 66.91 -43.48
C TYR PA 43 -16.01 67.18 -42.47
N ARG PA 44 -16.98 66.27 -42.42
CA ARG PA 44 -18.06 66.35 -41.46
C ARG PA 44 -18.83 65.04 -41.47
N ILE PA 45 -19.20 64.54 -40.30
CA ILE PA 45 -19.72 63.18 -40.16
C ILE PA 45 -21.20 63.23 -39.85
N TYR PA 46 -21.95 62.35 -40.51
CA TYR PA 46 -23.40 62.40 -40.53
C TYR PA 46 -23.95 60.99 -40.31
N ARG PA 47 -25.16 60.93 -39.75
CA ARG PA 47 -25.88 59.67 -39.61
C ARG PA 47 -27.31 59.76 -40.13
N THR PA 48 -27.75 60.93 -40.60
CA THR PA 48 -29.12 61.06 -41.06
C THR PA 48 -29.19 62.05 -42.21
N ALA PA 49 -29.85 61.63 -43.29
CA ALA PA 49 -30.01 62.51 -44.44
C ALA PA 49 -30.63 63.83 -44.03
N ALA PA 50 -31.54 63.81 -43.05
CA ALA PA 50 -32.18 65.04 -42.59
C ALA PA 50 -31.14 66.05 -42.14
N ALA PA 51 -30.23 65.64 -41.26
CA ALA PA 51 -29.19 66.53 -40.81
C ALA PA 51 -28.28 66.94 -41.96
N VAL PA 52 -28.05 66.02 -42.90
CA VAL PA 52 -27.18 66.35 -44.03
C VAL PA 52 -27.75 67.54 -44.76
N ALA PA 53 -29.03 67.48 -45.11
CA ALA PA 53 -29.65 68.59 -45.81
C ALA PA 53 -29.69 69.82 -44.94
N SER PA 54 -30.05 69.66 -43.66
CA SER PA 54 -30.15 70.82 -42.78
C SER PA 54 -28.82 71.50 -42.59
N ASP PA 55 -27.72 70.84 -42.94
CA ASP PA 55 -26.44 71.52 -42.94
C ASP PA 55 -26.11 72.07 -44.32
N PHE PA 56 -26.37 71.31 -45.38
CA PHE PA 56 -26.08 71.76 -46.73
C PHE PA 56 -27.24 72.46 -47.41
N GLY PA 57 -28.47 71.98 -47.19
CA GLY PA 57 -29.60 72.46 -47.96
C GLY PA 57 -30.16 71.35 -48.82
N ALA PA 58 -31.45 71.08 -48.70
CA ALA PA 58 -32.06 69.97 -49.44
C ALA PA 58 -31.94 70.15 -50.93
N SER PA 59 -31.65 71.36 -51.39
CA SER PA 59 -31.44 71.59 -52.82
C SER PA 59 -30.02 71.28 -53.25
N SER PA 60 -29.10 71.04 -52.31
CA SER PA 60 -27.70 70.85 -52.67
C SER PA 60 -27.47 69.50 -53.35
N GLN PA 61 -26.45 69.47 -54.21
CA GLN PA 61 -26.03 68.20 -54.78
C GLN PA 61 -25.70 67.21 -53.68
N GLU PA 62 -24.90 67.65 -52.71
CA GLU PA 62 -24.52 66.78 -51.61
C GLU PA 62 -25.75 66.23 -50.92
N SER PA 63 -26.79 67.04 -50.82
CA SER PA 63 -28.02 66.55 -50.23
C SER PA 63 -28.58 65.39 -51.03
N ALA PA 64 -28.63 65.53 -52.35
CA ALA PA 64 -29.21 64.48 -53.19
C ALA PA 64 -28.41 63.19 -53.09
N PHE PA 65 -27.08 63.32 -53.11
CA PHE PA 65 -26.26 62.12 -52.92
C PHE PA 65 -26.54 61.50 -51.56
N ALA PA 66 -26.75 62.34 -50.56
CA ALA PA 66 -27.07 61.82 -49.24
C ALA PA 66 -28.36 61.02 -49.27
N ASN PA 67 -29.39 61.56 -49.94
CA ASN PA 67 -30.64 60.80 -50.04
C ASN PA 67 -30.40 59.46 -50.71
N THR PA 68 -29.77 59.48 -51.88
CA THR PA 68 -29.57 58.22 -52.60
C THR PA 68 -28.74 57.25 -51.78
N PHE PA 69 -27.86 57.77 -50.94
CA PHE PA 69 -27.10 56.91 -50.04
C PHE PA 69 -28.00 56.31 -48.97
N PHE PA 70 -28.82 57.15 -48.34
CA PHE PA 70 -29.59 56.74 -47.18
C PHE PA 70 -30.80 55.88 -47.54
N ASP PA 71 -31.14 55.78 -48.82
CA ASP PA 71 -32.32 55.00 -49.20
C ASP PA 71 -32.03 53.53 -49.40
N THR PA 72 -30.78 53.13 -49.48
CA THR PA 72 -30.45 51.73 -49.68
C THR PA 72 -30.82 50.96 -48.41
N THR PA 73 -31.82 50.09 -48.50
CA THR PA 73 -32.43 49.55 -47.29
C THR PA 73 -31.43 48.85 -46.38
N PRO PA 74 -30.47 48.06 -46.85
CA PRO PA 74 -29.29 47.83 -46.03
C PRO PA 74 -28.39 49.05 -46.14
N ASN PA 75 -28.37 49.85 -45.12
CA ASN PA 75 -27.63 51.10 -45.05
C ASN PA 75 -26.37 50.90 -44.25
N PRO PA 76 -25.26 51.50 -44.65
CA PRO PA 76 -24.02 51.32 -43.88
C PRO PA 76 -24.19 51.61 -42.42
N ILE PA 77 -25.03 52.60 -42.09
CA ILE PA 77 -25.28 52.91 -40.69
C ILE PA 77 -25.87 51.72 -39.97
N SER PA 78 -26.68 50.92 -40.67
CA SER PA 78 -27.26 49.74 -40.04
C SER PA 78 -26.19 48.82 -39.50
N ALA PA 79 -24.99 48.87 -40.05
CA ALA PA 79 -23.86 48.11 -39.52
C ALA PA 79 -22.93 48.98 -38.69
N GLY PA 80 -23.48 49.93 -37.95
CA GLY PA 80 -22.66 50.75 -37.08
C GLY PA 80 -21.62 51.57 -37.82
N GLY PA 81 -21.98 52.15 -38.96
CA GLY PA 81 -21.11 53.00 -39.73
C GLY PA 81 -21.69 54.39 -39.85
N VAL PA 82 -20.90 55.27 -40.44
CA VAL PA 82 -21.29 56.67 -40.57
C VAL PA 82 -21.03 57.11 -42.00
N LEU PA 83 -21.73 58.16 -42.42
CA LEU PA 83 -21.37 58.81 -43.66
C LEU PA 83 -20.48 60.00 -43.32
N VAL PA 84 -19.58 60.34 -44.22
CA VAL PA 84 -18.83 61.57 -44.07
C VAL PA 84 -18.89 62.32 -45.38
N ILE PA 85 -18.65 63.62 -45.30
CA ILE PA 85 -18.44 64.44 -46.49
C ILE PA 85 -17.13 65.18 -46.31
N GLY PA 86 -16.28 65.11 -47.33
CA GLY PA 86 -15.02 65.80 -47.35
C GLY PA 86 -15.08 67.07 -48.17
N TYR PA 87 -13.89 67.53 -48.57
CA TYR PA 87 -13.81 68.73 -49.39
C TYR PA 87 -12.43 68.88 -50.01
N TRP PA 88 -12.38 69.07 -51.32
CA TRP PA 88 -11.14 69.32 -52.01
C TRP PA 88 -11.32 70.59 -52.83
N ARG PA 89 -10.29 71.42 -52.84
CA ARG PA 89 -10.41 72.78 -53.34
C ARG PA 89 -10.58 72.75 -54.85
N SER PA 90 -11.82 72.54 -55.27
CA SER PA 90 -12.14 72.57 -56.69
C SER PA 90 -11.82 73.91 -57.32
N ALA PA 91 -12.20 74.98 -56.64
CA ALA PA 91 -12.10 76.34 -57.18
C ALA PA 91 -11.15 77.16 -56.32
N SER PA 92 -11.12 78.45 -56.60
CA SER PA 92 -10.25 79.37 -55.87
C SER PA 92 -10.72 79.44 -54.43
N GLU PA 93 -9.99 78.78 -53.55
CA GLU PA 93 -10.32 78.80 -52.13
C GLU PA 93 -10.00 80.16 -51.53
N THR PA 94 -11.04 80.96 -51.32
CA THR PA 94 -10.90 82.20 -50.56
C THR PA 94 -11.12 81.85 -49.09
N VAL PA 95 -10.20 82.28 -48.23
CA VAL PA 95 -10.30 82.03 -46.81
C VAL PA 95 -10.17 83.39 -46.13
N ALA PA 96 -11.30 83.90 -45.64
CA ALA PA 96 -11.30 85.19 -44.95
C ALA PA 96 -10.51 85.08 -43.66
N ALA PA 97 -9.60 86.02 -43.46
CA ALA PA 97 -8.77 86.00 -42.27
C ALA PA 97 -9.63 86.13 -41.03
N THR PA 98 -9.36 85.31 -40.04
CA THR PA 98 -10.09 85.31 -38.79
C THR PA 98 -9.24 85.91 -37.70
N SER PA 99 -9.80 85.95 -36.50
CA SER PA 99 -9.11 86.50 -35.34
C SER PA 99 -8.33 85.41 -34.62
N ALA PA 100 -7.43 85.84 -33.76
CA ALA PA 100 -6.74 84.92 -32.88
C ALA PA 100 -7.76 84.21 -32.00
N THR PA 101 -7.54 82.93 -31.77
CA THR PA 101 -8.51 82.09 -31.08
C THR PA 101 -7.85 81.32 -29.96
N LEU PA 102 -8.50 81.33 -28.80
CA LEU PA 102 -8.01 80.65 -27.60
C LEU PA 102 -9.04 79.65 -27.13
N VAL PA 103 -8.61 78.43 -26.84
CA VAL PA 103 -9.50 77.36 -26.41
C VAL PA 103 -8.96 76.71 -25.14
N SER PA 104 -9.88 76.36 -24.24
CA SER PA 104 -9.56 75.56 -23.07
C SER PA 104 -9.58 74.09 -23.42
N GLU PA 105 -8.64 73.34 -22.85
CA GLU PA 105 -8.67 71.91 -23.08
C GLU PA 105 -9.78 71.25 -22.26
N GLN PA 106 -10.05 71.78 -21.08
CA GLN PA 106 -10.86 71.09 -20.09
C GLN PA 106 -12.34 71.10 -20.44
N THR PA 107 -12.79 70.08 -21.19
CA THR PA 107 -14.19 70.00 -21.56
C THR PA 107 -15.10 69.78 -20.37
N SER PA 108 -14.56 69.31 -19.25
CA SER PA 108 -15.38 68.91 -18.12
C SER PA 108 -16.09 70.10 -17.48
N GLU PA 109 -17.41 70.15 -17.64
CA GLU PA 109 -18.20 71.20 -17.03
C GLU PA 109 -18.31 71.02 -15.53
N SER PA 110 -18.53 69.79 -15.08
CA SER PA 110 -18.85 69.56 -13.67
C SER PA 110 -17.72 70.02 -12.76
N VAL PA 111 -16.48 69.65 -13.08
CA VAL PA 111 -15.38 69.95 -12.17
C VAL PA 111 -15.15 71.45 -12.05
N LEU PA 112 -15.49 72.21 -13.09
CA LEU PA 112 -15.14 73.62 -13.08
C LEU PA 112 -16.05 74.43 -12.17
N ILE PA 113 -17.34 74.09 -12.13
CA ILE PA 113 -18.30 74.96 -11.46
C ILE PA 113 -18.00 75.18 -9.97
N PRO PA 114 -17.77 74.13 -9.17
CA PRO PA 114 -17.52 74.39 -7.75
C PRO PA 114 -16.32 75.29 -7.49
N LEU PA 115 -15.23 75.10 -8.23
CA LEU PA 115 -14.05 75.93 -8.00
C LEU PA 115 -14.37 77.39 -8.26
N LEU PA 116 -15.11 77.67 -9.33
CA LEU PA 116 -15.54 79.02 -9.60
C LEU PA 116 -16.50 79.53 -8.52
N ASN PA 117 -17.36 78.66 -8.00
CA ASN PA 117 -18.33 79.09 -7.01
C ASN PA 117 -17.63 79.51 -5.73
N ALA PA 118 -16.62 78.77 -5.31
CA ALA PA 118 -15.94 79.10 -4.06
C ALA PA 118 -15.22 80.44 -4.17
N ILE PA 119 -14.59 80.72 -5.32
CA ILE PA 119 -13.79 81.92 -5.46
C ILE PA 119 -14.71 83.12 -5.64
N ASN PA 120 -14.58 84.10 -4.75
CA ASN PA 120 -15.44 85.28 -4.77
C ASN PA 120 -14.91 86.32 -5.75
N ASP PA 121 -13.68 86.77 -5.54
CA ASP PA 121 -13.00 87.68 -6.44
C ASP PA 121 -12.38 86.90 -7.59
N GLY PA 122 -11.53 87.56 -8.37
CA GLY PA 122 -10.84 86.87 -9.45
C GLY PA 122 -9.65 87.69 -9.88
N SER PA 123 -8.83 87.08 -10.73
CA SER PA 123 -7.78 87.85 -11.40
C SER PA 123 -7.45 87.16 -12.70
N PHE PA 124 -7.06 87.96 -13.69
CA PHE PA 124 -7.14 87.54 -15.07
C PHE PA 124 -6.29 88.47 -15.93
N THR PA 125 -5.34 87.92 -16.69
CA THR PA 125 -4.40 88.75 -17.47
C THR PA 125 -4.27 88.25 -18.90
N ILE PA 126 -5.07 88.80 -19.80
CA ILE PA 126 -4.99 88.49 -21.21
C ILE PA 126 -4.27 89.63 -21.91
N THR PA 127 -3.81 89.37 -23.13
CA THR PA 127 -3.23 90.40 -23.98
C THR PA 127 -3.83 90.26 -25.37
N VAL PA 128 -4.75 91.17 -25.72
CA VAL PA 128 -5.15 91.30 -27.10
C VAL PA 128 -4.02 91.80 -27.99
N ASP PA 129 -2.94 92.26 -27.36
CA ASP PA 129 -1.73 92.74 -28.05
C ASP PA 129 -2.05 93.97 -28.88
N GLY PA 130 -3.28 94.46 -28.77
CA GLY PA 130 -3.71 95.67 -29.43
C GLY PA 130 -3.33 96.92 -28.69
N GLY PA 131 -2.49 96.79 -27.68
CA GLY PA 131 -2.05 97.91 -26.88
C GLY PA 131 -1.74 97.46 -25.47
N THR PA 132 -2.30 98.16 -24.49
CA THR PA 132 -2.07 97.83 -23.09
C THR PA 132 -2.52 96.40 -22.81
N GLU PA 133 -1.64 95.63 -22.18
CA GLU PA 133 -2.02 94.31 -21.73
C GLU PA 133 -3.13 94.40 -20.70
N GLN PA 134 -4.08 93.47 -20.77
CA GLN PA 134 -5.24 93.54 -19.89
C GLN PA 134 -4.87 93.18 -18.47
N GLU PA 135 -5.55 93.82 -17.52
CA GLU PA 135 -5.48 93.51 -16.10
C GLU PA 135 -6.92 93.40 -15.62
N VAL PA 136 -7.41 92.18 -15.46
CA VAL PA 136 -8.82 91.92 -15.22
C VAL PA 136 -8.95 91.22 -13.87
N THR PA 137 -9.67 91.85 -12.95
CA THR PA 137 -9.78 91.35 -11.58
C THR PA 137 -11.21 91.07 -11.15
N ALA PA 138 -12.13 92.01 -11.36
CA ALA PA 138 -13.44 91.96 -10.73
C ALA PA 138 -14.25 90.81 -11.35
N LEU PA 139 -13.94 89.61 -10.89
CA LEU PA 139 -14.55 88.39 -11.40
C LEU PA 139 -15.29 87.69 -10.26
N ASP PA 140 -16.58 87.46 -10.45
CA ASP PA 140 -17.37 86.68 -9.50
C ASP PA 140 -18.05 85.55 -10.26
N PHE PA 141 -18.04 84.36 -9.69
CA PHE PA 141 -18.64 83.19 -10.31
C PHE PA 141 -19.64 82.52 -9.40
N THR PA 142 -20.02 83.19 -8.31
CA THR PA 142 -20.87 82.56 -7.31
C THR PA 142 -22.24 82.22 -7.87
N GLY PA 143 -22.74 83.04 -8.79
CA GLY PA 143 -24.08 82.83 -9.31
C GLY PA 143 -24.12 81.99 -10.57
N VAL PA 144 -23.05 81.25 -10.82
CA VAL PA 144 -22.92 80.48 -12.05
C VAL PA 144 -23.31 79.03 -11.78
N SER PA 145 -24.20 78.51 -12.61
CA SER PA 145 -24.47 77.08 -12.62
C SER PA 145 -24.06 76.42 -13.93
N GLU PA 146 -23.77 77.19 -14.97
CA GLU PA 146 -23.49 76.62 -16.27
C GLU PA 146 -22.34 77.37 -16.93
N LEU PA 147 -21.65 76.67 -17.83
CA LEU PA 147 -20.47 77.25 -18.47
C LEU PA 147 -20.79 78.52 -19.24
N SER PA 148 -22.01 78.61 -19.78
CA SER PA 148 -22.38 79.81 -20.52
C SER PA 148 -22.26 81.05 -19.64
N GLU PA 149 -22.54 80.89 -18.34
CA GLU PA 149 -22.53 82.05 -17.46
C GLU PA 149 -21.12 82.56 -17.24
N VAL PA 150 -20.18 81.67 -16.94
CA VAL PA 150 -18.79 82.11 -16.79
C VAL PA 150 -18.29 82.66 -18.11
N ALA PA 151 -18.75 82.08 -19.22
CA ALA PA 151 -18.40 82.61 -20.52
C ALA PA 151 -18.83 84.06 -20.64
N THR PA 152 -20.10 84.34 -20.36
CA THR PA 152 -20.61 85.70 -20.50
C THR PA 152 -19.92 86.66 -19.55
N ILE PA 153 -19.61 86.20 -18.35
CA ILE PA 153 -18.85 87.04 -17.41
C ILE PA 153 -17.50 87.40 -18.01
N LEU PA 154 -16.82 86.41 -18.57
CA LEU PA 154 -15.55 86.71 -19.23
C LEU PA 154 -15.73 87.69 -20.37
N ASN PA 155 -16.80 87.52 -21.15
CA ASN PA 155 -17.09 88.46 -22.24
C ASN PA 155 -17.15 89.88 -21.71
N SER PA 156 -17.94 90.10 -20.68
CA SER PA 156 -17.99 91.41 -20.07
C SER PA 156 -16.67 91.79 -19.42
N ALA PA 157 -15.76 90.84 -19.24
CA ALA PA 157 -14.49 91.13 -18.61
C ALA PA 157 -13.39 91.51 -19.58
N ILE PA 158 -13.41 91.01 -20.82
CA ILE PA 158 -12.36 91.26 -21.79
C ILE PA 158 -12.87 92.22 -22.86
N THR PA 159 -12.16 93.32 -23.02
CA THR PA 159 -12.47 94.28 -24.06
C THR PA 159 -12.02 93.73 -25.40
N GLY PA 160 -12.74 94.14 -26.46
CA GLY PA 160 -12.33 93.83 -27.81
C GLY PA 160 -12.24 92.36 -28.14
N ALA PA 161 -12.81 91.51 -27.30
CA ALA PA 161 -12.74 90.07 -27.53
C ALA PA 161 -13.98 89.41 -26.95
N THR PA 162 -14.71 88.72 -27.80
CA THR PA 162 -15.87 87.96 -27.39
C THR PA 162 -15.43 86.56 -26.98
N VAL PA 163 -16.03 86.07 -25.90
CA VAL PA 163 -15.77 84.73 -25.41
C VAL PA 163 -17.09 83.97 -25.48
N SER PA 164 -16.99 82.65 -25.46
CA SER PA 164 -18.16 81.80 -25.58
C SER PA 164 -17.79 80.39 -25.18
N GLU PA 165 -18.80 79.53 -25.08
CA GLU PA 165 -18.62 78.13 -24.77
C GLU PA 165 -19.18 77.27 -25.89
N ASP PA 166 -18.37 76.33 -26.38
CA ASP PA 166 -18.77 75.34 -27.36
C ASP PA 166 -18.31 73.96 -26.85
N ASN PA 167 -19.25 73.17 -26.33
CA ASN PA 167 -19.02 71.76 -26.05
C ASN PA 167 -17.81 71.56 -25.14
N GLY PA 168 -17.86 72.20 -23.98
CA GLY PA 168 -16.78 72.08 -23.03
C GLY PA 168 -15.55 72.89 -23.36
N TYR PA 169 -15.55 73.58 -24.49
CA TYR PA 169 -14.43 74.41 -24.92
C TYR PA 169 -14.77 75.87 -24.69
N PHE PA 170 -13.80 76.65 -24.25
CA PHE PA 170 -13.98 78.07 -24.01
C PHE PA 170 -13.25 78.82 -25.11
N LYS PA 171 -14.00 79.50 -25.96
CA LYS PA 171 -13.43 80.19 -27.10
C LYS PA 171 -13.31 81.66 -26.77
N VAL PA 172 -12.11 82.20 -26.96
CA VAL PA 172 -11.82 83.61 -26.76
C VAL PA 172 -11.28 84.13 -28.08
N THR PA 173 -11.96 85.12 -28.67
CA THR PA 173 -11.59 85.64 -29.97
C THR PA 173 -11.67 87.16 -29.95
N SER PA 174 -10.59 87.82 -30.34
CA SER PA 174 -10.59 89.26 -30.42
C SER PA 174 -11.54 89.75 -31.51
N SER PA 175 -12.06 90.95 -31.31
CA SER PA 175 -12.94 91.55 -32.31
C SER PA 175 -12.21 91.79 -33.62
N THR PA 176 -10.97 92.30 -33.55
CA THR PA 176 -10.21 92.55 -34.75
C THR PA 176 -9.90 91.23 -35.45
N THR PA 177 -9.92 91.25 -36.78
CA THR PA 177 -9.56 90.10 -37.60
C THR PA 177 -8.35 90.43 -38.47
N GLY PA 178 -7.42 89.49 -38.55
CA GLY PA 178 -6.24 89.69 -39.36
C GLY PA 178 -5.09 90.28 -38.61
N ALA PA 179 -4.03 89.49 -38.42
CA ALA PA 179 -2.77 89.96 -37.84
C ALA PA 179 -2.99 90.66 -36.49
N THR PA 180 -3.83 90.06 -35.66
CA THR PA 180 -3.98 90.49 -34.28
C THR PA 180 -3.84 89.27 -33.40
N SER PA 181 -2.99 89.37 -32.38
CA SER PA 181 -2.54 88.21 -31.62
C SER PA 181 -3.10 88.25 -30.21
N LEU PA 182 -3.71 87.14 -29.80
CA LEU PA 182 -4.01 86.91 -28.38
C LEU PA 182 -2.99 85.94 -27.81
N LEU PA 183 -1.76 86.43 -27.62
CA LEU PA 183 -0.67 85.56 -27.20
C LEU PA 183 -0.90 84.99 -25.80
N SER PA 184 -1.36 85.82 -24.88
CA SER PA 184 -1.33 85.45 -23.48
C SER PA 184 -2.23 84.26 -23.19
N TYR PA 185 -1.73 83.38 -22.31
CA TYR PA 185 -2.47 82.23 -21.83
C TYR PA 185 -3.11 82.53 -20.48
N LEU PA 186 -3.65 83.74 -20.37
CA LEU PA 186 -4.43 84.28 -19.26
C LEU PA 186 -3.55 84.71 -18.10
N GLY PA 187 -2.26 84.39 -18.11
CA GLY PA 187 -1.31 84.82 -17.10
C GLY PA 187 -1.79 84.78 -15.67
N VAL PA 188 -1.28 85.70 -14.86
CA VAL PA 188 -1.72 85.88 -13.48
C VAL PA 188 -1.63 87.36 -13.16
N ALA PA 189 -2.65 87.89 -12.50
CA ALA PA 189 -2.63 89.25 -12.00
C ALA PA 189 -2.24 89.23 -10.53
N THR PA 190 -1.37 90.15 -10.14
CA THR PA 190 -1.02 90.27 -8.73
C THR PA 190 -2.15 90.87 -7.91
N SER PA 191 -3.22 91.32 -8.54
CA SER PA 191 -4.29 92.07 -7.88
C SER PA 191 -5.50 91.22 -7.54
N GLY PA 192 -5.38 89.90 -7.52
CA GLY PA 192 -6.52 89.08 -7.15
C GLY PA 192 -6.18 87.62 -7.17
N THR PA 193 -7.20 86.81 -6.91
CA THR PA 193 -7.07 85.36 -6.97
C THR PA 193 -7.34 84.87 -8.39
N ASP PA 194 -6.37 84.18 -8.98
CA ASP PA 194 -6.44 83.85 -10.39
C ASP PA 194 -7.57 82.89 -10.71
N ILE PA 195 -8.05 82.96 -11.94
CA ILE PA 195 -8.87 81.91 -12.52
C ILE PA 195 -8.11 81.14 -13.58
N SER PA 196 -6.94 81.62 -13.99
CA SER PA 196 -6.25 81.03 -15.13
C SER PA 196 -5.96 79.56 -14.93
N ALA PA 197 -5.35 79.22 -13.79
CA ALA PA 197 -4.96 77.83 -13.56
C ALA PA 197 -6.17 76.91 -13.63
N VAL PA 198 -7.20 77.22 -12.86
CA VAL PA 198 -8.38 76.38 -12.88
C VAL PA 198 -9.08 76.45 -14.24
N LEU PA 199 -8.89 77.53 -14.99
CA LEU PA 199 -9.55 77.62 -16.27
C LEU PA 199 -8.94 76.69 -17.31
N GLY PA 200 -7.74 76.19 -17.07
CA GLY PA 200 -7.14 75.24 -17.97
C GLY PA 200 -6.56 75.82 -19.25
N MET PA 201 -6.37 77.14 -19.32
CA MET PA 201 -5.72 77.77 -20.46
C MET PA 201 -4.45 78.50 -20.08
N ASN PA 202 -3.60 77.85 -19.29
CA ASN PA 202 -2.30 78.40 -18.93
C ASN PA 202 -1.27 78.04 -20.00
N SER PA 203 -0.12 78.72 -19.93
CA SER PA 203 0.98 78.41 -20.84
C SER PA 203 1.42 76.96 -20.67
N GLU PA 204 1.57 76.52 -19.42
CA GLU PA 204 1.86 75.11 -19.19
C GLU PA 204 0.70 74.24 -19.62
N SER PA 205 -0.52 74.67 -19.35
CA SER PA 205 -1.69 73.89 -19.71
C SER PA 205 -1.76 73.75 -21.23
N GLY PA 206 -2.13 72.56 -21.69
CA GLY PA 206 -2.33 72.37 -23.11
C GLY PA 206 -3.46 73.22 -23.62
N ALA PA 207 -3.19 74.03 -24.63
CA ALA PA 207 -4.21 74.91 -25.19
C ALA PA 207 -3.82 75.30 -26.60
N VAL PA 208 -4.77 75.19 -27.50
CA VAL PA 208 -4.57 75.59 -28.88
C VAL PA 208 -4.82 77.09 -28.98
N LEU PA 209 -3.87 77.80 -29.57
CA LEU PA 209 -3.98 79.25 -29.71
C LEU PA 209 -3.60 79.58 -31.14
N THR PA 210 -4.58 79.60 -32.01
CA THR PA 210 -4.36 79.91 -33.43
C THR PA 210 -4.25 81.41 -33.55
N GLN PA 211 -3.02 81.91 -33.62
CA GLN PA 211 -2.83 83.35 -33.75
C GLN PA 211 -3.49 83.85 -35.03
N GLY PA 212 -4.03 85.06 -34.97
CA GLY PA 212 -4.71 85.62 -36.12
C GLY PA 212 -3.84 85.65 -37.35
N THR PA 213 -4.35 85.14 -38.46
CA THR PA 213 -3.61 85.16 -39.71
C THR PA 213 -3.40 86.59 -40.17
N ASP PA 214 -2.45 86.79 -41.07
CA ASP PA 214 -2.20 88.11 -41.62
C ASP PA 214 -3.43 88.63 -42.37
N GLN PA 215 -3.79 87.95 -43.46
CA GLN PA 215 -4.87 88.41 -44.32
C GLN PA 215 -5.57 87.19 -44.89
N VAL PA 216 -6.54 87.44 -45.79
CA VAL PA 216 -7.24 86.35 -46.45
C VAL PA 216 -6.27 85.57 -47.30
N VAL PA 217 -6.41 84.24 -47.29
CA VAL PA 217 -5.48 83.39 -48.01
C VAL PA 217 -6.22 82.68 -49.12
N LEU PA 218 -5.50 82.42 -50.22
CA LEU PA 218 -6.08 81.81 -51.42
C LEU PA 218 -5.30 80.54 -51.73
N PRO PA 219 -5.63 79.43 -51.09
CA PRO PA 219 -5.03 78.16 -51.48
C PRO PA 219 -5.30 77.87 -52.95
N ALA PA 220 -4.27 77.48 -53.67
CA ALA PA 220 -4.47 77.12 -55.06
C ALA PA 220 -5.35 75.88 -55.14
N GLU PA 221 -6.01 75.74 -56.28
CA GLU PA 221 -6.87 74.57 -56.49
C GLU PA 221 -6.04 73.30 -56.44
N THR PA 222 -6.36 72.44 -55.48
CA THR PA 222 -5.70 71.16 -55.39
C THR PA 222 -6.23 70.23 -56.46
N LYS PA 223 -5.67 69.02 -56.52
CA LYS PA 223 -6.16 67.98 -57.39
C LYS PA 223 -7.03 67.01 -56.60
N LEU PA 224 -7.78 66.19 -57.33
CA LEU PA 224 -8.52 65.12 -56.67
C LEU PA 224 -7.58 64.22 -55.89
N GLU PA 225 -6.31 64.17 -56.29
CA GLU PA 225 -5.29 63.52 -55.48
C GLU PA 225 -5.22 64.11 -54.08
N GLY PA 226 -5.63 65.38 -53.91
CA GLY PA 226 -5.71 65.98 -52.60
C GLY PA 226 -6.60 65.21 -51.64
N ILE PA 227 -7.28 64.18 -52.14
CA ILE PA 227 -7.97 63.23 -51.26
C ILE PA 227 -7.03 62.67 -50.20
N THR PA 228 -5.72 62.75 -50.43
CA THR PA 228 -4.77 62.35 -49.40
C THR PA 228 -5.09 63.03 -48.08
N ALA PA 229 -5.50 64.30 -48.14
CA ALA PA 229 -5.83 65.01 -46.92
C ALA PA 229 -6.99 64.35 -46.18
N ILE PA 230 -8.02 63.91 -46.90
CA ILE PA 230 -9.23 63.43 -46.26
C ILE PA 230 -8.92 62.22 -45.39
N LYS PA 231 -8.30 61.19 -45.96
CA LYS PA 231 -7.90 60.05 -45.16
C LYS PA 231 -6.89 60.47 -44.09
N SER PA 232 -6.16 61.56 -44.34
CA SER PA 232 -5.24 62.07 -43.34
C SER PA 232 -5.96 62.46 -42.05
N GLU PA 233 -7.26 62.70 -42.09
CA GLU PA 233 -7.95 63.23 -40.94
C GLU PA 233 -9.20 62.49 -40.51
N VAL PA 234 -9.68 61.52 -41.28
CA VAL PA 234 -10.97 60.94 -40.92
C VAL PA 234 -10.89 59.42 -40.80
N ASN PA 235 -9.95 58.82 -41.53
CA ASN PA 235 -9.86 57.36 -41.63
C ASN PA 235 -11.14 56.76 -42.18
N ILE PA 236 -11.61 57.32 -43.29
CA ILE PA 236 -12.71 56.73 -44.05
C ILE PA 236 -12.19 55.46 -44.70
N LYS PA 237 -13.08 54.66 -45.25
CA LYS PA 237 -12.67 53.49 -46.00
C LYS PA 237 -13.32 53.37 -47.37
N GLY PA 238 -14.41 54.06 -47.62
CA GLY PA 238 -15.01 54.06 -48.94
C GLY PA 238 -15.25 55.47 -49.43
N ALA PA 239 -14.60 55.84 -50.53
CA ALA PA 239 -14.56 57.22 -50.96
C ALA PA 239 -15.25 57.38 -52.30
N MET PA 240 -15.62 58.62 -52.59
CA MET PA 240 -16.30 58.97 -53.83
C MET PA 240 -15.71 60.26 -54.36
N PHE PA 241 -16.30 60.72 -55.46
CA PHE PA 241 -16.09 62.09 -55.92
C PHE PA 241 -17.35 62.54 -56.64
N ILE PA 242 -17.80 63.74 -56.31
CA ILE PA 242 -18.98 64.29 -56.97
C ILE PA 242 -18.74 64.33 -58.47
N ASP PA 243 -17.60 64.90 -58.87
CA ASP PA 243 -17.27 65.00 -60.27
C ASP PA 243 -16.83 63.64 -60.80
N GLN PA 244 -16.75 63.54 -62.12
CA GLN PA 244 -16.11 62.38 -62.71
C GLN PA 244 -14.60 62.55 -62.62
N ILE PA 245 -13.90 61.47 -62.33
CA ILE PA 245 -12.45 61.54 -62.23
C ILE PA 245 -11.88 61.53 -63.64
N LEU PA 246 -11.11 62.56 -63.97
CA LEU PA 246 -10.53 62.63 -65.30
C LEU PA 246 -9.54 61.48 -65.49
N ASP PA 247 -9.39 61.05 -66.74
CA ASP PA 247 -8.69 59.81 -67.00
C ASP PA 247 -7.24 59.86 -66.53
N ALA PA 248 -6.55 60.98 -66.80
CA ALA PA 248 -5.15 61.06 -66.42
C ALA PA 248 -4.95 60.87 -64.93
N ASP PA 249 -5.94 61.25 -64.12
CA ASP PA 249 -5.85 61.05 -62.68
C ASP PA 249 -6.21 59.65 -62.26
N ILE PA 250 -6.83 58.85 -63.13
CA ILE PA 250 -7.30 57.52 -62.73
C ILE PA 250 -6.18 56.65 -62.19
N PRO PA 251 -5.05 56.47 -62.88
CA PRO PA 251 -4.01 55.63 -62.28
C PRO PA 251 -3.50 56.18 -60.98
N GLY PA 252 -3.41 57.50 -60.85
CA GLY PA 252 -2.93 58.07 -59.60
C GLY PA 252 -3.84 57.75 -58.44
N ILE PA 253 -5.15 57.97 -58.62
CA ILE PA 253 -6.08 57.69 -57.54
C ILE PA 253 -6.18 56.19 -57.29
N ALA PA 254 -6.02 55.37 -58.33
CA ALA PA 254 -6.01 53.92 -58.13
C ALA PA 254 -4.85 53.52 -57.24
N SER PA 255 -3.65 54.01 -57.56
CA SER PA 255 -2.49 53.71 -56.72
C SER PA 255 -2.72 54.20 -55.30
N PHE PA 256 -3.33 55.38 -55.17
CA PHE PA 256 -3.62 55.88 -53.83
C PHE PA 256 -4.54 54.92 -53.09
N ALA PA 257 -5.55 54.42 -53.78
CA ALA PA 257 -6.47 53.48 -53.14
C ALA PA 257 -5.72 52.23 -52.70
N GLY PA 258 -4.83 51.73 -53.55
CA GLY PA 258 -4.08 50.54 -53.20
C GLY PA 258 -3.17 50.76 -52.01
N ALA PA 259 -2.60 51.95 -51.89
CA ALA PA 259 -1.62 52.20 -50.84
C ALA PA 259 -2.29 52.55 -49.52
N ASN PA 260 -3.29 53.42 -49.55
CA ASN PA 260 -3.92 53.92 -48.33
C ASN PA 260 -5.02 52.99 -47.83
N ASN PA 261 -5.17 51.83 -48.45
CA ASN PA 261 -5.96 50.76 -47.88
C ASN PA 261 -7.43 51.15 -47.72
N MET PA 262 -8.05 51.53 -48.82
CA MET PA 262 -9.48 51.82 -48.83
C MET PA 262 -10.01 51.52 -50.22
N LEU PA 263 -11.31 51.67 -50.38
CA LEU PA 263 -11.97 51.49 -51.66
C LEU PA 263 -12.26 52.85 -52.27
N VAL PA 264 -12.43 52.87 -53.58
CA VAL PA 264 -12.84 54.07 -54.29
C VAL PA 264 -13.78 53.63 -55.40
N TYR PA 265 -15.06 53.94 -55.28
CA TYR PA 265 -16.04 53.56 -56.28
C TYR PA 265 -16.11 54.68 -57.32
N GLU PA 266 -16.14 54.30 -58.59
CA GLU PA 266 -16.22 55.27 -59.67
C GLU PA 266 -17.07 54.70 -60.79
N VAL PA 267 -17.75 55.58 -61.51
CA VAL PA 267 -18.61 55.16 -62.59
C VAL PA 267 -18.02 55.66 -63.90
N PHE PA 268 -18.47 55.05 -65.00
CA PHE PA 268 -18.06 55.47 -66.33
C PHE PA 268 -19.23 55.25 -67.27
N ASP PA 269 -19.27 56.05 -68.32
CA ASP PA 269 -20.26 55.87 -69.35
C ASP PA 269 -19.82 54.75 -70.30
N THR PA 270 -20.64 54.49 -71.33
CA THR PA 270 -20.38 53.38 -72.21
C THR PA 270 -19.12 53.58 -73.04
N GLY PA 271 -18.60 54.80 -73.12
CA GLY PA 271 -17.40 55.04 -73.90
C GLY PA 271 -16.22 54.22 -73.44
N TYR PA 272 -16.10 53.99 -72.14
CA TYR PA 272 -14.99 53.22 -71.58
C TYR PA 272 -15.21 51.73 -71.64
N LEU PA 273 -16.07 51.24 -72.53
CA LEU PA 273 -16.34 49.82 -72.64
C LEU PA 273 -15.40 49.23 -73.67
N SER PA 274 -14.23 48.80 -73.22
CA SER PA 274 -13.28 48.21 -74.15
C SER PA 274 -12.27 47.39 -73.39
N LYS PA 275 -11.50 46.60 -74.13
CA LYS PA 275 -10.32 45.94 -73.60
C LYS PA 275 -9.04 46.70 -73.94
N ASN PA 276 -9.18 47.95 -74.35
CA ASN PA 276 -8.05 48.74 -74.80
C ASN PA 276 -7.26 49.30 -73.61
N VAL PA 277 -5.95 49.43 -73.80
CA VAL PA 277 -5.13 50.06 -72.79
C VAL PA 277 -5.51 51.52 -72.63
N SER PA 278 -5.78 52.21 -73.74
CA SER PA 278 -6.18 53.60 -73.66
C SER PA 278 -7.40 53.77 -72.77
N ASN PA 279 -8.23 52.75 -72.68
CA ASN PA 279 -9.37 52.78 -71.77
C ASN PA 279 -8.87 52.66 -70.35
N PRO PA 280 -9.07 53.67 -69.50
CA PRO PA 280 -8.48 53.63 -68.15
C PRO PA 280 -8.92 52.45 -67.31
N VAL PA 281 -10.15 51.99 -67.44
CA VAL PA 281 -10.64 50.94 -66.55
C VAL PA 281 -9.91 49.63 -66.86
N TRP PA 282 -9.74 49.33 -68.15
CA TRP PA 282 -8.96 48.15 -68.49
C TRP PA 282 -7.52 48.29 -68.01
N ALA PA 283 -7.00 49.52 -68.01
CA ALA PA 283 -5.69 49.73 -67.43
C ALA PA 283 -5.69 49.36 -65.97
N VAL PA 284 -6.73 49.73 -65.25
CA VAL PA 284 -6.84 49.37 -63.84
C VAL PA 284 -6.82 47.86 -63.70
N LYS PA 285 -7.59 47.18 -64.54
CA LYS PA 285 -7.65 45.72 -64.45
C LYS PA 285 -6.27 45.11 -64.67
N LEU PA 286 -5.61 45.49 -65.75
CA LEU PA 286 -4.31 44.89 -66.04
C LEU PA 286 -3.29 45.25 -64.98
N ALA PA 287 -3.48 46.38 -64.29
CA ALA PA 287 -2.54 46.78 -63.27
C ALA PA 287 -2.81 46.13 -61.93
N GLY PA 288 -3.95 45.46 -61.75
CA GLY PA 288 -4.26 44.88 -60.47
C GLY PA 288 -4.62 45.88 -59.40
N GLN PA 289 -5.04 47.08 -59.81
CA GLN PA 289 -5.45 48.11 -58.86
C GLN PA 289 -6.85 47.80 -58.36
N SER PA 290 -6.96 46.65 -57.69
CA SER PA 290 -8.26 46.07 -57.39
C SER PA 290 -9.09 46.90 -56.44
N ASN PA 291 -8.49 47.86 -55.75
CA ASN PA 291 -9.28 48.66 -54.84
C ASN PA 291 -10.03 49.78 -55.53
N PHE PA 292 -9.78 50.00 -56.82
CA PHE PA 292 -10.42 51.11 -57.54
C PHE PA 292 -11.63 50.57 -58.30
N ARG PA 293 -12.76 50.46 -57.60
CA ARG PA 293 -13.86 49.77 -58.23
C ARG PA 293 -14.51 50.62 -59.32
N CYS PA 294 -14.72 50.01 -60.48
CA CYS PA 294 -15.23 50.68 -61.66
C CYS PA 294 -16.66 50.25 -61.94
N LEU PA 295 -17.51 51.22 -62.24
CA LEU PA 295 -18.94 51.01 -62.37
C LEU PA 295 -19.41 51.60 -63.69
N LEU PA 296 -20.57 51.16 -64.15
CA LEU PA 296 -21.09 51.58 -65.44
C LEU PA 296 -22.44 52.25 -65.28
N SER PA 297 -22.63 53.34 -66.02
CA SER PA 297 -23.93 54.00 -66.12
C SER PA 297 -23.98 54.70 -67.47
N LYS PA 298 -24.89 54.24 -68.35
CA LYS PA 298 -25.02 54.89 -69.65
C LYS PA 298 -25.35 56.35 -69.48
N SER PA 299 -26.24 56.67 -68.54
CA SER PA 299 -26.49 58.06 -68.20
C SER PA 299 -25.29 58.72 -67.53
N GLY PA 300 -24.31 57.95 -67.09
CA GLY PA 300 -23.27 58.52 -66.26
C GLY PA 300 -23.81 58.95 -64.91
N ASN PA 301 -24.73 58.16 -64.35
CA ASN PA 301 -25.41 58.54 -63.12
C ASN PA 301 -24.44 58.39 -61.95
N ARG PA 302 -23.84 59.51 -61.55
CA ARG PA 302 -22.91 59.47 -60.43
C ARG PA 302 -23.58 59.01 -59.16
N LYS PA 303 -24.89 59.27 -59.02
CA LYS PA 303 -25.61 58.78 -57.86
C LYS PA 303 -25.50 57.27 -57.75
N PHE PA 304 -25.29 56.59 -58.88
CA PHE PA 304 -25.17 55.14 -58.83
C PHE PA 304 -24.01 54.69 -57.97
N ALA PA 305 -22.98 55.52 -57.86
CA ALA PA 305 -21.91 55.20 -56.93
C ALA PA 305 -22.42 55.15 -55.51
N ALA PA 306 -23.25 56.12 -55.13
CA ALA PA 306 -23.72 56.23 -53.75
C ALA PA 306 -24.41 54.96 -53.32
N THR PA 307 -25.52 54.63 -53.98
CA THR PA 307 -26.24 53.42 -53.65
C THR PA 307 -25.34 52.20 -53.74
N TYR PA 308 -24.28 52.26 -54.55
CA TYR PA 308 -23.33 51.18 -54.55
C TYR PA 308 -22.51 51.17 -53.27
N MET PA 309 -21.85 52.29 -52.97
CA MET PA 309 -21.09 52.38 -51.74
C MET PA 309 -21.98 52.09 -50.55
N ALA PA 310 -23.23 52.53 -50.60
CA ALA PA 310 -24.12 52.31 -49.49
C ALA PA 310 -24.61 50.87 -49.40
N ARG PA 311 -24.40 50.06 -50.42
CA ARG PA 311 -24.84 48.67 -50.37
C ARG PA 311 -23.72 47.70 -50.04
N MET PA 312 -22.50 47.96 -50.49
CA MET PA 312 -21.41 47.05 -50.16
C MET PA 312 -21.10 47.06 -48.67
N HIS PA 313 -21.04 48.23 -48.06
CA HIS PA 313 -20.36 48.34 -46.78
C HIS PA 313 -21.22 47.89 -45.61
N THR PA 314 -22.46 47.51 -45.84
CA THR PA 314 -23.35 47.09 -44.76
C THR PA 314 -22.99 45.67 -44.36
N VAL PA 315 -22.10 45.58 -43.38
CA VAL PA 315 -21.64 44.31 -42.87
C VAL PA 315 -20.94 44.56 -41.55
N LEU PA 316 -21.13 43.65 -40.60
CA LEU PA 316 -20.74 43.91 -39.22
C LEU PA 316 -19.44 43.24 -38.81
N PHE PA 317 -19.07 42.14 -39.47
CA PHE PA 317 -17.82 41.44 -39.20
C PHE PA 317 -17.74 40.96 -37.77
N SER PA 318 -18.89 40.71 -37.15
CA SER PA 318 -18.91 40.00 -35.88
C SER PA 318 -20.02 38.99 -35.79
N GLY PA 319 -21.01 39.03 -36.66
CA GLY PA 319 -22.10 38.09 -36.63
C GLY PA 319 -21.71 36.76 -37.22
N GLN PA 320 -22.69 35.85 -37.23
CA GLN PA 320 -22.40 34.51 -37.70
C GLN PA 320 -22.02 34.49 -39.17
N ASN PA 321 -22.94 34.85 -40.05
CA ASN PA 321 -22.68 34.87 -41.48
C ASN PA 321 -23.11 36.21 -42.02
N THR PA 322 -22.14 37.04 -42.42
CA THR PA 322 -22.50 38.37 -42.85
C THR PA 322 -21.75 38.81 -44.10
N ALA PA 323 -20.77 38.05 -44.57
CA ALA PA 323 -20.04 38.43 -45.78
C ALA PA 323 -20.96 38.34 -46.97
N ILE PA 324 -21.34 39.48 -47.52
CA ILE PA 324 -22.27 39.53 -48.64
C ILE PA 324 -21.51 39.83 -49.91
N THR PA 325 -21.92 39.21 -51.00
CA THR PA 325 -21.54 39.67 -52.32
C THR PA 325 -22.40 40.88 -52.70
N MET PA 326 -22.30 41.32 -53.94
CA MET PA 326 -23.26 42.29 -54.43
C MET PA 326 -23.97 41.87 -55.69
N GLN PA 327 -23.74 40.66 -56.18
CA GLN PA 327 -24.56 40.15 -57.25
C GLN PA 327 -26.03 40.27 -56.88
N LEU PA 328 -26.76 41.07 -57.65
CA LEU PA 328 -28.21 41.14 -57.52
C LEU PA 328 -28.61 41.62 -56.12
N LYS PA 329 -28.24 42.86 -55.82
CA LYS PA 329 -28.65 43.50 -54.58
C LYS PA 329 -29.44 44.74 -54.88
N GLU PA 330 -30.49 44.97 -54.07
CA GLU PA 330 -31.36 46.11 -54.27
C GLU PA 330 -30.59 47.40 -54.09
N LEU PA 331 -30.73 48.30 -55.05
CA LEU PA 331 -30.06 49.59 -55.01
C LEU PA 331 -31.10 50.71 -55.13
N SER PA 332 -30.65 51.94 -54.98
CA SER PA 332 -31.55 53.07 -54.89
C SER PA 332 -31.32 54.06 -56.03
N VAL PA 333 -31.21 53.55 -57.25
CA VAL PA 333 -31.17 54.41 -58.42
C VAL PA 333 -31.76 53.64 -59.59
N THR PA 334 -32.44 54.36 -60.47
CA THR PA 334 -33.10 53.72 -61.59
C THR PA 334 -32.09 52.99 -62.47
N ALA PA 335 -32.38 51.75 -62.80
CA ALA PA 335 -31.52 51.04 -63.72
C ALA PA 335 -31.65 51.63 -65.11
N GLU PA 336 -30.73 51.25 -65.98
CA GLU PA 336 -30.69 51.75 -67.35
C GLU PA 336 -30.90 50.60 -68.31
N GLU PA 337 -30.76 50.90 -69.60
CA GLU PA 337 -31.01 49.93 -70.66
C GLU PA 337 -29.71 49.63 -71.39
N TYR PA 338 -29.37 48.35 -71.51
CA TYR PA 338 -28.18 47.93 -72.23
C TYR PA 338 -28.54 46.78 -73.15
N THR PA 339 -27.80 46.66 -74.24
CA THR PA 339 -27.91 45.47 -75.07
C THR PA 339 -26.85 44.46 -74.65
N ASP PA 340 -26.91 43.29 -75.27
CA ASP PA 340 -26.12 42.15 -74.79
C ASP PA 340 -24.63 42.43 -74.85
N THR PA 341 -24.15 42.98 -75.96
CA THR PA 341 -22.72 43.01 -76.22
C THR PA 341 -21.98 43.80 -75.15
N GLU PA 342 -22.50 44.95 -74.76
CA GLU PA 342 -21.86 45.65 -73.67
C GLU PA 342 -22.18 45.06 -72.30
N ILE PA 343 -23.24 44.28 -72.13
CA ILE PA 343 -23.33 43.49 -70.89
C ILE PA 343 -22.12 42.60 -70.76
N ALA PA 344 -21.81 41.84 -71.81
CA ALA PA 344 -20.68 40.93 -71.76
C ALA PA 344 -19.37 41.69 -71.65
N ASN PA 345 -19.23 42.79 -72.39
CA ASN PA 345 -18.01 43.58 -72.30
C ASN PA 345 -17.81 44.09 -70.89
N ALA PA 346 -18.86 44.62 -70.27
CA ALA PA 346 -18.73 45.09 -68.90
C ALA PA 346 -18.37 43.95 -67.97
N LYS PA 347 -18.93 42.76 -68.20
CA LYS PA 347 -18.56 41.63 -67.37
C LYS PA 347 -17.09 41.29 -67.51
N THR PA 348 -16.53 41.43 -68.71
CA THR PA 348 -15.16 41.00 -68.94
C THR PA 348 -14.14 42.12 -68.83
N VAL PA 349 -14.55 43.35 -68.52
CA VAL PA 349 -13.61 44.44 -68.30
C VAL PA 349 -13.69 45.03 -66.90
N GLY PA 350 -14.47 44.44 -66.01
CA GLY PA 350 -14.43 44.82 -64.62
C GLY PA 350 -15.53 45.76 -64.18
N LEU PA 351 -16.26 46.37 -65.10
CA LEU PA 351 -17.33 47.27 -64.69
C LEU PA 351 -18.46 46.48 -64.04
N ASP PA 352 -19.38 47.21 -63.43
CA ASP PA 352 -20.59 46.64 -62.85
C ASP PA 352 -21.80 47.28 -63.51
N LEU PA 353 -22.90 46.54 -63.54
CA LEU PA 353 -24.08 46.95 -64.29
C LEU PA 353 -25.32 46.94 -63.42
N LEU PA 354 -26.07 48.03 -63.44
CA LEU PA 354 -27.38 48.08 -62.82
C LEU PA 354 -28.42 48.10 -63.93
N THR PA 355 -29.01 46.93 -64.19
CA THR PA 355 -29.91 46.79 -65.31
C THR PA 355 -31.23 46.13 -64.95
N THR PA 356 -31.97 45.74 -65.98
CA THR PA 356 -33.28 45.15 -65.83
C THR PA 356 -33.20 43.64 -66.04
N ILE PA 357 -33.74 42.89 -65.08
CA ILE PA 357 -34.00 41.46 -65.21
C ILE PA 357 -35.42 41.21 -64.72
N LYS PA 358 -36.25 40.62 -65.57
CA LYS PA 358 -37.64 40.34 -65.23
C LYS PA 358 -38.32 41.59 -64.67
N ASN PA 359 -37.97 42.74 -65.24
CA ASN PA 359 -38.51 44.03 -64.82
C ASN PA 359 -38.25 44.26 -63.32
N GLU PA 360 -36.97 44.33 -62.98
CA GLU PA 360 -36.54 44.47 -61.60
C GLU PA 360 -35.15 45.08 -61.61
N GLN PA 361 -34.79 45.70 -60.49
CA GLN PA 361 -33.44 46.18 -60.32
C GLN PA 361 -32.52 44.98 -60.23
N ALA PA 362 -31.45 44.96 -61.03
CA ALA PA 362 -30.51 43.86 -61.02
C ALA PA 362 -29.10 44.42 -61.10
N LEU PA 363 -28.34 44.29 -60.02
CA LEU PA 363 -26.94 44.70 -60.02
C LEU PA 363 -26.08 43.48 -60.25
N LEU PA 364 -25.23 43.54 -61.27
CA LEU PA 364 -24.30 42.47 -61.59
C LEU PA 364 -22.88 42.99 -61.44
N THR PA 365 -22.08 42.23 -60.73
CA THR PA 365 -20.68 42.52 -60.50
C THR PA 365 -19.89 41.77 -61.56
N SER PA 366 -18.56 41.90 -61.54
CA SER PA 366 -17.70 41.25 -62.49
C SER PA 366 -16.53 40.62 -61.77
N GLY PA 367 -15.75 39.86 -62.50
CA GLY PA 367 -14.62 39.17 -61.91
C GLY PA 367 -13.33 39.49 -62.63
N ALA PA 368 -13.41 40.30 -63.68
CA ALA PA 368 -12.21 40.73 -64.38
C ALA PA 368 -11.26 41.42 -63.42
N ASN PA 369 -11.67 42.55 -62.87
CA ASN PA 369 -11.06 43.00 -61.63
C ASN PA 369 -11.58 42.10 -60.51
N ASP PA 370 -10.86 42.10 -59.39
CA ASP PA 370 -11.21 41.25 -58.28
C ASP PA 370 -12.63 41.53 -57.82
N PHE PA 371 -13.30 40.51 -57.31
CA PHE PA 371 -14.69 40.65 -56.90
C PHE PA 371 -14.84 41.72 -55.85
N CYS PA 372 -15.97 42.43 -55.87
CA CYS PA 372 -16.22 43.43 -54.85
C CYS PA 372 -16.22 42.80 -53.47
N ASP PA 373 -16.95 41.71 -53.32
CA ASP PA 373 -16.96 41.01 -52.05
C ASP PA 373 -15.55 40.67 -51.62
N ASN PA 374 -14.76 40.13 -52.53
CA ASN PA 374 -13.42 39.68 -52.16
C ASN PA 374 -12.55 40.84 -51.71
N VAL PA 375 -12.51 41.92 -52.49
CA VAL PA 375 -11.60 43.01 -52.15
C VAL PA 375 -12.04 43.68 -50.87
N TYR PA 376 -13.33 43.93 -50.72
CA TYR PA 376 -13.82 44.58 -49.52
C TYR PA 376 -13.58 43.72 -48.28
N ASN PA 377 -13.86 42.43 -48.39
CA ASN PA 377 -13.63 41.54 -47.26
C ASN PA 377 -12.15 41.51 -46.90
N LEU PA 378 -11.29 41.34 -47.88
CA LEU PA 378 -9.86 41.32 -47.61
C LEU PA 378 -9.42 42.60 -46.95
N GLU PA 379 -9.96 43.72 -47.40
CA GLU PA 379 -9.46 44.99 -46.90
C GLU PA 379 -9.85 45.18 -45.46
N ALA PA 380 -11.12 44.91 -45.15
CA ALA PA 380 -11.56 44.97 -43.76
C ALA PA 380 -10.77 44.00 -42.92
N PHE PA 381 -10.45 42.84 -43.48
CA PHE PA 381 -9.68 41.85 -42.74
C PHE PA 381 -8.32 42.39 -42.38
N ARG PA 382 -7.61 42.95 -43.35
CA ARG PA 382 -6.26 43.42 -43.08
C ARG PA 382 -6.29 44.56 -42.08
N ASP PA 383 -7.22 45.49 -42.25
CA ASP PA 383 -7.30 46.60 -41.31
C ASP PA 383 -7.65 46.12 -39.91
N GLU PA 384 -8.54 45.14 -39.82
CA GLU PA 384 -8.92 44.62 -38.53
C GLU PA 384 -7.78 43.86 -37.87
N ILE PA 385 -7.00 43.11 -38.65
CA ILE PA 385 -5.82 42.47 -38.09
C ILE PA 385 -4.87 43.51 -37.53
N GLN PA 386 -4.64 44.56 -38.31
CA GLN PA 386 -3.74 45.62 -37.85
C GLN PA 386 -4.24 46.22 -36.55
N THR PA 387 -5.54 46.49 -36.46
CA THR PA 387 -6.05 47.17 -35.27
C THR PA 387 -6.08 46.25 -34.06
N ASN PA 388 -6.50 44.99 -34.22
CA ASN PA 388 -6.44 44.06 -33.10
C ASN PA 388 -5.02 43.86 -32.62
N ASN PA 389 -4.06 43.81 -33.55
CA ASN PA 389 -2.68 43.67 -33.12
C ASN PA 389 -2.22 44.94 -32.40
N TYR PA 390 -2.64 46.10 -32.90
CA TYR PA 390 -2.22 47.35 -32.28
C TYR PA 390 -2.75 47.46 -30.86
N ASN PA 391 -4.06 47.29 -30.68
CA ASN PA 391 -4.61 47.49 -29.35
C ASN PA 391 -4.29 46.33 -28.41
N LEU PA 392 -3.83 45.20 -28.93
CA LEU PA 392 -3.25 44.18 -28.07
C LEU PA 392 -1.97 44.66 -27.42
N LEU PA 393 -1.33 45.66 -28.00
CA LEU PA 393 0.08 45.90 -27.78
C LEU PA 393 0.39 47.20 -27.09
N LYS PA 394 -0.50 48.19 -27.17
CA LYS PA 394 -0.23 49.47 -26.56
C LYS PA 394 -1.30 49.95 -25.58
N THR PA 395 -2.50 49.37 -25.64
CA THR PA 395 -3.56 49.77 -24.73
C THR PA 395 -3.95 48.68 -23.75
N THR PA 396 -3.45 47.46 -23.93
CA THR PA 396 -3.80 46.37 -23.03
C THR PA 396 -3.19 46.56 -21.65
N SER PA 397 -2.29 47.53 -21.49
CA SER PA 397 -1.68 47.92 -20.21
C SER PA 397 -0.78 46.84 -19.65
N THR PA 398 -0.61 45.71 -20.33
CA THR PA 398 0.35 44.67 -19.93
C THR PA 398 1.16 44.36 -21.18
N LYS PA 399 2.20 45.13 -21.43
CA LYS PA 399 2.94 45.03 -22.67
C LYS PA 399 3.47 43.62 -22.84
N ILE PA 400 3.30 43.07 -24.04
CA ILE PA 400 3.62 41.67 -24.27
C ILE PA 400 5.09 41.59 -24.66
N PRO PA 401 5.83 40.62 -24.15
CA PRO PA 401 7.29 40.62 -24.31
C PRO PA 401 7.72 40.05 -25.64
N GLN PA 402 9.02 39.82 -25.83
CA GLN PA 402 9.46 38.81 -26.78
C GLN PA 402 9.62 37.44 -26.14
N THR PA 403 8.98 37.20 -25.01
CA THR PA 403 8.89 35.83 -24.52
C THR PA 403 8.23 34.97 -25.58
N ASP PA 404 8.75 33.77 -25.75
CA ASP PA 404 8.07 32.83 -26.64
C ASP PA 404 6.62 32.65 -26.25
N PRO PA 405 6.24 32.59 -24.99
CA PRO PA 405 4.81 32.76 -24.66
C PRO PA 405 4.22 34.05 -25.19
N GLY PA 406 4.96 35.15 -25.12
CA GLY PA 406 4.42 36.40 -25.63
C GLY PA 406 4.30 36.39 -27.15
N MET PA 407 5.29 35.82 -27.82
CA MET PA 407 5.16 35.65 -29.26
C MET PA 407 3.98 34.77 -29.59
N ASP PA 408 3.73 33.79 -28.75
CA ASP PA 408 2.55 32.97 -28.98
C ASP PA 408 1.29 33.77 -28.77
N THR PA 409 1.31 34.70 -27.82
CA THR PA 409 0.17 35.58 -27.61
C THR PA 409 -0.11 36.40 -28.86
N ILE PA 410 0.95 36.97 -29.43
CA ILE PA 410 0.74 37.82 -30.59
C ILE PA 410 0.29 36.97 -31.78
N GLU PA 411 0.72 35.71 -31.82
CA GLU PA 411 0.17 34.81 -32.84
C GLU PA 411 -1.30 34.52 -32.60
N ASP PA 412 -1.68 34.32 -31.34
CA ASP PA 412 -3.07 33.98 -31.05
C ASP PA 412 -3.98 35.15 -31.33
N ASP PA 413 -3.49 36.37 -31.16
CA ASP PA 413 -4.38 37.50 -31.44
C ASP PA 413 -4.85 37.47 -32.90
N THR PA 414 -3.91 37.31 -33.83
CA THR PA 414 -4.29 37.24 -35.23
C THR PA 414 -5.03 35.95 -35.54
N GLU PA 415 -4.67 34.86 -34.86
CA GLU PA 415 -5.42 33.62 -35.07
C GLU PA 415 -6.86 33.78 -34.63
N LYS PA 416 -7.08 34.50 -33.53
CA LYS PA 416 -8.43 34.75 -33.03
C LYS PA 416 -9.21 35.62 -33.99
N THR PA 417 -8.56 36.63 -34.56
CA THR PA 417 -9.24 37.42 -35.57
C THR PA 417 -9.59 36.57 -36.79
N CYS PA 418 -8.66 35.71 -37.22
CA CYS PA 418 -8.96 34.84 -38.34
C CYS PA 418 -10.13 33.94 -38.02
N GLU PA 419 -10.20 33.45 -36.78
CA GLU PA 419 -11.38 32.73 -36.34
C GLU PA 419 -12.62 33.60 -36.49
N LYS PA 420 -12.56 34.84 -36.01
CA LYS PA 420 -13.69 35.73 -36.12
C LYS PA 420 -14.14 35.84 -37.57
N TYR PA 421 -13.21 35.78 -38.51
CA TYR PA 421 -13.58 35.93 -39.90
C TYR PA 421 -14.08 34.64 -40.54
N VAL PA 422 -13.51 33.49 -40.19
CA VAL PA 422 -14.05 32.25 -40.74
C VAL PA 422 -15.44 32.00 -40.18
N ARG PA 423 -15.65 32.35 -38.92
CA ARG PA 423 -16.96 32.31 -38.29
C ARG PA 423 -17.79 33.53 -38.63
N ASN PA 424 -17.42 34.20 -39.72
CA ASN PA 424 -18.07 35.39 -40.19
C ASN PA 424 -18.69 35.22 -41.56
N GLY PA 425 -18.08 34.41 -42.42
CA GLY PA 425 -18.55 34.23 -43.78
C GLY PA 425 -17.55 34.64 -44.84
N VAL PA 426 -16.40 35.18 -44.47
CA VAL PA 426 -15.41 35.62 -45.45
C VAL PA 426 -14.51 34.48 -45.88
N PHE PA 427 -14.02 33.68 -44.94
CA PHE PA 427 -13.13 32.58 -45.24
C PHE PA 427 -13.77 31.26 -44.82
N ALA PA 428 -13.53 30.23 -45.60
CA ALA PA 428 -14.03 28.90 -45.29
C ALA PA 428 -12.90 27.90 -45.49
N PRO PA 429 -12.90 26.82 -44.74
CA PRO PA 429 -11.90 25.78 -44.96
C PRO PA 429 -12.02 25.21 -46.36
N GLY PA 430 -10.89 24.79 -46.90
CA GLY PA 430 -10.87 24.20 -48.23
C GLY PA 430 -9.44 23.94 -48.66
N THR PA 431 -9.32 23.23 -49.77
CA THR PA 431 -8.01 22.98 -50.33
C THR PA 431 -7.39 24.29 -50.78
N TRP PA 432 -6.07 24.33 -50.74
CA TRP PA 432 -5.32 25.51 -51.16
C TRP PA 432 -4.94 25.37 -52.63
N THR PA 433 -5.42 26.30 -53.46
CA THR PA 433 -5.16 26.22 -54.89
C THR PA 433 -3.75 26.69 -55.23
N ARG PA 434 -3.26 27.70 -54.54
CA ARG PA 434 -2.00 28.31 -54.94
C ARG PA 434 -0.84 27.36 -54.64
N SER PA 435 0.31 27.69 -55.20
CA SER PA 435 1.51 26.90 -54.96
C SER PA 435 2.38 27.51 -53.87
N ASP PA 436 2.55 28.83 -53.90
CA ASP PA 436 3.33 29.51 -52.89
C ASP PA 436 2.69 29.38 -51.52
N PHE PA 437 3.53 29.32 -50.49
CA PHE PA 437 3.08 29.02 -49.14
C PHE PA 437 4.17 29.44 -48.18
N PHE PA 438 4.06 29.01 -46.92
CA PHE PA 438 5.13 29.25 -45.97
C PHE PA 438 5.05 28.22 -44.87
N GLY PA 439 6.17 28.06 -44.16
CA GLY PA 439 6.27 27.10 -43.10
C GLY PA 439 6.57 25.71 -43.60
N ASP PA 440 5.55 25.01 -44.09
CA ASP PA 440 5.72 23.72 -44.74
C ASP PA 440 4.39 23.32 -45.35
N ARG PA 441 4.44 22.69 -46.52
CA ARG PA 441 3.22 22.37 -47.25
C ARG PA 441 2.22 21.64 -46.37
N GLN PA 442 2.68 20.66 -45.60
CA GLN PA 442 1.76 19.77 -44.94
C GLN PA 442 0.88 20.52 -43.93
N GLN PA 443 1.50 21.27 -43.01
CA GLN PA 443 0.70 22.00 -42.04
C GLN PA 443 -0.13 23.08 -42.71
N PHE PA 444 0.45 23.76 -43.70
CA PHE PA 444 -0.26 24.81 -44.41
C PHE PA 444 -1.58 24.30 -44.97
N VAL PA 445 -1.50 23.32 -45.88
CA VAL PA 445 -2.72 22.85 -46.51
C VAL PA 445 -3.62 22.17 -45.49
N ASP PA 446 -3.05 21.50 -44.49
CA ASP PA 446 -3.88 20.85 -43.50
C ASP PA 446 -4.74 21.86 -42.75
N ALA PA 447 -4.12 22.93 -42.26
CA ALA PA 447 -4.86 23.94 -41.54
C ALA PA 447 -5.89 24.64 -42.43
N ILE PA 448 -5.50 24.96 -43.66
CA ILE PA 448 -6.45 25.64 -44.54
C ILE PA 448 -7.65 24.75 -44.83
N ALA PA 449 -7.40 23.47 -45.10
CA ALA PA 449 -8.49 22.55 -45.37
C ALA PA 449 -9.34 22.31 -44.14
N GLN PA 450 -8.77 22.48 -42.96
CA GLN PA 450 -9.53 22.27 -41.73
C GLN PA 450 -10.00 23.59 -41.11
N LYS PA 451 -9.10 24.50 -40.80
CA LYS PA 451 -9.50 25.72 -40.11
C LYS PA 451 -9.80 26.87 -41.04
N GLY PA 452 -9.43 26.79 -42.30
CA GLY PA 452 -9.68 27.88 -43.22
C GLY PA 452 -8.70 29.03 -43.13
N TYR PA 453 -7.72 28.95 -42.25
CA TYR PA 453 -6.72 29.99 -42.12
C TYR PA 453 -5.47 29.35 -41.53
N TYR PA 454 -4.34 30.03 -41.71
CA TYR PA 454 -3.11 29.55 -41.08
C TYR PA 454 -2.23 30.73 -40.74
N VAL PA 455 -1.88 30.85 -39.47
CA VAL PA 455 -1.00 31.91 -39.00
C VAL PA 455 0.29 31.27 -38.53
N LEU PA 456 1.39 31.63 -39.18
CA LEU PA 456 2.71 31.17 -38.75
C LEU PA 456 3.59 32.38 -38.53
N ILE PA 457 4.10 32.51 -37.32
CA ILE PA 457 4.90 33.65 -36.90
C ILE PA 457 6.35 33.25 -36.92
N GLY PA 458 7.19 34.13 -37.47
CA GLY PA 458 8.62 33.89 -37.46
C GLY PA 458 9.13 33.70 -36.05
N ASP PA 459 10.15 32.87 -35.92
CA ASP PA 459 10.69 32.57 -34.60
C ASP PA 459 11.58 33.73 -34.15
N LEU PA 460 11.61 33.94 -32.84
CA LEU PA 460 12.51 34.95 -32.30
C LEU PA 460 13.94 34.68 -32.75
N ALA PA 461 14.28 33.41 -32.94
CA ALA PA 461 15.64 33.09 -33.37
C ALA PA 461 15.97 33.78 -34.68
N ASP PA 462 15.08 33.69 -35.67
CA ASP PA 462 15.36 34.17 -37.01
C ASP PA 462 15.45 35.69 -37.08
N GLN PA 463 15.27 36.40 -35.97
CA GLN PA 463 15.31 37.85 -35.95
C GLN PA 463 16.62 38.29 -35.33
N THR PA 464 17.34 39.18 -36.02
CA THR PA 464 18.62 39.64 -35.53
C THR PA 464 18.45 40.57 -34.34
N THR PA 465 19.53 40.73 -33.58
CA THR PA 465 19.51 41.66 -32.46
C THR PA 465 19.27 43.09 -32.94
N ALA PA 466 19.65 43.39 -34.18
CA ALA PA 466 19.53 44.75 -34.69
C ALA PA 466 18.09 45.22 -34.68
N GLU PA 467 17.16 44.36 -35.08
CA GLU PA 467 15.76 44.72 -35.06
C GLU PA 467 15.05 44.31 -33.79
N ARG PA 468 15.64 43.45 -32.97
CA ARG PA 468 15.06 43.17 -31.67
C ARG PA 468 15.05 44.43 -30.81
N GLN PA 469 16.18 45.13 -30.74
CA GLN PA 469 16.24 46.40 -30.04
C GLN PA 469 15.30 47.43 -30.66
N SER PA 470 14.92 47.22 -31.92
CA SER PA 470 13.90 48.06 -32.54
C SER PA 470 12.52 47.78 -31.98
N ARG PA 471 12.37 46.73 -31.19
CA ARG PA 471 11.10 46.42 -30.54
C ARG PA 471 10.01 46.14 -31.57
N VAL PA 472 10.31 45.24 -32.50
CA VAL PA 472 9.37 44.80 -33.51
C VAL PA 472 9.41 43.28 -33.57
N SER PA 473 8.25 42.66 -33.48
CA SER PA 473 8.16 41.22 -33.49
C SER PA 473 8.59 40.70 -34.86
N PRO PA 474 8.78 39.39 -34.99
CA PRO PA 474 8.97 38.81 -36.32
C PRO PA 474 7.77 39.08 -37.20
N VAL PA 475 7.94 38.86 -38.49
CA VAL PA 475 6.89 39.13 -39.47
C VAL PA 475 5.92 37.96 -39.48
N ILE PA 476 4.70 38.17 -38.97
CA ILE PA 476 3.74 37.07 -38.96
C ILE PA 476 3.20 36.88 -40.37
N GLN PA 477 2.95 35.63 -40.73
CA GLN PA 477 2.46 35.28 -42.05
C GLN PA 477 1.12 34.60 -41.88
N ILE PA 478 0.05 35.23 -42.37
CA ILE PA 478 -1.28 34.65 -42.26
C ILE PA 478 -1.79 34.37 -43.66
N ALA PA 479 -2.44 33.23 -43.82
CA ALA PA 479 -2.91 32.76 -45.11
C ALA PA 479 -4.37 32.39 -45.00
N VAL PA 480 -5.18 32.94 -45.88
CA VAL PA 480 -6.63 32.80 -45.83
C VAL PA 480 -7.13 32.33 -47.19
N LYS PA 481 -8.31 31.72 -47.17
CA LYS PA 481 -8.98 31.28 -48.38
C LYS PA 481 -10.41 31.79 -48.36
N ASN PA 482 -10.81 32.49 -49.40
CA ASN PA 482 -12.15 33.07 -49.46
C ASN PA 482 -13.21 31.97 -49.49
N ALA PA 483 -14.38 32.30 -48.97
CA ALA PA 483 -15.54 31.43 -49.14
C ALA PA 483 -16.17 31.69 -50.50
N GLY PA 484 -16.49 30.62 -51.21
CA GLY PA 484 -17.08 30.76 -52.52
C GLY PA 484 -18.46 31.37 -52.44
N ALA PA 485 -18.72 32.30 -53.36
CA ALA PA 485 -20.01 32.97 -53.46
C ALA PA 485 -20.66 32.55 -54.77
N VAL PA 486 -21.88 32.03 -54.68
CA VAL PA 486 -22.60 31.64 -55.88
C VAL PA 486 -23.08 32.88 -56.61
N HIS PA 487 -22.77 32.96 -57.90
CA HIS PA 487 -23.16 34.08 -58.74
C HIS PA 487 -23.83 33.55 -59.99
N GLU PA 488 -23.34 32.42 -60.46
CA GLU PA 488 -23.86 31.77 -61.65
C GLU PA 488 -24.51 30.46 -61.22
N GLU PA 489 -25.52 30.04 -61.97
CA GLU PA 489 -25.93 28.64 -61.92
C GLU PA 489 -26.32 28.25 -63.33
N ASP PA 490 -25.79 27.12 -63.78
CA ASP PA 490 -26.09 26.56 -65.09
C ASP PA 490 -26.60 25.17 -64.88
N ILE PA 491 -27.75 24.87 -65.48
CA ILE PA 491 -28.38 23.58 -65.28
C ILE PA 491 -29.08 23.21 -66.57
N ILE PA 492 -29.13 21.92 -66.87
CA ILE PA 492 -29.66 21.42 -68.12
C ILE PA 492 -30.70 20.36 -67.79
N ILE PA 493 -31.86 20.46 -68.42
CA ILE PA 493 -33.01 19.60 -68.10
C ILE PA 493 -33.49 18.91 -69.36
N SER PA 494 -33.49 17.58 -69.35
CA SER PA 494 -34.02 16.78 -70.44
C SER PA 494 -35.43 16.33 -70.09
N VAL PA 495 -36.14 15.86 -71.11
CA VAL PA 495 -37.51 15.38 -70.94
C VAL PA 495 -37.60 13.93 -71.41
N ASN PA 496 -37.67 13.00 -70.45
CA ASN PA 496 -37.74 11.58 -70.78
C ASN PA 496 -38.99 11.22 -71.56
N LEU PA 497 -39.87 12.17 -71.84
CA LEU PA 497 -40.94 11.98 -72.81
C LEU PA 497 -41.39 13.33 -73.32
#